data_9NWM
#
_entry.id   9NWM
#
_cell.length_a   1.00
_cell.length_b   1.00
_cell.length_c   1.00
_cell.angle_alpha   90.00
_cell.angle_beta   90.00
_cell.angle_gamma   90.00
#
_symmetry.space_group_name_H-M   'P 1'
#
_entity_poly.entity_id   1
_entity_poly.type   'polypeptide(L)'
_entity_poly.pdbx_seq_one_letter_code
;MAKRRRKIKPMDDEQVLRHLDQLVNDALDFNSSELSKQRSEALKYYFGEPFGNERPGKSAIVSRDVQETVDWIMPSLMKV
FTSGGQVVKYEPQTAEDVEQAEQETEYVNYLFMRKNEGFKVMFDWFQDTLMMKTGVVKVYVEEVLNPTFERFSGLSEEMV
ADILADPDTEILAQSVDEDGTYSIKIRKDKKKREIKVTCIKPENFLVDRLATCIDDARFLCHREKYTVSDLRLLGVPEDV
LDELPYDEYEFSDSQPERLVRDNFDMTGQLQYNSGDDAEANREVWASECYTLLDVDGDGISELRRILYVGDYIISNEPWD
CRPFADLNAYRIAHKFHGMSVYDKIRDIQEIRSVLMRNIMDNIYRTNQGRSVVLDGQVNLEDLLTNEAAGIVRVKAMNSI
MPLETPQLSGEVYGMLDRLEADRGKRTGITDRTRGLDQNTLHSNQAAMSVNQLMTAAEQQIDLIARMFAETGVKRLFQLL
HDHAIKYQNQEEVFQLRGKWVAINPANWRERSDLTVTVGIGNMNKDQQMLHLMRIWEMAQAVVGGGGLGVLVSEQNLYNI
LKEVTENAGYKDPDRFWTNPDSPEAQQAKAIREQKEAQPKPEDIKAQADAQRAQSDALAKQAEAQMKQVEAQIRLAEIEL
KKQEAVLQQREMALKEAELQLERDRFTWERARNEAEYHLEATQARAAYIGDGKVPETKKPSKAVRK
;
_entity_poly.pdbx_strand_id   A,B,C,D,E,F,G,H,I,J,K,L
#
# COMPACT_ATOMS: atom_id res chain seq x y z
N MET A 11 -0.69 9.86 -91.17
CA MET A 11 -0.14 9.26 -89.97
C MET A 11 -0.26 10.27 -88.83
N ASP A 12 -1.49 10.72 -88.57
CA ASP A 12 -1.72 11.73 -87.55
C ASP A 12 -2.97 11.48 -86.72
N ASP A 13 -3.70 10.38 -86.95
CA ASP A 13 -4.86 10.01 -86.16
C ASP A 13 -5.93 11.10 -86.16
N GLU A 14 -6.52 11.30 -87.34
CA GLU A 14 -7.70 12.15 -87.46
C GLU A 14 -8.80 11.65 -86.53
N GLN A 15 -9.81 12.50 -86.27
CA GLN A 15 -10.76 12.24 -85.20
C GLN A 15 -11.52 10.92 -85.39
N VAL A 16 -11.68 10.45 -86.62
CA VAL A 16 -12.43 9.20 -86.83
C VAL A 16 -11.72 8.04 -86.13
N LEU A 17 -10.41 7.94 -86.32
CA LEU A 17 -9.65 6.87 -85.67
C LEU A 17 -9.68 7.01 -84.16
N ARG A 18 -9.63 8.24 -83.66
CA ARG A 18 -9.67 8.47 -82.22
C ARG A 18 -11.00 8.01 -81.63
N HIS A 19 -12.11 8.35 -82.28
CA HIS A 19 -13.40 7.83 -81.83
C HIS A 19 -13.45 6.31 -81.92
N LEU A 20 -12.90 5.74 -83.00
CA LEU A 20 -12.93 4.28 -83.15
C LEU A 20 -12.23 3.62 -81.97
N ASP A 21 -11.00 4.06 -81.67
CA ASP A 21 -10.25 3.47 -80.56
C ASP A 21 -10.95 3.71 -79.22
N GLN A 22 -11.45 4.93 -79.02
CA GLN A 22 -12.09 5.26 -77.74
C GLN A 22 -13.33 4.39 -77.51
N LEU A 23 -14.17 4.25 -78.54
CA LEU A 23 -15.36 3.42 -78.40
C LEU A 23 -15.01 1.96 -78.21
N VAL A 24 -13.97 1.47 -78.90
CA VAL A 24 -13.56 0.09 -78.68
C VAL A 24 -13.16 -0.12 -77.23
N ASN A 25 -12.31 0.75 -76.71
CA ASN A 25 -11.85 0.61 -75.33
C ASN A 25 -13.00 0.74 -74.34
N ASP A 26 -13.91 1.68 -74.58
CA ASP A 26 -15.01 1.90 -73.65
C ASP A 26 -16.00 0.74 -73.67
N ALA A 27 -16.42 0.31 -74.86
CA ALA A 27 -17.36 -0.80 -74.97
C ALA A 27 -16.73 -2.12 -74.55
N LEU A 28 -15.40 -2.19 -74.47
CA LEU A 28 -14.78 -3.34 -73.83
C LEU A 28 -15.28 -3.49 -72.40
N ASP A 29 -15.43 -2.38 -71.69
CA ASP A 29 -16.01 -2.36 -70.36
C ASP A 29 -17.51 -2.12 -70.46
N PHE A 30 -18.17 -1.80 -69.35
CA PHE A 30 -19.63 -1.63 -69.29
C PHE A 30 -20.36 -2.90 -69.71
N ASN A 31 -20.12 -4.00 -69.00
CA ASN A 31 -20.75 -5.27 -69.30
C ASN A 31 -20.97 -6.04 -68.01
N SER A 32 -21.66 -7.18 -68.13
CA SER A 32 -21.90 -8.04 -66.98
C SER A 32 -20.65 -8.83 -66.63
N SER A 33 -19.80 -8.26 -65.78
CA SER A 33 -18.57 -8.88 -65.35
C SER A 33 -18.68 -9.31 -63.89
N GLU A 34 -17.70 -10.10 -63.44
CA GLU A 34 -17.71 -10.60 -62.08
C GLU A 34 -17.52 -9.47 -61.07
N LEU A 35 -16.76 -8.44 -61.43
CA LEU A 35 -16.47 -7.36 -60.50
C LEU A 35 -17.74 -6.62 -60.08
N SER A 36 -18.56 -6.24 -61.07
CA SER A 36 -19.78 -5.51 -60.76
C SER A 36 -20.74 -6.37 -59.96
N LYS A 37 -20.83 -7.67 -60.30
CA LYS A 37 -21.69 -8.57 -59.55
C LYS A 37 -21.25 -8.65 -58.10
N GLN A 38 -19.95 -8.79 -57.86
CA GLN A 38 -19.46 -8.89 -56.49
C GLN A 38 -19.70 -7.60 -55.72
N ARG A 39 -19.50 -6.45 -56.36
CA ARG A 39 -19.74 -5.18 -55.66
C ARG A 39 -21.21 -5.00 -55.32
N SER A 40 -22.11 -5.33 -56.27
CA SER A 40 -23.53 -5.22 -55.99
C SER A 40 -23.95 -6.18 -54.89
N GLU A 41 -23.40 -7.40 -54.89
CA GLU A 41 -23.72 -8.35 -53.82
C GLU A 41 -23.24 -7.84 -52.47
N ALA A 42 -22.06 -7.21 -52.44
CA ALA A 42 -21.57 -6.65 -51.18
C ALA A 42 -22.52 -5.57 -50.67
N LEU A 43 -22.97 -4.68 -51.57
CA LEU A 43 -23.91 -3.65 -51.15
C LEU A 43 -25.21 -4.25 -50.65
N LYS A 44 -25.72 -5.26 -51.34
CA LYS A 44 -26.96 -5.91 -50.92
C LYS A 44 -26.80 -6.56 -49.55
N TYR A 45 -25.68 -7.23 -49.31
CA TYR A 45 -25.45 -7.83 -48.01
C TYR A 45 -25.37 -6.77 -46.92
N TYR A 46 -24.76 -5.62 -47.23
CA TYR A 46 -24.73 -4.53 -46.26
C TYR A 46 -26.13 -4.04 -45.93
N PHE A 47 -26.98 -3.88 -46.95
CA PHE A 47 -28.34 -3.41 -46.70
C PHE A 47 -29.21 -4.44 -46.01
N GLY A 48 -28.79 -5.70 -45.93
CA GLY A 48 -29.62 -6.72 -45.33
C GLY A 48 -30.76 -7.20 -46.20
N GLU A 49 -30.59 -7.16 -47.52
CA GLU A 49 -31.64 -7.57 -48.44
C GLU A 49 -31.82 -9.09 -48.41
N PRO A 50 -33.00 -9.57 -48.77
CA PRO A 50 -33.21 -11.02 -48.81
C PRO A 50 -32.32 -11.70 -49.84
N PHE A 51 -31.92 -12.93 -49.52
CA PHE A 51 -31.03 -13.68 -50.40
C PHE A 51 -31.74 -14.15 -51.66
N GLY A 52 -33.02 -14.51 -51.55
CA GLY A 52 -33.77 -15.03 -52.67
C GLY A 52 -34.23 -16.47 -52.51
N ASN A 53 -33.98 -17.10 -51.37
CA ASN A 53 -34.43 -18.46 -51.09
C ASN A 53 -35.54 -18.49 -50.05
N GLU A 54 -36.20 -17.37 -49.82
CA GLU A 54 -37.25 -17.30 -48.79
C GLU A 54 -38.54 -17.92 -49.29
N ARG A 55 -39.19 -18.69 -48.43
CA ARG A 55 -40.46 -19.30 -48.72
C ARG A 55 -41.61 -18.40 -48.31
N PRO A 56 -42.77 -18.54 -48.93
CA PRO A 56 -43.87 -17.59 -48.67
C PRO A 56 -44.29 -17.49 -47.21
N GLY A 57 -44.32 -18.59 -46.48
CA GLY A 57 -44.89 -18.55 -45.15
C GLY A 57 -43.93 -18.80 -43.99
N LYS A 58 -42.64 -18.86 -44.28
CA LYS A 58 -41.63 -19.15 -43.26
C LYS A 58 -40.90 -17.87 -42.88
N SER A 59 -39.94 -18.01 -41.97
CA SER A 59 -39.18 -16.88 -41.48
C SER A 59 -38.22 -16.38 -42.55
N ALA A 60 -37.88 -15.08 -42.46
CA ALA A 60 -37.00 -14.46 -43.43
C ALA A 60 -35.98 -13.54 -42.76
N ILE A 61 -35.57 -13.89 -41.54
CA ILE A 61 -34.60 -13.07 -40.81
C ILE A 61 -33.23 -13.19 -41.47
N VAL A 62 -32.51 -12.07 -41.51
CA VAL A 62 -31.18 -12.01 -42.12
C VAL A 62 -30.19 -11.52 -41.08
N SER A 63 -29.10 -12.25 -40.90
CA SER A 63 -28.04 -11.84 -39.98
C SER A 63 -27.26 -10.67 -40.55
N ARG A 64 -26.77 -9.81 -39.67
CA ARG A 64 -26.05 -8.60 -40.05
C ARG A 64 -24.60 -8.74 -39.58
N ASP A 65 -23.71 -9.02 -40.53
CA ASP A 65 -22.29 -9.17 -40.23
C ASP A 65 -21.42 -8.15 -40.94
N VAL A 66 -21.56 -8.01 -42.26
CA VAL A 66 -20.77 -7.02 -42.99
C VAL A 66 -21.08 -5.62 -42.50
N GLN A 67 -22.36 -5.34 -42.21
CA GLN A 67 -22.75 -4.04 -41.69
C GLN A 67 -22.08 -3.77 -40.35
N GLU A 68 -22.09 -4.76 -39.47
CA GLU A 68 -21.47 -4.58 -38.15
C GLU A 68 -19.98 -4.33 -38.28
N THR A 69 -19.29 -5.09 -39.14
CA THR A 69 -17.85 -4.92 -39.29
C THR A 69 -17.52 -3.54 -39.85
N VAL A 70 -18.25 -3.11 -40.88
CA VAL A 70 -17.96 -1.81 -41.49
C VAL A 70 -18.23 -0.69 -40.49
N ASP A 71 -19.35 -0.78 -39.76
CA ASP A 71 -19.71 0.26 -38.81
C ASP A 71 -18.80 0.26 -37.59
N TRP A 72 -18.15 -0.86 -37.28
CA TRP A 72 -17.16 -0.86 -36.21
C TRP A 72 -15.80 -0.38 -36.67
N ILE A 73 -15.49 -0.50 -37.96
CA ILE A 73 -14.18 -0.06 -38.43
C ILE A 73 -14.18 1.44 -38.71
N MET A 74 -15.27 1.98 -39.26
CA MET A 74 -15.25 3.36 -39.74
C MET A 74 -14.91 4.41 -38.68
N PRO A 75 -15.52 4.42 -37.48
CA PRO A 75 -15.28 5.54 -36.57
C PRO A 75 -13.82 5.73 -36.18
N SER A 76 -13.08 4.64 -35.97
CA SER A 76 -11.66 4.79 -35.68
C SER A 76 -10.91 5.36 -36.87
N LEU A 77 -11.25 4.91 -38.09
CA LEU A 77 -10.61 5.42 -39.29
C LEU A 77 -10.94 6.89 -39.54
N MET A 78 -12.00 7.42 -38.93
CA MET A 78 -12.26 8.85 -39.06
C MET A 78 -11.62 9.65 -37.94
N LYS A 79 -11.64 9.12 -36.71
CA LYS A 79 -10.95 9.75 -35.59
C LYS A 79 -9.47 9.94 -35.91
N VAL A 80 -8.84 8.88 -36.41
CA VAL A 80 -7.59 9.06 -37.14
C VAL A 80 -7.91 9.75 -38.45
N PHE A 81 -7.08 10.72 -38.83
CA PHE A 81 -7.20 11.58 -40.01
C PHE A 81 -8.20 12.72 -39.84
N THR A 82 -8.95 12.81 -38.75
CA THR A 82 -9.88 13.92 -38.65
C THR A 82 -9.76 14.73 -37.35
N SER A 83 -9.35 14.07 -36.27
CA SER A 83 -9.59 14.62 -34.93
C SER A 83 -8.95 15.98 -34.74
N GLY A 84 -7.73 16.17 -35.24
CA GLY A 84 -6.98 17.37 -34.93
C GLY A 84 -7.39 18.62 -35.66
N GLY A 85 -8.41 18.59 -36.48
CA GLY A 85 -8.76 19.75 -37.29
C GLY A 85 -7.90 19.88 -38.53
N GLN A 86 -6.58 19.91 -38.36
CA GLN A 86 -5.67 19.83 -39.49
C GLN A 86 -5.61 18.40 -40.01
N VAL A 87 -5.41 18.26 -41.31
CA VAL A 87 -5.36 16.96 -41.95
C VAL A 87 -3.99 16.62 -42.53
N VAL A 88 -3.20 17.62 -42.91
CA VAL A 88 -1.90 17.39 -43.53
C VAL A 88 -0.88 18.32 -42.90
N LYS A 89 0.39 17.89 -42.91
CA LYS A 89 1.48 18.73 -42.44
C LYS A 89 2.67 18.57 -43.39
N TYR A 90 3.13 19.68 -43.95
CA TYR A 90 4.28 19.67 -44.85
C TYR A 90 5.52 20.04 -44.06
N GLU A 91 6.53 19.17 -44.09
CA GLU A 91 7.76 19.42 -43.35
C GLU A 91 8.86 19.81 -44.32
N PRO A 92 9.63 20.85 -44.00
CA PRO A 92 10.70 21.29 -44.90
C PRO A 92 11.85 20.30 -44.93
N GLN A 93 12.57 20.29 -46.05
CA GLN A 93 13.74 19.45 -46.19
C GLN A 93 14.99 20.10 -45.61
N THR A 94 15.21 21.37 -45.91
CA THR A 94 16.31 22.16 -45.37
C THR A 94 15.75 23.40 -44.67
N ALA A 95 16.66 24.18 -44.09
CA ALA A 95 16.25 25.40 -43.40
C ALA A 95 15.78 26.50 -44.34
N GLU A 96 16.03 26.36 -45.65
CA GLU A 96 15.66 27.38 -46.61
C GLU A 96 14.25 27.20 -47.15
N ASP A 97 13.57 26.12 -46.79
CA ASP A 97 12.21 25.86 -47.26
C ASP A 97 11.15 26.13 -46.21
N VAL A 98 11.55 26.50 -44.99
CA VAL A 98 10.62 26.52 -43.86
C VAL A 98 9.42 27.40 -44.17
N GLU A 99 9.67 28.62 -44.64
CA GLU A 99 8.57 29.53 -44.93
C GLU A 99 7.63 28.94 -45.98
N GLN A 100 8.20 28.35 -47.04
CA GLN A 100 7.35 27.68 -48.01
C GLN A 100 6.56 26.55 -47.36
N ALA A 101 7.22 25.76 -46.52
CA ALA A 101 6.54 24.69 -45.82
C ALA A 101 5.38 25.21 -45.00
N GLU A 102 5.47 26.45 -44.50
CA GLU A 102 4.35 27.02 -43.78
C GLU A 102 3.20 27.34 -44.72
N GLN A 103 3.52 27.99 -45.85
CA GLN A 103 2.47 28.49 -46.74
C GLN A 103 1.55 27.36 -47.18
N GLU A 104 2.13 26.30 -47.75
CA GLU A 104 1.33 25.16 -48.17
C GLU A 104 0.52 24.60 -47.02
N THR A 105 1.13 24.49 -45.84
CA THR A 105 0.42 23.92 -44.70
C THR A 105 -0.83 24.72 -44.37
N GLU A 106 -0.80 26.03 -44.60
CA GLU A 106 -1.99 26.84 -44.36
C GLU A 106 -2.87 26.94 -45.59
N TYR A 107 -2.32 26.71 -46.78
CA TYR A 107 -3.13 26.76 -47.99
C TYR A 107 -3.86 25.44 -48.20
N VAL A 108 -3.11 24.35 -48.30
CA VAL A 108 -3.71 23.02 -48.44
C VAL A 108 -4.20 22.58 -47.07
N ASN A 109 -5.45 22.92 -46.77
CA ASN A 109 -6.10 22.84 -45.46
C ASN A 109 -7.27 23.80 -45.52
N TYR A 110 -7.02 24.97 -46.09
CA TYR A 110 -8.09 25.90 -46.41
C TYR A 110 -8.84 25.45 -47.66
N LEU A 111 -8.12 24.86 -48.61
CA LEU A 111 -8.76 24.34 -49.82
C LEU A 111 -9.56 23.08 -49.53
N PHE A 112 -9.02 22.21 -48.66
CA PHE A 112 -9.64 20.91 -48.46
C PHE A 112 -10.78 20.97 -47.46
N MET A 113 -10.63 21.69 -46.36
CA MET A 113 -11.61 21.69 -45.29
C MET A 113 -12.60 22.85 -45.35
N ARG A 114 -12.27 23.93 -46.06
CA ARG A 114 -13.12 25.10 -46.07
C ARG A 114 -13.66 25.45 -47.46
N LYS A 115 -13.25 24.74 -48.51
CA LYS A 115 -13.69 25.06 -49.85
C LYS A 115 -14.17 23.85 -50.64
N ASN A 116 -14.07 22.63 -50.09
CA ASN A 116 -14.40 21.45 -50.87
C ASN A 116 -15.15 20.37 -50.10
N GLU A 117 -15.54 20.60 -48.86
CA GLU A 117 -16.23 19.59 -48.04
C GLU A 117 -15.36 18.33 -47.92
N GLY A 118 -14.21 18.50 -47.30
CA GLY A 118 -13.24 17.41 -47.23
C GLY A 118 -13.72 16.23 -46.41
N PHE A 119 -14.44 16.51 -45.31
CA PHE A 119 -14.88 15.43 -44.44
C PHE A 119 -15.81 14.47 -45.16
N LYS A 120 -16.79 15.00 -45.88
CA LYS A 120 -17.73 14.14 -46.60
C LYS A 120 -17.03 13.35 -47.69
N VAL A 121 -16.13 13.99 -48.42
CA VAL A 121 -15.40 13.32 -49.50
C VAL A 121 -14.58 12.17 -48.93
N MET A 122 -13.88 12.41 -47.83
CA MET A 122 -13.02 11.38 -47.27
C MET A 122 -13.83 10.26 -46.65
N PHE A 123 -14.98 10.58 -46.05
CA PHE A 123 -15.87 9.54 -45.54
C PHE A 123 -16.37 8.66 -46.67
N ASP A 124 -16.81 9.26 -47.78
CA ASP A 124 -17.24 8.47 -48.92
C ASP A 124 -16.12 7.62 -49.46
N TRP A 125 -14.91 8.17 -49.53
CA TRP A 125 -13.74 7.43 -49.98
C TRP A 125 -13.53 6.18 -49.13
N PHE A 126 -13.49 6.35 -47.81
CA PHE A 126 -13.21 5.24 -46.92
C PHE A 126 -14.32 4.20 -46.98
N GLN A 127 -15.58 4.64 -47.02
CA GLN A 127 -16.68 3.68 -47.04
C GLN A 127 -16.70 2.91 -48.35
N ASP A 128 -16.40 3.58 -49.47
CA ASP A 128 -16.31 2.85 -50.74
C ASP A 128 -15.17 1.84 -50.71
N THR A 129 -14.03 2.22 -50.13
CA THR A 129 -12.91 1.29 -50.06
C THR A 129 -13.25 0.07 -49.24
N LEU A 130 -13.93 0.25 -48.11
CA LEU A 130 -14.28 -0.90 -47.28
C LEU A 130 -15.40 -1.72 -47.90
N MET A 131 -16.37 -1.05 -48.53
CA MET A 131 -17.54 -1.72 -49.08
C MET A 131 -17.19 -2.46 -50.36
N MET A 132 -16.78 -1.72 -51.39
CA MET A 132 -16.28 -2.30 -52.62
C MET A 132 -14.82 -2.69 -52.40
N LYS A 133 -14.11 -2.98 -53.48
CA LYS A 133 -12.72 -3.41 -53.35
C LYS A 133 -11.74 -2.25 -53.34
N THR A 134 -12.09 -1.09 -53.88
CA THR A 134 -11.16 0.03 -53.93
C THR A 134 -11.96 1.33 -54.00
N GLY A 135 -11.32 2.41 -53.56
CA GLY A 135 -11.94 3.72 -53.61
C GLY A 135 -11.09 4.70 -54.40
N VAL A 136 -11.76 5.63 -55.09
CA VAL A 136 -11.09 6.56 -55.98
C VAL A 136 -11.57 7.98 -55.69
N VAL A 137 -10.62 8.92 -55.70
CA VAL A 137 -10.90 10.34 -55.50
C VAL A 137 -10.15 11.14 -56.56
N LYS A 138 -10.80 12.17 -57.10
CA LYS A 138 -10.24 12.96 -58.18
C LYS A 138 -9.96 14.39 -57.74
N VAL A 139 -8.86 14.95 -58.24
CA VAL A 139 -8.49 16.35 -58.02
C VAL A 139 -8.37 17.02 -59.38
N TYR A 140 -8.99 18.18 -59.53
CA TYR A 140 -8.98 18.84 -60.83
C TYR A 140 -9.13 20.35 -60.65
N VAL A 141 -9.05 21.06 -61.76
CA VAL A 141 -9.23 22.51 -61.81
C VAL A 141 -10.53 22.81 -62.52
N GLU A 142 -11.37 23.63 -61.91
CA GLU A 142 -12.71 23.88 -62.44
C GLU A 142 -12.64 24.52 -63.82
N GLU A 143 -13.43 23.99 -64.75
CA GLU A 143 -13.51 24.53 -66.11
C GLU A 143 -14.84 25.18 -66.44
N VAL A 144 -15.89 24.88 -65.69
CA VAL A 144 -17.20 25.49 -65.89
C VAL A 144 -17.32 26.65 -64.91
N LEU A 145 -17.41 27.87 -65.45
CA LEU A 145 -17.39 29.09 -64.63
C LEU A 145 -18.74 29.79 -64.78
N ASN A 146 -19.67 29.51 -63.87
CA ASN A 146 -20.98 30.13 -63.91
C ASN A 146 -20.94 31.55 -63.37
N PRO A 147 -21.78 32.44 -63.91
CA PRO A 147 -21.91 33.77 -63.30
C PRO A 147 -22.60 33.69 -61.96
N THR A 148 -22.36 34.71 -61.13
CA THR A 148 -22.91 34.75 -59.79
C THR A 148 -23.66 36.06 -59.58
N PHE A 149 -24.59 36.03 -58.62
CA PHE A 149 -25.39 37.18 -58.24
C PHE A 149 -25.25 37.43 -56.75
N GLU A 150 -25.02 38.68 -56.37
CA GLU A 150 -24.84 39.04 -54.98
C GLU A 150 -25.79 40.16 -54.58
N ARG A 151 -26.21 40.14 -53.31
CA ARG A 151 -27.05 41.18 -52.73
C ARG A 151 -26.44 41.61 -51.41
N PHE A 152 -26.37 42.91 -51.19
CA PHE A 152 -25.87 43.48 -49.95
C PHE A 152 -26.80 44.59 -49.47
N SER A 153 -26.90 44.74 -48.16
CA SER A 153 -27.73 45.77 -47.57
C SER A 153 -27.07 46.30 -46.31
N GLY A 154 -27.26 47.58 -46.05
CA GLY A 154 -26.71 48.20 -44.86
C GLY A 154 -25.25 48.55 -44.96
N LEU A 155 -24.74 48.81 -46.15
CA LEU A 155 -23.33 49.10 -46.36
C LEU A 155 -23.08 50.61 -46.30
N SER A 156 -21.81 50.96 -46.14
CA SER A 156 -21.38 52.35 -46.05
C SER A 156 -20.86 52.84 -47.40
N GLU A 157 -20.34 54.07 -47.42
CA GLU A 157 -19.85 54.65 -48.67
C GLU A 157 -18.65 53.89 -49.20
N GLU A 158 -17.63 53.69 -48.36
CA GLU A 158 -16.38 53.10 -48.83
C GLU A 158 -16.56 51.66 -49.25
N MET A 159 -17.41 50.92 -48.54
CA MET A 159 -17.68 49.54 -48.89
C MET A 159 -18.30 49.44 -50.28
N VAL A 160 -19.28 50.31 -50.55
CA VAL A 160 -19.94 50.33 -51.86
C VAL A 160 -18.94 50.73 -52.94
N ALA A 161 -18.10 51.73 -52.66
CA ALA A 161 -17.11 52.16 -53.65
C ALA A 161 -16.15 51.03 -53.98
N ASP A 162 -15.69 50.30 -52.95
CA ASP A 162 -14.79 49.18 -53.19
C ASP A 162 -15.47 48.08 -54.00
N ILE A 163 -16.74 47.80 -53.70
CA ILE A 163 -17.44 46.77 -54.44
C ILE A 163 -17.61 47.17 -55.91
N LEU A 164 -17.96 48.43 -56.15
CA LEU A 164 -18.24 48.89 -57.50
C LEU A 164 -16.98 49.18 -58.31
N ALA A 165 -15.82 49.30 -57.67
CA ALA A 165 -14.60 49.59 -58.42
C ALA A 165 -14.16 48.43 -59.30
N ASP A 166 -14.66 47.23 -59.06
CA ASP A 166 -14.24 46.07 -59.84
C ASP A 166 -14.81 46.18 -61.26
N PRO A 167 -13.97 46.10 -62.30
CA PRO A 167 -14.48 46.18 -63.67
C PRO A 167 -15.19 44.93 -64.16
N ASP A 168 -15.30 43.89 -63.32
CA ASP A 168 -15.96 42.65 -63.71
C ASP A 168 -17.34 42.49 -63.07
N THR A 169 -17.93 43.59 -62.63
CA THR A 169 -19.24 43.56 -61.96
C THR A 169 -20.23 44.43 -62.73
N GLU A 170 -21.46 43.95 -62.82
CA GLU A 170 -22.56 44.68 -63.42
C GLU A 170 -23.56 45.05 -62.34
N ILE A 171 -24.16 46.23 -62.46
CA ILE A 171 -25.06 46.74 -61.43
C ILE A 171 -26.49 46.43 -61.85
N LEU A 172 -27.19 45.66 -61.02
CA LEU A 172 -28.59 45.37 -61.27
C LEU A 172 -29.53 46.25 -60.48
N ALA A 173 -29.16 46.63 -59.26
CA ALA A 173 -30.03 47.48 -58.46
C ALA A 173 -29.21 48.24 -57.43
N GLN A 174 -29.59 49.50 -57.19
CA GLN A 174 -28.96 50.33 -56.18
C GLN A 174 -30.03 51.16 -55.48
N SER A 175 -29.93 51.27 -54.16
CA SER A 175 -30.91 52.00 -53.39
C SER A 175 -30.26 52.57 -52.14
N VAL A 176 -30.80 53.70 -51.68
CA VAL A 176 -30.36 54.35 -50.45
C VAL A 176 -31.54 54.46 -49.50
N ASP A 177 -31.32 54.08 -48.26
CA ASP A 177 -32.35 54.08 -47.24
C ASP A 177 -32.13 55.23 -46.27
N GLU A 178 -33.05 55.36 -45.31
CA GLU A 178 -32.85 56.29 -44.21
C GLU A 178 -31.58 55.91 -43.46
N ASP A 179 -30.80 56.92 -43.07
CA ASP A 179 -29.43 56.75 -42.60
C ASP A 179 -28.55 56.35 -43.78
N GLY A 180 -27.30 56.80 -43.78
CA GLY A 180 -26.45 56.63 -44.94
C GLY A 180 -26.02 55.19 -45.16
N THR A 181 -26.98 54.33 -45.49
CA THR A 181 -26.73 52.94 -45.79
C THR A 181 -27.25 52.61 -47.19
N TYR A 182 -26.64 51.62 -47.83
CA TYR A 182 -26.90 51.31 -49.22
C TYR A 182 -27.36 49.86 -49.37
N SER A 183 -28.14 49.62 -50.42
CA SER A 183 -28.53 48.27 -50.81
C SER A 183 -28.20 48.09 -52.27
N ILE A 184 -27.42 47.06 -52.59
CA ILE A 184 -26.95 46.85 -53.95
C ILE A 184 -27.16 45.40 -54.36
N LYS A 185 -27.62 45.19 -55.58
CA LYS A 185 -27.72 43.87 -56.19
C LYS A 185 -26.86 43.90 -57.45
N ILE A 186 -25.88 43.01 -57.52
CA ILE A 186 -24.87 43.02 -58.57
C ILE A 186 -24.72 41.62 -59.17
N ARG A 187 -24.15 41.59 -60.37
CA ARG A 187 -23.81 40.38 -61.09
C ARG A 187 -22.32 40.34 -61.35
N LYS A 188 -21.71 39.18 -61.12
CA LYS A 188 -20.25 39.03 -61.20
C LYS A 188 -19.90 37.86 -62.09
N ASP A 189 -18.83 38.04 -62.87
CA ASP A 189 -18.26 36.99 -63.71
C ASP A 189 -16.82 36.77 -63.28
N LYS A 190 -16.59 35.70 -62.52
CA LYS A 190 -15.28 35.39 -61.96
C LYS A 190 -14.47 34.54 -62.93
N LYS A 191 -13.17 34.84 -63.04
CA LYS A 191 -12.28 34.12 -63.93
C LYS A 191 -11.12 33.44 -63.23
N LYS A 192 -11.01 33.58 -61.91
CA LYS A 192 -9.87 33.00 -61.21
C LYS A 192 -9.98 31.49 -61.16
N ARG A 193 -8.83 30.84 -61.03
CA ARG A 193 -8.77 29.38 -61.04
C ARG A 193 -9.39 28.82 -59.76
N GLU A 194 -10.04 27.66 -59.88
CA GLU A 194 -10.61 26.97 -58.73
C GLU A 194 -10.11 25.53 -58.72
N ILE A 195 -9.73 25.05 -57.54
CA ILE A 195 -9.24 23.68 -57.36
C ILE A 195 -10.30 22.89 -56.61
N LYS A 196 -10.72 21.76 -57.19
CA LYS A 196 -11.79 20.97 -56.62
C LYS A 196 -11.34 19.53 -56.41
N VAL A 197 -11.88 18.93 -55.35
CA VAL A 197 -11.67 17.52 -55.03
C VAL A 197 -13.03 16.85 -54.95
N THR A 198 -13.20 15.73 -55.65
CA THR A 198 -14.49 15.07 -55.73
C THR A 198 -14.35 13.57 -55.50
N CYS A 199 -15.42 12.98 -55.00
CA CYS A 199 -15.55 11.54 -54.90
C CYS A 199 -16.21 10.99 -56.17
N ILE A 200 -15.84 9.78 -56.54
CA ILE A 200 -16.31 9.15 -57.77
C ILE A 200 -17.06 7.88 -57.40
N LYS A 201 -18.27 7.73 -57.93
CA LYS A 201 -19.02 6.50 -57.73
C LYS A 201 -18.26 5.35 -58.38
N PRO A 202 -18.20 4.18 -57.73
CA PRO A 202 -17.38 3.08 -58.28
C PRO A 202 -17.80 2.65 -59.67
N GLU A 203 -19.08 2.75 -60.01
CA GLU A 203 -19.54 2.32 -61.33
C GLU A 203 -19.20 3.31 -62.44
N ASN A 204 -18.76 4.52 -62.09
CA ASN A 204 -18.46 5.55 -63.08
C ASN A 204 -16.96 5.68 -63.36
N PHE A 205 -16.15 4.77 -62.84
CA PHE A 205 -14.71 4.79 -63.03
C PHE A 205 -14.31 3.54 -63.80
N LEU A 206 -13.63 3.71 -64.93
CA LEU A 206 -13.25 2.59 -65.78
C LEU A 206 -11.73 2.48 -65.85
N VAL A 207 -11.23 1.27 -65.61
CA VAL A 207 -9.82 0.96 -65.68
C VAL A 207 -9.65 -0.31 -66.52
N ASP A 208 -8.52 -0.38 -67.22
CA ASP A 208 -8.24 -1.55 -68.04
C ASP A 208 -7.91 -2.76 -67.16
N ARG A 209 -7.80 -3.92 -67.81
CA ARG A 209 -7.67 -5.18 -67.10
C ARG A 209 -6.23 -5.52 -66.72
N LEU A 210 -5.25 -4.70 -67.09
CA LEU A 210 -3.85 -5.03 -66.86
C LEU A 210 -3.11 -3.94 -66.08
N ALA A 211 -3.84 -3.08 -65.37
CA ALA A 211 -3.23 -1.93 -64.72
C ALA A 211 -2.26 -2.32 -63.61
N THR A 212 -2.78 -2.92 -62.53
CA THR A 212 -2.05 -3.29 -61.32
C THR A 212 -1.67 -2.07 -60.48
N CYS A 213 -1.88 -0.87 -61.01
CA CYS A 213 -1.73 0.39 -60.29
C CYS A 213 -2.10 1.51 -61.26
N ILE A 214 -2.34 2.70 -60.70
CA ILE A 214 -2.76 3.82 -61.53
C ILE A 214 -1.62 4.32 -62.40
N ASP A 215 -0.41 4.41 -61.85
CA ASP A 215 0.69 5.07 -62.54
C ASP A 215 1.09 4.36 -63.84
N ASP A 216 0.75 3.09 -64.02
CA ASP A 216 1.09 2.38 -65.25
C ASP A 216 -0.16 1.93 -66.01
N ALA A 217 -1.33 2.43 -65.65
CA ALA A 217 -2.54 2.04 -66.36
C ALA A 217 -2.54 2.61 -67.77
N ARG A 218 -2.87 1.76 -68.73
CA ARG A 218 -2.91 2.20 -70.13
C ARG A 218 -4.12 3.05 -70.43
N PHE A 219 -5.25 2.80 -69.77
CA PHE A 219 -6.49 3.52 -70.08
C PHE A 219 -7.29 3.69 -68.82
N LEU A 220 -7.62 4.95 -68.49
CA LEU A 220 -8.53 5.28 -67.41
C LEU A 220 -9.62 6.16 -67.99
N CYS A 221 -10.82 6.07 -67.43
CA CYS A 221 -11.86 6.97 -67.91
C CYS A 221 -12.89 7.25 -66.84
N HIS A 222 -13.43 8.47 -66.88
CA HIS A 222 -14.43 8.96 -65.94
C HIS A 222 -15.67 9.38 -66.72
N ARG A 223 -16.82 8.85 -66.32
CA ARG A 223 -18.09 9.16 -66.96
C ARG A 223 -18.88 10.08 -66.06
N GLU A 224 -19.38 11.17 -66.62
CA GLU A 224 -20.08 12.18 -65.84
C GLU A 224 -21.31 12.63 -66.61
N LYS A 225 -22.23 13.31 -65.93
CA LYS A 225 -23.43 13.82 -66.55
C LYS A 225 -23.37 15.34 -66.64
N TYR A 226 -23.59 15.87 -67.83
CA TYR A 226 -23.51 17.30 -68.08
C TYR A 226 -24.84 17.82 -68.61
N THR A 227 -25.22 19.01 -68.14
CA THR A 227 -26.39 19.70 -68.67
C THR A 227 -26.01 20.50 -69.90
N VAL A 228 -27.03 20.97 -70.61
CA VAL A 228 -26.79 21.75 -71.82
C VAL A 228 -26.11 23.07 -71.49
N SER A 229 -26.46 23.66 -70.34
CA SER A 229 -25.84 24.91 -69.95
C SER A 229 -24.34 24.75 -69.73
N ASP A 230 -23.93 23.65 -69.11
CA ASP A 230 -22.50 23.39 -68.92
C ASP A 230 -21.79 23.26 -70.25
N LEU A 231 -22.40 22.55 -71.21
CA LEU A 231 -21.80 22.40 -72.52
C LEU A 231 -21.68 23.75 -73.22
N ARG A 232 -22.70 24.60 -73.07
CA ARG A 232 -22.62 25.94 -73.65
C ARG A 232 -21.48 26.74 -73.02
N LEU A 233 -21.33 26.64 -71.70
CA LEU A 233 -20.22 27.33 -71.04
C LEU A 233 -18.88 26.77 -71.48
N LEU A 234 -18.84 25.50 -71.89
CA LEU A 234 -17.61 24.91 -72.39
C LEU A 234 -17.29 25.30 -73.83
N GLY A 235 -18.22 25.96 -74.52
CA GLY A 235 -17.97 26.41 -75.87
C GLY A 235 -18.45 25.50 -76.98
N VAL A 236 -19.28 24.51 -76.68
CA VAL A 236 -19.79 23.61 -77.71
C VAL A 236 -20.70 24.39 -78.66
N PRO A 237 -20.53 24.25 -79.97
CA PRO A 237 -21.42 24.95 -80.90
C PRO A 237 -22.86 24.45 -80.81
N GLU A 238 -23.79 25.34 -81.14
CA GLU A 238 -25.21 25.02 -80.97
C GLU A 238 -25.63 23.86 -81.87
N ASP A 239 -25.19 23.87 -83.13
CA ASP A 239 -25.64 22.85 -84.09
C ASP A 239 -25.30 21.45 -83.60
N VAL A 240 -24.16 21.29 -82.94
CA VAL A 240 -23.84 20.02 -82.31
C VAL A 240 -24.82 19.72 -81.18
N LEU A 241 -25.21 20.75 -80.43
CA LEU A 241 -26.10 20.55 -79.29
C LEU A 241 -27.47 20.05 -79.73
N ASP A 242 -27.99 20.56 -80.85
CA ASP A 242 -29.31 20.10 -81.30
C ASP A 242 -29.31 18.63 -81.69
N GLU A 243 -28.16 18.04 -81.97
CA GLU A 243 -28.07 16.65 -82.42
C GLU A 243 -27.24 15.81 -81.47
N LEU A 244 -27.51 15.95 -80.17
CA LEU A 244 -26.78 15.19 -79.17
C LEU A 244 -27.69 14.12 -78.57
N PRO A 245 -27.22 12.88 -78.44
CA PRO A 245 -28.04 11.84 -77.80
C PRO A 245 -28.27 12.15 -76.33
N TYR A 246 -29.53 12.27 -75.95
CA TYR A 246 -29.88 12.68 -74.60
C TYR A 246 -30.02 11.50 -73.64
N ASP A 247 -29.74 10.28 -74.10
CA ASP A 247 -29.56 9.15 -73.17
C ASP A 247 -28.55 8.18 -73.79
N GLU A 248 -27.27 8.41 -73.48
CA GLU A 248 -26.19 7.45 -73.67
C GLU A 248 -25.99 6.95 -75.11
N TYR A 249 -24.95 6.13 -75.27
CA TYR A 249 -24.79 5.25 -76.43
C TYR A 249 -24.66 3.78 -76.03
N GLU A 250 -24.37 3.50 -74.76
CA GLU A 250 -24.07 2.13 -74.33
C GLU A 250 -24.97 1.62 -73.22
N PHE A 251 -26.02 2.36 -72.86
CA PHE A 251 -26.94 1.97 -71.79
C PHE A 251 -26.19 1.74 -70.48
N SER A 252 -25.57 2.82 -69.98
CA SER A 252 -24.76 2.79 -68.77
C SER A 252 -25.52 3.22 -67.53
N ASP A 253 -26.82 3.50 -67.66
CA ASP A 253 -27.63 3.92 -66.52
C ASP A 253 -28.25 2.75 -65.77
N SER A 254 -27.95 1.52 -66.16
CA SER A 254 -28.50 0.33 -65.53
C SER A 254 -27.39 -0.52 -64.92
N GLN A 255 -26.42 0.11 -64.30
CA GLN A 255 -25.38 -0.62 -63.60
C GLN A 255 -25.98 -1.28 -62.36
N PRO A 256 -25.60 -2.52 -62.05
CA PRO A 256 -26.18 -3.20 -60.89
C PRO A 256 -25.94 -2.47 -59.58
N GLU A 257 -24.77 -1.86 -59.40
CA GLU A 257 -24.52 -1.11 -58.17
C GLU A 257 -25.48 0.06 -58.04
N ARG A 258 -25.71 0.79 -59.13
CA ARG A 258 -26.64 1.91 -59.09
C ARG A 258 -28.05 1.46 -58.76
N LEU A 259 -28.49 0.35 -59.38
CA LEU A 259 -29.83 -0.16 -59.10
C LEU A 259 -29.98 -0.58 -57.65
N VAL A 260 -28.97 -1.25 -57.11
CA VAL A 260 -29.04 -1.67 -55.70
C VAL A 260 -29.06 -0.46 -54.78
N ARG A 261 -28.21 0.53 -55.05
CA ARG A 261 -28.14 1.70 -54.20
C ARG A 261 -29.44 2.50 -54.23
N ASP A 262 -30.04 2.65 -55.42
CA ASP A 262 -31.23 3.46 -55.55
C ASP A 262 -32.48 2.78 -55.02
N ASN A 263 -32.48 1.46 -54.91
CA ASN A 263 -33.67 0.72 -54.50
C ASN A 263 -33.84 0.64 -53.00
N PHE A 264 -32.86 1.14 -52.21
CA PHE A 264 -33.02 1.13 -50.76
C PHE A 264 -34.21 1.97 -50.34
N ASP A 265 -34.36 3.16 -50.91
CA ASP A 265 -35.53 3.99 -50.69
C ASP A 265 -36.25 4.29 -52.00
N MET A 266 -35.97 3.52 -53.04
CA MET A 266 -36.65 3.62 -54.34
C MET A 266 -36.65 5.06 -54.86
N THR A 267 -35.54 5.75 -54.66
CA THR A 267 -35.38 7.14 -55.08
C THR A 267 -34.49 7.22 -56.32
N GLY A 268 -34.58 6.23 -57.20
CA GLY A 268 -33.82 6.20 -58.43
C GLY A 268 -34.52 6.94 -59.54
N GLN A 269 -34.08 6.65 -60.77
CA GLN A 269 -34.68 7.28 -61.95
C GLN A 269 -35.87 6.48 -62.47
N LEU A 270 -36.84 6.23 -61.59
CA LEU A 270 -38.09 5.60 -62.03
C LEU A 270 -38.86 6.48 -63.00
N GLN A 271 -38.61 7.78 -62.99
CA GLN A 271 -39.21 8.72 -63.93
C GLN A 271 -38.11 9.09 -64.93
N TYR A 272 -38.45 9.05 -66.21
CA TYR A 272 -37.52 9.53 -67.22
C TYR A 272 -37.68 11.04 -67.40
N ASN A 273 -36.56 11.72 -67.62
CA ASN A 273 -36.54 13.18 -67.66
C ASN A 273 -35.74 13.60 -68.88
N SER A 274 -35.38 14.89 -68.93
CA SER A 274 -34.74 15.48 -70.11
C SER A 274 -35.62 15.32 -71.35
N GLY A 275 -36.93 15.46 -71.16
CA GLY A 275 -37.87 15.34 -72.25
C GLY A 275 -38.45 16.68 -72.66
N ASP A 276 -39.68 16.97 -72.20
CA ASP A 276 -40.36 18.22 -72.52
C ASP A 276 -40.17 19.28 -71.44
N ASP A 277 -39.12 19.15 -70.62
CA ASP A 277 -38.81 20.15 -69.60
C ASP A 277 -38.09 21.33 -70.25
N ALA A 278 -37.51 22.19 -69.42
CA ALA A 278 -36.72 23.30 -69.94
C ALA A 278 -35.56 22.78 -70.78
N GLU A 279 -35.33 23.43 -71.93
CA GLU A 279 -34.33 22.94 -72.86
C GLU A 279 -32.92 23.02 -72.30
N ALA A 280 -32.66 23.99 -71.43
CA ALA A 280 -31.32 24.19 -70.89
C ALA A 280 -30.95 23.18 -69.81
N ASN A 281 -31.89 22.37 -69.34
CA ASN A 281 -31.64 21.42 -68.27
C ASN A 281 -31.54 19.98 -68.75
N ARG A 282 -31.49 19.76 -70.06
CA ARG A 282 -31.33 18.40 -70.57
C ARG A 282 -29.93 17.88 -70.26
N GLU A 283 -29.84 16.59 -69.98
CA GLU A 283 -28.61 15.96 -69.55
C GLU A 283 -28.09 14.97 -70.58
N VAL A 284 -26.77 14.92 -70.71
CA VAL A 284 -26.08 13.96 -71.56
C VAL A 284 -24.93 13.35 -70.78
N TRP A 285 -24.44 12.22 -71.26
CA TRP A 285 -23.34 11.51 -70.64
C TRP A 285 -22.05 11.87 -71.37
N ALA A 286 -21.09 12.43 -70.65
CA ALA A 286 -19.80 12.80 -71.19
C ALA A 286 -18.73 11.87 -70.63
N SER A 287 -17.71 11.60 -71.46
CA SER A 287 -16.62 10.73 -71.08
C SER A 287 -15.31 11.50 -71.19
N GLU A 288 -14.52 11.48 -70.12
CA GLU A 288 -13.17 12.02 -70.14
C GLU A 288 -12.21 10.88 -69.84
N CYS A 289 -11.41 10.51 -70.82
CA CYS A 289 -10.50 9.38 -70.69
C CYS A 289 -9.05 9.86 -70.79
N TYR A 290 -8.22 9.33 -69.90
CA TYR A 290 -6.78 9.54 -69.92
C TYR A 290 -6.12 8.26 -70.40
N THR A 291 -5.39 8.34 -71.50
CA THR A 291 -4.86 7.12 -72.11
C THR A 291 -3.57 7.40 -72.83
N LEU A 292 -2.80 6.34 -73.05
CA LEU A 292 -1.56 6.41 -73.82
C LEU A 292 -1.91 6.18 -75.29
N LEU A 293 -1.85 7.24 -76.08
CA LEU A 293 -2.24 7.15 -77.49
C LEU A 293 -1.36 8.10 -78.29
N ASP A 294 -0.91 7.64 -79.46
CA ASP A 294 0.02 8.41 -80.29
C ASP A 294 -0.75 9.02 -81.45
N VAL A 295 -1.28 10.23 -81.23
CA VAL A 295 -1.87 11.00 -82.32
C VAL A 295 -0.88 11.96 -82.94
N ASP A 296 0.28 12.16 -82.32
CA ASP A 296 1.31 13.03 -82.90
C ASP A 296 1.81 12.45 -84.21
N GLY A 297 1.98 11.14 -84.27
CA GLY A 297 2.58 10.49 -85.42
C GLY A 297 4.07 10.25 -85.32
N ASP A 298 4.67 10.52 -84.16
CA ASP A 298 6.11 10.33 -83.99
C ASP A 298 6.49 8.91 -83.64
N GLY A 299 5.51 8.01 -83.51
CA GLY A 299 5.78 6.63 -83.22
C GLY A 299 5.84 6.29 -81.74
N ILE A 300 5.77 7.28 -80.86
CA ILE A 300 5.81 7.06 -79.42
C ILE A 300 4.46 7.48 -78.85
N SER A 301 3.82 6.56 -78.15
CA SER A 301 2.52 6.83 -77.54
C SER A 301 2.69 7.67 -76.29
N GLU A 302 1.99 8.79 -76.23
CA GLU A 302 2.09 9.73 -75.12
C GLU A 302 0.78 9.79 -74.36
N LEU A 303 0.85 10.33 -73.15
CA LEU A 303 -0.33 10.48 -72.32
C LEU A 303 -1.22 11.59 -72.85
N ARG A 304 -2.51 11.32 -72.98
CA ARG A 304 -3.45 12.27 -73.55
C ARG A 304 -4.75 12.21 -72.77
N ARG A 305 -5.41 13.37 -72.68
CA ARG A 305 -6.72 13.51 -72.08
C ARG A 305 -7.71 13.89 -73.17
N ILE A 306 -8.77 13.10 -73.31
CA ILE A 306 -9.79 13.32 -74.32
C ILE A 306 -11.14 13.40 -73.63
N LEU A 307 -11.82 14.53 -73.78
CA LEU A 307 -13.16 14.73 -73.26
C LEU A 307 -14.12 14.85 -74.43
N TYR A 308 -15.16 14.02 -74.44
CA TYR A 308 -16.08 14.01 -75.56
C TYR A 308 -17.48 13.58 -75.13
N VAL A 309 -18.46 14.02 -75.92
CA VAL A 309 -19.86 13.65 -75.75
C VAL A 309 -20.35 13.08 -77.07
N GLY A 310 -20.96 11.91 -77.02
CA GLY A 310 -21.48 11.28 -78.22
C GLY A 310 -20.39 10.99 -79.23
N ASP A 311 -20.46 11.64 -80.39
CA ASP A 311 -19.45 11.51 -81.42
C ASP A 311 -18.68 12.79 -81.68
N TYR A 312 -18.76 13.77 -80.79
CA TYR A 312 -18.07 15.04 -80.95
C TYR A 312 -17.02 15.18 -79.84
N ILE A 313 -15.79 15.51 -80.23
CA ILE A 313 -14.70 15.66 -79.28
C ILE A 313 -14.67 17.09 -78.78
N ILE A 314 -14.94 17.27 -77.49
CA ILE A 314 -14.82 18.59 -76.89
C ILE A 314 -13.36 19.00 -76.77
N SER A 315 -12.52 18.10 -76.29
CA SER A 315 -11.12 18.45 -76.07
C SER A 315 -10.24 17.22 -76.24
N ASN A 316 -9.04 17.44 -76.77
CA ASN A 316 -8.04 16.39 -76.94
C ASN A 316 -6.68 17.04 -76.77
N GLU A 317 -5.98 16.67 -75.69
CA GLU A 317 -4.74 17.39 -75.38
C GLU A 317 -3.74 16.49 -74.66
N PRO A 318 -2.45 16.61 -74.98
CA PRO A 318 -1.45 15.91 -74.17
C PRO A 318 -1.49 16.39 -72.73
N TRP A 319 -1.34 15.45 -71.80
CA TRP A 319 -1.51 15.74 -70.38
C TRP A 319 -0.25 15.34 -69.62
N ASP A 320 -0.19 15.77 -68.36
CA ASP A 320 1.01 15.61 -67.56
C ASP A 320 0.91 14.55 -66.47
N CYS A 321 -0.25 14.36 -65.86
CA CYS A 321 -0.38 13.42 -64.76
C CYS A 321 -1.79 12.85 -64.71
N ARG A 322 -1.92 11.68 -64.09
CA ARG A 322 -3.21 11.09 -63.82
C ARG A 322 -3.72 11.65 -62.49
N PRO A 323 -4.81 12.41 -62.48
CA PRO A 323 -5.25 13.09 -61.25
C PRO A 323 -6.23 12.25 -60.43
N PHE A 324 -5.80 11.04 -60.08
CA PHE A 324 -6.64 10.13 -59.30
C PHE A 324 -5.83 9.53 -58.15
N ALA A 325 -6.51 9.28 -57.04
CA ALA A 325 -5.93 8.62 -55.90
C ALA A 325 -6.82 7.46 -55.49
N ASP A 326 -6.22 6.29 -55.29
CA ASP A 326 -6.97 5.07 -55.03
C ASP A 326 -6.54 4.46 -53.69
N LEU A 327 -7.46 3.71 -53.11
CA LEU A 327 -7.27 3.08 -51.81
C LEU A 327 -7.74 1.63 -51.85
N ASN A 328 -6.95 0.77 -51.21
CA ASN A 328 -7.27 -0.63 -51.00
C ASN A 328 -7.18 -0.93 -49.50
N ALA A 329 -8.15 -1.69 -48.99
CA ALA A 329 -8.16 -2.03 -47.58
C ALA A 329 -7.40 -3.32 -47.29
N TYR A 330 -7.67 -4.37 -48.07
CA TYR A 330 -6.99 -5.65 -47.94
C TYR A 330 -6.25 -5.90 -49.25
N ARG A 331 -5.01 -5.44 -49.31
CA ARG A 331 -4.26 -5.46 -50.55
C ARG A 331 -3.84 -6.88 -50.93
N ILE A 332 -3.94 -7.20 -52.21
CA ILE A 332 -3.37 -8.40 -52.80
C ILE A 332 -2.20 -7.97 -53.66
N ALA A 333 -1.05 -8.62 -53.48
CA ALA A 333 0.15 -8.23 -54.21
C ALA A 333 -0.07 -8.34 -55.71
N HIS A 334 0.41 -7.32 -56.43
CA HIS A 334 0.38 -7.28 -57.89
C HIS A 334 -1.05 -7.32 -58.43
N LYS A 335 -1.99 -6.71 -57.71
CA LYS A 335 -3.36 -6.60 -58.16
C LYS A 335 -3.87 -5.19 -57.92
N PHE A 336 -4.78 -4.74 -58.78
CA PHE A 336 -5.34 -3.40 -58.63
C PHE A 336 -6.47 -3.39 -57.61
N HIS A 337 -7.33 -4.39 -57.63
CA HIS A 337 -8.45 -4.49 -56.69
C HIS A 337 -8.11 -5.49 -55.59
N GLY A 338 -8.34 -5.09 -54.35
CA GLY A 338 -8.12 -5.95 -53.20
C GLY A 338 -9.36 -6.72 -52.82
N MET A 339 -9.39 -7.15 -51.56
CA MET A 339 -10.54 -7.85 -51.01
C MET A 339 -11.35 -6.92 -50.14
N SER A 340 -12.66 -7.19 -50.07
CA SER A 340 -13.57 -6.45 -49.22
C SER A 340 -14.01 -7.33 -48.06
N VAL A 341 -14.78 -6.73 -47.15
CA VAL A 341 -15.30 -7.48 -46.01
C VAL A 341 -16.26 -8.56 -46.48
N TYR A 342 -17.05 -8.26 -47.51
CA TYR A 342 -17.98 -9.23 -48.06
C TYR A 342 -17.26 -10.48 -48.53
N ASP A 343 -16.17 -10.30 -49.27
CA ASP A 343 -15.41 -11.42 -49.78
C ASP A 343 -14.86 -12.30 -48.67
N LYS A 344 -14.81 -11.80 -47.44
CA LYS A 344 -14.26 -12.54 -46.33
C LYS A 344 -15.30 -13.15 -45.41
N ILE A 345 -16.50 -12.58 -45.31
CA ILE A 345 -17.47 -13.12 -44.36
C ILE A 345 -18.85 -13.38 -44.97
N ARG A 346 -18.93 -13.47 -46.29
CA ARG A 346 -20.22 -13.77 -46.93
C ARG A 346 -20.77 -15.12 -46.49
N ASP A 347 -19.91 -16.14 -46.48
CA ASP A 347 -20.38 -17.47 -46.10
C ASP A 347 -20.84 -17.52 -44.65
N ILE A 348 -20.12 -16.81 -43.77
CA ILE A 348 -20.54 -16.75 -42.37
C ILE A 348 -21.93 -16.12 -42.26
N GLN A 349 -22.14 -15.01 -42.98
CA GLN A 349 -23.45 -14.37 -42.94
C GLN A 349 -24.54 -15.32 -43.42
N GLU A 350 -24.29 -16.01 -44.54
CA GLU A 350 -25.32 -16.88 -45.11
C GLU A 350 -25.65 -18.04 -44.15
N ILE A 351 -24.63 -18.69 -43.61
CA ILE A 351 -24.89 -19.84 -42.74
C ILE A 351 -25.58 -19.41 -41.46
N ARG A 352 -25.16 -18.29 -40.88
CA ARG A 352 -25.81 -17.82 -39.67
C ARG A 352 -27.28 -17.49 -39.93
N SER A 353 -27.56 -16.86 -41.08
CA SER A 353 -28.95 -16.56 -41.40
C SER A 353 -29.77 -17.84 -41.57
N VAL A 354 -29.19 -18.86 -42.19
CA VAL A 354 -29.93 -20.12 -42.38
C VAL A 354 -30.26 -20.75 -41.04
N LEU A 355 -29.29 -20.79 -40.12
CA LEU A 355 -29.55 -21.37 -38.80
C LEU A 355 -30.59 -20.54 -38.04
N MET A 356 -30.51 -19.22 -38.15
CA MET A 356 -31.51 -18.34 -37.55
C MET A 356 -32.90 -18.70 -38.05
N ARG A 357 -33.04 -18.86 -39.36
CA ARG A 357 -34.32 -19.18 -39.96
C ARG A 357 -34.84 -20.53 -39.48
N ASN A 358 -33.94 -21.50 -39.35
CA ASN A 358 -34.37 -22.80 -38.84
C ASN A 358 -34.93 -22.68 -37.43
N ILE A 359 -34.27 -21.91 -36.57
CA ILE A 359 -34.77 -21.79 -35.20
C ILE A 359 -36.13 -21.09 -35.18
N MET A 360 -36.29 -20.05 -35.99
CA MET A 360 -37.60 -19.39 -36.09
C MET A 360 -38.68 -20.33 -36.61
N ASP A 361 -38.37 -21.14 -37.62
CA ASP A 361 -39.35 -22.09 -38.11
C ASP A 361 -39.76 -23.06 -37.01
N ASN A 362 -38.79 -23.50 -36.20
CA ASN A 362 -39.13 -24.42 -35.12
C ASN A 362 -40.00 -23.76 -34.06
N ILE A 363 -39.66 -22.55 -33.64
CA ILE A 363 -40.35 -21.94 -32.51
C ILE A 363 -41.79 -21.60 -32.86
N TYR A 364 -42.03 -21.12 -34.08
CA TYR A 364 -43.37 -20.66 -34.46
C TYR A 364 -44.40 -21.76 -34.40
N ARG A 365 -43.98 -23.02 -34.58
CA ARG A 365 -44.91 -24.13 -34.70
C ARG A 365 -45.01 -24.97 -33.43
N THR A 366 -44.48 -24.50 -32.30
CA THR A 366 -44.50 -25.28 -31.07
C THR A 366 -44.87 -24.44 -29.85
N ASN A 367 -45.61 -23.35 -30.07
CA ASN A 367 -45.98 -22.46 -28.97
C ASN A 367 -47.49 -22.38 -28.75
N GLN A 368 -48.26 -23.32 -29.28
CA GLN A 368 -49.70 -23.29 -29.14
C GLN A 368 -50.20 -23.91 -27.85
N GLY A 369 -49.36 -24.68 -27.15
CA GLY A 369 -49.75 -25.25 -25.88
C GLY A 369 -50.91 -26.21 -25.96
N ARG A 370 -50.88 -27.13 -26.93
CA ARG A 370 -51.95 -28.10 -27.07
C ARG A 370 -51.82 -29.21 -26.03
N SER A 371 -52.90 -29.97 -25.88
CA SER A 371 -52.98 -31.00 -24.85
C SER A 371 -53.52 -32.30 -25.46
N VAL A 372 -53.14 -33.40 -24.83
CA VAL A 372 -53.52 -34.75 -25.25
C VAL A 372 -54.51 -35.31 -24.25
N VAL A 373 -55.62 -35.85 -24.74
CA VAL A 373 -56.73 -36.31 -23.92
C VAL A 373 -57.15 -37.70 -24.38
N LEU A 374 -57.35 -38.62 -23.43
CA LEU A 374 -57.92 -39.92 -23.75
C LEU A 374 -59.37 -39.75 -24.19
N ASP A 375 -59.71 -40.34 -25.33
CA ASP A 375 -61.07 -40.23 -25.84
C ASP A 375 -61.98 -41.19 -25.10
N GLY A 376 -63.14 -40.69 -24.68
CA GLY A 376 -64.13 -41.49 -23.99
C GLY A 376 -63.94 -41.62 -22.50
N GLN A 377 -62.85 -41.08 -21.95
CA GLN A 377 -62.59 -41.16 -20.53
C GLN A 377 -62.65 -39.81 -19.82
N VAL A 378 -62.79 -38.72 -20.56
CA VAL A 378 -62.69 -37.37 -20.02
C VAL A 378 -63.95 -36.60 -20.38
N ASN A 379 -64.49 -35.87 -19.40
CA ASN A 379 -65.64 -35.00 -19.64
C ASN A 379 -65.19 -33.80 -20.47
N LEU A 380 -65.51 -33.82 -21.75
CA LEU A 380 -65.06 -32.76 -22.64
C LEU A 380 -65.76 -31.44 -22.37
N GLU A 381 -67.02 -31.48 -21.93
CA GLU A 381 -67.72 -30.25 -21.58
C GLU A 381 -67.02 -29.51 -20.45
N ASP A 382 -66.58 -30.25 -19.43
CA ASP A 382 -65.85 -29.62 -18.33
C ASP A 382 -64.51 -29.07 -18.81
N LEU A 383 -63.82 -29.81 -19.67
CA LEU A 383 -62.49 -29.38 -20.11
C LEU A 383 -62.56 -28.14 -20.99
N LEU A 384 -63.61 -28.02 -21.80
CA LEU A 384 -63.68 -26.89 -22.73
C LEU A 384 -63.88 -25.57 -22.02
N THR A 385 -64.66 -25.54 -20.94
CA THR A 385 -64.97 -24.31 -20.23
C THR A 385 -63.92 -24.13 -19.13
N ASN A 386 -62.99 -23.21 -19.37
CA ASN A 386 -61.89 -22.95 -18.46
C ASN A 386 -62.27 -21.78 -17.56
N GLU A 387 -62.50 -22.06 -16.28
CA GLU A 387 -62.86 -21.04 -15.31
C GLU A 387 -62.03 -21.21 -14.04
N ALA A 388 -62.06 -20.18 -13.20
CA ALA A 388 -61.26 -20.19 -11.99
C ALA A 388 -61.74 -21.29 -11.04
N ALA A 389 -60.79 -22.07 -10.52
CA ALA A 389 -61.08 -23.15 -9.58
C ALA A 389 -62.08 -24.15 -10.16
N GLY A 390 -61.97 -24.41 -11.45
CA GLY A 390 -62.85 -25.36 -12.09
C GLY A 390 -62.50 -26.80 -11.76
N ILE A 391 -63.45 -27.69 -12.05
CA ILE A 391 -63.29 -29.12 -11.78
C ILE A 391 -63.55 -29.87 -13.07
N VAL A 392 -62.66 -30.81 -13.40
CA VAL A 392 -62.79 -31.65 -14.58
C VAL A 392 -62.99 -33.09 -14.09
N ARG A 393 -64.11 -33.70 -14.49
CA ARG A 393 -64.45 -35.04 -14.07
C ARG A 393 -63.91 -36.04 -15.08
N VAL A 394 -63.21 -37.06 -14.60
CA VAL A 394 -62.56 -38.05 -15.45
C VAL A 394 -62.83 -39.44 -14.89
N LYS A 395 -62.98 -40.41 -15.79
CA LYS A 395 -63.28 -41.79 -15.41
C LYS A 395 -62.04 -42.63 -15.14
N ALA A 396 -60.87 -42.22 -15.61
CA ALA A 396 -59.65 -42.98 -15.39
C ALA A 396 -58.49 -42.01 -15.26
N MET A 397 -57.45 -42.44 -14.57
CA MET A 397 -56.42 -41.47 -14.20
C MET A 397 -55.35 -41.48 -15.29
N ASN A 398 -54.49 -40.46 -15.26
CA ASN A 398 -53.46 -40.26 -16.28
C ASN A 398 -54.09 -40.16 -17.68
N SER A 399 -54.91 -39.12 -17.86
CA SER A 399 -55.65 -38.98 -19.11
C SER A 399 -55.49 -37.64 -19.81
N ILE A 400 -54.98 -36.60 -19.15
CA ILE A 400 -54.83 -35.28 -19.75
C ILE A 400 -53.39 -34.83 -19.56
N MET A 401 -52.71 -34.54 -20.65
CA MET A 401 -51.30 -34.17 -20.60
C MET A 401 -51.08 -32.95 -21.48
N PRO A 402 -50.01 -32.21 -21.24
CA PRO A 402 -49.52 -31.32 -22.29
C PRO A 402 -48.90 -32.12 -23.42
N LEU A 403 -49.03 -31.60 -24.64
CA LEU A 403 -48.44 -32.26 -25.79
C LEU A 403 -46.93 -32.06 -25.80
N GLU A 404 -46.21 -33.14 -26.09
CA GLU A 404 -44.75 -33.10 -26.12
C GLU A 404 -44.29 -32.68 -27.51
N THR A 405 -43.68 -31.52 -27.59
CA THR A 405 -43.24 -30.98 -28.87
C THR A 405 -41.74 -31.20 -29.07
N PRO A 406 -41.31 -31.46 -30.31
CA PRO A 406 -39.89 -31.67 -30.56
C PRO A 406 -39.09 -30.39 -30.32
N GLN A 407 -37.82 -30.59 -29.94
CA GLN A 407 -36.91 -29.49 -29.67
C GLN A 407 -35.60 -29.74 -30.40
N LEU A 408 -34.96 -28.66 -30.83
CA LEU A 408 -33.68 -28.75 -31.50
C LEU A 408 -32.57 -29.02 -30.49
N SER A 409 -31.53 -29.70 -30.94
CA SER A 409 -30.40 -30.04 -30.08
C SER A 409 -29.51 -28.82 -29.87
N GLY A 410 -28.55 -28.95 -28.95
CA GLY A 410 -27.66 -27.85 -28.64
C GLY A 410 -26.59 -27.58 -29.67
N GLU A 411 -26.46 -28.46 -30.67
CA GLU A 411 -25.44 -28.27 -31.69
C GLU A 411 -25.67 -26.97 -32.46
N VAL A 412 -26.93 -26.62 -32.70
CA VAL A 412 -27.24 -25.43 -33.49
C VAL A 412 -26.76 -24.18 -32.76
N TYR A 413 -27.10 -24.06 -31.48
CA TYR A 413 -26.67 -22.90 -30.71
C TYR A 413 -25.15 -22.90 -30.55
N GLY A 414 -24.57 -24.07 -30.34
CA GLY A 414 -23.13 -24.16 -30.21
C GLY A 414 -22.40 -23.64 -31.43
N MET A 415 -22.84 -24.04 -32.62
CA MET A 415 -22.18 -23.52 -33.80
C MET A 415 -22.58 -22.09 -34.14
N LEU A 416 -23.75 -21.61 -33.71
CA LEU A 416 -23.98 -20.17 -33.83
C LEU A 416 -22.90 -19.39 -33.10
N ASP A 417 -22.61 -19.80 -31.87
CA ASP A 417 -21.53 -19.18 -31.12
C ASP A 417 -20.18 -19.37 -31.82
N ARG A 418 -19.94 -20.58 -32.35
CA ARG A 418 -18.67 -20.86 -33.02
C ARG A 418 -18.48 -19.98 -34.25
N LEU A 419 -19.54 -19.79 -35.04
CA LEU A 419 -19.46 -18.92 -36.21
C LEU A 419 -19.21 -17.48 -35.82
N GLU A 420 -19.83 -17.02 -34.72
CA GLU A 420 -19.53 -15.67 -34.26
C GLU A 420 -18.06 -15.54 -33.91
N ALA A 421 -17.50 -16.53 -33.21
CA ALA A 421 -16.08 -16.50 -32.86
C ALA A 421 -15.21 -16.52 -34.11
N ASP A 422 -15.59 -17.32 -35.12
CA ASP A 422 -14.81 -17.38 -36.34
C ASP A 422 -14.82 -16.05 -37.08
N ARG A 423 -15.97 -15.38 -37.12
CA ARG A 423 -16.02 -14.04 -37.72
C ARG A 423 -15.10 -13.10 -36.96
N GLY A 424 -15.13 -13.15 -35.64
CA GLY A 424 -14.25 -12.31 -34.85
C GLY A 424 -12.78 -12.55 -35.17
N LYS A 425 -12.39 -13.81 -35.30
CA LYS A 425 -11.00 -14.12 -35.65
C LYS A 425 -10.67 -13.63 -37.06
N ARG A 426 -11.58 -13.81 -38.01
CA ARG A 426 -11.28 -13.50 -39.40
C ARG A 426 -11.17 -12.00 -39.65
N THR A 427 -12.09 -11.20 -39.11
CA THR A 427 -12.05 -9.77 -39.35
C THR A 427 -11.06 -9.04 -38.45
N GLY A 428 -10.73 -9.60 -37.29
CA GLY A 428 -9.81 -8.97 -36.38
C GLY A 428 -10.44 -8.03 -35.38
N ILE A 429 -11.73 -7.73 -35.51
CA ILE A 429 -12.44 -6.84 -34.60
C ILE A 429 -13.66 -7.57 -34.05
N THR A 430 -13.84 -7.49 -32.73
CA THR A 430 -14.95 -8.16 -32.08
C THR A 430 -15.77 -7.17 -31.26
N ASP A 431 -16.69 -7.69 -30.46
CA ASP A 431 -17.53 -6.85 -29.62
C ASP A 431 -16.75 -6.14 -28.52
N ARG A 432 -15.72 -6.79 -27.97
CA ARG A 432 -15.00 -6.27 -26.81
C ARG A 432 -13.68 -5.60 -27.17
N THR A 433 -13.36 -5.46 -28.45
CA THR A 433 -12.09 -4.83 -28.82
C THR A 433 -12.15 -3.33 -28.60
N ARG A 434 -11.05 -2.78 -28.10
CA ARG A 434 -10.93 -1.34 -27.94
C ARG A 434 -10.74 -0.67 -29.29
N GLY A 435 -11.16 0.59 -29.37
CA GLY A 435 -10.94 1.37 -30.57
C GLY A 435 -9.50 1.82 -30.70
N LEU A 436 -9.17 2.33 -31.88
CA LEU A 436 -7.82 2.82 -32.14
C LEU A 436 -7.58 4.11 -31.39
N ASP A 437 -6.38 4.25 -30.82
CA ASP A 437 -5.98 5.51 -30.22
C ASP A 437 -5.78 6.55 -31.32
N GLN A 438 -6.17 7.79 -31.03
CA GLN A 438 -6.07 8.86 -32.01
C GLN A 438 -4.64 9.34 -32.22
N ASN A 439 -3.65 8.64 -31.69
CA ASN A 439 -2.25 9.01 -31.83
C ASN A 439 -1.43 7.84 -32.36
N THR A 440 -2.09 6.94 -33.08
CA THR A 440 -1.44 5.71 -33.51
C THR A 440 -0.29 5.98 -34.48
N LEU A 441 -0.48 6.91 -35.40
CA LEU A 441 0.46 7.12 -36.49
C LEU A 441 1.54 8.15 -36.19
N HIS A 442 1.54 8.76 -35.00
CA HIS A 442 2.58 9.73 -34.67
C HIS A 442 3.95 9.07 -34.61
N SER A 443 4.92 9.74 -35.21
CA SER A 443 6.31 9.63 -34.76
C SER A 443 6.45 10.51 -33.53
N ASN A 444 7.34 10.14 -32.61
CA ASN A 444 7.43 10.77 -31.29
C ASN A 444 6.11 10.61 -30.56
N GLN A 445 5.41 9.50 -30.84
CA GLN A 445 4.13 9.19 -30.21
C GLN A 445 4.25 8.96 -28.72
N ALA A 446 5.35 8.30 -28.30
CA ALA A 446 5.42 7.61 -27.01
C ALA A 446 4.24 6.65 -26.92
N ALA A 447 3.47 6.74 -25.83
CA ALA A 447 2.16 6.11 -25.72
C ALA A 447 2.22 4.63 -26.15
N MET A 448 2.94 3.84 -25.35
CA MET A 448 3.06 2.42 -25.64
C MET A 448 1.71 1.67 -25.57
N SER A 449 0.61 2.36 -25.30
CA SER A 449 -0.70 1.76 -25.45
C SER A 449 -0.92 1.34 -26.90
N VAL A 450 -2.00 0.58 -27.14
CA VAL A 450 -2.31 -0.07 -28.40
C VAL A 450 -1.38 -1.26 -28.61
N ASN A 451 -0.16 -1.15 -28.06
CA ASN A 451 0.74 -2.30 -27.97
C ASN A 451 0.51 -3.13 -26.72
N GLN A 452 0.21 -2.48 -25.59
CA GLN A 452 -0.14 -3.22 -24.39
C GLN A 452 -1.42 -4.01 -24.59
N LEU A 453 -2.46 -3.35 -25.10
CA LEU A 453 -3.69 -4.00 -25.51
C LEU A 453 -3.56 -4.37 -26.99
N MET A 454 -4.69 -4.70 -27.63
CA MET A 454 -4.76 -4.88 -29.08
C MET A 454 -3.80 -5.97 -29.55
N THR A 455 -4.15 -7.20 -29.19
CA THR A 455 -3.36 -8.36 -29.57
C THR A 455 -3.20 -8.45 -31.09
N ALA A 456 -2.33 -9.36 -31.51
CA ALA A 456 -1.89 -9.40 -32.90
C ALA A 456 -3.05 -9.53 -33.87
N ALA A 457 -4.09 -10.25 -33.49
CA ALA A 457 -5.26 -10.36 -34.36
C ALA A 457 -5.95 -9.01 -34.53
N GLU A 458 -6.04 -8.22 -33.46
CA GLU A 458 -6.70 -6.93 -33.53
C GLU A 458 -5.86 -5.93 -34.32
N GLN A 459 -4.54 -6.01 -34.20
CA GLN A 459 -3.65 -5.05 -34.86
C GLN A 459 -3.84 -4.99 -36.36
N GLN A 460 -4.61 -5.92 -36.94
CA GLN A 460 -4.96 -5.83 -38.34
C GLN A 460 -5.52 -4.46 -38.67
N ILE A 461 -6.38 -3.93 -37.79
CA ILE A 461 -6.97 -2.62 -38.02
C ILE A 461 -5.87 -1.57 -38.16
N ASP A 462 -4.86 -1.63 -37.28
CA ASP A 462 -3.72 -0.73 -37.39
C ASP A 462 -3.16 -0.73 -38.80
N LEU A 463 -2.97 -1.92 -39.38
CA LEU A 463 -2.38 -2.01 -40.71
C LEU A 463 -3.20 -1.19 -41.70
N ILE A 464 -4.53 -1.27 -41.62
CA ILE A 464 -5.37 -0.48 -42.51
C ILE A 464 -5.03 0.99 -42.36
N ALA A 465 -5.01 1.47 -41.11
CA ALA A 465 -4.70 2.87 -40.88
C ALA A 465 -3.33 3.23 -41.42
N ARG A 466 -2.39 2.29 -41.40
CA ARG A 466 -1.09 2.56 -42.00
C ARG A 466 -1.17 2.54 -43.51
N MET A 467 -1.87 1.55 -44.07
CA MET A 467 -1.91 1.41 -45.53
C MET A 467 -2.57 2.62 -46.17
N PHE A 468 -3.61 3.16 -45.54
CA PHE A 468 -4.24 4.37 -46.03
C PHE A 468 -3.28 5.55 -45.97
N ALA A 469 -2.45 5.61 -44.94
CA ALA A 469 -1.63 6.80 -44.74
C ALA A 469 -0.45 6.85 -45.72
N GLU A 470 0.09 5.70 -46.10
CA GLU A 470 1.31 5.67 -46.90
C GLU A 470 1.05 5.54 -48.39
N THR A 471 -0.17 5.21 -48.81
CA THR A 471 -0.44 4.98 -50.23
C THR A 471 -1.39 6.00 -50.83
N GLY A 472 -2.58 6.16 -50.26
CA GLY A 472 -3.61 6.96 -50.90
C GLY A 472 -3.66 8.41 -50.48
N VAL A 473 -3.73 8.65 -49.18
CA VAL A 473 -3.89 10.02 -48.68
C VAL A 473 -2.63 10.83 -48.98
N LYS A 474 -1.46 10.20 -48.87
CA LYS A 474 -0.22 10.89 -49.20
C LYS A 474 -0.20 11.30 -50.67
N ARG A 475 -0.64 10.41 -51.56
CA ARG A 475 -0.72 10.76 -52.97
C ARG A 475 -1.71 11.89 -53.21
N LEU A 476 -2.85 11.85 -52.51
CA LEU A 476 -3.85 12.90 -52.65
C LEU A 476 -3.26 14.26 -52.29
N PHE A 477 -2.56 14.35 -51.16
CA PHE A 477 -2.07 15.66 -50.74
C PHE A 477 -0.84 16.08 -51.54
N GLN A 478 -0.05 15.13 -52.04
CA GLN A 478 1.01 15.48 -52.99
C GLN A 478 0.42 16.08 -54.26
N LEU A 479 -0.66 15.48 -54.76
CA LEU A 479 -1.32 16.04 -55.93
C LEU A 479 -1.87 17.43 -55.65
N LEU A 480 -2.44 17.63 -54.47
CA LEU A 480 -2.95 18.95 -54.12
C LEU A 480 -1.84 19.99 -54.09
N HIS A 481 -0.69 19.65 -53.49
CA HIS A 481 0.43 20.58 -53.46
C HIS A 481 0.95 20.89 -54.86
N ASP A 482 1.05 19.86 -55.71
CA ASP A 482 1.52 20.08 -57.07
C ASP A 482 0.57 20.98 -57.84
N HIS A 483 -0.74 20.75 -57.71
CA HIS A 483 -1.70 21.61 -58.39
C HIS A 483 -1.65 23.03 -57.86
N ALA A 484 -1.42 23.19 -56.55
CA ALA A 484 -1.33 24.53 -55.98
C ALA A 484 -0.13 25.28 -56.53
N ILE A 485 1.01 24.61 -56.68
CA ILE A 485 2.20 25.31 -57.15
C ILE A 485 2.28 25.41 -58.67
N LYS A 486 1.50 24.64 -59.41
CA LYS A 486 1.54 24.72 -60.86
C LYS A 486 0.61 25.80 -61.40
N TYR A 487 -0.65 25.82 -60.98
CA TYR A 487 -1.62 26.82 -61.38
C TYR A 487 -1.72 27.84 -60.24
N GLN A 488 -0.77 28.76 -60.19
CA GLN A 488 -0.67 29.69 -59.08
C GLN A 488 -1.71 30.78 -59.18
N ASN A 489 -2.27 31.16 -58.03
CA ASN A 489 -3.21 32.29 -57.93
C ASN A 489 -2.83 33.08 -56.69
N GLN A 490 -1.97 34.07 -56.88
CA GLN A 490 -1.62 34.97 -55.79
C GLN A 490 -2.82 35.90 -55.54
N GLU A 491 -2.74 36.67 -54.45
CA GLU A 491 -3.80 37.56 -54.02
C GLU A 491 -5.02 36.76 -53.54
N GLU A 492 -4.92 35.44 -53.61
CA GLU A 492 -5.78 34.58 -52.79
C GLU A 492 -5.01 34.06 -51.60
N VAL A 493 -3.79 33.58 -51.84
CA VAL A 493 -2.89 33.24 -50.75
C VAL A 493 -2.58 34.47 -49.92
N PHE A 494 -2.43 35.63 -50.59
CA PHE A 494 -2.21 36.87 -49.86
C PHE A 494 -3.41 37.23 -48.99
N GLN A 495 -4.61 37.07 -49.52
CA GLN A 495 -5.80 37.34 -48.72
C GLN A 495 -5.89 36.40 -47.53
N LEU A 496 -5.50 35.13 -47.72
CA LEU A 496 -5.58 34.18 -46.62
C LEU A 496 -4.54 34.47 -45.54
N ARG A 497 -3.29 34.74 -45.94
CA ARG A 497 -2.18 34.83 -45.00
C ARG A 497 -1.66 36.24 -44.76
N GLY A 498 -1.85 37.16 -45.70
CA GLY A 498 -1.26 38.47 -45.57
C GLY A 498 0.16 38.58 -46.07
N LYS A 499 0.71 37.51 -46.64
CA LYS A 499 2.05 37.53 -47.20
C LYS A 499 2.11 36.51 -48.33
N TRP A 500 3.08 36.69 -49.22
CA TRP A 500 3.20 35.86 -50.40
C TRP A 500 4.66 35.42 -50.58
N VAL A 501 4.84 34.15 -50.92
CA VAL A 501 6.16 33.57 -51.17
C VAL A 501 6.18 33.03 -52.59
N ALA A 502 7.13 33.51 -53.39
CA ALA A 502 7.25 33.07 -54.77
C ALA A 502 7.93 31.70 -54.83
N ILE A 503 7.34 30.78 -55.58
CA ILE A 503 7.85 29.42 -55.71
C ILE A 503 8.00 29.11 -57.19
N ASN A 504 9.19 28.69 -57.60
CA ASN A 504 9.42 28.31 -58.99
C ASN A 504 8.93 26.87 -59.20
N PRO A 505 7.96 26.64 -60.08
CA PRO A 505 7.43 25.29 -60.29
C PRO A 505 8.16 24.47 -61.34
N ALA A 506 9.37 24.87 -61.75
CA ALA A 506 10.07 24.16 -62.81
C ALA A 506 10.39 22.73 -62.43
N ASN A 507 10.80 22.50 -61.19
CA ASN A 507 11.23 21.18 -60.72
C ASN A 507 10.15 20.50 -59.88
N TRP A 508 8.89 20.67 -60.27
CA TRP A 508 7.80 20.08 -59.49
C TRP A 508 7.82 18.57 -59.50
N ARG A 509 8.40 17.94 -60.53
CA ARG A 509 8.45 16.49 -60.60
C ARG A 509 9.48 15.88 -59.65
N GLU A 510 10.34 16.69 -59.04
CA GLU A 510 11.38 16.18 -58.17
C GLU A 510 10.93 16.01 -56.73
N ARG A 511 9.99 16.82 -56.26
CA ARG A 511 9.51 16.77 -54.88
C ARG A 511 10.67 16.90 -53.90
N SER A 512 11.56 17.85 -54.19
CA SER A 512 12.82 17.99 -53.47
C SER A 512 12.76 19.02 -52.36
N ASP A 513 11.59 19.56 -52.05
CA ASP A 513 11.47 20.62 -51.06
C ASP A 513 10.70 20.23 -49.82
N LEU A 514 9.50 19.67 -49.98
CA LEU A 514 8.64 19.36 -48.84
C LEU A 514 8.41 17.86 -48.76
N THR A 515 8.26 17.36 -47.54
CA THR A 515 7.81 15.99 -47.30
C THR A 515 6.43 16.03 -46.68
N VAL A 516 5.56 15.15 -47.15
CA VAL A 516 4.16 15.16 -46.77
C VAL A 516 3.95 14.23 -45.59
N THR A 517 3.28 14.73 -44.55
CA THR A 517 2.83 13.90 -43.44
C THR A 517 1.32 14.06 -43.40
N VAL A 518 0.64 13.22 -44.17
CA VAL A 518 -0.80 13.06 -44.03
C VAL A 518 -1.14 12.25 -42.81
N GLY A 519 -0.15 11.60 -42.22
CA GLY A 519 -0.30 11.02 -40.90
C GLY A 519 -0.80 12.10 -39.98
N ILE A 520 -1.66 11.71 -39.05
CA ILE A 520 -2.40 12.63 -38.18
C ILE A 520 -1.53 13.76 -37.63
N GLY A 521 -1.99 14.99 -37.84
CA GLY A 521 -1.43 16.15 -37.16
C GLY A 521 -2.10 16.32 -35.82
N ASN A 522 -2.29 15.21 -35.12
CA ASN A 522 -3.01 15.18 -33.86
C ASN A 522 -2.14 15.66 -32.72
N MET A 523 -2.52 15.30 -31.48
CA MET A 523 -2.16 16.10 -30.32
C MET A 523 -0.66 16.08 -30.07
N ASN A 524 0.03 17.08 -30.63
CA ASN A 524 1.44 17.30 -30.38
C ASN A 524 1.74 18.69 -29.84
N LYS A 525 0.71 19.53 -29.64
CA LYS A 525 0.93 20.89 -29.15
C LYS A 525 1.60 20.87 -27.78
N ASP A 526 1.22 19.91 -26.93
CA ASP A 526 1.82 19.80 -25.61
C ASP A 526 3.32 19.52 -25.71
N GLN A 527 3.72 18.65 -26.63
CA GLN A 527 5.14 18.33 -26.78
C GLN A 527 5.93 19.55 -27.23
N GLN A 528 5.46 20.24 -28.28
CA GLN A 528 6.16 21.43 -28.73
C GLN A 528 6.20 22.49 -27.64
N MET A 529 5.17 22.57 -26.83
CA MET A 529 5.09 23.65 -25.85
C MET A 529 5.99 23.37 -24.65
N LEU A 530 6.08 22.11 -24.24
CA LEU A 530 7.10 21.72 -23.27
C LEU A 530 8.50 21.98 -23.82
N HIS A 531 8.69 21.73 -25.10
CA HIS A 531 9.96 22.04 -25.73
C HIS A 531 10.22 23.54 -25.71
N LEU A 532 9.17 24.34 -25.85
CA LEU A 532 9.34 25.78 -25.75
C LEU A 532 9.77 26.17 -24.35
N MET A 533 9.23 25.51 -23.33
CA MET A 533 9.65 25.79 -21.95
C MET A 533 11.12 25.44 -21.73
N ARG A 534 11.53 24.23 -22.14
CA ARG A 534 12.96 23.89 -22.04
C ARG A 534 13.85 24.87 -22.81
N ILE A 535 13.42 25.31 -23.99
CA ILE A 535 14.25 26.23 -24.77
C ILE A 535 14.34 27.58 -24.08
N TRP A 536 13.25 28.02 -23.46
CA TRP A 536 13.27 29.29 -22.73
C TRP A 536 14.20 29.21 -21.54
N GLU A 537 14.22 28.06 -20.85
CA GLU A 537 15.17 27.87 -19.76
C GLU A 537 16.61 27.91 -20.25
N MET A 538 16.89 27.27 -21.39
CA MET A 538 18.22 27.40 -21.98
C MET A 538 18.55 28.86 -22.29
N ALA A 539 17.55 29.61 -22.74
CA ALA A 539 17.78 31.03 -23.04
C ALA A 539 18.17 31.79 -21.79
N GLN A 540 17.49 31.54 -20.67
CA GLN A 540 17.92 32.15 -19.41
C GLN A 540 19.33 31.74 -19.03
N ALA A 541 19.66 30.45 -19.21
CA ALA A 541 21.01 30.01 -18.88
C ALA A 541 22.04 30.77 -19.70
N VAL A 542 21.81 30.89 -21.01
CA VAL A 542 22.77 31.59 -21.86
C VAL A 542 22.86 33.06 -21.51
N VAL A 543 21.72 33.71 -21.26
CA VAL A 543 21.74 35.14 -20.94
C VAL A 543 22.48 35.37 -19.63
N GLY A 544 22.21 34.55 -18.61
CA GLY A 544 22.93 34.67 -17.36
C GLY A 544 24.38 34.31 -17.46
N GLY A 545 24.77 33.53 -18.46
CA GLY A 545 26.16 33.24 -18.69
C GLY A 545 26.94 34.34 -19.38
N GLY A 546 26.28 35.43 -19.74
CA GLY A 546 26.95 36.53 -20.41
C GLY A 546 27.02 36.42 -21.91
N GLY A 547 26.18 35.59 -22.52
CA GLY A 547 26.17 35.41 -23.95
C GLY A 547 25.21 36.27 -24.72
N LEU A 548 24.59 37.27 -24.09
CA LEU A 548 23.62 38.10 -24.78
C LEU A 548 24.30 38.90 -25.89
N GLY A 549 23.73 38.85 -27.09
CA GLY A 549 24.29 39.51 -28.24
C GLY A 549 25.29 38.70 -29.02
N VAL A 550 25.80 37.61 -28.45
CA VAL A 550 26.76 36.74 -29.12
C VAL A 550 26.13 35.40 -29.49
N LEU A 551 25.50 34.73 -28.52
CA LEU A 551 24.84 33.47 -28.79
C LEU A 551 23.34 33.63 -28.99
N VAL A 552 22.71 34.56 -28.27
CA VAL A 552 21.28 34.80 -28.37
C VAL A 552 21.03 36.30 -28.39
N SER A 553 20.09 36.74 -29.21
CA SER A 553 19.72 38.13 -29.31
C SER A 553 18.30 38.33 -28.78
N GLU A 554 17.92 39.60 -28.64
CA GLU A 554 16.59 39.91 -28.13
C GLU A 554 15.50 39.49 -29.11
N GLN A 555 15.79 39.55 -30.41
CA GLN A 555 14.82 39.07 -31.40
C GLN A 555 14.56 37.58 -31.22
N ASN A 556 15.58 36.81 -30.84
CA ASN A 556 15.36 35.40 -30.57
C ASN A 556 14.44 35.20 -29.36
N LEU A 557 14.63 35.99 -28.31
CA LEU A 557 13.75 35.90 -27.16
C LEU A 557 12.31 36.25 -27.55
N TYR A 558 12.16 37.27 -28.40
CA TYR A 558 10.83 37.63 -28.87
C TYR A 558 10.21 36.52 -29.70
N ASN A 559 11.00 35.87 -30.55
CA ASN A 559 10.48 34.75 -31.33
C ASN A 559 10.01 33.63 -30.42
N ILE A 560 10.79 33.33 -29.36
CA ILE A 560 10.39 32.29 -28.42
C ILE A 560 9.09 32.67 -27.73
N LEU A 561 9.00 33.90 -27.26
CA LEU A 561 7.80 34.35 -26.56
C LEU A 561 6.58 34.34 -27.47
N LYS A 562 6.75 34.79 -28.72
CA LYS A 562 5.64 34.77 -29.67
C LYS A 562 5.19 33.35 -29.96
N GLU A 563 6.15 32.42 -30.10
CA GLU A 563 5.78 31.03 -30.33
C GLU A 563 5.00 30.46 -29.16
N VAL A 564 5.46 30.74 -27.93
CA VAL A 564 4.76 30.24 -26.75
C VAL A 564 3.36 30.81 -26.68
N THR A 565 3.22 32.12 -26.92
CA THR A 565 1.91 32.76 -26.83
C THR A 565 0.97 32.21 -27.91
N GLU A 566 1.46 32.04 -29.13
CA GLU A 566 0.62 31.51 -30.19
C GLU A 566 0.20 30.08 -29.90
N ASN A 567 1.11 29.26 -29.37
CA ASN A 567 0.75 27.89 -29.02
C ASN A 567 -0.25 27.87 -27.87
N ALA A 568 -0.19 28.87 -26.99
CA ALA A 568 -1.14 28.93 -25.88
C ALA A 568 -2.56 29.19 -26.36
N GLY A 569 -2.70 29.82 -27.52
CA GLY A 569 -4.03 30.04 -28.09
C GLY A 569 -4.33 31.49 -28.41
N TYR A 570 -3.37 32.38 -28.22
CA TYR A 570 -3.54 33.80 -28.52
C TYR A 570 -2.82 34.11 -29.83
N LYS A 571 -3.59 34.45 -30.86
CA LYS A 571 -3.00 34.68 -32.17
C LYS A 571 -2.22 35.99 -32.22
N ASP A 572 -2.71 37.03 -31.55
CA ASP A 572 -2.05 38.33 -31.57
C ASP A 572 -1.03 38.37 -30.43
N PRO A 573 0.27 38.47 -30.73
CA PRO A 573 1.26 38.50 -29.66
C PRO A 573 1.61 39.90 -29.15
N ASP A 574 1.23 40.95 -29.87
CA ASP A 574 1.54 42.31 -29.43
C ASP A 574 0.74 42.73 -28.21
N ARG A 575 -0.29 41.97 -27.83
CA ARG A 575 -1.04 42.30 -26.62
C ARG A 575 -0.25 42.00 -25.36
N PHE A 576 0.70 41.06 -25.44
CA PHE A 576 1.47 40.65 -24.26
C PHE A 576 2.96 40.97 -24.36
N TRP A 577 3.49 41.28 -25.53
CA TRP A 577 4.91 41.53 -25.69
C TRP A 577 5.11 42.70 -26.63
N THR A 578 6.38 43.08 -26.83
CA THR A 578 6.75 44.18 -27.71
C THR A 578 7.98 43.80 -28.54
N ASN A 579 8.08 44.42 -29.71
CA ASN A 579 9.06 44.21 -30.78
C ASN A 579 10.22 45.20 -30.65
N PRO A 580 11.46 44.84 -31.00
CA PRO A 580 12.55 45.83 -30.90
C PRO A 580 12.41 46.93 -31.93
N ASP A 581 12.08 46.56 -33.17
CA ASP A 581 12.04 47.50 -34.28
C ASP A 581 10.97 48.56 -34.10
N SER A 582 10.04 48.38 -33.17
CA SER A 582 9.12 49.43 -32.82
C SER A 582 9.88 50.62 -32.25
N PRO A 583 9.49 51.84 -32.62
CA PRO A 583 10.24 53.02 -32.13
C PRO A 583 10.28 53.14 -30.62
N GLU A 584 9.25 52.64 -29.93
CA GLU A 584 9.22 52.72 -28.47
C GLU A 584 10.37 51.92 -27.86
N ALA A 585 10.61 50.71 -28.37
CA ALA A 585 11.70 49.90 -27.85
C ALA A 585 13.05 50.55 -28.12
N GLN A 586 13.23 51.11 -29.31
CA GLN A 586 14.49 51.79 -29.62
C GLN A 586 14.70 52.98 -28.69
N GLN A 587 13.63 53.74 -28.43
CA GLN A 587 13.73 54.87 -27.52
C GLN A 587 14.10 54.40 -26.11
N ALA A 588 13.44 53.34 -25.64
CA ALA A 588 13.74 52.83 -24.30
C ALA A 588 15.19 52.38 -24.21
N LYS A 589 15.70 51.71 -25.25
CA LYS A 589 17.10 51.34 -25.27
C LYS A 589 17.99 52.58 -25.28
N ALA A 590 17.56 53.64 -25.95
CA ALA A 590 18.36 54.87 -25.99
C ALA A 590 18.52 55.46 -24.60
N ILE A 591 17.41 55.63 -23.87
CA ILE A 591 17.52 56.14 -22.49
C ILE A 591 18.31 55.16 -21.61
N ARG A 592 18.09 53.85 -21.78
CA ARG A 592 18.81 52.90 -20.95
C ARG A 592 20.32 53.02 -21.15
N GLU A 593 20.76 53.12 -22.41
CA GLU A 593 22.18 53.30 -22.68
C GLU A 593 22.68 54.65 -22.16
N GLN A 594 21.87 55.69 -22.29
CA GLN A 594 22.28 57.01 -21.82
C GLN A 594 22.46 57.02 -20.30
N LYS A 595 21.70 56.19 -19.58
CA LYS A 595 21.78 56.15 -18.13
C LYS A 595 23.08 55.51 -17.62
N GLU A 596 24.01 55.16 -18.50
CA GLU A 596 25.35 54.73 -18.10
C GLU A 596 26.40 55.70 -18.62
N ALA A 597 26.09 57.00 -18.55
CA ALA A 597 27.04 58.01 -19.01
C ALA A 597 28.29 58.01 -18.14
N GLN A 598 28.11 58.02 -16.81
CA GLN A 598 29.23 58.00 -15.89
C GLN A 598 28.79 57.40 -14.56
N PRO A 599 29.55 56.44 -14.02
CA PRO A 599 29.17 55.86 -12.72
C PRO A 599 29.63 56.72 -11.55
N LYS A 600 29.48 56.20 -10.34
CA LYS A 600 29.75 57.01 -9.15
C LYS A 600 31.22 57.38 -8.99
N PRO A 601 32.15 56.44 -8.73
CA PRO A 601 33.49 56.85 -8.27
C PRO A 601 34.52 57.08 -9.36
N GLU A 602 34.14 56.98 -10.64
CA GLU A 602 35.08 57.24 -11.73
C GLU A 602 35.60 58.68 -11.68
N ASP A 603 34.72 59.64 -11.44
CA ASP A 603 35.17 61.02 -11.41
C ASP A 603 35.98 61.33 -10.16
N ILE A 604 35.58 60.79 -8.99
CA ILE A 604 36.38 60.92 -7.78
C ILE A 604 37.79 60.40 -8.04
N LYS A 605 37.86 59.24 -8.68
CA LYS A 605 39.07 58.56 -9.13
C LYS A 605 39.94 59.45 -10.01
N ALA A 606 39.35 60.03 -11.05
CA ALA A 606 40.10 60.89 -11.96
C ALA A 606 40.62 62.15 -11.27
N GLN A 607 39.81 62.77 -10.42
CA GLN A 607 40.25 64.01 -9.78
C GLN A 607 41.25 63.72 -8.66
N ALA A 608 41.20 62.53 -8.08
CA ALA A 608 42.30 62.10 -7.22
C ALA A 608 43.59 61.93 -8.01
N ASP A 609 43.48 61.33 -9.20
CA ASP A 609 44.62 61.31 -10.12
C ASP A 609 45.13 62.73 -10.34
N ALA A 610 44.21 63.68 -10.45
CA ALA A 610 44.57 65.08 -10.61
C ALA A 610 45.36 65.59 -9.41
N GLN A 611 44.93 65.25 -8.19
CA GLN A 611 45.71 65.64 -7.02
C GLN A 611 47.12 65.07 -7.08
N ARG A 612 47.25 63.82 -7.51
CA ARG A 612 48.57 63.21 -7.39
C ARG A 612 49.50 63.68 -8.51
N ALA A 613 48.96 64.00 -9.68
CA ALA A 613 49.76 64.72 -10.67
C ALA A 613 50.14 66.11 -10.16
N GLN A 614 49.21 66.77 -9.47
CA GLN A 614 49.51 67.98 -8.71
C GLN A 614 50.68 67.81 -7.76
N SER A 615 50.70 66.71 -7.02
CA SER A 615 51.78 66.45 -6.08
C SER A 615 53.10 66.28 -6.82
N ASP A 616 53.07 65.57 -7.94
CA ASP A 616 54.27 65.44 -8.78
C ASP A 616 54.77 66.81 -9.24
N ALA A 617 53.84 67.66 -9.70
CA ALA A 617 54.22 68.99 -10.17
C ALA A 617 54.88 69.79 -9.07
N LEU A 618 54.22 69.91 -7.91
CA LEU A 618 54.81 70.65 -6.80
C LEU A 618 56.13 70.06 -6.35
N ALA A 619 56.30 68.74 -6.45
CA ALA A 619 57.60 68.14 -6.18
C ALA A 619 58.66 68.72 -7.11
N LYS A 620 58.35 68.77 -8.41
CA LYS A 620 59.32 69.30 -9.36
C LYS A 620 59.64 70.77 -9.09
N GLN A 621 58.62 71.59 -8.86
CA GLN A 621 58.88 73.01 -8.61
C GLN A 621 59.65 73.20 -7.31
N ALA A 622 59.33 72.42 -6.27
CA ALA A 622 60.06 72.54 -5.01
C ALA A 622 61.52 72.17 -5.19
N GLU A 623 61.80 71.10 -5.93
CA GLU A 623 63.19 70.71 -6.17
C GLU A 623 63.94 71.81 -6.91
N ALA A 624 63.35 72.31 -8.01
CA ALA A 624 64.03 73.34 -8.79
C ALA A 624 64.23 74.61 -7.97
N GLN A 625 63.21 75.01 -7.21
CA GLN A 625 63.29 76.23 -6.41
C GLN A 625 64.36 76.11 -5.33
N MET A 626 64.42 74.97 -4.65
CA MET A 626 65.43 74.80 -3.61
C MET A 626 66.83 74.76 -4.19
N LYS A 627 66.99 74.11 -5.36
CA LYS A 627 68.29 74.12 -6.03
C LYS A 627 68.72 75.53 -6.39
N GLN A 628 67.80 76.32 -6.94
CA GLN A 628 68.13 77.70 -7.30
C GLN A 628 68.43 78.54 -6.07
N VAL A 629 67.72 78.31 -4.97
CA VAL A 629 68.00 79.04 -3.74
C VAL A 629 69.40 78.72 -3.25
N GLU A 630 69.74 77.44 -3.16
CA GLU A 630 71.05 77.06 -2.62
C GLU A 630 72.18 77.46 -3.55
N ALA A 631 71.89 77.58 -4.85
CA ALA A 631 72.93 77.96 -5.80
C ALA A 631 73.29 79.43 -5.71
N GLN A 632 72.37 80.29 -5.29
CA GLN A 632 72.57 81.74 -5.35
C GLN A 632 72.47 82.47 -4.01
N ILE A 633 71.51 82.16 -3.15
CA ILE A 633 71.31 82.92 -1.92
C ILE A 633 72.48 82.76 -0.95
N ARG A 634 73.40 81.84 -1.22
CA ARG A 634 74.50 81.54 -0.32
C ARG A 634 75.84 82.06 -0.81
N LEU A 635 76.17 81.84 -2.08
CA LEU A 635 77.45 82.29 -2.60
C LEU A 635 77.57 83.82 -2.53
N ALA A 636 76.47 84.52 -2.76
CA ALA A 636 76.49 85.98 -2.70
C ALA A 636 76.86 86.47 -1.31
N GLU A 637 76.30 85.85 -0.27
CA GLU A 637 76.68 86.20 1.09
C GLU A 637 77.95 85.51 1.54
N ILE A 638 78.41 84.47 0.83
CA ILE A 638 79.72 83.89 1.12
C ILE A 638 80.83 84.86 0.72
N GLU A 639 80.72 85.44 -0.48
CA GLU A 639 81.79 86.32 -0.95
C GLU A 639 81.86 87.62 -0.14
N LEU A 640 80.74 88.05 0.43
CA LEU A 640 80.75 89.23 1.29
C LEU A 640 80.50 88.84 2.74
N MET B 11 35.93 -18.95 -82.11
CA MET B 11 35.98 -19.05 -80.66
C MET B 11 35.50 -17.77 -80.00
N ASP B 12 34.37 -17.24 -80.49
CA ASP B 12 33.84 -16.00 -79.93
C ASP B 12 32.32 -16.00 -79.76
N ASP B 13 31.65 -17.14 -80.00
CA ASP B 13 30.22 -17.29 -79.73
C ASP B 13 29.39 -16.25 -80.50
N GLU B 14 29.34 -16.44 -81.81
CA GLU B 14 28.46 -15.62 -82.64
C GLU B 14 27.02 -15.69 -82.13
N GLN B 15 26.19 -14.79 -82.65
CA GLN B 15 24.85 -14.57 -82.10
C GLN B 15 24.03 -15.86 -82.05
N VAL B 16 24.17 -16.72 -83.07
CA VAL B 16 23.38 -17.95 -83.12
C VAL B 16 23.69 -18.84 -81.93
N LEU B 17 24.98 -18.96 -81.58
CA LEU B 17 25.36 -19.78 -80.44
C LEU B 17 24.76 -19.23 -79.14
N ARG B 18 24.80 -17.90 -78.98
CA ARG B 18 24.23 -17.29 -77.79
C ARG B 18 22.74 -17.56 -77.70
N HIS B 19 22.03 -17.42 -78.83
CA HIS B 19 20.60 -17.72 -78.83
C HIS B 19 20.34 -19.17 -78.47
N LEU B 20 21.14 -20.09 -79.02
CA LEU B 20 20.95 -21.50 -78.72
C LEU B 20 21.10 -21.76 -77.22
N ASP B 21 22.17 -21.23 -76.62
CA ASP B 21 22.38 -21.44 -75.20
C ASP B 21 21.26 -20.82 -74.37
N GLN B 22 20.86 -19.59 -74.71
CA GLN B 22 19.84 -18.90 -73.93
C GLN B 22 18.50 -19.62 -74.02
N LEU B 23 18.11 -20.06 -75.22
CA LEU B 23 16.86 -20.78 -75.36
C LEU B 23 16.90 -22.13 -74.65
N VAL B 24 18.04 -22.82 -74.69
CA VAL B 24 18.14 -24.07 -73.93
C VAL B 24 17.92 -23.82 -72.45
N ASN B 25 18.62 -22.82 -71.91
CA ASN B 25 18.50 -22.53 -70.48
C ASN B 25 17.08 -22.10 -70.12
N ASP B 26 16.45 -21.28 -70.97
CA ASP B 26 15.13 -20.78 -70.66
C ASP B 26 14.08 -21.87 -70.76
N ALA B 27 14.10 -22.64 -71.85
CA ALA B 27 13.14 -23.73 -72.03
C ALA B 27 13.36 -24.85 -71.02
N LEU B 28 14.53 -24.90 -70.37
CA LEU B 28 14.68 -25.81 -69.25
C LEU B 28 13.64 -25.52 -68.18
N ASP B 29 13.38 -24.25 -67.92
CA ASP B 29 12.32 -23.83 -67.02
C ASP B 29 11.04 -23.60 -67.83
N PHE B 30 10.04 -22.94 -67.23
CA PHE B 30 8.72 -22.75 -67.84
C PHE B 30 8.06 -24.09 -68.14
N ASN B 31 7.85 -24.90 -67.11
CA ASN B 31 7.23 -26.21 -67.28
C ASN B 31 6.45 -26.54 -66.02
N SER B 32 5.66 -27.61 -66.09
CA SER B 32 4.88 -28.06 -64.95
C SER B 32 5.80 -28.73 -63.93
N SER B 33 6.28 -27.96 -62.97
CA SER B 33 7.15 -28.45 -61.92
C SER B 33 6.44 -28.40 -60.57
N GLU B 34 7.06 -29.03 -59.58
CA GLU B 34 6.46 -29.07 -58.25
C GLU B 34 6.41 -27.67 -57.61
N LEU B 35 7.38 -26.81 -57.94
CA LEU B 35 7.45 -25.49 -57.33
C LEU B 35 6.22 -24.66 -57.68
N SER B 36 5.89 -24.59 -58.98
CA SER B 36 4.74 -23.80 -59.41
C SER B 36 3.45 -24.36 -58.85
N LYS B 37 3.33 -25.69 -58.82
CA LYS B 37 2.13 -26.31 -58.26
C LYS B 37 1.96 -25.94 -56.80
N GLN B 38 3.05 -26.02 -56.03
CA GLN B 38 2.96 -25.70 -54.62
C GLN B 38 2.61 -24.23 -54.39
N ARG B 39 3.20 -23.34 -55.18
CA ARG B 39 2.89 -21.91 -55.03
C ARG B 39 1.44 -21.62 -55.38
N SER B 40 0.94 -22.21 -56.48
CA SER B 40 -0.46 -22.01 -56.85
C SER B 40 -1.40 -22.58 -55.80
N GLU B 41 -1.06 -23.73 -55.23
CA GLU B 41 -1.89 -24.31 -54.19
C GLU B 41 -1.90 -23.42 -52.94
N ALA B 42 -0.76 -22.83 -52.61
CA ALA B 42 -0.72 -21.91 -51.48
C ALA B 42 -1.64 -20.72 -51.72
N LEU B 43 -1.59 -20.15 -52.92
CA LEU B 43 -2.47 -19.03 -53.23
C LEU B 43 -3.94 -19.44 -53.17
N LYS B 44 -4.26 -20.62 -53.70
CA LYS B 44 -5.64 -21.10 -53.66
C LYS B 44 -6.12 -21.29 -52.24
N TYR B 45 -5.28 -21.86 -51.38
CA TYR B 45 -5.66 -22.03 -49.98
C TYR B 45 -5.86 -20.69 -49.30
N TYR B 46 -5.02 -19.70 -49.65
CA TYR B 46 -5.22 -18.37 -49.09
C TYR B 46 -6.56 -17.78 -49.49
N PHE B 47 -6.92 -17.93 -50.77
CA PHE B 47 -8.19 -17.38 -51.23
C PHE B 47 -9.41 -18.14 -50.71
N GLY B 48 -9.22 -19.33 -50.14
CA GLY B 48 -10.34 -20.13 -49.69
C GLY B 48 -11.08 -20.83 -50.81
N GLU B 49 -10.40 -21.18 -51.88
CA GLU B 49 -11.04 -21.85 -53.00
C GLU B 49 -11.43 -23.28 -52.61
N PRO B 50 -12.45 -23.84 -53.27
CA PRO B 50 -12.84 -25.23 -52.97
C PRO B 50 -11.72 -26.21 -53.30
N PHE B 51 -11.64 -27.28 -52.51
CA PHE B 51 -10.59 -28.28 -52.69
C PHE B 51 -10.80 -29.09 -53.95
N GLY B 52 -12.06 -29.35 -54.32
CA GLY B 52 -12.36 -30.18 -55.48
C GLY B 52 -13.04 -31.49 -55.16
N ASN B 53 -13.31 -31.77 -53.89
CA ASN B 53 -14.01 -32.99 -53.48
C ASN B 53 -15.44 -32.71 -53.02
N GLU B 54 -15.98 -31.54 -53.38
CA GLU B 54 -17.31 -31.16 -52.94
C GLU B 54 -18.38 -31.94 -53.69
N ARG B 55 -19.44 -32.30 -52.97
CA ARG B 55 -20.58 -32.99 -53.55
C ARG B 55 -21.68 -32.00 -53.91
N PRO B 56 -22.52 -32.33 -54.90
CA PRO B 56 -23.49 -31.34 -55.40
C PRO B 56 -24.43 -30.78 -54.34
N GLY B 57 -24.89 -31.60 -53.40
CA GLY B 57 -25.92 -31.15 -52.48
C GLY B 57 -25.53 -31.05 -51.02
N LYS B 58 -24.23 -31.16 -50.73
CA LYS B 58 -23.76 -31.14 -49.36
C LYS B 58 -23.03 -29.83 -49.07
N SER B 59 -22.58 -29.68 -47.83
CA SER B 59 -21.88 -28.48 -47.41
C SER B 59 -20.53 -28.40 -48.11
N ALA B 60 -20.10 -27.16 -48.38
CA ALA B 60 -18.86 -26.93 -49.11
C ALA B 60 -18.02 -25.82 -48.46
N ILE B 61 -18.10 -25.69 -47.15
CA ILE B 61 -17.39 -24.62 -46.46
C ILE B 61 -15.90 -24.98 -46.35
N VAL B 62 -15.06 -23.95 -46.20
CA VAL B 62 -13.62 -24.11 -46.12
C VAL B 62 -13.12 -23.35 -44.91
N SER B 63 -12.29 -24.00 -44.10
CA SER B 63 -11.65 -23.34 -42.96
C SER B 63 -10.54 -22.42 -43.45
N ARG B 64 -10.33 -21.32 -42.72
CA ARG B 64 -9.35 -20.31 -43.09
C ARG B 64 -8.24 -20.31 -42.05
N ASP B 65 -7.08 -20.86 -42.42
CA ASP B 65 -5.94 -20.90 -41.52
C ASP B 65 -4.72 -20.16 -42.09
N VAL B 66 -4.37 -20.43 -43.34
CA VAL B 66 -3.24 -19.73 -43.97
C VAL B 66 -3.53 -18.24 -44.02
N GLN B 67 -4.76 -17.87 -44.39
CA GLN B 67 -5.13 -16.46 -44.45
C GLN B 67 -5.00 -15.80 -43.08
N GLU B 68 -5.49 -16.47 -42.04
CA GLU B 68 -5.42 -15.90 -40.70
C GLU B 68 -3.98 -15.72 -40.25
N THR B 69 -3.13 -16.73 -40.49
CA THR B 69 -1.74 -16.62 -40.07
C THR B 69 -1.02 -15.49 -40.80
N VAL B 70 -1.21 -15.40 -42.11
CA VAL B 70 -0.55 -14.36 -42.89
C VAL B 70 -1.03 -12.97 -42.44
N ASP B 71 -2.34 -12.82 -42.24
CA ASP B 71 -2.88 -11.53 -41.84
C ASP B 71 -2.51 -11.16 -40.42
N TRP B 72 -2.19 -12.15 -39.57
CA TRP B 72 -1.73 -11.83 -38.24
C TRP B 72 -0.25 -11.52 -38.20
N ILE B 73 0.52 -12.05 -39.16
CA ILE B 73 1.95 -11.79 -39.17
C ILE B 73 2.27 -10.45 -39.82
N MET B 74 1.59 -10.11 -40.91
CA MET B 74 2.01 -8.96 -41.71
C MET B 74 2.05 -7.62 -40.96
N PRO B 75 1.04 -7.25 -40.17
CA PRO B 75 1.06 -5.89 -39.57
C PRO B 75 2.27 -5.64 -38.69
N SER B 76 2.74 -6.64 -37.96
CA SER B 76 3.96 -6.46 -37.17
C SER B 76 5.15 -6.22 -38.09
N LEU B 77 5.25 -6.98 -39.19
CA LEU B 77 6.35 -6.83 -40.12
C LEU B 77 6.31 -5.49 -40.85
N MET B 78 5.16 -4.82 -40.88
CA MET B 78 5.11 -3.49 -41.47
C MET B 78 5.43 -2.40 -40.44
N LYS B 79 4.85 -2.53 -39.24
CA LYS B 79 5.14 -1.58 -38.16
C LYS B 79 6.64 -1.53 -37.90
N VAL B 80 7.27 -2.69 -37.75
CA VAL B 80 8.72 -2.76 -37.89
C VAL B 80 9.05 -2.51 -39.35
N PHE B 81 10.08 -1.72 -39.61
CA PHE B 81 10.57 -1.28 -40.91
C PHE B 81 9.76 -0.14 -41.52
N THR B 82 8.63 0.29 -40.94
CA THR B 82 7.91 1.41 -41.52
C THR B 82 7.55 2.53 -40.55
N SER B 83 7.30 2.23 -39.27
CA SER B 83 6.64 3.19 -38.40
C SER B 83 7.43 4.48 -38.25
N GLY B 84 8.75 4.41 -38.34
CA GLY B 84 9.56 5.56 -38.04
C GLY B 84 9.62 6.64 -39.09
N GLY B 85 8.94 6.46 -40.22
CA GLY B 85 9.10 7.41 -41.32
C GLY B 85 10.35 7.16 -42.13
N GLN B 86 11.51 7.18 -41.47
CA GLN B 86 12.75 6.75 -42.12
C GLN B 86 12.80 5.23 -42.18
N VAL B 87 13.50 4.72 -43.19
CA VAL B 87 13.63 3.27 -43.37
C VAL B 87 15.05 2.78 -43.26
N VAL B 88 16.07 3.62 -43.44
CA VAL B 88 17.46 3.21 -43.40
C VAL B 88 18.28 4.29 -42.70
N LYS B 89 19.40 3.87 -42.13
CA LYS B 89 20.35 4.83 -41.58
C LYS B 89 21.77 4.34 -41.85
N TYR B 90 22.59 5.19 -42.45
CA TYR B 90 23.98 4.85 -42.75
C TYR B 90 24.87 5.42 -41.67
N GLU B 91 25.61 4.55 -40.99
CA GLU B 91 26.47 5.03 -39.92
C GLU B 91 27.90 5.12 -40.42
N PRO B 92 28.60 6.21 -40.11
CA PRO B 92 29.98 6.34 -40.57
C PRO B 92 30.91 5.39 -39.84
N GLN B 93 32.02 5.06 -40.50
CA GLN B 93 33.02 4.18 -39.91
C GLN B 93 34.01 4.95 -39.06
N THR B 94 34.52 6.06 -39.58
CA THR B 94 35.42 6.95 -38.86
C THR B 94 34.81 8.34 -38.79
N ALA B 95 35.55 9.27 -38.18
CA ALA B 95 35.08 10.65 -38.07
C ALA B 95 35.16 11.40 -39.38
N GLU B 96 35.84 10.87 -40.39
CA GLU B 96 36.01 11.55 -41.66
C GLU B 96 34.91 11.22 -42.66
N ASP B 97 33.99 10.31 -42.32
CA ASP B 97 32.91 9.94 -43.21
C ASP B 97 31.56 10.52 -42.80
N VAL B 98 31.51 11.25 -41.68
CA VAL B 98 30.23 11.62 -41.08
C VAL B 98 29.37 12.37 -42.08
N GLU B 99 29.93 13.40 -42.72
CA GLU B 99 29.16 14.17 -43.69
C GLU B 99 28.64 13.29 -44.81
N GLN B 100 29.50 12.40 -45.34
CA GLN B 100 29.03 11.46 -46.35
C GLN B 100 27.92 10.60 -45.79
N ALA B 101 28.09 10.09 -44.57
CA ALA B 101 27.05 9.29 -43.95
C ALA B 101 25.74 10.05 -43.85
N GLU B 102 25.80 11.38 -43.72
CA GLU B 102 24.57 12.16 -43.72
C GLU B 102 23.94 12.17 -45.10
N GLN B 103 24.74 12.44 -46.13
CA GLN B 103 24.20 12.66 -47.47
C GLN B 103 23.37 11.47 -47.92
N GLU B 104 23.97 10.27 -47.86
CA GLU B 104 23.24 9.07 -48.26
C GLU B 104 21.96 8.91 -47.45
N THR B 105 22.04 9.15 -46.14
CA THR B 105 20.86 8.98 -45.31
C THR B 105 19.72 9.88 -45.76
N GLU B 106 20.04 11.06 -46.30
CA GLU B 106 19.01 11.93 -46.83
C GLU B 106 18.66 11.59 -48.27
N TYR B 107 19.61 11.04 -49.03
CA TYR B 107 19.33 10.70 -50.42
C TYR B 107 18.57 9.39 -50.52
N VAL B 108 19.14 8.31 -49.98
CA VAL B 108 18.48 7.01 -50.00
C VAL B 108 17.45 7.02 -48.88
N ASN B 109 16.23 7.43 -49.23
CA ASN B 109 15.12 7.76 -48.34
C ASN B 109 14.21 8.67 -49.14
N TYR B 110 14.81 9.62 -49.84
CA TYR B 110 14.08 10.40 -50.82
C TYR B 110 13.85 9.60 -52.09
N LEU B 111 14.79 8.73 -52.46
CA LEU B 111 14.61 7.89 -53.63
C LEU B 111 13.60 6.78 -53.35
N PHE B 112 13.63 6.20 -52.16
CA PHE B 112 12.81 5.04 -51.86
C PHE B 112 11.38 5.40 -51.49
N MET B 113 11.19 6.42 -50.66
CA MET B 113 9.86 6.74 -50.16
C MET B 113 9.15 7.84 -50.93
N ARG B 114 9.87 8.65 -51.71
CA ARG B 114 9.28 9.77 -52.41
C ARG B 114 9.39 9.68 -53.93
N LYS B 115 10.07 8.67 -54.45
CA LYS B 115 10.26 8.54 -55.89
C LYS B 115 9.91 7.16 -56.43
N ASN B 116 9.65 6.18 -55.59
CA ASN B 116 9.49 4.81 -56.07
C ASN B 116 8.37 4.03 -55.40
N GLU B 117 7.55 4.66 -54.55
CA GLU B 117 6.47 3.96 -53.84
C GLU B 117 7.04 2.81 -53.01
N GLY B 118 7.86 3.17 -52.03
CA GLY B 118 8.57 2.16 -51.26
C GLY B 118 7.65 1.28 -50.43
N PHE B 119 6.60 1.87 -49.86
CA PHE B 119 5.72 1.12 -48.96
C PHE B 119 5.04 -0.02 -49.71
N LYS B 120 4.52 0.25 -50.91
CA LYS B 120 3.84 -0.78 -51.68
C LYS B 120 4.80 -1.88 -52.09
N VAL B 121 6.01 -1.52 -52.50
CA VAL B 121 7.01 -2.52 -52.89
C VAL B 121 7.35 -3.40 -51.71
N MET B 122 7.57 -2.79 -50.54
CA MET B 122 7.90 -3.56 -49.35
C MET B 122 6.76 -4.50 -48.97
N PHE B 123 5.52 -4.01 -49.04
CA PHE B 123 4.38 -4.85 -48.71
C PHE B 123 4.27 -6.04 -49.65
N ASP B 124 4.43 -5.80 -50.95
CA ASP B 124 4.38 -6.89 -51.92
C ASP B 124 5.49 -7.90 -51.66
N TRP B 125 6.71 -7.39 -51.39
CA TRP B 125 7.83 -8.26 -51.09
C TRP B 125 7.54 -9.17 -49.91
N PHE B 126 7.10 -8.59 -48.80
CA PHE B 126 6.87 -9.38 -47.59
C PHE B 126 5.74 -10.39 -47.80
N GLN B 127 4.65 -9.96 -48.44
CA GLN B 127 3.53 -10.87 -48.63
C GLN B 127 3.90 -12.00 -49.58
N ASP B 128 4.71 -11.72 -50.60
CA ASP B 128 5.16 -12.79 -51.48
C ASP B 128 6.05 -13.78 -50.74
N THR B 129 6.93 -13.28 -49.86
CA THR B 129 7.78 -14.21 -49.11
C THR B 129 6.96 -15.08 -48.17
N LEU B 130 5.95 -14.50 -47.51
CA LEU B 130 5.15 -15.29 -46.58
C LEU B 130 4.24 -16.27 -47.32
N MET B 131 3.66 -15.84 -48.44
CA MET B 131 2.71 -16.67 -49.17
C MET B 131 3.42 -17.73 -50.01
N MET B 132 4.24 -17.28 -50.96
CA MET B 132 5.09 -18.18 -51.72
C MET B 132 6.29 -18.54 -50.87
N LYS B 133 7.32 -19.13 -51.48
CA LYS B 133 8.49 -19.52 -50.72
C LYS B 133 9.56 -18.43 -50.65
N THR B 134 9.57 -17.51 -51.61
CA THR B 134 10.59 -16.47 -51.60
C THR B 134 10.08 -15.27 -52.39
N GLY B 135 10.65 -14.12 -52.09
CA GLY B 135 10.29 -12.88 -52.78
C GLY B 135 11.52 -12.13 -53.22
N VAL B 136 11.43 -11.50 -54.39
CA VAL B 136 12.56 -10.87 -55.04
C VAL B 136 12.20 -9.45 -55.44
N VAL B 137 13.15 -8.53 -55.28
CA VAL B 137 13.00 -7.14 -55.65
C VAL B 137 14.22 -6.72 -56.47
N LYS B 138 14.00 -5.92 -57.51
CA LYS B 138 15.08 -5.50 -58.40
C LYS B 138 15.31 -4.00 -58.31
N VAL B 139 16.58 -3.60 -58.37
CA VAL B 139 17.00 -2.21 -58.42
C VAL B 139 17.72 -2.00 -59.75
N TYR B 140 17.34 -0.95 -60.48
CA TYR B 140 17.95 -0.72 -61.77
C TYR B 140 17.94 0.77 -62.10
N VAL B 141 18.56 1.09 -63.24
CA VAL B 141 18.61 2.45 -63.75
C VAL B 141 17.73 2.52 -64.99
N GLU B 142 16.83 3.49 -65.02
CA GLU B 142 15.84 3.58 -66.09
C GLU B 142 16.52 3.76 -67.44
N GLU B 143 16.08 2.98 -68.43
CA GLU B 143 16.62 3.06 -69.79
C GLU B 143 15.62 3.59 -70.80
N VAL B 144 14.32 3.56 -70.49
CA VAL B 144 13.29 4.09 -71.37
C VAL B 144 12.95 5.49 -70.89
N LEU B 145 13.24 6.50 -71.71
CA LEU B 145 13.09 7.89 -71.34
C LEU B 145 12.03 8.53 -72.23
N ASN B 146 10.78 8.54 -71.77
CA ASN B 146 9.71 9.13 -72.55
C ASN B 146 9.73 10.65 -72.44
N PRO B 147 9.32 11.35 -73.48
CA PRO B 147 9.14 12.80 -73.37
C PRO B 147 7.95 13.14 -72.49
N THR B 148 7.98 14.35 -71.93
CA THR B 148 6.95 14.79 -71.01
C THR B 148 6.34 16.10 -71.50
N PHE B 149 5.11 16.35 -71.07
CA PHE B 149 4.40 17.58 -71.40
C PHE B 149 3.98 18.26 -70.11
N GLU B 150 4.14 19.59 -70.06
CA GLU B 150 3.84 20.33 -68.85
C GLU B 150 3.03 21.57 -69.18
N ARG B 151 2.15 21.94 -68.24
CA ARG B 151 1.30 23.11 -68.36
C ARG B 151 1.40 23.95 -67.10
N PHE B 152 1.53 25.27 -67.27
CA PHE B 152 1.58 26.18 -66.14
C PHE B 152 0.68 27.37 -66.42
N SER B 153 0.12 27.94 -65.35
CA SER B 153 -0.73 29.11 -65.47
C SER B 153 -0.54 29.99 -64.24
N GLY B 154 -0.66 31.29 -64.45
CA GLY B 154 -0.52 32.24 -63.34
C GLY B 154 0.91 32.54 -62.96
N LEU B 155 1.85 32.35 -63.88
CA LEU B 155 3.26 32.55 -63.57
C LEU B 155 3.67 34.00 -63.78
N SER B 156 4.79 34.36 -63.20
CA SER B 156 5.33 35.70 -63.31
C SER B 156 6.42 35.75 -64.38
N GLU B 157 7.05 36.92 -64.53
CA GLU B 157 8.04 37.11 -65.59
C GLU B 157 9.28 36.25 -65.37
N GLU B 158 9.88 36.33 -64.17
CA GLU B 158 11.18 35.69 -63.96
C GLU B 158 11.05 34.17 -63.96
N MET B 159 9.94 33.63 -63.44
CA MET B 159 9.76 32.19 -63.47
C MET B 159 9.58 31.68 -64.89
N VAL B 160 8.86 32.43 -65.73
CA VAL B 160 8.72 32.06 -67.13
C VAL B 160 10.08 32.10 -67.82
N ALA B 161 10.88 33.13 -67.53
CA ALA B 161 12.21 33.22 -68.12
C ALA B 161 13.07 32.03 -67.69
N ASP B 162 13.01 31.67 -66.41
CA ASP B 162 13.79 30.53 -65.92
C ASP B 162 13.36 29.23 -66.59
N ILE B 163 12.05 29.05 -66.76
CA ILE B 163 11.56 27.85 -67.45
C ILE B 163 12.06 27.82 -68.89
N LEU B 164 12.01 28.95 -69.58
CA LEU B 164 12.37 29.00 -70.98
C LEU B 164 13.87 29.01 -71.23
N ALA B 165 14.69 29.24 -70.20
CA ALA B 165 16.13 29.25 -70.39
C ALA B 165 16.69 27.86 -70.70
N ASP B 166 15.94 26.81 -70.39
CA ASP B 166 16.44 25.45 -70.62
C ASP B 166 16.47 25.16 -72.12
N PRO B 167 17.60 24.73 -72.68
CA PRO B 167 17.65 24.39 -74.10
C PRO B 167 17.01 23.06 -74.46
N ASP B 168 16.46 22.34 -73.48
CA ASP B 168 15.80 21.06 -73.73
C ASP B 168 14.28 21.16 -73.66
N THR B 169 13.74 22.37 -73.84
CA THR B 169 12.31 22.60 -73.75
C THR B 169 11.81 23.21 -75.06
N GLU B 170 10.62 22.79 -75.48
CA GLU B 170 9.99 23.31 -76.68
C GLU B 170 8.67 23.97 -76.30
N ILE B 171 8.45 25.17 -76.83
CA ILE B 171 7.20 25.88 -76.58
C ILE B 171 6.10 25.32 -77.48
N LEU B 172 5.01 24.90 -76.87
CA LEU B 172 3.81 24.53 -77.60
C LEU B 172 2.73 25.60 -77.54
N ALA B 173 2.63 26.32 -76.43
CA ALA B 173 1.65 27.38 -76.33
C ALA B 173 2.10 28.41 -75.30
N GLN B 174 1.75 29.67 -75.56
CA GLN B 174 2.08 30.77 -74.67
C GLN B 174 0.97 31.80 -74.73
N SER B 175 0.56 32.31 -73.57
CA SER B 175 -0.52 33.29 -73.51
C SER B 175 -0.31 34.21 -72.32
N VAL B 176 -0.85 35.42 -72.43
CA VAL B 176 -0.82 36.41 -71.36
C VAL B 176 -2.25 36.82 -71.05
N ASP B 177 -2.61 36.77 -69.78
CA ASP B 177 -3.96 37.12 -69.34
C ASP B 177 -3.96 38.51 -68.73
N GLU B 178 -5.16 38.93 -68.29
CA GLU B 178 -5.27 40.17 -67.53
C GLU B 178 -4.45 40.03 -66.24
N ASP B 179 -3.78 41.12 -65.87
CA ASP B 179 -2.73 41.12 -64.86
C ASP B 179 -1.49 40.40 -65.40
N GLY B 180 -0.31 40.83 -64.99
CA GLY B 180 0.90 40.30 -65.59
C GLY B 180 1.19 38.86 -65.20
N THR B 181 0.33 37.94 -65.65
CA THR B 181 0.49 36.52 -65.42
C THR B 181 0.49 35.79 -66.75
N TYR B 182 1.24 34.69 -66.80
CA TYR B 182 1.48 33.97 -68.04
C TYR B 182 0.93 32.55 -67.93
N SER B 183 0.59 31.98 -69.09
CA SER B 183 0.22 30.58 -69.19
C SER B 183 1.06 29.96 -70.28
N ILE B 184 1.75 28.87 -69.95
CA ILE B 184 2.67 28.24 -70.90
C ILE B 184 2.38 26.75 -70.97
N LYS B 185 2.70 26.17 -72.13
CA LYS B 185 2.48 24.77 -72.42
C LYS B 185 3.71 24.29 -73.17
N ILE B 186 4.49 23.39 -72.55
CA ILE B 186 5.81 23.05 -73.03
C ILE B 186 5.98 21.54 -73.11
N ARG B 187 6.99 21.14 -73.89
CA ARG B 187 7.40 19.75 -74.04
C ARG B 187 8.87 19.62 -73.65
N LYS B 188 9.18 18.59 -72.88
CA LYS B 188 10.50 18.39 -72.32
C LYS B 188 11.02 17.00 -72.65
N ASP B 189 12.31 16.92 -73.00
CA ASP B 189 13.01 15.66 -73.23
C ASP B 189 14.12 15.57 -72.19
N LYS B 190 13.84 14.88 -71.09
CA LYS B 190 14.77 14.77 -69.99
C LYS B 190 15.79 13.67 -70.24
N LYS B 191 17.04 13.94 -69.86
CA LYS B 191 18.14 13.02 -70.11
C LYS B 191 18.80 12.46 -68.85
N LYS B 192 18.56 13.04 -67.68
CA LYS B 192 19.21 12.57 -66.47
C LYS B 192 18.68 11.20 -66.09
N ARG B 193 19.52 10.42 -65.41
CA ARG B 193 19.18 9.05 -65.07
C ARG B 193 18.12 9.01 -63.98
N GLU B 194 17.47 7.86 -63.85
CA GLU B 194 16.53 7.58 -62.77
C GLU B 194 16.84 6.21 -62.17
N ILE B 195 16.77 6.13 -60.86
CA ILE B 195 17.01 4.88 -60.14
C ILE B 195 15.66 4.35 -59.66
N LYS B 196 15.33 3.14 -60.11
CA LYS B 196 14.01 2.57 -59.85
C LYS B 196 14.15 1.26 -59.08
N VAL B 197 13.16 1.01 -58.22
CA VAL B 197 13.04 -0.23 -57.46
C VAL B 197 11.69 -0.83 -57.77
N THR B 198 11.67 -2.10 -58.17
CA THR B 198 10.44 -2.76 -58.59
C THR B 198 10.30 -4.12 -57.93
N CYS B 199 9.04 -4.50 -57.70
CA CYS B 199 8.69 -5.83 -57.26
C CYS B 199 8.48 -6.72 -58.49
N ILE B 200 8.82 -8.00 -58.33
CA ILE B 200 8.75 -8.96 -59.42
C ILE B 200 7.77 -10.05 -59.05
N LYS B 201 6.85 -10.35 -59.96
CA LYS B 201 5.93 -11.46 -59.75
C LYS B 201 6.71 -12.76 -59.68
N PRO B 202 6.36 -13.67 -58.77
CA PRO B 202 7.16 -14.90 -58.60
C PRO B 202 7.25 -15.74 -59.87
N GLU B 203 6.24 -15.73 -60.72
CA GLU B 203 6.27 -16.53 -61.93
C GLU B 203 7.13 -15.92 -63.03
N ASN B 204 7.57 -14.68 -62.89
CA ASN B 204 8.35 -14.00 -63.91
C ASN B 204 9.84 -13.98 -63.58
N PHE B 205 10.27 -14.70 -62.56
CA PHE B 205 11.67 -14.75 -62.15
C PHE B 205 12.16 -16.18 -62.28
N LEU B 206 13.26 -16.38 -63.01
CA LEU B 206 13.77 -17.72 -63.30
C LEU B 206 15.16 -17.88 -62.70
N VAL B 207 15.34 -18.96 -61.95
CA VAL B 207 16.61 -19.33 -61.33
C VAL B 207 16.94 -20.76 -61.72
N ASP B 208 18.23 -21.05 -61.82
CA ASP B 208 18.67 -22.41 -62.10
C ASP B 208 18.46 -23.29 -60.87
N ARG B 209 18.65 -24.60 -61.05
CA ARG B 209 18.32 -25.56 -60.01
C ARG B 209 19.43 -25.78 -59.01
N LEU B 210 20.58 -25.12 -59.16
CA LEU B 210 21.73 -25.36 -58.29
C LEU B 210 22.23 -24.10 -57.61
N ALA B 211 21.41 -23.06 -57.53
CA ALA B 211 21.87 -21.76 -57.03
C ALA B 211 22.30 -21.79 -55.56
N THR B 212 21.34 -22.02 -54.66
CA THR B 212 21.49 -21.99 -53.20
C THR B 212 21.68 -20.57 -52.67
N CYS B 213 21.86 -19.60 -53.56
CA CYS B 213 21.89 -18.18 -53.22
C CYS B 213 22.07 -17.41 -54.53
N ILE B 214 21.80 -16.10 -54.48
CA ILE B 214 21.88 -15.29 -55.68
C ILE B 214 23.32 -15.09 -56.13
N ASP B 215 24.22 -14.83 -55.19
CA ASP B 215 25.58 -14.42 -55.55
C ASP B 215 26.35 -15.49 -56.29
N ASP B 216 25.95 -16.76 -56.21
CA ASP B 216 26.63 -17.84 -56.92
C ASP B 216 25.75 -18.49 -57.97
N ALA B 217 24.58 -17.93 -58.25
CA ALA B 217 23.70 -18.50 -59.25
C ALA B 217 24.32 -18.40 -60.63
N ARG B 218 24.27 -19.49 -61.38
CA ARG B 218 24.82 -19.53 -62.73
C ARG B 218 23.95 -18.80 -63.74
N PHE B 219 22.64 -18.79 -63.54
CA PHE B 219 21.73 -18.19 -64.52
C PHE B 219 20.51 -17.64 -63.80
N LEU B 220 20.27 -16.34 -63.96
CA LEU B 220 19.04 -15.71 -63.50
C LEU B 220 18.40 -15.01 -64.69
N CYS B 221 17.07 -14.94 -64.70
CA CYS B 221 16.44 -14.20 -65.78
C CYS B 221 15.13 -13.59 -65.33
N HIS B 222 14.83 -12.42 -65.90
CA HIS B 222 13.61 -11.69 -65.64
C HIS B 222 12.84 -11.54 -66.95
N ARG B 223 11.58 -11.96 -66.93
CA ARG B 223 10.69 -11.88 -68.09
C ARG B 223 9.68 -10.76 -67.86
N GLU B 224 9.55 -9.87 -68.83
CA GLU B 224 8.60 -8.77 -68.70
C GLU B 224 7.98 -8.48 -70.05
N LYS B 225 7.09 -7.51 -70.08
CA LYS B 225 6.33 -7.16 -71.28
C LYS B 225 6.67 -5.75 -71.71
N TYR B 226 6.95 -5.59 -73.00
CA TYR B 226 7.26 -4.30 -73.59
C TYR B 226 6.23 -3.96 -74.66
N THR B 227 6.05 -2.67 -74.91
CA THR B 227 5.25 -2.22 -76.03
C THR B 227 6.15 -1.78 -77.17
N VAL B 228 5.55 -1.57 -78.33
CA VAL B 228 6.33 -1.17 -79.51
C VAL B 228 6.98 0.19 -79.28
N SER B 229 6.29 1.08 -78.57
CA SER B 229 6.87 2.40 -78.29
C SER B 229 8.13 2.29 -77.44
N ASP B 230 8.12 1.41 -76.44
CA ASP B 230 9.33 1.23 -75.62
C ASP B 230 10.48 0.68 -76.45
N LEU B 231 10.20 -0.28 -77.33
CA LEU B 231 11.24 -0.83 -78.18
C LEU B 231 11.79 0.23 -79.13
N ARG B 232 10.91 1.10 -79.64
CA ARG B 232 11.38 2.20 -80.48
C ARG B 232 12.28 3.14 -79.69
N LEU B 233 11.90 3.44 -78.45
CA LEU B 233 12.74 4.28 -77.61
C LEU B 233 14.08 3.61 -77.30
N LEU B 234 14.11 2.28 -77.29
CA LEU B 234 15.35 1.56 -77.06
C LEU B 234 16.24 1.49 -78.30
N GLY B 235 15.74 1.89 -79.46
CA GLY B 235 16.53 1.91 -80.67
C GLY B 235 16.40 0.70 -81.58
N VAL B 236 15.40 -0.14 -81.36
CA VAL B 236 15.23 -1.32 -82.23
C VAL B 236 14.85 -0.86 -83.63
N PRO B 237 15.48 -1.39 -84.68
CA PRO B 237 15.10 -0.99 -86.04
C PRO B 237 13.70 -1.44 -86.39
N GLU B 238 13.08 -0.69 -87.31
CA GLU B 238 11.69 -0.94 -87.68
C GLU B 238 11.51 -2.31 -88.31
N ASP B 239 12.44 -2.70 -89.19
CA ASP B 239 12.28 -3.95 -89.92
C ASP B 239 12.22 -5.14 -88.97
N VAL B 240 12.98 -5.10 -87.88
CA VAL B 240 12.87 -6.12 -86.86
C VAL B 240 11.49 -6.05 -86.20
N LEU B 241 10.98 -4.84 -86.01
CA LEU B 241 9.70 -4.67 -85.33
C LEU B 241 8.56 -5.28 -86.14
N ASP B 242 8.61 -5.17 -87.46
CA ASP B 242 7.51 -5.72 -88.27
C ASP B 242 7.44 -7.24 -88.16
N GLU B 243 8.53 -7.90 -87.81
CA GLU B 243 8.59 -9.36 -87.75
C GLU B 243 8.82 -9.82 -86.31
N LEU B 244 8.07 -9.24 -85.38
CA LEU B 244 8.27 -9.69 -84.01
C LEU B 244 7.07 -10.50 -83.53
N PRO B 245 7.31 -11.65 -82.91
CA PRO B 245 6.20 -12.46 -82.39
C PRO B 245 5.46 -11.71 -81.29
N TYR B 246 4.17 -11.49 -81.50
CA TYR B 246 3.38 -10.69 -80.59
C TYR B 246 2.72 -11.53 -79.49
N ASP B 247 3.01 -12.83 -79.43
CA ASP B 247 2.67 -13.60 -78.23
C ASP B 247 3.70 -14.72 -78.08
N GLU B 248 4.78 -14.40 -77.35
CA GLU B 248 5.73 -15.37 -76.81
C GLU B 248 6.39 -16.29 -77.83
N TYR B 249 7.28 -17.17 -77.31
CA TYR B 249 7.74 -18.35 -78.00
C TYR B 249 7.52 -19.63 -77.21
N GLU B 250 7.21 -19.53 -75.91
CA GLU B 250 7.14 -20.69 -75.04
C GLU B 250 5.83 -20.83 -74.30
N PHE B 251 4.82 -20.01 -74.61
CA PHE B 251 3.52 -20.05 -73.95
C PHE B 251 3.67 -19.87 -72.43
N SER B 252 4.17 -18.69 -72.06
CA SER B 252 4.44 -18.36 -70.66
C SER B 252 3.32 -17.56 -70.02
N ASP B 253 2.22 -17.34 -70.71
CA ASP B 253 1.09 -16.59 -70.17
C ASP B 253 0.09 -17.47 -69.46
N SER B 254 0.36 -18.76 -69.34
CA SER B 254 -0.56 -19.71 -68.72
C SER B 254 0.08 -20.35 -67.48
N GLN B 255 0.86 -19.58 -66.75
CA GLN B 255 1.42 -20.07 -65.50
C GLN B 255 0.31 -20.27 -64.48
N PRO B 256 0.35 -21.34 -63.68
CA PRO B 256 -0.73 -21.60 -62.72
C PRO B 256 -0.93 -20.48 -61.72
N GLU B 257 0.15 -19.84 -61.26
CA GLU B 257 0.01 -18.74 -60.31
C GLU B 257 -0.77 -17.58 -60.92
N ARG B 258 -0.47 -17.24 -62.17
CA ARG B 258 -1.18 -16.15 -62.83
C ARG B 258 -2.66 -16.48 -62.99
N LEU B 259 -2.98 -17.72 -63.37
CA LEU B 259 -4.37 -18.11 -63.53
C LEU B 259 -5.11 -18.05 -62.20
N VAL B 260 -4.48 -18.53 -61.13
CA VAL B 260 -5.14 -18.50 -59.82
C VAL B 260 -5.36 -17.06 -59.37
N ARG B 261 -4.34 -16.21 -59.54
CA ARG B 261 -4.46 -14.82 -59.11
C ARG B 261 -5.52 -14.08 -59.90
N ASP B 262 -5.59 -14.30 -61.21
CA ASP B 262 -6.52 -13.56 -62.05
C ASP B 262 -7.96 -14.04 -61.94
N ASN B 263 -8.18 -15.25 -61.46
CA ASN B 263 -9.53 -15.81 -61.37
C ASN B 263 -10.26 -15.42 -60.10
N PHE B 264 -9.63 -14.67 -59.20
CA PHE B 264 -10.32 -14.24 -57.99
C PHE B 264 -11.50 -13.35 -58.32
N ASP B 265 -11.32 -12.42 -59.24
CA ASP B 265 -12.40 -11.55 -59.70
C ASP B 265 -12.60 -11.63 -61.21
N MET B 266 -12.05 -12.65 -61.86
CA MET B 266 -12.22 -12.86 -63.30
C MET B 266 -11.78 -11.65 -64.09
N THR B 267 -10.66 -11.05 -63.70
CA THR B 267 -10.10 -9.87 -64.36
C THR B 267 -8.77 -10.19 -65.02
N GLY B 268 -8.66 -11.38 -65.61
CA GLY B 268 -7.47 -11.79 -66.32
C GLY B 268 -7.51 -11.38 -67.77
N GLN B 269 -6.72 -12.08 -68.59
CA GLN B 269 -6.70 -11.82 -70.02
C GLN B 269 -7.71 -12.69 -70.76
N LEU B 270 -8.97 -12.62 -70.33
CA LEU B 270 -10.04 -13.31 -71.05
C LEU B 270 -10.21 -12.75 -72.45
N GLN B 271 -9.93 -11.46 -72.63
CA GLN B 271 -9.97 -10.82 -73.94
C GLN B 271 -8.53 -10.65 -74.42
N TYR B 272 -8.20 -11.33 -75.51
CA TYR B 272 -6.87 -11.17 -76.11
C TYR B 272 -6.79 -9.82 -76.83
N ASN B 273 -5.58 -9.27 -76.86
CA ASN B 273 -5.36 -7.93 -77.38
C ASN B 273 -4.09 -7.95 -78.23
N SER B 274 -3.56 -6.77 -78.52
CA SER B 274 -2.44 -6.59 -79.45
C SER B 274 -2.79 -7.14 -80.83
N GLY B 275 -4.02 -6.90 -81.25
CA GLY B 275 -4.49 -7.34 -82.55
C GLY B 275 -4.67 -6.19 -83.53
N ASP B 276 -5.91 -5.75 -83.70
CA ASP B 276 -6.24 -4.66 -84.61
C ASP B 276 -6.35 -3.32 -83.89
N ASP B 277 -5.73 -3.19 -82.72
CA ASP B 277 -5.71 -1.93 -81.98
C ASP B 277 -4.64 -1.01 -82.57
N ALA B 278 -4.32 0.06 -81.86
CA ALA B 278 -3.25 0.96 -82.29
C ALA B 278 -1.94 0.19 -82.40
N GLU B 279 -1.20 0.47 -83.47
CA GLU B 279 0.01 -0.31 -83.76
C GLU B 279 1.08 -0.07 -82.71
N ALA B 280 1.12 1.11 -82.11
CA ALA B 280 2.18 1.42 -81.14
C ALA B 280 1.96 0.78 -79.79
N ASN B 281 0.79 0.18 -79.54
CA ASN B 281 0.47 -0.38 -78.25
C ASN B 281 0.56 -1.91 -78.21
N ARG B 282 1.05 -2.53 -79.28
CA ARG B 282 1.21 -3.97 -79.28
C ARG B 282 2.29 -4.38 -78.27
N GLU B 283 2.06 -5.53 -77.61
CA GLU B 283 2.93 -5.99 -76.54
C GLU B 283 3.68 -7.25 -76.97
N VAL B 284 4.93 -7.34 -76.53
CA VAL B 284 5.76 -8.53 -76.72
C VAL B 284 6.42 -8.87 -75.40
N TRP B 285 6.90 -10.10 -75.31
CA TRP B 285 7.58 -10.60 -74.12
C TRP B 285 9.09 -10.52 -74.34
N ALA B 286 9.77 -9.83 -73.43
CA ALA B 286 11.21 -9.67 -73.50
C ALA B 286 11.87 -10.31 -72.28
N SER B 287 13.10 -10.77 -72.47
CA SER B 287 13.84 -11.47 -71.42
C SER B 287 15.17 -10.78 -71.20
N GLU B 288 15.48 -10.48 -69.94
CA GLU B 288 16.80 -9.99 -69.54
C GLU B 288 17.41 -11.04 -68.63
N CYS B 289 18.46 -11.71 -69.10
CA CYS B 289 19.10 -12.79 -68.37
C CYS B 289 20.50 -12.36 -67.96
N TYR B 290 20.85 -12.60 -66.70
CA TYR B 290 22.19 -12.42 -66.19
C TYR B 290 22.80 -13.79 -65.97
N THR B 291 23.92 -14.07 -66.65
CA THR B 291 24.46 -15.42 -66.61
C THR B 291 25.97 -15.40 -66.79
N LEU B 292 26.61 -16.46 -66.32
CA LEU B 292 28.04 -16.66 -66.49
C LEU B 292 28.27 -17.35 -67.83
N LEU B 293 28.77 -16.60 -68.80
CA LEU B 293 28.98 -17.15 -70.14
C LEU B 293 30.24 -16.54 -70.73
N ASP B 294 31.05 -17.39 -71.38
CA ASP B 294 32.33 -16.97 -71.95
C ASP B 294 32.13 -16.66 -73.42
N VAL B 295 31.72 -15.43 -73.72
CA VAL B 295 31.59 -15.00 -75.11
C VAL B 295 32.80 -14.18 -75.57
N ASP B 296 33.69 -13.80 -74.66
CA ASP B 296 34.94 -13.16 -75.07
C ASP B 296 35.81 -14.13 -75.85
N GLY B 297 35.86 -15.38 -75.42
CA GLY B 297 36.75 -16.37 -76.01
C GLY B 297 38.06 -16.56 -75.29
N ASP B 298 38.22 -15.98 -74.10
CA ASP B 298 39.45 -16.11 -73.33
C ASP B 298 39.49 -17.36 -72.48
N GLY B 299 38.45 -18.18 -72.50
CA GLY B 299 38.41 -19.40 -71.73
C GLY B 299 37.86 -19.26 -70.33
N ILE B 300 37.58 -18.04 -69.87
CA ILE B 300 37.04 -17.79 -68.55
C ILE B 300 35.65 -17.20 -68.72
N SER B 301 34.66 -17.84 -68.11
CA SER B 301 33.28 -17.38 -68.22
C SER B 301 33.04 -16.21 -67.29
N GLU B 302 32.56 -15.11 -67.85
CA GLU B 302 32.31 -13.88 -67.10
C GLU B 302 30.82 -13.60 -67.02
N LEU B 303 30.46 -12.68 -66.13
CA LEU B 303 29.07 -12.32 -65.95
C LEU B 303 28.61 -11.40 -67.09
N ARG B 304 27.56 -11.82 -67.79
CA ARG B 304 27.03 -11.09 -68.93
C ARG B 304 25.55 -10.85 -68.73
N ARG B 305 25.09 -9.67 -69.15
CA ARG B 305 23.68 -9.32 -69.16
C ARG B 305 23.23 -9.27 -70.61
N ILE B 306 22.22 -10.08 -70.94
CA ILE B 306 21.69 -10.16 -72.29
C ILE B 306 20.21 -9.86 -72.24
N LEU B 307 19.80 -8.81 -72.94
CA LEU B 307 18.39 -8.43 -73.07
C LEU B 307 17.97 -8.68 -74.51
N TYR B 308 16.93 -9.50 -74.70
CA TYR B 308 16.53 -9.85 -76.05
C TYR B 308 15.03 -10.13 -76.09
N VAL B 309 14.48 -9.98 -77.29
CA VAL B 309 13.09 -10.31 -77.60
C VAL B 309 13.07 -11.07 -78.92
N GLY B 310 12.27 -12.13 -78.97
CA GLY B 310 12.22 -12.95 -80.17
C GLY B 310 13.57 -13.58 -80.49
N ASP B 311 14.04 -13.37 -81.72
CA ASP B 311 15.34 -13.86 -82.15
C ASP B 311 16.36 -12.75 -82.32
N TYR B 312 16.10 -11.56 -81.77
CA TYR B 312 16.97 -10.41 -81.92
C TYR B 312 17.50 -10.00 -80.56
N ILE B 313 18.80 -9.81 -80.46
CA ILE B 313 19.45 -9.42 -79.21
C ILE B 313 19.48 -7.90 -79.16
N ILE B 314 18.72 -7.32 -78.22
CA ILE B 314 18.74 -5.88 -78.04
C ILE B 314 20.06 -5.44 -77.43
N SER B 315 20.52 -6.14 -76.40
CA SER B 315 21.73 -5.73 -75.69
C SER B 315 22.47 -6.97 -75.19
N ASN B 316 23.79 -6.88 -75.18
CA ASN B 316 24.65 -7.98 -74.74
C ASN B 316 25.94 -7.36 -74.20
N GLU B 317 26.06 -7.29 -72.86
CA GLU B 317 27.14 -6.52 -72.29
C GLU B 317 27.68 -7.14 -71.00
N PRO B 318 28.99 -7.09 -70.78
CA PRO B 318 29.53 -7.53 -69.49
C PRO B 318 29.01 -6.66 -68.36
N TRP B 319 28.67 -7.31 -67.24
CA TRP B 319 28.01 -6.64 -66.14
C TRP B 319 28.83 -6.81 -64.86
N ASP B 320 28.48 -6.01 -63.86
CA ASP B 320 29.25 -5.94 -62.62
C ASP B 320 28.59 -6.61 -61.43
N CYS B 321 27.28 -6.50 -61.28
CA CYS B 321 26.60 -7.04 -60.11
C CYS B 321 25.23 -7.57 -60.51
N ARG B 322 24.71 -8.48 -59.70
CA ARG B 322 23.36 -8.99 -59.89
C ARG B 322 22.41 -8.12 -59.07
N PRO B 323 21.54 -7.35 -59.70
CA PRO B 323 20.73 -6.36 -58.98
C PRO B 323 19.42 -6.92 -58.46
N PHE B 324 19.50 -7.96 -57.64
CA PHE B 324 18.32 -8.59 -57.06
C PHE B 324 18.51 -8.80 -55.57
N ALA B 325 17.42 -8.69 -54.83
CA ALA B 325 17.41 -8.98 -53.40
C ALA B 325 16.26 -9.92 -53.10
N ASP B 326 16.57 -11.03 -52.43
CA ASP B 326 15.59 -12.06 -52.14
C ASP B 326 15.44 -12.25 -50.64
N LEU B 327 14.29 -12.79 -50.25
CA LEU B 327 13.99 -13.00 -48.84
C LEU B 327 13.45 -14.40 -48.60
N ASN B 328 13.70 -14.92 -47.41
CA ASN B 328 13.16 -16.19 -46.95
C ASN B 328 12.59 -16.03 -45.55
N ALA B 329 11.42 -16.61 -45.32
CA ALA B 329 10.77 -16.52 -44.02
C ALA B 329 11.14 -17.68 -43.11
N TYR B 330 11.07 -18.90 -43.62
CA TYR B 330 11.44 -20.11 -42.90
C TYR B 330 12.59 -20.74 -43.68
N ARG B 331 13.81 -20.35 -43.35
CA ARG B 331 14.97 -20.75 -44.13
C ARG B 331 15.31 -22.22 -43.88
N ILE B 332 15.66 -22.92 -44.96
CA ILE B 332 16.25 -24.25 -44.89
C ILE B 332 17.70 -24.13 -45.30
N ALA B 333 18.59 -24.67 -44.47
CA ALA B 333 20.03 -24.53 -44.72
C ALA B 333 20.41 -25.10 -46.08
N HIS B 334 21.26 -24.36 -46.79
CA HIS B 334 21.80 -24.78 -48.08
C HIS B 334 20.72 -24.97 -49.14
N LYS B 335 19.68 -24.14 -49.10
CA LYS B 335 18.63 -24.15 -50.10
C LYS B 335 18.27 -22.73 -50.49
N PHE B 336 17.78 -22.58 -51.73
CA PHE B 336 17.40 -21.25 -52.20
C PHE B 336 15.97 -20.91 -51.79
N HIS B 337 15.04 -21.85 -51.93
CA HIS B 337 13.65 -21.63 -51.54
C HIS B 337 13.41 -22.23 -50.16
N GLY B 338 12.77 -21.46 -49.30
CA GLY B 338 12.44 -21.91 -47.96
C GLY B 338 11.08 -22.56 -47.88
N MET B 339 10.49 -22.50 -46.69
CA MET B 339 9.16 -23.04 -46.44
C MET B 339 8.17 -21.88 -46.34
N SER B 340 6.92 -22.17 -46.68
CA SER B 340 5.82 -21.23 -46.57
C SER B 340 4.85 -21.68 -45.49
N VAL B 341 3.89 -20.80 -45.19
CA VAL B 341 2.87 -21.13 -44.21
C VAL B 341 2.02 -22.30 -44.70
N TYR B 342 1.72 -22.32 -46.00
CA TYR B 342 0.96 -23.42 -46.59
C TYR B 342 1.64 -24.75 -46.34
N ASP B 343 2.96 -24.81 -46.58
CA ASP B 343 3.70 -26.04 -46.39
C ASP B 343 3.66 -26.53 -44.96
N LYS B 344 3.29 -25.67 -44.02
CA LYS B 344 3.27 -26.05 -42.61
C LYS B 344 1.87 -26.34 -42.07
N ILE B 345 0.82 -25.75 -42.65
CA ILE B 345 -0.50 -25.97 -42.07
C ILE B 345 -1.55 -26.41 -43.10
N ARG B 346 -1.12 -26.91 -44.25
CA ARG B 346 -2.08 -27.38 -45.25
C ARG B 346 -2.93 -28.52 -44.71
N ASP B 347 -2.30 -29.50 -44.07
CA ASP B 347 -3.05 -30.64 -43.56
C ASP B 347 -4.05 -30.23 -42.49
N ILE B 348 -3.65 -29.30 -41.63
CA ILE B 348 -4.55 -28.79 -40.61
C ILE B 348 -5.77 -28.15 -41.26
N GLN B 349 -5.55 -27.33 -42.29
CA GLN B 349 -6.66 -26.69 -42.96
C GLN B 349 -7.60 -27.74 -43.56
N GLU B 350 -7.05 -28.73 -44.25
CA GLU B 350 -7.90 -29.74 -44.90
C GLU B 350 -8.71 -30.52 -43.88
N ILE B 351 -8.06 -30.99 -42.82
CA ILE B 351 -8.77 -31.83 -41.84
C ILE B 351 -9.84 -31.02 -41.12
N ARG B 352 -9.53 -29.79 -40.74
CA ARG B 352 -10.54 -28.95 -40.09
C ARG B 352 -11.72 -28.72 -41.00
N SER B 353 -11.47 -28.46 -42.28
CA SER B 353 -12.57 -28.26 -43.22
C SER B 353 -13.43 -29.51 -43.34
N VAL B 354 -12.80 -30.69 -43.38
CA VAL B 354 -13.56 -31.93 -43.51
C VAL B 354 -14.46 -32.14 -42.30
N LEU B 355 -13.90 -31.95 -41.10
CA LEU B 355 -14.72 -32.12 -39.89
C LEU B 355 -15.86 -31.11 -39.85
N MET B 356 -15.58 -29.87 -40.26
CA MET B 356 -16.63 -28.85 -40.28
C MET B 356 -17.74 -29.23 -41.24
N ARG B 357 -17.36 -29.77 -42.41
CA ARG B 357 -18.35 -30.21 -43.37
C ARG B 357 -19.20 -31.34 -42.81
N ASN B 358 -18.58 -32.25 -42.06
CA ASN B 358 -19.36 -33.32 -41.45
C ASN B 358 -20.37 -32.78 -40.45
N ILE B 359 -19.97 -31.80 -39.64
CA ILE B 359 -20.90 -31.23 -38.67
C ILE B 359 -22.07 -30.55 -39.38
N MET B 360 -21.77 -29.74 -40.41
CA MET B 360 -22.83 -29.10 -41.19
C MET B 360 -23.76 -30.12 -41.83
N ASP B 361 -23.20 -31.20 -42.39
CA ASP B 361 -24.04 -32.22 -42.99
C ASP B 361 -24.98 -32.84 -41.96
N ASN B 362 -24.48 -33.10 -40.75
CA ASN B 362 -25.35 -33.66 -39.72
C ASN B 362 -26.44 -32.67 -39.31
N ILE B 363 -26.10 -31.38 -39.19
CA ILE B 363 -27.08 -30.42 -38.69
C ILE B 363 -28.23 -30.26 -39.67
N TYR B 364 -27.94 -30.20 -40.97
CA TYR B 364 -28.96 -29.87 -41.95
C TYR B 364 -30.08 -30.91 -42.00
N ARG B 365 -29.79 -32.15 -41.68
CA ARG B 365 -30.74 -33.24 -41.85
C ARG B 365 -31.43 -33.64 -40.56
N THR B 366 -31.32 -32.84 -39.50
CA THR B 366 -31.96 -33.19 -38.24
C THR B 366 -32.68 -32.02 -37.59
N ASN B 367 -33.11 -31.02 -38.36
CA ASN B 367 -33.78 -29.85 -37.80
C ASN B 367 -35.23 -29.72 -38.27
N GLN B 368 -35.81 -30.78 -38.83
CA GLN B 368 -37.18 -30.71 -39.30
C GLN B 368 -38.21 -30.88 -38.19
N GLY B 369 -37.81 -31.41 -37.05
CA GLY B 369 -38.72 -31.56 -35.92
C GLY B 369 -39.89 -32.49 -36.19
N ARG B 370 -39.62 -33.66 -36.75
CA ARG B 370 -40.68 -34.62 -37.03
C ARG B 370 -41.11 -35.33 -35.77
N SER B 371 -42.26 -36.00 -35.84
CA SER B 371 -42.85 -36.69 -34.71
C SER B 371 -43.30 -38.09 -35.11
N VAL B 372 -43.32 -38.98 -34.12
CA VAL B 372 -43.69 -40.37 -34.30
C VAL B 372 -45.05 -40.59 -33.67
N VAL B 373 -45.95 -41.25 -34.40
CA VAL B 373 -47.34 -41.41 -34.01
C VAL B 373 -47.75 -42.87 -34.20
N LEU B 374 -48.41 -43.44 -33.19
CA LEU B 374 -48.98 -44.78 -33.33
C LEU B 374 -50.13 -44.75 -34.33
N ASP B 375 -50.08 -45.64 -35.31
CA ASP B 375 -51.13 -45.69 -36.32
C ASP B 375 -52.37 -46.38 -35.76
N GLY B 376 -53.53 -45.76 -36.01
CA GLY B 376 -54.79 -46.31 -35.57
C GLY B 376 -55.17 -45.97 -34.15
N GLN B 377 -54.33 -45.26 -33.42
CA GLN B 377 -54.62 -44.89 -32.04
C GLN B 377 -54.76 -43.39 -31.84
N VAL B 378 -54.49 -42.58 -32.86
CA VAL B 378 -54.43 -41.14 -32.73
C VAL B 378 -55.34 -40.50 -33.77
N ASN B 379 -56.11 -39.50 -33.35
CA ASN B 379 -56.96 -38.74 -34.25
C ASN B 379 -56.07 -37.87 -35.14
N LEU B 380 -55.85 -38.30 -36.38
CA LEU B 380 -54.95 -37.57 -37.26
C LEU B 380 -55.52 -36.22 -37.66
N GLU B 381 -56.83 -36.11 -37.81
CA GLU B 381 -57.44 -34.82 -38.13
C GLU B 381 -57.15 -33.79 -37.05
N ASP B 382 -57.26 -34.17 -35.78
CA ASP B 382 -56.95 -33.25 -34.70
C ASP B 382 -55.47 -32.87 -34.70
N LEU B 383 -54.60 -33.85 -34.94
CA LEU B 383 -53.16 -33.59 -34.88
C LEU B 383 -52.71 -32.67 -36.00
N LEU B 384 -53.28 -32.83 -37.20
CA LEU B 384 -52.83 -32.05 -38.34
C LEU B 384 -53.11 -30.56 -38.17
N THR B 385 -54.27 -30.19 -37.64
CA THR B 385 -54.66 -28.79 -37.50
C THR B 385 -54.10 -28.26 -36.19
N ASN B 386 -53.04 -27.46 -36.29
CA ASN B 386 -52.38 -26.89 -35.11
C ASN B 386 -52.98 -25.53 -34.82
N GLU B 387 -53.63 -25.41 -33.66
CA GLU B 387 -54.24 -24.16 -33.25
C GLU B 387 -53.98 -23.94 -31.76
N ALA B 388 -54.18 -22.70 -31.32
CA ALA B 388 -53.92 -22.35 -29.93
C ALA B 388 -54.88 -23.09 -29.01
N ALA B 389 -54.31 -23.70 -27.96
CA ALA B 389 -55.08 -24.44 -26.96
C ALA B 389 -55.91 -25.55 -27.59
N GLY B 390 -55.36 -26.19 -28.62
CA GLY B 390 -56.05 -27.28 -29.27
C GLY B 390 -56.06 -28.54 -28.42
N ILE B 391 -56.91 -29.47 -28.82
CA ILE B 391 -57.06 -30.75 -28.13
C ILE B 391 -56.88 -31.86 -29.15
N VAL B 392 -56.05 -32.85 -28.82
CA VAL B 392 -55.82 -34.01 -29.66
C VAL B 392 -56.38 -35.22 -28.93
N ARG B 393 -57.38 -35.87 -29.53
CA ARG B 393 -58.00 -37.03 -28.94
C ARG B 393 -57.23 -38.29 -29.32
N VAL B 394 -56.92 -39.11 -28.32
CA VAL B 394 -56.11 -40.31 -28.51
C VAL B 394 -56.78 -41.46 -27.78
N LYS B 395 -56.74 -42.64 -28.39
CA LYS B 395 -57.34 -43.83 -27.80
C LYS B 395 -56.41 -44.59 -26.87
N ALA B 396 -55.16 -44.17 -26.71
CA ALA B 396 -54.21 -44.98 -25.96
C ALA B 396 -53.11 -44.11 -25.38
N MET B 397 -52.25 -44.75 -24.57
CA MET B 397 -51.14 -44.11 -23.88
C MET B 397 -49.86 -44.22 -24.69
N ASN B 398 -48.97 -43.25 -24.50
CA ASN B 398 -47.64 -43.24 -25.09
C ASN B 398 -47.70 -43.47 -26.61
N SER B 399 -48.33 -42.53 -27.29
CA SER B 399 -48.61 -42.68 -28.71
C SER B 399 -48.04 -41.57 -29.59
N ILE B 400 -47.67 -40.43 -29.03
CA ILE B 400 -47.09 -39.33 -29.79
C ILE B 400 -45.77 -38.93 -29.14
N MET B 401 -44.71 -38.90 -29.94
CA MET B 401 -43.36 -38.63 -29.45
C MET B 401 -42.65 -37.70 -30.41
N PRO B 402 -41.68 -36.95 -29.93
CA PRO B 402 -40.71 -36.34 -30.85
C PRO B 402 -39.76 -37.39 -31.39
N LEU B 403 -39.43 -37.29 -32.67
CA LEU B 403 -38.52 -38.24 -33.28
C LEU B 403 -37.11 -38.04 -32.73
N GLU B 404 -36.46 -39.15 -32.37
CA GLU B 404 -35.13 -39.10 -31.81
C GLU B 404 -34.11 -39.17 -32.93
N THR B 405 -33.35 -38.11 -33.10
CA THR B 405 -32.41 -38.00 -34.19
C THR B 405 -30.99 -38.29 -33.70
N PRO B 406 -30.16 -38.91 -34.54
CA PRO B 406 -28.78 -39.20 -34.14
C PRO B 406 -27.98 -37.93 -33.94
N GLN B 407 -27.00 -38.00 -33.04
CA GLN B 407 -26.13 -36.88 -32.74
C GLN B 407 -24.68 -37.34 -32.76
N LEU B 408 -23.80 -36.43 -33.17
CA LEU B 408 -22.38 -36.73 -33.19
C LEU B 408 -21.79 -36.68 -31.79
N SER B 409 -20.75 -37.47 -31.57
CA SER B 409 -20.09 -37.52 -30.27
C SER B 409 -19.20 -36.29 -30.08
N GLY B 410 -18.74 -36.12 -28.84
CA GLY B 410 -17.88 -34.98 -28.52
C GLY B 410 -16.46 -35.08 -29.02
N GLU B 411 -16.09 -36.24 -29.57
CA GLU B 411 -14.75 -36.41 -30.10
C GLU B 411 -14.46 -35.41 -31.21
N VAL B 412 -15.45 -35.17 -32.08
CA VAL B 412 -15.24 -34.28 -33.21
C VAL B 412 -14.92 -32.86 -32.74
N TYR B 413 -15.73 -32.34 -31.80
CA TYR B 413 -15.50 -30.99 -31.30
C TYR B 413 -14.19 -30.90 -30.53
N GLY B 414 -13.92 -31.88 -29.67
CA GLY B 414 -12.69 -31.87 -28.91
C GLY B 414 -11.47 -31.86 -29.80
N MET B 415 -11.52 -32.63 -30.88
CA MET B 415 -10.31 -32.70 -31.70
C MET B 415 -10.26 -31.57 -32.72
N LEU B 416 -11.38 -30.92 -33.03
CA LEU B 416 -11.33 -29.62 -33.69
C LEU B 416 -10.54 -28.63 -32.84
N ASP B 417 -10.84 -28.59 -31.54
CA ASP B 417 -10.09 -27.72 -30.64
C ASP B 417 -8.62 -28.11 -30.59
N ARG B 418 -8.36 -29.42 -30.56
CA ARG B 418 -6.97 -29.90 -30.55
C ARG B 418 -6.22 -29.45 -31.79
N LEU B 419 -6.87 -29.51 -32.96
CA LEU B 419 -6.23 -29.07 -34.19
C LEU B 419 -5.96 -27.58 -34.17
N GLU B 420 -6.89 -26.79 -33.63
CA GLU B 420 -6.64 -25.36 -33.51
C GLU B 420 -5.42 -25.08 -32.64
N ALA B 421 -5.32 -25.77 -31.50
CA ALA B 421 -4.16 -25.60 -30.64
C ALA B 421 -2.88 -26.03 -31.35
N ASP B 422 -2.95 -27.11 -32.13
CA ASP B 422 -1.78 -27.59 -32.85
C ASP B 422 -1.32 -26.56 -33.87
N ARG B 423 -2.26 -25.93 -34.57
CA ARG B 423 -1.89 -24.86 -35.51
C ARG B 423 -1.22 -23.71 -34.77
N GLY B 424 -1.79 -23.32 -33.63
CA GLY B 424 -1.18 -22.27 -32.84
C GLY B 424 0.24 -22.59 -32.43
N LYS B 425 0.49 -23.86 -32.07
CA LYS B 425 1.84 -24.26 -31.68
C LYS B 425 2.80 -24.26 -32.88
N ARG B 426 2.33 -24.76 -34.03
CA ARG B 426 3.21 -24.84 -35.19
C ARG B 426 3.59 -23.47 -35.71
N THR B 427 2.62 -22.60 -35.93
CA THR B 427 2.93 -21.28 -36.50
C THR B 427 3.57 -20.34 -35.50
N GLY B 428 3.31 -20.53 -34.21
CA GLY B 428 3.85 -19.68 -33.18
C GLY B 428 2.98 -18.49 -32.83
N ILE B 429 1.96 -18.19 -33.60
CA ILE B 429 1.07 -17.07 -33.35
C ILE B 429 -0.33 -17.60 -33.10
N THR B 430 -1.00 -17.06 -32.08
CA THR B 430 -2.35 -17.48 -31.74
C THR B 430 -3.28 -16.28 -31.63
N ASP B 431 -4.49 -16.51 -31.12
CA ASP B 431 -5.46 -15.43 -31.01
C ASP B 431 -5.12 -14.44 -29.89
N ARG B 432 -4.37 -14.87 -28.87
CA ARG B 432 -4.11 -14.04 -27.71
C ARG B 432 -2.66 -13.55 -27.63
N THR B 433 -1.85 -13.83 -28.63
CA THR B 433 -0.47 -13.37 -28.59
C THR B 433 -0.38 -11.87 -28.84
N ARG B 434 0.51 -11.22 -28.11
CA ARG B 434 0.74 -9.80 -28.32
C ARG B 434 1.51 -9.56 -29.61
N GLY B 435 1.33 -8.38 -30.18
CA GLY B 435 2.08 -8.00 -31.36
C GLY B 435 3.51 -7.63 -31.03
N LEU B 436 4.33 -7.53 -32.08
CA LEU B 436 5.72 -7.16 -31.91
C LEU B 436 5.84 -5.70 -31.51
N ASP B 437 6.75 -5.42 -30.58
CA ASP B 437 7.05 -4.04 -30.23
C ASP B 437 7.75 -3.36 -31.39
N GLN B 438 7.42 -2.09 -31.62
CA GLN B 438 7.99 -1.34 -32.73
C GLN B 438 9.45 -0.95 -32.49
N ASN B 439 10.09 -1.48 -31.46
CA ASN B 439 11.50 -1.21 -31.18
C ASN B 439 12.27 -2.50 -30.97
N THR B 440 11.81 -3.59 -31.60
CA THR B 440 12.39 -4.90 -31.33
C THR B 440 13.85 -4.99 -31.76
N LEU B 441 14.18 -4.45 -32.93
CA LEU B 441 15.51 -4.62 -33.51
C LEU B 441 16.49 -3.55 -33.07
N HIS B 442 16.10 -2.62 -32.21
CA HIS B 442 16.97 -1.53 -31.83
C HIS B 442 18.16 -2.01 -31.02
N SER B 443 19.35 -1.52 -31.38
CA SER B 443 20.45 -1.47 -30.43
C SER B 443 20.25 -0.23 -29.55
N ASN B 444 20.69 -0.33 -28.30
CA ASN B 444 20.36 0.65 -27.27
C ASN B 444 18.86 0.76 -27.07
N GLN B 445 18.17 -0.37 -27.19
CA GLN B 445 16.72 -0.42 -27.03
C GLN B 445 16.29 -0.24 -25.58
N ALA B 446 17.08 -0.77 -24.65
CA ALA B 446 16.63 -1.11 -23.31
C ALA B 446 15.38 -1.98 -23.42
N ALA B 447 14.29 -1.56 -22.81
CA ALA B 447 12.96 -2.14 -23.04
C ALA B 447 12.97 -3.67 -22.96
N MET B 448 13.19 -4.17 -21.74
CA MET B 448 13.15 -5.62 -21.54
C MET B 448 11.79 -6.25 -21.87
N SER B 449 10.79 -5.47 -22.30
CA SER B 449 9.57 -6.03 -22.85
C SER B 449 9.89 -6.90 -24.07
N VAL B 450 8.88 -7.64 -24.51
CA VAL B 450 8.99 -8.67 -25.55
C VAL B 450 9.71 -9.87 -24.97
N ASN B 451 10.74 -9.63 -24.16
CA ASN B 451 11.34 -10.70 -23.36
C ASN B 451 10.50 -11.07 -22.16
N GLN B 452 9.85 -10.10 -21.52
CA GLN B 452 8.99 -10.40 -20.37
C GLN B 452 7.79 -11.23 -20.82
N LEU B 453 7.10 -10.77 -21.85
CA LEU B 453 6.04 -11.52 -22.49
C LEU B 453 6.65 -12.37 -23.60
N MET B 454 5.82 -12.89 -24.51
CA MET B 454 6.29 -13.50 -25.74
C MET B 454 7.21 -14.68 -25.45
N THR B 455 6.60 -15.75 -24.93
CA THR B 455 7.31 -16.97 -24.63
C THR B 455 8.02 -17.51 -25.88
N ALA B 456 8.87 -18.51 -25.68
CA ALA B 456 9.77 -18.97 -26.73
C ALA B 456 9.03 -19.43 -27.97
N ALA B 457 7.77 -19.86 -27.83
CA ALA B 457 7.03 -20.33 -28.99
C ALA B 457 6.76 -19.22 -29.99
N GLU B 458 6.37 -18.04 -29.51
CA GLU B 458 6.02 -16.96 -30.43
C GLU B 458 7.22 -16.10 -30.78
N GLN B 459 8.36 -16.31 -30.12
CA GLN B 459 9.57 -15.57 -30.46
C GLN B 459 10.02 -15.93 -31.87
N GLN B 460 9.42 -17.00 -32.42
CA GLN B 460 9.63 -17.33 -33.83
C GLN B 460 9.40 -16.11 -34.70
N ILE B 461 8.34 -15.34 -34.40
CA ILE B 461 8.05 -14.15 -35.19
C ILE B 461 9.23 -13.19 -35.13
N ASP B 462 9.81 -13.01 -33.94
CA ASP B 462 11.01 -12.19 -33.80
C ASP B 462 12.07 -12.62 -34.81
N LEU B 463 12.31 -13.93 -34.91
CA LEU B 463 13.35 -14.42 -35.80
C LEU B 463 13.09 -13.94 -37.23
N ILE B 464 11.83 -13.98 -37.66
CA ILE B 464 11.51 -13.51 -39.00
C ILE B 464 11.95 -12.06 -39.16
N ALA B 465 11.55 -11.21 -38.21
CA ALA B 465 11.96 -9.82 -38.27
C ALA B 465 13.47 -9.66 -38.27
N ARG B 466 14.17 -10.56 -37.58
CA ARG B 466 15.63 -10.52 -37.63
C ARG B 466 16.13 -11.01 -38.97
N MET B 467 15.57 -12.11 -39.47
CA MET B 467 16.07 -12.70 -40.71
C MET B 467 15.90 -11.74 -41.88
N PHE B 468 14.78 -11.02 -41.92
CA PHE B 468 14.57 -10.04 -42.97
C PHE B 468 15.58 -8.91 -42.85
N ALA B 469 15.96 -8.55 -41.63
CA ALA B 469 16.80 -7.36 -41.45
C ALA B 469 18.25 -7.62 -41.86
N GLU B 470 18.78 -8.80 -41.57
CA GLU B 470 20.19 -9.07 -41.79
C GLU B 470 20.50 -9.67 -43.15
N THR B 471 19.50 -10.07 -43.92
CA THR B 471 19.74 -10.72 -45.19
C THR B 471 19.24 -9.92 -46.39
N GLY B 472 17.96 -9.57 -46.42
CA GLY B 472 17.38 -9.00 -47.63
C GLY B 472 17.37 -7.50 -47.72
N VAL B 473 16.79 -6.82 -46.73
CA VAL B 473 16.68 -5.37 -46.80
C VAL B 473 18.04 -4.71 -46.68
N LYS B 474 18.95 -5.30 -45.91
CA LYS B 474 20.31 -4.76 -45.85
C LYS B 474 20.97 -4.82 -47.21
N ARG B 475 20.81 -5.94 -47.93
CA ARG B 475 21.36 -6.03 -49.28
C ARG B 475 20.68 -5.03 -50.22
N LEU B 476 19.38 -4.85 -50.07
CA LEU B 476 18.66 -3.89 -50.90
C LEU B 476 19.24 -2.49 -50.74
N PHE B 477 19.44 -2.07 -49.50
CA PHE B 477 19.92 -0.70 -49.28
C PHE B 477 21.41 -0.57 -49.61
N GLN B 478 22.18 -1.64 -49.46
CA GLN B 478 23.56 -1.61 -49.94
C GLN B 478 23.59 -1.43 -51.46
N LEU B 479 22.71 -2.14 -52.18
CA LEU B 479 22.62 -1.96 -53.62
C LEU B 479 22.20 -0.54 -53.98
N LEU B 480 21.26 0.02 -53.23
CA LEU B 480 20.83 1.40 -53.49
C LEU B 480 21.98 2.38 -53.31
N HIS B 481 22.75 2.22 -52.23
CA HIS B 481 23.89 3.11 -52.00
C HIS B 481 24.94 2.96 -53.09
N ASP B 482 25.22 1.72 -53.51
CA ASP B 482 26.20 1.50 -54.56
C ASP B 482 25.76 2.13 -55.87
N HIS B 483 24.48 1.98 -56.23
CA HIS B 483 23.97 2.60 -57.46
C HIS B 483 24.02 4.12 -57.35
N ALA B 484 23.75 4.66 -56.16
CA ALA B 484 23.79 6.10 -55.98
C ALA B 484 25.20 6.65 -56.18
N ILE B 485 26.21 5.93 -55.68
CA ILE B 485 27.57 6.44 -55.80
C ILE B 485 28.26 6.07 -57.11
N LYS B 486 27.73 5.11 -57.87
CA LYS B 486 28.35 4.74 -59.13
C LYS B 486 27.86 5.63 -60.27
N TYR B 487 26.54 5.75 -60.43
CA TYR B 487 25.94 6.62 -61.44
C TYR B 487 25.55 7.92 -60.74
N GLN B 488 26.54 8.77 -60.49
CA GLN B 488 26.34 9.98 -59.73
C GLN B 488 25.54 10.99 -60.54
N ASN B 489 24.63 11.69 -59.86
CA ASN B 489 23.81 12.74 -60.45
C ASN B 489 23.82 13.92 -59.49
N GLN B 490 24.80 14.81 -59.64
CA GLN B 490 24.81 16.03 -58.85
C GLN B 490 23.75 16.99 -59.40
N GLU B 491 23.53 18.07 -58.66
CA GLU B 491 22.52 19.08 -58.97
C GLU B 491 21.12 18.50 -58.81
N GLU B 492 21.03 17.21 -58.46
CA GLU B 492 19.81 16.69 -57.86
C GLU B 492 19.98 16.56 -56.36
N VAL B 493 21.11 16.00 -55.93
CA VAL B 493 21.47 16.01 -54.51
C VAL B 493 21.60 17.44 -54.01
N PHE B 494 22.16 18.32 -54.85
CA PHE B 494 22.25 19.72 -54.46
C PHE B 494 20.87 20.36 -54.31
N GLN B 495 19.96 20.05 -55.23
CA GLN B 495 18.60 20.57 -55.09
C GLN B 495 17.93 20.03 -53.84
N LEU B 496 18.25 18.79 -53.47
CA LEU B 496 17.62 18.19 -52.29
C LEU B 496 18.17 18.80 -51.00
N ARG B 497 19.49 18.97 -50.91
CA ARG B 497 20.12 19.33 -49.64
C ARG B 497 20.75 20.72 -49.63
N GLY B 498 21.02 21.31 -50.79
CA GLY B 498 21.71 22.59 -50.82
C GLY B 498 23.20 22.52 -50.72
N LYS B 499 23.78 21.31 -50.68
CA LYS B 499 25.22 21.14 -50.61
C LYS B 499 25.57 19.81 -51.25
N TRP B 500 26.83 19.68 -51.66
CA TRP B 500 27.29 18.49 -52.34
C TRP B 500 28.62 18.01 -51.75
N VAL B 501 28.78 16.68 -51.71
CA VAL B 501 29.99 16.04 -51.24
C VAL B 501 30.47 15.10 -52.33
N ALA B 502 31.73 15.24 -52.73
CA ALA B 502 32.30 14.40 -53.77
C ALA B 502 32.77 13.07 -53.17
N ILE B 503 32.35 11.97 -53.79
CA ILE B 503 32.67 10.64 -53.29
C ILE B 503 33.30 9.84 -54.43
N ASN B 504 34.53 9.41 -54.24
CA ASN B 504 35.21 8.62 -55.26
C ASN B 504 34.65 7.21 -55.28
N PRO B 505 34.11 6.74 -56.40
CA PRO B 505 33.49 5.41 -56.43
C PRO B 505 34.47 4.30 -56.78
N ALA B 506 35.77 4.58 -56.70
CA ALA B 506 36.77 3.61 -57.12
C ALA B 506 36.72 2.35 -56.27
N ASN B 507 36.53 2.50 -54.96
CA ASN B 507 36.58 1.39 -54.02
C ASN B 507 35.19 0.99 -53.55
N TRP B 508 34.20 1.02 -54.44
CA TRP B 508 32.83 0.69 -54.05
C TRP B 508 32.69 -0.77 -53.66
N ARG B 509 33.57 -1.64 -54.16
CA ARG B 509 33.49 -3.06 -53.83
C ARG B 509 33.92 -3.37 -52.41
N GLU B 510 34.60 -2.44 -51.73
CA GLU B 510 35.12 -2.70 -50.40
C GLU B 510 34.13 -2.38 -49.29
N ARG B 511 33.21 -1.45 -49.51
CA ARG B 511 32.23 -1.05 -48.50
C ARG B 511 32.93 -0.64 -47.20
N SER B 512 33.95 0.19 -47.34
CA SER B 512 34.84 0.53 -46.23
C SER B 512 34.50 1.86 -45.58
N ASP B 513 33.37 2.47 -45.92
CA ASP B 513 33.04 3.79 -45.39
C ASP B 513 31.80 3.81 -44.54
N LEU B 514 30.69 3.23 -44.99
CA LEU B 514 29.43 3.28 -44.29
C LEU B 514 28.98 1.88 -43.90
N THR B 515 28.29 1.79 -42.77
CA THR B 515 27.61 0.55 -42.38
C THR B 515 26.10 0.79 -42.45
N VAL B 516 25.40 -0.15 -43.07
CA VAL B 516 23.96 -0.02 -43.28
C VAL B 516 23.24 -0.47 -42.03
N THR B 517 22.27 0.32 -41.58
CA THR B 517 21.40 -0.06 -40.48
C THR B 517 19.97 0.09 -40.99
N VAL B 518 19.45 -1.01 -41.56
CA VAL B 518 18.01 -1.18 -41.65
C VAL B 518 17.40 -1.39 -40.29
N GLY B 519 18.23 -1.47 -39.25
CA GLY B 519 17.79 -1.37 -37.90
C GLY B 519 16.84 -0.19 -37.82
N ILE B 520 15.58 -0.52 -37.52
CA ILE B 520 14.48 0.40 -37.73
C ILE B 520 14.74 1.74 -37.06
N GLY B 521 14.70 2.81 -37.86
CA GLY B 521 14.98 4.15 -37.37
C GLY B 521 13.82 4.69 -36.57
N ASN B 522 13.31 3.85 -35.67
CA ASN B 522 12.26 4.20 -34.72
C ASN B 522 12.84 4.94 -33.53
N MET B 523 12.12 4.95 -32.42
CA MET B 523 12.25 5.98 -31.41
C MET B 523 13.61 5.88 -30.72
N ASN B 524 14.59 6.51 -31.34
CA ASN B 524 15.80 6.90 -30.62
C ASN B 524 15.83 8.38 -30.30
N LYS B 525 14.91 9.15 -30.88
CA LYS B 525 14.98 10.61 -30.81
C LYS B 525 15.07 11.08 -29.36
N ASP B 526 14.27 10.49 -28.48
CA ASP B 526 14.32 10.84 -27.07
C ASP B 526 15.69 10.51 -26.49
N GLN B 527 16.37 9.48 -27.01
CA GLN B 527 17.63 9.05 -26.42
C GLN B 527 18.74 10.07 -26.68
N GLN B 528 19.02 10.38 -27.95
CA GLN B 528 20.05 11.40 -28.19
C GLN B 528 19.57 12.76 -27.71
N MET B 529 18.25 12.93 -27.54
CA MET B 529 17.77 14.19 -26.96
C MET B 529 18.15 14.33 -25.49
N LEU B 530 17.90 13.31 -24.68
CA LEU B 530 18.37 13.33 -23.30
C LEU B 530 19.88 13.41 -23.26
N HIS B 531 20.54 12.75 -24.21
CA HIS B 531 21.99 12.87 -24.32
C HIS B 531 22.39 14.31 -24.60
N LEU B 532 21.58 15.06 -25.34
CA LEU B 532 21.89 16.47 -25.57
C LEU B 532 21.73 17.28 -24.30
N MET B 533 20.70 17.00 -23.50
CA MET B 533 20.62 17.66 -22.18
C MET B 533 21.86 17.42 -21.34
N ARG B 534 22.27 16.16 -21.17
CA ARG B 534 23.46 15.90 -20.37
C ARG B 534 24.74 16.48 -20.98
N ILE B 535 24.85 16.49 -22.31
CA ILE B 535 26.03 17.07 -22.93
C ILE B 535 26.07 18.58 -22.71
N TRP B 536 24.92 19.24 -22.81
CA TRP B 536 24.87 20.68 -22.57
C TRP B 536 25.17 20.99 -21.10
N GLU B 537 24.74 20.12 -20.18
CA GLU B 537 25.13 20.28 -18.79
C GLU B 537 26.63 20.16 -18.60
N MET B 538 27.25 19.19 -19.27
CA MET B 538 28.71 19.08 -19.24
C MET B 538 29.36 20.35 -19.75
N ALA B 539 28.83 20.90 -20.84
CA ALA B 539 29.38 22.13 -21.41
C ALA B 539 29.27 23.28 -20.42
N GLN B 540 28.13 23.40 -19.73
CA GLN B 540 27.99 24.45 -18.72
C GLN B 540 29.01 24.27 -17.61
N ALA B 541 29.19 23.04 -17.14
CA ALA B 541 30.17 22.80 -16.08
C ALA B 541 31.58 23.18 -16.55
N VAL B 542 31.93 22.81 -17.78
CA VAL B 542 33.26 23.11 -18.30
C VAL B 542 33.47 24.61 -18.42
N VAL B 543 32.49 25.32 -18.98
CA VAL B 543 32.67 26.76 -19.16
C VAL B 543 32.69 27.48 -17.82
N GLY B 544 31.96 26.96 -16.83
CA GLY B 544 32.05 27.50 -15.49
C GLY B 544 33.36 27.16 -14.80
N GLY B 545 34.05 26.12 -15.26
CA GLY B 545 35.34 25.77 -14.74
C GLY B 545 36.49 26.58 -15.29
N GLY B 546 36.22 27.55 -16.16
CA GLY B 546 37.26 28.38 -16.71
C GLY B 546 37.96 27.84 -17.93
N GLY B 547 37.32 26.94 -18.67
CA GLY B 547 37.91 26.35 -19.84
C GLY B 547 37.44 26.88 -21.18
N LEU B 548 36.75 28.01 -21.20
CA LEU B 548 36.28 28.57 -22.47
C LEU B 548 37.45 28.95 -23.35
N GLY B 549 37.39 28.52 -24.61
CA GLY B 549 38.41 28.79 -25.59
C GLY B 549 39.48 27.74 -25.70
N VAL B 550 39.66 26.92 -24.66
CA VAL B 550 40.63 25.83 -24.67
C VAL B 550 39.95 24.47 -24.57
N LEU B 551 38.90 24.36 -23.76
CA LEU B 551 38.12 23.14 -23.64
C LEU B 551 36.90 23.14 -24.55
N VAL B 552 36.18 24.25 -24.62
CA VAL B 552 35.06 24.41 -25.54
C VAL B 552 35.17 25.78 -26.20
N SER B 553 34.48 25.94 -27.33
CA SER B 553 34.42 27.20 -28.04
C SER B 553 32.97 27.61 -28.23
N GLU B 554 32.77 28.87 -28.61
CA GLU B 554 31.42 29.36 -28.87
C GLU B 554 30.76 28.61 -30.01
N GLN B 555 31.53 28.22 -31.02
CA GLN B 555 30.96 27.44 -32.11
C GLN B 555 30.45 26.10 -31.62
N ASN B 556 31.12 25.50 -30.64
CA ASN B 556 30.64 24.23 -30.09
C ASN B 556 29.30 24.41 -29.40
N LEU B 557 29.15 25.46 -28.59
CA LEU B 557 27.87 25.72 -27.95
C LEU B 557 26.79 26.00 -28.99
N TYR B 558 27.14 26.73 -30.05
CA TYR B 558 26.19 26.99 -31.12
C TYR B 558 25.74 25.69 -31.78
N ASN B 559 26.69 24.77 -32.00
CA ASN B 559 26.34 23.48 -32.60
C ASN B 559 25.43 22.68 -31.68
N ILE B 560 25.71 22.70 -30.39
CA ILE B 560 24.87 21.97 -29.43
C ILE B 560 23.45 22.53 -29.44
N LEU B 561 23.34 23.86 -29.41
CA LEU B 561 22.01 24.49 -29.44
C LEU B 561 21.29 24.19 -30.74
N LYS B 562 22.01 24.20 -31.87
CA LYS B 562 21.40 23.85 -33.15
C LYS B 562 20.87 22.43 -33.12
N GLU B 563 21.66 21.49 -32.59
CA GLU B 563 21.21 20.11 -32.56
C GLU B 563 19.97 19.96 -31.69
N VAL B 564 19.96 20.61 -30.53
CA VAL B 564 18.80 20.53 -29.65
C VAL B 564 17.56 21.10 -30.34
N THR B 565 17.71 22.26 -30.99
CA THR B 565 16.57 22.90 -31.63
C THR B 565 16.04 22.06 -32.78
N GLU B 566 16.93 21.48 -33.60
CA GLU B 566 16.47 20.64 -34.70
C GLU B 566 15.80 19.37 -34.18
N ASN B 567 16.32 18.79 -33.09
CA ASN B 567 15.65 17.65 -32.50
C ASN B 567 14.28 18.01 -31.97
N ALA B 568 14.11 19.23 -31.45
CA ALA B 568 12.82 19.65 -30.94
C ALA B 568 11.77 19.74 -32.04
N GLY B 569 12.19 20.00 -33.28
CA GLY B 569 11.26 20.02 -34.38
C GLY B 569 11.31 21.27 -35.24
N TYR B 570 12.25 22.16 -34.96
CA TYR B 570 12.39 23.41 -35.70
C TYR B 570 13.60 23.29 -36.61
N LYS B 571 13.35 23.28 -37.92
CA LYS B 571 14.44 23.10 -38.88
C LYS B 571 15.33 24.34 -38.96
N ASP B 572 14.74 25.52 -38.87
CA ASP B 572 15.51 26.76 -38.94
C ASP B 572 16.00 27.12 -37.54
N PRO B 573 17.32 27.13 -37.30
CA PRO B 573 17.82 27.46 -35.97
C PRO B 573 18.15 28.92 -35.75
N ASP B 574 18.16 29.74 -36.81
CA ASP B 574 18.45 31.15 -36.66
C ASP B 574 17.30 31.94 -36.04
N ARG B 575 16.11 31.34 -35.95
CA ARG B 575 15.00 32.02 -35.31
C ARG B 575 15.18 32.13 -33.81
N PHE B 576 15.92 31.19 -33.21
CA PHE B 576 16.10 31.16 -31.77
C PHE B 576 17.53 31.43 -31.31
N TRP B 577 18.50 31.39 -32.21
CA TRP B 577 19.90 31.60 -31.84
C TRP B 577 20.58 32.43 -32.91
N THR B 578 21.74 32.99 -32.56
CA THR B 578 22.56 33.75 -33.48
C THR B 578 23.89 33.05 -33.67
N ASN B 579 24.34 32.98 -34.91
CA ASN B 579 25.64 32.38 -35.19
C ASN B 579 26.74 33.28 -34.65
N PRO B 580 27.64 32.75 -33.82
CA PRO B 580 28.73 33.58 -33.29
C PRO B 580 29.70 34.07 -34.35
N ASP B 581 29.69 33.48 -35.55
CA ASP B 581 30.53 33.94 -36.64
C ASP B 581 29.86 35.00 -37.50
N SER B 582 28.60 35.32 -37.24
CA SER B 582 27.91 36.35 -37.99
C SER B 582 28.50 37.72 -37.66
N PRO B 583 28.47 38.67 -38.61
CA PRO B 583 29.10 39.97 -38.36
C PRO B 583 28.53 40.70 -37.16
N GLU B 584 27.24 40.55 -36.88
CA GLU B 584 26.66 41.17 -35.69
C GLU B 584 27.31 40.62 -34.42
N ALA B 585 27.54 39.31 -34.38
CA ALA B 585 28.20 38.71 -33.23
C ALA B 585 29.63 39.22 -33.08
N GLN B 586 30.35 39.35 -34.20
CA GLN B 586 31.70 39.91 -34.15
C GLN B 586 31.68 41.33 -33.61
N GLN B 587 30.72 42.14 -34.06
CA GLN B 587 30.61 43.50 -33.55
C GLN B 587 30.32 43.52 -32.06
N ALA B 588 29.39 42.67 -31.62
CA ALA B 588 29.06 42.62 -30.20
C ALA B 588 30.26 42.22 -29.37
N LYS B 589 31.04 41.24 -29.85
CA LYS B 589 32.27 40.88 -29.17
C LYS B 589 33.26 42.03 -29.17
N ALA B 590 33.27 42.83 -30.25
CA ALA B 590 34.18 43.97 -30.31
C ALA B 590 33.87 44.97 -29.22
N ILE B 591 32.60 45.37 -29.08
CA ILE B 591 32.25 46.29 -28.00
C ILE B 591 32.47 45.65 -26.63
N ARG B 592 32.19 44.34 -26.49
CA ARG B 592 32.39 43.70 -25.20
C ARG B 592 33.87 43.74 -24.80
N GLU B 593 34.77 43.48 -25.75
CA GLU B 593 36.19 43.57 -25.46
C GLU B 593 36.62 45.00 -25.20
N GLN B 594 36.07 45.95 -25.97
CA GLN B 594 36.44 47.35 -25.80
C GLN B 594 36.04 47.89 -24.43
N LYS B 595 34.94 47.38 -23.88
CA LYS B 595 34.52 47.82 -22.55
C LYS B 595 35.45 47.32 -21.45
N GLU B 596 36.44 46.49 -21.77
CA GLU B 596 37.44 46.04 -20.82
C GLU B 596 38.73 46.84 -20.98
N ALA B 597 38.59 48.13 -21.30
CA ALA B 597 39.76 48.97 -21.52
C ALA B 597 40.58 49.12 -20.25
N GLN B 598 39.97 49.64 -19.19
CA GLN B 598 40.68 49.81 -17.92
C GLN B 598 39.77 49.45 -16.76
N PRO B 599 40.21 48.56 -15.87
CA PRO B 599 39.42 48.27 -14.67
C PRO B 599 39.56 49.38 -13.64
N LYS B 600 38.94 49.23 -12.48
CA LYS B 600 38.93 50.33 -11.53
C LYS B 600 40.31 50.59 -10.93
N PRO B 601 40.84 49.71 -10.08
CA PRO B 601 41.94 50.12 -9.19
C PRO B 601 43.29 50.32 -9.87
N GLU B 602 43.43 50.02 -11.16
CA GLU B 602 44.75 50.11 -11.81
C GLU B 602 45.28 51.54 -11.87
N ASP B 603 44.43 52.51 -12.18
CA ASP B 603 44.90 53.89 -12.14
C ASP B 603 45.15 54.37 -10.72
N ILE B 604 44.44 53.81 -9.73
CA ILE B 604 44.73 54.06 -8.32
C ILE B 604 46.15 53.61 -8.05
N LYS B 605 46.51 52.44 -8.60
CA LYS B 605 47.85 51.90 -8.41
C LYS B 605 48.89 52.82 -9.02
N ALA B 606 48.71 53.17 -10.30
CA ALA B 606 49.64 54.08 -10.96
C ALA B 606 49.67 55.45 -10.29
N GLN B 607 48.58 55.83 -9.64
CA GLN B 607 48.47 57.12 -8.97
C GLN B 607 49.29 57.14 -7.69
N ALA B 608 49.18 56.08 -6.90
CA ALA B 608 50.07 55.92 -5.75
C ALA B 608 51.52 55.84 -6.20
N ASP B 609 51.76 55.19 -7.34
CA ASP B 609 53.10 55.17 -7.91
C ASP B 609 53.58 56.59 -8.24
N ALA B 610 52.67 57.43 -8.73
CA ALA B 610 53.02 58.82 -9.03
C ALA B 610 53.47 59.56 -7.77
N GLN B 611 52.66 59.47 -6.70
CA GLN B 611 53.08 60.11 -5.45
C GLN B 611 54.39 59.56 -4.94
N ARG B 612 54.58 58.26 -5.03
CA ARG B 612 55.80 57.72 -4.44
C ARG B 612 57.03 57.98 -5.30
N ALA B 613 56.85 58.14 -6.62
CA ALA B 613 57.96 58.57 -7.46
C ALA B 613 58.33 60.03 -7.19
N GLN B 614 57.32 60.90 -7.04
CA GLN B 614 57.64 62.28 -6.68
C GLN B 614 58.24 62.35 -5.28
N SER B 615 57.84 61.44 -4.39
CA SER B 615 58.48 61.35 -3.08
C SER B 615 59.94 60.97 -3.21
N ASP B 616 60.24 60.00 -4.07
CA ASP B 616 61.63 59.63 -4.34
C ASP B 616 62.42 60.83 -4.85
N ALA B 617 61.86 61.55 -5.82
CA ALA B 617 62.52 62.74 -6.34
C ALA B 617 62.79 63.75 -5.22
N LEU B 618 61.73 64.28 -4.62
CA LEU B 618 61.86 65.24 -3.53
C LEU B 618 62.86 64.77 -2.49
N ALA B 619 62.89 63.47 -2.21
CA ALA B 619 63.82 62.93 -1.24
C ALA B 619 65.26 63.08 -1.69
N LYS B 620 65.56 62.67 -2.92
CA LYS B 620 66.94 62.72 -3.39
C LYS B 620 67.42 64.16 -3.49
N GLN B 621 66.58 65.05 -4.03
CA GLN B 621 66.95 66.46 -4.05
C GLN B 621 67.09 67.03 -2.64
N ALA B 622 66.25 66.60 -1.70
CA ALA B 622 66.37 67.11 -0.34
C ALA B 622 67.67 66.68 0.31
N GLU B 623 68.05 65.41 0.14
CA GLU B 623 69.29 64.92 0.71
C GLU B 623 70.50 65.62 0.09
N ALA B 624 70.54 65.71 -1.23
CA ALA B 624 71.65 66.38 -1.89
C ALA B 624 71.69 67.86 -1.52
N GLN B 625 70.53 68.50 -1.40
CA GLN B 625 70.46 69.91 -1.06
C GLN B 625 70.96 70.15 0.36
N MET B 626 70.60 69.28 1.30
CA MET B 626 71.08 69.44 2.66
C MET B 626 72.59 69.20 2.75
N LYS B 627 73.09 68.22 2.01
CA LYS B 627 74.54 68.00 1.96
C LYS B 627 75.26 69.22 1.41
N GLN B 628 74.74 69.78 0.32
CA GLN B 628 75.36 70.97 -0.25
C GLN B 628 75.24 72.18 0.67
N VAL B 629 74.13 72.26 1.44
CA VAL B 629 74.01 73.32 2.43
C VAL B 629 75.12 73.20 3.47
N GLU B 630 75.28 72.01 4.03
CA GLU B 630 76.33 71.82 5.03
C GLU B 630 77.72 71.97 4.41
N ALA B 631 77.81 71.86 3.09
CA ALA B 631 79.09 72.07 2.42
C ALA B 631 79.49 73.53 2.39
N GLN B 632 78.56 74.43 2.05
CA GLN B 632 78.91 75.82 1.77
C GLN B 632 77.91 76.80 2.39
N ILE B 633 77.49 76.55 3.63
CA ILE B 633 76.84 77.57 4.44
C ILE B 633 77.51 77.72 5.80
N ARG B 634 78.44 76.83 6.14
CA ARG B 634 79.06 76.79 7.46
C ARG B 634 80.50 77.28 7.42
N LEU B 635 81.35 76.62 6.62
CA LEU B 635 82.78 76.94 6.63
C LEU B 635 83.03 78.41 6.30
N ALA B 636 82.11 79.02 5.54
CA ALA B 636 82.25 80.43 5.20
C ALA B 636 82.22 81.31 6.44
N GLU B 637 81.40 80.97 7.44
CA GLU B 637 81.31 81.79 8.63
C GLU B 637 82.28 81.35 9.74
N ILE B 638 82.97 80.22 9.59
CA ILE B 638 84.10 79.92 10.46
C ILE B 638 85.36 80.62 9.95
N GLU B 639 85.57 80.60 8.63
CA GLU B 639 86.79 81.21 8.08
C GLU B 639 86.82 82.71 8.30
N LEU B 640 85.68 83.35 8.53
CA LEU B 640 85.65 84.77 8.87
C LEU B 640 84.95 84.98 10.20
N MET C 11 62.52 -43.55 -51.42
CA MET C 11 61.82 -43.26 -50.17
C MET C 11 61.39 -41.80 -50.17
N ASP C 12 60.53 -41.44 -51.12
CA ASP C 12 60.04 -40.08 -51.26
C ASP C 12 58.54 -40.01 -51.55
N ASP C 13 57.87 -41.14 -51.67
CA ASP C 13 56.40 -41.19 -51.75
C ASP C 13 55.90 -40.38 -52.96
N GLU C 14 56.23 -40.89 -54.15
CA GLU C 14 55.85 -40.23 -55.39
C GLU C 14 54.32 -40.20 -55.54
N GLN C 15 53.88 -39.55 -56.62
CA GLN C 15 52.48 -39.20 -56.77
C GLN C 15 51.59 -40.44 -56.85
N VAL C 16 52.10 -41.54 -57.39
CA VAL C 16 51.27 -42.74 -57.54
C VAL C 16 50.90 -43.30 -56.18
N LEU C 17 51.88 -43.40 -55.28
CA LEU C 17 51.61 -43.95 -53.95
C LEU C 17 50.65 -43.07 -53.17
N ARG C 18 50.79 -41.75 -53.28
CA ARG C 18 49.90 -40.87 -52.53
C ARG C 18 48.50 -40.86 -53.14
N HIS C 19 48.39 -41.03 -54.46
CA HIS C 19 47.08 -41.30 -55.04
C HIS C 19 46.46 -42.56 -54.45
N LEU C 20 47.26 -43.63 -54.35
CA LEU C 20 46.75 -44.88 -53.81
C LEU C 20 46.22 -44.67 -52.39
N ASP C 21 47.02 -44.01 -51.56
CA ASP C 21 46.61 -43.78 -50.17
C ASP C 21 45.36 -42.90 -50.10
N GLN C 22 45.32 -41.83 -50.90
CA GLN C 22 44.17 -40.93 -50.87
C GLN C 22 42.90 -41.64 -51.29
N LEU C 23 42.97 -42.44 -52.37
CA LEU C 23 41.79 -43.16 -52.81
C LEU C 23 41.37 -44.21 -51.79
N VAL C 24 42.32 -44.88 -51.15
CA VAL C 24 41.95 -45.84 -50.12
C VAL C 24 41.20 -45.14 -48.99
N ASN C 25 41.76 -44.03 -48.50
CA ASN C 25 41.12 -43.32 -47.40
C ASN C 25 39.75 -42.78 -47.80
N ASP C 26 39.63 -42.26 -49.02
CA ASP C 26 38.36 -41.67 -49.45
C ASP C 26 37.30 -42.74 -49.66
N ALA C 27 37.65 -43.81 -50.38
CA ALA C 27 36.69 -44.88 -50.62
C ALA C 27 36.36 -45.66 -49.35
N LEU C 28 37.17 -45.53 -48.30
CA LEU C 28 36.76 -46.03 -47.00
C LEU C 28 35.43 -45.40 -46.58
N ASP C 29 35.27 -44.11 -46.83
CA ASP C 29 34.03 -43.41 -46.59
C ASP C 29 33.18 -43.45 -47.86
N PHE C 30 32.12 -42.63 -47.94
CA PHE C 30 31.18 -42.62 -49.05
C PHE C 30 30.50 -43.98 -49.21
N ASN C 31 29.81 -44.43 -48.17
CA ASN C 31 29.13 -45.72 -48.21
C ASN C 31 27.88 -45.63 -47.34
N SER C 32 27.06 -46.69 -47.41
CA SER C 32 25.85 -46.75 -46.61
C SER C 32 26.19 -47.07 -45.16
N SER C 33 26.45 -46.04 -44.37
CA SER C 33 26.77 -46.18 -42.96
C SER C 33 25.61 -45.72 -42.10
N GLU C 34 25.69 -46.01 -40.80
CA GLU C 34 24.61 -45.65 -39.90
C GLU C 34 24.50 -44.14 -39.74
N LEU C 35 25.62 -43.41 -39.82
CA LEU C 35 25.58 -41.97 -39.62
C LEU C 35 24.72 -41.28 -40.67
N SER C 36 24.94 -41.60 -41.94
CA SER C 36 24.17 -40.96 -43.00
C SER C 36 22.69 -41.34 -42.91
N LYS C 37 22.40 -42.59 -42.57
CA LYS C 37 21.02 -43.01 -42.41
C LYS C 37 20.33 -42.21 -41.31
N GLN C 38 21.00 -42.06 -40.16
CA GLN C 38 20.41 -41.32 -39.06
C GLN C 38 20.21 -39.85 -39.43
N ARG C 39 21.18 -39.25 -40.12
CA ARG C 39 21.03 -37.84 -40.49
C ARG C 39 19.87 -37.65 -41.48
N SER C 40 19.77 -38.53 -42.48
CA SER C 40 18.68 -38.43 -43.44
C SER C 40 17.33 -38.65 -42.76
N GLU C 41 17.26 -39.60 -41.83
CA GLU C 41 16.02 -39.83 -41.10
C GLU C 41 15.65 -38.62 -40.27
N ALA C 42 16.64 -37.97 -39.65
CA ALA C 42 16.36 -36.76 -38.88
C ALA C 42 15.77 -35.68 -39.76
N LEU C 43 16.36 -35.47 -40.94
CA LEU C 43 15.85 -34.41 -41.81
C LEU C 43 14.46 -34.77 -42.33
N LYS C 44 14.22 -36.05 -42.63
CA LYS C 44 12.89 -36.49 -43.05
C LYS C 44 11.86 -36.23 -41.96
N TYR C 45 12.19 -36.56 -40.71
CA TYR C 45 11.27 -36.30 -39.61
C TYR C 45 11.01 -34.81 -39.47
N TYR C 46 12.03 -33.99 -39.70
CA TYR C 46 11.83 -32.54 -39.66
C TYR C 46 10.84 -32.10 -40.74
N PHE C 47 10.96 -32.64 -41.95
CA PHE C 47 10.06 -32.24 -43.01
C PHE C 47 8.65 -32.81 -42.85
N GLY C 48 8.47 -33.78 -41.95
CA GLY C 48 7.18 -34.39 -41.80
C GLY C 48 6.82 -35.39 -42.88
N GLU C 49 7.80 -36.07 -43.44
CA GLU C 49 7.55 -37.04 -44.49
C GLU C 49 6.85 -38.27 -43.92
N PRO C 50 6.10 -39.00 -44.76
CA PRO C 50 5.46 -40.23 -44.29
C PRO C 50 6.47 -41.27 -43.84
N PHE C 51 6.08 -42.05 -42.84
CA PHE C 51 6.97 -43.06 -42.28
C PHE C 51 7.15 -44.24 -43.23
N GLY C 52 6.11 -44.59 -43.99
CA GLY C 52 6.15 -45.73 -44.88
C GLY C 52 5.22 -46.86 -44.50
N ASN C 53 4.45 -46.72 -43.43
CA ASN C 53 3.48 -47.75 -43.02
C ASN C 53 2.05 -47.32 -43.30
N GLU C 54 1.86 -46.30 -44.14
CA GLU C 54 0.52 -45.80 -44.42
C GLU C 54 -0.24 -46.77 -45.30
N ARG C 55 -1.55 -46.87 -45.06
CA ARG C 55 -2.44 -47.70 -45.84
C ARG C 55 -3.18 -46.85 -46.87
N PRO C 56 -3.61 -47.45 -47.98
CA PRO C 56 -4.18 -46.66 -49.08
C PRO C 56 -5.38 -45.80 -48.68
N GLY C 57 -6.26 -46.31 -47.84
CA GLY C 57 -7.50 -45.60 -47.57
C GLY C 57 -7.68 -45.05 -46.17
N LYS C 58 -6.62 -45.10 -45.36
CA LYS C 58 -6.70 -44.66 -43.97
C LYS C 58 -6.00 -43.32 -43.81
N SER C 59 -6.03 -42.81 -42.58
CA SER C 59 -5.40 -41.54 -42.27
C SER C 59 -3.88 -41.64 -42.36
N ALA C 60 -3.25 -40.50 -42.65
CA ALA C 60 -1.80 -40.45 -42.77
C ALA C 60 -1.22 -39.22 -42.10
N ILE C 61 -1.87 -38.73 -41.05
CA ILE C 61 -1.39 -37.54 -40.36
C ILE C 61 -0.08 -37.86 -39.64
N VAL C 62 0.80 -36.87 -39.57
CA VAL C 62 2.10 -37.01 -38.92
C VAL C 62 2.25 -35.90 -37.89
N SER C 63 2.62 -36.28 -36.66
CA SER C 63 2.87 -35.31 -35.61
C SER C 63 4.20 -34.61 -35.85
N ARG C 64 4.27 -33.34 -35.47
CA ARG C 64 5.45 -32.50 -35.68
C ARG C 64 6.07 -32.21 -34.31
N ASP C 65 7.18 -32.87 -34.00
CA ASP C 65 7.88 -32.67 -32.74
C ASP C 65 9.29 -32.13 -32.92
N VAL C 66 10.08 -32.78 -33.78
CA VAL C 66 11.44 -32.30 -34.03
C VAL C 66 11.41 -30.89 -34.61
N GLN C 67 10.47 -30.65 -35.53
CA GLN C 67 10.33 -29.33 -36.14
C GLN C 67 10.01 -28.28 -35.08
N GLU C 68 9.08 -28.59 -34.19
CA GLU C 68 8.70 -27.64 -33.15
C GLU C 68 9.88 -27.35 -32.23
N THR C 69 10.61 -28.37 -31.81
CA THR C 69 11.74 -28.16 -30.91
C THR C 69 12.82 -27.31 -31.57
N VAL C 70 13.16 -27.63 -32.82
CA VAL C 70 14.20 -26.86 -33.51
C VAL C 70 13.77 -25.41 -33.69
N ASP C 71 12.51 -25.20 -34.09
CA ASP C 71 12.03 -23.84 -34.32
C ASP C 71 11.85 -23.06 -33.04
N TRP C 72 11.70 -23.73 -31.90
CA TRP C 72 11.65 -23.02 -30.63
C TRP C 72 13.04 -22.73 -30.08
N ILE C 73 14.04 -23.54 -30.47
CA ILE C 73 15.38 -23.29 -29.96
C ILE C 73 16.10 -22.21 -30.77
N MET C 74 15.91 -22.21 -32.10
CA MET C 74 16.73 -21.36 -32.96
C MET C 74 16.65 -19.87 -32.65
N PRO C 75 15.47 -19.25 -32.50
CA PRO C 75 15.44 -17.77 -32.38
C PRO C 75 16.24 -17.24 -31.20
N SER C 76 16.22 -17.93 -30.07
CA SER C 76 17.04 -17.49 -28.94
C SER C 76 18.52 -17.60 -29.27
N LEU C 77 18.90 -18.68 -29.95
CA LEU C 77 20.30 -18.87 -30.34
C LEU C 77 20.75 -17.84 -31.36
N MET C 78 19.83 -17.19 -32.05
CA MET C 78 20.22 -16.10 -32.94
C MET C 78 20.26 -14.75 -32.22
N LYS C 79 19.24 -14.48 -31.40
CA LYS C 79 19.22 -13.27 -30.59
C LYS C 79 20.49 -13.16 -29.76
N VAL C 80 20.84 -14.24 -29.05
CA VAL C 80 22.21 -14.38 -28.58
C VAL C 80 23.11 -14.60 -29.78
N PHE C 81 24.25 -13.93 -29.81
CA PHE C 81 25.28 -13.92 -30.85
C PHE C 81 24.92 -13.00 -32.03
N THR C 82 23.74 -12.38 -32.09
CA THR C 82 23.51 -11.52 -33.23
C THR C 82 22.98 -10.13 -32.87
N SER C 83 22.22 -10.03 -31.77
CA SER C 83 21.38 -8.86 -31.55
C SER C 83 22.20 -7.57 -31.49
N GLY C 84 23.41 -7.63 -30.96
CA GLY C 84 24.16 -6.42 -30.71
C GLY C 84 24.79 -5.75 -31.91
N GLY C 85 24.63 -6.30 -33.10
CA GLY C 85 25.35 -5.77 -34.26
C GLY C 85 26.77 -6.27 -34.34
N GLN C 86 27.57 -6.05 -33.30
CA GLN C 86 28.88 -6.68 -33.21
C GLN C 86 28.73 -8.14 -32.83
N VAL C 87 29.69 -8.96 -33.26
CA VAL C 87 29.67 -10.38 -32.96
C VAL C 87 30.86 -10.83 -32.13
N VAL C 88 31.99 -10.14 -32.18
CA VAL C 88 33.19 -10.54 -31.45
C VAL C 88 33.80 -9.30 -30.81
N LYS C 89 34.56 -9.52 -29.72
CA LYS C 89 35.32 -8.44 -29.12
C LYS C 89 36.65 -8.98 -28.62
N TYR C 90 37.74 -8.34 -29.02
CA TYR C 90 39.08 -8.76 -28.62
C TYR C 90 39.54 -7.89 -27.47
N GLU C 91 39.89 -8.52 -26.36
CA GLU C 91 40.32 -7.75 -25.20
C GLU C 91 41.83 -7.85 -25.05
N PRO C 92 42.51 -6.73 -24.80
CA PRO C 92 43.97 -6.77 -24.67
C PRO C 92 44.40 -7.45 -23.39
N GLN C 93 45.60 -8.02 -23.42
CA GLN C 93 46.18 -8.67 -22.26
C GLN C 93 46.86 -7.66 -21.34
N THR C 94 47.67 -6.77 -21.91
CA THR C 94 48.33 -5.71 -21.17
C THR C 94 47.95 -4.36 -21.78
N ALA C 95 48.47 -3.29 -21.17
CA ALA C 95 48.17 -1.95 -21.66
C ALA C 95 48.87 -1.63 -22.98
N GLU C 96 49.81 -2.46 -23.42
CA GLU C 96 50.55 -2.21 -24.63
C GLU C 96 49.90 -2.81 -25.87
N ASP C 97 48.78 -3.53 -25.70
CA ASP C 97 48.08 -4.14 -26.81
C ASP C 97 46.78 -3.45 -27.16
N VAL C 98 46.39 -2.39 -26.42
CA VAL C 98 45.05 -1.84 -26.52
C VAL C 98 44.74 -1.44 -27.95
N GLU C 99 45.63 -0.67 -28.57
CA GLU C 99 45.40 -0.23 -29.94
C GLU C 99 45.24 -1.43 -30.87
N GLN C 100 46.10 -2.44 -30.72
CA GLN C 100 45.94 -3.65 -31.51
C GLN C 100 44.58 -4.28 -31.26
N ALA C 101 44.19 -4.36 -29.97
CA ALA C 101 42.89 -4.92 -29.65
C ALA C 101 41.76 -4.17 -30.33
N GLU C 102 41.95 -2.88 -30.58
CA GLU C 102 40.94 -2.14 -31.31
C GLU C 102 40.92 -2.56 -32.77
N GLN C 103 42.09 -2.62 -33.40
CA GLN C 103 42.16 -2.83 -34.84
C GLN C 103 41.45 -4.11 -35.24
N GLU C 104 41.81 -5.23 -34.63
CA GLU C 104 41.15 -6.49 -34.92
C GLU C 104 39.66 -6.38 -34.67
N THR C 105 39.27 -5.79 -33.54
CA THR C 105 37.85 -5.69 -33.23
C THR C 105 37.09 -4.92 -34.29
N GLU C 106 37.78 -4.00 -34.97
CA GLU C 106 37.14 -3.27 -36.06
C GLU C 106 37.35 -3.94 -37.40
N TYR C 107 38.41 -4.73 -37.54
CA TYR C 107 38.66 -5.44 -38.79
C TYR C 107 37.80 -6.70 -38.87
N VAL C 108 37.99 -7.61 -37.91
CA VAL C 108 37.16 -8.81 -37.83
C VAL C 108 35.82 -8.41 -37.26
N ASN C 109 34.81 -8.32 -38.12
CA ASN C 109 33.51 -7.67 -37.94
C ASN C 109 33.15 -7.05 -39.28
N TYR C 110 34.11 -6.33 -39.86
CA TYR C 110 33.96 -5.89 -41.23
C TYR C 110 34.09 -7.05 -42.21
N LEU C 111 34.99 -7.99 -41.90
CA LEU C 111 35.14 -9.17 -42.75
C LEU C 111 33.96 -10.12 -42.62
N PHE C 112 33.47 -10.31 -41.40
CA PHE C 112 32.45 -11.33 -41.16
C PHE C 112 31.06 -10.85 -41.54
N MET C 113 30.71 -9.60 -41.21
CA MET C 113 29.36 -9.12 -41.39
C MET C 113 29.14 -8.32 -42.67
N ARG C 114 30.20 -7.78 -43.26
CA ARG C 114 30.06 -6.92 -44.43
C ARG C 114 30.75 -7.45 -45.67
N LYS C 115 31.47 -8.58 -45.58
CA LYS C 115 32.16 -9.13 -46.74
C LYS C 115 31.87 -10.61 -46.95
N ASN C 116 31.14 -11.26 -46.05
CA ASN C 116 31.03 -12.72 -46.13
C ASN C 116 29.64 -13.26 -45.81
N GLU C 117 28.64 -12.41 -45.58
CA GLU C 117 27.30 -12.86 -45.21
C GLU C 117 27.33 -13.71 -43.94
N GLY C 118 27.75 -13.07 -42.84
CA GLY C 118 27.95 -13.80 -41.61
C GLY C 118 26.67 -14.37 -41.03
N PHE C 119 25.56 -13.64 -41.14
CA PHE C 119 24.31 -14.07 -40.53
C PHE C 119 23.83 -15.39 -41.14
N LYS C 120 23.87 -15.49 -42.47
CA LYS C 120 23.41 -16.70 -43.13
C LYS C 120 24.31 -17.89 -42.79
N VAL C 121 25.62 -17.67 -42.76
CA VAL C 121 26.55 -18.75 -42.42
C VAL C 121 26.31 -19.24 -41.01
N MET C 122 26.13 -18.30 -40.07
CA MET C 122 25.88 -18.69 -38.69
C MET C 122 24.56 -19.42 -38.54
N PHE C 123 23.52 -18.98 -39.25
CA PHE C 123 22.24 -19.66 -39.18
C PHE C 123 22.35 -21.09 -39.71
N ASP C 124 23.02 -21.26 -40.85
CA ASP C 124 23.19 -22.59 -41.40
C ASP C 124 23.99 -23.48 -40.45
N TRP C 125 25.04 -22.92 -39.85
CA TRP C 125 25.85 -23.64 -38.88
C TRP C 125 25.00 -24.15 -37.73
N PHE C 126 24.23 -23.25 -37.11
CA PHE C 126 23.43 -23.64 -35.94
C PHE C 126 22.37 -24.66 -36.31
N GLN C 127 21.69 -24.44 -37.44
CA GLN C 127 20.62 -25.36 -37.82
C GLN C 127 21.18 -26.73 -38.17
N ASP C 128 22.34 -26.80 -38.82
CA ASP C 128 22.95 -28.09 -39.08
C ASP C 128 23.36 -28.78 -37.79
N THR C 129 23.88 -28.02 -36.82
CA THR C 129 24.26 -28.62 -35.55
C THR C 129 23.05 -29.20 -34.83
N LEU C 130 21.93 -28.48 -34.84
CA LEU C 130 20.75 -28.97 -34.14
C LEU C 130 20.09 -30.13 -34.89
N MET C 131 20.06 -30.05 -36.21
CA MET C 131 19.37 -31.06 -37.02
C MET C 131 20.20 -32.32 -37.14
N MET C 132 21.39 -32.21 -37.74
CA MET C 132 22.34 -33.31 -37.79
C MET C 132 23.07 -33.37 -36.45
N LYS C 133 24.16 -34.13 -36.39
CA LYS C 133 24.86 -34.31 -35.13
C LYS C 133 25.92 -33.25 -34.88
N THR C 134 26.48 -32.65 -35.92
CA THR C 134 27.52 -31.65 -35.73
C THR C 134 27.52 -30.70 -36.93
N GLY C 135 28.02 -29.49 -36.71
CA GLY C 135 28.10 -28.50 -37.76
C GLY C 135 29.52 -28.06 -37.99
N VAL C 136 29.84 -27.76 -39.25
CA VAL C 136 31.20 -27.44 -39.66
C VAL C 136 31.21 -26.16 -40.50
N VAL C 137 32.20 -25.31 -40.24
CA VAL C 137 32.39 -24.06 -40.97
C VAL C 137 33.87 -23.93 -41.32
N LYS C 138 34.15 -23.45 -42.53
CA LYS C 138 35.51 -23.35 -43.04
C LYS C 138 35.93 -21.90 -43.24
N VAL C 139 37.19 -21.61 -42.95
CA VAL C 139 37.80 -20.31 -43.19
C VAL C 139 39.00 -20.51 -44.10
N TYR C 140 39.10 -19.72 -45.16
CA TYR C 140 40.19 -19.90 -46.11
C TYR C 140 40.51 -18.58 -46.79
N VAL C 141 41.54 -18.62 -47.64
CA VAL C 141 41.96 -17.48 -48.45
C VAL C 141 41.65 -17.79 -49.90
N GLU C 142 40.97 -16.86 -50.56
CA GLU C 142 40.51 -17.10 -51.93
C GLU C 142 41.68 -17.34 -52.88
N GLU C 143 41.56 -18.39 -53.70
CA GLU C 143 42.59 -18.73 -54.68
C GLU C 143 42.16 -18.52 -56.11
N VAL C 144 40.86 -18.45 -56.39
CA VAL C 144 40.34 -18.22 -57.73
C VAL C 144 40.03 -16.72 -57.83
N LEU C 145 40.75 -16.03 -58.70
CA LEU C 145 40.66 -14.58 -58.83
C LEU C 145 40.07 -14.23 -60.19
N ASN C 146 38.76 -14.06 -60.23
CA ASN C 146 38.05 -13.71 -61.46
C ASN C 146 38.29 -12.25 -61.82
N PRO C 147 38.42 -11.94 -63.11
CA PRO C 147 38.43 -10.54 -63.54
C PRO C 147 37.07 -9.91 -63.36
N THR C 148 37.07 -8.58 -63.21
CA THR C 148 35.84 -7.84 -62.96
C THR C 148 35.67 -6.74 -64.00
N PHE C 149 34.42 -6.33 -64.19
CA PHE C 149 34.06 -5.25 -65.10
C PHE C 149 33.27 -4.20 -64.33
N GLU C 150 33.61 -2.93 -64.54
CA GLU C 150 32.93 -1.84 -63.86
C GLU C 150 32.45 -0.81 -64.86
N ARG C 151 31.34 -0.14 -64.51
CA ARG C 151 30.78 0.94 -65.29
C ARG C 151 30.47 2.11 -64.37
N PHE C 152 30.83 3.31 -64.81
CA PHE C 152 30.56 4.54 -64.06
C PHE C 152 30.00 5.59 -65.00
N SER C 153 29.19 6.48 -64.45
CA SER C 153 28.61 7.58 -65.22
C SER C 153 28.42 8.78 -64.31
N GLY C 154 28.57 9.97 -64.89
CA GLY C 154 28.39 11.19 -64.14
C GLY C 154 29.57 11.59 -63.29
N LEU C 155 30.78 11.17 -63.64
CA LEU C 155 31.97 11.46 -62.86
C LEU C 155 32.62 12.76 -63.31
N SER C 156 33.56 13.24 -62.51
CA SER C 156 34.29 14.47 -62.79
C SER C 156 35.69 14.15 -63.31
N GLU C 157 36.48 15.21 -63.51
CA GLU C 157 37.84 15.05 -64.00
C GLU C 157 38.71 14.27 -63.00
N GLU C 158 38.71 14.71 -61.74
CA GLU C 158 39.59 14.11 -60.75
C GLU C 158 39.24 12.65 -60.51
N MET C 159 37.95 12.33 -60.47
CA MET C 159 37.52 10.96 -60.25
C MET C 159 38.00 10.04 -61.36
N VAL C 160 37.86 10.49 -62.61
CA VAL C 160 38.29 9.69 -63.76
C VAL C 160 39.80 9.53 -63.74
N ALA C 161 40.54 10.60 -63.43
CA ALA C 161 41.99 10.50 -63.37
C ALA C 161 42.43 9.52 -62.30
N ASP C 162 41.80 9.57 -61.13
CA ASP C 162 42.14 8.65 -60.05
C ASP C 162 41.84 7.21 -60.44
N ILE C 163 40.70 6.99 -61.10
CA ILE C 163 40.36 5.64 -61.52
C ILE C 163 41.36 5.12 -62.54
N LEU C 164 41.76 5.96 -63.49
CA LEU C 164 42.62 5.53 -64.59
C LEU C 164 44.10 5.52 -64.22
N ALA C 165 44.48 6.07 -63.07
CA ALA C 165 45.88 6.01 -62.68
C ALA C 165 46.33 4.59 -62.33
N ASP C 166 45.40 3.69 -62.04
CA ASP C 166 45.76 2.33 -61.66
C ASP C 166 46.32 1.59 -62.87
N PRO C 167 47.51 1.00 -62.77
CA PRO C 167 48.07 0.24 -63.90
C PRO C 167 47.45 -1.14 -64.09
N ASP C 168 46.49 -1.53 -63.27
CA ASP C 168 45.85 -2.84 -63.37
C ASP C 168 44.45 -2.76 -63.99
N THR C 169 44.13 -1.64 -64.64
CA THR C 169 42.82 -1.42 -65.22
C THR C 169 42.97 -1.15 -66.71
N GLU C 170 41.99 -1.63 -67.50
CA GLU C 170 41.97 -1.44 -68.94
C GLU C 170 40.71 -0.69 -69.33
N ILE C 171 40.87 0.30 -70.20
CA ILE C 171 39.72 1.05 -70.71
C ILE C 171 39.02 0.22 -71.78
N LEU C 172 37.71 0.02 -71.60
CA LEU C 172 36.88 -0.54 -72.65
C LEU C 172 36.00 0.49 -73.33
N ALA C 173 35.57 1.52 -72.62
CA ALA C 173 34.74 2.56 -73.22
C ALA C 173 34.87 3.85 -72.44
N GLN C 174 34.85 4.97 -73.14
CA GLN C 174 34.91 6.28 -72.51
C GLN C 174 34.09 7.27 -73.33
N SER C 175 33.32 8.11 -72.65
CA SER C 175 32.46 9.07 -73.33
C SER C 175 32.28 10.30 -72.46
N VAL C 176 32.03 11.43 -73.13
CA VAL C 176 31.77 12.70 -72.47
C VAL C 176 30.39 13.18 -72.88
N ASP C 177 29.60 13.59 -71.89
CA ASP C 177 28.23 14.04 -72.11
C ASP C 177 28.16 15.56 -71.98
N GLU C 178 26.97 16.08 -72.22
CA GLU C 178 26.72 17.50 -71.95
C GLU C 178 26.93 17.76 -70.47
N ASP C 179 27.58 18.90 -70.17
CA ASP C 179 28.15 19.19 -68.86
C ASP C 179 29.37 18.31 -68.64
N GLY C 180 30.39 18.81 -67.96
CA GLY C 180 31.65 18.10 -67.89
C GLY C 180 31.58 16.86 -67.02
N THR C 181 30.82 15.87 -67.48
CA THR C 181 30.71 14.59 -66.81
C THR C 181 31.13 13.48 -67.75
N TYR C 182 31.62 12.38 -67.18
CA TYR C 182 32.22 11.30 -67.94
C TYR C 182 31.47 10.00 -67.68
N SER C 183 31.52 9.11 -68.67
CA SER C 183 31.01 7.76 -68.55
C SER C 183 32.10 6.80 -69.00
N ILE C 184 32.47 5.86 -68.14
CA ILE C 184 33.57 4.94 -68.43
C ILE C 184 33.13 3.51 -68.17
N LYS C 185 33.74 2.60 -68.92
CA LYS C 185 33.56 1.17 -68.75
C LYS C 185 34.95 0.55 -68.78
N ILE C 186 35.33 -0.13 -67.69
CA ILE C 186 36.69 -0.60 -67.49
C ILE C 186 36.67 -2.07 -67.07
N ARG C 187 37.83 -2.71 -67.26
CA ARG C 187 38.08 -4.07 -66.84
C ARG C 187 39.25 -4.09 -65.88
N LYS C 188 39.10 -4.81 -64.76
CA LYS C 188 40.08 -4.81 -63.70
C LYS C 188 40.45 -6.24 -63.33
N ASP C 189 41.74 -6.46 -63.05
CA ASP C 189 42.26 -7.73 -62.58
C ASP C 189 42.86 -7.50 -61.20
N LYS C 190 42.10 -7.84 -60.17
CA LYS C 190 42.50 -7.60 -58.79
C LYS C 190 43.36 -8.74 -58.27
N LYS C 191 44.42 -8.38 -57.54
CA LYS C 191 45.39 -9.36 -57.06
C LYS C 191 45.46 -9.48 -55.54
N LYS C 192 44.81 -8.59 -54.80
CA LYS C 192 44.95 -8.61 -53.35
C LYS C 192 44.22 -9.82 -52.75
N ARG C 193 44.59 -10.14 -51.53
CA ARG C 193 44.09 -11.35 -50.87
C ARG C 193 42.67 -11.13 -50.38
N GLU C 194 41.87 -12.20 -50.40
CA GLU C 194 40.52 -12.19 -49.85
C GLU C 194 40.38 -13.32 -48.83
N ILE C 195 39.72 -13.02 -47.72
CA ILE C 195 39.46 -13.99 -46.67
C ILE C 195 37.99 -14.36 -46.71
N LYS C 196 37.69 -15.65 -46.83
CA LYS C 196 36.33 -16.12 -46.98
C LYS C 196 35.97 -17.12 -45.88
N VAL C 197 34.71 -17.08 -45.47
CA VAL C 197 34.14 -18.03 -44.52
C VAL C 197 32.94 -18.67 -45.19
N THR C 198 32.88 -20.00 -45.16
CA THR C 198 31.83 -20.73 -45.85
C THR C 198 31.23 -21.81 -44.96
N CYS C 199 29.97 -22.11 -45.22
CA CYS C 199 29.29 -23.25 -44.62
C CYS C 199 29.44 -24.47 -45.51
N ILE C 200 29.56 -25.63 -44.88
CA ILE C 200 29.79 -26.88 -45.58
C ILE C 200 28.60 -27.80 -45.36
N LYS C 201 28.07 -28.36 -46.45
CA LYS C 201 27.02 -29.34 -46.33
C LYS C 201 27.52 -30.57 -45.58
N PRO C 202 26.73 -31.15 -44.68
CA PRO C 202 27.23 -32.26 -43.87
C PRO C 202 27.70 -33.45 -44.68
N GLU C 203 27.09 -33.70 -45.85
CA GLU C 203 27.50 -34.84 -46.65
C GLU C 203 28.79 -34.63 -47.42
N ASN C 204 29.29 -33.40 -47.48
CA ASN C 204 30.50 -33.09 -48.22
C ASN C 204 31.73 -32.97 -47.34
N PHE C 205 31.62 -33.30 -46.05
CA PHE C 205 32.73 -33.25 -45.11
C PHE C 205 33.04 -34.66 -44.65
N LEU C 206 34.30 -35.07 -44.77
CA LEU C 206 34.71 -36.43 -44.45
C LEU C 206 35.74 -36.40 -43.32
N VAL C 207 35.48 -37.22 -42.29
CA VAL C 207 36.37 -37.34 -41.14
C VAL C 207 36.56 -38.83 -40.85
N ASP C 208 37.77 -39.18 -40.41
CA ASP C 208 38.05 -40.56 -40.07
C ASP C 208 37.29 -40.97 -38.81
N ARG C 209 37.26 -42.27 -38.56
CA ARG C 209 36.41 -42.83 -37.50
C ARG C 209 37.10 -42.92 -36.15
N LEU C 210 38.25 -42.26 -35.98
CA LEU C 210 38.97 -42.29 -34.70
C LEU C 210 39.34 -40.90 -34.21
N ALA C 211 38.74 -39.85 -34.77
CA ALA C 211 39.16 -38.48 -34.49
C ALA C 211 38.94 -38.07 -33.04
N THR C 212 37.67 -37.99 -32.62
CA THR C 212 37.24 -37.51 -31.31
C THR C 212 37.39 -36.00 -31.16
N CYS C 213 38.04 -35.35 -32.12
CA CYS C 213 38.13 -33.90 -32.22
C CYS C 213 38.89 -33.57 -33.50
N ILE C 214 38.80 -32.32 -33.92
CA ILE C 214 39.45 -31.90 -35.16
C ILE C 214 40.96 -31.88 -35.01
N ASP C 215 41.45 -31.36 -33.88
CA ASP C 215 42.88 -31.10 -33.72
C ASP C 215 43.74 -32.36 -33.76
N ASP C 216 43.16 -33.55 -33.59
CA ASP C 216 43.93 -34.78 -33.63
C ASP C 216 43.46 -35.74 -34.71
N ALA C 217 42.59 -35.30 -35.60
CA ALA C 217 42.11 -36.16 -36.67
C ALA C 217 43.23 -36.45 -37.66
N ARG C 218 43.34 -37.72 -38.05
CA ARG C 218 44.36 -38.13 -39.01
C ARG C 218 44.03 -37.73 -40.44
N PHE C 219 42.75 -37.60 -40.76
CA PHE C 219 42.35 -37.35 -42.15
C PHE C 219 41.05 -36.58 -42.16
N LEU C 220 41.08 -35.36 -42.71
CA LEU C 220 39.88 -34.58 -42.99
C LEU C 220 39.85 -34.34 -44.50
N CYS C 221 38.65 -34.24 -45.06
CA CYS C 221 38.59 -33.91 -46.48
C CYS C 221 37.30 -33.18 -46.81
N HIS C 222 37.41 -32.24 -47.75
CA HIS C 222 36.31 -31.43 -48.22
C HIS C 222 36.12 -31.69 -49.71
N ARG C 223 34.90 -32.06 -50.09
CA ARG C 223 34.55 -32.34 -51.47
C ARG C 223 33.69 -31.20 -52.00
N GLU C 224 34.06 -30.66 -53.16
CA GLU C 224 33.29 -29.58 -53.75
C GLU C 224 33.28 -29.73 -55.26
N LYS C 225 32.63 -28.79 -55.94
CA LYS C 225 32.46 -28.84 -57.38
C LYS C 225 33.15 -27.64 -58.02
N TYR C 226 33.92 -27.89 -59.06
CA TYR C 226 34.62 -26.84 -59.79
C TYR C 226 34.19 -26.85 -61.24
N THR C 227 34.16 -25.66 -61.84
CA THR C 227 33.93 -25.51 -63.26
C THR C 227 35.27 -25.52 -64.00
N VAL C 228 35.19 -25.65 -65.32
CA VAL C 228 36.41 -25.67 -66.13
C VAL C 228 37.12 -24.33 -66.06
N SER C 229 36.35 -23.24 -66.00
CA SER C 229 36.96 -21.92 -65.90
C SER C 229 37.75 -21.77 -64.61
N ASP C 230 37.21 -22.30 -63.50
CA ASP C 230 37.93 -22.24 -62.23
C ASP C 230 39.25 -23.00 -62.31
N LEU C 231 39.22 -24.19 -62.90
CA LEU C 231 40.43 -24.99 -63.04
C LEU C 231 41.44 -24.27 -63.94
N ARG C 232 40.96 -23.62 -65.00
CA ARG C 232 41.86 -22.84 -65.84
C ARG C 232 42.51 -21.71 -65.05
N LEU C 233 41.73 -21.02 -64.23
CA LEU C 233 42.29 -19.97 -63.39
C LEU C 233 43.28 -20.54 -62.37
N LEU C 234 43.12 -21.80 -62.00
CA LEU C 234 44.07 -22.44 -61.09
C LEU C 234 45.34 -22.91 -61.79
N GLY C 235 45.39 -22.86 -63.11
CA GLY C 235 46.59 -23.22 -63.85
C GLY C 235 46.65 -24.63 -64.37
N VAL C 236 45.54 -25.36 -64.37
CA VAL C 236 45.55 -26.75 -64.86
C VAL C 236 45.80 -26.75 -66.37
N PRO C 237 46.70 -27.59 -66.87
CA PRO C 237 46.95 -27.62 -68.32
C PRO C 237 45.76 -28.13 -69.09
N GLU C 238 45.67 -27.71 -70.36
CA GLU C 238 44.52 -28.03 -71.19
C GLU C 238 44.43 -29.51 -71.48
N ASP C 239 45.58 -30.17 -71.71
CA ASP C 239 45.57 -31.58 -72.03
C ASP C 239 44.98 -32.41 -70.90
N VAL C 240 45.28 -32.03 -69.66
CA VAL C 240 44.64 -32.68 -68.51
C VAL C 240 43.15 -32.37 -68.49
N LEU C 241 42.78 -31.13 -68.80
CA LEU C 241 41.37 -30.73 -68.78
C LEU C 241 40.55 -31.55 -69.76
N ASP C 242 41.13 -31.90 -70.91
CA ASP C 242 40.37 -32.65 -71.91
C ASP C 242 40.03 -34.06 -71.44
N GLU C 243 40.77 -34.59 -70.45
CA GLU C 243 40.59 -35.97 -70.04
C GLU C 243 40.24 -36.03 -68.55
N LEU C 244 39.27 -35.22 -68.13
CA LEU C 244 38.80 -35.28 -66.76
C LEU C 244 37.41 -35.90 -66.70
N PRO C 245 37.17 -36.80 -65.76
CA PRO C 245 35.81 -37.35 -65.60
C PRO C 245 34.85 -36.26 -65.17
N TYR C 246 33.78 -36.09 -65.94
CA TYR C 246 32.82 -35.03 -65.67
C TYR C 246 31.69 -35.47 -64.76
N ASP C 247 31.75 -36.69 -64.23
CA ASP C 247 30.88 -37.06 -63.11
C ASP C 247 31.63 -38.09 -62.25
N GLU C 248 32.39 -37.59 -61.27
CA GLU C 248 32.91 -38.35 -60.14
C GLU C 248 33.79 -39.55 -60.50
N TYR C 249 34.29 -40.21 -59.46
CA TYR C 249 34.83 -41.56 -59.53
C TYR C 249 34.13 -42.53 -58.58
N GLU C 250 33.39 -42.02 -57.58
CA GLU C 250 32.83 -42.86 -56.54
C GLU C 250 31.32 -42.75 -56.40
N PHE C 251 30.65 -42.05 -57.31
CA PHE C 251 29.19 -41.87 -57.26
C PHE C 251 28.77 -41.23 -55.93
N SER C 252 29.23 -40.00 -55.73
CA SER C 252 28.98 -39.26 -54.50
C SER C 252 27.81 -38.30 -54.62
N ASP C 253 27.10 -38.29 -55.74
CA ASP C 253 25.97 -37.41 -55.95
C ASP C 253 24.66 -38.02 -55.48
N SER C 254 24.70 -39.22 -54.91
CA SER C 254 23.51 -39.92 -54.45
C SER C 254 23.54 -40.13 -52.94
N GLN C 255 24.08 -39.16 -52.22
CA GLN C 255 24.04 -39.23 -50.77
C GLN C 255 22.60 -39.11 -50.28
N PRO C 256 22.20 -39.91 -49.28
CA PRO C 256 20.81 -39.87 -48.83
C PRO C 256 20.37 -38.50 -48.34
N GLU C 257 21.25 -37.76 -47.66
CA GLU C 257 20.88 -36.43 -47.20
C GLU C 257 20.58 -35.50 -48.37
N ARG C 258 21.39 -35.55 -49.42
CA ARG C 258 21.15 -34.72 -50.59
C ARG C 258 19.82 -35.06 -51.25
N LEU C 259 19.54 -36.36 -51.39
CA LEU C 259 18.29 -36.77 -52.01
C LEU C 259 17.09 -36.33 -51.20
N VAL C 260 17.16 -36.46 -49.88
CA VAL C 260 16.05 -36.04 -49.04
C VAL C 260 15.86 -34.53 -49.11
N ARG C 261 16.96 -33.78 -49.06
CA ARG C 261 16.86 -32.33 -49.09
C ARG C 261 16.31 -31.83 -50.42
N ASP C 262 16.71 -32.46 -51.53
CA ASP C 262 16.30 -31.98 -52.84
C ASP C 262 14.89 -32.39 -53.21
N ASN C 263 14.30 -33.36 -52.51
CA ASN C 263 12.98 -33.85 -52.84
C ASN C 263 11.87 -33.09 -52.15
N PHE C 264 12.19 -32.11 -51.31
CA PHE C 264 11.14 -31.32 -50.66
C PHE C 264 10.32 -30.55 -51.68
N ASP C 265 10.97 -29.95 -52.66
CA ASP C 265 10.29 -29.25 -53.74
C ASP C 265 10.68 -29.79 -55.11
N MET C 266 11.30 -30.96 -55.16
CA MET C 266 11.68 -31.62 -56.41
C MET C 266 12.54 -30.70 -57.29
N THR C 267 13.49 -30.02 -56.65
CA THR C 267 14.40 -29.12 -57.33
C THR C 267 15.82 -29.63 -57.27
N GLY C 268 15.99 -30.93 -57.41
CA GLY C 268 17.30 -31.57 -57.42
C GLY C 268 17.87 -31.62 -58.81
N GLN C 269 18.83 -32.54 -58.99
CA GLN C 269 19.45 -32.74 -60.30
C GLN C 269 18.71 -33.80 -61.11
N LEU C 270 17.39 -33.61 -61.26
CA LEU C 270 16.61 -34.50 -62.11
C LEU C 270 17.05 -34.41 -63.56
N GLN C 271 17.56 -33.26 -64.00
CA GLN C 271 18.12 -33.09 -65.33
C GLN C 271 19.63 -33.08 -65.18
N TYR C 272 20.30 -33.98 -65.91
CA TYR C 272 21.75 -33.99 -65.91
C TYR C 272 22.29 -32.91 -66.85
N ASN C 273 23.48 -32.42 -66.53
CA ASN C 273 24.06 -31.30 -67.25
C ASN C 273 25.54 -31.59 -67.47
N SER C 274 26.31 -30.55 -67.82
CA SER C 274 27.71 -30.68 -68.21
C SER C 274 27.84 -31.63 -69.40
N GLY C 275 26.90 -31.54 -70.33
CA GLY C 275 26.91 -32.35 -71.53
C GLY C 275 27.28 -31.56 -72.77
N ASP C 276 26.27 -31.18 -73.55
CA ASP C 276 26.48 -30.42 -74.78
C ASP C 276 26.28 -28.92 -74.57
N ASP C 277 26.41 -28.44 -73.34
CA ASP C 277 26.32 -27.01 -73.05
C ASP C 277 27.65 -26.34 -73.37
N ALA C 278 27.82 -25.11 -72.92
CA ALA C 278 29.09 -24.41 -73.11
C ALA C 278 30.22 -25.19 -72.44
N GLU C 279 31.35 -25.29 -73.15
CA GLU C 279 32.44 -26.12 -72.67
C GLU C 279 33.06 -25.58 -71.38
N ALA C 280 33.01 -24.26 -71.17
CA ALA C 280 33.63 -23.67 -70.00
C ALA C 280 32.81 -23.83 -68.73
N ASN C 281 31.60 -24.37 -68.83
CA ASN C 281 30.72 -24.49 -67.68
C ASN C 281 30.57 -25.93 -67.19
N ARG C 282 31.36 -26.85 -67.73
CA ARG C 282 31.32 -28.23 -67.26
C ARG C 282 31.83 -28.32 -65.82
N GLU C 283 31.23 -29.21 -65.04
CA GLU C 283 31.53 -29.34 -63.62
C GLU C 283 32.20 -30.66 -63.32
N VAL C 284 33.17 -30.63 -62.41
CA VAL C 284 33.85 -31.82 -61.93
C VAL C 284 33.90 -31.75 -60.40
N TRP C 285 34.11 -32.91 -59.79
CA TRP C 285 34.20 -33.01 -58.34
C TRP C 285 35.66 -33.01 -57.93
N ALA C 286 36.03 -32.06 -57.08
CA ALA C 286 37.40 -31.93 -56.60
C ALA C 286 37.43 -32.18 -55.09
N SER C 287 38.56 -32.70 -54.63
CA SER C 287 38.73 -33.07 -53.22
C SER C 287 39.97 -32.38 -52.68
N GLU C 288 39.83 -31.70 -51.55
CA GLU C 288 40.97 -31.17 -50.82
C GLU C 288 41.01 -31.84 -49.45
N CYS C 289 42.04 -32.63 -49.21
CA CYS C 289 42.18 -33.38 -47.98
C CYS C 289 43.38 -32.89 -47.19
N TYR C 290 43.19 -32.71 -45.89
CA TYR C 290 44.24 -32.39 -44.93
C TYR C 290 44.52 -33.65 -44.13
N THR C 291 45.76 -34.12 -44.18
CA THR C 291 46.07 -35.40 -43.55
C THR C 291 47.52 -35.44 -43.10
N LEU C 292 47.79 -36.35 -42.16
CA LEU C 292 49.13 -36.58 -41.68
C LEU C 292 49.78 -37.63 -42.57
N LEU C 293 50.68 -37.21 -43.46
CA LEU C 293 51.31 -38.12 -44.40
C LEU C 293 52.76 -37.73 -44.56
N ASP C 294 53.64 -38.72 -44.65
CA ASP C 294 55.08 -38.49 -44.76
C ASP C 294 55.50 -38.71 -46.20
N VAL C 295 55.55 -37.62 -46.98
CA VAL C 295 56.11 -37.67 -48.32
C VAL C 295 57.52 -37.12 -48.38
N ASP C 296 57.98 -36.45 -47.31
CA ASP C 296 59.35 -35.98 -47.27
C ASP C 296 60.34 -37.13 -47.30
N GLY C 297 60.03 -38.21 -46.60
CA GLY C 297 60.93 -39.33 -46.46
C GLY C 297 61.77 -39.30 -45.21
N ASP C 298 61.53 -38.37 -44.29
CA ASP C 298 62.29 -38.26 -43.06
C ASP C 298 61.80 -39.21 -41.98
N GLY C 299 60.74 -39.98 -42.24
CA GLY C 299 60.23 -40.92 -41.27
C GLY C 299 59.21 -40.35 -40.31
N ILE C 300 58.95 -39.06 -40.34
CA ILE C 300 57.98 -38.41 -39.48
C ILE C 300 56.84 -37.88 -40.35
N SER C 301 55.63 -38.31 -40.05
CA SER C 301 54.46 -37.89 -40.81
C SER C 301 54.06 -36.48 -40.41
N GLU C 302 53.97 -35.59 -41.40
CA GLU C 302 53.63 -34.20 -41.19
C GLU C 302 52.27 -33.89 -41.80
N LEU C 303 51.70 -32.77 -41.35
CA LEU C 303 50.41 -32.35 -41.86
C LEU C 303 50.56 -31.77 -43.26
N ARG C 304 49.73 -32.23 -44.18
CA ARG C 304 49.80 -31.82 -45.57
C ARG C 304 48.41 -31.58 -46.11
N ARG C 305 48.31 -30.63 -47.04
CA ARG C 305 47.09 -30.33 -47.77
C ARG C 305 47.28 -30.77 -49.21
N ILE C 306 46.39 -31.63 -49.69
CA ILE C 306 46.45 -32.13 -51.06
C ILE C 306 45.11 -31.82 -51.72
N LEU C 307 45.16 -31.04 -52.80
CA LEU C 307 43.98 -30.71 -53.59
C LEU C 307 44.12 -31.38 -54.95
N TYR C 308 43.14 -32.20 -55.32
CA TYR C 308 43.24 -32.93 -56.57
C TYR C 308 41.84 -33.20 -57.13
N VAL C 309 41.80 -33.40 -58.45
CA VAL C 309 40.58 -33.76 -59.16
C VAL C 309 40.92 -34.91 -60.10
N GLY C 310 40.03 -35.90 -60.17
CA GLY C 310 40.29 -37.07 -60.97
C GLY C 310 41.52 -37.83 -60.52
N ASP C 311 42.49 -38.00 -61.41
CA ASP C 311 43.76 -38.61 -61.06
C ASP C 311 44.94 -37.66 -61.19
N TYR C 312 44.71 -36.36 -61.20
CA TYR C 312 45.76 -35.37 -61.34
C TYR C 312 45.81 -34.51 -60.09
N ILE C 313 47.01 -34.30 -59.56
CA ILE C 313 47.20 -33.50 -58.35
C ILE C 313 47.34 -32.04 -58.74
N ILE C 314 46.48 -31.20 -58.18
CA ILE C 314 46.59 -29.76 -58.41
C ILE C 314 47.60 -29.16 -57.44
N SER C 315 47.51 -29.51 -56.16
CA SER C 315 48.41 -28.96 -55.16
C SER C 315 48.72 -30.01 -54.11
N ASN C 316 49.95 -29.98 -53.61
CA ASN C 316 50.41 -30.90 -52.57
C ASN C 316 51.45 -30.16 -51.74
N GLU C 317 51.06 -29.72 -50.55
CA GLU C 317 51.94 -28.82 -49.82
C GLU C 317 51.79 -28.98 -48.31
N PRO C 318 52.88 -28.95 -47.55
CA PRO C 318 52.76 -28.98 -46.08
C PRO C 318 51.99 -27.75 -45.59
N TRP C 319 51.13 -27.98 -44.61
CA TRP C 319 50.22 -26.95 -44.12
C TRP C 319 50.48 -26.68 -42.64
N ASP C 320 49.90 -25.59 -42.15
CA ASP C 320 50.16 -25.12 -40.80
C ASP C 320 49.02 -25.37 -39.82
N CYS C 321 47.77 -25.34 -40.28
CA CYS C 321 46.64 -25.50 -39.38
C CYS C 321 45.47 -26.13 -40.13
N ARG C 322 44.54 -26.68 -39.36
CA ARG C 322 43.32 -27.22 -39.92
C ARG C 322 42.24 -26.15 -39.87
N PRO C 323 41.81 -25.60 -40.99
CA PRO C 323 40.92 -24.43 -40.97
C PRO C 323 39.44 -24.81 -40.93
N PHE C 324 39.04 -25.50 -39.86
CA PHE C 324 37.66 -25.89 -39.68
C PHE C 324 37.23 -25.64 -38.25
N ALA C 325 35.96 -25.30 -38.07
CA ALA C 325 35.36 -25.12 -36.76
C ALA C 325 34.09 -25.95 -36.69
N ASP C 326 33.95 -26.72 -35.61
CA ASP C 326 32.84 -27.65 -35.46
C ASP C 326 32.05 -27.36 -34.20
N LEU C 327 30.78 -27.75 -34.23
CA LEU C 327 29.85 -27.51 -33.15
C LEU C 327 29.03 -28.77 -32.85
N ASN C 328 28.86 -29.04 -31.56
CA ASN C 328 28.01 -30.11 -31.05
C ASN C 328 26.99 -29.51 -30.10
N ALA C 329 25.73 -29.91 -30.24
CA ALA C 329 24.68 -29.39 -29.38
C ALA C 329 24.53 -30.20 -28.10
N TYR C 330 24.46 -31.52 -28.22
CA TYR C 330 24.37 -32.42 -27.08
C TYR C 330 25.62 -33.29 -27.10
N ARG C 331 26.66 -32.85 -26.38
CA ARG C 331 27.97 -33.47 -26.46
C ARG C 331 28.00 -34.78 -25.67
N ILE C 332 28.63 -35.79 -26.27
CA ILE C 332 28.97 -37.03 -25.59
C ILE C 332 30.47 -37.06 -25.38
N ALA C 333 30.89 -37.35 -24.16
CA ALA C 333 32.31 -37.30 -23.83
C ALA C 333 33.12 -38.27 -24.70
N HIS C 334 34.27 -37.81 -25.17
CA HIS C 334 35.21 -38.61 -25.94
C HIS C 334 34.60 -39.10 -27.26
N LYS C 335 33.75 -38.29 -27.88
CA LYS C 335 33.17 -38.60 -29.18
C LYS C 335 33.19 -37.36 -30.05
N PHE C 336 33.23 -37.59 -31.36
CA PHE C 336 33.23 -36.47 -32.29
C PHE C 336 31.83 -35.99 -32.60
N HIS C 337 30.91 -36.92 -32.86
CA HIS C 337 29.52 -36.59 -33.16
C HIS C 337 28.69 -36.74 -31.90
N GLY C 338 27.88 -35.72 -31.60
CA GLY C 338 27.01 -35.73 -30.46
C GLY C 338 25.64 -36.30 -30.80
N MET C 339 24.66 -35.89 -30.01
CA MET C 339 23.27 -36.29 -30.24
C MET C 339 22.49 -35.16 -30.88
N SER C 340 21.42 -35.53 -31.58
CA SER C 340 20.51 -34.57 -32.19
C SER C 340 19.15 -34.67 -31.52
N VAL C 341 18.27 -33.75 -31.90
CA VAL C 341 16.91 -33.76 -31.36
C VAL C 341 16.16 -35.01 -31.80
N TYR C 342 16.38 -35.42 -33.06
CA TYR C 342 15.76 -36.63 -33.57
C TYR C 342 16.12 -37.84 -32.72
N ASP C 343 17.41 -37.98 -32.39
CA ASP C 343 17.86 -39.11 -31.58
C ASP C 343 17.21 -39.14 -30.21
N LYS C 344 16.61 -38.03 -29.78
CA LYS C 344 16.01 -37.95 -28.47
C LYS C 344 14.48 -38.07 -28.50
N ILE C 345 13.81 -37.67 -29.59
CA ILE C 345 12.35 -37.69 -29.56
C ILE C 345 11.72 -38.40 -30.76
N ARG C 346 12.50 -39.24 -31.46
CA ARG C 346 11.93 -39.96 -32.59
C ARG C 346 10.79 -40.88 -32.16
N ASP C 347 10.98 -41.62 -31.06
CA ASP C 347 9.95 -42.55 -30.60
C ASP C 347 8.69 -41.81 -30.20
N ILE C 348 8.85 -40.65 -29.54
CA ILE C 348 7.69 -39.85 -29.16
C ILE C 348 6.92 -39.43 -30.40
N GLN C 349 7.64 -38.95 -31.43
CA GLN C 349 6.97 -38.55 -32.65
C GLN C 349 6.20 -39.71 -33.28
N GLU C 350 6.84 -40.88 -33.36
CA GLU C 350 6.19 -42.03 -33.98
C GLU C 350 4.93 -42.45 -33.23
N ILE C 351 5.03 -42.57 -31.90
CA ILE C 351 3.89 -43.05 -31.13
C ILE C 351 2.75 -42.05 -31.17
N ARG C 352 3.06 -40.75 -31.07
CA ARG C 352 2.00 -39.75 -31.14
C ARG C 352 1.31 -39.78 -32.49
N SER C 353 2.09 -39.94 -33.57
CA SER C 353 1.48 -40.02 -34.89
C SER C 353 0.57 -41.24 -35.01
N VAL C 354 0.99 -42.37 -34.45
CA VAL C 354 0.16 -43.58 -34.53
C VAL C 354 -1.16 -43.37 -33.80
N LEU C 355 -1.11 -42.80 -32.59
CA LEU C 355 -2.34 -42.55 -31.84
C LEU C 355 -3.24 -41.56 -32.57
N MET C 356 -2.65 -40.53 -33.16
CA MET C 356 -3.41 -39.55 -33.93
C MET C 356 -4.13 -40.22 -35.09
N ARG C 357 -3.42 -41.11 -35.79
CA ARG C 357 -4.03 -41.82 -36.91
C ARG C 357 -5.16 -42.72 -36.44
N ASN C 358 -5.00 -43.35 -35.28
CA ASN C 358 -6.07 -44.19 -34.75
C ASN C 358 -7.33 -43.37 -34.47
N ILE C 359 -7.16 -42.18 -33.88
CA ILE C 359 -8.33 -41.36 -33.58
C ILE C 359 -9.00 -40.89 -34.87
N MET C 360 -8.21 -40.45 -35.87
CA MET C 360 -8.77 -40.16 -37.18
C MET C 360 -9.56 -41.33 -37.74
N ASP C 361 -8.99 -42.52 -37.69
CA ASP C 361 -9.67 -43.69 -38.26
C ASP C 361 -10.99 -43.95 -37.56
N ASN C 362 -11.02 -43.80 -36.23
CA ASN C 362 -12.27 -44.00 -35.52
C ASN C 362 -13.31 -42.94 -35.88
N ILE C 363 -12.88 -41.68 -36.02
CA ILE C 363 -13.84 -40.61 -36.28
C ILE C 363 -14.46 -40.77 -37.67
N TYR C 364 -13.65 -41.11 -38.67
CA TYR C 364 -14.15 -41.13 -40.05
C TYR C 364 -15.26 -42.13 -40.27
N ARG C 365 -15.30 -43.22 -39.50
CA ARG C 365 -16.25 -44.29 -39.75
C ARG C 365 -17.46 -44.25 -38.82
N THR C 366 -17.65 -43.16 -38.07
CA THR C 366 -18.78 -43.09 -37.14
C THR C 366 -19.51 -41.76 -37.21
N ASN C 367 -19.45 -41.04 -38.32
CA ASN C 367 -20.11 -39.74 -38.44
C ASN C 367 -21.25 -39.75 -39.45
N GLN C 368 -21.71 -40.93 -39.87
CA GLN C 368 -22.77 -41.00 -40.87
C GLN C 368 -24.16 -40.80 -40.28
N GLY C 369 -24.32 -40.94 -38.97
CA GLY C 369 -25.61 -40.72 -38.34
C GLY C 369 -26.69 -41.69 -38.79
N ARG C 370 -26.35 -42.98 -38.83
CA ARG C 370 -27.32 -43.99 -39.24
C ARG C 370 -28.31 -44.28 -38.12
N SER C 371 -29.42 -44.93 -38.49
CA SER C 371 -30.49 -45.22 -37.56
C SER C 371 -30.95 -46.66 -37.71
N VAL C 372 -31.52 -47.19 -36.63
CA VAL C 372 -31.98 -48.58 -36.53
C VAL C 372 -33.50 -48.58 -36.49
N VAL C 373 -34.10 -49.45 -37.30
CA VAL C 373 -35.56 -49.48 -37.48
C VAL C 373 -36.04 -50.92 -37.39
N LEU C 374 -37.10 -51.14 -36.61
CA LEU C 374 -37.76 -52.44 -36.60
C LEU C 374 -38.42 -52.71 -37.94
N ASP C 375 -38.10 -53.85 -38.55
CA ASP C 375 -38.66 -54.20 -39.84
C ASP C 375 -40.09 -54.68 -39.68
N GLY C 376 -40.99 -54.15 -40.50
CA GLY C 376 -42.38 -54.56 -40.49
C GLY C 376 -43.27 -53.77 -39.55
N GLN C 377 -42.71 -52.88 -38.74
CA GLN C 377 -43.50 -52.10 -37.81
C GLN C 377 -43.47 -50.60 -38.10
N VAL C 378 -42.64 -50.15 -39.04
CA VAL C 378 -42.43 -48.74 -39.31
C VAL C 378 -42.77 -48.45 -40.76
N ASN C 379 -43.51 -47.36 -40.98
CA ASN C 379 -43.81 -46.92 -42.34
C ASN C 379 -42.53 -46.39 -42.97
N LEU C 380 -41.90 -47.22 -43.80
CA LEU C 380 -40.60 -46.85 -44.35
C LEU C 380 -40.71 -45.67 -45.31
N GLU C 381 -41.78 -45.61 -46.10
CA GLU C 381 -41.94 -44.52 -47.04
C GLU C 381 -42.05 -43.18 -46.33
N ASP C 382 -42.79 -43.13 -45.22
CA ASP C 382 -42.88 -41.90 -44.45
C ASP C 382 -41.53 -41.52 -43.86
N LEU C 383 -40.78 -42.51 -43.37
CA LEU C 383 -39.48 -42.22 -42.76
C LEU C 383 -38.48 -41.71 -43.80
N LEU C 384 -38.58 -42.20 -45.04
CA LEU C 384 -37.60 -41.82 -46.06
C LEU C 384 -37.72 -40.36 -46.45
N THR C 385 -38.93 -39.83 -46.54
CA THR C 385 -39.15 -38.45 -46.97
C THR C 385 -39.08 -37.55 -45.75
N ASN C 386 -37.98 -36.83 -45.62
CA ASN C 386 -37.73 -35.95 -44.48
C ASN C 386 -38.20 -34.54 -44.85
N GLU C 387 -39.25 -34.07 -44.18
CA GLU C 387 -39.80 -32.75 -44.42
C GLU C 387 -40.13 -32.08 -43.10
N ALA C 388 -40.31 -30.77 -43.15
CA ALA C 388 -40.58 -29.99 -41.96
C ALA C 388 -41.90 -30.42 -41.31
N ALA C 389 -41.85 -30.67 -40.00
CA ALA C 389 -43.02 -31.06 -39.23
C ALA C 389 -43.68 -32.31 -39.81
N GLY C 390 -42.86 -33.25 -40.27
CA GLY C 390 -43.39 -34.48 -40.81
C GLY C 390 -43.90 -35.42 -39.75
N ILE C 391 -44.66 -36.42 -40.18
CA ILE C 391 -45.25 -37.42 -39.31
C ILE C 391 -44.84 -38.80 -39.81
N VAL C 392 -44.37 -39.65 -38.91
CA VAL C 392 -43.99 -41.01 -39.21
C VAL C 392 -44.94 -41.94 -38.48
N ARG C 393 -45.68 -42.75 -39.22
CA ARG C 393 -46.66 -43.66 -38.65
C ARG C 393 -45.99 -44.98 -38.30
N VAL C 394 -46.19 -45.43 -37.06
CA VAL C 394 -45.57 -46.65 -36.57
C VAL C 394 -46.64 -47.52 -35.91
N LYS C 395 -46.48 -48.83 -36.04
CA LYS C 395 -47.41 -49.78 -35.45
C LYS C 395 -47.01 -50.22 -34.05
N ALA C 396 -45.87 -49.78 -33.54
CA ALA C 396 -45.38 -50.32 -32.27
C ALA C 396 -44.46 -49.32 -31.58
N MET C 397 -44.21 -49.58 -30.30
CA MET C 397 -43.34 -48.79 -29.44
C MET C 397 -41.88 -49.16 -29.63
N ASN C 398 -41.01 -48.18 -29.39
CA ASN C 398 -39.56 -48.37 -29.37
C ASN C 398 -39.08 -49.06 -30.64
N SER C 399 -39.25 -48.36 -31.75
CA SER C 399 -38.98 -48.94 -33.06
C SER C 399 -37.96 -48.18 -33.89
N ILE C 400 -37.64 -46.93 -33.56
CA ILE C 400 -36.65 -46.15 -34.29
C ILE C 400 -35.64 -45.62 -33.28
N MET C 401 -34.36 -45.91 -33.53
CA MET C 401 -33.29 -45.51 -32.64
C MET C 401 -32.19 -44.89 -33.46
N PRO C 402 -31.37 -44.03 -32.87
CA PRO C 402 -30.06 -43.74 -33.45
C PRO C 402 -29.12 -44.90 -33.22
N LEU C 403 -28.30 -45.20 -34.23
CA LEU C 403 -27.36 -46.30 -34.12
C LEU C 403 -26.27 -45.96 -33.10
N GLU C 404 -25.94 -46.93 -32.26
CA GLU C 404 -24.94 -46.75 -31.22
C GLU C 404 -23.57 -47.13 -31.78
N THR C 405 -22.69 -46.15 -31.87
CA THR C 405 -21.38 -46.37 -32.48
C THR C 405 -20.30 -46.52 -31.41
N PRO C 406 -19.30 -47.37 -31.66
CA PRO C 406 -18.23 -47.53 -30.68
C PRO C 406 -17.43 -46.24 -30.50
N GLN C 407 -16.91 -46.07 -29.29
CA GLN C 407 -16.09 -44.91 -28.95
C GLN C 407 -14.83 -45.37 -28.24
N LEU C 408 -13.74 -44.65 -28.47
CA LEU C 408 -12.48 -44.97 -27.83
C LEU C 408 -12.49 -44.49 -26.38
N SER C 409 -11.73 -45.20 -25.54
CA SER C 409 -11.65 -44.84 -24.13
C SER C 409 -10.75 -43.63 -23.94
N GLY C 410 -10.77 -43.09 -22.72
CA GLY C 410 -9.96 -41.92 -22.41
C GLY C 410 -8.48 -42.20 -22.24
N GLU C 411 -8.10 -43.48 -22.27
CA GLU C 411 -6.68 -43.82 -22.13
C GLU C 411 -5.85 -43.23 -23.26
N VAL C 412 -6.40 -43.20 -24.48
CA VAL C 412 -5.65 -42.69 -25.62
C VAL C 412 -5.33 -41.22 -25.43
N TYR C 413 -6.33 -40.43 -25.05
CA TYR C 413 -6.11 -39.00 -24.84
C TYR C 413 -5.18 -38.75 -23.66
N GLY C 414 -5.36 -39.52 -22.59
CA GLY C 414 -4.46 -39.42 -21.45
C GLY C 414 -3.01 -39.67 -21.84
N MET C 415 -2.78 -40.68 -22.67
CA MET C 415 -1.42 -40.94 -23.13
C MET C 415 -0.90 -39.91 -24.11
N LEU C 416 -1.77 -39.32 -24.93
CA LEU C 416 -1.33 -38.22 -25.78
C LEU C 416 -0.79 -37.07 -24.92
N ASP C 417 -1.54 -36.69 -23.90
CA ASP C 417 -1.09 -35.63 -23.00
C ASP C 417 0.19 -36.04 -22.26
N ARG C 418 0.26 -37.29 -21.81
CA ARG C 418 1.45 -37.75 -21.10
C ARG C 418 2.68 -37.72 -21.99
N LEU C 419 2.54 -38.11 -23.26
CA LEU C 419 3.67 -38.07 -24.18
C LEU C 419 4.11 -36.64 -24.46
N GLU C 420 3.16 -35.72 -24.59
CA GLU C 420 3.54 -34.33 -24.76
C GLU C 420 4.33 -33.82 -23.56
N ALA C 421 3.88 -34.15 -22.35
CA ALA C 421 4.61 -33.75 -21.15
C ALA C 421 5.99 -34.39 -21.10
N ASP C 422 6.09 -35.65 -21.53
CA ASP C 422 7.39 -36.33 -21.54
C ASP C 422 8.35 -35.67 -22.51
N ARG C 423 7.86 -35.27 -23.69
CA ARG C 423 8.70 -34.53 -24.63
C ARG C 423 9.19 -33.23 -24.00
N GLY C 424 8.27 -32.51 -23.34
CA GLY C 424 8.67 -31.29 -22.67
C GLY C 424 9.76 -31.50 -21.64
N LYS C 425 9.63 -32.57 -20.85
CA LYS C 425 10.66 -32.89 -19.86
C LYS C 425 11.98 -33.24 -20.53
N ARG C 426 11.93 -34.02 -21.61
CA ARG C 426 13.14 -34.51 -22.24
C ARG C 426 13.93 -33.41 -22.93
N THR C 427 13.26 -32.58 -23.73
CA THR C 427 13.98 -31.54 -24.47
C THR C 427 14.32 -30.34 -23.62
N GLY C 428 13.55 -30.08 -22.56
CA GLY C 428 13.77 -28.94 -21.71
C GLY C 428 13.03 -27.68 -22.13
N ILE C 429 12.36 -27.68 -23.27
CA ILE C 429 11.61 -26.53 -23.74
C ILE C 429 10.16 -26.95 -23.97
N THR C 430 9.23 -26.11 -23.51
CA THR C 430 7.81 -26.40 -23.65
C THR C 430 7.07 -25.23 -24.27
N ASP C 431 5.73 -25.30 -24.25
CA ASP C 431 4.91 -24.25 -24.84
C ASP C 431 4.89 -22.98 -24.02
N ARG C 432 5.23 -23.05 -22.73
CA ARG C 432 5.14 -21.90 -21.84
C ARG C 432 6.49 -21.41 -21.34
N THR C 433 7.59 -21.97 -21.85
CA THR C 433 8.91 -21.54 -21.42
C THR C 433 9.23 -20.15 -21.94
N ARG C 434 9.82 -19.33 -21.09
CA ARG C 434 10.32 -18.04 -21.53
C ARG C 434 11.55 -18.23 -22.41
N GLY C 435 11.73 -17.31 -23.35
CA GLY C 435 12.89 -17.37 -24.20
C GLY C 435 14.15 -16.95 -23.47
N LEU C 436 15.28 -17.30 -24.06
CA LEU C 436 16.57 -16.90 -23.50
C LEU C 436 16.73 -15.40 -23.56
N ASP C 437 17.25 -14.82 -22.48
CA ASP C 437 17.55 -13.40 -22.47
C ASP C 437 18.75 -13.12 -23.38
N GLN C 438 18.81 -11.91 -23.90
CA GLN C 438 19.89 -11.51 -24.78
C GLN C 438 21.15 -11.07 -24.02
N ASN C 439 21.26 -11.38 -22.73
CA ASN C 439 22.38 -10.93 -21.92
C ASN C 439 22.90 -12.02 -21.00
N THR C 440 22.58 -13.28 -21.28
CA THR C 440 22.94 -14.36 -20.35
C THR C 440 24.45 -14.59 -20.29
N LEU C 441 25.15 -14.41 -21.40
CA LEU C 441 26.56 -14.79 -21.46
C LEU C 441 27.50 -13.69 -21.01
N HIS C 442 27.00 -12.50 -20.66
CA HIS C 442 27.88 -11.41 -20.25
C HIS C 442 28.56 -11.72 -18.94
N SER C 443 29.84 -11.39 -18.86
CA SER C 443 30.48 -11.14 -17.57
C SER C 443 30.06 -9.76 -17.11
N ASN C 444 30.05 -9.56 -15.79
CA ASN C 444 29.46 -8.37 -15.17
C ASN C 444 27.98 -8.21 -15.54
N GLN C 445 27.30 -9.34 -15.73
CA GLN C 445 25.90 -9.30 -16.15
C GLN C 445 25.00 -8.75 -15.05
N ALA C 446 25.25 -9.16 -13.79
CA ALA C 446 24.26 -9.04 -12.73
C ALA C 446 22.97 -9.64 -13.24
N ALA C 447 21.89 -8.86 -13.23
CA ALA C 447 20.64 -9.22 -13.90
C ALA C 447 20.21 -10.65 -13.58
N MET C 448 19.85 -10.84 -12.32
CA MET C 448 19.54 -12.17 -11.78
C MET C 448 18.35 -12.85 -12.47
N SER C 449 17.73 -12.23 -13.48
CA SER C 449 16.74 -12.93 -14.29
C SER C 449 17.39 -14.13 -14.98
N VAL C 450 16.53 -14.98 -15.56
CA VAL C 450 16.89 -16.27 -16.15
C VAL C 450 17.19 -17.25 -15.03
N ASN C 451 17.73 -16.75 -13.91
CA ASN C 451 17.86 -17.55 -12.70
C ASN C 451 16.61 -17.53 -11.85
N GLN C 452 15.92 -16.40 -11.78
CA GLN C 452 14.63 -16.35 -11.08
C GLN C 452 13.61 -17.25 -11.76
N LEU C 453 13.47 -17.11 -13.07
CA LEU C 453 12.65 -18.00 -13.89
C LEU C 453 13.54 -19.13 -14.40
N MET C 454 13.07 -19.87 -15.40
CA MET C 454 13.89 -20.85 -16.11
C MET C 454 14.45 -21.91 -15.14
N THR C 455 13.54 -22.75 -14.67
CA THR C 455 13.88 -23.85 -13.79
C THR C 455 14.95 -24.74 -14.41
N ALA C 456 15.49 -25.64 -13.57
CA ALA C 456 16.70 -26.39 -13.93
C ALA C 456 16.51 -27.17 -15.23
N ALA C 457 15.30 -27.69 -15.47
CA ALA C 457 15.07 -28.46 -16.69
C ALA C 457 15.24 -27.59 -17.93
N GLU C 458 14.77 -26.35 -17.87
CA GLU C 458 14.83 -25.46 -19.02
C GLU C 458 16.23 -24.88 -19.23
N GLN C 459 17.01 -24.76 -18.16
CA GLN C 459 18.37 -24.22 -18.26
C GLN C 459 19.23 -25.03 -19.22
N GLN C 460 18.75 -26.21 -19.62
CA GLN C 460 19.42 -26.98 -20.66
C GLN C 460 19.71 -26.12 -21.87
N ILE C 461 18.72 -25.34 -22.31
CA ILE C 461 18.92 -24.47 -23.46
C ILE C 461 20.08 -23.51 -23.20
N ASP C 462 20.12 -22.93 -22.00
CA ASP C 462 21.22 -22.05 -21.62
C ASP C 462 22.55 -22.75 -21.85
N LEU C 463 22.65 -24.01 -21.42
CA LEU C 463 23.90 -24.74 -21.57
C LEU C 463 24.35 -24.76 -23.02
N ILE C 464 23.42 -24.96 -23.95
CA ILE C 464 23.77 -24.97 -25.36
C ILE C 464 24.44 -23.66 -25.72
N ALA C 465 23.83 -22.54 -25.33
CA ALA C 465 24.41 -21.24 -25.65
C ALA C 465 25.80 -21.10 -25.06
N ARG C 466 26.06 -21.74 -23.92
CA ARG C 466 27.42 -21.71 -23.37
C ARG C 466 28.36 -22.58 -24.20
N MET C 467 27.92 -23.79 -24.56
CA MET C 467 28.83 -24.71 -25.24
C MET C 467 29.21 -24.19 -26.62
N PHE C 468 28.29 -23.52 -27.30
CA PHE C 468 28.63 -22.90 -28.57
C PHE C 468 29.67 -21.80 -28.39
N ALA C 469 29.58 -21.07 -27.28
CA ALA C 469 30.45 -19.91 -27.11
C ALA C 469 31.88 -20.32 -26.78
N GLU C 470 32.07 -21.34 -25.97
CA GLU C 470 33.40 -21.69 -25.50
C GLU C 470 34.14 -22.68 -26.40
N THR C 471 33.45 -23.30 -27.37
CA THR C 471 34.09 -24.32 -28.18
C THR C 471 34.19 -23.93 -29.65
N GLY C 472 33.09 -23.59 -30.30
CA GLY C 472 33.10 -23.42 -31.74
C GLY C 472 33.31 -21.99 -32.22
N VAL C 473 32.48 -21.06 -31.73
CA VAL C 473 32.55 -19.69 -32.21
C VAL C 473 33.87 -19.05 -31.81
N LYS C 474 34.37 -19.38 -30.60
CA LYS C 474 35.67 -18.88 -30.17
C LYS C 474 36.77 -19.36 -31.10
N ARG C 475 36.73 -20.64 -31.49
CA ARG C 475 37.72 -21.16 -32.42
C ARG C 475 37.60 -20.47 -33.77
N LEU C 476 36.38 -20.24 -34.24
CA LEU C 476 36.17 -19.56 -35.51
C LEU C 476 36.84 -18.19 -35.51
N PHE C 477 36.60 -17.40 -34.46
CA PHE C 477 37.13 -16.05 -34.46
C PHE C 477 38.63 -16.02 -34.16
N GLN C 478 39.15 -17.00 -33.41
CA GLN C 478 40.59 -17.12 -33.27
C GLN C 478 41.23 -17.42 -34.62
N LEU C 479 40.62 -18.31 -35.41
CA LEU C 479 41.13 -18.58 -36.76
C LEU C 479 41.08 -17.34 -37.63
N LEU C 480 40.00 -16.57 -37.53
CA LEU C 480 39.89 -15.34 -38.32
C LEU C 480 41.00 -14.37 -37.96
N HIS C 481 41.25 -14.18 -36.66
CA HIS C 481 42.32 -13.27 -36.25
C HIS C 481 43.68 -13.76 -36.72
N ASP C 482 43.93 -15.07 -36.61
CA ASP C 482 45.22 -15.60 -37.06
C ASP C 482 45.41 -15.40 -38.55
N HIS C 483 44.37 -15.66 -39.34
CA HIS C 483 44.47 -15.44 -40.79
C HIS C 483 44.66 -13.97 -41.11
N ALA C 484 44.03 -13.09 -40.36
CA ALA C 484 44.20 -11.66 -40.58
C ALA C 484 45.64 -11.23 -40.33
N ILE C 485 46.26 -11.73 -39.27
CA ILE C 485 47.61 -11.30 -38.95
C ILE C 485 48.69 -12.05 -39.71
N LYS C 486 48.37 -13.20 -40.30
CA LYS C 486 49.37 -13.96 -41.05
C LYS C 486 49.49 -13.49 -42.49
N TYR C 487 48.38 -13.40 -43.21
CA TYR C 487 48.35 -12.90 -44.58
C TYR C 487 47.90 -11.45 -44.51
N GLN C 488 48.82 -10.56 -44.19
CA GLN C 488 48.49 -9.16 -43.97
C GLN C 488 48.22 -8.44 -45.29
N ASN C 489 47.25 -7.54 -45.27
CA ASN C 489 46.93 -6.68 -46.42
C ASN C 489 46.65 -5.29 -45.87
N GLN C 490 47.71 -4.48 -45.77
CA GLN C 490 47.54 -3.08 -45.44
C GLN C 490 46.95 -2.33 -46.62
N GLU C 491 46.42 -1.14 -46.33
CA GLU C 491 45.75 -0.27 -47.29
C GLU C 491 44.36 -0.83 -47.58
N GLU C 492 44.04 -2.00 -47.03
CA GLU C 492 42.66 -2.34 -46.76
C GLU C 492 42.26 -1.87 -45.36
N VAL C 493 43.06 -2.22 -44.36
CA VAL C 493 42.84 -1.75 -43.00
C VAL C 493 42.94 -0.23 -42.94
N PHE C 494 43.89 0.33 -43.68
CA PHE C 494 44.02 1.79 -43.70
C PHE C 494 42.77 2.44 -44.29
N GLN C 495 42.24 1.88 -45.38
CA GLN C 495 41.00 2.42 -45.94
C GLN C 495 39.84 2.28 -44.97
N LEU C 496 39.82 1.20 -44.19
CA LEU C 496 38.71 1.01 -43.25
C LEU C 496 38.81 1.97 -42.06
N ARG C 497 40.00 2.14 -41.49
CA ARG C 497 40.17 2.86 -40.24
C ARG C 497 40.89 4.20 -40.37
N GLY C 498 41.68 4.40 -41.41
CA GLY C 498 42.47 5.61 -41.52
C GLY C 498 43.80 5.56 -40.78
N LYS C 499 44.16 4.43 -40.20
CA LYS C 499 45.44 4.28 -39.51
C LYS C 499 45.83 2.81 -39.58
N TRP C 500 47.12 2.55 -39.37
CA TRP C 500 47.66 1.21 -39.50
C TRP C 500 48.61 0.91 -38.35
N VAL C 501 48.54 -0.31 -37.83
CA VAL C 501 49.38 -0.77 -36.74
C VAL C 501 50.12 -2.02 -37.21
N ALA C 502 51.44 -2.01 -37.09
CA ALA C 502 52.26 -3.14 -37.50
C ALA C 502 52.21 -4.23 -36.45
N ILE C 503 52.02 -5.48 -36.89
CA ILE C 503 51.87 -6.62 -36.00
C ILE C 503 52.83 -7.71 -36.46
N ASN C 504 53.78 -8.07 -35.61
CA ASN C 504 54.71 -9.13 -35.94
C ASN C 504 54.02 -10.48 -35.80
N PRO C 505 53.91 -11.27 -36.87
CA PRO C 505 53.18 -12.54 -36.77
C PRO C 505 54.08 -13.71 -36.38
N ALA C 506 55.27 -13.41 -35.87
CA ALA C 506 56.23 -14.47 -35.56
C ALA C 506 55.68 -15.41 -34.49
N ASN C 507 55.02 -14.86 -33.47
CA ASN C 507 54.51 -15.65 -32.35
C ASN C 507 53.00 -15.85 -32.43
N TRP C 508 52.47 -16.04 -33.64
CA TRP C 508 51.03 -16.23 -33.79
C TRP C 508 50.52 -17.49 -33.11
N ARG C 509 51.38 -18.49 -32.92
CA ARG C 509 50.96 -19.73 -32.30
C ARG C 509 50.82 -19.63 -30.79
N GLU C 510 51.25 -18.52 -30.18
CA GLU C 510 51.23 -18.39 -28.74
C GLU C 510 49.96 -17.75 -28.20
N ARG C 511 49.29 -16.92 -29.01
CA ARG C 511 48.06 -16.25 -28.61
C ARG C 511 48.26 -15.48 -27.30
N SER C 512 49.35 -14.72 -27.25
CA SER C 512 49.77 -14.05 -26.02
C SER C 512 49.39 -12.58 -25.98
N ASP C 513 48.57 -12.10 -26.92
CA ASP C 513 48.23 -10.69 -26.98
C ASP C 513 46.77 -10.40 -26.72
N LEU C 514 45.85 -11.07 -27.42
CA LEU C 514 44.43 -10.78 -27.31
C LEU C 514 43.69 -12.00 -26.79
N THR C 515 42.62 -11.74 -26.04
CA THR C 515 41.69 -12.78 -25.64
C THR C 515 40.37 -12.56 -26.37
N VAL C 516 39.82 -13.64 -26.90
CA VAL C 516 38.61 -13.57 -27.71
C VAL C 516 37.39 -13.63 -26.80
N THR C 517 36.46 -12.71 -27.00
CA THR C 517 35.16 -12.75 -26.35
C THR C 517 34.14 -12.78 -27.48
N VAL C 518 33.87 -13.99 -27.95
CA VAL C 518 32.66 -14.24 -28.72
C VAL C 518 31.45 -14.19 -27.80
N GLY C 519 31.70 -14.23 -26.50
CA GLY C 519 30.70 -13.83 -25.53
C GLY C 519 30.08 -12.55 -26.01
N ILE C 520 28.78 -12.63 -26.24
CA ILE C 520 28.00 -11.64 -26.97
C ILE C 520 28.34 -10.20 -26.61
N GLY C 521 28.74 -9.42 -27.61
CA GLY C 521 29.10 -8.03 -27.42
C GLY C 521 27.87 -7.16 -27.32
N ASN C 522 26.91 -7.62 -26.53
CA ASN C 522 25.64 -6.95 -26.32
C ASN C 522 25.75 -5.85 -25.28
N MET C 523 24.63 -5.51 -24.67
CA MET C 523 24.33 -4.19 -24.11
C MET C 523 25.21 -3.92 -22.89
N ASN C 524 26.45 -3.54 -23.16
CA ASN C 524 27.34 -2.97 -22.16
C ASN C 524 27.51 -1.46 -22.32
N LYS C 525 26.87 -0.86 -23.33
CA LYS C 525 27.05 0.57 -23.58
C LYS C 525 26.57 1.41 -22.41
N ASP C 526 25.42 1.08 -21.85
CA ASP C 526 24.90 1.85 -20.72
C ASP C 526 25.82 1.75 -19.52
N GLN C 527 26.36 0.55 -19.27
CA GLN C 527 27.25 0.34 -18.13
C GLN C 527 28.52 1.17 -18.27
N GLN C 528 29.21 1.06 -19.41
CA GLN C 528 30.42 1.84 -19.59
C GLN C 528 30.11 3.33 -19.64
N MET C 529 28.90 3.69 -20.04
CA MET C 529 28.59 5.11 -20.10
C MET C 529 28.40 5.69 -18.70
N LEU C 530 27.71 4.95 -17.83
CA LEU C 530 27.62 5.37 -16.43
C LEU C 530 29.00 5.39 -15.80
N HIS C 531 29.85 4.43 -16.16
CA HIS C 531 31.22 4.49 -15.69
C HIS C 531 31.92 5.75 -16.18
N LEU C 532 31.58 6.21 -17.39
CA LEU C 532 32.16 7.46 -17.87
C LEU C 532 31.66 8.65 -17.04
N MET C 533 30.37 8.67 -16.69
CA MET C 533 29.88 9.73 -15.82
C MET C 533 30.63 9.78 -14.50
N ARG C 534 30.74 8.64 -13.82
CA ARG C 534 31.44 8.63 -12.53
C ARG C 534 32.93 8.98 -12.68
N ILE C 535 33.57 8.54 -13.77
CA ILE C 535 34.96 8.92 -13.98
C ILE C 535 35.08 10.44 -14.17
N TRP C 536 34.15 11.03 -14.91
CA TRP C 536 34.19 12.48 -15.12
C TRP C 536 33.94 13.23 -13.82
N GLU C 537 33.08 12.67 -12.95
CA GLU C 537 32.89 13.27 -11.63
C GLU C 537 34.18 13.23 -10.81
N MET C 538 34.88 12.09 -10.84
CA MET C 538 36.19 12.03 -10.21
C MET C 538 37.14 13.07 -10.80
N ALA C 539 37.08 13.26 -12.11
CA ALA C 539 37.94 14.26 -12.74
C ALA C 539 37.64 15.65 -12.22
N GLN C 540 36.36 16.00 -12.08
CA GLN C 540 36.01 17.30 -11.51
C GLN C 540 36.54 17.42 -10.09
N ALA C 541 36.37 16.37 -9.29
CA ALA C 541 36.85 16.43 -7.91
C ALA C 541 38.35 16.63 -7.86
N VAL C 542 39.09 15.91 -8.70
CA VAL C 542 40.54 16.04 -8.73
C VAL C 542 40.96 17.45 -9.16
N VAL C 543 40.31 17.99 -10.19
CA VAL C 543 40.65 19.33 -10.65
C VAL C 543 40.37 20.35 -9.56
N GLY C 544 39.22 20.23 -8.89
CA GLY C 544 38.91 21.11 -7.78
C GLY C 544 39.83 20.93 -6.59
N GLY C 545 40.49 19.79 -6.47
CA GLY C 545 41.45 19.56 -5.42
C GLY C 545 42.82 20.15 -5.66
N GLY C 546 43.00 20.84 -6.78
CA GLY C 546 44.28 21.46 -7.07
C GLY C 546 45.30 20.55 -7.72
N GLY C 547 44.86 19.49 -8.37
CA GLY C 547 45.74 18.54 -9.01
C GLY C 547 45.87 18.66 -10.51
N LEU C 548 45.40 19.77 -11.09
CA LEU C 548 45.48 19.92 -12.55
C LEU C 548 46.93 20.01 -12.98
N GLY C 549 47.29 19.22 -13.99
CA GLY C 549 48.65 19.16 -14.49
C GLY C 549 49.54 18.18 -13.75
N VAL C 550 49.12 17.72 -12.59
CA VAL C 550 49.87 16.74 -11.80
C VAL C 550 49.09 15.44 -11.65
N LEU C 551 47.82 15.54 -11.24
CA LEU C 551 46.99 14.34 -11.12
C LEU C 551 46.28 14.03 -12.44
N VAL C 552 45.89 15.07 -13.17
CA VAL C 552 45.18 14.90 -14.43
C VAL C 552 45.56 16.05 -15.35
N SER C 553 45.72 15.75 -16.64
CA SER C 553 46.04 16.75 -17.64
C SER C 553 44.80 17.07 -18.47
N GLU C 554 44.90 18.14 -19.26
CA GLU C 554 43.76 18.55 -20.08
C GLU C 554 43.47 17.53 -21.17
N GLN C 555 44.52 16.91 -21.74
CA GLN C 555 44.28 15.87 -22.74
C GLN C 555 43.48 14.71 -22.16
N ASN C 556 43.63 14.44 -20.87
CA ASN C 556 42.84 13.40 -20.24
C ASN C 556 41.35 13.77 -20.23
N LEU C 557 41.05 15.03 -19.89
CA LEU C 557 39.66 15.49 -19.92
C LEU C 557 39.11 15.43 -21.33
N TYR C 558 39.95 15.77 -22.32
CA TYR C 558 39.55 15.67 -23.71
C TYR C 558 39.25 14.23 -24.11
N ASN C 559 40.07 13.29 -23.67
CA ASN C 559 39.81 11.89 -23.96
C ASN C 559 38.50 11.45 -23.33
N ILE C 560 38.25 11.86 -22.10
CA ILE C 560 37.00 11.51 -21.43
C ILE C 560 35.80 12.06 -22.20
N LEU C 561 35.88 13.34 -22.59
CA LEU C 561 34.77 13.96 -23.30
C LEU C 561 34.55 13.31 -24.67
N LYS C 562 35.64 13.00 -25.37
CA LYS C 562 35.53 12.34 -26.67
C LYS C 562 34.88 10.97 -26.52
N GLU C 563 35.29 10.21 -25.50
CA GLU C 563 34.69 8.90 -25.27
C GLU C 563 33.21 9.02 -24.96
N VAL C 564 32.84 9.98 -24.13
CA VAL C 564 31.42 10.18 -23.80
C VAL C 564 30.62 10.52 -25.05
N THR C 565 31.15 11.43 -25.86
CA THR C 565 30.44 11.86 -27.06
C THR C 565 30.30 10.71 -28.06
N GLU C 566 31.36 9.93 -28.25
CA GLU C 566 31.28 8.79 -29.16
C GLU C 566 30.29 7.75 -28.66
N ASN C 567 30.28 7.49 -27.36
CA ASN C 567 29.32 6.54 -26.81
C ASN C 567 27.90 7.05 -26.94
N ALA C 568 27.72 8.38 -26.91
CA ALA C 568 26.39 8.95 -27.07
C ALA C 568 25.84 8.72 -28.48
N GLY C 569 26.71 8.60 -29.47
CA GLY C 569 26.27 8.32 -30.82
C GLY C 569 26.82 9.25 -31.88
N TYR C 570 27.63 10.22 -31.47
CA TYR C 570 28.23 11.19 -32.38
C TYR C 570 29.67 10.78 -32.65
N LYS C 571 29.94 10.33 -33.88
CA LYS C 571 31.28 9.84 -34.20
C LYS C 571 32.30 10.96 -34.24
N ASP C 572 31.92 12.12 -34.78
CA ASP C 572 32.84 13.24 -34.90
C ASP C 572 32.79 14.04 -33.60
N PRO C 573 33.88 14.11 -32.83
CA PRO C 573 33.86 14.84 -31.57
C PRO C 573 34.27 16.30 -31.67
N ASP C 574 34.82 16.74 -32.79
CA ASP C 574 35.23 18.13 -32.94
C ASP C 574 34.06 19.08 -33.09
N ARG C 575 32.84 18.57 -33.30
CA ARG C 575 31.69 19.44 -33.38
C ARG C 575 31.33 20.04 -32.03
N PHE C 576 31.68 19.35 -30.94
CA PHE C 576 31.31 19.78 -29.61
C PHE C 576 32.49 20.16 -28.72
N TRP C 577 33.72 19.80 -29.09
CA TRP C 577 34.88 20.07 -28.27
C TRP C 577 36.04 20.52 -29.16
N THR C 578 37.05 21.11 -28.52
CA THR C 578 38.24 21.59 -29.20
C THR C 578 39.47 20.88 -28.69
N ASN C 579 40.28 20.38 -29.61
CA ASN C 579 41.54 19.72 -29.28
C ASN C 579 42.53 20.75 -28.75
N PRO C 580 43.30 20.44 -27.70
CA PRO C 580 44.22 21.44 -27.14
C PRO C 580 45.42 21.69 -28.02
N ASP C 581 45.87 20.67 -28.76
CA ASP C 581 47.03 20.82 -29.63
C ASP C 581 46.73 21.64 -30.87
N SER C 582 45.46 21.96 -31.11
CA SER C 582 45.12 22.86 -32.21
C SER C 582 45.70 24.25 -31.91
N PRO C 583 46.13 24.98 -32.93
CA PRO C 583 46.74 26.29 -32.68
C PRO C 583 45.82 27.26 -31.97
N GLU C 584 44.50 27.16 -32.18
CA GLU C 584 43.58 28.07 -31.51
C GLU C 584 43.64 27.91 -30.00
N ALA C 585 43.68 26.67 -29.51
CA ALA C 585 43.75 26.43 -28.08
C ALA C 585 45.07 26.94 -27.50
N GLN C 586 46.17 26.72 -28.23
CA GLN C 586 47.47 27.23 -27.76
C GLN C 586 47.44 28.75 -27.68
N GLN C 587 46.84 29.41 -28.67
CA GLN C 587 46.72 30.86 -28.63
C GLN C 587 45.87 31.31 -27.45
N ALA C 588 44.75 30.62 -27.20
CA ALA C 588 43.91 30.97 -26.07
C ALA C 588 44.66 30.84 -24.76
N LYS C 589 45.44 29.77 -24.61
CA LYS C 589 46.30 29.63 -23.43
C LYS C 589 47.33 30.74 -23.35
N ALA C 590 47.84 31.18 -24.50
CA ALA C 590 48.82 32.26 -24.51
C ALA C 590 48.23 33.55 -23.94
N ILE C 591 47.07 33.96 -24.44
CA ILE C 591 46.43 35.16 -23.88
C ILE C 591 46.03 34.95 -22.42
N ARG C 592 45.57 33.74 -22.07
CA ARG C 592 45.19 33.50 -20.68
C ARG C 592 46.39 33.68 -19.74
N GLU C 593 47.55 33.16 -20.13
CA GLU C 593 48.75 33.32 -19.31
C GLU C 593 49.22 34.77 -19.31
N GLN C 594 49.09 35.46 -20.46
CA GLN C 594 49.53 36.86 -20.54
C GLN C 594 48.68 37.74 -19.64
N LYS C 595 47.40 37.42 -19.49
CA LYS C 595 46.53 38.19 -18.60
C LYS C 595 46.86 37.99 -17.12
N GLU C 596 47.89 37.22 -16.81
CA GLU C 596 48.37 37.03 -15.44
C GLU C 596 49.69 37.78 -15.22
N ALA C 597 49.82 38.95 -15.84
CA ALA C 597 51.06 39.70 -15.77
C ALA C 597 51.32 40.20 -14.35
N GLN C 598 50.40 41.01 -13.82
CA GLN C 598 50.58 41.55 -12.48
C GLN C 598 49.24 41.66 -11.76
N PRO C 599 49.16 41.17 -10.54
CA PRO C 599 47.91 41.28 -9.76
C PRO C 599 47.76 42.69 -9.19
N LYS C 600 46.73 42.85 -8.37
CA LYS C 600 46.30 44.17 -7.93
C LYS C 600 47.29 44.83 -6.98
N PRO C 601 47.55 44.29 -5.78
CA PRO C 601 48.28 45.07 -4.78
C PRO C 601 49.80 44.94 -4.82
N GLU C 602 50.36 44.12 -5.72
CA GLU C 602 51.81 43.90 -5.71
C GLU C 602 52.58 45.19 -5.92
N ASP C 603 52.13 46.03 -6.84
CA ASP C 603 52.82 47.29 -7.05
C ASP C 603 52.60 48.28 -5.92
N ILE C 604 51.47 48.17 -5.19
CA ILE C 604 51.33 48.93 -3.96
C ILE C 604 52.41 48.50 -2.96
N LYS C 605 52.60 47.19 -2.81
CA LYS C 605 53.65 46.68 -1.94
C LYS C 605 55.01 47.23 -2.34
N ALA C 606 55.33 47.14 -3.64
CA ALA C 606 56.63 47.60 -4.12
C ALA C 606 56.81 49.11 -3.94
N GLN C 607 55.76 49.88 -4.17
CA GLN C 607 55.87 51.33 -4.12
C GLN C 607 55.99 51.81 -2.67
N ALA C 608 55.31 51.12 -1.76
CA ALA C 608 55.50 51.44 -0.35
C ALA C 608 56.87 50.99 0.14
N ASP C 609 57.39 49.86 -0.39
CA ASP C 609 58.80 49.52 -0.19
C ASP C 609 59.68 50.67 -0.61
N ALA C 610 59.37 51.28 -1.75
CA ALA C 610 60.14 52.43 -2.22
C ALA C 610 60.08 53.57 -1.20
N GLN C 611 58.87 53.92 -0.75
CA GLN C 611 58.74 54.97 0.27
C GLN C 611 59.59 54.66 1.50
N ARG C 612 59.61 53.41 1.94
CA ARG C 612 60.18 53.20 3.26
C ARG C 612 61.68 52.95 3.21
N ALA C 613 62.20 52.36 2.13
CA ALA C 613 63.65 52.40 1.91
C ALA C 613 64.12 53.84 1.75
N GLN C 614 63.31 54.65 1.06
CA GLN C 614 63.51 56.09 1.04
C GLN C 614 63.55 56.70 2.44
N SER C 615 62.65 56.28 3.31
CA SER C 615 62.64 56.82 4.68
C SER C 615 63.94 56.46 5.41
N ASP C 616 64.41 55.23 5.22
CA ASP C 616 65.69 54.84 5.79
C ASP C 616 66.83 55.71 5.24
N ALA C 617 66.77 56.00 3.93
CA ALA C 617 67.79 56.85 3.33
C ALA C 617 67.78 58.24 3.97
N LEU C 618 66.59 58.82 4.14
CA LEU C 618 66.53 60.12 4.82
C LEU C 618 67.04 60.03 6.24
N ALA C 619 66.75 58.91 6.92
CA ALA C 619 67.22 58.76 8.29
C ALA C 619 68.74 58.79 8.36
N LYS C 620 69.39 58.02 7.50
CA LYS C 620 70.86 57.98 7.51
C LYS C 620 71.44 59.34 7.14
N GLN C 621 70.85 59.99 6.13
CA GLN C 621 71.34 61.31 5.74
C GLN C 621 71.19 62.32 6.87
N ALA C 622 70.04 62.32 7.54
CA ALA C 622 69.80 63.25 8.63
C ALA C 622 70.74 62.97 9.80
N GLU C 623 70.98 61.69 10.11
CA GLU C 623 71.90 61.35 11.18
C GLU C 623 73.29 61.90 10.89
N ALA C 624 73.82 61.60 9.70
CA ALA C 624 75.16 62.07 9.35
C ALA C 624 75.20 63.59 9.33
N GLN C 625 74.17 64.23 8.77
CA GLN C 625 74.15 65.68 8.66
C GLN C 625 74.15 66.35 10.02
N MET C 626 73.32 65.85 10.94
CA MET C 626 73.23 66.50 12.24
C MET C 626 74.46 66.22 13.09
N LYS C 627 75.06 65.04 12.95
CA LYS C 627 76.33 64.78 13.63
C LYS C 627 77.42 65.71 13.12
N GLN C 628 77.49 65.92 11.80
CA GLN C 628 78.46 66.86 11.25
C GLN C 628 78.19 68.28 11.70
N VAL C 629 76.91 68.66 11.82
CA VAL C 629 76.58 69.99 12.34
C VAL C 629 77.09 70.15 13.76
N GLU C 630 76.75 69.19 14.63
CA GLU C 630 77.17 69.30 16.03
C GLU C 630 78.68 69.17 16.18
N ALA C 631 79.36 68.63 15.16
CA ALA C 631 80.81 68.49 15.25
C ALA C 631 81.53 69.83 15.15
N GLN C 632 81.08 70.72 14.27
CA GLN C 632 81.90 71.90 13.94
C GLN C 632 81.17 73.23 14.12
N ILE C 633 79.84 73.25 14.02
CA ILE C 633 79.13 74.52 14.16
C ILE C 633 79.12 75.01 15.59
N ARG C 634 79.58 74.19 16.53
CA ARG C 634 79.49 74.47 17.96
C ARG C 634 80.83 74.81 18.57
N LEU C 635 81.91 74.14 18.17
CA LEU C 635 83.23 74.46 18.69
C LEU C 635 83.74 75.79 18.15
N ALA C 636 83.40 76.10 16.89
CA ALA C 636 83.89 77.32 16.27
C ALA C 636 83.35 78.56 16.96
N GLU C 637 82.06 78.56 17.32
CA GLU C 637 81.51 79.67 18.08
C GLU C 637 82.03 79.71 19.51
N ILE C 638 82.64 78.62 19.98
CA ILE C 638 83.26 78.63 21.31
C ILE C 638 84.63 79.29 21.24
N GLU C 639 85.44 78.91 20.25
CA GLU C 639 86.80 79.43 20.17
C GLU C 639 86.81 80.94 19.89
N LEU C 640 85.72 81.47 19.37
CA LEU C 640 85.62 82.91 19.16
C LEU C 640 84.48 83.49 19.98
N MET D 11 70.66 -57.90 -7.21
CA MET D 11 69.73 -57.14 -6.38
C MET D 11 69.50 -55.75 -6.96
N ASP D 12 69.21 -55.68 -8.26
CA ASP D 12 69.02 -54.39 -8.92
C ASP D 12 67.83 -54.38 -9.87
N ASP D 13 67.09 -55.47 -10.01
CA ASP D 13 65.88 -55.53 -10.83
C ASP D 13 66.16 -55.15 -12.28
N GLU D 14 66.91 -56.02 -12.94
CA GLU D 14 67.10 -55.89 -14.38
C GLU D 14 65.77 -55.91 -15.10
N GLN D 15 65.80 -55.51 -16.38
CA GLN D 15 64.58 -55.26 -17.14
C GLN D 15 63.64 -56.47 -17.20
N VAL D 16 64.18 -57.69 -17.11
CA VAL D 16 63.31 -58.86 -17.18
C VAL D 16 62.38 -58.92 -15.98
N LEU D 17 62.92 -58.69 -14.78
CA LEU D 17 62.09 -58.70 -13.58
C LEU D 17 61.05 -57.58 -13.61
N ARG D 18 61.46 -56.40 -14.09
CA ARG D 18 60.53 -55.29 -14.19
C ARG D 18 59.40 -55.60 -15.17
N HIS D 19 59.73 -56.21 -16.31
CA HIS D 19 58.69 -56.66 -17.23
C HIS D 19 57.76 -57.66 -16.57
N LEU D 20 58.33 -58.61 -15.83
CA LEU D 20 57.51 -59.63 -15.18
C LEU D 20 56.52 -59.01 -14.20
N ASP D 21 57.02 -58.14 -13.33
CA ASP D 21 56.15 -57.50 -12.34
C ASP D 21 55.10 -56.64 -13.02
N GLN D 22 55.50 -55.86 -14.02
CA GLN D 22 54.55 -54.99 -14.72
C GLN D 22 53.47 -55.80 -15.41
N LEU D 23 53.85 -56.90 -16.06
CA LEU D 23 52.88 -57.74 -16.74
C LEU D 23 51.93 -58.38 -15.74
N VAL D 24 52.44 -58.85 -14.60
CA VAL D 24 51.56 -59.42 -13.59
C VAL D 24 50.55 -58.39 -13.11
N ASN D 25 51.02 -57.19 -12.77
CA ASN D 25 50.12 -56.16 -12.26
C ASN D 25 49.09 -55.75 -13.30
N ASP D 26 49.52 -55.62 -14.56
CA ASP D 26 48.60 -55.16 -15.60
C ASP D 26 47.58 -56.24 -15.95
N ALA D 27 48.04 -57.48 -16.14
CA ALA D 27 47.13 -58.58 -16.46
C ALA D 27 46.22 -58.93 -15.30
N LEU D 28 46.56 -58.49 -14.08
CA LEU D 28 45.59 -58.58 -13.00
C LEU D 28 44.32 -57.84 -13.35
N ASP D 29 44.45 -56.69 -14.01
CA ASP D 29 43.31 -55.95 -14.53
C ASP D 29 43.07 -56.38 -15.97
N PHE D 30 42.25 -55.62 -16.71
CA PHE D 30 41.84 -55.97 -18.07
C PHE D 30 41.14 -57.33 -18.13
N ASN D 31 40.01 -57.44 -17.43
CA ASN D 31 39.25 -58.68 -17.42
C ASN D 31 37.77 -58.34 -17.30
N SER D 32 36.92 -59.37 -17.43
CA SER D 32 35.49 -59.17 -17.27
C SER D 32 35.18 -58.93 -15.81
N SER D 33 35.15 -57.66 -15.40
CA SER D 33 34.93 -57.29 -14.02
C SER D 33 33.58 -56.60 -13.87
N GLU D 34 32.98 -56.76 -12.69
CA GLU D 34 31.67 -56.19 -12.42
C GLU D 34 31.67 -54.68 -12.49
N LEU D 35 32.81 -54.04 -12.19
CA LEU D 35 32.87 -52.58 -12.27
C LEU D 35 32.69 -52.10 -13.70
N SER D 36 33.41 -52.72 -14.63
CA SER D 36 33.23 -52.38 -16.04
C SER D 36 31.82 -52.69 -16.51
N LYS D 37 31.25 -53.80 -16.02
CA LYS D 37 29.88 -54.14 -16.37
C LYS D 37 28.92 -53.05 -15.91
N GLN D 38 29.09 -52.57 -14.68
CA GLN D 38 28.22 -51.51 -14.17
C GLN D 38 28.38 -50.23 -14.95
N ARG D 39 29.61 -49.88 -15.31
CA ARG D 39 29.82 -48.66 -16.10
C ARG D 39 29.18 -48.77 -17.47
N SER D 40 29.33 -49.92 -18.14
CA SER D 40 28.71 -50.11 -19.44
C SER D 40 27.20 -50.09 -19.35
N GLU D 41 26.65 -50.69 -18.28
CA GLU D 41 25.19 -50.66 -18.09
C GLU D 41 24.71 -49.24 -17.87
N ALA D 42 25.46 -48.44 -17.12
CA ALA D 42 25.09 -47.04 -16.94
C ALA D 42 25.05 -46.30 -18.26
N LEU D 43 26.08 -46.51 -19.09
CA LEU D 43 26.09 -45.86 -20.41
C LEU D 43 24.90 -46.32 -21.26
N LYS D 44 24.61 -47.62 -21.25
CA LYS D 44 23.49 -48.13 -22.03
C LYS D 44 22.17 -47.53 -21.56
N TYR D 45 21.97 -47.44 -20.24
CA TYR D 45 20.76 -46.83 -19.72
C TYR D 45 20.66 -45.36 -20.12
N TYR D 46 21.80 -44.67 -20.13
CA TYR D 46 21.78 -43.28 -20.59
C TYR D 46 21.36 -43.17 -22.04
N PHE D 47 21.88 -44.07 -22.90
CA PHE D 47 21.52 -44.02 -24.31
C PHE D 47 20.09 -44.47 -24.58
N GLY D 48 19.43 -45.10 -23.62
CA GLY D 48 18.09 -45.60 -23.85
C GLY D 48 18.05 -46.88 -24.66
N GLU D 49 19.07 -47.72 -24.56
CA GLU D 49 19.12 -48.95 -25.31
C GLU D 49 18.11 -49.97 -24.77
N PRO D 50 17.69 -50.92 -25.60
CA PRO D 50 16.76 -51.94 -25.11
C PRO D 50 17.37 -52.80 -24.02
N PHE D 51 16.52 -53.24 -23.09
CA PHE D 51 16.99 -54.05 -21.96
C PHE D 51 17.36 -55.46 -22.39
N GLY D 52 16.65 -56.02 -23.36
CA GLY D 52 16.88 -57.38 -23.79
C GLY D 52 15.73 -58.33 -23.52
N ASN D 53 14.61 -57.84 -22.98
CA ASN D 53 13.43 -58.67 -22.72
C ASN D 53 12.27 -58.30 -23.62
N GLU D 54 12.55 -57.79 -24.82
CA GLU D 54 11.51 -57.32 -25.72
C GLU D 54 11.02 -58.44 -26.62
N ARG D 55 9.71 -58.59 -26.72
CA ARG D 55 9.11 -59.59 -27.57
C ARG D 55 9.00 -59.07 -29.00
N PRO D 56 8.98 -59.97 -29.99
CA PRO D 56 9.01 -59.53 -31.39
C PRO D 56 7.90 -58.58 -31.78
N GLY D 57 6.68 -58.78 -31.27
CA GLY D 57 5.53 -58.02 -31.73
C GLY D 57 4.91 -57.05 -30.75
N LYS D 58 5.49 -56.85 -29.58
CA LYS D 58 4.91 -55.99 -28.56
C LYS D 58 5.66 -54.65 -28.52
N SER D 59 5.25 -53.81 -27.58
CA SER D 59 5.86 -52.49 -27.43
C SER D 59 7.26 -52.62 -26.84
N ALA D 60 8.12 -51.64 -27.16
CA ALA D 60 9.49 -51.64 -26.69
C ALA D 60 9.92 -50.26 -26.22
N ILE D 61 9.00 -49.48 -25.66
CA ILE D 61 9.33 -48.14 -25.20
C ILE D 61 10.21 -48.23 -23.94
N VAL D 62 11.12 -47.28 -23.80
CA VAL D 62 12.05 -47.23 -22.68
C VAL D 62 11.94 -45.86 -22.03
N SER D 63 11.75 -45.84 -20.71
CA SER D 63 11.70 -44.60 -19.96
C SER D 63 13.10 -44.01 -19.80
N ARG D 64 13.18 -42.69 -19.84
CA ARG D 64 14.45 -41.97 -19.75
C ARG D 64 14.51 -41.28 -18.40
N ASP D 65 15.32 -41.81 -17.49
CA ASP D 65 15.49 -41.23 -16.16
C ASP D 65 16.92 -40.79 -15.90
N VAL D 66 17.89 -41.67 -16.13
CA VAL D 66 19.29 -41.31 -15.92
C VAL D 66 19.68 -40.15 -16.83
N GLN D 67 19.22 -40.19 -18.08
CA GLN D 67 19.51 -39.12 -19.02
C GLN D 67 18.95 -37.79 -18.53
N GLU D 68 17.71 -37.81 -18.05
CA GLU D 68 17.09 -36.58 -17.56
C GLU D 68 17.84 -36.03 -16.36
N THR D 69 18.21 -36.90 -15.42
CA THR D 69 18.92 -36.42 -14.23
C THR D 69 20.28 -35.83 -14.59
N VAL D 70 21.03 -36.52 -15.45
CA VAL D 70 22.35 -36.02 -15.84
C VAL D 70 22.23 -34.69 -16.58
N ASP D 71 21.28 -34.60 -17.50
CA ASP D 71 21.11 -33.39 -18.29
C ASP D 71 20.56 -32.24 -17.45
N TRP D 72 19.88 -32.53 -16.34
CA TRP D 72 19.44 -31.45 -15.47
C TRP D 72 20.54 -31.03 -14.50
N ILE D 73 21.49 -31.91 -14.20
CA ILE D 73 22.55 -31.55 -13.27
C ILE D 73 23.66 -30.78 -13.98
N MET D 74 24.01 -31.18 -15.21
CA MET D 74 25.21 -30.64 -15.86
C MET D 74 25.20 -29.11 -16.02
N PRO D 75 24.14 -28.46 -16.51
CA PRO D 75 24.24 -27.02 -16.78
C PRO D 75 24.59 -26.19 -15.55
N SER D 76 24.07 -26.55 -14.38
CA SER D 76 24.44 -25.84 -13.16
C SER D 76 25.92 -26.02 -12.87
N LEU D 77 26.43 -27.24 -13.02
CA LEU D 77 27.83 -27.53 -12.76
C LEU D 77 28.76 -26.85 -13.76
N MET D 78 28.23 -26.42 -14.91
CA MET D 78 29.07 -25.66 -15.84
C MET D 78 28.97 -24.16 -15.60
N LYS D 79 27.76 -23.66 -15.32
CA LYS D 79 27.59 -22.25 -14.98
C LYS D 79 28.44 -21.89 -13.77
N VAL D 80 28.39 -22.71 -12.73
CA VAL D 80 29.45 -22.70 -11.74
C VAL D 80 30.70 -23.28 -12.37
N PHE D 81 31.84 -22.67 -12.11
CA PHE D 81 33.17 -22.98 -12.64
C PHE D 81 33.40 -22.46 -14.06
N THR D 82 32.40 -21.88 -14.74
CA THR D 82 32.70 -21.40 -16.08
C THR D 82 32.31 -19.95 -16.32
N SER D 83 31.27 -19.47 -15.64
CA SER D 83 30.57 -18.26 -16.07
C SER D 83 31.49 -17.05 -16.14
N GLY D 84 32.37 -16.89 -15.17
CA GLY D 84 33.14 -15.67 -15.07
C GLY D 84 34.28 -15.50 -16.03
N GLY D 85 34.50 -16.43 -16.94
CA GLY D 85 35.67 -16.36 -17.81
C GLY D 85 36.93 -16.86 -17.16
N GLN D 86 37.26 -16.33 -15.98
CA GLN D 86 38.33 -16.88 -15.18
C GLN D 86 37.85 -18.15 -14.47
N VAL D 87 38.78 -19.06 -14.22
CA VAL D 87 38.46 -20.32 -13.57
C VAL D 87 39.15 -20.49 -12.23
N VAL D 88 40.30 -19.86 -12.01
CA VAL D 88 41.06 -20.02 -10.77
C VAL D 88 41.51 -18.65 -10.30
N LYS D 89 41.70 -18.53 -8.99
CA LYS D 89 42.25 -17.31 -8.41
C LYS D 89 43.23 -17.69 -7.30
N TYR D 90 44.47 -17.23 -7.42
CA TYR D 90 45.50 -17.49 -6.42
C TYR D 90 45.59 -16.30 -5.48
N GLU D 91 45.41 -16.54 -4.19
CA GLU D 91 45.47 -15.47 -3.21
C GLU D 91 46.78 -15.54 -2.45
N PRO D 92 47.45 -14.41 -2.25
CA PRO D 92 48.72 -14.42 -1.53
C PRO D 92 48.54 -14.69 -0.05
N GLN D 93 49.58 -15.24 0.56
CA GLN D 93 49.58 -15.52 1.99
C GLN D 93 49.97 -14.28 2.79
N THR D 94 51.04 -13.62 2.39
CA THR D 94 51.51 -12.38 2.99
C THR D 94 51.56 -11.28 1.94
N ALA D 95 51.96 -10.09 2.36
CA ALA D 95 52.07 -8.96 1.45
C ALA D 95 53.24 -9.08 0.49
N GLU D 96 54.18 -9.98 0.76
CA GLU D 96 55.37 -10.13 -0.08
C GLU D 96 55.16 -11.06 -1.25
N ASP D 97 54.02 -11.74 -1.32
CA ASP D 97 53.72 -12.68 -2.40
C ASP D 97 52.78 -12.11 -3.44
N VAL D 98 52.27 -10.89 -3.24
CA VAL D 98 51.16 -10.39 -4.04
C VAL D 98 51.49 -10.44 -5.53
N GLU D 99 52.66 -9.90 -5.90
CA GLU D 99 53.05 -9.87 -7.29
C GLU D 99 53.11 -11.30 -7.86
N GLN D 100 53.70 -12.22 -7.12
CA GLN D 100 53.70 -13.61 -7.56
C GLN D 100 52.29 -14.12 -7.72
N ALA D 101 51.42 -13.83 -6.74
CA ALA D 101 50.04 -14.25 -6.83
C ALA D 101 49.37 -13.71 -8.08
N GLU D 102 49.81 -12.54 -8.55
CA GLU D 102 49.25 -12.04 -9.80
C GLU D 102 49.73 -12.86 -10.98
N GLN D 103 51.04 -13.14 -11.04
CA GLN D 103 51.60 -13.78 -12.21
C GLN D 103 50.92 -15.11 -12.51
N GLU D 104 50.86 -15.98 -11.50
CA GLU D 104 50.19 -17.27 -11.69
C GLU D 104 48.75 -17.07 -12.13
N THR D 105 48.05 -16.12 -11.50
CA THR D 105 46.65 -15.91 -11.83
C THR D 105 46.47 -15.56 -13.29
N GLU D 106 47.47 -14.91 -13.90
CA GLU D 106 47.38 -14.61 -15.31
C GLU D 106 48.04 -15.68 -16.18
N TYR D 107 48.96 -16.47 -15.61
CA TYR D 107 49.57 -17.53 -16.39
C TYR D 107 48.65 -18.76 -16.43
N VAL D 108 48.34 -19.31 -15.28
CA VAL D 108 47.37 -20.41 -15.18
C VAL D 108 45.98 -19.81 -15.35
N ASN D 109 45.40 -20.00 -16.54
CA ASN D 109 44.25 -19.31 -17.11
C ASN D 109 44.53 -19.14 -18.59
N TYR D 110 45.73 -18.65 -18.90
CA TYR D 110 46.19 -18.64 -20.27
C TYR D 110 46.53 -20.04 -20.74
N LEU D 111 47.11 -20.85 -19.86
CA LEU D 111 47.44 -22.22 -20.21
C LEU D 111 46.19 -23.10 -20.31
N PHE D 112 45.21 -22.86 -19.43
CA PHE D 112 44.05 -23.74 -19.36
C PHE D 112 42.97 -23.38 -20.37
N MET D 113 42.69 -22.09 -20.56
CA MET D 113 41.58 -21.67 -21.40
C MET D 113 42.00 -21.30 -22.82
N ARG D 114 43.28 -20.99 -23.05
CA ARG D 114 43.71 -20.54 -24.36
C ARG D 114 44.73 -21.46 -25.02
N LYS D 115 45.19 -22.50 -24.35
CA LYS D 115 46.19 -23.39 -24.91
C LYS D 115 45.85 -24.87 -24.77
N ASN D 116 44.75 -25.22 -24.10
CA ASN D 116 44.49 -26.63 -23.83
C ASN D 116 43.03 -27.02 -23.98
N GLU D 117 42.14 -26.13 -24.42
CA GLU D 117 40.72 -26.43 -24.55
C GLU D 117 40.14 -26.86 -23.20
N GLY D 118 40.19 -25.94 -22.24
CA GLY D 118 39.81 -26.29 -20.87
C GLY D 118 38.33 -26.62 -20.73
N PHE D 119 37.48 -25.91 -21.46
CA PHE D 119 36.04 -26.12 -21.31
C PHE D 119 35.65 -27.53 -21.69
N LYS D 120 36.15 -28.02 -22.83
CA LYS D 120 35.82 -29.38 -23.26
C LYS D 120 36.35 -30.42 -22.29
N VAL D 121 37.59 -30.22 -21.81
CA VAL D 121 38.17 -31.17 -20.88
C VAL D 121 37.35 -31.25 -19.60
N MET D 122 36.96 -30.09 -19.08
CA MET D 122 36.22 -30.07 -17.82
C MET D 122 34.80 -30.62 -18.00
N PHE D 123 34.19 -30.36 -19.16
CA PHE D 123 32.89 -30.96 -19.45
C PHE D 123 32.98 -32.49 -19.48
N ASP D 124 34.00 -33.01 -20.16
CA ASP D 124 34.18 -34.46 -20.21
C ASP D 124 34.42 -35.02 -18.82
N TRP D 125 35.23 -34.31 -18.02
CA TRP D 125 35.50 -34.73 -16.65
C TRP D 125 34.20 -34.85 -15.85
N PHE D 126 33.38 -33.81 -15.87
CA PHE D 126 32.16 -33.81 -15.08
C PHE D 126 31.18 -34.88 -15.57
N GLN D 127 31.04 -35.03 -16.89
CA GLN D 127 30.10 -36.01 -17.41
C GLN D 127 30.55 -37.43 -17.08
N ASP D 128 31.86 -37.69 -17.17
CA ASP D 128 32.36 -39.01 -16.77
C ASP D 128 32.12 -39.26 -15.30
N THR D 129 32.32 -38.25 -14.46
CA THR D 129 32.09 -38.42 -13.02
C THR D 129 30.63 -38.74 -12.73
N LEU D 130 29.71 -38.06 -13.41
CA LEU D 130 28.29 -38.30 -13.15
C LEU D 130 27.84 -39.65 -13.73
N MET D 131 28.30 -39.98 -14.94
CA MET D 131 27.86 -41.19 -15.61
C MET D 131 28.50 -42.43 -15.00
N MET D 132 29.82 -42.52 -15.07
CA MET D 132 30.56 -43.57 -14.38
C MET D 132 30.67 -43.20 -12.91
N LYS D 133 31.52 -43.91 -12.17
CA LYS D 133 31.64 -43.65 -10.75
C LYS D 133 32.67 -42.58 -10.41
N THR D 134 33.64 -42.32 -11.28
CA THR D 134 34.67 -41.34 -10.98
C THR D 134 35.26 -40.83 -12.29
N GLY D 135 35.82 -39.62 -12.22
CA GLY D 135 36.45 -39.02 -13.39
C GLY D 135 37.90 -38.68 -13.11
N VAL D 136 38.72 -38.79 -14.15
CA VAL D 136 40.17 -38.60 -14.02
C VAL D 136 40.66 -37.66 -15.11
N VAL D 137 41.56 -36.75 -14.71
CA VAL D 137 42.19 -35.80 -15.63
C VAL D 137 43.69 -35.80 -15.35
N LYS D 138 44.48 -35.71 -16.43
CA LYS D 138 45.94 -35.80 -16.34
C LYS D 138 46.58 -34.48 -16.75
N VAL D 139 47.66 -34.11 -16.06
CA VAL D 139 48.49 -32.96 -16.37
C VAL D 139 49.91 -33.45 -16.61
N TYR D 140 50.51 -33.03 -17.72
CA TYR D 140 51.85 -33.51 -18.05
C TYR D 140 52.58 -32.47 -18.89
N VAL D 141 53.84 -32.78 -19.18
CA VAL D 141 54.70 -31.93 -20.02
C VAL D 141 54.95 -32.67 -21.32
N GLU D 142 54.72 -31.99 -22.43
CA GLU D 142 54.80 -32.63 -23.74
C GLU D 142 56.20 -33.16 -24.01
N GLU D 143 56.27 -34.40 -24.49
CA GLU D 143 57.54 -35.03 -24.83
C GLU D 143 57.72 -35.28 -26.32
N VAL D 144 56.64 -35.30 -27.09
CA VAL D 144 56.71 -35.49 -28.54
C VAL D 144 56.67 -34.11 -29.18
N LEU D 145 57.75 -33.73 -29.87
CA LEU D 145 57.90 -32.39 -30.42
C LEU D 145 57.95 -32.50 -31.94
N ASN D 146 56.81 -32.27 -32.58
CA ASN D 146 56.73 -32.31 -34.02
C ASN D 146 57.30 -31.04 -34.64
N PRO D 147 57.92 -31.15 -35.81
CA PRO D 147 58.28 -29.94 -36.56
C PRO D 147 57.03 -29.25 -37.11
N THR D 148 57.16 -27.96 -37.35
CA THR D 148 56.04 -27.15 -37.82
C THR D 148 56.42 -26.42 -39.10
N PHE D 149 55.40 -26.09 -39.89
CA PHE D 149 55.57 -25.36 -41.13
C PHE D 149 54.70 -24.11 -41.10
N GLU D 150 55.28 -22.98 -41.49
CA GLU D 150 54.56 -21.72 -41.45
C GLU D 150 54.64 -21.02 -42.80
N ARG D 151 53.57 -20.28 -43.13
CA ARG D 151 53.49 -19.48 -44.34
C ARG D 151 53.03 -18.07 -43.98
N PHE D 152 53.69 -17.08 -44.55
CA PHE D 152 53.33 -15.67 -44.34
C PHE D 152 53.35 -14.95 -45.68
N SER D 153 52.48 -13.95 -45.80
CA SER D 153 52.40 -13.15 -47.01
C SER D 153 52.03 -11.72 -46.65
N GLY D 154 52.57 -10.77 -47.42
CA GLY D 154 52.29 -9.38 -47.19
C GLY D 154 53.07 -8.74 -46.08
N LEU D 155 54.26 -9.25 -45.78
CA LEU D 155 55.07 -8.75 -44.68
C LEU D 155 56.04 -7.68 -45.17
N SER D 156 56.61 -6.94 -44.22
CA SER D 156 57.55 -5.87 -44.52
C SER D 156 58.98 -6.35 -44.30
N GLU D 157 59.93 -5.42 -44.42
CA GLU D 157 61.34 -5.75 -44.25
C GLU D 157 61.63 -6.20 -42.82
N GLU D 158 61.22 -5.40 -41.84
CA GLU D 158 61.57 -5.68 -40.45
C GLU D 158 60.96 -7.00 -39.98
N MET D 159 59.71 -7.25 -40.38
CA MET D 159 59.05 -8.49 -39.98
C MET D 159 59.80 -9.70 -40.49
N VAL D 160 60.20 -9.66 -41.77
CA VAL D 160 60.93 -10.78 -42.36
C VAL D 160 62.29 -10.94 -41.68
N ALA D 161 62.98 -9.83 -41.42
CA ALA D 161 64.28 -9.92 -40.76
C ALA D 161 64.14 -10.55 -39.37
N ASP D 162 63.13 -10.14 -38.62
CA ASP D 162 62.90 -10.70 -37.29
C ASP D 162 62.58 -12.19 -37.38
N ILE D 163 61.76 -12.58 -38.36
CA ILE D 163 61.41 -13.99 -38.49
C ILE D 163 62.63 -14.83 -38.83
N LEU D 164 63.47 -14.33 -39.74
CA LEU D 164 64.60 -15.11 -40.22
C LEU D 164 65.83 -15.02 -39.33
N ALA D 165 65.83 -14.13 -38.34
CA ALA D 165 66.97 -14.05 -37.43
C ALA D 165 67.06 -15.26 -36.51
N ASP D 166 65.98 -16.02 -36.36
CA ASP D 166 65.98 -17.17 -35.46
C ASP D 166 66.84 -18.28 -36.06
N PRO D 167 67.81 -18.81 -35.32
CA PRO D 167 68.66 -19.88 -35.85
C PRO D 167 67.99 -21.24 -35.92
N ASP D 168 66.74 -21.36 -35.48
CA ASP D 168 66.03 -22.64 -35.50
C ASP D 168 64.99 -22.71 -36.62
N THR D 169 65.15 -21.89 -37.65
CA THR D 169 64.21 -21.85 -38.76
C THR D 169 64.95 -22.13 -40.07
N GLU D 170 64.28 -22.82 -40.99
CA GLU D 170 64.82 -23.13 -42.30
C GLU D 170 63.95 -22.49 -43.37
N ILE D 171 64.58 -21.94 -44.39
CA ILE D 171 63.85 -21.29 -45.47
C ILE D 171 63.45 -22.33 -46.51
N LEU D 172 62.16 -22.45 -46.76
CA LEU D 172 61.65 -23.27 -47.84
C LEU D 172 61.27 -22.48 -49.09
N ALA D 173 60.78 -21.26 -48.92
CA ALA D 173 60.43 -20.44 -50.08
C ALA D 173 60.44 -18.98 -49.70
N GLN D 174 60.88 -18.13 -50.62
CA GLN D 174 60.88 -16.69 -50.44
C GLN D 174 60.52 -16.02 -51.75
N SER D 175 59.69 -14.99 -51.67
CA SER D 175 59.24 -14.29 -52.88
C SER D 175 58.93 -12.84 -52.55
N VAL D 176 59.11 -11.99 -53.55
CA VAL D 176 58.80 -10.56 -53.43
C VAL D 176 57.78 -10.21 -54.51
N ASP D 177 56.74 -9.49 -54.12
CA ASP D 177 55.65 -9.12 -55.00
C ASP D 177 55.74 -7.63 -55.33
N GLU D 178 54.81 -7.18 -56.17
CA GLU D 178 54.66 -5.76 -56.41
C GLU D 178 54.32 -5.07 -55.09
N ASP D 179 54.92 -3.90 -54.87
CA ASP D 179 54.97 -3.24 -53.57
C ASP D 179 55.87 -4.03 -52.63
N GLY D 180 56.57 -3.34 -51.73
CA GLY D 180 57.59 -4.00 -50.95
C GLY D 180 57.02 -4.94 -49.89
N THR D 181 56.36 -6.00 -50.34
CA THR D 181 55.82 -7.03 -49.46
C THR D 181 56.45 -8.37 -49.81
N TYR D 182 56.51 -9.25 -48.82
CA TYR D 182 57.23 -10.50 -48.93
C TYR D 182 56.30 -11.67 -48.65
N SER D 183 56.62 -12.82 -49.26
CA SER D 183 55.94 -14.07 -48.97
C SER D 183 57.00 -15.10 -48.62
N ILE D 184 56.85 -15.75 -47.47
CA ILE D 184 57.85 -16.70 -46.99
C ILE D 184 57.17 -17.97 -46.52
N LYS D 185 57.81 -19.11 -46.81
CA LYS D 185 57.41 -20.41 -46.31
C LYS D 185 58.62 -20.99 -45.58
N ILE D 186 58.44 -21.29 -44.29
CA ILE D 186 59.54 -21.69 -43.42
C ILE D 186 59.18 -22.94 -42.65
N ARG D 187 60.21 -23.61 -42.15
CA ARG D 187 60.09 -24.78 -41.29
C ARG D 187 60.76 -24.50 -39.96
N LYS D 188 60.09 -24.86 -38.87
CA LYS D 188 60.55 -24.55 -37.53
C LYS D 188 60.60 -25.82 -36.69
N ASP D 189 61.62 -25.89 -35.83
CA ASP D 189 61.79 -26.99 -34.89
C ASP D 189 61.82 -26.39 -33.48
N LYS D 190 60.69 -26.47 -32.78
CA LYS D 190 60.55 -25.86 -31.47
C LYS D 190 61.13 -26.76 -30.38
N LYS D 191 61.78 -26.13 -29.40
CA LYS D 191 62.40 -26.86 -28.30
C LYS D 191 61.77 -26.61 -26.94
N LYS D 192 61.04 -25.51 -26.77
CA LYS D 192 60.52 -25.18 -25.45
C LYS D 192 59.43 -26.16 -25.03
N ARG D 193 59.28 -26.31 -23.72
CA ARG D 193 58.32 -27.27 -23.18
C ARG D 193 56.89 -26.78 -23.39
N GLU D 194 55.96 -27.72 -23.27
CA GLU D 194 54.54 -27.43 -23.31
C GLU D 194 53.85 -28.16 -22.18
N ILE D 195 52.96 -27.48 -21.47
CA ILE D 195 52.19 -28.07 -20.38
C ILE D 195 50.80 -28.38 -20.91
N LYS D 196 50.40 -29.64 -20.84
CA LYS D 196 49.15 -30.10 -21.40
C LYS D 196 48.27 -30.74 -20.33
N VAL D 197 46.96 -30.55 -20.50
CA VAL D 197 45.94 -31.16 -19.65
C VAL D 197 45.02 -31.96 -20.55
N THR D 198 44.79 -33.22 -20.19
CA THR D 198 43.99 -34.12 -21.02
C THR D 198 42.97 -34.87 -20.18
N CYS D 199 41.88 -35.24 -20.85
CA CYS D 199 40.88 -36.14 -20.28
C CYS D 199 41.23 -37.58 -20.65
N ILE D 200 40.91 -38.49 -19.73
CA ILE D 200 41.23 -39.90 -19.89
C ILE D 200 39.94 -40.70 -19.94
N LYS D 201 39.81 -41.55 -20.95
CA LYS D 201 38.67 -42.43 -21.02
C LYS D 201 38.68 -43.38 -19.82
N PRO D 202 37.54 -43.66 -19.20
CA PRO D 202 37.54 -44.48 -17.99
C PRO D 202 38.12 -45.86 -18.17
N GLU D 203 37.97 -46.45 -19.35
CA GLU D 203 38.49 -47.80 -19.59
C GLU D 203 40.00 -47.82 -19.78
N ASN D 204 40.65 -46.67 -19.95
CA ASN D 204 42.08 -46.60 -20.19
C ASN D 204 42.87 -46.23 -18.94
N PHE D 205 42.23 -46.16 -17.79
CA PHE D 205 42.89 -45.82 -16.53
C PHE D 205 42.80 -47.03 -15.60
N LEU D 206 43.94 -47.48 -15.10
CA LEU D 206 44.00 -48.66 -14.25
C LEU D 206 44.50 -48.30 -12.87
N VAL D 207 43.76 -48.75 -11.85
CA VAL D 207 44.11 -48.56 -10.45
C VAL D 207 44.03 -49.91 -9.76
N ASP D 208 44.81 -50.05 -8.68
CA ASP D 208 44.78 -51.28 -7.92
C ASP D 208 43.53 -51.35 -7.05
N ARG D 209 43.33 -52.51 -6.41
CA ARG D 209 42.10 -52.77 -5.67
C ARG D 209 42.11 -52.25 -4.24
N LEU D 210 43.22 -51.67 -3.78
CA LEU D 210 43.34 -51.26 -2.38
C LEU D 210 43.69 -49.77 -2.25
N ALA D 211 43.47 -48.97 -3.28
CA ALA D 211 43.91 -47.58 -3.28
C ALA D 211 43.22 -46.74 -2.21
N THR D 212 41.91 -46.53 -2.36
CA THR D 212 41.07 -45.67 -1.52
C THR D 212 41.34 -44.19 -1.74
N CYS D 213 42.38 -43.87 -2.50
CA CYS D 213 42.69 -42.51 -2.95
C CYS D 213 43.94 -42.59 -3.82
N ILE D 214 44.19 -41.52 -4.58
CA ILE D 214 45.32 -41.53 -5.51
C ILE D 214 46.64 -41.46 -4.75
N ASP D 215 46.72 -40.62 -3.72
CA ASP D 215 47.99 -40.35 -3.06
C ASP D 215 48.63 -41.57 -2.41
N ASP D 216 47.85 -42.60 -2.10
CA ASP D 216 48.41 -43.82 -1.50
C ASP D 216 48.25 -45.03 -2.40
N ALA D 217 47.89 -44.84 -3.67
CA ALA D 217 47.74 -45.96 -4.57
C ALA D 217 49.10 -46.61 -4.86
N ARG D 218 49.14 -47.93 -4.77
CA ARG D 218 50.39 -48.64 -5.03
C ARG D 218 50.72 -48.69 -6.52
N PHE D 219 49.72 -48.75 -7.38
CA PHE D 219 49.94 -48.91 -8.81
C PHE D 219 48.87 -48.16 -9.58
N LEU D 220 49.30 -47.26 -10.46
CA LEU D 220 48.43 -46.57 -11.39
C LEU D 220 49.00 -46.79 -12.78
N CYS D 221 48.14 -46.84 -13.80
CA CYS D 221 48.67 -46.95 -15.14
C CYS D 221 47.72 -46.34 -16.17
N HIS D 222 48.31 -45.77 -17.21
CA HIS D 222 47.60 -45.13 -18.30
C HIS D 222 47.99 -45.80 -19.60
N ARG D 223 46.99 -46.24 -20.37
CA ARG D 223 47.19 -46.91 -21.64
C ARG D 223 46.84 -45.95 -22.77
N GLU D 224 47.74 -45.80 -23.73
CA GLU D 224 47.56 -44.84 -24.80
C GLU D 224 47.97 -45.49 -26.11
N LYS D 225 47.58 -44.88 -27.22
CA LYS D 225 47.92 -45.38 -28.54
C LYS D 225 48.94 -44.44 -29.19
N TYR D 226 50.03 -45.02 -29.69
CA TYR D 226 51.12 -44.26 -30.29
C TYR D 226 51.35 -44.73 -31.71
N THR D 227 51.60 -43.77 -32.60
CA THR D 227 52.00 -44.08 -33.96
C THR D 227 53.50 -44.32 -34.04
N VAL D 228 53.94 -44.85 -35.18
CA VAL D 228 55.36 -45.13 -35.36
C VAL D 228 56.16 -43.83 -35.37
N SER D 229 55.59 -42.77 -35.93
CA SER D 229 56.29 -41.48 -35.96
C SER D 229 56.54 -40.96 -34.56
N ASP D 230 55.56 -41.10 -33.66
CA ASP D 230 55.76 -40.68 -32.28
C ASP D 230 56.87 -41.45 -31.62
N LEU D 231 56.91 -42.77 -31.84
CA LEU D 231 57.98 -43.59 -31.26
C LEU D 231 59.34 -43.19 -31.82
N ARG D 232 59.41 -42.87 -33.11
CA ARG D 232 60.66 -42.40 -33.68
C ARG D 232 61.09 -41.09 -33.04
N LEU D 233 60.14 -40.17 -32.83
CA LEU D 233 60.49 -38.92 -32.16
C LEU D 233 60.91 -39.15 -30.73
N LEU D 234 60.43 -40.22 -30.09
CA LEU D 234 60.84 -40.54 -28.73
C LEU D 234 62.21 -41.20 -28.66
N GLY D 235 62.81 -41.55 -29.80
CA GLY D 235 64.14 -42.13 -29.82
C GLY D 235 64.20 -43.63 -29.84
N VAL D 236 63.10 -44.31 -30.11
CA VAL D 236 63.11 -45.78 -30.16
C VAL D 236 63.96 -46.24 -31.34
N PRO D 237 64.86 -47.20 -31.15
CA PRO D 237 65.65 -47.69 -32.28
C PRO D 237 64.80 -48.41 -33.30
N GLU D 238 65.25 -48.38 -34.56
CA GLU D 238 64.45 -48.91 -35.65
C GLU D 238 64.22 -50.41 -35.50
N ASP D 239 65.27 -51.17 -35.18
CA ASP D 239 65.17 -52.62 -35.12
C ASP D 239 64.09 -53.07 -34.14
N VAL D 240 63.91 -52.33 -33.05
CA VAL D 240 62.80 -52.60 -32.16
C VAL D 240 61.48 -52.32 -32.86
N LEU D 241 61.43 -51.26 -33.67
CA LEU D 241 60.19 -50.88 -34.34
C LEU D 241 59.74 -51.95 -35.33
N ASP D 242 60.68 -52.57 -36.06
CA ASP D 242 60.28 -53.60 -37.00
C ASP D 242 59.65 -54.82 -36.33
N GLU D 243 59.88 -55.02 -35.04
CA GLU D 243 59.39 -56.20 -34.34
C GLU D 243 58.49 -55.81 -33.18
N LEU D 244 57.56 -54.89 -33.43
CA LEU D 244 56.62 -54.45 -32.42
C LEU D 244 55.23 -54.99 -32.70
N PRO D 245 54.55 -55.54 -31.70
CA PRO D 245 53.19 -56.04 -31.92
C PRO D 245 52.24 -54.89 -32.22
N TYR D 246 51.67 -54.90 -33.41
CA TYR D 246 50.83 -53.81 -33.87
C TYR D 246 49.38 -53.93 -33.40
N ASP D 247 49.05 -54.98 -32.67
CA ASP D 247 47.79 -54.98 -31.92
C ASP D 247 48.03 -55.71 -30.58
N GLU D 248 48.48 -54.95 -29.59
CA GLU D 248 48.43 -55.32 -28.18
C GLU D 248 49.13 -56.62 -27.80
N TYR D 249 49.10 -56.94 -26.51
CA TYR D 249 49.42 -58.26 -25.98
C TYR D 249 48.31 -58.83 -25.11
N GLU D 250 47.30 -58.04 -24.75
CA GLU D 250 46.31 -58.48 -23.77
C GLU D 250 44.87 -58.44 -24.28
N PHE D 251 44.64 -58.10 -25.55
CA PHE D 251 43.31 -58.00 -26.13
C PHE D 251 42.45 -57.02 -25.31
N SER D 252 42.89 -55.76 -25.32
CA SER D 252 42.27 -54.71 -24.53
C SER D 252 41.48 -53.73 -25.39
N ASP D 253 41.31 -54.02 -26.67
CA ASP D 253 40.54 -53.16 -27.56
C ASP D 253 39.05 -53.48 -27.54
N SER D 254 38.62 -54.44 -26.74
CA SER D 254 37.23 -54.88 -26.67
C SER D 254 36.64 -54.64 -25.29
N GLN D 255 36.95 -53.49 -24.69
CA GLN D 255 36.35 -53.14 -23.42
C GLN D 255 34.85 -52.89 -23.61
N PRO D 256 34.02 -53.36 -22.68
CA PRO D 256 32.56 -53.17 -22.86
C PRO D 256 32.14 -51.72 -22.97
N GLU D 257 32.78 -50.82 -22.22
CA GLU D 257 32.44 -49.41 -22.31
C GLU D 257 32.73 -48.86 -23.69
N ARG D 258 33.88 -49.21 -24.27
CA ARG D 258 34.21 -48.75 -25.61
C ARG D 258 33.23 -49.28 -26.64
N LEU D 259 32.85 -50.56 -26.51
CA LEU D 259 31.88 -51.14 -27.45
C LEU D 259 30.54 -50.44 -27.36
N VAL D 260 30.08 -50.17 -26.14
CA VAL D 260 28.80 -49.49 -25.97
C VAL D 260 28.87 -48.07 -26.54
N ARG D 261 29.96 -47.36 -26.27
CA ARG D 261 30.09 -45.98 -26.76
C ARG D 261 30.15 -45.93 -28.27
N ASP D 262 30.87 -46.86 -28.90
CA ASP D 262 31.06 -46.83 -30.34
C ASP D 262 29.85 -47.32 -31.11
N ASN D 263 28.94 -48.06 -30.48
CA ASN D 263 27.79 -48.62 -31.17
C ASN D 263 26.61 -47.67 -31.24
N PHE D 264 26.72 -46.47 -30.66
CA PHE D 264 25.62 -45.52 -30.74
C PHE D 264 25.36 -45.11 -32.19
N ASP D 265 26.42 -44.85 -32.95
CA ASP D 265 26.31 -44.53 -34.36
C ASP D 265 27.13 -45.46 -35.23
N MET D 266 27.57 -46.59 -34.69
CA MET D 266 28.31 -47.61 -35.44
C MET D 266 29.56 -47.02 -36.09
N THR D 267 30.24 -46.13 -35.35
CA THR D 267 31.47 -45.49 -35.83
C THR D 267 32.68 -45.99 -35.06
N GLY D 268 32.70 -47.26 -34.71
CA GLY D 268 33.81 -47.87 -34.02
C GLY D 268 34.86 -48.40 -34.99
N GLN D 269 35.67 -49.31 -34.49
CA GLN D 269 36.72 -49.93 -35.30
C GLN D 269 36.19 -51.19 -35.99
N LEU D 270 35.09 -51.05 -36.73
CA LEU D 270 34.58 -52.17 -37.52
C LEU D 270 35.56 -52.60 -38.61
N GLN D 271 36.43 -51.70 -39.03
CA GLN D 271 37.48 -52.01 -40.00
C GLN D 271 38.80 -52.02 -39.24
N TYR D 272 39.61 -53.05 -39.49
CA TYR D 272 40.95 -53.08 -38.90
C TYR D 272 41.92 -52.31 -39.78
N ASN D 273 42.92 -51.72 -39.15
CA ASN D 273 43.86 -50.83 -39.84
C ASN D 273 45.26 -51.15 -39.35
N SER D 274 46.20 -50.25 -39.63
CA SER D 274 47.63 -50.47 -39.37
C SER D 274 48.12 -51.73 -40.09
N GLY D 275 47.61 -51.94 -41.30
CA GLY D 275 48.00 -53.07 -42.11
C GLY D 275 48.90 -52.69 -43.27
N ASP D 276 48.33 -52.59 -44.47
CA ASP D 276 49.08 -52.22 -45.67
C ASP D 276 49.00 -50.73 -45.97
N ASP D 277 48.71 -49.91 -44.97
CA ASP D 277 48.69 -48.46 -45.15
C ASP D 277 50.13 -47.93 -45.08
N ALA D 278 50.27 -46.61 -44.95
CA ALA D 278 51.59 -46.02 -44.80
C ALA D 278 52.27 -46.56 -43.56
N GLU D 279 53.56 -46.88 -43.69
CA GLU D 279 54.28 -47.53 -42.60
C GLU D 279 54.41 -46.63 -41.39
N ALA D 280 54.43 -45.31 -41.59
CA ALA D 280 54.63 -44.38 -40.48
C ALA D 280 53.37 -44.13 -39.66
N ASN D 281 52.23 -44.65 -40.09
CA ASN D 281 50.97 -44.41 -39.39
C ASN D 281 50.47 -45.63 -38.63
N ARG D 282 51.28 -46.68 -38.53
CA ARG D 282 50.88 -47.84 -37.75
C ARG D 282 50.82 -47.50 -36.27
N GLU D 283 49.85 -48.08 -35.57
CA GLU D 283 49.59 -47.78 -34.18
C GLU D 283 49.89 -48.96 -33.29
N VAL D 284 50.42 -48.67 -32.10
CA VAL D 284 50.66 -49.66 -31.07
C VAL D 284 50.12 -49.11 -29.75
N TRP D 285 49.95 -50.01 -28.79
CA TRP D 285 49.45 -49.65 -27.47
C TRP D 285 50.61 -49.56 -26.50
N ALA D 286 50.80 -48.38 -25.93
CA ALA D 286 51.86 -48.12 -24.96
C ALA D 286 51.26 -47.98 -23.57
N SER D 287 52.04 -48.37 -22.56
CA SER D 287 51.61 -48.31 -21.17
C SER D 287 52.59 -47.46 -20.38
N GLU D 288 52.08 -46.47 -19.66
CA GLU D 288 52.89 -45.70 -18.73
C GLU D 288 52.30 -45.90 -17.34
N CYS D 289 53.05 -46.59 -16.48
CA CYS D 289 52.58 -46.92 -15.14
C CYS D 289 53.44 -46.21 -14.10
N TYR D 290 52.78 -45.67 -13.09
CA TYR D 290 53.42 -45.07 -11.93
C TYR D 290 53.20 -46.01 -10.75
N THR D 291 54.29 -46.49 -10.16
CA THR D 291 54.16 -47.51 -9.15
C THR D 291 55.30 -47.43 -8.15
N LEU D 292 55.06 -48.00 -6.96
CA LEU D 292 56.08 -48.09 -5.93
C LEU D 292 56.86 -49.38 -6.15
N LEU D 293 58.09 -49.25 -6.62
CA LEU D 293 58.92 -50.40 -6.93
C LEU D 293 60.37 -50.08 -6.63
N ASP D 294 61.09 -51.05 -6.06
CA ASP D 294 62.46 -50.84 -5.61
C ASP D 294 63.41 -51.50 -6.60
N VAL D 295 63.80 -50.75 -7.63
CA VAL D 295 64.84 -51.23 -8.54
C VAL D 295 66.22 -50.74 -8.12
N ASP D 296 66.31 -49.79 -7.19
CA ASP D 296 67.60 -49.33 -6.70
C ASP D 296 68.34 -50.45 -5.99
N GLY D 297 67.62 -51.27 -5.23
CA GLY D 297 68.24 -52.29 -4.42
C GLY D 297 68.56 -51.88 -3.00
N ASP D 298 68.10 -50.72 -2.56
CA ASP D 298 68.35 -50.24 -1.22
C ASP D 298 67.37 -50.78 -0.20
N GLY D 299 66.40 -51.58 -0.63
CA GLY D 299 65.42 -52.16 0.28
C GLY D 299 64.20 -51.33 0.52
N ILE D 300 64.15 -50.10 -0.01
CA ILE D 300 63.01 -49.21 0.16
C ILE D 300 62.40 -48.98 -1.21
N SER D 301 61.11 -49.29 -1.34
CA SER D 301 60.40 -49.11 -2.60
C SER D 301 60.07 -47.65 -2.81
N GLU D 302 60.47 -47.11 -3.96
CA GLU D 302 60.29 -45.71 -4.29
C GLU D 302 59.34 -45.58 -5.47
N LEU D 303 58.82 -44.36 -5.64
CA LEU D 303 57.91 -44.06 -6.73
C LEU D 303 58.67 -44.01 -8.05
N ARG D 304 58.16 -44.71 -9.06
CA ARG D 304 58.82 -44.79 -10.35
C ARG D 304 57.78 -44.71 -11.46
N ARG D 305 58.20 -44.11 -12.58
CA ARG D 305 57.41 -44.01 -13.78
C ARG D 305 58.07 -44.86 -14.86
N ILE D 306 57.33 -45.80 -15.42
CA ILE D 306 57.83 -46.71 -16.45
C ILE D 306 56.92 -46.61 -17.65
N LEU D 307 57.49 -46.23 -18.79
CA LEU D 307 56.78 -46.16 -20.06
C LEU D 307 57.37 -47.23 -20.98
N TYR D 308 56.51 -48.10 -21.50
CA TYR D 308 56.99 -49.20 -22.32
C TYR D 308 55.95 -49.64 -23.34
N VAL D 309 56.44 -50.25 -24.41
CA VAL D 309 55.62 -50.84 -25.47
C VAL D 309 56.06 -52.28 -25.66
N GLY D 310 55.12 -53.21 -25.62
CA GLY D 310 55.44 -54.60 -25.82
C GLY D 310 56.45 -55.14 -24.83
N ASP D 311 57.62 -55.53 -25.30
CA ASP D 311 58.68 -56.05 -24.45
C ASP D 311 59.89 -55.12 -24.39
N TYR D 312 59.72 -53.84 -24.70
CA TYR D 312 60.80 -52.87 -24.70
C TYR D 312 60.44 -51.72 -23.79
N ILE D 313 61.34 -51.35 -22.90
CA ILE D 313 61.12 -50.25 -21.96
C ILE D 313 61.64 -48.97 -22.62
N ILE D 314 60.73 -48.04 -22.92
CA ILE D 314 61.15 -46.75 -23.43
C ILE D 314 61.81 -45.93 -22.33
N SER D 315 61.22 -45.91 -21.14
CA SER D 315 61.75 -45.07 -20.07
C SER D 315 61.42 -45.69 -18.71
N ASN D 316 62.33 -45.48 -17.76
CA ASN D 316 62.14 -45.98 -16.40
C ASN D 316 62.89 -45.02 -15.47
N GLU D 317 62.16 -44.13 -14.81
CA GLU D 317 62.80 -43.11 -13.99
C GLU D 317 62.10 -42.93 -12.65
N PRO D 318 62.85 -42.62 -11.59
CA PRO D 318 62.20 -42.20 -10.34
C PRO D 318 61.42 -40.92 -10.57
N TRP D 319 60.25 -40.83 -9.95
CA TRP D 319 59.33 -39.73 -10.18
C TRP D 319 58.97 -39.05 -8.87
N ASP D 320 58.35 -37.88 -8.99
CA ASP D 320 58.10 -37.02 -7.84
C ASP D 320 56.63 -36.99 -7.40
N CYS D 321 55.69 -37.03 -8.34
CA CYS D 321 54.29 -36.91 -7.99
C CYS D 321 53.42 -37.69 -8.96
N ARG D 322 52.23 -38.05 -8.50
CA ARG D 322 51.22 -38.65 -9.38
C ARG D 322 50.43 -37.54 -10.06
N PRO D 323 50.53 -37.39 -11.38
CA PRO D 323 49.91 -36.24 -12.06
C PRO D 323 48.48 -36.52 -12.50
N PHE D 324 47.63 -36.92 -11.55
CA PHE D 324 46.24 -37.21 -11.84
C PHE D 324 45.34 -36.53 -10.83
N ALA D 325 44.16 -36.13 -11.30
CA ALA D 325 43.13 -35.56 -10.43
C ALA D 325 41.82 -36.31 -10.67
N ASP D 326 41.18 -36.72 -9.58
CA ASP D 326 39.98 -37.55 -9.66
C ASP D 326 38.81 -36.86 -8.98
N LEU D 327 37.62 -37.23 -9.42
CA LEU D 327 36.38 -36.66 -8.93
C LEU D 327 35.35 -37.76 -8.67
N ASN D 328 34.65 -37.61 -7.54
CA ASN D 328 33.52 -38.45 -7.17
C ASN D 328 32.31 -37.57 -6.92
N ALA D 329 31.15 -38.01 -7.39
CA ALA D 329 29.93 -37.23 -7.22
C ALA D 329 29.19 -37.61 -5.93
N TYR D 330 29.02 -38.91 -5.69
CA TYR D 330 28.38 -39.42 -4.49
C TYR D 330 29.41 -40.26 -3.76
N ARG D 331 30.16 -39.61 -2.87
CA ARG D 331 31.30 -40.25 -2.22
C ARG D 331 30.84 -41.27 -1.19
N ILE D 332 31.53 -42.41 -1.16
CA ILE D 332 31.41 -43.40 -0.09
C ILE D 332 32.70 -43.35 0.72
N ALA D 333 32.56 -43.26 2.04
CA ALA D 333 33.73 -43.13 2.90
C ALA D 333 34.67 -44.32 2.73
N HIS D 334 35.97 -44.03 2.67
CA HIS D 334 37.02 -45.04 2.58
C HIS D 334 36.89 -45.90 1.33
N LYS D 335 36.43 -45.31 0.23
CA LYS D 335 36.36 -46.01 -1.05
C LYS D 335 36.88 -45.09 -2.15
N PHE D 336 37.44 -45.71 -3.19
CA PHE D 336 37.95 -44.94 -4.31
C PHE D 336 36.84 -44.57 -5.29
N HIS D 337 35.95 -45.51 -5.58
CA HIS D 337 34.84 -45.28 -6.49
C HIS D 337 33.55 -45.03 -5.71
N GLY D 338 32.83 -43.98 -6.07
CA GLY D 338 31.57 -43.66 -5.44
C GLY D 338 30.40 -44.28 -6.17
N MET D 339 29.23 -43.69 -5.96
CA MET D 339 28.02 -44.12 -6.64
C MET D 339 27.68 -43.18 -7.78
N SER D 340 27.02 -43.73 -8.80
CA SER D 340 26.55 -42.95 -9.93
C SER D 340 25.03 -42.85 -9.88
N VAL D 341 24.48 -42.08 -10.83
CA VAL D 341 23.03 -41.92 -10.91
C VAL D 341 22.38 -43.25 -11.25
N TYR D 342 23.03 -44.04 -12.12
CA TYR D 342 22.50 -45.34 -12.50
C TYR D 342 22.32 -46.23 -11.28
N ASP D 343 23.34 -46.28 -10.41
CA ASP D 343 23.28 -47.11 -9.22
C ASP D 343 22.14 -46.71 -8.30
N LYS D 344 21.59 -45.51 -8.47
CA LYS D 344 20.54 -45.03 -7.60
C LYS D 344 19.15 -45.12 -8.22
N ILE D 345 19.01 -45.07 -9.54
CA ILE D 345 17.67 -45.07 -10.13
C ILE D 345 17.47 -46.11 -11.23
N ARG D 346 18.33 -47.12 -11.29
CA ARG D 346 18.17 -48.17 -12.30
C ARG D 346 16.84 -48.89 -12.13
N ASP D 347 16.48 -49.26 -10.90
CA ASP D 347 15.25 -49.99 -10.67
C ASP D 347 14.04 -49.16 -11.05
N ILE D 348 14.07 -47.85 -10.73
CA ILE D 348 12.98 -46.97 -11.10
C ILE D 348 12.82 -46.94 -12.61
N GLN D 349 13.93 -46.80 -13.33
CA GLN D 349 13.85 -46.80 -14.79
C GLN D 349 13.24 -48.09 -15.32
N GLU D 350 13.71 -49.23 -14.81
CA GLU D 350 13.21 -50.52 -15.31
C GLU D 350 11.72 -50.69 -15.05
N ILE D 351 11.28 -50.40 -13.82
CA ILE D 351 9.88 -50.61 -13.48
C ILE D 351 8.98 -49.66 -14.25
N ARG D 352 9.39 -48.39 -14.39
CA ARG D 352 8.59 -47.46 -15.16
C ARG D 352 8.48 -47.90 -16.61
N SER D 353 9.58 -48.39 -17.20
CA SER D 353 9.51 -48.88 -18.57
C SER D 353 8.57 -50.06 -18.70
N VAL D 354 8.60 -50.97 -17.73
CA VAL D 354 7.71 -52.14 -17.79
C VAL D 354 6.25 -51.72 -17.73
N LEU D 355 5.91 -50.81 -16.82
CA LEU D 355 4.53 -50.34 -16.72
C LEU D 355 4.10 -49.61 -18.00
N MET D 356 4.99 -48.79 -18.56
CA MET D 356 4.67 -48.09 -19.79
C MET D 356 4.40 -49.09 -20.92
N ARG D 357 5.21 -50.14 -20.99
CA ARG D 357 5.01 -51.17 -21.99
C ARG D 357 3.66 -51.87 -21.82
N ASN D 358 3.29 -52.14 -20.56
CA ASN D 358 1.98 -52.78 -20.33
C ASN D 358 0.84 -51.90 -20.82
N ILE D 359 0.92 -50.60 -20.52
CA ILE D 359 -0.14 -49.69 -20.97
C ILE D 359 -0.19 -49.64 -22.49
N MET D 360 0.98 -49.53 -23.14
CA MET D 360 1.03 -49.52 -24.60
C MET D 360 0.43 -50.80 -25.19
N ASP D 361 0.77 -51.95 -24.62
CA ASP D 361 0.22 -53.20 -25.11
C ASP D 361 -1.30 -53.24 -24.98
N ASN D 362 -1.82 -52.73 -23.87
CA ASN D 362 -3.27 -52.69 -23.70
C ASN D 362 -3.94 -51.78 -24.73
N ILE D 363 -3.33 -50.62 -25.01
CA ILE D 363 -3.97 -49.67 -25.91
C ILE D 363 -4.04 -50.22 -27.33
N TYR D 364 -2.98 -50.88 -27.79
CA TYR D 364 -2.91 -51.31 -29.19
C TYR D 364 -3.99 -52.31 -29.56
N ARG D 365 -4.48 -53.10 -28.62
CA ARG D 365 -5.39 -54.19 -28.92
C ARG D 365 -6.85 -53.87 -28.58
N THR D 366 -7.17 -52.60 -28.33
CA THR D 366 -8.54 -52.25 -27.96
C THR D 366 -9.01 -50.98 -28.66
N ASN D 367 -8.47 -50.69 -29.84
CA ASN D 367 -8.84 -49.48 -30.57
C ASN D 367 -9.44 -49.76 -31.93
N GLN D 368 -9.95 -50.97 -32.17
CA GLN D 368 -10.51 -51.32 -33.46
C GLN D 368 -11.98 -50.99 -33.60
N GLY D 369 -12.68 -50.69 -32.51
CA GLY D 369 -14.07 -50.30 -32.58
C GLY D 369 -14.99 -51.39 -33.12
N ARG D 370 -14.83 -52.61 -32.62
CA ARG D 370 -15.68 -53.71 -33.03
C ARG D 370 -17.06 -53.59 -32.37
N SER D 371 -18.03 -54.28 -32.95
CA SER D 371 -19.40 -54.24 -32.48
C SER D 371 -19.97 -55.66 -32.39
N VAL D 372 -20.94 -55.84 -31.50
CA VAL D 372 -21.58 -57.12 -31.26
C VAL D 372 -23.00 -57.06 -31.81
N VAL D 373 -23.38 -58.11 -32.54
CA VAL D 373 -24.62 -58.17 -33.31
C VAL D 373 -25.26 -59.52 -33.07
N LEU D 374 -26.58 -59.53 -32.82
CA LEU D 374 -27.32 -60.77 -32.71
C LEU D 374 -27.40 -61.45 -34.08
N ASP D 375 -27.07 -62.73 -34.12
CA ASP D 375 -27.11 -63.47 -35.38
C ASP D 375 -28.53 -63.86 -35.72
N GLY D 376 -28.93 -63.61 -36.97
CA GLY D 376 -30.24 -63.98 -37.44
C GLY D 376 -31.33 -62.93 -37.23
N GLN D 377 -31.02 -61.84 -36.53
CA GLN D 377 -32.00 -60.80 -36.27
C GLN D 377 -31.64 -59.46 -36.92
N VAL D 378 -30.47 -59.36 -37.54
CA VAL D 378 -29.97 -58.10 -38.07
C VAL D 378 -29.70 -58.25 -39.54
N ASN D 379 -30.13 -57.29 -40.34
CA ASN D 379 -29.85 -57.26 -41.77
C ASN D 379 -28.39 -56.95 -41.98
N LEU D 380 -27.59 -57.97 -42.25
CA LEU D 380 -26.14 -57.78 -42.38
C LEU D 380 -25.78 -56.98 -43.61
N GLU D 381 -26.54 -57.11 -44.69
CA GLU D 381 -26.29 -56.32 -45.89
C GLU D 381 -26.41 -54.83 -45.59
N ASP D 382 -27.44 -54.43 -44.84
CA ASP D 382 -27.59 -53.03 -44.47
C ASP D 382 -26.45 -52.58 -43.57
N LEU D 383 -26.05 -53.42 -42.61
CA LEU D 383 -25.03 -53.02 -41.66
C LEU D 383 -23.66 -52.87 -42.33
N LEU D 384 -23.36 -53.70 -43.32
CA LEU D 384 -22.03 -53.66 -43.92
C LEU D 384 -21.80 -52.38 -44.71
N THR D 385 -22.83 -51.86 -45.39
CA THR D 385 -22.70 -50.67 -46.22
C THR D 385 -22.98 -49.46 -45.36
N ASN D 386 -21.92 -48.75 -44.97
CA ASN D 386 -22.03 -47.58 -44.12
C ASN D 386 -22.11 -46.34 -44.99
N GLU D 387 -23.26 -45.69 -45.01
CA GLU D 387 -23.48 -44.49 -45.81
C GLU D 387 -24.21 -43.44 -44.98
N ALA D 388 -24.17 -42.21 -45.46
CA ALA D 388 -24.78 -41.10 -44.73
C ALA D 388 -26.28 -41.29 -44.62
N ALA D 389 -26.81 -41.11 -43.42
CA ALA D 389 -28.24 -41.23 -43.13
C ALA D 389 -28.79 -42.59 -43.55
N GLY D 390 -27.98 -43.64 -43.35
CA GLY D 390 -28.41 -44.97 -43.70
C GLY D 390 -29.41 -45.54 -42.71
N ILE D 391 -30.06 -46.61 -43.13
CA ILE D 391 -31.07 -47.29 -42.32
C ILE D 391 -30.69 -48.76 -42.21
N VAL D 392 -30.70 -49.28 -40.99
CA VAL D 392 -30.42 -50.69 -40.72
C VAL D 392 -31.70 -51.33 -40.21
N ARG D 393 -32.17 -52.35 -40.92
CA ARG D 393 -33.41 -53.02 -40.56
C ARG D 393 -33.12 -54.19 -39.61
N VAL D 394 -33.84 -54.23 -38.51
CA VAL D 394 -33.64 -55.24 -37.46
C VAL D 394 -34.98 -55.87 -37.13
N LYS D 395 -34.95 -57.15 -36.76
CA LYS D 395 -36.16 -57.86 -36.36
C LYS D 395 -36.40 -57.86 -34.85
N ALA D 396 -35.52 -57.25 -34.06
CA ALA D 396 -35.67 -57.38 -32.62
C ALA D 396 -35.00 -56.20 -31.91
N MET D 397 -35.33 -56.08 -30.63
CA MET D 397 -34.79 -55.06 -29.73
C MET D 397 -33.42 -55.48 -29.21
N ASN D 398 -32.59 -54.47 -28.95
CA ASN D 398 -31.28 -54.66 -28.30
C ASN D 398 -30.46 -55.75 -29.00
N SER D 399 -30.13 -55.49 -30.26
CA SER D 399 -29.42 -56.47 -31.07
C SER D 399 -28.02 -56.05 -31.47
N ILE D 400 -27.69 -54.76 -31.47
CA ILE D 400 -26.37 -54.28 -31.85
C ILE D 400 -25.88 -53.31 -30.79
N MET D 401 -24.65 -53.48 -30.33
CA MET D 401 -23.95 -52.40 -29.64
C MET D 401 -22.46 -52.73 -29.58
N PRO D 402 -21.61 -51.72 -29.37
CA PRO D 402 -20.16 -51.94 -29.47
C PRO D 402 -19.65 -52.93 -28.44
N LEU D 403 -18.60 -53.65 -28.84
CA LEU D 403 -17.95 -54.60 -27.95
C LEU D 403 -17.33 -53.87 -26.76
N GLU D 404 -17.48 -54.46 -25.58
CA GLU D 404 -16.94 -53.87 -24.36
C GLU D 404 -15.52 -54.40 -24.14
N THR D 405 -14.55 -53.50 -24.17
CA THR D 405 -13.16 -53.94 -24.08
C THR D 405 -12.62 -53.73 -22.67
N PRO D 406 -11.74 -54.62 -22.22
CA PRO D 406 -11.18 -54.47 -20.87
C PRO D 406 -10.32 -53.24 -20.75
N GLN D 407 -10.27 -52.69 -19.55
CA GLN D 407 -9.48 -51.51 -19.25
C GLN D 407 -8.66 -51.75 -17.99
N LEU D 408 -7.48 -51.14 -17.94
CA LEU D 408 -6.63 -51.24 -16.77
C LEU D 408 -7.14 -50.36 -15.65
N SER D 409 -6.85 -50.76 -14.41
CA SER D 409 -7.27 -50.00 -13.25
C SER D 409 -6.37 -48.78 -13.04
N GLY D 410 -6.78 -47.92 -12.12
CA GLY D 410 -6.03 -46.70 -11.84
C GLY D 410 -4.77 -46.92 -11.05
N GLU D 411 -4.55 -48.13 -10.53
CA GLU D 411 -3.36 -48.41 -9.75
C GLU D 411 -2.10 -48.20 -10.57
N VAL D 412 -2.13 -48.58 -11.84
CA VAL D 412 -0.94 -48.47 -12.69
C VAL D 412 -0.53 -47.01 -12.85
N TYR D 413 -1.49 -46.15 -13.20
CA TYR D 413 -1.17 -44.74 -13.37
C TYR D 413 -0.77 -44.10 -12.06
N GLY D 414 -1.50 -44.39 -10.98
CA GLY D 414 -1.16 -43.83 -9.70
C GLY D 414 0.25 -44.20 -9.28
N MET D 415 0.66 -45.44 -9.53
CA MET D 415 1.97 -45.84 -9.05
C MET D 415 3.06 -45.41 -10.01
N LEU D 416 2.73 -45.16 -11.28
CA LEU D 416 3.65 -44.46 -12.15
C LEU D 416 3.98 -43.08 -11.58
N ASP D 417 2.94 -42.34 -11.17
CA ASP D 417 3.17 -41.04 -10.55
C ASP D 417 3.98 -41.19 -9.27
N ARG D 418 3.70 -42.23 -8.49
CA ARG D 418 4.45 -42.46 -7.24
C ARG D 418 5.92 -42.71 -7.53
N LEU D 419 6.22 -43.48 -8.58
CA LEU D 419 7.62 -43.74 -8.93
C LEU D 419 8.32 -42.47 -9.39
N GLU D 420 7.61 -41.62 -10.14
CA GLU D 420 8.20 -40.34 -10.52
C GLU D 420 8.54 -39.50 -9.30
N ALA D 421 7.62 -39.45 -8.33
CA ALA D 421 7.89 -38.71 -7.09
C ALA D 421 9.06 -39.32 -6.32
N ASP D 422 9.15 -40.64 -6.30
CA ASP D 422 10.25 -41.30 -5.60
C ASP D 422 11.59 -40.97 -6.25
N ARG D 423 11.63 -40.96 -7.58
CA ARG D 423 12.86 -40.57 -8.27
C ARG D 423 13.23 -39.13 -7.92
N GLY D 424 12.23 -38.24 -7.90
CA GLY D 424 12.49 -36.87 -7.51
C GLY D 424 13.08 -36.76 -6.12
N LYS D 425 12.54 -37.52 -5.17
CA LYS D 425 13.09 -37.50 -3.82
C LYS D 425 14.50 -38.06 -3.79
N ARG D 426 14.74 -39.15 -4.51
CA ARG D 426 16.03 -39.84 -4.41
C ARG D 426 17.15 -39.02 -5.03
N THR D 427 16.96 -38.50 -6.23
CA THR D 427 18.01 -37.74 -6.89
C THR D 427 18.15 -36.33 -6.34
N GLY D 428 17.07 -35.77 -5.79
CA GLY D 428 17.09 -34.44 -5.25
C GLY D 428 16.73 -33.34 -6.22
N ILE D 429 16.57 -33.64 -7.50
CA ILE D 429 16.23 -32.65 -8.51
C ILE D 429 14.96 -33.09 -9.23
N THR D 430 14.03 -32.15 -9.40
CA THR D 430 12.76 -32.45 -10.03
C THR D 430 12.49 -31.53 -11.21
N ASP D 431 11.28 -31.59 -11.75
CA ASP D 431 10.93 -30.76 -12.89
C ASP D 431 10.71 -29.30 -12.53
N ARG D 432 10.47 -29.00 -11.26
CA ARG D 432 10.19 -27.64 -10.82
C ARG D 432 11.33 -27.04 -9.99
N THR D 433 12.45 -27.74 -9.85
CA THR D 433 13.54 -27.25 -9.03
C THR D 433 14.27 -26.11 -9.73
N ARG D 434 14.58 -25.06 -8.97
CA ARG D 434 15.37 -23.96 -9.50
C ARG D 434 16.83 -24.40 -9.68
N GLY D 435 17.49 -23.78 -10.65
CA GLY D 435 18.89 -24.06 -10.87
C GLY D 435 19.77 -23.40 -9.84
N LEU D 436 21.04 -23.80 -9.83
CA LEU D 436 22.00 -23.24 -8.90
C LEU D 436 22.33 -21.80 -9.27
N ASP D 437 22.44 -20.95 -8.25
CA ASP D 437 22.92 -19.60 -8.48
C ASP D 437 24.40 -19.62 -8.83
N GLN D 438 24.81 -18.75 -9.75
CA GLN D 438 26.20 -18.72 -10.18
C GLN D 438 27.13 -18.10 -9.15
N ASN D 439 26.66 -17.86 -7.93
CA ASN D 439 27.47 -17.27 -6.88
C ASN D 439 27.39 -18.12 -5.61
N THR D 440 27.10 -19.41 -5.75
CA THR D 440 26.88 -20.27 -4.60
C THR D 440 28.15 -20.42 -3.77
N LEU D 441 29.30 -20.54 -4.42
CA LEU D 441 30.53 -20.90 -3.73
C LEU D 441 31.33 -19.70 -3.24
N HIS D 442 30.85 -18.48 -3.46
CA HIS D 442 31.59 -17.30 -3.01
C HIS D 442 31.68 -17.24 -1.50
N SER D 443 32.87 -16.94 -0.99
CA SER D 443 33.02 -16.31 0.30
C SER D 443 32.71 -14.83 0.11
N ASN D 444 32.18 -14.19 1.17
CA ASN D 444 31.61 -12.85 1.08
C ASN D 444 30.43 -12.82 0.11
N GLN D 445 29.76 -13.96 -0.04
CA GLN D 445 28.64 -14.07 -0.97
C GLN D 445 27.48 -13.19 -0.55
N ALA D 446 27.19 -13.15 0.76
CA ALA D 446 25.90 -12.67 1.25
C ALA D 446 24.82 -13.44 0.51
N ALA D 447 23.92 -12.73 -0.18
CA ALA D 447 22.99 -13.36 -1.12
C ALA D 447 22.26 -14.55 -0.53
N MET D 448 21.42 -14.32 0.47
CA MET D 448 20.73 -15.41 1.17
C MET D 448 19.80 -16.22 0.27
N SER D 449 19.72 -15.92 -1.03
CA SER D 449 19.06 -16.83 -1.96
C SER D 449 19.77 -18.18 -1.96
N VAL D 450 19.12 -19.17 -2.57
CA VAL D 450 19.52 -20.58 -2.56
C VAL D 450 19.23 -21.15 -1.17
N ASN D 451 19.40 -20.33 -0.13
CA ASN D 451 18.95 -20.69 1.21
C ASN D 451 17.47 -20.42 1.40
N GLN D 452 16.95 -19.34 0.82
CA GLN D 452 15.52 -19.07 0.91
C GLN D 452 14.72 -20.14 0.16
N LEU D 453 15.10 -20.41 -1.08
CA LEU D 453 14.56 -21.52 -1.85
C LEU D 453 15.43 -22.74 -1.58
N MET D 454 15.29 -23.78 -2.41
CA MET D 454 16.19 -24.93 -2.37
C MET D 454 16.14 -25.62 -1.01
N THR D 455 15.01 -26.29 -0.78
CA THR D 455 14.82 -27.07 0.43
C THR D 455 15.95 -28.09 0.61
N ALA D 456 15.99 -28.70 1.80
CA ALA D 456 17.11 -29.54 2.19
C ALA D 456 17.33 -30.68 1.21
N ALA D 457 16.26 -31.24 0.65
CA ALA D 457 16.42 -32.37 -0.26
C ALA D 457 17.19 -31.99 -1.51
N GLU D 458 16.91 -30.80 -2.07
CA GLU D 458 17.55 -30.42 -3.32
C GLU D 458 18.91 -29.77 -3.10
N GLN D 459 19.20 -29.28 -1.90
CA GLN D 459 20.55 -28.81 -1.60
C GLN D 459 21.60 -29.89 -1.79
N GLN D 460 21.20 -31.14 -2.04
CA GLN D 460 22.14 -32.16 -2.43
C GLN D 460 22.99 -31.69 -3.59
N ILE D 461 22.37 -31.01 -4.56
CA ILE D 461 23.13 -30.51 -5.70
C ILE D 461 24.25 -29.58 -5.22
N ASP D 462 23.93 -28.69 -4.27
CA ASP D 462 24.95 -27.83 -3.70
C ASP D 462 26.15 -28.63 -3.24
N LEU D 463 25.91 -29.73 -2.53
CA LEU D 463 27.00 -30.53 -2.00
C LEU D 463 27.92 -30.97 -3.12
N ILE D 464 27.36 -31.39 -4.25
CA ILE D 464 28.20 -31.79 -5.38
C ILE D 464 29.11 -30.65 -5.78
N ALA D 465 28.53 -29.46 -5.97
CA ALA D 465 29.33 -28.30 -6.35
C ALA D 465 30.41 -28.01 -5.32
N ARG D 466 30.13 -28.29 -4.05
CA ARG D 466 31.17 -28.11 -3.04
C ARG D 466 32.22 -29.22 -3.13
N MET D 467 31.78 -30.47 -3.29
CA MET D 467 32.72 -31.58 -3.29
C MET D 467 33.68 -31.48 -4.45
N PHE D 468 33.20 -31.03 -5.62
CA PHE D 468 34.07 -30.83 -6.76
C PHE D 468 35.09 -29.74 -6.48
N ALA D 469 34.69 -28.70 -5.75
CA ALA D 469 35.57 -27.55 -5.55
C ALA D 469 36.70 -27.85 -4.58
N GLU D 470 36.42 -28.62 -3.53
CA GLU D 470 37.40 -28.82 -2.46
C GLU D 470 38.29 -30.02 -2.66
N THR D 471 37.98 -30.91 -3.60
CA THR D 471 38.74 -32.14 -3.77
C THR D 471 39.47 -32.21 -5.11
N GLY D 472 38.75 -32.08 -6.23
CA GLY D 472 39.35 -32.35 -7.52
C GLY D 472 39.92 -31.15 -8.23
N VAL D 473 39.11 -30.10 -8.39
CA VAL D 473 39.54 -28.94 -9.16
C VAL D 473 40.68 -28.22 -8.45
N LYS D 474 40.61 -28.16 -7.12
CA LYS D 474 41.70 -27.57 -6.35
C LYS D 474 43.00 -28.32 -6.55
N ARG D 475 42.94 -29.66 -6.54
CA ARG D 475 44.13 -30.45 -6.79
C ARG D 475 44.65 -30.22 -8.21
N LEU D 476 43.74 -30.14 -9.18
CA LEU D 476 44.14 -29.88 -10.56
C LEU D 476 44.93 -28.59 -10.68
N PHE D 477 44.41 -27.51 -10.09
CA PHE D 477 45.08 -26.23 -10.25
C PHE D 477 46.33 -26.11 -9.39
N GLN D 478 46.37 -26.81 -8.25
CA GLN D 478 47.61 -26.90 -7.51
C GLN D 478 48.69 -27.60 -8.32
N LEU D 479 48.33 -28.68 -9.02
CA LEU D 479 49.27 -29.37 -9.88
C LEU D 479 49.73 -28.46 -11.02
N LEU D 480 48.81 -27.69 -11.59
CA LEU D 480 49.18 -26.77 -12.66
C LEU D 480 50.18 -25.73 -12.16
N HIS D 481 49.94 -25.15 -10.98
CA HIS D 481 50.86 -24.17 -10.43
C HIS D 481 52.23 -24.79 -10.15
N ASP D 482 52.24 -26.00 -9.59
CA ASP D 482 53.52 -26.67 -9.30
C ASP D 482 54.30 -26.95 -10.58
N HIS D 483 53.61 -27.42 -11.62
CA HIS D 483 54.29 -27.66 -12.89
C HIS D 483 54.81 -26.37 -13.50
N ALA D 484 54.05 -25.29 -13.36
CA ALA D 484 54.48 -24.00 -13.89
C ALA D 484 55.74 -23.51 -13.20
N ILE D 485 55.83 -23.68 -11.88
CA ILE D 485 57.00 -23.17 -11.17
C ILE D 485 58.18 -24.14 -11.17
N LYS D 486 57.97 -25.41 -11.52
CA LYS D 486 59.08 -26.36 -11.57
C LYS D 486 59.80 -26.34 -12.90
N TYR D 487 59.06 -26.47 -14.01
CA TYR D 487 59.65 -26.41 -15.34
C TYR D 487 59.43 -25.00 -15.88
N GLN D 488 60.21 -24.07 -15.37
CA GLN D 488 60.04 -22.66 -15.70
C GLN D 488 60.38 -22.38 -17.14
N ASN D 489 59.58 -21.53 -17.77
CA ASN D 489 59.79 -21.10 -19.16
C ASN D 489 59.58 -19.58 -19.20
N GLN D 490 60.65 -18.83 -18.94
CA GLN D 490 60.57 -17.39 -19.10
C GLN D 490 60.58 -17.03 -20.59
N GLU D 491 60.37 -15.75 -20.87
CA GLU D 491 60.25 -15.23 -22.23
C GLU D 491 58.98 -15.76 -22.89
N GLU D 492 58.22 -16.59 -22.16
CA GLU D 492 56.83 -16.83 -22.50
C GLU D 492 55.91 -16.06 -21.55
N VAL D 493 56.21 -16.15 -20.25
CA VAL D 493 55.53 -15.31 -19.27
C VAL D 493 55.80 -13.84 -19.57
N PHE D 494 57.03 -13.53 -19.99
CA PHE D 494 57.34 -12.15 -20.35
C PHE D 494 56.54 -11.71 -21.57
N GLN D 495 56.41 -12.57 -22.57
CA GLN D 495 55.59 -12.23 -23.72
C GLN D 495 54.13 -12.01 -23.33
N LEU D 496 53.63 -12.83 -22.41
CA LEU D 496 52.23 -12.69 -21.99
C LEU D 496 52.00 -11.42 -21.19
N ARG D 497 52.88 -11.11 -20.24
CA ARG D 497 52.64 -10.04 -19.29
C ARG D 497 53.52 -8.81 -19.47
N GLY D 498 54.68 -8.95 -20.10
CA GLY D 498 55.59 -7.82 -20.19
C GLY D 498 56.49 -7.65 -18.99
N LYS D 499 56.44 -8.55 -18.02
CA LYS D 499 57.32 -8.49 -16.86
C LYS D 499 57.52 -9.91 -16.35
N TRP D 500 58.60 -10.10 -15.59
CA TRP D 500 58.97 -11.43 -15.12
C TRP D 500 59.35 -11.36 -13.65
N VAL D 501 58.87 -12.35 -12.89
CA VAL D 501 59.14 -12.48 -11.47
C VAL D 501 59.83 -13.81 -11.23
N ALA D 502 61.00 -13.77 -10.60
CA ALA D 502 61.75 -14.98 -10.32
C ALA D 502 61.21 -15.67 -9.08
N ILE D 503 60.97 -16.97 -9.17
CA ILE D 503 60.42 -17.76 -8.08
C ILE D 503 61.33 -18.95 -7.83
N ASN D 504 61.77 -19.11 -6.60
CA ASN D 504 62.60 -20.25 -6.24
C ASN D 504 61.73 -21.47 -6.03
N PRO D 505 61.90 -22.54 -6.80
CA PRO D 505 61.02 -23.71 -6.66
C PRO D 505 61.52 -24.71 -5.63
N ALA D 506 62.46 -24.30 -4.78
CA ALA D 506 63.06 -25.24 -3.83
C ALA D 506 62.04 -25.81 -2.87
N ASN D 507 61.13 -24.97 -2.38
CA ASN D 507 60.14 -25.37 -1.38
C ASN D 507 58.76 -25.58 -1.98
N TRP D 508 58.68 -26.16 -3.18
CA TRP D 508 57.40 -26.34 -3.84
C TRP D 508 56.50 -27.31 -3.10
N ARG D 509 57.05 -28.22 -2.30
CA ARG D 509 56.23 -29.18 -1.57
C ARG D 509 55.53 -28.57 -0.36
N GLU D 510 55.89 -27.35 0.03
CA GLU D 510 55.31 -26.73 1.20
C GLU D 510 54.02 -25.97 0.92
N ARG D 511 53.86 -25.44 -0.29
CA ARG D 511 52.69 -24.66 -0.66
C ARG D 511 52.46 -23.52 0.32
N SER D 512 53.55 -22.82 0.65
CA SER D 512 53.55 -21.82 1.71
C SER D 512 53.37 -20.41 1.20
N ASP D 513 53.08 -20.23 -0.09
CA ASP D 513 52.98 -18.90 -0.67
C ASP D 513 51.59 -18.53 -1.14
N LEU D 514 50.94 -19.39 -1.92
CA LEU D 514 49.65 -19.08 -2.51
C LEU D 514 48.59 -20.04 -2.02
N THR D 515 47.37 -19.56 -1.89
CA THR D 515 46.21 -20.40 -1.63
C THR D 515 45.31 -20.39 -2.85
N VAL D 516 44.80 -21.56 -3.21
CA VAL D 516 44.06 -21.73 -4.45
C VAL D 516 42.57 -21.57 -4.16
N THR D 517 41.91 -20.73 -4.95
CA THR D 517 40.46 -20.62 -4.94
C THR D 517 40.02 -21.00 -6.35
N VAL D 518 39.81 -22.31 -6.53
CA VAL D 518 39.14 -22.81 -7.72
C VAL D 518 37.65 -22.56 -7.61
N GLY D 519 37.18 -22.25 -6.40
CA GLY D 519 35.86 -21.73 -6.23
C GLY D 519 35.69 -20.56 -7.16
N ILE D 520 34.48 -20.44 -7.73
CA ILE D 520 34.19 -19.52 -8.81
C ILE D 520 34.77 -18.13 -8.58
N GLY D 521 35.52 -17.64 -9.56
CA GLY D 521 35.93 -16.26 -9.58
C GLY D 521 34.83 -15.42 -10.21
N ASN D 522 33.58 -15.73 -9.85
CA ASN D 522 32.41 -15.09 -10.42
C ASN D 522 32.17 -13.73 -9.80
N MET D 523 30.94 -13.23 -9.94
CA MET D 523 30.68 -11.80 -9.95
C MET D 523 31.12 -11.15 -8.65
N ASN D 524 32.24 -10.45 -8.70
CA ASN D 524 32.77 -9.70 -7.57
C ASN D 524 33.37 -8.36 -7.97
N LYS D 525 33.39 -8.04 -9.26
CA LYS D 525 33.91 -6.77 -9.72
C LYS D 525 33.15 -5.62 -9.09
N ASP D 526 31.82 -5.75 -8.98
CA ASP D 526 31.00 -4.71 -8.38
C ASP D 526 31.37 -4.50 -6.91
N GLN D 527 31.62 -5.59 -6.18
CA GLN D 527 31.95 -5.46 -4.77
C GLN D 527 33.25 -4.71 -4.57
N GLN D 528 34.32 -5.16 -5.23
CA GLN D 528 35.60 -4.49 -5.09
C GLN D 528 35.54 -3.07 -5.66
N MET D 529 34.63 -2.84 -6.59
CA MET D 529 34.50 -1.52 -7.17
C MET D 529 33.84 -0.54 -6.20
N LEU D 530 32.81 -0.98 -5.49
CA LEU D 530 32.25 -0.19 -4.40
C LEU D 530 33.30 0.03 -3.31
N HIS D 531 34.13 -0.99 -3.05
CA HIS D 531 35.21 -0.81 -2.10
C HIS D 531 36.20 0.25 -2.59
N LEU D 532 36.43 0.32 -3.89
CA LEU D 532 37.28 1.37 -4.43
C LEU D 532 36.64 2.74 -4.24
N MET D 533 35.31 2.83 -4.42
CA MET D 533 34.61 4.08 -4.13
C MET D 533 34.84 4.53 -2.69
N ARG D 534 34.57 3.65 -1.73
CA ARG D 534 34.75 4.03 -0.32
C ARG D 534 36.21 4.35 0.00
N ILE D 535 37.15 3.62 -0.60
CA ILE D 535 38.56 3.91 -0.34
C ILE D 535 38.95 5.28 -0.88
N TRP D 536 38.44 5.62 -2.07
CA TRP D 536 38.71 6.94 -2.63
C TRP D 536 38.09 8.05 -1.77
N GLU D 537 36.90 7.79 -1.21
CA GLU D 537 36.31 8.77 -0.31
C GLU D 537 37.16 8.95 0.95
N MET D 538 37.67 7.86 1.52
CA MET D 538 38.58 7.99 2.65
C MET D 538 39.83 8.76 2.28
N ALA D 539 40.36 8.51 1.08
CA ALA D 539 41.55 9.23 0.65
C ALA D 539 41.28 10.72 0.54
N GLN D 540 40.12 11.09 -0.02
CA GLN D 540 39.77 12.50 -0.09
C GLN D 540 39.65 13.12 1.30
N ALA D 541 39.02 12.40 2.22
CA ALA D 541 38.89 12.93 3.58
C ALA D 541 40.25 13.10 4.23
N VAL D 542 41.15 12.14 4.03
CA VAL D 542 42.49 12.22 4.60
C VAL D 542 43.24 13.41 4.02
N VAL D 543 43.16 13.60 2.71
CA VAL D 543 43.85 14.72 2.07
C VAL D 543 43.29 16.04 2.60
N GLY D 544 41.96 16.14 2.72
CA GLY D 544 41.36 17.33 3.30
C GLY D 544 41.70 17.54 4.75
N GLY D 545 42.11 16.48 5.45
CA GLY D 545 42.55 16.61 6.83
C GLY D 545 43.96 17.10 7.01
N GLY D 546 44.67 17.39 5.92
CA GLY D 546 46.02 17.90 6.01
C GLY D 546 47.09 16.85 6.14
N GLY D 547 46.83 15.61 5.73
CA GLY D 547 47.79 14.54 5.83
C GLY D 547 48.50 14.16 4.55
N LEU D 548 48.42 14.99 3.51
CA LEU D 548 49.08 14.68 2.25
C LEU D 548 50.59 14.62 2.45
N GLY D 549 51.20 13.52 2.02
CA GLY D 549 52.62 13.32 2.15
C GLY D 549 53.03 12.52 3.36
N VAL D 550 52.18 12.47 4.39
CA VAL D 550 52.45 11.68 5.59
C VAL D 550 51.43 10.57 5.79
N LEU D 551 50.15 10.85 5.53
CA LEU D 551 49.11 9.84 5.60
C LEU D 551 48.92 9.12 4.27
N VAL D 552 48.98 9.85 3.16
CA VAL D 552 48.82 9.28 1.82
C VAL D 552 49.66 10.10 0.85
N SER D 553 50.28 9.43 -0.11
CA SER D 553 51.07 10.08 -1.14
C SER D 553 50.29 10.14 -2.44
N GLU D 554 50.81 10.93 -3.38
CA GLU D 554 50.13 11.08 -4.67
C GLU D 554 50.18 9.79 -5.47
N GLN D 555 51.26 9.02 -5.36
CA GLN D 555 51.32 7.74 -6.05
C GLN D 555 50.22 6.80 -5.57
N ASN D 556 49.83 6.91 -4.29
CA ASN D 556 48.71 6.11 -3.79
C ASN D 556 47.41 6.51 -4.48
N LEU D 557 47.19 7.82 -4.65
CA LEU D 557 46.00 8.28 -5.37
C LEU D 557 46.01 7.77 -6.80
N TYR D 558 47.18 7.79 -7.45
CA TYR D 558 47.29 7.26 -8.79
C TYR D 558 47.01 5.78 -8.85
N ASN D 559 47.48 5.01 -7.86
CA ASN D 559 47.17 3.59 -7.82
C ASN D 559 45.67 3.36 -7.68
N ILE D 560 45.02 4.15 -6.83
CA ILE D 560 43.58 4.02 -6.66
C ILE D 560 42.85 4.32 -7.97
N LEU D 561 43.25 5.41 -8.63
CA LEU D 561 42.61 5.79 -9.88
C LEU D 561 42.84 4.75 -10.96
N LYS D 562 44.06 4.22 -11.05
CA LYS D 562 44.36 3.19 -12.04
C LYS D 562 43.54 1.94 -11.78
N GLU D 563 43.41 1.55 -10.51
CA GLU D 563 42.59 0.38 -10.18
C GLU D 563 41.14 0.59 -10.58
N VAL D 564 40.60 1.77 -10.27
CA VAL D 564 39.21 2.06 -10.62
C VAL D 564 39.01 2.02 -12.13
N THR D 565 39.94 2.64 -12.87
CA THR D 565 39.81 2.68 -14.33
C THR D 565 39.93 1.28 -14.93
N GLU D 566 40.87 0.48 -14.44
CA GLU D 566 41.03 -0.88 -14.96
C GLU D 566 39.81 -1.73 -14.65
N ASN D 567 39.25 -1.59 -13.45
CA ASN D 567 38.05 -2.35 -13.12
C ASN D 567 36.86 -1.90 -13.96
N ALA D 568 36.81 -0.61 -14.32
CA ALA D 568 35.73 -0.12 -15.15
C ALA D 568 35.76 -0.74 -16.55
N GLY D 569 36.93 -1.14 -17.03
CA GLY D 569 37.01 -1.82 -18.30
C GLY D 569 38.03 -1.24 -19.26
N TYR D 570 38.77 -0.22 -18.83
CA TYR D 570 39.78 0.41 -19.66
C TYR D 570 41.16 -0.07 -19.20
N LYS D 571 41.82 -0.86 -20.04
CA LYS D 571 43.11 -1.43 -19.66
C LYS D 571 44.20 -0.38 -19.59
N ASP D 572 44.19 0.59 -20.50
CA ASP D 572 45.23 1.62 -20.53
C ASP D 572 44.79 2.77 -19.63
N PRO D 573 45.51 3.05 -18.54
CA PRO D 573 45.11 4.15 -17.66
C PRO D 573 45.71 5.50 -18.00
N ASP D 574 46.74 5.55 -18.85
CA ASP D 574 47.35 6.82 -19.21
C ASP D 574 46.47 7.69 -20.09
N ARG D 575 45.38 7.13 -20.63
CA ARG D 575 44.46 7.94 -21.42
C ARG D 575 43.65 8.89 -20.55
N PHE D 576 43.43 8.54 -19.29
CA PHE D 576 42.62 9.35 -18.40
C PHE D 576 43.38 9.97 -17.24
N TRP D 577 44.60 9.51 -16.95
CA TRP D 577 45.36 10.02 -15.82
C TRP D 577 46.83 10.18 -16.23
N THR D 578 47.62 10.72 -15.32
CA THR D 578 49.03 10.97 -15.55
C THR D 578 49.86 10.53 -14.33
N ASN D 579 51.12 10.20 -14.58
CA ASN D 579 52.00 9.62 -13.57
C ASN D 579 52.95 10.70 -13.04
N PRO D 580 53.36 10.63 -11.76
CA PRO D 580 54.31 11.62 -11.26
C PRO D 580 55.67 11.54 -11.91
N ASP D 581 56.20 10.33 -12.05
CA ASP D 581 57.56 10.13 -12.53
C ASP D 581 57.73 10.58 -13.98
N SER D 582 56.63 10.81 -14.70
CA SER D 582 56.72 11.43 -16.00
C SER D 582 57.31 12.83 -15.87
N PRO D 583 58.21 13.22 -16.79
CA PRO D 583 58.88 14.51 -16.65
C PRO D 583 57.95 15.70 -16.62
N GLU D 584 56.83 15.64 -17.35
CA GLU D 584 55.92 16.78 -17.38
C GLU D 584 55.26 17.00 -16.02
N ALA D 585 54.96 15.92 -15.29
CA ALA D 585 54.41 16.07 -13.96
C ALA D 585 55.42 16.73 -13.02
N GLN D 586 56.69 16.32 -13.10
CA GLN D 586 57.72 16.94 -12.28
C GLN D 586 57.87 18.41 -12.64
N GLN D 587 57.80 18.74 -13.91
CA GLN D 587 57.86 20.14 -14.33
C GLN D 587 56.69 20.93 -13.76
N ALA D 588 55.49 20.36 -13.83
CA ALA D 588 54.32 21.05 -13.29
C ALA D 588 54.47 21.29 -11.81
N LYS D 589 54.98 20.30 -11.07
CA LYS D 589 55.24 20.50 -9.65
C LYS D 589 56.30 21.58 -9.44
N ALA D 590 57.28 21.65 -10.35
CA ALA D 590 58.33 22.66 -10.22
C ALA D 590 57.75 24.07 -10.31
N ILE D 591 56.96 24.34 -11.36
CA ILE D 591 56.33 25.65 -11.45
C ILE D 591 55.37 25.90 -10.29
N ARG D 592 54.63 24.87 -9.88
CA ARG D 592 53.70 25.07 -8.76
C ARG D 592 54.43 25.48 -7.49
N GLU D 593 55.54 24.82 -7.19
CA GLU D 593 56.33 25.21 -6.02
C GLU D 593 56.94 26.59 -6.20
N GLN D 594 57.40 26.91 -7.41
CA GLN D 594 57.99 28.22 -7.67
C GLN D 594 56.97 29.33 -7.46
N LYS D 595 55.70 29.06 -7.72
CA LYS D 595 54.66 30.08 -7.61
C LYS D 595 54.32 30.45 -6.17
N GLU D 596 55.08 29.97 -5.18
CA GLU D 596 54.95 30.40 -3.80
C GLU D 596 56.22 31.11 -3.34
N ALA D 597 56.79 31.96 -4.19
CA ALA D 597 58.00 32.68 -3.84
C ALA D 597 57.76 33.64 -2.69
N GLN D 598 56.72 34.45 -2.79
CA GLN D 598 56.42 35.45 -1.76
C GLN D 598 54.97 35.90 -1.84
N PRO D 599 54.26 35.94 -0.72
CA PRO D 599 52.88 36.44 -0.74
C PRO D 599 52.82 37.97 -0.70
N LYS D 600 51.60 38.51 -0.60
CA LYS D 600 51.45 39.97 -0.65
C LYS D 600 51.90 40.64 0.64
N PRO D 601 51.41 40.25 1.83
CA PRO D 601 51.74 41.02 3.04
C PRO D 601 53.21 41.03 3.43
N GLU D 602 54.03 40.10 2.94
CA GLU D 602 55.43 40.03 3.38
C GLU D 602 56.18 41.30 3.01
N ASP D 603 55.82 41.92 1.89
CA ASP D 603 56.45 43.18 1.51
C ASP D 603 56.19 44.25 2.56
N ILE D 604 54.92 44.44 2.94
CA ILE D 604 54.59 45.39 4.00
C ILE D 604 55.25 44.98 5.30
N LYS D 605 55.46 43.68 5.50
CA LYS D 605 56.06 43.15 6.71
C LYS D 605 57.48 43.67 6.88
N ALA D 606 58.35 43.27 5.96
CA ALA D 606 59.72 43.77 5.96
C ALA D 606 59.76 45.29 5.84
N GLN D 607 58.72 45.87 5.23
CA GLN D 607 58.66 47.30 5.00
C GLN D 607 58.51 48.06 6.31
N ALA D 608 57.55 47.65 7.13
CA ALA D 608 57.39 48.23 8.46
C ALA D 608 58.60 47.93 9.33
N ASP D 609 59.16 46.72 9.20
CA ASP D 609 60.40 46.41 9.88
C ASP D 609 61.46 47.46 9.55
N ALA D 610 61.55 47.84 8.28
CA ALA D 610 62.52 48.83 7.85
C ALA D 610 62.24 50.20 8.49
N GLN D 611 61.01 50.70 8.36
CA GLN D 611 60.71 51.99 8.98
C GLN D 611 61.01 51.98 10.47
N ARG D 612 60.89 50.84 11.13
CA ARG D 612 60.87 50.91 12.58
C ARG D 612 62.20 50.55 13.22
N ALA D 613 63.03 49.75 12.56
CA ALA D 613 64.46 49.81 12.87
C ALA D 613 65.00 51.21 12.60
N GLN D 614 64.54 51.83 11.50
CA GLN D 614 64.81 53.23 11.23
C GLN D 614 64.42 54.14 12.40
N SER D 615 63.21 53.96 12.92
CA SER D 615 62.75 54.81 14.03
C SER D 615 63.60 54.62 15.27
N ASP D 616 63.96 53.37 15.58
CA ASP D 616 64.85 53.14 16.72
C ASP D 616 66.18 53.85 16.52
N ALA D 617 66.75 53.76 15.31
CA ALA D 617 68.02 54.44 15.03
C ALA D 617 67.89 55.94 15.20
N LEU D 618 66.79 56.51 14.71
CA LEU D 618 66.59 57.95 14.86
C LEU D 618 66.45 58.34 16.32
N ALA D 619 65.74 57.53 17.10
CA ALA D 619 65.62 57.82 18.52
C ALA D 619 66.97 57.82 19.21
N LYS D 620 67.80 56.80 18.94
CA LYS D 620 69.12 56.74 19.57
C LYS D 620 70.00 57.91 19.17
N GLN D 621 70.02 58.23 17.87
CA GLN D 621 70.88 59.32 17.42
C GLN D 621 70.41 60.66 17.99
N ALA D 622 69.09 60.86 18.07
CA ALA D 622 68.57 62.09 18.66
C ALA D 622 68.95 62.17 20.13
N GLU D 623 68.87 61.05 20.85
CA GLU D 623 69.27 61.03 22.25
C GLU D 623 70.72 61.48 22.40
N ALA D 624 71.62 60.84 21.65
CA ALA D 624 73.04 61.16 21.77
C ALA D 624 73.32 62.60 21.37
N GLN D 625 72.71 63.05 20.27
CA GLN D 625 72.94 64.40 19.78
C GLN D 625 72.45 65.45 20.77
N MET D 626 71.28 65.25 21.35
CA MET D 626 70.75 66.25 22.28
C MET D 626 71.54 66.24 23.59
N LYS D 627 72.00 65.06 24.03
CA LYS D 627 72.87 65.01 25.20
C LYS D 627 74.16 65.79 24.95
N GLN D 628 74.76 65.58 23.78
CA GLN D 628 75.98 66.31 23.43
C GLN D 628 75.70 67.81 23.33
N VAL D 629 74.54 68.20 22.79
CA VAL D 629 74.19 69.61 22.70
C VAL D 629 74.14 70.23 24.09
N GLU D 630 73.41 69.58 25.01
CA GLU D 630 73.25 70.16 26.34
C GLU D 630 74.56 70.14 27.12
N ALA D 631 75.45 69.20 26.81
CA ALA D 631 76.71 69.12 27.54
C ALA D 631 77.77 70.04 26.94
N GLN D 632 77.53 70.61 25.76
CA GLN D 632 78.59 71.30 25.04
C GLN D 632 78.21 72.70 24.59
N ILE D 633 76.96 72.90 24.15
CA ILE D 633 76.57 74.22 23.63
C ILE D 633 76.23 75.21 24.75
N ARG D 634 76.13 74.75 25.99
CA ARG D 634 75.68 75.59 27.09
C ARG D 634 76.82 76.18 27.90
N LEU D 635 77.68 75.33 28.47
CA LEU D 635 78.66 75.80 29.46
C LEU D 635 79.55 76.89 28.88
N ALA D 636 79.72 76.90 27.56
CA ALA D 636 80.54 77.93 26.92
C ALA D 636 79.97 79.33 27.13
N GLU D 637 78.65 79.49 27.01
CA GLU D 637 78.05 80.80 27.17
C GLU D 637 77.79 81.16 28.63
N ILE D 638 78.03 80.24 29.57
CA ILE D 638 78.08 80.62 30.98
C ILE D 638 79.48 81.05 31.37
N GLU D 639 80.51 80.32 30.91
CA GLU D 639 81.87 80.66 31.29
C GLU D 639 82.32 82.01 30.74
N LEU D 640 81.66 82.50 29.69
CA LEU D 640 81.96 83.84 29.19
C LEU D 640 80.71 84.71 29.23
N MET E 11 59.38 -57.86 38.85
CA MET E 11 58.30 -56.89 38.99
C MET E 11 58.47 -55.75 38.00
N ASP E 12 58.74 -56.08 36.73
CA ASP E 12 58.92 -55.05 35.72
C ASP E 12 58.27 -55.38 34.37
N ASP E 13 57.53 -56.49 34.27
CA ASP E 13 56.76 -56.83 33.07
C ASP E 13 57.66 -56.90 31.84
N GLU E 14 58.51 -57.93 31.83
CA GLU E 14 59.31 -58.24 30.65
C GLU E 14 58.40 -58.49 29.44
N GLN E 15 59.04 -58.62 28.27
CA GLN E 15 58.31 -58.64 27.01
C GLN E 15 57.17 -59.64 27.01
N VAL E 16 57.42 -60.84 27.53
CA VAL E 16 56.45 -61.93 27.41
C VAL E 16 55.15 -61.59 28.12
N LEU E 17 55.24 -61.03 29.32
CA LEU E 17 54.02 -60.73 30.09
C LEU E 17 53.15 -59.70 29.38
N ARG E 18 53.77 -58.65 28.83
CA ARG E 18 52.97 -57.63 28.17
C ARG E 18 52.46 -58.11 26.82
N HIS E 19 53.18 -59.00 26.14
CA HIS E 19 52.58 -59.67 24.98
C HIS E 19 51.35 -60.46 25.40
N LEU E 20 51.43 -61.19 26.51
CA LEU E 20 50.29 -61.96 26.97
C LEU E 20 49.10 -61.05 27.23
N ASP E 21 49.32 -59.95 27.96
CA ASP E 21 48.24 -59.03 28.28
C ASP E 21 47.66 -58.40 27.01
N GLN E 22 48.53 -57.98 26.08
CA GLN E 22 48.06 -57.34 24.87
C GLN E 22 47.23 -58.30 24.02
N LEU E 23 47.68 -59.54 23.87
CA LEU E 23 46.92 -60.51 23.10
C LEU E 23 45.59 -60.84 23.78
N VAL E 24 45.57 -60.94 25.11
CA VAL E 24 44.31 -61.18 25.81
C VAL E 24 43.34 -60.04 25.51
N ASN E 25 43.79 -58.80 25.68
CA ASN E 25 42.91 -57.66 25.46
C ASN E 25 42.43 -57.59 24.01
N ASP E 26 43.32 -57.86 23.06
CA ASP E 26 42.97 -57.75 21.65
C ASP E 26 42.01 -58.87 21.24
N ALA E 27 42.32 -60.11 21.60
CA ALA E 27 41.45 -61.23 21.26
C ALA E 27 40.13 -61.19 22.01
N LEU E 28 40.04 -60.38 23.08
CA LEU E 28 38.73 -60.13 23.67
C LEU E 28 37.78 -59.54 22.63
N ASP E 29 38.27 -58.62 21.82
CA ASP E 29 37.52 -58.07 20.71
C ASP E 29 37.80 -58.89 19.45
N PHE E 30 37.44 -58.37 18.27
CA PHE E 30 37.54 -59.10 17.01
C PHE E 30 36.71 -60.39 17.04
N ASN E 31 35.42 -60.26 17.28
CA ASN E 31 34.53 -61.41 17.34
C ASN E 31 33.15 -61.00 16.84
N SER E 32 32.29 -62.00 16.65
CA SER E 32 30.92 -61.74 16.21
C SER E 32 30.11 -61.16 17.35
N SER E 33 30.05 -59.83 17.43
CA SER E 33 29.30 -59.14 18.46
C SER E 33 28.13 -58.39 17.83
N GLU E 34 27.24 -57.90 18.70
CA GLU E 34 26.07 -57.17 18.22
C GLU E 34 26.44 -55.87 17.53
N LEU E 35 27.53 -55.23 17.98
CA LEU E 35 27.93 -53.94 17.42
C LEU E 35 28.26 -54.06 15.93
N SER E 36 29.12 -55.03 15.59
CA SER E 36 29.51 -55.20 14.20
C SER E 36 28.32 -55.59 13.33
N LYS E 37 27.45 -56.46 13.85
CA LYS E 37 26.27 -56.84 13.10
C LYS E 37 25.39 -55.64 12.81
N GLN E 38 25.17 -54.80 13.81
CA GLN E 38 24.31 -53.63 13.61
C GLN E 38 24.94 -52.66 12.62
N ARG E 39 26.25 -52.45 12.70
CA ARG E 39 26.91 -51.54 11.75
C ARG E 39 26.84 -52.07 10.33
N SER E 40 27.09 -53.37 10.15
CA SER E 40 27.00 -53.96 8.82
C SER E 40 25.58 -53.89 8.28
N GLU E 41 24.59 -54.12 9.13
CA GLU E 41 23.19 -54.02 8.70
C GLU E 41 22.85 -52.59 8.29
N ALA E 42 23.37 -51.61 9.03
CA ALA E 42 23.13 -50.22 8.64
C ALA E 42 23.72 -49.93 7.27
N LEU E 43 24.94 -50.39 7.02
CA LEU E 43 25.55 -50.17 5.71
C LEU E 43 24.75 -50.87 4.61
N LYS E 44 24.30 -52.10 4.87
CA LYS E 44 23.51 -52.82 3.87
C LYS E 44 22.21 -52.10 3.57
N TYR E 45 21.53 -51.60 4.60
CA TYR E 45 20.30 -50.84 4.38
C TYR E 45 20.57 -49.58 3.58
N TYR E 46 21.70 -48.93 3.84
CA TYR E 46 22.05 -47.75 3.05
C TYR E 46 22.24 -48.10 1.59
N PHE E 47 22.93 -49.20 1.30
CA PHE E 47 23.16 -49.59 -0.09
C PHE E 47 21.91 -50.10 -0.78
N GLY E 48 20.84 -50.39 -0.04
CA GLY E 48 19.66 -50.94 -0.65
C GLY E 48 19.74 -52.41 -0.99
N GLU E 49 20.54 -53.17 -0.25
CA GLU E 49 20.70 -54.58 -0.52
C GLU E 49 19.42 -55.35 -0.17
N PRO E 50 19.19 -56.49 -0.82
CA PRO E 50 18.01 -57.29 -0.49
C PRO E 50 18.03 -57.79 0.94
N PHE E 51 16.84 -57.88 1.53
CA PHE E 51 16.73 -58.31 2.93
C PHE E 51 17.06 -59.78 3.10
N GLY E 52 16.74 -60.61 2.11
CA GLY E 52 16.95 -62.04 2.19
C GLY E 52 15.68 -62.87 2.22
N ASN E 53 14.51 -62.25 2.15
CA ASN E 53 13.24 -62.96 2.10
C ASN E 53 12.59 -62.92 0.73
N GLU E 54 13.38 -62.64 -0.31
CA GLU E 54 12.84 -62.51 -1.66
C GLU E 54 12.52 -63.88 -2.24
N ARG E 55 11.43 -63.94 -2.99
CA ARG E 55 11.03 -65.15 -3.67
C ARG E 55 11.52 -65.14 -5.11
N PRO E 56 11.73 -66.31 -5.71
CA PRO E 56 12.36 -66.36 -7.05
C PRO E 56 11.62 -65.57 -8.12
N GLY E 57 10.29 -65.57 -8.12
CA GLY E 57 9.55 -64.98 -9.22
C GLY E 57 8.73 -63.76 -8.89
N LYS E 58 8.88 -63.22 -7.69
CA LYS E 58 8.07 -62.09 -7.25
C LYS E 58 8.91 -60.82 -7.24
N SER E 59 8.26 -59.71 -6.89
CA SER E 59 8.93 -58.42 -6.84
C SER E 59 9.94 -58.37 -5.71
N ALA E 60 11.00 -57.59 -5.92
CA ALA E 60 12.07 -57.50 -4.94
C ALA E 60 12.54 -56.06 -4.73
N ILE E 61 11.63 -55.09 -4.90
CA ILE E 61 12.00 -53.70 -4.74
C ILE E 61 12.24 -53.40 -3.25
N VAL E 62 13.14 -52.45 -2.98
CA VAL E 62 13.48 -52.06 -1.62
C VAL E 62 13.31 -50.55 -1.49
N SER E 63 12.60 -50.13 -0.44
CA SER E 63 12.42 -48.71 -0.17
C SER E 63 13.71 -48.11 0.37
N ARG E 64 13.93 -46.83 0.06
CA ARG E 64 15.16 -46.12 0.45
C ARG E 64 14.78 -45.04 1.45
N ASP E 65 15.11 -45.27 2.71
CA ASP E 65 14.84 -44.29 3.76
C ASP E 65 16.11 -43.82 4.47
N VAL E 66 16.96 -44.75 4.91
CA VAL E 66 18.20 -44.36 5.56
C VAL E 66 19.08 -43.56 4.60
N GLN E 67 19.14 -43.99 3.34
CA GLN E 67 19.92 -43.26 2.35
C GLN E 67 19.40 -41.85 2.16
N GLU E 68 18.07 -41.70 2.07
CA GLU E 68 17.49 -40.37 1.89
C GLU E 68 17.78 -39.47 3.07
N THR E 69 17.63 -39.99 4.29
CA THR E 69 17.87 -39.18 5.47
C THR E 69 19.33 -38.75 5.57
N VAL E 70 20.26 -39.68 5.32
CA VAL E 70 21.67 -39.34 5.40
C VAL E 70 22.03 -38.31 4.34
N ASP E 71 21.53 -38.50 3.12
CA ASP E 71 21.86 -37.58 2.03
C ASP E 71 21.18 -36.22 2.21
N TRP E 72 20.10 -36.15 2.97
CA TRP E 72 19.49 -34.86 3.26
C TRP E 72 20.18 -34.15 4.43
N ILE E 73 20.81 -34.92 5.33
CA ILE E 73 21.46 -34.28 6.46
C ILE E 73 22.86 -33.79 6.10
N MET E 74 23.59 -34.56 5.28
CA MET E 74 25.01 -34.26 5.05
C MET E 74 25.29 -32.87 4.49
N PRO E 75 24.60 -32.37 3.45
CA PRO E 75 25.00 -31.09 2.87
C PRO E 75 24.96 -29.93 3.85
N SER E 76 23.98 -29.91 4.75
CA SER E 76 23.95 -28.86 5.77
C SER E 76 25.16 -28.95 6.68
N LEU E 77 25.51 -30.17 7.09
CA LEU E 77 26.65 -30.39 7.97
C LEU E 77 27.97 -30.07 7.30
N MET E 78 28.00 -30.02 5.96
CA MET E 78 29.22 -29.59 5.29
C MET E 78 29.26 -28.08 5.08
N LYS E 79 28.13 -27.51 4.64
CA LYS E 79 28.04 -26.06 4.49
C LYS E 79 28.39 -25.36 5.79
N VAL E 80 27.78 -25.79 6.90
CA VAL E 80 28.35 -25.47 8.20
C VAL E 80 29.66 -26.25 8.34
N PHE E 81 30.68 -25.59 8.86
CA PHE E 81 32.05 -26.06 9.06
C PHE E 81 32.90 -26.03 7.79
N THR E 82 32.37 -25.69 6.62
CA THR E 82 33.22 -25.60 5.44
C THR E 82 33.08 -24.32 4.62
N SER E 83 31.92 -23.68 4.62
CA SER E 83 31.62 -22.66 3.61
C SER E 83 32.60 -21.50 3.65
N GLY E 84 33.05 -21.12 4.84
CA GLY E 84 33.84 -19.91 4.97
C GLY E 84 35.27 -19.99 4.51
N GLY E 85 35.72 -21.14 4.01
CA GLY E 85 37.14 -21.28 3.68
C GLY E 85 37.99 -21.59 4.89
N GLN E 86 37.95 -20.73 5.90
CA GLN E 86 38.57 -21.05 7.18
C GLN E 86 37.70 -22.05 7.94
N VAL E 87 38.34 -22.84 8.80
CA VAL E 87 37.63 -23.85 9.57
C VAL E 87 37.74 -23.64 11.08
N VAL E 88 38.74 -22.90 11.56
CA VAL E 88 38.93 -22.69 12.99
C VAL E 88 39.37 -21.25 13.22
N LYS E 89 39.09 -20.75 14.42
CA LYS E 89 39.60 -19.44 14.82
C LYS E 89 39.99 -19.49 16.29
N TYR E 90 41.22 -19.09 16.59
CA TYR E 90 41.71 -19.07 17.96
C TYR E 90 41.59 -17.65 18.50
N GLU E 91 40.84 -17.49 19.59
CA GLU E 91 40.67 -16.16 20.15
C GLU E 91 41.56 -15.99 21.36
N PRO E 92 42.24 -14.86 21.48
CA PRO E 92 43.13 -14.63 22.63
C PRO E 92 42.33 -14.42 23.91
N GLN E 93 42.96 -14.75 25.03
CA GLN E 93 42.34 -14.54 26.33
C GLN E 93 42.56 -13.13 26.84
N THR E 94 43.79 -12.64 26.75
CA THR E 94 44.15 -11.28 27.15
C THR E 94 44.75 -10.54 25.96
N ALA E 95 45.11 -9.28 26.18
CA ALA E 95 45.70 -8.48 25.12
C ALA E 95 47.13 -8.89 24.80
N GLU E 96 47.78 -9.67 25.66
CA GLU E 96 49.15 -10.09 25.45
C GLU E 96 49.27 -11.35 24.63
N ASP E 97 48.16 -11.94 24.20
CA ASP E 97 48.16 -13.17 23.43
C ASP E 97 47.77 -12.98 21.98
N VAL E 98 47.37 -11.76 21.59
CA VAL E 98 46.75 -11.55 20.28
C VAL E 98 47.64 -12.06 19.16
N GLU E 99 48.92 -11.67 19.18
CA GLU E 99 49.83 -12.09 18.13
C GLU E 99 49.92 -13.61 18.06
N GLN E 100 50.03 -14.27 19.23
CA GLN E 100 50.03 -15.72 19.25
C GLN E 100 48.74 -16.26 18.66
N ALA E 101 47.61 -15.67 19.07
CA ALA E 101 46.33 -16.10 18.54
C ALA E 101 46.27 -15.96 17.03
N GLU E 102 47.01 -15.02 16.47
CA GLU E 102 47.06 -14.90 15.02
C GLU E 102 47.85 -16.07 14.43
N GLN E 103 49.02 -16.36 14.99
CA GLN E 103 49.92 -17.33 14.38
C GLN E 103 49.24 -18.67 14.20
N GLU E 104 48.67 -19.22 15.27
CA GLU E 104 47.97 -20.49 15.18
C GLU E 104 46.87 -20.42 14.15
N THR E 105 46.10 -19.32 14.14
CA THR E 105 44.98 -19.22 13.20
C THR E 105 45.46 -19.32 11.77
N GLU E 106 46.69 -18.89 11.49
CA GLU E 106 47.22 -19.04 10.14
C GLU E 106 47.99 -20.34 9.97
N TYR E 107 48.52 -20.91 11.05
CA TYR E 107 49.22 -22.18 10.95
C TYR E 107 48.23 -23.33 10.86
N VAL E 108 47.40 -23.49 11.89
CA VAL E 108 46.35 -24.50 11.88
C VAL E 108 45.22 -23.96 11.00
N ASN E 109 45.12 -24.50 9.79
CA ASN E 109 44.37 -24.02 8.64
C ASN E 109 45.22 -24.32 7.41
N TYR E 110 46.50 -23.97 7.50
CA TYR E 110 47.45 -24.39 6.49
C TYR E 110 47.78 -25.88 6.62
N LEU E 111 47.84 -26.37 7.86
CA LEU E 111 48.10 -27.78 8.07
C LEU E 111 46.88 -28.63 7.72
N PHE E 112 45.68 -28.13 8.02
CA PHE E 112 44.49 -28.94 7.87
C PHE E 112 43.96 -28.92 6.44
N MET E 113 43.90 -27.75 5.82
CA MET E 113 43.27 -27.62 4.51
C MET E 113 44.25 -27.71 3.34
N ARG E 114 45.53 -27.46 3.58
CA ARG E 114 46.51 -27.44 2.50
C ARG E 114 47.58 -28.50 2.61
N LYS E 115 47.60 -29.30 3.68
CA LYS E 115 48.62 -30.32 3.86
C LYS E 115 48.06 -31.70 4.19
N ASN E 116 46.75 -31.82 4.45
CA ASN E 116 46.23 -33.09 4.92
C ASN E 116 44.88 -33.49 4.33
N GLU E 117 44.38 -32.76 3.33
CA GLU E 117 43.08 -33.06 2.73
C GLU E 117 41.97 -33.03 3.78
N GLY E 118 41.77 -31.85 4.36
CA GLY E 118 40.86 -31.73 5.47
C GLY E 118 39.42 -31.99 5.10
N PHE E 119 39.01 -31.55 3.90
CA PHE E 119 37.61 -31.70 3.51
C PHE E 119 37.21 -33.17 3.42
N LYS E 120 38.06 -33.99 2.81
CA LYS E 120 37.74 -35.41 2.68
C LYS E 120 37.69 -36.09 4.04
N VAL E 121 38.63 -35.76 4.92
CA VAL E 121 38.65 -36.35 6.26
C VAL E 121 37.38 -35.97 7.02
N MET E 122 37.00 -34.70 6.95
CA MET E 122 35.78 -34.25 7.63
C MET E 122 34.54 -34.93 7.07
N PHE E 123 34.47 -35.08 5.75
CA PHE E 123 33.33 -35.75 5.15
C PHE E 123 33.24 -37.20 5.59
N ASP E 124 34.36 -37.91 5.59
CA ASP E 124 34.36 -39.29 6.05
C ASP E 124 33.96 -39.39 7.51
N TRP E 125 34.48 -38.48 8.34
CA TRP E 125 34.14 -38.45 9.76
C TRP E 125 32.64 -38.30 9.95
N PHE E 126 32.04 -37.29 9.30
CA PHE E 126 30.61 -37.04 9.49
C PHE E 126 29.76 -38.18 8.97
N GLN E 127 30.12 -38.73 7.80
CA GLN E 127 29.31 -39.80 7.24
C GLN E 127 29.41 -41.06 8.07
N ASP E 128 30.59 -41.36 8.62
CA ASP E 128 30.72 -42.49 9.52
C ASP E 128 29.89 -42.29 10.78
N THR E 129 29.90 -41.06 11.32
CA THR E 129 29.12 -40.81 12.53
C THR E 129 27.63 -40.98 12.26
N LEU E 130 27.14 -40.49 11.13
CA LEU E 130 25.72 -40.62 10.84
C LEU E 130 25.34 -42.06 10.49
N MET E 131 26.18 -42.75 9.73
CA MET E 131 25.87 -44.10 9.26
C MET E 131 26.10 -45.12 10.35
N MET E 132 27.33 -45.20 10.86
CA MET E 132 27.64 -46.03 12.01
C MET E 132 27.19 -45.29 13.27
N LYS E 133 27.61 -45.76 14.43
CA LYS E 133 27.20 -45.12 15.67
C LYS E 133 28.15 -44.02 16.13
N THR E 134 29.41 -44.06 15.73
CA THR E 134 30.37 -43.05 16.15
C THR E 134 31.48 -42.94 15.12
N GLY E 135 32.12 -41.79 15.09
CA GLY E 135 33.22 -41.56 14.17
C GLY E 135 34.48 -41.17 14.91
N VAL E 136 35.62 -41.60 14.37
CA VAL E 136 36.91 -41.42 15.02
C VAL E 136 37.94 -40.88 14.03
N VAL E 137 38.74 -39.92 14.48
CA VAL E 137 39.81 -39.32 13.68
C VAL E 137 41.06 -39.24 14.55
N LYS E 138 42.22 -39.51 13.95
CA LYS E 138 43.48 -39.52 14.68
C LYS E 138 44.41 -38.42 14.18
N VAL E 139 45.14 -37.80 15.11
CA VAL E 139 46.17 -36.82 14.82
C VAL E 139 47.49 -37.35 15.34
N TYR E 140 48.52 -37.32 14.50
CA TYR E 140 49.81 -37.90 14.90
C TYR E 140 50.94 -37.17 14.19
N VAL E 141 52.16 -37.56 14.52
CA VAL E 141 53.37 -37.03 13.92
C VAL E 141 54.00 -38.13 13.09
N GLU E 142 54.32 -37.83 11.83
CA GLU E 142 54.80 -38.84 10.91
C GLU E 142 56.12 -39.43 11.38
N GLU E 143 56.20 -40.76 11.35
CA GLU E 143 57.40 -41.49 11.74
C GLU E 143 58.12 -42.17 10.59
N VAL E 144 57.43 -42.42 9.48
CA VAL E 144 58.02 -43.04 8.31
C VAL E 144 58.41 -41.91 7.36
N LEU E 145 59.72 -41.76 7.12
CA LEU E 145 60.25 -40.65 6.33
C LEU E 145 60.90 -41.22 5.07
N ASN E 146 60.16 -41.29 3.98
CA ASN E 146 60.70 -41.81 2.74
C ASN E 146 61.55 -40.76 2.03
N PRO E 147 62.59 -41.17 1.32
CA PRO E 147 63.33 -40.23 0.48
C PRO E 147 62.50 -39.77 -0.70
N THR E 148 62.85 -38.61 -1.23
CA THR E 148 62.11 -38.01 -2.33
C THR E 148 63.05 -37.69 -3.49
N PHE E 149 62.48 -37.61 -4.68
CA PHE E 149 63.22 -37.28 -5.89
C PHE E 149 62.57 -36.08 -6.56
N GLU E 150 63.40 -35.13 -6.99
CA GLU E 150 62.90 -33.91 -7.61
C GLU E 150 63.59 -33.68 -8.94
N ARG E 151 62.85 -33.07 -9.87
CA ARG E 151 63.35 -32.69 -11.18
C ARG E 151 62.98 -31.24 -11.45
N PHE E 152 63.94 -30.46 -11.94
CA PHE E 152 63.72 -29.07 -12.31
C PHE E 152 64.34 -28.80 -13.67
N SER E 153 63.74 -27.89 -14.41
CA SER E 153 64.25 -27.49 -15.72
C SER E 153 63.96 -26.01 -15.94
N GLY E 154 64.88 -25.35 -16.65
CA GLY E 154 64.70 -23.94 -16.94
C GLY E 154 65.08 -23.02 -15.81
N LEU E 155 65.98 -23.46 -14.93
CA LEU E 155 66.38 -22.67 -13.77
C LEU E 155 67.54 -21.75 -14.12
N SER E 156 67.82 -20.81 -13.23
CA SER E 156 68.90 -19.87 -13.41
C SER E 156 70.07 -20.23 -12.50
N GLU E 157 71.10 -19.37 -12.50
CA GLU E 157 72.27 -19.61 -11.67
C GLU E 157 71.93 -19.58 -10.19
N GLU E 158 71.26 -18.52 -9.74
CA GLU E 158 71.01 -18.32 -8.32
C GLU E 158 70.14 -19.43 -7.75
N MET E 159 69.09 -19.81 -8.49
CA MET E 159 68.19 -20.84 -8.00
C MET E 159 68.90 -22.19 -7.90
N VAL E 160 69.73 -22.52 -8.88
CA VAL E 160 70.48 -23.76 -8.84
C VAL E 160 71.45 -23.77 -7.65
N ALA E 161 72.14 -22.65 -7.44
CA ALA E 161 73.06 -22.56 -6.31
C ALA E 161 72.32 -22.72 -4.99
N ASP E 162 71.16 -22.07 -4.86
CA ASP E 162 70.38 -22.18 -3.63
C ASP E 162 69.91 -23.60 -3.40
N ILE E 163 69.47 -24.29 -4.46
CA ILE E 163 69.04 -25.67 -4.33
C ILE E 163 70.20 -26.54 -3.89
N LEU E 164 71.39 -26.33 -4.47
CA LEU E 164 72.52 -27.19 -4.21
C LEU E 164 73.27 -26.86 -2.93
N ALA E 165 72.97 -25.73 -2.30
CA ALA E 165 73.63 -25.40 -1.03
C ALA E 165 73.20 -26.32 0.10
N ASP E 166 72.08 -27.00 -0.04
CA ASP E 166 71.58 -27.87 1.02
C ASP E 166 72.49 -29.10 1.15
N PRO E 167 73.01 -29.40 2.34
CA PRO E 167 73.85 -30.59 2.51
C PRO E 167 73.09 -31.90 2.58
N ASP E 168 71.76 -31.88 2.47
CA ASP E 168 70.94 -33.09 2.49
C ASP E 168 70.44 -33.45 1.09
N THR E 169 71.07 -32.91 0.06
CA THR E 169 70.65 -33.09 -1.31
C THR E 169 71.77 -33.75 -2.11
N GLU E 170 71.43 -34.78 -2.89
CA GLU E 170 72.37 -35.49 -3.72
C GLU E 170 72.06 -35.22 -5.19
N ILE E 171 73.11 -35.06 -5.99
CA ILE E 171 72.95 -34.86 -7.42
C ILE E 171 72.82 -36.21 -8.12
N LEU E 172 71.77 -36.36 -8.92
CA LEU E 172 71.65 -37.48 -9.83
C LEU E 172 71.90 -37.10 -11.27
N ALA E 173 71.53 -35.89 -11.67
CA ALA E 173 71.77 -35.46 -13.06
C ALA E 173 71.81 -33.94 -13.12
N GLN E 174 72.65 -33.42 -14.01
CA GLN E 174 72.76 -31.98 -14.21
C GLN E 174 73.10 -31.73 -15.68
N SER E 175 72.44 -30.73 -16.26
CA SER E 175 72.63 -30.43 -17.67
C SER E 175 72.39 -28.95 -17.93
N VAL E 176 73.03 -28.43 -18.98
CA VAL E 176 72.88 -27.05 -19.41
C VAL E 176 72.41 -27.04 -20.85
N ASP E 177 71.40 -26.22 -21.13
CA ASP E 177 70.81 -26.13 -22.45
C ASP E 177 71.21 -24.81 -23.10
N GLU E 178 70.75 -24.63 -24.34
CA GLU E 178 70.90 -23.34 -25.01
C GLU E 178 70.18 -22.27 -24.20
N ASP E 179 70.82 -21.10 -24.08
CA ASP E 179 70.44 -20.06 -23.12
C ASP E 179 70.80 -20.53 -21.71
N GLY E 180 71.20 -19.62 -20.84
CA GLY E 180 71.72 -20.02 -19.55
C GLY E 180 70.67 -20.57 -18.62
N THR E 181 70.09 -21.71 -18.99
CA THR E 181 69.12 -22.41 -18.16
C THR E 181 69.63 -23.80 -17.83
N TYR E 182 69.23 -24.31 -16.68
CA TYR E 182 69.75 -25.56 -16.14
C TYR E 182 68.65 -26.57 -15.93
N SER E 183 69.03 -27.84 -15.99
CA SER E 183 68.12 -28.94 -15.66
C SER E 183 68.82 -29.83 -14.64
N ILE E 184 68.12 -30.14 -13.55
CA ILE E 184 68.72 -30.90 -12.46
C ILE E 184 67.75 -31.96 -11.98
N LYS E 185 68.30 -33.13 -11.66
CA LYS E 185 67.58 -34.23 -11.02
C LYS E 185 68.30 -34.55 -9.73
N ILE E 186 67.60 -34.45 -8.60
CA ILE E 186 68.21 -34.56 -7.28
C ILE E 186 67.40 -35.51 -6.41
N ARG E 187 68.06 -35.98 -5.35
CA ARG E 187 67.46 -36.83 -4.33
C ARG E 187 67.60 -36.16 -2.97
N LYS E 188 66.54 -36.21 -2.17
CA LYS E 188 66.50 -35.51 -0.90
C LYS E 188 66.03 -36.46 0.20
N ASP E 189 66.59 -36.28 1.39
CA ASP E 189 66.20 -37.03 2.59
C ASP E 189 65.90 -36.02 3.68
N LYS E 190 64.64 -35.59 3.76
CA LYS E 190 64.24 -34.59 4.75
C LYS E 190 64.11 -35.23 6.13
N LYS E 191 64.37 -34.43 7.15
CA LYS E 191 64.27 -34.88 8.53
C LYS E 191 63.25 -34.10 9.34
N LYS E 192 62.57 -33.11 8.75
CA LYS E 192 61.60 -32.33 9.49
C LYS E 192 60.35 -33.17 9.78
N ARG E 193 59.69 -32.83 10.88
CA ARG E 193 58.49 -33.55 11.28
C ARG E 193 57.31 -33.16 10.40
N GLU E 194 56.31 -34.04 10.36
CA GLU E 194 55.06 -33.76 9.68
C GLU E 194 53.90 -34.10 10.61
N ILE E 195 52.90 -33.23 10.65
CA ILE E 195 51.72 -33.43 11.47
C ILE E 195 50.59 -33.89 10.56
N LYS E 196 50.07 -35.09 10.81
CA LYS E 196 49.10 -35.70 9.93
C LYS E 196 47.79 -35.96 10.67
N VAL E 197 46.69 -35.85 9.94
CA VAL E 197 45.35 -36.14 10.42
C VAL E 197 44.75 -37.19 9.50
N THR E 198 44.24 -38.27 10.08
CA THR E 198 43.71 -39.37 9.30
C THR E 198 42.36 -39.83 9.82
N CYS E 199 41.54 -40.32 8.90
CA CYS E 199 40.29 -40.97 9.23
C CYS E 199 40.55 -42.47 9.44
N ILE E 200 39.79 -43.06 10.34
CA ILE E 200 39.96 -44.46 10.72
C ILE E 200 38.68 -45.21 10.38
N LYS E 201 38.84 -46.33 9.69
CA LYS E 201 37.69 -47.18 9.41
C LYS E 201 37.12 -47.72 10.71
N PRO E 202 35.79 -47.78 10.84
CA PRO E 202 35.20 -48.19 12.13
C PRO E 202 35.62 -49.57 12.59
N GLU E 203 35.89 -50.49 11.67
CA GLU E 203 36.28 -51.84 12.04
C GLU E 203 37.73 -51.95 12.50
N ASN E 204 38.53 -50.91 12.30
CA ASN E 204 39.94 -50.93 12.66
C ASN E 204 40.24 -50.20 13.95
N PHE E 205 39.21 -49.82 14.72
CA PHE E 205 39.37 -49.12 15.98
C PHE E 205 38.75 -49.95 17.08
N LEU E 206 39.53 -50.23 18.12
CA LEU E 206 39.10 -51.11 19.20
C LEU E 206 39.05 -50.34 20.51
N VAL E 207 37.91 -50.45 21.21
CA VAL E 207 37.69 -49.83 22.51
C VAL E 207 37.21 -50.91 23.46
N ASP E 208 37.55 -50.75 24.74
CA ASP E 208 37.07 -51.67 25.75
C ASP E 208 35.57 -51.44 26.01
N ARG E 209 34.98 -52.34 26.78
CA ARG E 209 33.53 -52.34 26.98
C ARG E 209 33.06 -51.40 28.08
N LEU E 210 33.97 -50.72 28.77
CA LEU E 210 33.60 -49.90 29.92
C LEU E 210 34.04 -48.44 29.79
N ALA E 211 34.34 -47.99 28.57
CA ALA E 211 34.93 -46.67 28.37
C ALA E 211 34.00 -45.54 28.80
N THR E 212 32.89 -45.36 28.07
CA THR E 212 31.92 -44.27 28.24
C THR E 212 32.46 -42.93 27.75
N CYS E 213 33.75 -42.88 27.42
CA CYS E 213 34.38 -41.72 26.78
C CYS E 213 35.85 -42.09 26.55
N ILE E 214 36.51 -41.32 25.68
CA ILE E 214 37.89 -41.61 25.34
C ILE E 214 38.82 -41.32 26.51
N ASP E 215 38.61 -40.21 27.20
CA ASP E 215 39.56 -39.74 28.20
C ASP E 215 39.73 -40.70 29.38
N ASP E 216 38.76 -41.59 29.62
CA ASP E 216 38.86 -42.55 30.71
C ASP E 216 38.92 -43.99 30.22
N ALA E 217 39.08 -44.20 28.92
CA ALA E 217 39.15 -45.56 28.40
C ALA E 217 40.41 -46.26 28.88
N ARG E 218 40.25 -47.51 29.34
CA ARG E 218 41.37 -48.29 29.82
C ARG E 218 42.24 -48.82 28.70
N PHE E 219 41.66 -49.08 27.53
CA PHE E 219 42.40 -49.67 26.43
C PHE E 219 41.81 -49.22 25.10
N LEU E 220 42.63 -48.59 24.27
CA LEU E 220 42.27 -48.27 22.90
C LEU E 220 43.33 -48.87 21.98
N CYS E 221 42.92 -49.25 20.77
CA CYS E 221 43.93 -49.75 19.86
C CYS E 221 43.53 -49.48 18.41
N HIS E 222 44.55 -49.24 17.59
CA HIS E 222 44.40 -48.98 16.16
C HIS E 222 45.16 -50.04 15.39
N ARG E 223 44.47 -50.71 14.48
CA ARG E 223 45.05 -51.75 13.64
C ARG E 223 45.21 -51.19 12.24
N GLU E 224 46.43 -51.30 11.69
CA GLU E 224 46.66 -50.82 10.33
C GLU E 224 47.57 -51.81 9.62
N LYS E 225 47.85 -51.52 8.35
CA LYS E 225 48.65 -52.39 7.51
C LYS E 225 49.94 -51.69 7.13
N TYR E 226 51.06 -52.39 7.30
CA TYR E 226 52.37 -51.88 6.94
C TYR E 226 52.98 -52.76 5.85
N THR E 227 53.91 -52.18 5.11
CA THR E 227 54.71 -52.93 4.16
C THR E 227 56.10 -53.17 4.72
N VAL E 228 56.85 -54.05 4.06
CA VAL E 228 58.21 -54.35 4.50
C VAL E 228 59.08 -53.12 4.41
N SER E 229 58.86 -52.27 3.40
CA SER E 229 59.64 -51.04 3.28
C SER E 229 59.42 -50.12 4.47
N ASP E 230 58.17 -49.97 4.91
CA ASP E 230 57.90 -49.14 6.07
C ASP E 230 58.57 -49.69 7.32
N LEU E 231 58.50 -51.01 7.51
CA LEU E 231 59.15 -51.61 8.67
C LEU E 231 60.66 -51.41 8.63
N ARG E 232 61.26 -51.53 7.44
CA ARG E 232 62.68 -51.24 7.31
C ARG E 232 63.00 -49.80 7.67
N LEU E 233 62.16 -48.87 7.22
CA LEU E 233 62.37 -47.47 7.58
C LEU E 233 62.20 -47.24 9.07
N LEU E 234 61.41 -48.09 9.74
CA LEU E 234 61.23 -47.98 11.18
C LEU E 234 62.37 -48.59 11.97
N GLY E 235 63.29 -49.31 11.32
CA GLY E 235 64.43 -49.87 12.00
C GLY E 235 64.30 -51.31 12.44
N VAL E 236 63.29 -52.04 11.98
CA VAL E 236 63.12 -53.44 12.35
C VAL E 236 64.28 -54.26 11.79
N PRO E 237 64.91 -55.12 12.56
CA PRO E 237 66.00 -55.94 12.02
C PRO E 237 65.50 -56.92 10.97
N GLU E 238 66.41 -57.27 10.06
CA GLU E 238 66.05 -58.13 8.93
C GLU E 238 65.61 -59.52 9.38
N ASP E 239 66.30 -60.08 10.37
CA ASP E 239 66.01 -61.43 10.81
C ASP E 239 64.58 -61.55 11.33
N VAL E 240 64.11 -60.52 12.05
CA VAL E 240 62.71 -60.48 12.46
C VAL E 240 61.80 -60.40 11.24
N LEU E 241 62.23 -59.64 10.22
CA LEU E 241 61.41 -59.48 9.03
C LEU E 241 61.20 -60.80 8.29
N ASP E 242 62.23 -61.66 8.23
CA ASP E 242 62.06 -62.92 7.51
C ASP E 242 61.06 -63.84 8.18
N GLU E 243 60.75 -63.65 9.46
CA GLU E 243 59.87 -64.57 10.17
C GLU E 243 58.66 -63.80 10.69
N LEU E 244 58.04 -63.02 9.82
CA LEU E 244 56.85 -62.27 10.19
C LEU E 244 55.63 -62.86 9.51
N PRO E 245 54.53 -63.05 10.23
CA PRO E 245 53.31 -63.58 9.61
C PRO E 245 52.74 -62.58 8.62
N TYR E 246 52.59 -63.02 7.38
CA TYR E 246 52.16 -62.15 6.30
C TYR E 246 50.64 -62.11 6.14
N ASP E 247 49.90 -62.80 7.02
CA ASP E 247 48.45 -62.56 7.12
C ASP E 247 48.03 -62.82 8.57
N GLU E 248 48.09 -61.76 9.39
CA GLU E 248 47.44 -61.69 10.68
C GLU E 248 47.82 -62.77 11.69
N TYR E 249 47.24 -62.66 12.88
CA TYR E 249 47.16 -63.75 13.86
C TYR E 249 45.74 -64.08 14.26
N GLU E 250 44.78 -63.20 13.99
CA GLU E 250 43.43 -63.36 14.51
C GLU E 250 42.36 -63.36 13.42
N PHE E 251 42.74 -63.37 12.14
CA PHE E 251 41.78 -63.36 11.03
C PHE E 251 40.87 -62.14 11.11
N SER E 252 41.48 -60.97 11.00
CA SER E 252 40.77 -59.69 11.11
C SER E 252 40.41 -59.10 9.77
N ASP E 253 40.67 -59.80 8.67
CA ASP E 253 40.34 -59.31 7.34
C ASP E 253 38.95 -59.70 6.88
N SER E 254 38.17 -60.35 7.75
CA SER E 254 36.83 -60.82 7.41
C SER E 254 35.79 -60.15 8.28
N GLN E 255 36.01 -58.89 8.63
CA GLN E 255 35.01 -58.14 9.37
C GLN E 255 33.78 -57.91 8.51
N PRO E 256 32.57 -58.04 9.08
CA PRO E 256 31.37 -57.89 8.25
C PRO E 256 31.26 -56.53 7.58
N GLU E 257 31.69 -55.46 8.23
CA GLU E 257 31.62 -54.14 7.62
C GLU E 257 32.50 -54.07 6.37
N ARG E 258 33.71 -54.63 6.45
CA ARG E 258 34.59 -54.63 5.29
C ARG E 258 34.00 -55.42 4.14
N LEU E 259 33.40 -56.58 4.44
CA LEU E 259 32.81 -57.39 3.39
C LEU E 259 31.64 -56.67 2.73
N VAL E 260 30.80 -56.02 3.54
CA VAL E 260 29.66 -55.30 2.99
C VAL E 260 30.13 -54.14 2.12
N ARG E 261 31.12 -53.38 2.62
CA ARG E 261 31.61 -52.23 1.87
C ARG E 261 32.27 -52.65 0.56
N ASP E 262 33.05 -53.72 0.58
CA ASP E 262 33.78 -54.15 -0.61
C ASP E 262 32.90 -54.81 -1.65
N ASN E 263 31.78 -55.41 -1.25
CA ASN E 263 30.93 -56.13 -2.17
C ASN E 263 30.01 -55.24 -2.98
N PHE E 264 30.00 -53.93 -2.71
CA PHE E 264 29.16 -53.03 -3.50
C PHE E 264 29.57 -53.05 -4.96
N ASP E 265 30.87 -53.02 -5.23
CA ASP E 265 31.40 -53.18 -6.58
C ASP E 265 32.39 -54.33 -6.67
N MET E 266 32.38 -55.23 -5.68
CA MET E 266 33.23 -56.42 -5.65
C MET E 266 34.69 -56.07 -5.90
N THR E 267 35.14 -54.98 -5.28
CA THR E 267 36.51 -54.51 -5.41
C THR E 267 37.30 -54.77 -4.13
N GLY E 268 37.01 -55.88 -3.46
CA GLY E 268 37.70 -56.26 -2.25
C GLY E 268 38.93 -57.08 -2.55
N GLN E 269 39.37 -57.84 -1.55
CA GLN E 269 40.54 -58.70 -1.71
C GLN E 269 40.15 -60.09 -2.21
N LEU E 270 39.43 -60.14 -3.33
CA LEU E 270 39.13 -61.41 -3.96
C LEU E 270 40.38 -62.10 -4.47
N GLN E 271 41.42 -61.34 -4.79
CA GLN E 271 42.72 -61.89 -5.18
C GLN E 271 43.67 -61.64 -4.01
N TYR E 272 44.19 -62.72 -3.44
CA TYR E 272 45.17 -62.59 -2.36
C TYR E 272 46.52 -62.21 -2.94
N ASN E 273 47.30 -61.49 -2.14
CA ASN E 273 48.57 -60.93 -2.60
C ASN E 273 49.59 -61.11 -1.48
N SER E 274 50.71 -60.39 -1.58
CA SER E 274 51.85 -60.56 -0.69
C SER E 274 52.39 -61.99 -0.76
N GLY E 275 52.42 -62.54 -1.98
CA GLY E 275 52.92 -63.88 -2.20
C GLY E 275 54.25 -63.88 -2.92
N ASP E 276 54.22 -64.13 -4.24
CA ASP E 276 55.42 -64.18 -5.06
C ASP E 276 55.68 -62.85 -5.77
N ASP E 277 55.14 -61.76 -5.25
CA ASP E 277 55.39 -60.43 -5.81
C ASP E 277 56.74 -59.92 -5.32
N ALA E 278 56.99 -58.63 -5.52
CA ALA E 278 58.22 -58.02 -5.01
C ALA E 278 58.29 -58.16 -3.50
N GLU E 279 59.48 -58.51 -3.00
CA GLU E 279 59.63 -58.81 -1.58
C GLU E 279 59.40 -57.60 -0.71
N ALA E 280 59.68 -56.40 -1.21
CA ALA E 280 59.54 -55.20 -0.41
C ALA E 280 58.10 -54.72 -0.27
N ASN E 281 57.17 -55.30 -1.03
CA ASN E 281 55.78 -54.86 -1.02
C ASN E 281 54.87 -55.78 -0.22
N ARG E 282 55.42 -56.76 0.49
CA ARG E 282 54.59 -57.62 1.31
C ARG E 282 53.99 -56.84 2.47
N GLU E 283 52.75 -57.18 2.83
CA GLU E 283 52.00 -56.45 3.82
C GLU E 283 51.76 -57.29 5.07
N VAL E 284 51.83 -56.64 6.22
CA VAL E 284 51.53 -57.26 7.51
C VAL E 284 50.60 -56.33 8.29
N TRP E 285 49.95 -56.91 9.30
CA TRP E 285 49.04 -56.17 10.15
C TRP E 285 49.75 -55.78 11.44
N ALA E 286 49.78 -54.48 11.74
CA ALA E 286 50.42 -53.98 12.94
C ALA E 286 49.39 -53.31 13.84
N SER E 287 49.66 -53.32 15.13
CA SER E 287 48.74 -52.81 16.14
C SER E 287 49.46 -51.77 16.99
N GLU E 288 48.84 -50.60 17.16
CA GLU E 288 49.32 -49.59 18.10
C GLU E 288 48.23 -49.41 19.15
N CYS E 289 48.51 -49.84 20.38
CA CYS E 289 47.55 -49.79 21.46
C CYS E 289 48.00 -48.79 22.51
N TYR E 290 47.07 -47.95 22.96
CA TYR E 290 47.27 -47.03 24.07
C TYR E 290 46.48 -47.57 25.26
N THR E 291 47.18 -47.85 26.36
CA THR E 291 46.53 -48.51 27.47
C THR E 291 47.19 -48.14 28.79
N LEU E 292 46.44 -48.31 29.87
CA LEU E 292 46.95 -48.09 31.22
C LEU E 292 47.59 -49.39 31.71
N LEU E 293 48.92 -49.43 31.72
CA LEU E 293 49.65 -50.62 32.13
C LEU E 293 50.88 -50.21 32.90
N ASP E 294 51.17 -50.95 33.97
CA ASP E 294 52.27 -50.63 34.86
C ASP E 294 53.44 -51.58 34.59
N VAL E 295 54.25 -51.24 33.59
CA VAL E 295 55.49 -51.97 33.35
C VAL E 295 56.68 -51.34 34.05
N ASP E 296 56.50 -50.16 34.65
CA ASP E 296 57.55 -49.58 35.47
C ASP E 296 57.84 -50.43 36.69
N GLY E 297 56.79 -50.96 37.32
CA GLY E 297 56.93 -51.69 38.56
C GLY E 297 56.72 -50.89 39.82
N ASP E 298 56.28 -49.64 39.71
CA ASP E 298 56.07 -48.79 40.87
C ASP E 298 54.70 -48.98 41.51
N GLY E 299 53.87 -49.87 40.97
CA GLY E 299 52.56 -50.12 41.52
C GLY E 299 51.46 -49.23 41.01
N ILE E 300 51.77 -48.22 40.20
CA ILE E 300 50.79 -47.31 39.63
C ILE E 300 50.79 -47.51 38.12
N SER E 301 49.62 -47.81 37.56
CA SER E 301 49.51 -48.05 36.14
C SER E 301 49.47 -46.72 35.39
N GLU E 302 50.39 -46.56 34.44
CA GLU E 302 50.52 -45.34 33.67
C GLU E 302 50.13 -45.58 32.22
N LEU E 303 49.94 -44.48 31.50
CA LEU E 303 49.56 -44.55 30.09
C LEU E 303 50.77 -44.95 29.25
N ARG E 304 50.60 -46.00 28.45
CA ARG E 304 51.68 -46.53 27.63
C ARG E 304 51.17 -46.72 26.22
N ARG E 305 52.05 -46.42 25.26
CA ARG E 305 51.80 -46.66 23.84
C ARG E 305 52.71 -47.79 23.38
N ILE E 306 52.10 -48.86 22.88
CA ILE E 306 52.84 -50.03 22.42
C ILE E 306 52.49 -50.28 20.97
N LEU E 307 53.49 -50.25 20.10
CA LEU E 307 53.33 -50.55 18.69
C LEU E 307 54.07 -51.85 18.40
N TYR E 308 53.36 -52.83 17.87
CA TYR E 308 53.96 -54.13 17.64
C TYR E 308 53.30 -54.83 16.47
N VAL E 309 54.06 -55.75 15.87
CA VAL E 309 53.60 -56.60 14.78
C VAL E 309 54.07 -58.03 15.08
N GLY E 310 53.19 -58.99 14.86
CA GLY E 310 53.54 -60.37 15.15
C GLY E 310 53.82 -60.56 16.62
N ASP E 311 55.00 -61.10 16.93
CA ASP E 311 55.44 -61.31 18.31
C ASP E 311 56.59 -60.41 18.69
N TYR E 312 56.86 -59.36 17.92
CA TYR E 312 57.97 -58.45 18.14
C TYR E 312 57.43 -57.07 18.45
N ILE E 313 57.91 -56.46 19.52
CA ILE E 313 57.48 -55.13 19.93
C ILE E 313 58.39 -54.11 19.24
N ILE E 314 57.80 -53.32 18.34
CA ILE E 314 58.57 -52.25 17.70
C ILE E 314 58.84 -51.13 18.70
N SER E 315 57.84 -50.73 19.46
CA SER E 315 58.00 -49.61 20.38
C SER E 315 57.13 -49.81 21.61
N ASN E 316 57.63 -49.35 22.75
CA ASN E 316 56.90 -49.44 24.02
C ASN E 316 57.33 -48.24 24.86
N GLU E 317 56.51 -47.20 24.89
CA GLU E 317 56.94 -45.95 25.50
C GLU E 317 55.81 -45.32 26.31
N PRO E 318 56.11 -44.73 27.47
CA PRO E 318 55.10 -43.92 28.16
C PRO E 318 54.67 -42.74 27.30
N TRP E 319 53.38 -42.44 27.34
CA TRP E 319 52.79 -41.44 26.47
C TRP E 319 52.06 -40.38 27.30
N ASP E 320 51.65 -39.32 26.62
CA ASP E 320 51.08 -38.16 27.29
C ASP E 320 49.59 -37.96 27.06
N CYS E 321 49.07 -38.30 25.87
CA CYS E 321 47.66 -38.05 25.58
C CYS E 321 47.15 -39.09 24.61
N ARG E 322 45.83 -39.27 24.60
CA ARG E 322 45.17 -40.10 23.61
C ARG E 322 44.87 -39.25 22.39
N PRO E 323 45.50 -39.48 21.24
CA PRO E 323 45.34 -38.59 20.09
C PRO E 323 44.17 -38.99 19.19
N PHE E 324 42.98 -39.08 19.77
CA PHE E 324 41.79 -39.45 19.02
C PHE E 324 40.66 -38.48 19.33
N ALA E 325 39.84 -38.23 18.32
CA ALA E 325 38.63 -37.41 18.47
C ALA E 325 37.45 -38.19 17.95
N ASP E 326 36.37 -38.24 18.73
CA ASP E 326 35.20 -39.04 18.41
C ASP E 326 33.96 -38.18 18.35
N LEU E 327 32.97 -38.68 17.61
CA LEU E 327 31.72 -37.98 17.38
C LEU E 327 30.54 -38.93 17.49
N ASN E 328 29.48 -38.45 18.13
CA ASN E 328 28.19 -39.13 18.22
C ASN E 328 27.11 -38.19 17.70
N ALA E 329 26.18 -38.73 16.91
CA ALA E 329 25.11 -37.92 16.36
C ALA E 329 23.89 -37.87 17.28
N TYR E 330 23.44 -39.02 17.74
CA TYR E 330 22.32 -39.13 18.67
C TYR E 330 22.87 -39.72 19.97
N ARG E 331 23.26 -38.84 20.89
CA ARG E 331 23.96 -39.26 22.08
C ARG E 331 23.01 -39.91 23.09
N ILE E 332 23.46 -41.01 23.68
CA ILE E 332 22.81 -41.61 24.84
C ILE E 332 23.68 -41.33 26.05
N ALA E 333 23.07 -40.82 27.12
CA ALA E 333 23.83 -40.43 28.29
C ALA E 333 24.59 -41.61 28.88
N HIS E 334 25.84 -41.36 29.26
CA HIS E 334 26.69 -42.36 29.91
C HIS E 334 26.97 -43.56 29.02
N LYS E 335 27.05 -43.35 27.71
CA LYS E 335 27.40 -44.41 26.78
C LYS E 335 28.42 -43.89 25.78
N PHE E 336 29.25 -44.81 25.27
CA PHE E 336 30.26 -44.42 24.29
C PHE E 336 29.68 -44.37 22.89
N HIS E 337 28.90 -45.36 22.50
CA HIS E 337 28.28 -45.42 21.19
C HIS E 337 26.85 -44.91 21.28
N GLY E 338 26.48 -44.02 20.37
CA GLY E 338 25.13 -43.48 20.32
C GLY E 338 24.22 -44.28 19.43
N MET E 339 23.20 -43.60 18.91
CA MET E 339 22.25 -44.20 17.99
C MET E 339 22.53 -43.72 16.57
N SER E 340 22.17 -44.54 15.60
CA SER E 340 22.29 -44.20 14.19
C SER E 340 20.92 -44.06 13.56
N VAL E 341 20.90 -43.60 12.32
CA VAL E 341 19.65 -43.46 11.59
C VAL E 341 18.99 -44.82 11.38
N TYR E 342 19.82 -45.84 11.10
CA TYR E 342 19.30 -47.19 10.94
C TYR E 342 18.54 -47.64 12.17
N ASP E 343 19.13 -47.43 13.35
CA ASP E 343 18.50 -47.85 14.60
C ASP E 343 17.16 -47.16 14.82
N LYS E 344 16.89 -46.07 14.12
CA LYS E 344 15.64 -45.34 14.30
C LYS E 344 14.61 -45.60 13.22
N ILE E 345 15.01 -45.97 12.00
CA ILE E 345 14.01 -46.14 10.94
C ILE E 345 14.11 -47.46 10.20
N ARG E 346 14.79 -48.45 10.79
CA ARG E 346 14.90 -49.75 10.14
C ARG E 346 13.52 -50.38 9.93
N ASP E 347 12.68 -50.36 10.97
CA ASP E 347 11.37 -51.00 10.86
C ASP E 347 10.51 -50.30 9.82
N ILE E 348 10.59 -48.97 9.76
CA ILE E 348 9.85 -48.22 8.74
C ILE E 348 10.29 -48.66 7.35
N GLN E 349 11.60 -48.79 7.14
CA GLN E 349 12.09 -49.21 5.84
C GLN E 349 11.55 -50.60 5.48
N GLU E 350 11.63 -51.55 6.41
CA GLU E 350 11.20 -52.91 6.12
C GLU E 350 9.71 -52.97 5.80
N ILE E 351 8.88 -52.32 6.62
CA ILE E 351 7.43 -52.39 6.42
C ILE E 351 7.04 -51.72 5.11
N ARG E 352 7.64 -50.56 4.82
CA ARG E 352 7.32 -49.89 3.56
C ARG E 352 7.72 -50.75 2.37
N SER E 353 8.89 -51.39 2.44
CA SER E 353 9.30 -52.25 1.34
C SER E 353 8.35 -53.42 1.15
N VAL E 354 7.85 -53.98 2.26
CA VAL E 354 6.91 -55.10 2.14
C VAL E 354 5.63 -54.65 1.46
N LEU E 355 5.11 -53.49 1.84
CA LEU E 355 3.89 -52.99 1.20
C LEU E 355 4.12 -52.69 -0.28
N MET E 356 5.28 -52.10 -0.61
CA MET E 356 5.64 -51.89 -2.00
C MET E 356 5.60 -53.20 -2.79
N ARG E 357 6.21 -54.23 -2.22
CA ARG E 357 6.27 -55.53 -2.89
C ARG E 357 4.87 -56.10 -3.08
N ASN E 358 3.99 -55.94 -2.09
CA ASN E 358 2.62 -56.44 -2.25
C ASN E 358 1.90 -55.74 -3.39
N ILE E 359 2.06 -54.41 -3.50
CA ILE E 359 1.39 -53.69 -4.57
C ILE E 359 1.93 -54.12 -5.94
N MET E 360 3.25 -54.24 -6.07
CA MET E 360 3.82 -54.79 -7.31
C MET E 360 3.29 -56.18 -7.63
N ASP E 361 3.22 -57.06 -6.63
CA ASP E 361 2.75 -58.41 -6.91
C ASP E 361 1.31 -58.40 -7.40
N ASN E 362 0.47 -57.56 -6.81
CA ASN E 362 -0.91 -57.44 -7.30
C ASN E 362 -0.96 -56.89 -8.72
N ILE E 363 -0.15 -55.88 -9.02
CA ILE E 363 -0.24 -55.23 -10.32
C ILE E 363 0.16 -56.18 -11.45
N TYR E 364 1.22 -56.96 -11.23
CA TYR E 364 1.78 -57.77 -12.32
C TYR E 364 0.80 -58.82 -12.82
N ARG E 365 -0.10 -59.30 -11.96
CA ARG E 365 -0.97 -60.42 -12.30
C ARG E 365 -2.37 -59.99 -12.70
N THR E 366 -2.59 -58.70 -12.96
CA THR E 366 -3.93 -58.23 -13.32
C THR E 366 -3.90 -57.24 -14.47
N ASN E 367 -2.90 -57.33 -15.35
CA ASN E 367 -2.80 -56.42 -16.48
C ASN E 367 -2.89 -57.12 -17.82
N GLN E 368 -3.36 -58.36 -17.85
CA GLN E 368 -3.44 -59.10 -19.11
C GLN E 368 -4.70 -58.77 -19.91
N GLY E 369 -5.70 -58.16 -19.28
CA GLY E 369 -6.91 -57.78 -19.99
C GLY E 369 -7.69 -58.93 -20.57
N ARG E 370 -7.90 -59.98 -19.78
CA ARG E 370 -8.66 -61.14 -20.24
C ARG E 370 -10.16 -60.85 -20.22
N SER E 371 -10.91 -61.64 -20.97
CA SER E 371 -12.35 -61.46 -21.11
C SER E 371 -13.08 -62.77 -20.92
N VAL E 372 -14.32 -62.69 -20.47
CA VAL E 372 -15.16 -63.84 -20.16
C VAL E 372 -16.23 -63.95 -21.22
N VAL E 373 -16.41 -65.16 -21.75
CA VAL E 373 -17.28 -65.43 -22.90
C VAL E 373 -18.16 -66.63 -22.57
N LEU E 374 -19.45 -66.53 -22.88
CA LEU E 374 -20.34 -67.68 -22.75
C LEU E 374 -19.99 -68.73 -23.79
N ASP E 375 -19.85 -69.98 -23.35
CA ASP E 375 -19.51 -71.06 -24.27
C ASP E 375 -20.74 -71.53 -25.03
N GLY E 376 -20.59 -71.67 -26.34
CA GLY E 376 -21.67 -72.13 -27.19
C GLY E 376 -22.61 -71.05 -27.66
N GLN E 377 -22.44 -69.81 -27.21
CA GLN E 377 -23.30 -68.71 -27.62
C GLN E 377 -22.58 -67.64 -28.42
N VAL E 378 -21.28 -67.76 -28.62
CA VAL E 378 -20.47 -66.72 -29.25
C VAL E 378 -19.65 -67.35 -30.37
N ASN E 379 -19.58 -66.66 -31.50
CA ASN E 379 -18.73 -67.09 -32.61
C ASN E 379 -17.27 -66.88 -32.23
N LEU E 380 -16.61 -67.96 -31.82
CA LEU E 380 -15.25 -67.83 -31.32
C LEU E 380 -14.28 -67.41 -32.41
N GLU E 381 -14.47 -67.91 -33.63
CA GLU E 381 -13.57 -67.54 -34.72
C GLU E 381 -13.63 -66.06 -35.03
N ASP E 382 -14.83 -65.48 -35.01
CA ASP E 382 -14.96 -64.04 -35.23
C ASP E 382 -14.29 -63.25 -34.11
N LEU E 383 -14.45 -63.72 -32.87
CA LEU E 383 -13.85 -63.01 -31.74
C LEU E 383 -12.33 -63.07 -31.79
N LEU E 384 -11.77 -64.19 -32.23
CA LEU E 384 -10.32 -64.35 -32.22
C LEU E 384 -9.63 -63.36 -33.17
N THR E 385 -10.19 -63.16 -34.36
CA THR E 385 -9.58 -62.30 -35.37
C THR E 385 -9.98 -60.87 -35.10
N ASN E 386 -9.05 -60.07 -34.57
CA ASN E 386 -9.32 -58.69 -34.23
C ASN E 386 -8.90 -57.80 -35.40
N GLU E 387 -9.88 -57.12 -36.01
CA GLU E 387 -9.62 -56.22 -37.11
C GLU E 387 -10.46 -54.96 -36.95
N ALA E 388 -10.08 -53.93 -37.68
CA ALA E 388 -10.77 -52.65 -37.59
C ALA E 388 -12.22 -52.79 -38.07
N ALA E 389 -13.14 -52.25 -37.27
CA ALA E 389 -14.57 -52.27 -37.57
C ALA E 389 -15.08 -53.69 -37.80
N GLY E 390 -14.56 -54.63 -37.02
CA GLY E 390 -15.00 -56.01 -37.14
C GLY E 390 -16.36 -56.23 -36.53
N ILE E 391 -16.93 -57.40 -36.83
CA ILE E 391 -18.26 -57.78 -36.36
C ILE E 391 -18.15 -59.15 -35.69
N VAL E 392 -18.74 -59.27 -34.51
CA VAL E 392 -18.78 -60.53 -33.77
C VAL E 392 -20.24 -60.97 -33.67
N ARG E 393 -20.53 -62.16 -34.17
CA ARG E 393 -21.89 -62.69 -34.20
C ARG E 393 -22.16 -63.49 -32.93
N VAL E 394 -23.29 -63.19 -32.28
CA VAL E 394 -23.66 -63.81 -31.02
C VAL E 394 -25.11 -64.28 -31.08
N LYS E 395 -25.37 -65.44 -30.47
CA LYS E 395 -26.72 -66.00 -30.44
C LYS E 395 -27.58 -65.47 -29.31
N ALA E 396 -26.98 -65.01 -28.21
CA ALA E 396 -27.73 -64.48 -27.09
C ALA E 396 -26.84 -63.48 -26.37
N MET E 397 -27.40 -62.32 -26.06
CA MET E 397 -26.59 -61.19 -25.65
C MET E 397 -26.22 -61.30 -24.17
N ASN E 398 -25.50 -60.30 -23.67
CA ASN E 398 -24.88 -60.37 -22.35
C ASN E 398 -24.03 -61.62 -22.22
N SER E 399 -23.20 -61.84 -23.24
CA SER E 399 -22.40 -63.06 -23.33
C SER E 399 -20.90 -62.83 -23.25
N ILE E 400 -20.44 -61.59 -23.44
CA ILE E 400 -19.02 -61.26 -23.35
C ILE E 400 -18.89 -60.06 -22.43
N MET E 401 -17.99 -60.14 -21.46
CA MET E 401 -17.56 -58.92 -20.80
C MET E 401 -16.17 -59.11 -20.23
N PRO E 402 -15.43 -58.03 -20.00
CA PRO E 402 -14.07 -58.17 -19.45
C PRO E 402 -14.09 -58.81 -18.08
N LEU E 403 -13.05 -59.61 -17.81
CA LEU E 403 -12.91 -60.28 -16.53
C LEU E 403 -12.67 -59.27 -15.42
N GLU E 404 -13.35 -59.47 -14.30
CA GLU E 404 -13.25 -58.58 -13.16
C GLU E 404 -12.11 -59.06 -12.25
N THR E 405 -11.09 -58.23 -12.10
CA THR E 405 -9.92 -58.62 -11.34
C THR E 405 -9.95 -58.00 -9.95
N PRO E 406 -9.44 -58.72 -8.95
CA PRO E 406 -9.42 -58.17 -7.59
C PRO E 406 -8.50 -56.96 -7.48
N GLN E 407 -8.86 -56.06 -6.56
CA GLN E 407 -8.09 -54.85 -6.31
C GLN E 407 -7.87 -54.70 -4.82
N LEU E 408 -6.72 -54.12 -4.47
CA LEU E 408 -6.40 -53.88 -3.07
C LEU E 408 -7.18 -52.67 -2.55
N SER E 409 -7.43 -52.67 -1.25
CA SER E 409 -8.18 -51.60 -0.62
C SER E 409 -7.28 -50.38 -0.40
N GLY E 410 -7.90 -49.27 0.00
CA GLY E 410 -7.16 -48.04 0.22
C GLY E 410 -6.35 -48.01 1.50
N GLU E 411 -6.51 -49.01 2.35
CA GLU E 411 -5.77 -49.05 3.61
C GLU E 411 -4.27 -49.12 3.36
N VAL E 412 -3.86 -49.84 2.31
CA VAL E 412 -2.44 -50.01 2.03
C VAL E 412 -1.80 -48.67 1.68
N TYR E 413 -2.43 -47.93 0.76
CA TYR E 413 -1.92 -46.62 0.38
C TYR E 413 -1.96 -45.65 1.56
N GLY E 414 -3.03 -45.72 2.35
CA GLY E 414 -3.11 -44.88 3.53
C GLY E 414 -1.97 -45.13 4.49
N MET E 415 -1.60 -46.40 4.70
CA MET E 415 -0.47 -46.65 5.58
C MET E 415 0.86 -46.33 4.93
N LEU E 416 0.99 -46.44 3.61
CA LEU E 416 2.20 -45.95 2.97
C LEU E 416 2.42 -44.48 3.29
N ASP E 417 1.37 -43.66 3.11
CA ASP E 417 1.48 -42.25 3.44
C ASP E 417 1.75 -42.03 4.93
N ARG E 418 1.07 -42.80 5.78
CA ARG E 418 1.23 -42.64 7.22
C ARG E 418 2.65 -42.97 7.65
N LEU E 419 3.24 -44.03 7.09
CA LEU E 419 4.62 -44.38 7.41
C LEU E 419 5.59 -43.32 6.94
N GLU E 420 5.34 -42.74 5.76
CA GLU E 420 6.20 -41.65 5.33
C GLU E 420 6.15 -40.48 6.30
N ALA E 421 4.94 -40.12 6.75
CA ALA E 421 4.82 -39.05 7.74
C ALA E 421 5.51 -39.42 9.05
N ASP E 422 5.39 -40.67 9.47
CA ASP E 422 6.01 -41.10 10.73
C ASP E 422 7.53 -41.01 10.62
N ARG E 423 8.11 -41.40 9.49
CA ARG E 423 9.54 -41.27 9.30
C ARG E 423 9.96 -39.81 9.36
N GLY E 424 9.19 -38.93 8.69
CA GLY E 424 9.49 -37.51 8.76
C GLY E 424 9.46 -36.98 10.18
N LYS E 425 8.52 -37.46 10.98
CA LYS E 425 8.43 -37.02 12.37
C LYS E 425 9.61 -37.53 13.20
N ARG E 426 9.99 -38.79 13.00
CA ARG E 426 11.07 -39.36 13.80
C ARG E 426 12.40 -38.72 13.49
N THR E 427 12.76 -38.61 12.20
CA THR E 427 14.06 -38.09 11.85
C THR E 427 14.16 -36.58 12.03
N GLY E 428 13.05 -35.87 11.94
CA GLY E 428 13.04 -34.43 12.06
C GLY E 428 13.25 -33.68 10.77
N ILE E 429 13.54 -34.38 9.67
CA ILE E 429 13.75 -33.75 8.37
C ILE E 429 12.80 -34.39 7.36
N THR E 430 12.15 -33.55 6.56
CA THR E 430 11.18 -34.03 5.59
C THR E 430 11.51 -33.54 4.19
N ASP E 431 10.60 -33.75 3.25
CA ASP E 431 10.81 -33.33 1.87
C ASP E 431 10.75 -31.82 1.70
N ARG E 432 9.94 -31.13 2.51
CA ARG E 432 9.77 -29.69 2.38
C ARG E 432 10.55 -28.91 3.42
N THR E 433 11.43 -29.56 4.17
CA THR E 433 12.18 -28.90 5.22
C THR E 433 13.27 -28.01 4.62
N ARG E 434 13.36 -26.79 5.12
CA ARG E 434 14.42 -25.89 4.71
C ARG E 434 15.77 -26.37 5.24
N GLY E 435 16.83 -26.05 4.51
CA GLY E 435 18.17 -26.38 4.96
C GLY E 435 18.66 -25.44 6.04
N LEU E 436 19.76 -25.83 6.67
CA LEU E 436 20.34 -25.03 7.74
C LEU E 436 20.98 -23.77 7.17
N ASP E 437 20.83 -22.66 7.87
CA ASP E 437 21.53 -21.44 7.50
C ASP E 437 23.02 -21.61 7.77
N GLN E 438 23.84 -21.05 6.89
CA GLN E 438 25.29 -21.18 7.02
C GLN E 438 25.86 -20.30 8.13
N ASN E 439 25.02 -19.69 8.95
CA ASN E 439 25.47 -18.88 10.08
C ASN E 439 24.77 -19.30 11.38
N THR E 440 24.42 -20.57 11.48
CA THR E 440 23.62 -21.04 12.61
C THR E 440 24.38 -20.90 13.93
N LEU E 441 25.66 -21.24 13.94
CA LEU E 441 26.43 -21.33 15.16
C LEU E 441 27.11 -20.01 15.55
N HIS E 442 26.89 -18.94 14.79
CA HIS E 442 27.55 -17.67 15.09
C HIS E 442 27.07 -17.09 16.41
N SER E 443 28.01 -16.67 17.24
CA SER E 443 27.72 -15.67 18.25
C SER E 443 27.72 -14.30 17.59
N ASN E 444 26.94 -13.37 18.13
CA ASN E 444 26.62 -12.11 17.47
C ASN E 444 25.97 -12.35 16.11
N GLN E 445 25.14 -13.39 16.02
CA GLN E 445 24.57 -13.79 14.74
C GLN E 445 23.50 -12.81 14.27
N ALA E 446 22.73 -12.26 15.20
CA ALA E 446 21.42 -11.69 14.89
C ALA E 446 20.62 -12.72 14.12
N ALA E 447 20.14 -12.37 12.92
CA ALA E 447 19.57 -13.32 11.98
C ALA E 447 18.57 -14.26 12.66
N MET E 448 17.46 -13.67 13.11
CA MET E 448 16.42 -14.45 13.77
C MET E 448 15.80 -15.53 12.87
N SER E 449 16.25 -15.68 11.64
CA SER E 449 15.87 -16.82 10.82
C SER E 449 16.32 -18.12 11.49
N VAL E 450 15.83 -19.23 10.94
CA VAL E 450 16.01 -20.59 11.49
C VAL E 450 15.11 -20.73 12.72
N ASN E 451 14.94 -19.65 13.47
CA ASN E 451 13.94 -19.60 14.52
C ASN E 451 12.56 -19.26 14.00
N GLN E 452 12.47 -18.39 12.99
CA GLN E 452 11.18 -18.08 12.39
C GLN E 452 10.60 -19.31 11.69
N LEU E 453 11.41 -19.95 10.85
CA LEU E 453 11.06 -21.23 10.26
C LEU E 453 11.58 -22.34 11.17
N MET E 454 11.65 -23.58 10.67
CA MET E 454 12.32 -24.68 11.38
C MET E 454 11.69 -24.92 12.75
N THR E 455 10.47 -25.46 12.69
CA THR E 455 9.72 -25.80 13.89
C THR E 455 10.53 -26.76 14.78
N ALA E 456 10.03 -26.95 16.01
CA ALA E 456 10.80 -27.64 17.04
C ALA E 456 11.22 -29.03 16.59
N ALA E 457 10.39 -29.71 15.80
CA ALA E 457 10.75 -31.04 15.33
C ALA E 457 11.98 -30.98 14.43
N GLU E 458 12.07 -29.96 13.57
CA GLU E 458 13.19 -29.86 12.65
C GLU E 458 14.46 -29.37 13.34
N GLN E 459 14.33 -28.59 14.41
CA GLN E 459 15.48 -28.06 15.12
C GLN E 459 16.40 -29.16 15.63
N GLN E 460 15.93 -30.40 15.57
CA GLN E 460 16.79 -31.54 15.89
C GLN E 460 18.09 -31.46 15.12
N ILE E 461 18.01 -31.11 13.83
CA ILE E 461 19.22 -31.02 13.02
C ILE E 461 20.18 -30.00 13.62
N ASP E 462 19.64 -28.86 14.06
CA ASP E 462 20.46 -27.86 14.75
C ASP E 462 21.28 -28.49 15.86
N LEU E 463 20.63 -29.31 16.69
CA LEU E 463 21.33 -29.92 17.81
C LEU E 463 22.56 -30.68 17.34
N ILE E 464 22.42 -31.42 16.25
CA ILE E 464 23.56 -32.17 15.71
C ILE E 464 24.70 -31.20 15.42
N ALA E 465 24.41 -30.12 14.70
CA ALA E 465 25.44 -29.15 14.38
C ALA E 465 26.06 -28.57 15.64
N ARG E 466 25.26 -28.43 16.71
CA ARG E 466 25.84 -27.97 17.96
C ARG E 466 26.68 -29.06 18.61
N MET E 467 26.17 -30.29 18.62
CA MET E 467 26.87 -31.38 19.30
C MET E 467 28.23 -31.63 18.69
N PHE E 468 28.31 -31.55 17.36
CA PHE E 468 29.59 -31.72 16.68
C PHE E 468 30.56 -30.60 17.05
N ALA E 469 30.05 -29.39 17.24
CA ALA E 469 30.93 -28.24 17.44
C ALA E 469 31.53 -28.20 18.84
N GLU E 470 30.79 -28.63 19.85
CA GLU E 470 31.24 -28.49 21.22
C GLU E 470 31.96 -29.72 21.76
N THR E 471 31.93 -30.85 21.06
CA THR E 471 32.52 -32.08 21.57
C THR E 471 33.68 -32.56 20.72
N GLY E 472 33.48 -32.78 19.42
CA GLY E 472 34.48 -33.44 18.62
C GLY E 472 35.43 -32.51 17.88
N VAL E 473 34.89 -31.56 17.11
CA VAL E 473 35.72 -30.69 16.31
C VAL E 473 36.58 -29.80 17.20
N LYS E 474 36.02 -29.32 18.31
CA LYS E 474 36.79 -28.51 19.24
C LYS E 474 37.96 -29.30 19.80
N ARG E 475 37.73 -30.56 20.17
CA ARG E 475 38.82 -31.39 20.67
C ARG E 475 39.86 -31.64 19.60
N LEU E 476 39.42 -31.85 18.36
CA LEU E 476 40.35 -32.05 17.25
C LEU E 476 41.28 -30.87 17.10
N PHE E 477 40.73 -29.66 17.10
CA PHE E 477 41.57 -28.49 16.87
C PHE E 477 42.40 -28.14 18.10
N GLN E 478 41.91 -28.46 19.30
CA GLN E 478 42.75 -28.34 20.48
C GLN E 478 43.95 -29.27 20.40
N LEU E 479 43.73 -30.50 19.95
CA LEU E 479 44.84 -31.44 19.76
C LEU E 479 45.82 -30.91 18.71
N LEU E 480 45.30 -30.34 17.63
CA LEU E 480 46.18 -29.78 16.60
C LEU E 480 47.04 -28.66 17.16
N HIS E 481 46.44 -27.75 17.92
CA HIS E 481 47.21 -26.67 18.52
C HIS E 481 48.26 -27.19 19.49
N ASP E 482 47.90 -28.18 20.31
CA ASP E 482 48.85 -28.74 21.26
C ASP E 482 50.02 -29.39 20.55
N HIS E 483 49.74 -30.16 19.49
CA HIS E 483 50.82 -30.78 18.73
C HIS E 483 51.69 -29.73 18.05
N ALA E 484 51.08 -28.64 17.58
CA ALA E 484 51.85 -27.58 16.94
C ALA E 484 52.80 -26.91 17.92
N ILE E 485 52.36 -26.69 19.17
CA ILE E 485 53.22 -26.00 20.12
C ILE E 485 54.16 -26.93 20.87
N LYS E 486 53.93 -28.25 20.84
CA LYS E 486 54.83 -29.17 21.53
C LYS E 486 56.01 -29.57 20.67
N TYR E 487 55.76 -30.03 19.45
CA TYR E 487 56.81 -30.39 18.49
C TYR E 487 56.98 -29.21 17.55
N GLN E 488 57.65 -28.17 18.02
CA GLN E 488 57.77 -26.93 17.27
C GLN E 488 58.71 -27.11 16.09
N ASN E 489 58.34 -26.50 14.96
CA ASN E 489 59.15 -26.50 13.74
C ASN E 489 59.15 -25.07 13.20
N GLN E 490 60.11 -24.27 13.66
CA GLN E 490 60.30 -22.96 13.08
C GLN E 490 60.93 -23.08 11.70
N GLU E 491 60.95 -21.97 10.97
CA GLU E 491 61.43 -21.89 9.59
C GLU E 491 60.46 -22.59 8.65
N GLU E 492 59.44 -23.23 9.20
CA GLU E 492 58.24 -23.52 8.43
C GLU E 492 57.18 -22.46 8.67
N VAL E 493 56.94 -22.14 9.94
CA VAL E 493 56.07 -21.02 10.27
C VAL E 493 56.64 -19.72 9.72
N PHE E 494 57.96 -19.57 9.76
CA PHE E 494 58.57 -18.37 9.19
C PHE E 494 58.35 -18.30 7.68
N GLN E 495 58.51 -19.42 6.98
CA GLN E 495 58.24 -19.43 5.55
C GLN E 495 56.77 -19.12 5.26
N LEU E 496 55.87 -19.58 6.12
CA LEU E 496 54.45 -19.33 5.88
C LEU E 496 54.08 -17.87 6.14
N ARG E 497 54.58 -17.28 7.23
CA ARG E 497 54.14 -15.98 7.67
C ARG E 497 55.17 -14.86 7.51
N GLY E 498 56.46 -15.19 7.44
CA GLY E 498 57.48 -14.17 7.42
C GLY E 498 57.88 -13.65 8.78
N LYS E 499 57.33 -14.20 9.86
CA LYS E 499 57.68 -13.80 11.21
C LYS E 499 57.44 -14.98 12.14
N TRP E 500 58.10 -14.94 13.30
CA TRP E 500 58.02 -16.03 14.26
C TRP E 500 57.77 -15.50 15.65
N VAL E 501 56.96 -16.24 16.42
CA VAL E 501 56.67 -15.93 17.82
C VAL E 501 57.03 -17.14 18.65
N ALA E 502 57.85 -16.92 19.68
CA ALA E 502 58.26 -18.01 20.56
C ALA E 502 57.19 -18.27 21.61
N ILE E 503 56.81 -19.54 21.76
CA ILE E 503 55.75 -19.95 22.67
C ILE E 503 56.29 -21.04 23.58
N ASN E 504 56.30 -20.78 24.88
CA ASN E 504 56.79 -21.77 25.83
C ASN E 504 55.75 -22.87 26.01
N PRO E 505 56.08 -24.12 25.73
CA PRO E 505 55.08 -25.20 25.82
C PRO E 505 54.99 -25.82 27.20
N ALA E 506 55.56 -25.16 28.21
CA ALA E 506 55.61 -25.75 29.55
C ALA E 506 54.20 -25.98 30.11
N ASN E 507 53.30 -25.03 29.91
CA ASN E 507 51.96 -25.07 30.48
C ASN E 507 50.91 -25.45 29.45
N TRP E 508 51.24 -26.38 28.54
CA TRP E 508 50.29 -26.75 27.50
C TRP E 508 49.06 -27.44 28.07
N ARG E 509 49.17 -28.09 29.22
CA ARG E 509 48.04 -28.78 29.81
C ARG E 509 47.01 -27.82 30.39
N GLU E 510 47.33 -26.55 30.55
CA GLU E 510 46.42 -25.60 31.18
C GLU E 510 45.46 -24.95 30.20
N ARG E 511 45.85 -24.81 28.93
CA ARG E 511 45.04 -24.16 27.91
C ARG E 511 44.59 -22.78 28.36
N SER E 512 45.56 -22.01 28.87
CA SER E 512 45.28 -20.73 29.52
C SER E 512 45.51 -19.54 28.60
N ASP E 513 45.74 -19.76 27.32
CA ASP E 513 46.05 -18.65 26.42
C ASP E 513 45.01 -18.44 25.33
N LEU E 514 44.61 -19.49 24.61
CA LEU E 514 43.71 -19.37 23.49
C LEU E 514 42.43 -20.13 23.76
N THR E 515 41.33 -19.63 23.21
CA THR E 515 40.07 -20.37 23.19
C THR E 515 39.73 -20.75 21.76
N VAL E 516 39.30 -21.99 21.57
CA VAL E 516 39.05 -22.52 20.24
C VAL E 516 37.62 -22.18 19.82
N THR E 517 37.46 -21.69 18.61
CA THR E 517 36.15 -21.49 18.00
C THR E 517 36.17 -22.24 16.69
N VAL E 518 35.81 -23.52 16.74
CA VAL E 518 35.41 -24.24 15.56
C VAL E 518 34.05 -23.78 15.08
N GLY E 519 33.38 -22.98 15.90
CA GLY E 519 32.24 -22.19 15.46
C GLY E 519 32.60 -21.53 14.15
N ILE E 520 31.77 -21.78 13.15
CA ILE E 520 32.03 -21.43 11.77
C ILE E 520 32.53 -20.01 11.59
N GLY E 521 33.70 -19.87 10.97
CA GLY E 521 34.24 -18.57 10.64
C GLY E 521 33.62 -18.00 9.38
N ASN E 522 32.30 -18.08 9.33
CA ASN E 522 31.51 -17.64 8.18
C ASN E 522 31.32 -16.13 8.20
N MET E 523 30.30 -15.65 7.50
CA MET E 523 30.26 -14.27 7.06
C MET E 523 30.16 -13.29 8.22
N ASN E 524 31.28 -12.98 8.84
CA ASN E 524 31.39 -11.90 9.81
C ASN E 524 32.11 -10.69 9.25
N LYS E 525 32.81 -10.85 8.12
CA LYS E 525 33.66 -9.79 7.59
C LYS E 525 32.91 -8.47 7.46
N ASP E 526 31.65 -8.53 7.04
CA ASP E 526 30.82 -7.34 6.98
C ASP E 526 30.68 -6.69 8.36
N GLN E 527 30.62 -7.51 9.42
CA GLN E 527 30.37 -6.96 10.75
C GLN E 527 31.55 -6.12 11.23
N GLN E 528 32.74 -6.70 11.33
CA GLN E 528 33.87 -5.87 11.75
C GLN E 528 34.23 -4.86 10.68
N MET E 529 33.72 -5.05 9.47
CA MET E 529 33.98 -4.11 8.40
C MET E 529 33.21 -2.81 8.67
N LEU E 530 31.93 -2.93 9.01
CA LEU E 530 31.15 -1.79 9.47
C LEU E 530 31.71 -1.23 10.77
N HIS E 531 32.21 -2.10 11.64
CA HIS E 531 32.84 -1.62 12.86
C HIS E 531 34.07 -0.77 12.55
N LEU E 532 34.82 -1.14 11.51
CA LEU E 532 35.95 -0.32 11.08
C LEU E 532 35.46 1.03 10.56
N MET E 533 34.35 1.04 9.84
CA MET E 533 33.73 2.33 9.49
C MET E 533 33.49 3.19 10.73
N ARG E 534 32.81 2.64 11.72
CA ARG E 534 32.42 3.47 12.86
C ARG E 534 33.63 3.87 13.69
N ILE E 535 34.65 3.00 13.75
CA ILE E 535 35.88 3.33 14.45
C ILE E 535 36.62 4.47 13.74
N TRP E 536 36.66 4.42 12.40
CA TRP E 536 37.31 5.49 11.66
C TRP E 536 36.56 6.81 11.84
N GLU E 537 35.23 6.76 11.90
CA GLU E 537 34.46 7.97 12.18
C GLU E 537 34.79 8.52 13.57
N MET E 538 34.89 7.64 14.57
CA MET E 538 35.27 8.07 15.90
C MET E 538 36.65 8.70 15.91
N ALA E 539 37.59 8.11 15.15
CA ALA E 539 38.94 8.65 15.07
C ALA E 539 38.93 10.05 14.46
N GLN E 540 38.13 10.25 13.40
CA GLN E 540 38.01 11.59 12.83
C GLN E 540 37.45 12.56 13.85
N ALA E 541 36.44 12.14 14.61
CA ALA E 541 35.86 13.02 15.62
C ALA E 541 36.90 13.40 16.68
N VAL E 542 37.69 12.42 17.13
CA VAL E 542 38.70 12.70 18.15
C VAL E 542 39.77 13.63 17.59
N VAL E 543 40.20 13.41 16.35
CA VAL E 543 41.21 14.28 15.75
C VAL E 543 40.68 15.70 15.63
N GLY E 544 39.45 15.85 15.17
CA GLY E 544 38.84 17.16 15.07
C GLY E 544 38.58 17.81 16.42
N GLY E 545 38.51 17.03 17.48
CA GLY E 545 38.37 17.56 18.82
C GLY E 545 39.66 18.02 19.46
N GLY E 546 40.77 17.94 18.74
CA GLY E 546 42.05 18.37 19.30
C GLY E 546 42.77 17.32 20.11
N GLY E 547 42.43 16.05 19.92
CA GLY E 547 43.04 14.97 20.65
C GLY E 547 44.19 14.26 19.95
N LEU E 548 44.70 14.82 18.86
CA LEU E 548 45.78 14.17 18.13
C LEU E 548 47.05 14.16 18.96
N GLY E 549 47.65 12.98 19.10
CA GLY E 549 48.88 12.81 19.84
C GLY E 549 48.70 12.46 21.30
N VAL E 550 47.52 12.72 21.87
CA VAL E 550 47.25 12.44 23.26
C VAL E 550 46.26 11.29 23.43
N LEU E 551 45.29 11.18 22.53
CA LEU E 551 44.34 10.08 22.54
C LEU E 551 44.51 9.13 21.37
N VAL E 552 44.78 9.65 20.18
CA VAL E 552 45.02 8.83 19.00
C VAL E 552 46.27 9.36 18.30
N SER E 553 47.13 8.44 17.88
CA SER E 553 48.33 8.79 17.13
C SER E 553 48.15 8.49 15.66
N GLU E 554 49.10 8.95 14.85
CA GLU E 554 49.04 8.70 13.42
C GLU E 554 49.17 7.22 13.11
N GLN E 555 50.03 6.51 13.84
CA GLN E 555 50.15 5.07 13.62
C GLN E 555 48.83 4.34 13.88
N ASN E 556 48.01 4.86 14.80
CA ASN E 556 46.70 4.27 15.01
C ASN E 556 45.82 4.41 13.77
N LEU E 557 45.82 5.60 13.15
CA LEU E 557 45.07 5.80 11.92
C LEU E 557 45.59 4.89 10.82
N TYR E 558 46.91 4.71 10.77
CA TYR E 558 47.52 3.81 9.80
C TYR E 558 47.09 2.37 10.02
N ASN E 559 47.03 1.94 11.27
CA ASN E 559 46.55 0.59 11.56
C ASN E 559 45.10 0.42 11.14
N ILE E 560 44.28 1.44 11.40
CA ILE E 560 42.87 1.38 10.99
C ILE E 560 42.76 1.27 9.47
N LEU E 561 43.51 2.10 8.75
CA LEU E 561 43.45 2.08 7.29
C LEU E 561 43.96 0.77 6.73
N LYS E 562 45.04 0.23 7.31
CA LYS E 562 45.55 -1.05 6.86
C LYS E 562 44.53 -2.16 7.08
N GLU E 563 43.86 -2.15 8.24
CA GLU E 563 42.84 -3.15 8.51
C GLU E 563 41.69 -3.05 7.52
N VAL E 564 41.25 -1.83 7.23
CA VAL E 564 40.17 -1.65 6.26
C VAL E 564 40.58 -2.15 4.89
N THR E 565 41.80 -1.81 4.46
CA THR E 565 42.26 -2.23 3.14
C THR E 565 42.38 -3.74 3.04
N GLU E 566 42.92 -4.38 4.08
CA GLU E 566 43.02 -5.85 4.05
C GLU E 566 41.64 -6.49 4.05
N ASN E 567 40.70 -5.93 4.82
CA ASN E 567 39.34 -6.46 4.81
C ASN E 567 38.69 -6.29 3.44
N ALA E 568 39.04 -5.23 2.73
CA ALA E 568 38.48 -5.01 1.39
C ALA E 568 38.95 -6.07 0.40
N GLY E 569 40.13 -6.64 0.62
CA GLY E 569 40.60 -7.70 -0.25
C GLY E 569 42.00 -7.49 -0.79
N TYR E 570 42.63 -6.37 -0.42
CA TYR E 570 43.98 -6.04 -0.89
C TYR E 570 44.97 -6.36 0.22
N LYS E 571 45.81 -7.37 0.00
CA LYS E 571 46.74 -7.81 1.03
C LYS E 571 47.86 -6.79 1.24
N ASP E 572 48.35 -6.21 0.16
CA ASP E 572 49.43 -5.22 0.28
C ASP E 572 48.84 -3.85 0.56
N PRO E 573 49.11 -3.25 1.72
CA PRO E 573 48.55 -1.94 2.04
C PRO E 573 49.40 -0.76 1.62
N ASP E 574 50.67 -0.97 1.27
CA ASP E 574 51.54 0.13 0.87
C ASP E 574 51.18 0.69 -0.50
N ARG E 575 50.32 0.01 -1.27
CA ARG E 575 49.91 0.55 -2.56
C ARG E 575 49.01 1.76 -2.38
N PHE E 576 48.26 1.83 -1.28
CA PHE E 576 47.30 2.90 -1.08
C PHE E 576 47.65 3.83 0.07
N TRP E 577 48.61 3.47 0.93
CA TRP E 577 48.95 4.29 2.09
C TRP E 577 50.46 4.29 2.27
N THR E 578 50.94 5.22 3.09
CA THR E 578 52.36 5.35 3.38
C THR E 578 52.61 5.19 4.88
N ASN E 579 53.61 4.40 5.21
CA ASN E 579 54.00 4.19 6.61
C ASN E 579 54.70 5.44 7.14
N PRO E 580 54.32 5.94 8.32
CA PRO E 580 54.95 7.16 8.83
C PRO E 580 56.42 6.99 9.14
N ASP E 581 56.84 5.81 9.57
CA ASP E 581 58.22 5.56 9.91
C ASP E 581 59.12 5.50 8.69
N SER E 582 58.55 5.47 7.49
CA SER E 582 59.35 5.54 6.29
C SER E 582 60.07 6.88 6.22
N PRO E 583 61.28 6.93 5.67
CA PRO E 583 62.05 8.20 5.68
C PRO E 583 61.36 9.34 4.95
N GLU E 584 60.62 9.05 3.87
CA GLU E 584 59.97 10.13 3.14
C GLU E 584 58.87 10.79 3.97
N ALA E 585 58.14 9.99 4.76
CA ALA E 585 57.14 10.56 5.66
C ALA E 585 57.80 11.45 6.71
N GLN E 586 58.94 11.01 7.24
CA GLN E 586 59.68 11.84 8.19
C GLN E 586 60.12 13.15 7.56
N GLN E 587 60.60 13.08 6.31
CA GLN E 587 61.01 14.29 5.60
C GLN E 587 59.83 15.24 5.41
N ALA E 588 58.67 14.69 5.02
CA ALA E 588 57.49 15.53 4.83
C ALA E 588 57.07 16.17 6.15
N LYS E 589 57.09 15.42 7.24
CA LYS E 589 56.76 15.98 8.55
C LYS E 589 57.73 17.08 8.93
N ALA E 590 59.02 16.88 8.68
CA ALA E 590 60.02 17.89 9.00
C ALA E 590 59.78 19.17 8.20
N ILE E 591 59.47 19.02 6.90
CA ILE E 591 59.18 20.19 6.08
C ILE E 591 57.95 20.92 6.59
N ARG E 592 56.90 20.17 6.94
CA ARG E 592 55.68 20.79 7.45
C ARG E 592 55.96 21.56 8.73
N GLU E 593 56.75 20.97 9.63
CA GLU E 593 57.09 21.66 10.88
C GLU E 593 57.92 22.90 10.60
N GLN E 594 58.85 22.82 9.64
CA GLN E 594 59.66 23.98 9.29
C GLN E 594 58.81 25.09 8.69
N LYS E 595 57.69 24.73 8.04
CA LYS E 595 56.85 25.75 7.43
C LYS E 595 56.06 26.58 8.43
N GLU E 596 56.24 26.36 9.73
CA GLU E 596 55.66 27.22 10.76
C GLU E 596 56.74 28.03 11.47
N ALA E 597 57.70 28.54 10.70
CA ALA E 597 58.79 29.31 11.29
C ALA E 597 58.27 30.56 11.97
N GLN E 598 57.35 31.27 11.31
CA GLN E 598 56.78 32.49 11.89
C GLN E 598 55.48 32.85 11.19
N PRO E 599 54.42 33.12 11.95
CA PRO E 599 53.18 33.62 11.36
C PRO E 599 53.31 35.13 11.11
N LYS E 600 52.22 35.72 10.64
CA LYS E 600 52.25 37.15 10.34
C LYS E 600 52.35 38.00 11.61
N PRO E 601 51.32 38.06 12.46
CA PRO E 601 51.24 39.18 13.42
C PRO E 601 52.37 39.22 14.44
N GLU E 602 53.23 38.21 14.50
CA GLU E 602 54.32 38.24 15.48
C GLU E 602 55.44 39.17 15.05
N ASP E 603 55.68 39.32 13.74
CA ASP E 603 56.65 40.32 13.31
C ASP E 603 56.11 41.73 13.48
N ILE E 604 54.81 41.94 13.25
CA ILE E 604 54.17 43.19 13.65
C ILE E 604 54.35 43.41 15.15
N LYS E 605 54.24 42.34 15.92
CA LYS E 605 54.44 42.42 17.37
C LYS E 605 55.83 42.97 17.68
N ALA E 606 56.86 42.37 17.06
CA ALA E 606 58.24 42.78 17.35
C ALA E 606 58.52 44.20 16.90
N GLN E 607 58.09 44.57 15.69
CA GLN E 607 58.32 45.93 15.22
C GLN E 607 57.59 46.96 16.10
N ALA E 608 56.37 46.65 16.52
CA ALA E 608 55.67 47.57 17.40
C ALA E 608 56.37 47.68 18.74
N ASP E 609 56.88 46.56 19.27
CA ASP E 609 57.62 46.61 20.52
C ASP E 609 58.84 47.52 20.38
N ALA E 610 59.52 47.44 19.24
CA ALA E 610 60.63 48.35 18.99
C ALA E 610 60.17 49.80 19.01
N GLN E 611 59.07 50.09 18.30
CA GLN E 611 58.49 51.44 18.30
C GLN E 611 58.25 51.96 19.71
N ARG E 612 57.59 51.18 20.54
CA ARG E 612 57.15 51.76 21.80
C ARG E 612 58.25 51.72 22.86
N ALA E 613 59.20 50.78 22.73
CA ALA E 613 60.40 50.85 23.57
C ALA E 613 61.22 52.10 23.25
N GLN E 614 61.41 52.42 21.97
CA GLN E 614 62.15 53.62 21.64
C GLN E 614 61.36 54.87 22.03
N SER E 615 60.03 54.79 22.01
CA SER E 615 59.23 55.91 22.51
C SER E 615 59.48 56.14 24.00
N ASP E 616 59.52 55.05 24.79
CA ASP E 616 59.83 55.19 26.21
C ASP E 616 61.22 55.77 26.41
N ALA E 617 62.20 55.30 25.64
CA ALA E 617 63.56 55.82 25.76
C ALA E 617 63.60 57.31 25.44
N LEU E 618 62.88 57.72 24.39
CA LEU E 618 62.82 59.13 24.04
C LEU E 618 62.17 59.95 25.14
N ALA E 619 61.11 59.42 25.75
CA ALA E 619 60.47 60.12 26.86
C ALA E 619 61.46 60.34 28.00
N LYS E 620 62.17 59.28 28.40
CA LYS E 620 63.10 59.40 29.51
C LYS E 620 64.22 60.38 29.21
N GLN E 621 64.79 60.31 28.01
CA GLN E 621 65.89 61.20 27.66
C GLN E 621 65.41 62.65 27.59
N ALA E 622 64.20 62.87 27.07
CA ALA E 622 63.65 64.22 27.05
C ALA E 622 63.45 64.75 28.46
N GLU E 623 62.92 63.91 29.36
CA GLU E 623 62.73 64.31 30.75
C GLU E 623 64.05 64.76 31.37
N ALA E 624 65.06 63.88 31.30
CA ALA E 624 66.34 64.20 31.93
C ALA E 624 66.98 65.42 31.30
N GLN E 625 66.92 65.51 29.96
CA GLN E 625 67.54 66.62 29.26
C GLN E 625 66.90 67.95 29.62
N MET E 626 65.57 67.99 29.68
CA MET E 626 64.92 69.27 29.96
C MET E 626 65.07 69.65 31.42
N LYS E 627 65.11 68.66 32.33
CA LYS E 627 65.43 68.97 33.72
C LYS E 627 66.83 69.57 33.84
N GLN E 628 67.80 68.98 33.15
CA GLN E 628 69.16 69.52 33.18
C GLN E 628 69.21 70.91 32.57
N VAL E 629 68.44 71.15 31.50
CA VAL E 629 68.41 72.49 30.91
C VAL E 629 67.89 73.50 31.91
N GLU E 630 66.74 73.21 32.53
CA GLU E 630 66.14 74.17 33.45
C GLU E 630 66.98 74.37 34.69
N ALA E 631 67.75 73.35 35.09
CA ALA E 631 68.57 73.48 36.28
C ALA E 631 69.82 74.32 36.02
N GLN E 632 70.16 74.56 34.75
CA GLN E 632 71.42 75.20 34.41
C GLN E 632 71.31 76.42 33.51
N ILE E 633 70.37 76.45 32.56
CA ILE E 633 70.30 77.57 31.63
C ILE E 633 69.64 78.80 32.25
N ARG E 634 69.03 78.65 33.41
CA ARG E 634 68.19 79.69 34.01
C ARG E 634 68.90 80.46 35.11
N LEU E 635 69.63 79.79 35.99
CA LEU E 635 70.31 80.49 37.08
C LEU E 635 71.46 81.34 36.56
N ALA E 636 72.12 80.87 35.50
CA ALA E 636 73.28 81.60 34.97
C ALA E 636 72.88 82.96 34.43
N GLU E 637 71.74 83.05 33.74
CA GLU E 637 71.27 84.35 33.29
C GLU E 637 70.72 85.20 34.42
N ILE E 638 70.37 84.59 35.56
CA ILE E 638 70.01 85.39 36.73
C ILE E 638 71.23 86.05 37.32
N GLU E 639 72.32 85.28 37.50
CA GLU E 639 73.48 85.82 38.19
C GLU E 639 74.17 86.91 37.39
N LEU E 640 73.95 86.94 36.08
CA LEU E 640 74.51 88.01 35.25
C LEU E 640 73.40 88.76 34.51
N MET F 11 31.59 -43.38 74.68
CA MET F 11 30.63 -42.57 73.95
C MET F 11 31.37 -41.79 72.87
N ASP F 12 31.96 -42.52 71.93
CA ASP F 12 32.71 -41.89 70.84
C ASP F 12 32.46 -42.54 69.49
N ASP F 13 31.60 -43.55 69.41
CA ASP F 13 31.15 -44.13 68.14
C ASP F 13 32.34 -44.65 67.32
N GLU F 14 32.96 -45.69 67.86
CA GLU F 14 34.12 -46.31 67.22
C GLU F 14 33.74 -46.85 65.83
N GLN F 15 34.78 -47.28 65.10
CA GLN F 15 34.62 -47.59 63.68
C GLN F 15 33.62 -48.72 63.45
N VAL F 16 33.54 -49.68 64.37
CA VAL F 16 32.65 -50.81 64.16
C VAL F 16 31.20 -50.36 64.14
N LEU F 17 30.82 -49.49 65.07
CA LEU F 17 29.44 -49.00 65.11
C LEU F 17 29.10 -48.21 63.86
N ARG F 18 30.04 -47.40 63.36
CA ARG F 18 29.74 -46.59 62.19
C ARG F 18 29.69 -47.45 60.93
N HIS F 19 30.51 -48.51 60.86
CA HIS F 19 30.31 -49.49 59.79
C HIS F 19 28.92 -50.10 59.86
N LEU F 20 28.48 -50.46 61.07
CA LEU F 20 27.16 -51.05 61.22
C LEU F 20 26.07 -50.11 60.72
N ASP F 21 26.14 -48.85 61.14
CA ASP F 21 25.13 -47.87 60.72
C ASP F 21 25.18 -47.65 59.22
N GLN F 22 26.38 -47.53 58.65
CA GLN F 22 26.51 -47.31 57.22
C GLN F 22 25.95 -48.49 56.44
N LEU F 23 26.25 -49.71 56.89
CA LEU F 23 25.74 -50.89 56.21
C LEU F 23 24.22 -50.97 56.29
N VAL F 24 23.64 -50.64 57.45
CA VAL F 24 22.19 -50.65 57.58
C VAL F 24 21.58 -49.65 56.60
N ASN F 25 22.09 -48.42 56.59
CA ASN F 25 21.54 -47.40 55.71
C ASN F 25 21.68 -47.78 54.24
N ASP F 26 22.83 -48.34 53.86
CA ASP F 26 23.07 -48.68 52.47
C ASP F 26 22.20 -49.86 52.03
N ALA F 27 22.18 -50.92 52.83
CA ALA F 27 21.37 -52.09 52.50
C ALA F 27 19.88 -51.80 52.58
N LEU F 28 19.49 -50.71 53.24
CA LEU F 28 18.10 -50.26 53.14
C LEU F 28 17.72 -50.01 51.68
N ASP F 29 18.64 -49.41 50.92
CA ASP F 29 18.45 -49.20 49.49
C ASP F 29 19.08 -50.39 48.75
N PHE F 30 19.26 -50.26 47.43
CA PHE F 30 19.73 -51.35 46.57
C PHE F 30 18.78 -52.56 46.63
N ASN F 31 17.52 -52.33 46.26
CA ASN F 31 16.54 -53.40 46.27
C ASN F 31 15.53 -53.14 45.14
N SER F 32 14.68 -54.13 44.89
CA SER F 32 13.65 -54.00 43.88
C SER F 32 12.54 -53.08 44.37
N SER F 33 12.65 -51.79 44.07
CA SER F 33 11.68 -50.80 44.46
C SER F 33 10.93 -50.28 43.24
N GLU F 34 9.88 -49.51 43.50
CA GLU F 34 9.08 -48.97 42.40
C GLU F 34 9.85 -47.95 41.58
N LEU F 35 10.73 -47.18 42.22
CA LEU F 35 11.47 -46.13 41.52
C LEU F 35 12.33 -46.71 40.41
N SER F 36 13.12 -47.73 40.74
CA SER F 36 14.01 -48.33 39.74
C SER F 36 13.21 -48.98 38.62
N LYS F 37 12.11 -49.64 38.96
CA LYS F 37 11.27 -50.24 37.94
C LYS F 37 10.72 -49.19 36.98
N GLN F 38 10.24 -48.07 37.52
CA GLN F 38 9.70 -47.03 36.66
C GLN F 38 10.78 -46.41 35.78
N ARG F 39 11.98 -46.20 36.34
CA ARG F 39 13.05 -45.63 35.54
C ARG F 39 13.48 -46.58 34.42
N SER F 40 13.60 -47.87 34.72
CA SER F 40 13.96 -48.84 33.70
C SER F 40 12.88 -48.93 32.63
N GLU F 41 11.61 -48.88 33.04
CA GLU F 41 10.52 -48.89 32.07
C GLU F 41 10.58 -47.67 31.16
N ALA F 42 10.89 -46.51 31.73
CA ALA F 42 11.02 -45.30 30.92
C ALA F 42 12.12 -45.45 29.89
N LEU F 43 13.28 -45.98 30.30
CA LEU F 43 14.36 -46.18 29.35
C LEU F 43 13.97 -47.18 28.26
N LYS F 44 13.29 -48.27 28.64
CA LYS F 44 12.86 -49.25 27.66
C LYS F 44 11.89 -48.65 26.66
N TYR F 45 10.94 -47.84 27.14
CA TYR F 45 10.00 -47.19 26.23
C TYR F 45 10.72 -46.23 25.29
N TYR F 46 11.75 -45.54 25.81
CA TYR F 46 12.53 -44.66 24.94
C TYR F 46 13.23 -45.44 23.85
N PHE F 47 13.81 -46.59 24.19
CA PHE F 47 14.51 -47.39 23.19
C PHE F 47 13.57 -48.08 22.22
N GLY F 48 12.26 -48.12 22.51
CA GLY F 48 11.34 -48.83 21.65
C GLY F 48 11.37 -50.33 21.79
N GLU F 49 11.68 -50.84 22.99
CA GLU F 49 11.75 -52.27 23.21
C GLU F 49 10.35 -52.89 23.18
N PRO F 50 10.26 -54.18 22.86
CA PRO F 50 8.95 -54.83 22.87
C PRO F 50 8.34 -54.86 24.26
N PHE F 51 7.00 -54.78 24.31
CA PHE F 51 6.30 -54.75 25.58
C PHE F 51 6.33 -56.09 26.29
N GLY F 52 6.31 -57.19 25.53
CA GLY F 52 6.25 -58.51 26.10
C GLY F 52 4.99 -59.29 25.81
N ASN F 53 4.04 -58.70 25.08
CA ASN F 53 2.80 -59.38 24.70
C ASN F 53 2.78 -59.78 23.22
N GLU F 54 3.94 -59.81 22.58
CA GLU F 54 4.02 -60.12 21.16
C GLU F 54 3.78 -61.61 20.92
N ARG F 55 3.09 -61.93 19.86
CA ARG F 55 2.79 -63.29 19.45
C ARG F 55 3.79 -63.64 18.34
N PRO F 56 4.34 -64.85 18.23
CA PRO F 56 5.39 -65.09 17.22
C PRO F 56 5.02 -64.75 15.78
N GLY F 57 3.77 -64.96 15.37
CA GLY F 57 3.40 -64.77 13.97
C GLY F 57 2.63 -63.53 13.62
N LYS F 58 2.55 -62.55 14.52
CA LYS F 58 1.82 -61.32 14.28
C LYS F 58 2.77 -60.13 14.22
N SER F 59 2.21 -58.96 14.00
CA SER F 59 2.99 -57.74 13.97
C SER F 59 3.48 -57.39 15.37
N ALA F 60 4.65 -56.74 15.42
CA ALA F 60 5.26 -56.40 16.70
C ALA F 60 5.86 -55.01 16.70
N ILE F 61 5.25 -54.07 15.98
CA ILE F 61 5.79 -52.72 15.89
C ILE F 61 5.35 -51.91 17.10
N VAL F 62 6.13 -50.87 17.41
CA VAL F 62 5.92 -50.06 18.60
C VAL F 62 5.91 -48.59 18.19
N SER F 63 4.90 -47.86 18.67
CA SER F 63 4.84 -46.42 18.44
C SER F 63 5.88 -45.71 19.29
N ARG F 64 6.42 -44.62 18.76
CA ARG F 64 7.49 -43.87 19.40
C ARG F 64 6.92 -42.52 19.83
N ASP F 65 6.67 -42.37 21.14
CA ASP F 65 6.14 -41.13 21.68
C ASP F 65 7.08 -40.46 22.67
N VAL F 66 7.57 -41.22 23.65
CA VAL F 66 8.51 -40.66 24.61
C VAL F 66 9.78 -40.19 23.91
N GLN F 67 10.26 -40.99 22.96
CA GLN F 67 11.45 -40.60 22.21
C GLN F 67 11.22 -39.30 21.45
N GLU F 68 10.07 -39.18 20.78
CA GLU F 68 9.79 -37.97 20.03
C GLU F 68 9.71 -36.75 20.94
N THR F 69 9.04 -36.87 22.08
CA THR F 69 8.92 -35.74 22.99
C THR F 69 10.27 -35.32 23.53
N VAL F 70 11.09 -36.28 23.95
CA VAL F 70 12.40 -35.94 24.51
C VAL F 70 13.28 -35.29 23.43
N ASP F 71 13.27 -35.84 22.22
CA ASP F 71 14.09 -35.30 21.15
C ASP F 71 13.59 -33.95 20.65
N TRP F 72 12.31 -33.64 20.86
CA TRP F 72 11.82 -32.32 20.50
C TRP F 72 12.08 -31.30 21.60
N ILE F 73 12.22 -31.75 22.85
CA ILE F 73 12.46 -30.81 23.94
C ILE F 73 13.94 -30.46 24.04
N MET F 74 14.83 -31.44 23.85
CA MET F 74 16.25 -31.23 24.15
C MET F 74 16.91 -30.08 23.40
N PRO F 75 16.77 -29.95 22.07
CA PRO F 75 17.53 -28.90 21.37
C PRO F 75 17.25 -27.50 21.86
N SER F 76 16.01 -27.19 22.23
CA SER F 76 15.73 -25.88 22.81
C SER F 76 16.47 -25.70 24.12
N LEU F 77 16.48 -26.73 24.97
CA LEU F 77 17.16 -26.66 26.25
C LEU F 77 18.67 -26.58 26.11
N MET F 78 19.21 -26.93 24.95
CA MET F 78 20.64 -26.72 24.74
C MET F 78 20.95 -25.35 24.15
N LYS F 79 20.16 -24.93 23.15
CA LYS F 79 20.31 -23.61 22.58
C LYS F 79 20.22 -22.54 23.66
N VAL F 80 19.18 -22.61 24.49
CA VAL F 80 19.22 -21.92 25.76
C VAL F 80 20.25 -22.61 26.64
N PHE F 81 21.06 -21.81 27.33
CA PHE F 81 22.18 -22.22 28.20
C PHE F 81 23.46 -22.57 27.44
N THR F 82 23.48 -22.62 26.12
CA THR F 82 24.76 -22.94 25.49
C THR F 82 25.17 -22.00 24.36
N SER F 83 24.20 -21.45 23.64
CA SER F 83 24.48 -20.83 22.35
C SER F 83 25.48 -19.68 22.46
N GLY F 84 25.47 -18.97 23.57
CA GLY F 84 26.28 -17.77 23.68
C GLY F 84 27.74 -17.96 23.91
N GLY F 85 28.22 -19.19 24.00
CA GLY F 85 29.62 -19.43 24.36
C GLY F 85 29.86 -19.35 25.85
N GLN F 86 29.54 -18.22 26.47
CA GLN F 86 29.55 -18.13 27.92
C GLN F 86 28.33 -18.85 28.49
N VAL F 87 28.48 -19.34 29.72
CA VAL F 87 27.38 -20.04 30.38
C VAL F 87 26.93 -19.36 31.66
N VAL F 88 27.78 -18.59 32.33
CA VAL F 88 27.42 -17.94 33.59
C VAL F 88 27.92 -16.50 33.56
N LYS F 89 27.27 -15.65 34.34
CA LYS F 89 27.75 -14.29 34.52
C LYS F 89 27.53 -13.85 35.96
N TYR F 90 28.58 -13.38 36.61
CA TYR F 90 28.50 -12.93 38.00
C TYR F 90 28.37 -11.42 38.02
N GLU F 91 27.31 -10.93 38.65
CA GLU F 91 27.11 -9.49 38.69
C GLU F 91 27.45 -8.96 40.07
N PRO F 92 28.20 -7.85 40.15
CA PRO F 92 28.57 -7.30 41.45
C PRO F 92 27.39 -6.72 42.18
N GLN F 93 27.48 -6.71 43.51
CA GLN F 93 26.45 -6.13 44.35
C GLN F 93 26.63 -4.62 44.49
N THR F 94 27.85 -4.19 44.77
CA THR F 94 28.22 -2.78 44.87
C THR F 94 29.34 -2.48 43.89
N ALA F 95 29.74 -1.21 43.84
CA ALA F 95 30.80 -0.80 42.94
C ALA F 95 32.17 -1.29 43.37
N GLU F 96 32.31 -1.80 44.59
CA GLU F 96 33.60 -2.26 45.09
C GLU F 96 33.88 -3.71 44.76
N ASP F 97 32.93 -4.41 44.14
CA ASP F 97 33.10 -5.81 43.77
C ASP F 97 33.32 -6.03 42.29
N VAL F 98 33.30 -4.97 41.48
CA VAL F 98 33.25 -5.13 40.02
C VAL F 98 34.42 -5.97 39.54
N GLU F 99 35.63 -5.62 39.96
CA GLU F 99 36.80 -6.36 39.51
C GLU F 99 36.69 -7.83 39.92
N GLN F 100 36.25 -8.09 41.15
CA GLN F 100 36.04 -9.46 41.56
C GLN F 100 35.02 -10.14 40.67
N ALA F 101 33.91 -9.44 40.38
CA ALA F 101 32.89 -10.00 39.51
C ALA F 101 33.46 -10.34 38.14
N GLU F 102 34.49 -9.62 37.70
CA GLU F 102 35.13 -9.98 36.45
C GLU F 102 35.91 -11.28 36.58
N GLN F 103 36.71 -11.38 37.64
CA GLN F 103 37.63 -12.51 37.76
C GLN F 103 36.90 -13.84 37.72
N GLU F 104 35.90 -14.00 38.58
CA GLU F 104 35.11 -15.23 38.58
C GLU F 104 34.51 -15.48 37.22
N THR F 105 33.97 -14.43 36.59
CA THR F 105 33.33 -14.62 35.29
C THR F 105 34.29 -15.17 34.26
N GLU F 106 35.58 -14.83 34.38
CA GLU F 106 36.57 -15.40 33.48
C GLU F 106 37.16 -16.70 34.01
N TYR F 107 37.14 -16.91 35.32
CA TYR F 107 37.66 -18.15 35.86
C TYR F 107 36.64 -19.29 35.71
N VAL F 108 35.47 -19.11 36.33
CA VAL F 108 34.38 -20.07 36.16
C VAL F 108 33.76 -19.82 34.79
N ASN F 109 34.09 -20.70 33.84
CA ASN F 109 33.91 -20.57 32.39
C ASN F 109 35.12 -21.23 31.75
N TYR F 110 36.30 -20.87 32.25
CA TYR F 110 37.52 -21.60 31.88
C TYR F 110 37.54 -22.97 32.53
N LEU F 111 37.05 -23.07 33.76
CA LEU F 111 36.99 -24.37 34.43
C LEU F 111 35.90 -25.25 33.84
N PHE F 112 34.76 -24.68 33.52
CA PHE F 112 33.62 -25.50 33.11
C PHE F 112 33.71 -25.92 31.65
N MET F 113 34.09 -25.00 30.76
CA MET F 113 34.04 -25.28 29.33
C MET F 113 35.38 -25.71 28.74
N ARG F 114 36.49 -25.48 29.43
CA ARG F 114 37.79 -25.79 28.88
C ARG F 114 38.60 -26.77 29.72
N LYS F 115 38.08 -27.21 30.87
CA LYS F 115 38.80 -28.15 31.71
C LYS F 115 37.97 -29.34 32.15
N ASN F 116 36.66 -29.36 31.86
CA ASN F 116 35.81 -30.41 32.40
C ASN F 116 34.76 -30.95 31.42
N GLU F 117 34.78 -30.54 30.16
CA GLU F 117 33.79 -30.99 29.18
C GLU F 117 32.38 -30.63 29.64
N GLY F 118 32.13 -29.32 29.74
CA GLY F 118 30.87 -28.85 30.30
C GLY F 118 29.67 -29.22 29.44
N PHE F 119 29.82 -29.18 28.12
CA PHE F 119 28.68 -29.45 27.25
C PHE F 119 28.17 -30.87 27.43
N LYS F 120 29.06 -31.84 27.47
CA LYS F 120 28.63 -33.23 27.64
C LYS F 120 27.97 -33.45 28.99
N VAL F 121 28.53 -32.86 30.05
CA VAL F 121 27.96 -33.01 31.38
C VAL F 121 26.56 -32.41 31.42
N MET F 122 26.41 -31.22 30.84
CA MET F 122 25.09 -30.58 30.84
C MET F 122 24.09 -31.37 30.02
N PHE F 123 24.52 -31.92 28.88
CA PHE F 123 23.61 -32.73 28.07
C PHE F 123 23.15 -33.97 28.82
N ASP F 124 24.09 -34.66 29.47
CA ASP F 124 23.73 -35.84 30.25
C ASP F 124 22.79 -35.48 31.39
N TRP F 125 23.06 -34.36 32.06
CA TRP F 125 22.20 -33.88 33.13
C TRP F 125 20.77 -33.67 32.65
N PHE F 126 20.61 -32.91 31.57
CA PHE F 126 19.28 -32.59 31.07
C PHE F 126 18.56 -33.84 30.59
N GLN F 127 19.25 -34.73 29.87
CA GLN F 127 18.60 -35.92 29.36
C GLN F 127 18.20 -36.86 30.49
N ASP F 128 19.03 -36.98 31.53
CA ASP F 128 18.64 -37.79 32.68
C ASP F 128 17.43 -37.19 33.39
N THR F 129 17.38 -35.86 33.51
CA THR F 129 16.24 -35.22 34.15
C THR F 129 14.95 -35.48 33.37
N LEU F 130 15.01 -35.39 32.04
CA LEU F 130 13.81 -35.59 31.25
C LEU F 130 13.41 -37.06 31.19
N MET F 131 14.40 -37.96 31.08
CA MET F 131 14.12 -39.39 30.94
C MET F 131 13.71 -40.00 32.28
N MET F 132 14.62 -39.99 33.24
CA MET F 132 14.31 -40.42 34.60
C MET F 132 13.59 -39.29 35.31
N LYS F 133 13.46 -39.38 36.63
CA LYS F 133 12.69 -38.39 37.36
C LYS F 133 13.51 -37.19 37.80
N THR F 134 14.83 -37.34 37.98
CA THR F 134 15.65 -36.24 38.44
C THR F 134 17.08 -36.47 37.98
N GLY F 135 17.81 -35.38 37.85
CA GLY F 135 19.21 -35.45 37.42
C GLY F 135 20.14 -34.87 38.47
N VAL F 136 21.33 -35.47 38.59
CA VAL F 136 22.28 -35.10 39.63
C VAL F 136 23.66 -34.88 39.02
N VAL F 137 24.33 -33.83 39.49
CA VAL F 137 25.69 -33.49 39.06
C VAL F 137 26.52 -33.17 40.29
N LYS F 138 27.78 -33.62 40.29
CA LYS F 138 28.67 -33.47 41.43
C LYS F 138 29.84 -32.56 41.12
N VAL F 139 30.24 -31.77 42.10
CA VAL F 139 31.42 -30.90 42.03
C VAL F 139 32.35 -31.28 43.15
N TYR F 140 33.63 -31.48 42.85
CA TYR F 140 34.57 -31.90 43.88
C TYR F 140 35.97 -31.44 43.52
N VAL F 141 36.91 -31.73 44.43
CA VAL F 141 38.32 -31.43 44.24
C VAL F 141 39.07 -32.74 44.08
N GLU F 142 39.88 -32.84 43.03
CA GLU F 142 40.54 -34.10 42.70
C GLU F 142 41.46 -34.54 43.84
N GLU F 143 41.36 -35.81 44.21
CA GLU F 143 42.20 -36.38 45.26
C GLU F 143 43.21 -37.40 44.76
N VAL F 144 43.00 -37.97 43.56
CA VAL F 144 43.95 -38.89 42.96
C VAL F 144 44.81 -38.09 41.99
N LEU F 145 46.11 -38.03 42.26
CA LEU F 145 47.05 -37.25 41.46
C LEU F 145 48.02 -38.20 40.76
N ASN F 146 47.71 -38.54 39.52
CA ASN F 146 48.57 -39.40 38.73
C ASN F 146 49.79 -38.65 38.24
N PRO F 147 50.95 -39.31 38.19
CA PRO F 147 52.12 -38.71 37.54
C PRO F 147 51.91 -38.63 36.03
N THR F 148 52.61 -37.69 35.41
CA THR F 148 52.46 -37.44 33.98
C THR F 148 53.81 -37.51 33.29
N PHE F 149 53.76 -37.80 32.00
CA PHE F 149 54.96 -37.86 31.15
C PHE F 149 54.78 -36.93 29.97
N GLU F 150 55.82 -36.15 29.67
CA GLU F 150 55.76 -35.19 28.56
C GLU F 150 56.95 -35.38 27.64
N ARG F 151 56.72 -35.09 26.36
CA ARG F 151 57.75 -35.12 25.33
C ARG F 151 57.70 -33.83 24.53
N PHE F 152 58.88 -33.25 24.27
CA PHE F 152 59.00 -32.04 23.48
C PHE F 152 60.12 -32.20 22.47
N SER F 153 59.98 -31.52 21.34
CA SER F 153 61.01 -31.55 20.31
C SER F 153 61.03 -30.21 19.59
N GLY F 154 62.22 -29.80 19.16
CA GLY F 154 62.36 -28.56 18.43
C GLY F 154 62.40 -27.32 19.29
N LEU F 155 62.84 -27.44 20.54
CA LEU F 155 62.85 -26.33 21.48
C LEU F 155 64.19 -25.62 21.44
N SER F 156 64.22 -24.43 22.06
CA SER F 156 65.41 -23.61 22.10
C SER F 156 66.09 -23.70 23.47
N GLU F 157 67.14 -22.88 23.65
CA GLU F 157 67.86 -22.86 24.92
C GLU F 157 66.97 -22.41 26.07
N GLU F 158 66.31 -21.25 25.90
CA GLU F 158 65.53 -20.67 26.99
C GLU F 158 64.37 -21.59 27.38
N MET F 159 63.72 -22.19 26.39
CA MET F 159 62.58 -23.06 26.67
C MET F 159 63.01 -24.26 27.51
N VAL F 160 64.12 -24.88 27.14
CA VAL F 160 64.62 -26.03 27.88
C VAL F 160 65.05 -25.62 29.29
N ALA F 161 65.71 -24.47 29.41
CA ALA F 161 66.11 -24.00 30.73
C ALA F 161 64.90 -23.78 31.63
N ASP F 162 63.85 -23.17 31.08
CA ASP F 162 62.64 -22.94 31.85
C ASP F 162 61.99 -24.25 32.26
N ILE F 163 61.94 -25.22 31.34
CA ILE F 163 61.29 -26.50 31.65
C ILE F 163 62.06 -27.23 32.75
N LEU F 164 63.38 -27.28 32.65
CA LEU F 164 64.19 -28.00 33.64
C LEU F 164 64.42 -27.21 34.92
N ALA F 165 64.05 -25.93 34.97
CA ALA F 165 64.18 -25.18 36.21
C ALA F 165 63.24 -25.69 37.30
N ASP F 166 62.17 -26.38 36.93
CA ASP F 166 61.19 -26.84 37.92
C ASP F 166 61.79 -27.97 38.75
N PRO F 167 61.78 -27.85 40.08
CA PRO F 167 62.31 -28.94 40.93
C PRO F 167 61.39 -30.14 41.04
N ASP F 168 60.22 -30.12 40.41
CA ASP F 168 59.27 -31.23 40.48
C ASP F 168 59.27 -32.07 39.21
N THR F 169 60.31 -31.95 38.38
CA THR F 169 60.39 -32.67 37.11
C THR F 169 61.65 -33.51 37.08
N GLU F 170 61.53 -34.70 36.51
CA GLU F 170 62.66 -35.63 36.37
C GLU F 170 62.95 -35.80 34.88
N ILE F 171 64.24 -35.77 34.53
CA ILE F 171 64.65 -35.92 33.14
C ILE F 171 64.79 -37.40 32.82
N LEU F 172 64.07 -37.85 31.80
CA LEU F 172 64.21 -39.20 31.30
C LEU F 172 65.04 -39.29 30.03
N ALA F 173 64.98 -38.28 29.16
CA ALA F 173 65.78 -38.31 27.95
C ALA F 173 66.04 -36.89 27.47
N GLN F 174 67.20 -36.68 26.87
CA GLN F 174 67.58 -35.38 26.33
C GLN F 174 68.49 -35.60 25.13
N SER F 175 68.25 -34.86 24.06
CA SER F 175 69.02 -35.02 22.84
C SER F 175 69.10 -33.69 22.10
N VAL F 176 70.18 -33.53 21.34
CA VAL F 176 70.40 -32.34 20.52
C VAL F 176 70.51 -32.77 19.07
N ASP F 177 69.82 -32.05 18.20
CA ASP F 177 69.79 -32.35 16.78
C ASP F 177 70.58 -31.31 16.00
N GLU F 178 70.66 -31.53 14.69
CA GLU F 178 71.24 -30.53 13.80
C GLU F 178 70.42 -29.25 13.91
N ASP F 179 71.11 -28.10 13.96
CA ASP F 179 70.54 -26.81 14.35
C ASP F 179 70.26 -26.85 15.86
N GLY F 180 70.43 -25.72 16.53
CA GLY F 180 70.37 -25.72 17.98
C GLY F 180 68.97 -25.93 18.53
N THR F 181 68.42 -27.13 18.28
CA THR F 181 67.12 -27.51 18.79
C THR F 181 67.27 -28.75 19.67
N TYR F 182 66.37 -28.86 20.63
CA TYR F 182 66.47 -29.90 21.67
C TYR F 182 65.23 -30.78 21.64
N SER F 183 65.41 -32.03 22.07
CA SER F 183 64.32 -32.96 22.27
C SER F 183 64.43 -33.52 23.67
N ILE F 184 63.38 -33.37 24.47
CA ILE F 184 63.40 -33.79 25.86
C ILE F 184 62.20 -34.66 26.17
N LYS F 185 62.38 -35.54 27.14
CA LYS F 185 61.34 -36.44 27.63
C LYS F 185 61.42 -36.44 29.14
N ILE F 186 60.37 -35.98 29.80
CA ILE F 186 60.39 -35.69 31.23
C ILE F 186 59.19 -36.35 31.92
N ARG F 187 59.33 -36.49 33.24
CA ARG F 187 58.29 -37.00 34.11
C ARG F 187 57.98 -35.95 35.17
N LYS F 188 56.70 -35.70 35.42
CA LYS F 188 56.27 -34.63 36.31
C LYS F 188 55.26 -35.18 37.31
N ASP F 189 55.34 -34.68 38.55
CA ASP F 189 54.42 -35.02 39.63
C ASP F 189 53.77 -33.72 40.11
N LYS F 190 52.62 -33.40 39.55
CA LYS F 190 51.90 -32.18 39.91
C LYS F 190 51.24 -32.32 41.28
N LYS F 191 51.24 -31.24 42.04
CA LYS F 191 50.61 -31.22 43.36
C LYS F 191 49.48 -30.21 43.49
N LYS F 192 49.28 -29.33 42.51
CA LYS F 192 48.22 -28.35 42.60
C LYS F 192 46.85 -29.02 42.46
N ARG F 193 45.85 -28.43 43.10
CA ARG F 193 44.53 -29.01 43.11
C ARG F 193 43.86 -28.86 41.74
N GLU F 194 42.82 -29.68 41.52
CA GLU F 194 41.97 -29.58 40.35
C GLU F 194 40.52 -29.63 40.78
N ILE F 195 39.69 -28.80 40.14
CA ILE F 195 38.26 -28.74 40.44
C ILE F 195 37.54 -29.47 39.31
N LYS F 196 36.78 -30.50 39.65
CA LYS F 196 36.13 -31.35 38.66
C LYS F 196 34.63 -31.34 38.84
N VAL F 197 33.93 -31.43 37.71
CA VAL F 197 32.48 -31.56 37.67
C VAL F 197 32.16 -32.83 36.90
N THR F 198 31.31 -33.67 37.48
CA THR F 198 31.00 -34.97 36.88
C THR F 198 29.49 -35.22 36.89
N CYS F 199 29.07 -36.01 35.91
CA CYS F 199 27.71 -36.53 35.86
C CYS F 199 27.65 -37.88 36.56
N ILE F 200 26.54 -38.15 37.22
CA ILE F 200 26.35 -39.36 38.00
C ILE F 200 25.23 -40.17 37.39
N LYS F 201 25.49 -41.45 37.17
CA LYS F 201 24.44 -42.34 36.70
C LYS F 201 23.33 -42.43 37.74
N PRO F 202 22.07 -42.43 37.33
CA PRO F 202 20.97 -42.41 38.32
C PRO F 202 20.98 -43.59 39.27
N GLU F 203 21.46 -44.75 38.84
CA GLU F 203 21.47 -45.92 39.71
C GLU F 203 22.60 -45.89 40.73
N ASN F 204 23.57 -44.99 40.59
CA ASN F 204 24.71 -44.92 41.50
C ASN F 204 24.57 -43.83 42.54
N PHE F 205 23.41 -43.18 42.61
CA PHE F 205 23.16 -42.11 43.59
C PHE F 205 22.07 -42.60 44.54
N LEU F 206 22.35 -42.53 45.84
CA LEU F 206 21.42 -43.04 46.85
C LEU F 206 21.00 -41.90 47.76
N VAL F 207 19.68 -41.77 47.95
CA VAL F 207 19.09 -40.75 48.80
C VAL F 207 18.06 -41.42 49.70
N ASP F 208 17.97 -40.95 50.94
CA ASP F 208 16.96 -41.48 51.85
C ASP F 208 15.57 -41.07 51.39
N ARG F 209 14.56 -41.79 51.89
CA ARG F 209 13.20 -41.66 51.39
C ARG F 209 12.40 -40.57 52.10
N LEU F 210 13.05 -39.68 52.84
CA LEU F 210 12.36 -38.59 53.53
C LEU F 210 12.98 -37.23 53.23
N ALA F 211 13.81 -37.14 52.20
CA ALA F 211 14.57 -35.92 51.95
C ALA F 211 13.70 -34.71 51.59
N THR F 212 13.03 -34.77 50.44
CA THR F 212 12.24 -33.70 49.85
C THR F 212 13.12 -32.58 49.29
N CYS F 213 14.43 -32.65 49.54
CA CYS F 213 15.42 -31.76 48.94
C CYS F 213 16.79 -32.20 49.44
N ILE F 214 17.84 -31.73 48.75
CA ILE F 214 19.19 -32.14 49.11
C ILE F 214 19.61 -31.52 50.44
N ASP F 215 19.27 -30.25 50.66
CA ASP F 215 19.80 -29.51 51.79
C ASP F 215 19.35 -30.03 53.15
N ASP F 216 18.33 -30.89 53.19
CA ASP F 216 17.86 -31.46 54.45
C ASP F 216 17.91 -32.98 54.46
N ALA F 217 18.52 -33.60 53.46
CA ALA F 217 18.61 -35.05 53.42
C ALA F 217 19.51 -35.55 54.54
N ARG F 218 19.05 -36.61 55.22
CA ARG F 218 19.83 -37.20 56.30
C ARG F 218 20.94 -38.09 55.79
N PHE F 219 20.85 -38.58 54.55
CA PHE F 219 21.84 -39.53 54.05
C PHE F 219 21.87 -39.48 52.54
N LEU F 220 23.01 -39.08 51.98
CA LEU F 220 23.28 -39.19 50.56
C LEU F 220 24.49 -40.08 50.38
N CYS F 221 24.54 -40.81 49.27
CA CYS F 221 25.75 -41.60 49.04
C CYS F 221 25.99 -41.79 47.55
N HIS F 222 27.27 -41.81 47.19
CA HIS F 222 27.73 -41.99 45.82
C HIS F 222 28.56 -43.26 45.75
N ARG F 223 28.19 -44.15 44.85
CA ARG F 223 28.88 -45.42 44.64
C ARG F 223 29.66 -45.34 43.34
N GLU F 224 30.94 -45.69 43.39
CA GLU F 224 31.77 -45.65 42.18
C GLU F 224 32.75 -46.80 42.22
N LYS F 225 33.59 -46.89 41.18
CA LYS F 225 34.53 -47.98 41.02
C LYS F 225 35.95 -47.44 41.05
N TYR F 226 36.81 -48.08 41.83
CA TYR F 226 38.21 -47.71 41.95
C TYR F 226 39.10 -48.89 41.55
N THR F 227 40.19 -48.58 40.87
CA THR F 227 41.19 -49.59 40.61
C THR F 227 42.19 -49.63 41.77
N VAL F 228 43.04 -50.67 41.77
CA VAL F 228 44.01 -50.81 42.85
C VAL F 228 45.01 -49.66 42.83
N SER F 229 45.34 -49.16 41.63
CA SER F 229 46.29 -48.05 41.54
C SER F 229 45.75 -46.80 42.23
N ASP F 230 44.47 -46.50 42.04
CA ASP F 230 43.89 -45.33 42.69
C ASP F 230 43.92 -45.48 44.21
N LEU F 231 43.59 -46.68 44.71
CA LEU F 231 43.63 -46.91 46.15
C LEU F 231 45.05 -46.77 46.69
N ARG F 232 46.04 -47.24 45.92
CA ARG F 232 47.44 -47.04 46.33
C ARG F 232 47.78 -45.57 46.39
N LEU F 233 47.34 -44.80 45.39
CA LEU F 233 47.59 -43.36 45.41
C LEU F 233 46.87 -42.68 46.57
N LEU F 234 45.79 -43.28 47.05
CA LEU F 234 45.07 -42.74 48.20
C LEU F 234 45.71 -43.11 49.53
N GLY F 235 46.71 -43.99 49.53
CA GLY F 235 47.41 -44.34 50.74
C GLY F 235 46.93 -45.60 51.45
N VAL F 236 46.11 -46.41 50.80
CA VAL F 236 45.61 -47.64 51.44
C VAL F 236 46.77 -48.61 51.64
N PRO F 237 46.92 -49.21 52.82
CA PRO F 237 48.02 -50.15 53.04
C PRO F 237 47.86 -51.42 52.21
N GLU F 238 49.00 -52.05 51.91
CA GLU F 238 49.01 -53.21 51.02
C GLU F 238 48.27 -54.39 51.63
N ASP F 239 48.43 -54.59 52.94
CA ASP F 239 47.79 -55.72 53.59
C ASP F 239 46.28 -55.65 53.47
N VAL F 240 45.71 -54.45 53.59
CA VAL F 240 44.28 -54.27 53.35
C VAL F 240 43.95 -54.55 51.88
N LEU F 241 44.81 -54.09 50.97
CA LEU F 241 44.56 -54.28 49.54
C LEU F 241 44.49 -55.76 49.19
N ASP F 242 45.30 -56.59 49.83
CA ASP F 242 45.30 -58.02 49.52
C ASP F 242 44.01 -58.71 49.93
N GLU F 243 43.19 -58.09 50.77
CA GLU F 243 41.99 -58.74 51.29
C GLU F 243 40.78 -57.84 51.05
N LEU F 244 40.62 -57.38 49.82
CA LEU F 244 39.44 -56.60 49.46
C LEU F 244 38.54 -57.41 48.53
N PRO F 245 37.24 -57.39 48.76
CA PRO F 245 36.31 -58.06 47.83
C PRO F 245 36.35 -57.38 46.47
N TYR F 246 36.67 -58.16 45.44
CA TYR F 246 36.81 -57.62 44.10
C TYR F 246 35.50 -57.63 43.33
N ASP F 247 34.39 -58.02 43.96
CA ASP F 247 33.06 -57.75 43.40
C ASP F 247 32.09 -57.55 44.56
N GLU F 248 31.96 -56.31 45.00
CA GLU F 248 30.86 -55.83 45.85
C GLU F 248 30.69 -56.55 47.18
N TYR F 249 29.72 -56.07 47.96
CA TYR F 249 29.12 -56.80 49.08
C TYR F 249 27.63 -57.00 48.92
N GLU F 250 26.96 -56.23 48.07
CA GLU F 250 25.50 -56.23 48.00
C GLU F 250 24.96 -56.55 46.62
N PHE F 251 25.81 -56.95 45.67
CA PHE F 251 25.38 -57.27 44.31
C PHE F 251 24.66 -56.08 43.66
N SER F 252 25.42 -55.00 43.48
CA SER F 252 24.89 -53.75 42.95
C SER F 252 25.18 -53.57 41.47
N ASP F 253 25.75 -54.59 40.83
CA ASP F 253 26.07 -54.51 39.41
C ASP F 253 24.91 -54.98 38.53
N SER F 254 23.78 -55.34 39.12
CA SER F 254 22.63 -55.84 38.39
C SER F 254 21.42 -54.92 38.56
N GLN F 255 21.66 -53.62 38.59
CA GLN F 255 20.56 -52.68 38.63
C GLN F 255 19.78 -52.73 37.31
N PRO F 256 18.44 -52.69 37.36
CA PRO F 256 17.67 -52.80 36.12
C PRO F 256 17.98 -51.72 35.10
N GLU F 257 18.25 -50.49 35.55
CA GLU F 257 18.58 -49.42 34.61
C GLU F 257 19.87 -49.73 33.87
N ARG F 258 20.88 -50.22 34.59
CA ARG F 258 22.14 -50.57 33.95
C ARG F 258 21.96 -51.69 32.94
N LEU F 259 21.17 -52.71 33.30
CA LEU F 259 20.93 -53.81 32.38
C LEU F 259 20.22 -53.35 31.12
N VAL F 260 19.22 -52.48 31.28
CA VAL F 260 18.50 -51.97 30.12
C VAL F 260 19.42 -51.14 29.24
N ARG F 261 20.24 -50.28 29.86
CA ARG F 261 21.14 -49.41 29.10
C ARG F 261 22.18 -50.22 28.35
N ASP F 262 22.73 -51.26 28.98
CA ASP F 262 23.80 -52.02 28.36
C ASP F 262 23.33 -52.99 27.29
N ASN F 263 22.04 -53.33 27.28
CA ASN F 263 21.52 -54.31 26.33
C ASN F 263 21.10 -53.69 25.01
N PHE F 264 21.22 -52.38 24.84
CA PHE F 264 20.87 -51.76 23.58
C PHE F 264 21.78 -52.26 22.46
N ASP F 265 23.08 -52.35 22.73
CA ASP F 265 24.04 -52.89 21.77
C ASP F 265 24.83 -54.07 22.35
N MET F 266 24.36 -54.65 23.44
CA MET F 266 24.99 -55.82 24.06
C MET F 266 26.46 -55.57 24.37
N THR F 267 26.75 -54.38 24.90
CA THR F 267 28.10 -53.98 25.26
C THR F 267 28.24 -53.79 26.77
N GLY F 268 27.60 -54.68 27.53
CA GLY F 268 27.68 -54.66 28.97
C GLY F 268 28.84 -55.48 29.48
N GLN F 269 28.73 -55.89 30.74
CA GLN F 269 29.75 -56.75 31.36
C GLN F 269 29.43 -58.22 31.18
N LEU F 270 29.20 -58.63 29.93
CA LEU F 270 29.01 -60.04 29.63
C LEU F 270 30.25 -60.86 29.96
N GLN F 271 31.43 -60.27 29.86
CA GLN F 271 32.69 -60.92 30.25
C GLN F 271 33.11 -60.31 31.58
N TYR F 272 33.30 -61.16 32.57
CA TYR F 272 33.79 -60.70 33.86
C TYR F 272 35.30 -60.49 33.81
N ASN F 273 35.79 -59.57 34.63
CA ASN F 273 37.19 -59.18 34.60
C ASN F 273 37.67 -59.04 36.03
N SER F 274 38.82 -58.38 36.22
CA SER F 274 39.50 -58.29 37.51
C SER F 274 39.83 -59.68 38.04
N GLY F 275 40.22 -60.58 37.15
CA GLY F 275 40.58 -61.93 37.51
C GLY F 275 42.08 -62.17 37.43
N ASP F 276 42.53 -62.80 36.35
CA ASP F 276 43.94 -63.11 36.15
C ASP F 276 44.63 -62.07 35.28
N ASP F 277 44.08 -60.86 35.19
CA ASP F 277 44.71 -59.78 34.45
C ASP F 277 45.81 -59.15 35.30
N ALA F 278 46.30 -57.98 34.88
CA ALA F 278 47.29 -57.27 35.66
C ALA F 278 46.73 -56.93 37.05
N GLU F 279 47.57 -57.12 38.07
CA GLU F 279 47.10 -56.97 39.44
C GLU F 279 46.72 -55.52 39.75
N ALA F 280 47.34 -54.55 39.08
CA ALA F 280 47.08 -53.15 39.37
C ALA F 280 45.79 -52.63 38.76
N ASN F 281 45.11 -53.43 37.93
CA ASN F 281 43.91 -53.00 37.24
C ASN F 281 42.64 -53.63 37.80
N ARG F 282 42.73 -54.34 38.92
CA ARG F 282 41.54 -54.90 39.54
C ARG F 282 40.65 -53.79 40.08
N GLU F 283 39.34 -53.98 39.96
CA GLU F 283 38.37 -52.96 40.31
C GLU F 283 37.54 -53.38 41.51
N VAL F 284 37.25 -52.42 42.39
CA VAL F 284 36.40 -52.62 43.55
C VAL F 284 35.38 -51.49 43.60
N TRP F 285 34.31 -51.73 44.34
CA TRP F 285 33.24 -50.75 44.51
C TRP F 285 33.45 -49.99 45.81
N ALA F 286 33.56 -48.67 45.70
CA ALA F 286 33.76 -47.81 46.86
C ALA F 286 32.55 -46.91 47.04
N SER F 287 32.27 -46.55 48.30
CA SER F 287 31.11 -45.74 48.64
C SER F 287 31.58 -44.53 49.43
N GLU F 288 31.13 -43.34 49.00
CA GLU F 288 31.33 -42.12 49.77
C GLU F 288 29.96 -41.59 50.15
N CYS F 289 29.65 -41.57 51.44
CA CYS F 289 28.36 -41.14 51.93
C CYS F 289 28.52 -39.87 52.77
N TYR F 290 27.63 -38.92 52.54
CA TYR F 290 27.50 -37.71 53.34
C TYR F 290 26.25 -37.85 54.20
N THR F 291 26.42 -37.78 55.51
CA THR F 291 25.29 -38.08 56.39
C THR F 291 25.42 -37.30 57.69
N LEU F 292 24.29 -37.14 58.37
CA LEU F 292 24.25 -36.52 59.68
C LEU F 292 24.45 -37.60 60.73
N LEU F 293 25.64 -37.62 61.32
CA LEU F 293 25.98 -38.63 62.32
C LEU F 293 26.75 -37.96 63.43
N ASP F 294 26.73 -38.55 64.62
CA ASP F 294 27.40 -38.00 65.79
C ASP F 294 28.47 -38.98 66.24
N VAL F 295 29.72 -38.72 65.84
CA VAL F 295 30.84 -39.53 66.30
C VAL F 295 31.71 -38.79 67.33
N ASP F 296 31.52 -37.48 67.49
CA ASP F 296 32.26 -36.76 68.52
C ASP F 296 31.87 -37.23 69.90
N GLY F 297 30.58 -37.50 70.11
CA GLY F 297 30.06 -37.81 71.42
C GLY F 297 29.47 -36.63 72.15
N ASP F 298 29.30 -35.49 71.49
CA ASP F 298 28.73 -34.31 72.11
C ASP F 298 27.22 -34.31 72.12
N GLY F 299 26.59 -35.32 71.54
CA GLY F 299 25.14 -35.42 71.52
C GLY F 299 24.46 -34.70 70.37
N ILE F 300 25.20 -34.00 69.53
CA ILE F 300 24.65 -33.30 68.39
C ILE F 300 25.22 -33.93 67.13
N SER F 301 24.34 -34.40 66.25
CA SER F 301 24.76 -35.03 65.02
C SER F 301 25.21 -33.98 64.01
N GLU F 302 26.40 -34.18 63.45
CA GLU F 302 26.99 -33.24 62.51
C GLU F 302 27.10 -33.87 61.14
N LEU F 303 27.28 -33.02 60.13
CA LEU F 303 27.45 -33.51 58.76
C LEU F 303 28.85 -34.08 58.60
N ARG F 304 28.92 -35.31 58.11
CA ARG F 304 30.19 -36.01 57.97
C ARG F 304 30.25 -36.69 56.61
N ARG F 305 31.47 -36.76 56.07
CA ARG F 305 31.76 -37.47 54.84
C ARG F 305 32.59 -38.69 55.17
N ILE F 306 32.10 -39.87 54.79
CA ILE F 306 32.79 -41.12 55.04
C ILE F 306 33.00 -41.81 53.71
N LEU F 307 34.26 -42.07 53.36
CA LEU F 307 34.63 -42.80 52.15
C LEU F 307 35.23 -44.13 52.57
N TYR F 308 34.65 -45.23 52.09
CA TYR F 308 35.12 -46.54 52.50
C TYR F 308 34.87 -47.56 51.39
N VAL F 309 35.67 -48.63 51.44
CA VAL F 309 35.54 -49.77 50.54
C VAL F 309 35.69 -51.03 51.36
N GLY F 310 34.86 -52.02 51.08
CA GLY F 310 34.89 -53.25 51.85
C GLY F 310 34.56 -52.98 53.31
N ASP F 311 35.43 -53.45 54.21
CA ASP F 311 35.28 -53.23 55.63
C ASP F 311 36.29 -52.24 56.19
N TYR F 312 36.98 -51.52 55.33
CA TYR F 312 38.03 -50.58 55.74
C TYR F 312 37.58 -49.17 55.39
N ILE F 313 37.70 -48.26 56.35
CA ILE F 313 37.34 -46.86 56.14
C ILE F 313 38.56 -46.10 55.65
N ILE F 314 38.46 -45.56 54.44
CA ILE F 314 39.54 -44.75 53.90
C ILE F 314 39.57 -43.38 54.55
N SER F 315 38.41 -42.74 54.69
CA SER F 315 38.34 -41.40 55.24
C SER F 315 37.05 -41.20 56.02
N ASN F 316 37.13 -40.42 57.10
CA ASN F 316 35.97 -40.12 57.93
C ASN F 316 36.20 -38.72 58.51
N GLU F 317 35.49 -37.73 57.97
CA GLU F 317 35.81 -36.36 58.34
C GLU F 317 34.57 -35.47 58.34
N PRO F 318 34.45 -34.55 59.30
CA PRO F 318 33.36 -33.58 59.22
C PRO F 318 33.48 -32.73 57.98
N TRP F 319 32.34 -32.42 57.37
CA TRP F 319 32.30 -31.72 56.09
C TRP F 319 31.49 -30.44 56.20
N ASP F 320 31.62 -29.58 55.19
CA ASP F 320 31.04 -28.26 55.22
C ASP F 320 29.78 -28.12 54.36
N CYS F 321 29.69 -28.83 53.24
CA CYS F 321 28.56 -28.67 52.34
C CYS F 321 28.32 -29.97 51.59
N ARG F 322 27.10 -30.09 51.04
CA ARG F 322 26.75 -31.22 50.21
C ARG F 322 27.00 -30.86 48.76
N PRO F 323 28.00 -31.43 48.09
CA PRO F 323 28.39 -30.96 46.76
C PRO F 323 27.62 -31.65 45.63
N PHE F 324 26.30 -31.47 45.63
CA PHE F 324 25.45 -32.04 44.60
C PHE F 324 24.44 -31.01 44.12
N ALA F 325 24.08 -31.09 42.85
CA ALA F 325 23.04 -30.26 42.27
C ALA F 325 22.04 -31.15 41.55
N ASP F 326 20.76 -30.94 41.80
CA ASP F 326 19.71 -31.79 41.25
C ASP F 326 18.71 -30.96 40.44
N LEU F 327 18.06 -31.65 39.51
CA LEU F 327 17.11 -31.04 38.60
C LEU F 327 15.87 -31.89 38.48
N ASN F 328 14.71 -31.22 38.49
CA ASN F 328 13.41 -31.81 38.24
C ASN F 328 12.74 -31.09 37.09
N ALA F 329 12.16 -31.86 36.17
CA ALA F 329 11.50 -31.27 35.00
C ALA F 329 10.04 -30.93 35.28
N TYR F 330 9.30 -31.88 35.86
CA TYR F 330 7.90 -31.68 36.23
C TYR F 330 7.82 -31.84 37.74
N ARG F 331 7.93 -30.72 38.46
CA ARG F 331 8.06 -30.76 39.90
C ARG F 331 6.71 -31.03 40.56
N ILE F 332 6.74 -31.87 41.59
CA ILE F 332 5.61 -32.08 42.50
C ILE F 332 5.96 -31.45 43.83
N ALA F 333 5.06 -30.64 44.37
CA ALA F 333 5.34 -29.93 45.61
C ALA F 333 5.65 -30.89 46.75
N HIS F 334 6.67 -30.55 47.53
CA HIS F 334 7.07 -31.31 48.72
C HIS F 334 7.47 -32.74 48.38
N LYS F 335 8.12 -32.93 47.23
CA LYS F 335 8.65 -34.23 46.84
C LYS F 335 10.04 -34.06 46.24
N PHE F 336 10.87 -35.09 46.39
CA PHE F 336 12.21 -35.03 45.84
C PHE F 336 12.23 -35.40 44.36
N HIS F 337 11.52 -36.45 43.98
CA HIS F 337 11.46 -36.90 42.60
C HIS F 337 10.18 -36.38 41.95
N GLY F 338 10.30 -35.81 40.77
CA GLY F 338 9.16 -35.33 40.02
C GLY F 338 8.60 -36.38 39.09
N MET F 339 7.94 -35.92 38.04
CA MET F 339 7.39 -36.79 37.02
C MET F 339 8.25 -36.71 35.76
N SER F 340 8.23 -37.79 34.99
CA SER F 340 8.93 -37.87 33.72
C SER F 340 7.92 -37.91 32.57
N VAL F 341 8.45 -37.88 31.35
CA VAL F 341 7.60 -37.96 30.17
C VAL F 341 6.90 -39.31 30.11
N TYR F 342 7.62 -40.37 30.48
CA TYR F 342 7.03 -41.71 30.49
C TYR F 342 5.81 -41.75 31.39
N ASP F 343 5.92 -41.19 32.60
CA ASP F 343 4.81 -41.20 33.54
C ASP F 343 3.59 -40.47 33.00
N LYS F 344 3.76 -39.65 31.98
CA LYS F 344 2.66 -38.89 31.42
C LYS F 344 2.09 -39.47 30.14
N ILE F 345 2.88 -40.20 29.34
CA ILE F 345 2.35 -40.67 28.07
C ILE F 345 2.55 -42.17 27.82
N ARG F 346 2.81 -42.93 28.88
CA ARG F 346 2.97 -44.37 28.71
C ARG F 346 1.71 -45.01 28.16
N ASP F 347 0.55 -44.65 28.70
CA ASP F 347 -0.70 -45.24 28.23
C ASP F 347 -0.97 -44.90 26.78
N ILE F 348 -0.68 -43.66 26.38
CA ILE F 348 -0.86 -43.27 24.99
C ILE F 348 0.01 -44.12 24.08
N GLN F 349 1.28 -44.31 24.47
CA GLN F 349 2.17 -45.12 23.66
C GLN F 349 1.63 -46.55 23.52
N GLU F 350 1.21 -47.14 24.64
CA GLU F 350 0.74 -48.52 24.61
C GLU F 350 -0.50 -48.67 23.72
N ILE F 351 -1.48 -47.79 23.90
CA ILE F 351 -2.72 -47.92 23.15
C ILE F 351 -2.48 -47.69 21.66
N ARG F 352 -1.66 -46.69 21.32
CA ARG F 352 -1.38 -46.46 19.92
C ARG F 352 -0.68 -47.66 19.30
N SER F 353 0.27 -48.25 20.02
CA SER F 353 0.95 -49.43 19.49
C SER F 353 -0.03 -50.59 19.28
N VAL F 354 -0.96 -50.80 20.23
CA VAL F 354 -1.91 -51.90 20.10
C VAL F 354 -2.79 -51.71 18.88
N LEU F 355 -3.33 -50.50 18.70
CA LEU F 355 -4.17 -50.23 17.53
C LEU F 355 -3.38 -50.39 16.25
N MET F 356 -2.13 -49.92 16.24
CA MET F 356 -1.32 -49.99 15.04
C MET F 356 -1.08 -51.44 14.66
N ARG F 357 -0.80 -52.28 15.66
CA ARG F 357 -0.64 -53.71 15.42
C ARG F 357 -1.91 -54.33 14.89
N ASN F 358 -3.07 -53.89 15.38
CA ASN F 358 -4.33 -54.43 14.86
C ASN F 358 -4.49 -54.12 13.38
N ILE F 359 -4.17 -52.89 12.98
CA ILE F 359 -4.25 -52.53 11.57
C ILE F 359 -3.28 -53.39 10.74
N MET F 360 -2.05 -53.57 11.25
CA MET F 360 -1.08 -54.39 10.53
C MET F 360 -1.56 -55.82 10.37
N ASP F 361 -2.13 -56.39 11.42
CA ASP F 361 -2.67 -57.75 11.34
C ASP F 361 -3.78 -57.83 10.29
N ASN F 362 -4.64 -56.82 10.24
CA ASN F 362 -5.70 -56.84 9.24
C ASN F 362 -5.15 -56.75 7.82
N ILE F 363 -4.14 -55.91 7.59
CA ILE F 363 -3.63 -55.72 6.24
C ILE F 363 -2.95 -56.99 5.72
N TYR F 364 -2.19 -57.66 6.59
CA TYR F 364 -1.37 -58.78 6.12
C TYR F 364 -2.20 -59.93 5.59
N ARG F 365 -3.43 -60.10 6.09
CA ARG F 365 -4.23 -61.27 5.75
C ARG F 365 -5.29 -60.98 4.68
N THR F 366 -5.22 -59.83 4.02
CA THR F 366 -6.24 -59.51 3.01
C THR F 366 -5.63 -58.94 1.73
N ASN F 367 -4.37 -59.25 1.42
CA ASN F 367 -3.73 -58.72 0.24
C ASN F 367 -3.40 -59.80 -0.79
N GLN F 368 -3.98 -60.99 -0.66
CA GLN F 368 -3.66 -62.07 -1.58
C GLN F 368 -4.44 -61.99 -2.89
N GLY F 369 -5.52 -61.22 -2.94
CA GLY F 369 -6.28 -61.06 -4.16
C GLY F 369 -6.93 -62.34 -4.66
N ARG F 370 -7.58 -63.07 -3.78
CA ARG F 370 -8.24 -64.30 -4.16
C ARG F 370 -9.57 -64.02 -4.86
N SER F 371 -10.08 -65.04 -5.54
CA SER F 371 -11.32 -64.91 -6.31
C SER F 371 -12.22 -66.11 -6.06
N VAL F 372 -13.53 -65.88 -6.23
CA VAL F 372 -14.57 -66.88 -5.99
C VAL F 372 -15.15 -67.29 -7.33
N VAL F 373 -15.30 -68.60 -7.52
CA VAL F 373 -15.68 -69.20 -8.79
C VAL F 373 -16.76 -70.24 -8.55
N LEU F 374 -17.82 -70.20 -9.36
CA LEU F 374 -18.84 -71.24 -9.32
C LEU F 374 -18.25 -72.57 -9.78
N ASP F 375 -18.43 -73.61 -8.98
CA ASP F 375 -17.90 -74.91 -9.34
C ASP F 375 -18.80 -75.58 -10.38
N GLY F 376 -18.20 -76.11 -11.44
CA GLY F 376 -18.93 -76.81 -12.47
C GLY F 376 -19.42 -75.94 -13.61
N GLN F 377 -19.26 -74.62 -13.52
CA GLN F 377 -19.71 -73.73 -14.57
C GLN F 377 -18.57 -72.99 -15.25
N VAL F 378 -17.34 -73.08 -14.75
CA VAL F 378 -16.22 -72.28 -15.23
C VAL F 378 -15.13 -73.23 -15.70
N ASN F 379 -14.56 -72.93 -16.87
CA ASN F 379 -13.43 -73.70 -17.40
C ASN F 379 -12.20 -73.39 -16.56
N LEU F 380 -11.86 -74.31 -15.65
CA LEU F 380 -10.73 -74.07 -14.75
C LEU F 380 -9.40 -74.05 -15.49
N GLU F 381 -9.26 -74.86 -16.54
CA GLU F 381 -8.03 -74.85 -17.32
C GLU F 381 -7.76 -73.48 -17.93
N ASP F 382 -8.80 -72.85 -18.49
CA ASP F 382 -8.64 -71.51 -19.04
C ASP F 382 -8.31 -70.49 -17.95
N LEU F 383 -8.98 -70.60 -16.80
CA LEU F 383 -8.78 -69.60 -15.75
C LEU F 383 -7.38 -69.70 -15.14
N LEU F 384 -6.84 -70.91 -15.04
CA LEU F 384 -5.55 -71.07 -14.38
C LEU F 384 -4.41 -70.46 -15.18
N THR F 385 -4.46 -70.53 -16.51
CA THR F 385 -3.39 -70.02 -17.36
C THR F 385 -3.69 -68.56 -17.67
N ASN F 386 -2.95 -67.67 -17.03
CA ASN F 386 -3.13 -66.24 -17.19
C ASN F 386 -2.17 -65.72 -18.26
N GLU F 387 -2.72 -65.38 -19.43
CA GLU F 387 -1.92 -64.87 -20.53
C GLU F 387 -2.57 -63.63 -21.10
N ALA F 388 -1.80 -62.91 -21.91
CA ALA F 388 -2.28 -61.64 -22.48
C ALA F 388 -3.45 -61.88 -23.42
N ALA F 389 -4.52 -61.11 -23.22
CA ALA F 389 -5.72 -61.18 -24.05
C ALA F 389 -6.30 -62.60 -24.08
N GLY F 390 -6.27 -63.28 -22.93
CA GLY F 390 -6.81 -64.61 -22.85
C GLY F 390 -8.33 -64.62 -22.81
N ILE F 391 -8.89 -65.82 -23.02
CA ILE F 391 -10.33 -66.02 -23.04
C ILE F 391 -10.67 -67.12 -22.04
N VAL F 392 -11.68 -66.87 -21.22
CA VAL F 392 -12.17 -67.83 -20.24
C VAL F 392 -13.60 -68.21 -20.64
N ARG F 393 -13.84 -69.49 -20.86
CA ARG F 393 -15.14 -69.98 -21.30
C ARG F 393 -15.97 -70.38 -20.09
N VAL F 394 -17.21 -69.90 -20.05
CA VAL F 394 -18.11 -70.13 -18.93
C VAL F 394 -19.47 -70.57 -19.45
N LYS F 395 -20.13 -71.45 -18.70
CA LYS F 395 -21.44 -71.95 -19.06
C LYS F 395 -22.59 -71.10 -18.52
N ALA F 396 -22.37 -70.35 -17.44
CA ALA F 396 -23.43 -69.53 -16.85
C ALA F 396 -22.80 -68.24 -16.35
N MET F 397 -23.48 -67.13 -16.59
CA MET F 397 -22.78 -65.87 -16.43
C MET F 397 -22.88 -65.44 -14.96
N ASN F 398 -22.13 -64.41 -14.59
CA ASN F 398 -21.99 -63.99 -13.19
C ASN F 398 -21.49 -65.15 -12.33
N SER F 399 -20.30 -65.64 -12.68
CA SER F 399 -19.76 -66.83 -12.03
C SER F 399 -18.36 -66.65 -11.44
N ILE F 400 -17.67 -65.56 -11.75
CA ILE F 400 -16.33 -65.30 -11.23
C ILE F 400 -16.33 -63.90 -10.65
N MET F 401 -15.96 -63.77 -9.37
CA MET F 401 -15.83 -62.42 -8.86
C MET F 401 -14.75 -62.35 -7.78
N PRO F 402 -14.12 -61.21 -7.57
CA PRO F 402 -13.12 -61.11 -6.51
C PRO F 402 -13.71 -61.34 -5.13
N LEU F 403 -12.92 -61.98 -4.27
CA LEU F 403 -13.37 -62.26 -2.92
C LEU F 403 -13.50 -60.98 -2.12
N GLU F 404 -14.58 -60.87 -1.34
CA GLU F 404 -14.84 -59.70 -0.53
C GLU F 404 -14.18 -59.87 0.83
N THR F 405 -13.21 -59.03 1.12
CA THR F 405 -12.47 -59.17 2.36
C THR F 405 -12.96 -58.17 3.40
N PRO F 406 -12.96 -58.56 4.67
CA PRO F 406 -13.40 -57.63 5.72
C PRO F 406 -12.45 -56.44 5.84
N GLN F 407 -13.02 -55.30 6.23
CA GLN F 407 -12.28 -54.08 6.42
C GLN F 407 -12.62 -53.46 7.75
N LEU F 408 -11.64 -52.81 8.37
CA LEU F 408 -11.86 -52.14 9.64
C LEU F 408 -12.59 -50.83 9.43
N SER F 409 -13.36 -50.43 10.44
CA SER F 409 -14.12 -49.19 10.37
C SER F 409 -13.21 -47.98 10.61
N GLY F 410 -13.77 -46.80 10.41
CA GLY F 410 -13.02 -45.57 10.59
C GLY F 410 -12.80 -45.18 12.03
N GLU F 411 -13.42 -45.90 12.96
CA GLU F 411 -13.25 -45.59 14.38
C GLU F 411 -11.79 -45.72 14.80
N VAL F 412 -11.08 -46.70 14.25
CA VAL F 412 -9.69 -46.93 14.63
C VAL F 412 -8.81 -45.75 14.19
N TYR F 413 -8.99 -45.29 12.95
CA TYR F 413 -8.19 -44.17 12.47
C TYR F 413 -8.54 -42.88 13.20
N GLY F 414 -9.83 -42.65 13.45
CA GLY F 414 -10.23 -41.52 14.26
C GLY F 414 -9.60 -41.56 15.64
N MET F 415 -9.53 -42.76 16.22
CA MET F 415 -8.86 -42.91 17.51
C MET F 415 -7.37 -42.62 17.44
N LEU F 416 -6.70 -43.07 16.38
CA LEU F 416 -5.28 -42.76 16.24
C LEU F 416 -5.06 -41.25 16.22
N ASP F 417 -5.87 -40.54 15.41
CA ASP F 417 -5.74 -39.09 15.36
C ASP F 417 -6.04 -38.45 16.71
N ARG F 418 -7.08 -38.93 17.40
CA ARG F 418 -7.45 -38.35 18.68
C ARG F 418 -6.37 -38.56 19.72
N LEU F 419 -5.75 -39.74 19.73
CA LEU F 419 -4.67 -40.00 20.68
C LEU F 419 -3.46 -39.14 20.39
N GLU F 420 -3.14 -38.93 19.11
CA GLU F 420 -2.05 -38.01 18.78
C GLU F 420 -2.34 -36.61 19.29
N ALA F 421 -3.58 -36.12 19.07
CA ALA F 421 -3.94 -34.80 19.56
C ALA F 421 -3.87 -34.72 21.07
N ASP F 422 -4.30 -35.79 21.76
CA ASP F 422 -4.25 -35.80 23.22
C ASP F 422 -2.82 -35.75 23.73
N ARG F 423 -1.91 -36.48 23.08
CA ARG F 423 -0.51 -36.40 23.47
C ARG F 423 0.02 -34.99 23.27
N GLY F 424 -0.34 -34.36 22.14
CA GLY F 424 0.07 -32.99 21.92
C GLY F 424 -0.42 -32.05 23.01
N LYS F 425 -1.67 -32.21 23.42
CA LYS F 425 -2.21 -31.38 24.50
C LYS F 425 -1.49 -31.64 25.81
N ARG F 426 -1.22 -32.91 26.12
CA ARG F 426 -0.66 -33.27 27.41
C ARG F 426 0.78 -32.81 27.56
N THR F 427 1.63 -33.06 26.57
CA THR F 427 3.03 -32.70 26.68
C THR F 427 3.28 -31.21 26.45
N GLY F 428 2.41 -30.55 25.69
CA GLY F 428 2.59 -29.15 25.38
C GLY F 428 3.38 -28.86 24.12
N ILE F 429 3.98 -29.88 23.50
CA ILE F 429 4.75 -29.71 22.28
C ILE F 429 4.17 -30.61 21.21
N THR F 430 4.02 -30.06 20.00
CA THR F 430 3.46 -30.81 18.89
C THR F 430 4.37 -30.75 17.67
N ASP F 431 3.87 -31.22 16.53
CA ASP F 431 4.65 -31.21 15.31
C ASP F 431 4.90 -29.78 14.81
N ARG F 432 3.90 -28.91 14.92
CA ARG F 432 3.97 -27.58 14.34
C ARG F 432 4.38 -26.50 15.34
N THR F 433 4.76 -26.88 16.56
CA THR F 433 5.17 -25.88 17.54
C THR F 433 6.51 -25.27 17.17
N ARG F 434 6.63 -23.97 17.36
CA ARG F 434 7.90 -23.30 17.17
C ARG F 434 8.84 -23.61 18.32
N GLY F 435 10.14 -23.52 18.04
CA GLY F 435 11.13 -23.73 19.07
C GLY F 435 11.27 -22.53 20.00
N LEU F 436 11.91 -22.78 21.14
CA LEU F 436 12.16 -21.72 22.10
C LEU F 436 13.17 -20.72 21.55
N ASP F 437 12.91 -19.44 21.78
CA ASP F 437 13.86 -18.41 21.38
C ASP F 437 15.09 -18.46 22.28
N GLN F 438 16.24 -18.16 21.70
CA GLN F 438 17.50 -18.24 22.42
C GLN F 438 17.70 -17.11 23.41
N ASN F 439 16.74 -16.18 23.52
CA ASN F 439 16.80 -15.10 24.50
C ASN F 439 15.58 -15.11 25.40
N THR F 440 15.04 -16.29 25.69
CA THR F 440 13.80 -16.39 26.47
C THR F 440 13.99 -15.88 27.89
N LEU F 441 15.11 -16.22 28.52
CA LEU F 441 15.33 -15.91 29.93
C LEU F 441 15.98 -14.56 30.15
N HIS F 442 16.22 -13.79 29.10
CA HIS F 442 16.93 -12.53 29.25
C HIS F 442 16.14 -11.52 30.04
N SER F 443 16.81 -10.84 30.96
CA SER F 443 16.29 -9.60 31.53
C SER F 443 16.59 -8.47 30.55
N ASN F 444 15.75 -7.43 30.57
CA ASN F 444 15.79 -6.37 29.57
C ASN F 444 15.59 -6.92 28.17
N GLN F 445 14.82 -8.02 28.07
CA GLN F 445 14.71 -8.77 26.82
C GLN F 445 14.02 -7.96 25.73
N ALA F 446 13.01 -7.17 26.10
CA ALA F 446 11.99 -6.70 25.16
C ALA F 446 11.44 -7.92 24.42
N ALA F 447 11.54 -7.92 23.09
CA ALA F 447 11.29 -9.10 22.27
C ALA F 447 10.00 -9.82 22.67
N MET F 448 8.88 -9.13 22.44
CA MET F 448 7.58 -9.70 22.78
C MET F 448 7.26 -11.00 22.02
N SER F 449 8.16 -11.49 21.15
CA SER F 449 8.02 -12.83 20.60
C SER F 449 8.01 -13.86 21.73
N VAL F 450 7.61 -15.09 21.37
CA VAL F 450 7.36 -16.20 22.29
C VAL F 450 6.05 -15.93 23.05
N ASN F 451 5.74 -14.65 23.28
CA ASN F 451 4.43 -14.26 23.78
C ASN F 451 3.42 -14.06 22.66
N GLN F 452 3.84 -13.52 21.52
CA GLN F 452 2.95 -13.43 20.37
C GLN F 452 2.54 -14.81 19.88
N LEU F 453 3.52 -15.68 19.67
CA LEU F 453 3.28 -17.08 19.37
C LEU F 453 3.27 -17.86 20.68
N MET F 454 3.37 -19.18 20.61
CA MET F 454 3.57 -20.02 21.79
C MET F 454 2.42 -19.85 22.79
N THR F 455 1.27 -20.36 22.39
CA THR F 455 0.08 -20.32 23.23
C THR F 455 0.33 -20.97 24.59
N ALA F 456 -0.64 -20.80 25.48
CA ALA F 456 -0.44 -21.16 26.89
C ALA F 456 -0.06 -22.62 27.06
N ALA F 457 -0.61 -23.50 26.23
CA ALA F 457 -0.27 -24.92 26.35
C ALA F 457 1.20 -25.17 26.06
N GLU F 458 1.74 -24.50 25.05
CA GLU F 458 3.13 -24.70 24.66
C GLU F 458 4.11 -24.02 25.63
N GLN F 459 3.69 -22.92 26.26
CA GLN F 459 4.56 -22.25 27.22
C GLN F 459 5.02 -23.16 28.34
N GLN F 460 4.44 -24.36 28.47
CA GLN F 460 4.93 -25.33 29.42
C GLN F 460 6.43 -25.53 29.24
N ILE F 461 6.88 -25.68 27.99
CA ILE F 461 8.31 -25.85 27.74
C ILE F 461 9.09 -24.69 28.31
N ASP F 462 8.60 -23.47 28.10
CA ASP F 462 9.25 -22.29 28.66
C ASP F 462 9.44 -22.46 30.16
N LEU F 463 8.41 -22.94 30.85
CA LEU F 463 8.50 -23.09 32.29
C LEU F 463 9.68 -23.97 32.67
N ILE F 464 9.90 -25.05 31.93
CA ILE F 464 11.03 -25.93 32.20
C ILE F 464 12.32 -25.13 32.17
N ALA F 465 12.51 -24.35 31.11
CA ALA F 465 13.72 -23.54 31.00
C ALA F 465 13.88 -22.59 32.18
N ARG F 466 12.75 -22.12 32.74
CA ARG F 466 12.85 -21.29 33.92
C ARG F 466 13.23 -22.11 35.15
N MET F 467 12.59 -23.27 35.33
CA MET F 467 12.84 -24.04 36.54
C MET F 467 14.27 -24.55 36.61
N PHE F 468 14.85 -24.90 35.47
CA PHE F 468 16.25 -25.29 35.45
C PHE F 468 17.15 -24.12 35.85
N ALA F 469 16.78 -22.92 35.45
CA ALA F 469 17.66 -21.77 35.67
C ALA F 469 17.68 -21.33 37.13
N GLU F 470 16.53 -21.37 37.80
CA GLU F 470 16.43 -20.83 39.15
C GLU F 470 16.72 -21.84 40.24
N THR F 471 16.80 -23.13 39.91
CA THR F 471 16.98 -24.16 40.93
C THR F 471 18.30 -24.90 40.82
N GLY F 472 18.60 -25.50 39.66
CA GLY F 472 19.73 -26.39 39.56
C GLY F 472 21.01 -25.74 39.06
N VAL F 473 20.94 -25.08 37.92
CA VAL F 473 22.14 -24.51 37.31
C VAL F 473 22.70 -23.39 38.19
N LYS F 474 21.81 -22.60 38.78
CA LYS F 474 22.26 -21.56 39.70
C LYS F 474 23.01 -22.15 40.88
N ARG F 475 22.48 -23.23 41.46
CA ARG F 475 23.17 -23.89 42.56
C ARG F 475 24.52 -24.44 42.13
N LEU F 476 24.56 -25.03 40.92
CA LEU F 476 25.81 -25.56 40.40
C LEU F 476 26.88 -24.48 40.33
N PHE F 477 26.53 -23.32 39.77
CA PHE F 477 27.55 -22.30 39.60
C PHE F 477 27.87 -21.57 40.90
N GLN F 478 26.91 -21.51 41.84
CA GLN F 478 27.24 -21.02 43.17
C GLN F 478 28.24 -21.95 43.86
N LEU F 479 28.05 -23.26 43.71
CA LEU F 479 29.01 -24.21 44.27
C LEU F 479 30.38 -24.04 43.62
N LEU F 480 30.41 -23.84 42.30
CA LEU F 480 31.68 -23.66 41.61
C LEU F 480 32.41 -22.42 42.13
N HIS F 481 31.68 -21.31 42.30
CA HIS F 481 32.30 -20.09 42.82
C HIS F 481 32.81 -20.29 44.24
N ASP F 482 32.02 -20.97 45.09
CA ASP F 482 32.45 -21.21 46.46
C ASP F 482 33.70 -22.07 46.50
N HIS F 483 33.76 -23.12 45.69
CA HIS F 483 34.95 -23.96 45.65
C HIS F 483 36.15 -23.18 45.12
N ALA F 484 35.93 -22.29 44.15
CA ALA F 484 37.03 -21.49 43.62
C ALA F 484 37.60 -20.58 44.69
N ILE F 485 36.75 -19.95 45.50
CA ILE F 485 37.25 -19.01 46.50
C ILE F 485 37.69 -19.68 47.80
N LYS F 486 37.31 -20.94 48.04
CA LYS F 486 37.73 -21.59 49.28
C LYS F 486 39.09 -22.25 49.13
N TYR F 487 39.27 -23.06 48.10
CA TYR F 487 40.55 -23.71 47.80
C TYR F 487 41.23 -22.87 46.72
N GLN F 488 41.85 -21.77 47.14
CA GLN F 488 42.41 -20.83 46.19
C GLN F 488 43.69 -21.37 45.59
N ASN F 489 43.86 -21.11 44.29
CA ASN F 489 45.06 -21.51 43.54
C ASN F 489 45.48 -20.32 42.68
N GLN F 490 46.30 -19.44 43.24
CA GLN F 490 46.86 -18.37 42.44
C GLN F 490 47.96 -18.92 41.54
N GLU F 491 48.42 -18.07 40.62
CA GLU F 491 49.42 -18.41 39.61
C GLU F 491 48.80 -19.34 38.57
N GLU F 492 47.54 -19.73 38.79
CA GLU F 492 46.72 -20.25 37.71
C GLU F 492 45.79 -19.17 37.18
N VAL F 493 45.12 -18.48 38.10
CA VAL F 493 44.33 -17.31 37.72
C VAL F 493 45.24 -16.25 37.11
N PHE F 494 46.45 -16.11 37.64
CA PHE F 494 47.40 -15.16 37.07
C PHE F 494 47.80 -15.55 35.66
N GLN F 495 48.05 -16.84 35.43
CA GLN F 495 48.37 -17.29 34.09
C GLN F 495 47.20 -17.07 33.14
N LEU F 496 45.97 -17.23 33.62
CA LEU F 496 44.81 -17.06 32.75
C LEU F 496 44.58 -15.59 32.41
N ARG F 497 44.67 -14.70 33.41
CA ARG F 497 44.27 -13.31 33.24
C ARG F 497 45.41 -12.32 33.23
N GLY F 498 46.56 -12.65 33.82
CA GLY F 498 47.64 -11.70 33.95
C GLY F 498 47.54 -10.79 35.15
N LYS F 499 46.56 -10.99 36.01
CA LYS F 499 46.42 -10.20 37.23
C LYS F 499 45.70 -11.04 38.27
N TRP F 500 45.85 -10.65 39.53
CA TRP F 500 45.30 -11.42 40.64
C TRP F 500 44.62 -10.49 41.64
N VAL F 501 43.48 -10.93 42.15
CA VAL F 501 42.70 -10.19 43.14
C VAL F 501 42.52 -11.07 44.37
N ALA F 502 42.93 -10.56 45.52
CA ALA F 502 42.80 -11.30 46.77
C ALA F 502 41.36 -11.27 47.27
N ILE F 503 40.85 -12.44 47.67
CA ILE F 503 39.47 -12.58 48.10
C ILE F 503 39.46 -13.29 49.45
N ASN F 504 38.95 -12.62 50.47
CA ASN F 504 38.87 -13.23 51.79
C ASN F 504 37.71 -14.21 51.83
N PRO F 505 37.94 -15.49 52.07
CA PRO F 505 36.85 -16.47 52.04
C PRO F 505 36.17 -16.65 53.38
N ALA F 506 36.39 -15.72 54.30
CA ALA F 506 35.84 -15.87 55.65
C ALA F 506 34.32 -15.89 55.63
N ASN F 507 33.70 -15.05 54.82
CA ASN F 507 32.25 -14.92 54.75
C ASN F 507 31.66 -15.60 53.52
N TRP F 508 32.23 -16.75 53.13
CA TRP F 508 31.74 -17.43 51.93
C TRP F 508 30.30 -17.90 52.09
N ARG F 509 29.87 -18.16 53.32
CA ARG F 509 28.51 -18.65 53.56
C ARG F 509 27.45 -17.57 53.41
N GLU F 510 27.84 -16.30 53.31
CA GLU F 510 26.88 -15.21 53.25
C GLU F 510 26.46 -14.85 51.83
N ARG F 511 27.30 -15.10 50.84
CA ARG F 511 27.00 -14.79 49.44
C ARG F 511 26.62 -13.32 49.28
N SER F 512 27.41 -12.44 49.89
CA SER F 512 27.09 -11.03 49.97
C SER F 512 27.83 -10.18 48.94
N ASP F 513 28.51 -10.80 47.98
CA ASP F 513 29.30 -10.06 47.01
C ASP F 513 28.79 -10.15 45.59
N LEU F 514 28.57 -11.36 45.08
CA LEU F 514 28.18 -11.56 43.69
C LEU F 514 26.81 -12.20 43.62
N THR F 515 26.05 -11.85 42.58
CA THR F 515 24.81 -12.54 42.27
C THR F 515 25.03 -13.35 40.99
N VAL F 516 24.55 -14.59 41.00
CA VAL F 516 24.76 -15.51 39.90
C VAL F 516 23.67 -15.31 38.86
N THR F 517 24.05 -15.17 37.60
CA THR F 517 23.12 -15.16 36.50
C THR F 517 23.55 -16.29 35.58
N VAL F 518 23.07 -17.50 35.90
CA VAL F 518 23.00 -18.56 34.91
C VAL F 518 21.95 -18.23 33.86
N GLY F 519 21.13 -17.23 34.15
CA GLY F 519 20.37 -16.54 33.13
C GLY F 519 21.28 -16.30 31.96
N ILE F 520 20.88 -16.86 30.82
CA ILE F 520 21.69 -17.06 29.64
C ILE F 520 22.41 -15.79 29.16
N GLY F 521 23.73 -15.88 29.04
CA GLY F 521 24.53 -14.78 28.55
C GLY F 521 24.63 -14.75 27.04
N ASN F 522 23.47 -14.79 26.39
CA ASN F 522 23.36 -14.78 24.93
C ASN F 522 23.45 -13.36 24.38
N MET F 523 22.94 -13.14 23.17
CA MET F 523 23.16 -11.90 22.43
C MET F 523 22.53 -10.71 23.15
N ASN F 524 23.21 -10.28 24.21
CA ASN F 524 23.01 -8.97 24.78
C ASN F 524 23.96 -7.92 24.21
N LYS F 525 25.02 -8.35 23.52
CA LYS F 525 26.13 -7.47 23.19
C LYS F 525 25.68 -6.19 22.52
N ASP F 526 24.73 -6.29 21.58
CA ASP F 526 24.28 -5.10 20.88
C ASP F 526 23.68 -4.08 21.84
N GLN F 527 23.07 -4.57 22.93
CA GLN F 527 22.44 -3.67 23.88
C GLN F 527 23.45 -2.71 24.51
N GLN F 528 24.42 -3.25 25.25
CA GLN F 528 25.39 -2.35 25.87
C GLN F 528 26.33 -1.72 24.85
N MET F 529 26.42 -2.26 23.63
CA MET F 529 27.33 -1.63 22.67
C MET F 529 26.67 -0.36 22.12
N LEU F 530 25.36 -0.43 21.85
CA LEU F 530 24.61 0.78 21.56
C LEU F 530 24.61 1.72 22.77
N HIS F 531 24.60 1.15 23.98
CA HIS F 531 24.74 1.97 25.18
C HIS F 531 26.08 2.69 25.19
N LEU F 532 27.12 2.05 24.68
CA LEU F 532 28.41 2.72 24.54
C LEU F 532 28.33 3.84 23.52
N MET F 533 27.62 3.60 22.41
CA MET F 533 27.36 4.68 21.45
C MET F 533 26.79 5.92 22.12
N ARG F 534 25.63 5.76 22.79
CA ARG F 534 25.01 6.89 23.47
C ARG F 534 25.90 7.49 24.56
N ILE F 535 26.65 6.67 25.28
CA ILE F 535 27.51 7.19 26.34
C ILE F 535 28.62 8.05 25.74
N TRP F 536 29.19 7.61 24.62
CA TRP F 536 30.21 8.41 23.95
C TRP F 536 29.62 9.71 23.43
N GLU F 537 28.37 9.67 22.96
CA GLU F 537 27.71 10.92 22.56
C GLU F 537 27.57 11.86 23.74
N MET F 538 27.16 11.35 24.89
CA MET F 538 27.05 12.20 26.08
C MET F 538 28.41 12.77 26.47
N ALA F 539 29.46 11.96 26.39
CA ALA F 539 30.81 12.45 26.71
C ALA F 539 31.22 13.57 25.77
N GLN F 540 30.93 13.41 24.48
CA GLN F 540 31.23 14.47 23.52
C GLN F 540 30.47 15.74 23.87
N ALA F 541 29.19 15.61 24.24
CA ALA F 541 28.41 16.78 24.61
C ALA F 541 29.00 17.48 25.83
N VAL F 542 29.41 16.71 26.84
CA VAL F 542 29.97 17.31 28.05
C VAL F 542 31.29 18.01 27.73
N VAL F 543 32.13 17.39 26.89
CA VAL F 543 33.39 18.01 26.50
C VAL F 543 33.12 19.32 25.77
N GLY F 544 32.16 19.31 24.83
CA GLY F 544 31.80 20.52 24.13
C GLY F 544 31.17 21.57 25.03
N GLY F 545 30.65 21.17 26.18
CA GLY F 545 30.12 22.10 27.14
C GLY F 545 31.14 22.80 28.00
N GLY F 546 32.42 22.53 27.81
CA GLY F 546 33.46 23.18 28.55
C GLY F 546 33.73 22.56 29.91
N GLY F 547 33.83 21.23 29.94
CA GLY F 547 34.04 20.52 31.18
C GLY F 547 35.25 19.64 31.27
N LEU F 548 36.08 19.58 30.23
CA LEU F 548 37.21 18.65 30.23
C LEU F 548 38.12 18.88 31.42
N GLY F 549 38.51 17.80 32.09
CA GLY F 549 39.38 17.84 33.23
C GLY F 549 38.69 17.89 34.57
N VAL F 550 37.64 18.71 34.70
CA VAL F 550 36.85 18.75 35.92
C VAL F 550 35.58 17.93 35.80
N LEU F 551 35.07 17.72 34.60
CA LEU F 551 33.81 17.03 34.38
C LEU F 551 34.00 15.63 33.83
N VAL F 552 34.87 15.46 32.84
CA VAL F 552 35.33 14.16 32.38
C VAL F 552 36.83 14.25 32.16
N SER F 553 37.54 13.18 32.48
CA SER F 553 38.97 13.13 32.27
C SER F 553 39.31 12.40 30.98
N GLU F 554 40.55 12.57 30.52
CA GLU F 554 41.00 11.85 29.33
C GLU F 554 41.02 10.35 29.58
N GLN F 555 41.29 9.93 30.82
CA GLN F 555 41.25 8.51 31.13
C GLN F 555 39.84 7.95 30.95
N ASN F 556 38.82 8.74 31.24
CA ASN F 556 37.44 8.28 31.04
C ASN F 556 37.16 8.05 29.56
N LEU F 557 37.59 8.98 28.71
CA LEU F 557 37.41 8.80 27.27
C LEU F 557 38.20 7.60 26.76
N TYR F 558 39.40 7.41 27.29
CA TYR F 558 40.20 6.27 26.90
C TYR F 558 39.53 4.96 27.31
N ASN F 559 38.92 4.93 28.49
CA ASN F 559 38.18 3.74 28.93
C ASN F 559 36.98 3.48 28.03
N ILE F 560 36.26 4.53 27.65
CA ILE F 560 35.12 4.35 26.75
C ILE F 560 35.58 3.79 25.42
N LEU F 561 36.67 4.33 24.87
CA LEU F 561 37.19 3.85 23.60
C LEU F 561 37.65 2.40 23.70
N LYS F 562 38.30 2.05 24.81
CA LYS F 562 38.70 0.66 25.02
C LYS F 562 37.50 -0.26 25.04
N GLU F 563 36.44 0.14 25.75
CA GLU F 563 35.26 -0.70 25.83
C GLU F 563 34.63 -0.90 24.46
N VAL F 564 34.53 0.19 23.68
CA VAL F 564 33.94 0.10 22.35
C VAL F 564 34.78 -0.82 21.47
N THR F 565 36.10 -0.66 21.49
CA THR F 565 36.97 -1.47 20.65
C THR F 565 36.90 -2.94 21.04
N GLU F 566 36.90 -3.23 22.35
CA GLU F 566 36.83 -4.61 22.79
C GLU F 566 35.50 -5.24 22.42
N ASN F 567 34.40 -4.48 22.55
CA ASN F 567 33.11 -5.00 22.12
C ASN F 567 33.07 -5.23 20.63
N ALA F 568 33.80 -4.43 19.85
CA ALA F 568 33.84 -4.63 18.40
C ALA F 568 34.49 -5.96 18.03
N GLY F 569 35.44 -6.43 18.83
CA GLY F 569 36.06 -7.71 18.57
C GLY F 569 37.57 -7.70 18.60
N TYR F 570 38.17 -6.55 18.90
CA TYR F 570 39.62 -6.41 18.95
C TYR F 570 40.04 -6.39 20.41
N LYS F 571 40.80 -7.41 20.83
CA LYS F 571 41.17 -7.52 22.23
C LYS F 571 42.25 -6.52 22.60
N ASP F 572 43.20 -6.27 21.69
CA ASP F 572 44.28 -5.34 21.98
C ASP F 572 43.82 -3.94 21.59
N PRO F 573 43.68 -3.00 22.54
CA PRO F 573 43.22 -1.66 22.20
C PRO F 573 44.31 -0.68 21.83
N ASP F 574 45.57 -0.99 22.10
CA ASP F 574 46.66 -0.07 21.79
C ASP F 574 46.94 0.03 20.30
N ARG F 575 46.38 -0.86 19.48
CA ARG F 575 46.58 -0.77 18.04
C ARG F 575 45.82 0.42 17.45
N PHE F 576 44.70 0.80 18.05
CA PHE F 576 43.87 1.87 17.52
C PHE F 576 43.84 3.12 18.39
N TRP F 577 44.31 3.05 19.62
CA TRP F 577 44.24 4.20 20.53
C TRP F 577 45.54 4.33 21.28
N THR F 578 45.76 5.51 21.86
CA THR F 578 46.94 5.84 22.62
C THR F 578 46.55 6.10 24.07
N ASN F 579 47.23 5.46 24.99
CA ASN F 579 46.96 5.68 26.41
C ASN F 579 47.39 7.08 26.80
N PRO F 580 46.50 7.91 27.37
CA PRO F 580 46.90 9.27 27.76
C PRO F 580 47.94 9.31 28.87
N ASP F 581 48.15 8.22 29.60
CA ASP F 581 49.15 8.17 30.64
C ASP F 581 50.51 7.70 30.14
N SER F 582 50.61 7.32 28.87
CA SER F 582 51.88 6.90 28.32
C SER F 582 52.83 8.09 28.20
N PRO F 583 54.14 7.86 28.31
CA PRO F 583 55.09 8.99 28.26
C PRO F 583 55.01 9.82 27.00
N GLU F 584 54.70 9.20 25.85
CA GLU F 584 54.52 9.97 24.62
C GLU F 584 53.36 10.93 24.74
N ALA F 585 52.26 10.50 25.37
CA ALA F 585 51.14 11.38 25.59
C ALA F 585 51.51 12.54 26.52
N GLN F 586 52.30 12.25 27.56
CA GLN F 586 52.76 13.32 28.45
C GLN F 586 53.60 14.32 27.69
N GLN F 587 54.49 13.84 26.82
CA GLN F 587 55.30 14.75 26.01
C GLN F 587 54.43 15.60 25.10
N ALA F 588 53.41 14.99 24.48
CA ALA F 588 52.52 15.74 23.61
C ALA F 588 51.76 16.81 24.38
N LYS F 589 51.27 16.48 25.58
CA LYS F 589 50.59 17.47 26.39
C LYS F 589 51.54 18.59 26.80
N ALA F 590 52.79 18.25 27.12
CA ALA F 590 53.76 19.27 27.47
C ALA F 590 54.00 20.22 26.30
N ILE F 591 54.15 19.68 25.09
CA ILE F 591 54.36 20.53 23.92
C ILE F 591 53.14 21.41 23.68
N ARG F 592 51.95 20.84 23.80
CA ARG F 592 50.73 21.62 23.57
C ARG F 592 50.62 22.75 24.58
N GLU F 593 50.91 22.47 25.86
CA GLU F 593 50.87 23.52 26.87
C GLU F 593 51.92 24.59 26.62
N GLN F 594 53.12 24.17 26.20
CA GLN F 594 54.18 25.13 25.90
C GLN F 594 53.81 26.01 24.72
N LYS F 595 53.03 25.50 23.77
CA LYS F 595 52.60 26.32 22.65
C LYS F 595 51.54 27.34 23.03
N GLU F 596 51.24 27.53 24.31
CA GLU F 596 50.29 28.53 24.78
C GLU F 596 51.01 29.67 25.50
N ALA F 597 52.16 30.07 24.97
CA ALA F 597 52.96 31.11 25.62
C ALA F 597 52.24 32.44 25.64
N GLN F 598 51.77 32.90 24.48
CA GLN F 598 51.14 34.21 24.39
C GLN F 598 50.34 34.37 23.10
N PRO F 599 49.09 34.82 23.18
CA PRO F 599 48.33 35.12 21.96
C PRO F 599 48.80 36.40 21.29
N LYS F 600 48.10 36.78 20.22
CA LYS F 600 48.55 37.83 19.31
C LYS F 600 48.56 39.23 19.93
N PRO F 601 47.51 39.68 20.68
CA PRO F 601 47.54 41.08 21.16
C PRO F 601 48.23 41.33 22.50
N GLU F 602 48.88 40.31 23.07
CA GLU F 602 49.32 40.40 24.46
C GLU F 602 50.35 41.52 24.65
N ASP F 603 51.45 41.45 23.91
CA ASP F 603 52.44 42.51 24.02
C ASP F 603 51.92 43.83 23.47
N ILE F 604 50.92 43.81 22.58
CA ILE F 604 50.31 45.06 22.15
C ILE F 604 49.67 45.78 23.34
N LYS F 605 48.92 45.05 24.16
CA LYS F 605 48.26 45.68 25.29
C LYS F 605 49.26 46.08 26.37
N ALA F 606 50.20 45.19 26.70
CA ALA F 606 51.22 45.57 27.68
C ALA F 606 52.12 46.71 27.18
N GLN F 607 52.31 46.79 25.88
CA GLN F 607 53.11 47.78 25.18
C GLN F 607 52.43 49.15 25.15
N ALA F 608 51.12 49.18 24.94
CA ALA F 608 50.40 50.44 25.10
C ALA F 608 50.32 50.85 26.55
N ASP F 609 50.30 49.88 27.48
CA ASP F 609 50.56 50.22 28.88
C ASP F 609 51.85 51.00 29.00
N ALA F 610 52.91 50.50 28.38
CA ALA F 610 54.21 51.16 28.44
C ALA F 610 54.16 52.57 27.85
N GLN F 611 53.54 52.71 26.68
CA GLN F 611 53.44 54.04 26.05
C GLN F 611 52.70 55.01 26.94
N ARG F 612 51.58 54.60 27.52
CA ARG F 612 50.83 55.61 28.25
C ARG F 612 51.41 55.83 29.65
N ALA F 613 52.19 54.88 30.16
CA ALA F 613 52.99 55.15 31.35
C ALA F 613 54.07 56.20 31.07
N GLN F 614 54.78 56.08 29.95
CA GLN F 614 55.77 57.11 29.61
C GLN F 614 55.07 58.43 29.28
N SER F 615 53.84 58.36 28.76
CA SER F 615 53.07 59.59 28.56
C SER F 615 52.77 60.28 29.88
N ASP F 616 52.38 59.52 30.90
CA ASP F 616 52.16 60.10 32.22
C ASP F 616 53.44 60.67 32.80
N ALA F 617 54.57 59.97 32.60
CA ALA F 617 55.85 60.49 33.05
C ALA F 617 56.16 61.82 32.38
N LEU F 618 55.94 61.91 31.07
CA LEU F 618 56.13 63.16 30.35
C LEU F 618 55.20 64.25 30.87
N ALA F 619 53.96 63.89 31.18
CA ALA F 619 53.03 64.85 31.74
C ALA F 619 53.56 65.43 33.04
N LYS F 620 53.99 64.56 33.96
CA LYS F 620 54.46 65.03 35.26
C LYS F 620 55.70 65.89 35.13
N GLN F 621 56.66 65.47 34.30
CA GLN F 621 57.87 66.27 34.13
C GLN F 621 57.54 67.62 33.50
N ALA F 622 56.64 67.63 32.51
CA ALA F 622 56.27 68.89 31.87
C ALA F 622 55.60 69.84 32.86
N GLU F 623 54.69 69.32 33.69
CA GLU F 623 54.03 70.16 34.68
C GLU F 623 55.05 70.76 35.65
N ALA F 624 55.90 69.90 36.23
CA ALA F 624 56.88 70.40 37.19
C ALA F 624 57.82 71.40 36.56
N GLN F 625 58.31 71.10 35.35
CA GLN F 625 59.22 71.98 34.65
C GLN F 625 58.59 73.33 34.33
N MET F 626 57.35 73.34 33.86
CA MET F 626 56.72 74.60 33.50
C MET F 626 56.42 75.43 34.75
N LYS F 627 56.02 74.78 35.84
CA LYS F 627 55.83 75.51 37.10
C LYS F 627 57.14 76.12 37.58
N GLN F 628 58.23 75.35 37.51
CA GLN F 628 59.53 75.88 37.92
C GLN F 628 59.97 77.03 37.02
N VAL F 629 59.70 76.94 35.72
CA VAL F 629 60.04 78.03 34.81
C VAL F 629 59.28 79.29 35.18
N GLU F 630 57.96 79.17 35.35
CA GLU F 630 57.17 80.35 35.66
C GLU F 630 57.50 80.91 37.03
N ALA F 631 58.01 80.07 37.94
CA ALA F 631 58.35 80.54 39.28
C ALA F 631 59.63 81.36 39.30
N GLN F 632 60.55 81.15 38.36
CA GLN F 632 61.86 81.77 38.46
C GLN F 632 62.24 82.60 37.24
N ILE F 633 61.94 82.12 36.02
CA ILE F 633 62.40 82.80 34.81
C ILE F 633 61.76 84.17 34.63
N ARG F 634 60.73 84.50 35.41
CA ARG F 634 60.01 85.76 35.25
C ARG F 634 60.34 86.75 36.35
N LEU F 635 60.34 86.31 37.62
CA LEU F 635 60.63 87.23 38.72
C LEU F 635 62.03 87.81 38.60
N ALA F 636 62.99 87.02 38.13
CA ALA F 636 64.35 87.49 37.98
C ALA F 636 64.43 88.67 37.02
N GLU F 637 63.73 88.59 35.88
CA GLU F 637 63.68 89.72 34.97
C GLU F 637 62.65 90.77 35.38
N ILE F 638 61.72 90.42 36.28
CA ILE F 638 60.81 91.42 36.82
C ILE F 638 61.57 92.41 37.70
N GLU F 639 62.42 91.90 38.59
CA GLU F 639 63.13 92.78 39.51
C GLU F 639 64.14 93.66 38.79
N LEU F 640 64.64 93.21 37.64
CA LEU F 640 65.56 94.02 36.84
C LEU F 640 64.90 94.45 35.55
N MET G 11 -5.94 -18.90 89.55
CA MET G 11 -6.40 -18.19 88.37
C MET G 11 -5.23 -17.76 87.50
N ASP G 12 -4.35 -18.72 87.18
CA ASP G 12 -3.17 -18.40 86.38
C ASP G 12 -2.88 -19.45 85.31
N ASP G 13 -3.72 -20.48 85.16
CA ASP G 13 -3.56 -21.49 84.11
C ASP G 13 -2.19 -22.18 84.19
N GLU G 14 -2.03 -22.95 85.26
CA GLU G 14 -0.88 -23.85 85.37
C GLU G 14 -0.83 -24.79 84.18
N GLN G 15 0.32 -25.43 83.96
CA GLN G 15 0.56 -26.16 82.71
C GLN G 15 -0.46 -27.27 82.45
N VAL G 16 -1.07 -27.84 83.49
CA VAL G 16 -2.02 -28.92 83.28
C VAL G 16 -3.22 -28.42 82.47
N LEU G 17 -3.75 -27.26 82.84
CA LEU G 17 -4.89 -26.70 82.11
C LEU G 17 -4.50 -26.35 80.68
N ARG G 18 -3.27 -25.86 80.49
CA ARG G 18 -2.83 -25.50 79.14
C ARG G 18 -2.72 -26.74 78.26
N HIS G 19 -2.15 -27.83 78.78
CA HIS G 19 -2.15 -29.08 78.03
C HIS G 19 -3.57 -29.56 77.75
N LEU G 20 -4.46 -29.45 78.73
CA LEU G 20 -5.83 -29.91 78.53
C LEU G 20 -6.49 -29.15 77.37
N ASP G 21 -6.42 -27.82 77.41
CA ASP G 21 -7.04 -27.02 76.35
C ASP G 21 -6.38 -27.28 75.00
N GLN G 22 -5.04 -27.37 74.97
CA GLN G 22 -4.35 -27.61 73.72
C GLN G 22 -4.73 -28.96 73.13
N LEU G 23 -4.81 -29.99 73.97
CA LEU G 23 -5.17 -31.32 73.49
C LEU G 23 -6.60 -31.33 72.98
N VAL G 24 -7.52 -30.66 73.68
CA VAL G 24 -8.90 -30.60 73.19
C VAL G 24 -8.95 -29.95 71.82
N ASN G 25 -8.29 -28.79 71.68
CA ASN G 25 -8.33 -28.08 70.41
C ASN G 25 -7.68 -28.90 69.29
N ASP G 26 -6.57 -29.56 69.59
CA ASP G 26 -5.86 -30.30 68.56
C ASP G 26 -6.63 -31.56 68.15
N ALA G 27 -7.11 -32.33 69.13
CA ALA G 27 -7.87 -33.54 68.83
C ALA G 27 -9.21 -33.22 68.20
N LEU G 28 -9.69 -31.98 68.33
CA LEU G 28 -10.85 -31.57 67.54
C LEU G 28 -10.58 -31.76 66.05
N ASP G 29 -9.36 -31.45 65.62
CA ASP G 29 -8.93 -31.67 64.25
C ASP G 29 -8.26 -33.05 64.17
N PHE G 30 -7.57 -33.34 63.06
CA PHE G 30 -6.97 -34.65 62.81
C PHE G 30 -8.02 -35.76 62.80
N ASN G 31 -9.00 -35.65 61.90
CA ASN G 31 -10.06 -36.64 61.81
C ASN G 31 -10.50 -36.75 60.35
N SER G 32 -11.31 -37.76 60.07
CA SER G 32 -11.85 -37.95 58.73
C SER G 32 -12.92 -36.92 58.44
N SER G 33 -12.52 -35.79 57.85
CA SER G 33 -13.44 -34.71 57.52
C SER G 33 -13.55 -34.60 56.00
N GLU G 34 -14.53 -33.80 55.56
CA GLU G 34 -14.76 -33.63 54.13
C GLU G 34 -13.61 -32.90 53.45
N LEU G 35 -12.94 -32.00 54.18
CA LEU G 35 -11.86 -31.21 53.59
C LEU G 35 -10.70 -32.10 53.15
N SER G 36 -10.24 -32.97 54.03
CA SER G 36 -9.12 -33.85 53.69
C SER G 36 -9.49 -34.80 52.58
N LYS G 37 -10.72 -35.32 52.60
CA LYS G 37 -11.17 -36.20 51.53
C LYS G 37 -11.15 -35.48 50.19
N GLN G 38 -11.66 -34.25 50.14
CA GLN G 38 -11.67 -33.52 48.88
C GLN G 38 -10.26 -33.21 48.40
N ARG G 39 -9.36 -32.85 49.32
CA ARG G 39 -7.99 -32.56 48.90
C ARG G 39 -7.29 -33.80 48.37
N SER G 40 -7.47 -34.94 49.04
CA SER G 40 -6.86 -36.19 48.56
C SER G 40 -7.45 -36.59 47.22
N GLU G 41 -8.76 -36.41 47.03
CA GLU G 41 -9.37 -36.74 45.75
C GLU G 41 -8.83 -35.83 44.65
N ALA G 42 -8.61 -34.56 44.95
CA ALA G 42 -8.03 -33.65 43.96
C ALA G 42 -6.64 -34.12 43.55
N LEU G 43 -5.82 -34.50 44.53
CA LEU G 43 -4.49 -34.99 44.20
C LEU G 43 -4.55 -36.27 43.37
N LYS G 44 -5.47 -37.18 43.73
CA LYS G 44 -5.61 -38.43 42.97
C LYS G 44 -6.02 -38.15 41.53
N TYR G 45 -6.98 -37.23 41.34
CA TYR G 45 -7.39 -36.87 39.99
C TYR G 45 -6.24 -36.26 39.20
N TYR G 46 -5.42 -35.45 39.86
CA TYR G 46 -4.25 -34.90 39.19
C TYR G 46 -3.29 -36.00 38.75
N PHE G 47 -3.05 -36.98 39.61
CA PHE G 47 -2.13 -38.06 39.25
C PHE G 47 -2.70 -38.99 38.20
N GLY G 48 -4.00 -38.93 37.94
CA GLY G 48 -4.60 -39.85 36.99
C GLY G 48 -4.82 -41.25 37.52
N GLU G 49 -5.05 -41.39 38.83
CA GLU G 49 -5.24 -42.69 39.42
C GLU G 49 -6.61 -43.26 39.03
N PRO G 50 -6.76 -44.59 39.05
CA PRO G 50 -8.06 -45.19 38.72
C PRO G 50 -9.14 -44.77 39.71
N PHE G 51 -10.36 -44.66 39.19
CA PHE G 51 -11.49 -44.23 40.02
C PHE G 51 -11.91 -45.31 41.00
N GLY G 52 -11.83 -46.58 40.60
CA GLY G 52 -12.27 -47.68 41.45
C GLY G 52 -13.44 -48.46 40.88
N ASN G 53 -13.92 -48.13 39.69
CA ASN G 53 -15.01 -48.86 39.05
C ASN G 53 -14.54 -49.67 37.85
N GLU G 54 -13.24 -49.94 37.76
CA GLU G 54 -12.69 -50.65 36.62
C GLU G 54 -12.95 -52.15 36.75
N ARG G 55 -13.27 -52.77 35.63
CA ARG G 55 -13.51 -54.21 35.55
C ARG G 55 -12.23 -54.94 35.16
N PRO G 56 -12.11 -56.21 35.53
CA PRO G 56 -10.84 -56.92 35.31
C PRO G 56 -10.36 -56.95 33.86
N GLY G 57 -11.26 -57.09 32.90
CA GLY G 57 -10.83 -57.31 31.54
C GLY G 57 -11.18 -56.22 30.54
N LYS G 58 -11.67 -55.08 31.02
CA LYS G 58 -12.09 -53.99 30.15
C LYS G 58 -11.06 -52.88 30.19
N SER G 59 -11.33 -51.83 29.43
CA SER G 59 -10.43 -50.68 29.35
C SER G 59 -10.43 -49.90 30.65
N ALA G 60 -9.32 -49.22 30.92
CA ALA G 60 -9.17 -48.43 32.14
C ALA G 60 -8.53 -47.08 31.86
N ILE G 61 -8.79 -46.51 30.68
CA ILE G 61 -8.21 -45.22 30.34
C ILE G 61 -8.86 -44.11 31.18
N VAL G 62 -8.05 -43.14 31.58
CA VAL G 62 -8.50 -42.03 32.41
C VAL G 62 -8.18 -40.72 31.69
N SER G 63 -9.18 -39.86 31.55
CA SER G 63 -8.98 -38.56 30.94
C SER G 63 -8.21 -37.63 31.88
N ARG G 64 -7.42 -36.73 31.31
CA ARG G 64 -6.58 -35.82 32.07
C ARG G 64 -7.08 -34.39 31.84
N ASP G 65 -7.79 -33.85 32.83
CA ASP G 65 -8.31 -32.49 32.75
C ASP G 65 -7.75 -31.58 33.83
N VAL G 66 -7.79 -32.00 35.09
CA VAL G 66 -7.23 -31.18 36.16
C VAL G 66 -5.75 -30.96 35.94
N GLN G 67 -5.03 -32.01 35.52
CA GLN G 67 -3.60 -31.88 35.25
C GLN G 67 -3.35 -30.88 34.15
N GLU G 68 -4.12 -30.96 33.06
CA GLU G 68 -3.93 -30.03 31.95
C GLU G 68 -4.19 -28.59 32.38
N THR G 69 -5.25 -28.36 33.14
CA THR G 69 -5.57 -27.00 33.56
C THR G 69 -4.49 -26.44 34.47
N VAL G 70 -4.04 -27.24 35.44
CA VAL G 70 -3.00 -26.76 36.36
C VAL G 70 -1.70 -26.47 35.61
N ASP G 71 -1.32 -27.38 34.71
CA ASP G 71 -0.08 -27.21 33.98
C ASP G 71 -0.16 -26.07 32.97
N TRP G 72 -1.35 -25.70 32.52
CA TRP G 72 -1.48 -24.54 31.65
C TRP G 72 -1.54 -23.24 32.44
N ILE G 73 -1.97 -23.28 33.70
CA ILE G 73 -2.04 -22.04 34.47
C ILE G 73 -0.69 -21.69 35.08
N MET G 74 0.06 -22.69 35.55
CA MET G 74 1.26 -22.41 36.34
C MET G 74 2.31 -21.55 35.62
N PRO G 75 2.69 -21.83 34.37
CA PRO G 75 3.80 -21.06 33.78
C PRO G 75 3.55 -19.57 33.70
N SER G 76 2.32 -19.15 33.42
CA SER G 76 2.02 -17.72 33.42
C SER G 76 2.17 -17.14 34.82
N LEU G 77 1.68 -17.86 35.84
CA LEU G 77 1.77 -17.40 37.21
C LEU G 77 3.21 -17.35 37.71
N MET G 78 4.12 -18.05 37.06
CA MET G 78 5.52 -17.95 37.49
C MET G 78 6.28 -16.88 36.69
N LYS G 79 6.00 -16.79 35.38
CA LYS G 79 6.58 -15.72 34.57
C LYS G 79 6.22 -14.36 35.15
N VAL G 80 4.95 -14.16 35.49
CA VAL G 80 4.60 -13.11 36.44
C VAL G 80 5.13 -13.52 37.80
N PHE G 81 5.74 -12.56 38.51
CA PHE G 81 6.38 -12.69 39.81
C PHE G 81 7.79 -13.29 39.74
N THR G 82 8.28 -13.71 38.58
CA THR G 82 9.63 -14.26 38.58
C THR G 82 10.55 -13.61 37.53
N SER G 83 9.98 -13.17 36.42
CA SER G 83 10.78 -12.92 35.21
C SER G 83 11.86 -11.87 35.46
N GLY G 84 11.54 -10.82 36.20
CA GLY G 84 12.46 -9.71 36.30
C GLY G 84 13.67 -9.90 37.19
N GLY G 85 13.84 -11.08 37.78
CA GLY G 85 14.92 -11.28 38.74
C GLY G 85 14.60 -10.74 40.12
N GLN G 86 14.23 -9.46 40.20
CA GLN G 86 13.70 -8.91 41.43
C GLN G 86 12.26 -9.37 41.62
N VAL G 87 11.86 -9.50 42.88
CA VAL G 87 10.50 -9.95 43.20
C VAL G 87 9.68 -8.90 43.92
N VAL G 88 10.30 -7.97 44.63
CA VAL G 88 9.58 -6.96 45.40
C VAL G 88 10.22 -5.60 45.16
N LYS G 89 9.43 -4.56 45.31
CA LYS G 89 9.93 -3.20 45.23
C LYS G 89 9.25 -2.35 46.29
N TYR G 90 10.05 -1.72 47.15
CA TYR G 90 9.53 -0.86 48.21
C TYR G 90 9.60 0.58 47.75
N GLU G 91 8.47 1.27 47.74
CA GLU G 91 8.45 2.66 47.32
C GLU G 91 8.33 3.58 48.51
N PRO G 92 9.10 4.65 48.57
CA PRO G 92 9.02 5.56 49.71
C PRO G 92 7.74 6.36 49.70
N GLN G 93 7.32 6.76 50.90
CA GLN G 93 6.13 7.59 51.05
C GLN G 93 6.45 9.06 50.84
N THR G 94 7.52 9.54 51.46
CA THR G 94 8.00 10.92 51.30
C THR G 94 9.43 10.90 50.81
N ALA G 95 9.99 12.08 50.59
CA ALA G 95 11.37 12.19 50.13
C ALA G 95 12.38 11.83 51.21
N GLU G 96 11.97 11.77 52.48
CA GLU G 96 12.88 11.47 53.57
C GLU G 96 13.07 9.98 53.80
N ASP G 97 12.29 9.13 53.14
CA ASP G 97 12.41 7.69 53.29
C ASP G 97 13.15 7.03 52.15
N VAL G 98 13.57 7.78 51.14
CA VAL G 98 14.06 7.19 49.90
C VAL G 98 15.21 6.22 50.19
N GLU G 99 16.20 6.68 50.94
CA GLU G 99 17.35 5.84 51.22
C GLU G 99 16.93 4.56 51.92
N GLN G 100 16.02 4.67 52.90
CA GLN G 100 15.51 3.47 53.56
C GLN G 100 14.84 2.56 52.55
N ALA G 101 14.02 3.14 51.66
CA ALA G 101 13.35 2.35 50.64
C ALA G 101 14.35 1.59 49.78
N GLU G 102 15.55 2.14 49.60
CA GLU G 102 16.56 1.39 48.86
C GLU G 102 17.05 0.21 49.66
N GLN G 103 17.38 0.43 50.94
CA GLN G 103 18.03 -0.60 51.73
C GLN G 103 17.19 -1.88 51.77
N GLU G 104 15.92 -1.75 52.15
CA GLU G 104 15.03 -2.90 52.17
C GLU G 104 14.96 -3.55 50.80
N THR G 105 14.84 -2.75 49.74
CA THR G 105 14.73 -3.30 48.40
C THR G 105 15.95 -4.15 48.06
N GLU G 106 17.12 -3.80 48.60
CA GLU G 106 18.28 -4.62 48.34
C GLU G 106 18.48 -5.69 49.40
N TYR G 107 17.91 -5.51 50.59
CA TYR G 107 18.02 -6.53 51.62
C TYR G 107 17.00 -7.65 51.38
N VAL G 108 15.72 -7.30 51.39
CA VAL G 108 14.66 -8.24 51.07
C VAL G 108 14.67 -8.43 49.56
N ASN G 109 15.19 -9.57 49.11
CA ASN G 109 15.61 -9.91 47.75
C ASN G 109 16.87 -10.75 47.90
N TYR G 110 17.80 -10.26 48.71
CA TYR G 110 18.96 -11.07 49.07
C TYR G 110 18.55 -12.18 50.04
N LEU G 111 17.62 -11.89 50.94
CA LEU G 111 17.14 -12.91 51.86
C LEU G 111 16.26 -13.93 51.16
N PHE G 112 15.43 -13.48 50.22
CA PHE G 112 14.44 -14.36 49.62
C PHE G 112 15.02 -15.20 48.49
N MET G 113 15.84 -14.60 47.63
CA MET G 113 16.32 -15.29 46.45
C MET G 113 17.70 -15.91 46.61
N ARG G 114 18.51 -15.45 47.57
CA ARG G 114 19.86 -15.93 47.72
C ARG G 114 20.13 -16.65 49.03
N LYS G 115 19.16 -16.70 49.95
CA LYS G 115 19.37 -17.33 51.24
C LYS G 115 18.25 -18.29 51.64
N ASN G 116 17.18 -18.39 50.85
CA ASN G 116 16.05 -19.20 51.28
C ASN G 116 15.40 -20.03 50.18
N GLU G 117 15.95 -20.05 48.96
CA GLU G 117 15.36 -20.79 47.84
C GLU G 117 13.93 -20.31 47.57
N GLY G 118 13.82 -19.03 47.22
CA GLY G 118 12.51 -18.42 47.07
C GLY G 118 11.71 -19.00 45.92
N PHE G 119 12.39 -19.34 44.82
CA PHE G 119 11.67 -19.85 43.65
C PHE G 119 10.93 -21.14 43.97
N LYS G 120 11.61 -22.08 44.62
CA LYS G 120 10.98 -23.36 44.95
C LYS G 120 9.83 -23.17 45.93
N VAL G 121 10.02 -22.31 46.94
CA VAL G 121 8.99 -22.06 47.92
C VAL G 121 7.76 -21.48 47.26
N MET G 122 7.95 -20.51 46.37
CA MET G 122 6.81 -19.86 45.74
C MET G 122 6.12 -20.79 44.76
N PHE G 123 6.89 -21.64 44.06
CA PHE G 123 6.28 -22.64 43.20
C PHE G 123 5.42 -23.60 43.99
N ASP G 124 5.92 -24.09 45.12
CA ASP G 124 5.13 -24.98 45.96
C ASP G 124 3.88 -24.28 46.46
N TRP G 125 4.02 -23.02 46.87
CA TRP G 125 2.89 -22.23 47.33
C TRP G 125 1.80 -22.18 46.26
N PHE G 126 2.17 -21.78 45.04
CA PHE G 126 1.18 -21.63 43.98
C PHE G 126 0.55 -22.96 43.61
N GLN G 127 1.36 -24.02 43.52
CA GLN G 127 0.80 -25.31 43.15
C GLN G 127 -0.14 -25.85 44.22
N ASP G 128 0.18 -25.64 45.50
CA ASP G 128 -0.73 -26.04 46.56
C ASP G 128 -2.02 -25.25 46.49
N THR G 129 -1.93 -23.95 46.21
CA THR G 129 -3.13 -23.13 46.12
C THR G 129 -4.04 -23.59 44.99
N LEU G 130 -3.46 -23.91 43.83
CA LEU G 130 -4.28 -24.35 42.71
C LEU G 130 -4.82 -25.76 42.94
N MET G 131 -3.98 -26.65 43.48
CA MET G 131 -4.36 -28.05 43.65
C MET G 131 -5.34 -28.22 44.79
N MET G 132 -4.92 -27.88 46.00
CA MET G 132 -5.79 -27.87 47.16
C MET G 132 -6.60 -26.57 47.13
N LYS G 133 -7.25 -26.24 48.24
CA LYS G 133 -8.09 -25.04 48.26
C LYS G 133 -7.33 -23.79 48.67
N THR G 134 -6.22 -23.92 49.40
CA THR G 134 -5.48 -22.75 49.85
C THR G 134 -4.03 -23.14 50.09
N GLY G 135 -3.16 -22.15 50.02
CA GLY G 135 -1.73 -22.37 50.26
C GLY G 135 -1.22 -21.49 51.39
N VAL G 136 -0.27 -22.03 52.16
CA VAL G 136 0.24 -21.35 53.34
C VAL G 136 1.76 -21.36 53.32
N VAL G 137 2.34 -20.23 53.70
CA VAL G 137 3.80 -20.06 53.81
C VAL G 137 4.11 -19.37 55.13
N LYS G 138 5.19 -19.81 55.79
CA LYS G 138 5.56 -19.26 57.10
C LYS G 138 6.91 -18.54 57.02
N VAL G 139 7.02 -17.46 57.78
CA VAL G 139 8.25 -16.70 57.94
C VAL G 139 8.61 -16.70 59.43
N TYR G 140 9.85 -17.04 59.74
CA TYR G 140 10.25 -17.15 61.14
C TYR G 140 11.73 -16.82 61.28
N VAL G 141 12.18 -16.80 62.53
CA VAL G 141 13.58 -16.57 62.88
C VAL G 141 14.14 -17.88 63.41
N GLU G 142 15.28 -18.31 62.86
CA GLU G 142 15.85 -19.60 63.20
C GLU G 142 16.19 -19.67 64.68
N GLU G 143 15.80 -20.77 65.33
CA GLU G 143 16.09 -21.00 66.74
C GLU G 143 17.07 -22.14 66.98
N VAL G 144 17.25 -23.04 66.02
CA VAL G 144 18.19 -24.15 66.13
C VAL G 144 19.48 -23.72 65.44
N LEU G 145 20.56 -23.60 66.20
CA LEU G 145 21.82 -23.08 65.70
C LEU G 145 22.86 -24.20 65.78
N ASN G 146 23.06 -24.91 64.67
CA ASN G 146 24.03 -25.98 64.66
C ASN G 146 25.44 -25.44 64.47
N PRO G 147 26.44 -26.10 65.04
CA PRO G 147 27.83 -25.74 64.74
C PRO G 147 28.19 -26.09 63.32
N THR G 148 29.22 -25.40 62.80
CA THR G 148 29.65 -25.59 61.44
C THR G 148 31.15 -25.90 61.39
N PHE G 149 31.56 -26.56 60.33
CA PHE G 149 32.96 -26.91 60.10
C PHE G 149 33.39 -26.37 58.75
N GLU G 150 34.57 -25.74 58.71
CA GLU G 150 35.07 -25.14 57.48
C GLU G 150 36.49 -25.62 57.19
N ARG G 151 36.80 -25.72 55.90
CA ARG G 151 38.12 -26.09 55.42
C ARG G 151 38.56 -25.09 54.36
N PHE G 152 39.81 -24.64 54.46
CA PHE G 152 40.40 -23.73 53.50
C PHE G 152 41.79 -24.20 53.14
N SER G 153 42.19 -23.93 51.89
CA SER G 153 43.52 -24.29 51.42
C SER G 153 44.01 -23.25 50.43
N GLY G 154 45.31 -23.00 50.47
CA GLY G 154 45.91 -22.05 49.56
C GLY G 154 45.78 -20.60 49.97
N LEU G 155 45.66 -20.34 51.27
CA LEU G 155 45.47 -18.99 51.78
C LEU G 155 46.81 -18.34 52.12
N SER G 156 46.77 -17.02 52.27
CA SER G 156 47.96 -16.23 52.57
C SER G 156 47.98 -15.85 54.06
N GLU G 157 48.97 -15.03 54.42
CA GLU G 157 49.17 -14.68 55.83
C GLU G 157 48.00 -13.89 56.39
N GLU G 158 47.63 -12.79 55.72
CA GLU G 158 46.60 -11.93 56.27
C GLU G 158 45.24 -12.62 56.26
N MET G 159 45.00 -13.49 55.28
CA MET G 159 43.73 -14.20 55.22
C MET G 159 43.55 -15.10 56.44
N VAL G 160 44.56 -15.93 56.74
CA VAL G 160 44.46 -16.83 57.88
C VAL G 160 44.46 -16.04 59.19
N ALA G 161 45.21 -14.93 59.23
CA ALA G 161 45.18 -14.09 60.44
C ALA G 161 43.77 -13.56 60.69
N ASP G 162 43.11 -13.06 59.64
CA ASP G 162 41.75 -12.57 59.79
C ASP G 162 40.80 -13.69 60.20
N ILE G 163 40.97 -14.87 59.61
CA ILE G 163 40.08 -15.99 59.96
C ILE G 163 40.25 -16.37 61.42
N LEU G 164 41.49 -16.44 61.90
CA LEU G 164 41.76 -16.89 63.26
C LEU G 164 41.54 -15.80 64.29
N ALA G 165 41.42 -14.53 63.89
CA ALA G 165 41.17 -13.47 64.85
C ALA G 165 39.80 -13.58 65.52
N ASP G 166 38.87 -14.31 64.92
CA ASP G 166 37.53 -14.41 65.49
C ASP G 166 37.58 -15.23 66.78
N PRO G 167 37.05 -14.71 67.89
CA PRO G 167 37.05 -15.47 69.14
C PRO G 167 36.02 -16.58 69.20
N ASP G 168 35.22 -16.79 68.16
CA ASP G 168 34.19 -17.82 68.13
C ASP G 168 34.58 -18.99 67.24
N THR G 169 35.87 -19.16 66.98
CA THR G 169 36.37 -20.22 66.12
C THR G 169 37.38 -21.07 66.87
N GLU G 170 37.32 -22.37 66.64
CA GLU G 170 38.27 -23.32 67.20
C GLU G 170 39.10 -23.91 66.07
N ILE G 171 40.38 -24.13 66.35
CA ILE G 171 41.30 -24.63 65.33
C ILE G 171 41.37 -26.15 65.45
N LEU G 172 41.01 -26.84 64.39
CA LEU G 172 41.13 -28.29 64.35
C LEU G 172 42.37 -28.76 63.63
N ALA G 173 42.82 -28.04 62.61
CA ALA G 173 44.01 -28.45 61.88
C ALA G 173 44.64 -27.25 61.20
N GLN G 174 45.97 -27.22 61.17
CA GLN G 174 46.72 -26.17 60.50
C GLN G 174 47.95 -26.78 59.84
N SER G 175 48.24 -26.34 58.62
CA SER G 175 49.37 -26.89 57.88
C SER G 175 49.91 -25.85 56.92
N VAL G 176 51.20 -25.93 56.65
CA VAL G 176 51.88 -25.05 55.71
C VAL G 176 52.52 -25.92 54.63
N ASP G 177 52.29 -25.53 53.37
CA ASP G 177 52.79 -26.27 52.23
C ASP G 177 53.96 -25.53 51.59
N GLU G 178 54.52 -26.14 50.55
CA GLU G 178 55.51 -25.44 49.73
C GLU G 178 54.87 -24.19 49.14
N ASP G 179 55.64 -23.09 49.13
CA ASP G 179 55.13 -21.75 48.88
C ASP G 179 54.30 -21.30 50.06
N GLY G 180 54.32 -20.01 50.38
CA GLY G 180 53.70 -19.54 51.61
C GLY G 180 52.18 -19.58 51.57
N THR G 181 51.63 -20.78 51.48
CA THR G 181 50.19 -21.00 51.51
C THR G 181 49.82 -21.88 52.69
N TYR G 182 48.60 -21.71 53.19
CA TYR G 182 48.16 -22.37 54.40
C TYR G 182 46.93 -23.21 54.14
N SER G 183 46.77 -24.26 54.95
CA SER G 183 45.57 -25.08 54.95
C SER G 183 45.05 -25.16 56.38
N ILE G 184 43.79 -24.81 56.57
CA ILE G 184 43.20 -24.75 57.91
C ILE G 184 41.87 -25.47 57.92
N LYS G 185 41.60 -26.18 59.01
CA LYS G 185 40.31 -26.78 59.30
C LYS G 185 39.84 -26.24 60.64
N ILE G 186 38.67 -25.60 60.64
CA ILE G 186 38.19 -24.88 61.82
C ILE G 186 36.74 -25.26 62.10
N ARG G 187 36.33 -24.99 63.34
CA ARG G 187 34.97 -25.19 63.81
C ARG G 187 34.42 -23.86 64.30
N LYS G 188 33.19 -23.55 63.91
CA LYS G 188 32.58 -22.25 64.19
C LYS G 188 31.22 -22.44 64.83
N ASP G 189 30.91 -21.57 65.79
CA ASP G 189 29.63 -21.55 66.49
C ASP G 189 29.02 -20.17 66.29
N LYS G 190 28.17 -20.05 65.26
CA LYS G 190 27.56 -18.77 64.93
C LYS G 190 26.39 -18.47 65.86
N LYS G 191 26.21 -17.19 66.17
CA LYS G 191 25.15 -16.74 67.04
C LYS G 191 24.21 -15.72 66.40
N LYS G 192 24.51 -15.27 65.18
CA LYS G 192 23.73 -14.20 64.58
C LYS G 192 22.34 -14.71 64.16
N ARG G 193 21.40 -13.78 64.07
CA ARG G 193 20.02 -14.13 63.77
C ARG G 193 19.90 -14.58 62.32
N GLU G 194 18.99 -15.51 62.06
CA GLU G 194 18.70 -15.97 60.72
C GLU G 194 17.19 -15.90 60.46
N ILE G 195 16.82 -15.41 59.28
CA ILE G 195 15.43 -15.28 58.88
C ILE G 195 15.15 -16.31 57.80
N LYS G 196 14.14 -17.15 58.02
CA LYS G 196 13.82 -18.24 57.11
C LYS G 196 12.37 -18.15 56.65
N VAL G 197 12.14 -18.58 55.41
CA VAL G 197 10.82 -18.69 54.83
C VAL G 197 10.62 -20.12 54.37
N THR G 198 9.52 -20.75 54.77
CA THR G 198 9.28 -22.15 54.48
C THR G 198 7.87 -22.37 53.95
N CYS G 199 7.73 -23.41 53.15
CA CYS G 199 6.45 -23.91 52.69
C CYS G 199 5.94 -24.97 53.66
N ILE G 200 4.63 -25.02 53.82
CA ILE G 200 3.99 -25.93 54.77
C ILE G 200 3.10 -26.89 54.00
N LYS G 201 3.26 -28.18 54.26
CA LYS G 201 2.38 -29.17 53.67
C LYS G 201 0.95 -28.94 54.15
N PRO G 202 -0.05 -29.04 53.28
CA PRO G 202 -1.42 -28.71 53.69
C PRO G 202 -1.94 -29.54 54.85
N GLU G 203 -1.50 -30.78 54.98
CA GLU G 203 -1.97 -31.63 56.08
C GLU G 203 -1.34 -31.30 57.42
N ASN G 204 -0.29 -30.49 57.44
CA ASN G 204 0.42 -30.14 58.66
C ASN G 204 0.02 -28.79 59.21
N PHE G 205 -0.98 -28.14 58.63
CA PHE G 205 -1.45 -26.83 59.08
C PHE G 205 -2.88 -26.97 59.59
N LEU G 206 -3.13 -26.55 60.82
CA LEU G 206 -4.43 -26.70 61.45
C LEU G 206 -5.02 -25.33 61.74
N VAL G 207 -6.27 -25.14 61.32
CA VAL G 207 -7.03 -23.92 61.57
C VAL G 207 -8.39 -24.31 62.13
N ASP G 208 -8.94 -23.44 62.95
CA ASP G 208 -10.27 -23.68 63.50
C ASP G 208 -11.34 -23.49 62.42
N ARG G 209 -12.56 -23.87 62.76
CA ARG G 209 -13.64 -23.92 61.80
C ARG G 209 -14.42 -22.61 61.66
N LEU G 210 -13.98 -21.54 62.35
CA LEU G 210 -14.71 -20.27 62.32
C LEU G 210 -13.80 -19.11 61.93
N ALA G 211 -12.64 -19.38 61.34
CA ALA G 211 -11.65 -18.34 61.08
C ALA G 211 -12.14 -17.28 60.10
N THR G 212 -12.33 -17.68 58.84
CA THR G 212 -12.70 -16.83 57.70
C THR G 212 -11.54 -15.94 57.25
N CYS G 213 -10.45 -15.93 58.01
CA CYS G 213 -9.20 -15.27 57.62
C CYS G 213 -8.20 -15.53 58.75
N ILE G 214 -6.92 -15.31 58.45
CA ILE G 214 -5.87 -15.59 59.41
C ILE G 214 -5.91 -14.58 60.56
N ASP G 215 -6.11 -13.31 60.25
CA ASP G 215 -5.96 -12.25 61.25
C ASP G 215 -6.96 -12.35 62.40
N ASP G 216 -8.07 -13.07 62.22
CA ASP G 216 -9.05 -13.23 63.29
C ASP G 216 -9.21 -14.68 63.72
N ALA G 217 -8.33 -15.57 63.28
CA ALA G 217 -8.43 -16.97 63.66
C ALA G 217 -8.14 -17.14 65.15
N ARG G 218 -9.00 -17.89 65.82
CA ARG G 218 -8.82 -18.12 67.26
C ARG G 218 -7.67 -19.09 67.53
N PHE G 219 -7.45 -20.06 66.66
CA PHE G 219 -6.45 -21.08 66.91
C PHE G 219 -5.81 -21.50 65.59
N LEU G 220 -4.49 -21.37 65.50
CA LEU G 220 -3.70 -21.88 64.39
C LEU G 220 -2.63 -22.78 64.97
N CYS G 221 -2.23 -23.80 64.22
CA CYS G 221 -1.13 -24.61 64.74
C CYS G 221 -0.39 -25.30 63.61
N HIS G 222 0.91 -25.51 63.82
CA HIS G 222 1.80 -26.12 62.86
C HIS G 222 2.49 -27.32 63.49
N ARG G 223 2.48 -28.45 62.78
CA ARG G 223 3.08 -29.69 63.27
C ARG G 223 4.37 -29.95 62.50
N GLU G 224 5.43 -30.26 63.23
CA GLU G 224 6.73 -30.51 62.62
C GLU G 224 7.33 -31.77 63.24
N LYS G 225 8.39 -32.27 62.60
CA LYS G 225 9.15 -33.39 63.11
C LYS G 225 10.52 -32.91 63.54
N TYR G 226 10.88 -33.21 64.78
CA TYR G 226 12.16 -32.80 65.36
C TYR G 226 12.97 -34.01 65.75
N THR G 227 14.26 -33.95 65.48
CA THR G 227 15.19 -34.99 65.94
C THR G 227 15.61 -34.69 67.38
N VAL G 228 16.22 -35.70 68.00
CA VAL G 228 16.70 -35.54 69.37
C VAL G 228 17.78 -34.46 69.43
N SER G 229 18.59 -34.37 68.39
CA SER G 229 19.64 -33.35 68.34
C SER G 229 19.06 -31.95 68.39
N ASP G 230 17.98 -31.71 67.63
CA ASP G 230 17.35 -30.40 67.65
C ASP G 230 16.78 -30.08 69.02
N LEU G 231 16.16 -31.07 69.67
CA LEU G 231 15.62 -30.84 71.01
C LEU G 231 16.73 -30.53 72.01
N ARG G 232 17.87 -31.22 71.88
CA ARG G 232 19.00 -30.91 72.74
C ARG G 232 19.50 -29.49 72.50
N LEU G 233 19.57 -29.08 71.24
CA LEU G 233 19.98 -27.71 70.95
C LEU G 233 18.97 -26.70 71.47
N LEU G 234 17.71 -27.10 71.60
CA LEU G 234 16.69 -26.21 72.15
C LEU G 234 16.71 -26.14 73.67
N GLY G 235 17.51 -26.98 74.33
CA GLY G 235 17.63 -26.94 75.77
C GLY G 235 16.74 -27.88 76.54
N VAL G 236 16.12 -28.86 75.88
CA VAL G 236 15.25 -29.80 76.59
C VAL G 236 16.10 -30.67 77.53
N PRO G 237 15.71 -30.85 78.78
CA PRO G 237 16.49 -31.70 79.68
C PRO G 237 16.48 -33.16 79.24
N GLU G 238 17.56 -33.86 79.60
CA GLU G 238 17.74 -35.24 79.15
C GLU G 238 16.64 -36.16 79.66
N ASP G 239 16.28 -36.01 80.94
CA ASP G 239 15.31 -36.91 81.56
C ASP G 239 13.98 -36.87 80.82
N VAL G 240 13.58 -35.69 80.35
CA VAL G 240 12.38 -35.59 79.52
C VAL G 240 12.60 -36.33 78.20
N LEU G 241 13.80 -36.23 77.64
CA LEU G 241 14.09 -36.86 76.36
C LEU G 241 13.99 -38.38 76.45
N ASP G 242 14.42 -38.99 77.55
CA ASP G 242 14.34 -40.44 77.67
C ASP G 242 12.90 -40.95 77.70
N GLU G 243 11.94 -40.11 78.03
CA GLU G 243 10.56 -40.56 78.16
C GLU G 243 9.67 -39.79 77.18
N LEU G 244 10.12 -39.68 75.94
CA LEU G 244 9.36 -38.97 74.92
C LEU G 244 8.76 -39.95 73.93
N PRO G 245 7.47 -39.84 73.62
CA PRO G 245 6.85 -40.74 72.63
C PRO G 245 7.46 -40.51 71.26
N TYR G 246 8.03 -41.57 70.69
CA TYR G 246 8.73 -41.47 69.43
C TYR G 246 7.83 -41.70 68.23
N ASP G 247 6.53 -41.87 68.44
CA ASP G 247 5.57 -41.81 67.33
C ASP G 247 4.24 -41.28 67.87
N GLU G 248 4.10 -39.96 67.83
CA GLU G 248 2.82 -39.26 67.98
C GLU G 248 2.06 -39.52 69.27
N TYR G 249 0.94 -38.81 69.43
CA TYR G 249 -0.13 -39.16 70.36
C TYR G 249 -1.47 -39.35 69.67
N GLU G 250 -1.62 -38.87 68.44
CA GLU G 250 -2.92 -38.87 67.77
C GLU G 250 -2.92 -39.60 66.43
N PHE G 251 -1.84 -40.28 66.07
CA PHE G 251 -1.75 -41.00 64.80
C PHE G 251 -1.97 -40.06 63.61
N SER G 252 -1.06 -39.09 63.49
CA SER G 252 -1.15 -38.06 62.45
C SER G 252 -0.29 -38.38 61.23
N ASP G 253 0.35 -39.54 61.21
CA ASP G 253 1.19 -39.93 60.09
C ASP G 253 0.42 -40.66 58.99
N SER G 254 -0.89 -40.81 59.14
CA SER G 254 -1.72 -41.51 58.17
C SER G 254 -2.77 -40.57 57.57
N GLN G 255 -2.36 -39.34 57.29
CA GLN G 255 -3.27 -38.42 56.61
C GLN G 255 -3.49 -38.88 55.17
N PRO G 256 -4.72 -38.81 54.67
CA PRO G 256 -4.97 -39.28 53.29
C PRO G 256 -4.15 -38.57 52.24
N GLU G 257 -3.91 -37.27 52.41
CA GLU G 257 -3.10 -36.53 51.44
C GLU G 257 -1.67 -37.06 51.40
N ARG G 258 -1.10 -37.32 52.57
CA ARG G 258 0.26 -37.85 52.62
C ARG G 258 0.33 -39.23 51.98
N LEU G 259 -0.66 -40.08 52.25
CA LEU G 259 -0.67 -41.42 51.66
C LEU G 259 -0.78 -41.34 50.14
N VAL G 260 -1.64 -40.46 49.63
CA VAL G 260 -1.77 -40.32 48.19
C VAL G 260 -0.48 -39.81 47.58
N ARG G 261 0.14 -38.81 48.21
CA ARG G 261 1.36 -38.23 47.67
C ARG G 261 2.51 -39.23 47.66
N ASP G 262 2.61 -40.05 48.71
CA ASP G 262 3.74 -40.96 48.83
C ASP G 262 3.57 -42.23 48.01
N ASN G 263 2.36 -42.53 47.53
CA ASN G 263 2.11 -43.74 46.77
C ASN G 263 2.34 -43.57 45.28
N PHE G 264 2.69 -42.37 44.82
CA PHE G 264 2.96 -42.18 43.40
C PHE G 264 4.15 -43.01 42.97
N ASP G 265 5.21 -43.03 43.77
CA ASP G 265 6.39 -43.84 43.49
C ASP G 265 6.71 -44.79 44.64
N MET G 266 5.79 -45.00 45.57
CA MET G 266 5.95 -45.91 46.69
C MET G 266 7.21 -45.58 47.50
N THR G 267 7.44 -44.30 47.73
CA THR G 267 8.57 -43.81 48.49
C THR G 267 8.14 -43.23 49.83
N GLY G 268 7.08 -43.79 50.42
CA GLY G 268 6.59 -43.37 51.71
C GLY G 268 7.30 -44.11 52.83
N GLN G 269 6.77 -43.93 54.04
CA GLN G 269 7.34 -44.60 55.21
C GLN G 269 6.86 -46.04 55.34
N LEU G 270 7.15 -46.84 54.31
CA LEU G 270 6.78 -48.25 54.35
C LEU G 270 7.52 -49.01 55.44
N GLN G 271 8.70 -48.55 55.84
CA GLN G 271 9.46 -49.16 56.93
C GLN G 271 9.49 -48.16 58.08
N TYR G 272 9.23 -48.65 59.29
CA TYR G 272 9.31 -47.79 60.46
C TYR G 272 10.77 -47.55 60.83
N ASN G 273 11.03 -46.38 61.41
CA ASN G 273 12.40 -45.98 61.75
C ASN G 273 12.37 -45.41 63.16
N SER G 274 13.45 -44.74 63.55
CA SER G 274 13.65 -44.24 64.91
C SER G 274 13.56 -45.38 65.93
N GLY G 275 14.12 -46.53 65.55
CA GLY G 275 14.13 -47.69 66.43
C GLY G 275 15.50 -47.96 67.03
N ASP G 276 16.22 -48.92 66.47
CA ASP G 276 17.54 -49.29 66.94
C ASP G 276 18.66 -48.58 66.18
N ASP G 277 18.34 -47.45 65.55
CA ASP G 277 19.34 -46.66 64.85
C ASP G 277 20.11 -45.81 65.86
N ALA G 278 20.88 -44.84 65.36
CA ALA G 278 21.58 -43.92 66.24
C ALA G 278 20.60 -43.17 67.12
N GLU G 279 20.95 -43.04 68.41
CA GLU G 279 20.03 -42.47 69.37
C GLU G 279 19.76 -40.99 69.10
N ALA G 280 20.70 -40.29 68.48
CA ALA G 280 20.56 -38.87 68.24
C ALA G 280 19.68 -38.54 67.04
N ASN G 281 19.28 -39.54 66.26
CA ASN G 281 18.50 -39.31 65.05
C ASN G 281 17.03 -39.72 65.20
N ARG G 282 16.59 -40.04 66.41
CA ARG G 282 15.19 -40.38 66.62
C ARG G 282 14.32 -39.13 66.44
N GLU G 283 13.15 -39.33 65.86
CA GLU G 283 12.26 -38.23 65.52
C GLU G 283 10.99 -38.28 66.37
N VAL G 284 10.49 -37.09 66.71
CA VAL G 284 9.24 -36.93 67.44
C VAL G 284 8.43 -35.84 66.74
N TRP G 285 7.13 -35.83 67.02
CA TRP G 285 6.22 -34.84 66.46
C TRP G 285 6.02 -33.73 67.48
N ALA G 286 6.34 -32.50 67.08
CA ALA G 286 6.18 -31.34 67.93
C ALA G 286 5.14 -30.40 67.33
N SER G 287 4.45 -29.66 68.20
CA SER G 287 3.39 -28.77 67.78
C SER G 287 3.69 -27.36 68.27
N GLU G 288 3.63 -26.39 67.36
CA GLU G 288 3.72 -24.97 67.71
C GLU G 288 2.37 -24.35 67.35
N CYS G 289 1.62 -23.95 68.36
CA CYS G 289 0.28 -23.44 68.18
C CYS G 289 0.21 -21.98 68.63
N TYR G 290 -0.40 -21.14 67.80
CA TYR G 290 -0.66 -19.74 68.10
C TYR G 290 -2.14 -19.59 68.38
N THR G 291 -2.48 -19.12 69.58
CA THR G 291 -3.88 -19.10 69.96
C THR G 291 -4.14 -17.97 70.95
N LEU G 292 -5.42 -17.57 71.03
CA LEU G 292 -5.86 -16.58 71.99
C LEU G 292 -6.22 -17.29 73.29
N LEU G 293 -5.38 -17.13 74.31
CA LEU G 293 -5.58 -17.83 75.57
C LEU G 293 -5.10 -16.93 76.70
N ASP G 294 -5.86 -16.90 77.79
CA ASP G 294 -5.59 -16.02 78.91
C ASP G 294 -4.97 -16.82 80.05
N VAL G 295 -3.64 -16.94 80.03
CA VAL G 295 -2.92 -17.54 81.15
C VAL G 295 -2.45 -16.49 82.13
N ASP G 296 -2.50 -15.21 81.77
CA ASP G 296 -2.13 -14.15 82.70
C ASP G 296 -3.06 -14.13 83.90
N GLY G 297 -4.34 -14.35 83.67
CA GLY G 297 -5.34 -14.24 84.72
C GLY G 297 -5.99 -12.88 84.84
N ASP G 298 -5.75 -11.99 83.89
CA ASP G 298 -6.34 -10.66 83.93
C ASP G 298 -7.74 -10.61 83.33
N GLY G 299 -8.25 -11.73 82.84
CA GLY G 299 -9.58 -11.79 82.27
C GLY G 299 -9.67 -11.48 80.80
N ILE G 300 -8.56 -11.09 80.16
CA ILE G 300 -8.52 -10.77 78.75
C ILE G 300 -7.61 -11.78 78.07
N SER G 301 -8.15 -12.48 77.08
CA SER G 301 -7.39 -13.49 76.35
C SER G 301 -6.46 -12.81 75.37
N GLU G 302 -5.17 -13.14 75.44
CA GLU G 302 -4.15 -12.54 74.61
C GLU G 302 -3.55 -13.58 73.68
N LEU G 303 -2.88 -13.10 72.64
CA LEU G 303 -2.21 -13.97 71.69
C LEU G 303 -0.99 -14.61 72.32
N ARG G 304 -0.86 -15.92 72.16
CA ARG G 304 0.24 -16.67 72.76
C ARG G 304 0.73 -17.72 71.78
N ARG G 305 2.03 -17.98 71.85
CA ARG G 305 2.68 -19.04 71.08
C ARG G 305 3.16 -20.10 72.05
N ILE G 306 2.71 -21.34 71.83
CA ILE G 306 3.08 -22.46 72.68
C ILE G 306 3.70 -23.53 71.80
N LEU G 307 4.94 -23.88 72.09
CA LEU G 307 5.64 -24.96 71.40
C LEU G 307 5.85 -26.09 72.40
N TYR G 308 5.35 -27.28 72.05
CA TYR G 308 5.44 -28.40 72.97
C TYR G 308 5.51 -29.72 72.20
N VAL G 309 6.12 -30.70 72.84
CA VAL G 309 6.21 -32.06 72.32
C VAL G 309 5.76 -33.02 73.41
N GLY G 310 4.93 -33.99 73.03
CA GLY G 310 4.38 -34.90 74.01
C GLY G 310 3.55 -34.21 75.07
N ASP G 311 3.93 -34.35 76.33
CA ASP G 311 3.27 -33.65 77.43
C ASP G 311 4.18 -32.63 78.11
N TYR G 312 5.25 -32.22 77.46
CA TYR G 312 6.18 -31.24 78.02
C TYR G 312 6.15 -29.98 77.18
N ILE G 313 6.03 -28.83 77.84
CA ILE G 313 5.96 -27.54 77.15
C ILE G 313 7.38 -27.01 76.99
N ILE G 314 7.84 -26.92 75.74
CA ILE G 314 9.15 -26.34 75.48
C ILE G 314 9.11 -24.83 75.70
N SER G 315 8.08 -24.17 75.19
CA SER G 315 8.01 -22.72 75.31
C SER G 315 6.56 -22.27 75.33
N ASN G 316 6.30 -21.19 76.06
CA ASN G 316 4.97 -20.60 76.16
C ASN G 316 5.15 -19.10 76.38
N GLU G 317 4.90 -18.30 75.34
CA GLU G 317 5.20 -16.88 75.43
C GLU G 317 4.16 -16.05 74.70
N PRO G 318 3.80 -14.88 75.23
CA PRO G 318 2.95 -13.96 74.46
C PRO G 318 3.65 -13.53 73.18
N TRP G 319 2.87 -13.43 72.10
CA TRP G 319 3.41 -13.16 70.78
C TRP G 319 2.78 -11.90 70.21
N ASP G 320 3.33 -11.45 69.09
CA ASP G 320 2.95 -10.18 68.50
C ASP G 320 2.19 -10.31 67.19
N CYS G 321 2.45 -11.35 66.40
CA CYS G 321 1.80 -11.47 65.10
C CYS G 321 1.71 -12.94 64.71
N ARG G 322 0.77 -13.22 63.78
CA ARG G 322 0.67 -14.54 63.18
C ARG G 322 1.57 -14.58 61.95
N PRO G 323 2.64 -15.37 61.94
CA PRO G 323 3.62 -15.31 60.85
C PRO G 323 3.27 -16.27 59.71
N PHE G 324 2.07 -16.13 59.17
CA PHE G 324 1.61 -16.98 58.08
C PHE G 324 1.00 -16.13 56.98
N ALA G 325 1.17 -16.58 55.73
CA ALA G 325 0.56 -15.95 54.58
C ALA G 325 -0.17 -17.01 53.78
N ASP G 326 -1.43 -16.73 53.42
CA ASP G 326 -2.28 -17.70 52.75
C ASP G 326 -2.75 -17.17 51.41
N LEU G 327 -3.09 -18.10 50.53
CA LEU G 327 -3.51 -17.78 49.17
C LEU G 327 -4.72 -18.63 48.79
N ASN G 328 -5.68 -17.98 48.12
CA ASN G 328 -6.85 -18.61 47.53
C ASN G 328 -6.90 -18.27 46.05
N ALA G 329 -7.23 -19.26 45.22
CA ALA G 329 -7.31 -19.03 43.79
C ALA G 329 -8.70 -18.62 43.34
N TYR G 330 -9.73 -19.33 43.81
CA TYR G 330 -11.12 -19.01 43.51
C TYR G 330 -11.80 -18.69 44.84
N ARG G 331 -11.77 -17.42 45.20
CA ARG G 331 -12.23 -17.01 46.53
C ARG G 331 -13.75 -17.09 46.62
N ILE G 332 -14.23 -17.57 47.77
CA ILE G 332 -15.64 -17.50 48.15
C ILE G 332 -15.75 -16.48 49.28
N ALA G 333 -16.68 -15.54 49.14
CA ALA G 333 -16.81 -14.48 50.13
C ALA G 333 -17.10 -15.05 51.52
N HIS G 334 -16.43 -14.49 52.52
CA HIS G 334 -16.62 -14.85 53.92
C HIS G 334 -16.30 -16.32 54.19
N LYS G 335 -15.31 -16.86 53.48
CA LYS G 335 -14.85 -18.22 53.71
C LYS G 335 -13.34 -18.25 53.72
N PHE G 336 -12.78 -19.18 54.49
CA PHE G 336 -11.32 -19.31 54.56
C PHE G 336 -10.78 -20.12 53.39
N HIS G 337 -11.47 -21.19 53.02
CA HIS G 337 -11.05 -22.06 51.92
C HIS G 337 -11.90 -21.77 50.70
N GLY G 338 -11.24 -21.59 49.55
CA GLY G 338 -11.93 -21.35 48.30
C GLY G 338 -12.20 -22.63 47.55
N MET G 339 -12.38 -22.49 46.24
CA MET G 339 -12.58 -23.63 45.36
C MET G 339 -11.30 -23.94 44.60
N SER G 340 -11.14 -25.21 44.26
CA SER G 340 -10.02 -25.68 43.45
C SER G 340 -10.51 -26.06 42.06
N VAL G 341 -9.55 -26.41 41.21
CA VAL G 341 -9.90 -26.84 39.85
C VAL G 341 -10.69 -28.14 39.90
N TYR G 342 -10.32 -29.04 40.82
CA TYR G 342 -11.03 -30.30 40.97
C TYR G 342 -12.50 -30.07 41.25
N ASP G 343 -12.80 -29.17 42.19
CA ASP G 343 -14.18 -28.88 42.54
C ASP G 343 -14.99 -28.34 41.37
N LYS G 344 -14.32 -27.89 40.32
CA LYS G 344 -15.02 -27.31 39.18
C LYS G 344 -15.09 -28.24 37.98
N ILE G 345 -14.17 -29.20 37.82
CA ILE G 345 -14.20 -30.04 36.62
C ILE G 345 -14.13 -31.53 36.91
N ARG G 346 -14.41 -31.94 38.16
CA ARG G 346 -14.38 -33.36 38.48
C ARG G 346 -15.41 -34.14 37.66
N ASP G 347 -16.64 -33.61 37.55
CA ASP G 347 -17.67 -34.32 36.81
C ASP G 347 -17.31 -34.44 35.34
N ILE G 348 -16.73 -33.38 34.77
CA ILE G 348 -16.30 -33.42 33.38
C ILE G 348 -15.27 -34.52 33.19
N GLN G 349 -14.28 -34.59 34.09
CA GLN G 349 -13.27 -35.63 33.98
C GLN G 349 -13.89 -37.02 34.04
N GLU G 350 -14.81 -37.23 35.00
CA GLU G 350 -15.41 -38.55 35.16
C GLU G 350 -16.21 -38.96 33.94
N ILE G 351 -17.07 -38.06 33.45
CA ILE G 351 -17.93 -38.41 32.32
C ILE G 351 -17.09 -38.65 31.07
N ARG G 352 -16.08 -37.81 30.83
CA ARG G 352 -15.23 -38.01 29.67
C ARG G 352 -14.52 -39.34 29.75
N SER G 353 -14.03 -39.71 30.93
CA SER G 353 -13.35 -41.00 31.07
C SER G 353 -14.31 -42.15 30.80
N VAL G 354 -15.54 -42.06 31.29
CA VAL G 354 -16.50 -43.15 31.09
C VAL G 354 -16.81 -43.32 29.60
N LEU G 355 -17.09 -42.22 28.90
CA LEU G 355 -17.35 -42.32 27.47
C LEU G 355 -16.12 -42.85 26.73
N MET G 356 -14.94 -42.43 27.16
CA MET G 356 -13.72 -42.81 26.46
C MET G 356 -13.53 -44.32 26.58
N ARG G 357 -13.78 -44.84 27.79
CA ARG G 357 -13.73 -46.27 28.05
C ARG G 357 -14.74 -47.03 27.21
N ASN G 358 -15.95 -46.47 27.05
CA ASN G 358 -16.94 -47.13 26.21
C ASN G 358 -16.44 -47.26 24.77
N ILE G 359 -15.82 -46.21 24.24
CA ILE G 359 -15.28 -46.29 22.89
C ILE G 359 -14.19 -47.36 22.80
N MET G 360 -13.27 -47.38 23.77
CA MET G 360 -12.29 -48.46 23.83
C MET G 360 -12.95 -49.83 23.81
N ASP G 361 -13.96 -50.03 24.65
CA ASP G 361 -14.57 -51.35 24.76
C ASP G 361 -15.22 -51.78 23.46
N ASN G 362 -15.87 -50.84 22.77
CA ASN G 362 -16.44 -51.19 21.47
C ASN G 362 -15.36 -51.53 20.45
N ILE G 363 -14.25 -50.78 20.44
CA ILE G 363 -13.23 -51.02 19.42
C ILE G 363 -12.58 -52.38 19.59
N TYR G 364 -12.29 -52.78 20.83
CA TYR G 364 -11.50 -53.99 21.06
C TYR G 364 -12.20 -55.24 20.55
N ARG G 365 -13.52 -55.25 20.53
CA ARG G 365 -14.28 -56.46 20.22
C ARG G 365 -14.82 -56.50 18.80
N THR G 366 -14.35 -55.61 17.92
CA THR G 366 -14.85 -55.58 16.55
C THR G 366 -13.74 -55.39 15.54
N ASN G 367 -12.54 -55.90 15.82
CA ASN G 367 -11.41 -55.75 14.92
C ASN G 367 -10.81 -57.08 14.48
N GLN G 368 -11.56 -58.18 14.62
CA GLN G 368 -11.04 -59.49 14.27
C GLN G 368 -11.23 -59.85 12.80
N GLY G 369 -12.07 -59.11 12.07
CA GLY G 369 -12.27 -59.37 10.66
C GLY G 369 -12.85 -60.73 10.35
N ARG G 370 -13.90 -61.11 11.07
CA ARG G 370 -14.56 -62.38 10.83
C ARG G 370 -15.43 -62.30 9.58
N SER G 371 -15.77 -63.48 9.05
CA SER G 371 -16.56 -63.57 7.82
C SER G 371 -17.67 -64.59 7.99
N VAL G 372 -18.74 -64.40 7.24
CA VAL G 372 -19.93 -65.25 7.27
C VAL G 372 -19.96 -66.07 5.99
N VAL G 373 -20.20 -67.37 6.15
CA VAL G 373 -20.14 -68.36 5.08
C VAL G 373 -21.38 -69.24 5.15
N LEU G 374 -22.00 -69.48 4.00
CA LEU G 374 -23.11 -70.43 3.93
C LEU G 374 -22.59 -71.85 4.16
N ASP G 375 -23.21 -72.58 5.06
CA ASP G 375 -22.78 -73.94 5.35
C ASP G 375 -23.27 -74.89 4.28
N GLY G 376 -22.37 -75.74 3.79
CA GLY G 376 -22.69 -76.73 2.79
C GLY G 376 -22.62 -76.25 1.36
N GLN G 377 -22.36 -74.96 1.13
CA GLN G 377 -22.28 -74.41 -0.21
C GLN G 377 -20.88 -73.96 -0.59
N VAL G 378 -19.93 -73.95 0.35
CA VAL G 378 -18.62 -73.37 0.16
C VAL G 378 -17.56 -74.41 0.47
N ASN G 379 -16.55 -74.50 -0.40
CA ASN G 379 -15.41 -75.39 -0.17
C ASN G 379 -14.58 -74.83 0.98
N LEU G 380 -14.70 -75.42 2.16
CA LEU G 380 -14.00 -74.91 3.33
C LEU G 380 -12.50 -75.14 3.25
N GLU G 381 -12.07 -76.23 2.62
CA GLU G 381 -10.65 -76.47 2.45
C GLU G 381 -9.99 -75.37 1.64
N ASP G 382 -10.64 -74.92 0.57
CA ASP G 382 -10.10 -73.82 -0.22
C ASP G 382 -10.07 -72.52 0.58
N LEU G 383 -11.13 -72.27 1.36
CA LEU G 383 -11.21 -71.02 2.10
C LEU G 383 -10.20 -70.94 3.22
N LEU G 384 -9.87 -72.08 3.85
CA LEU G 384 -8.97 -72.04 4.99
C LEU G 384 -7.54 -71.72 4.59
N THR G 385 -7.11 -72.18 3.41
CA THR G 385 -5.73 -71.97 2.95
C THR G 385 -5.68 -70.70 2.13
N ASN G 386 -5.19 -69.63 2.73
CA ASN G 386 -5.12 -68.32 2.08
C ASN G 386 -3.75 -68.17 1.42
N GLU G 387 -3.73 -68.13 0.09
CA GLU G 387 -2.51 -67.98 -0.67
C GLU G 387 -2.71 -66.96 -1.78
N ALA G 388 -1.60 -66.50 -2.35
CA ALA G 388 -1.65 -65.50 -3.39
C ALA G 388 -2.38 -66.03 -4.63
N ALA G 389 -3.32 -65.24 -5.15
CA ALA G 389 -4.09 -65.59 -6.35
C ALA G 389 -4.79 -66.93 -6.18
N GLY G 390 -5.29 -67.19 -4.97
CA GLY G 390 -6.01 -68.41 -4.73
C GLY G 390 -7.40 -68.40 -5.32
N ILE G 391 -7.99 -69.59 -5.41
CA ILE G 391 -9.32 -69.79 -5.96
C ILE G 391 -10.17 -70.53 -4.94
N VAL G 392 -11.38 -70.03 -4.70
CA VAL G 392 -12.32 -70.65 -3.79
C VAL G 392 -13.51 -71.12 -4.61
N ARG G 393 -13.78 -72.42 -4.57
CA ARG G 393 -14.87 -73.01 -5.33
C ARG G 393 -16.13 -73.02 -4.48
N VAL G 394 -17.23 -72.52 -5.03
CA VAL G 394 -18.47 -72.38 -4.29
C VAL G 394 -19.62 -72.83 -5.19
N LYS G 395 -20.63 -73.45 -4.58
CA LYS G 395 -21.76 -74.00 -5.32
C LYS G 395 -22.88 -73.00 -5.55
N ALA G 396 -22.81 -71.80 -4.96
CA ALA G 396 -23.84 -70.80 -5.13
C ALA G 396 -23.25 -69.42 -4.90
N MET G 397 -23.97 -68.39 -5.30
CA MET G 397 -23.43 -67.06 -5.15
C MET G 397 -24.03 -66.39 -3.92
N ASN G 398 -23.41 -65.28 -3.51
CA ASN G 398 -23.78 -64.58 -2.28
C ASN G 398 -23.70 -65.53 -1.08
N SER G 399 -22.50 -66.07 -0.87
CA SER G 399 -22.29 -67.06 0.16
C SER G 399 -21.18 -66.73 1.15
N ILE G 400 -20.22 -65.90 0.77
CA ILE G 400 -19.11 -65.51 1.64
C ILE G 400 -19.01 -64.00 1.65
N MET G 401 -19.05 -63.40 2.84
CA MET G 401 -18.81 -61.97 2.95
C MET G 401 -18.63 -61.60 4.42
N PRO G 402 -17.99 -60.46 4.71
CA PRO G 402 -17.61 -60.17 6.08
C PRO G 402 -18.79 -59.99 7.03
N LEU G 403 -18.56 -60.34 8.29
CA LEU G 403 -19.55 -60.11 9.33
C LEU G 403 -19.74 -58.62 9.56
N GLU G 404 -20.99 -58.21 9.76
CA GLU G 404 -21.33 -56.82 9.99
C GLU G 404 -21.31 -56.55 11.49
N THR G 405 -20.40 -55.69 11.92
CA THR G 405 -20.23 -55.44 13.35
C THR G 405 -20.95 -54.16 13.76
N PRO G 406 -21.52 -54.12 14.96
CA PRO G 406 -22.19 -52.90 15.41
C PRO G 406 -21.22 -51.75 15.60
N GLN G 407 -21.72 -50.54 15.39
CA GLN G 407 -20.95 -49.32 15.53
C GLN G 407 -21.72 -48.33 16.39
N LEU G 408 -20.98 -47.53 17.16
CA LEU G 408 -21.59 -46.51 17.99
C LEU G 408 -22.02 -45.31 17.14
N SER G 409 -23.04 -44.61 17.60
CA SER G 409 -23.56 -43.46 16.90
C SER G 409 -22.67 -42.24 17.15
N GLY G 410 -22.94 -41.16 16.40
CA GLY G 410 -22.16 -39.94 16.52
C GLY G 410 -22.43 -39.13 17.76
N GLU G 411 -23.45 -39.49 18.53
CA GLU G 411 -23.78 -38.74 19.73
C GLU G 411 -22.65 -38.77 20.74
N VAL G 412 -21.93 -39.90 20.82
CA VAL G 412 -20.86 -40.04 21.79
C VAL G 412 -19.72 -39.06 21.46
N TYR G 413 -19.32 -39.00 20.20
CA TYR G 413 -18.28 -38.07 19.79
C TYR G 413 -18.75 -36.63 19.94
N GLY G 414 -20.03 -36.39 19.65
CA GLY G 414 -20.60 -35.08 19.90
C GLY G 414 -20.47 -34.64 21.34
N MET G 415 -20.78 -35.54 22.28
CA MET G 415 -20.55 -35.20 23.68
C MET G 415 -19.08 -35.09 24.06
N LEU G 416 -18.19 -35.86 23.45
CA LEU G 416 -16.79 -35.66 23.75
C LEU G 416 -16.35 -34.23 23.42
N ASP G 417 -16.69 -33.78 22.20
CA ASP G 417 -16.36 -32.40 21.82
C ASP G 417 -17.07 -31.38 22.70
N ARG G 418 -18.36 -31.63 23.01
CA ARG G 418 -19.12 -30.68 23.80
C ARG G 418 -18.57 -30.55 25.21
N LEU G 419 -18.16 -31.67 25.81
CA LEU G 419 -17.56 -31.62 27.15
C LEU G 419 -16.23 -30.90 27.13
N GLU G 420 -15.43 -31.09 26.07
CA GLU G 420 -14.20 -30.32 25.97
C GLU G 420 -14.49 -28.82 25.92
N ALA G 421 -15.49 -28.43 25.12
CA ALA G 421 -15.86 -27.02 25.04
C ALA G 421 -16.35 -26.50 26.39
N ASP G 422 -17.15 -27.30 27.11
CA ASP G 422 -17.66 -26.87 28.40
C ASP G 422 -16.54 -26.69 29.41
N ARG G 423 -15.56 -27.58 29.40
CA ARG G 423 -14.39 -27.40 30.27
C ARG G 423 -13.67 -26.11 29.93
N GLY G 424 -13.50 -25.85 28.63
CA GLY G 424 -12.85 -24.61 28.23
C GLY G 424 -13.59 -23.38 28.73
N LYS G 425 -14.92 -23.39 28.62
CA LYS G 425 -15.70 -22.26 29.13
C LYS G 425 -15.58 -22.13 30.64
N ARG G 426 -15.63 -23.25 31.36
CA ARG G 426 -15.67 -23.21 32.81
C ARG G 426 -14.34 -22.75 33.40
N THR G 427 -13.22 -23.29 32.93
CA THR G 427 -11.93 -22.92 33.50
C THR G 427 -11.40 -21.60 32.97
N GLY G 428 -11.85 -21.18 31.79
CA GLY G 428 -11.41 -19.94 31.20
C GLY G 428 -10.17 -20.04 30.35
N ILE G 429 -9.51 -21.20 30.30
CA ILE G 429 -8.30 -21.40 29.51
C ILE G 429 -8.50 -22.61 28.61
N THR G 430 -8.14 -22.45 27.34
CA THR G 430 -8.30 -23.53 26.36
C THR G 430 -6.98 -23.82 25.67
N ASP G 431 -7.04 -24.63 24.61
CA ASP G 431 -5.84 -25.01 23.89
C ASP G 431 -5.27 -23.89 23.02
N ARG G 432 -6.09 -22.88 22.68
CA ARG G 432 -5.66 -21.81 21.80
C ARG G 432 -5.51 -20.46 22.51
N THR G 433 -5.70 -20.41 23.82
CA THR G 433 -5.58 -19.15 24.53
C THR G 433 -4.13 -18.71 24.62
N ARG G 434 -3.90 -17.42 24.44
CA ARG G 434 -2.57 -16.86 24.61
C ARG G 434 -2.19 -16.82 26.08
N GLY G 435 -0.89 -16.87 26.35
CA GLY G 435 -0.41 -16.77 27.71
C GLY G 435 -0.48 -15.37 28.25
N LEU G 436 -0.39 -15.26 29.57
CA LEU G 436 -0.40 -13.95 30.21
C LEU G 436 0.89 -13.20 29.89
N ASP G 437 0.74 -11.91 29.58
CA ASP G 437 1.91 -11.07 29.33
C ASP G 437 2.65 -10.83 30.64
N GLN G 438 3.98 -10.80 30.55
CA GLN G 438 4.80 -10.62 31.75
C GLN G 438 4.73 -9.21 32.30
N ASN G 439 3.90 -8.33 31.73
CA ASN G 439 3.79 -6.95 32.19
C ASN G 439 2.34 -6.62 32.54
N THR G 440 1.57 -7.63 32.95
CA THR G 440 0.14 -7.43 33.17
C THR G 440 -0.13 -6.49 34.35
N LEU G 441 0.63 -6.63 35.42
CA LEU G 441 0.34 -5.92 36.66
C LEU G 441 1.03 -4.57 36.76
N HIS G 442 1.75 -4.14 35.74
CA HIS G 442 2.46 -2.86 35.80
C HIS G 442 1.47 -1.70 35.87
N SER G 443 1.76 -0.75 36.76
CA SER G 443 1.20 0.58 36.66
C SER G 443 2.01 1.37 35.65
N ASN G 444 1.36 2.34 35.00
CA ASN G 444 1.94 3.04 33.85
C ASN G 444 2.30 2.06 32.74
N GLN G 445 1.48 1.02 32.58
CA GLN G 445 1.82 -0.10 31.71
C GLN G 445 1.82 0.29 30.24
N ALA G 446 0.92 1.19 29.85
CA ALA G 446 0.49 1.32 28.46
C ALA G 446 0.06 -0.06 27.99
N ALA G 447 0.68 -0.55 26.91
CA ALA G 447 0.59 -1.95 26.50
C ALA G 447 -0.85 -2.47 26.52
N MET G 448 -1.66 -1.90 25.64
CA MET G 448 -3.07 -2.28 25.58
C MET G 448 -3.28 -3.74 25.15
N SER G 449 -2.22 -4.51 24.95
CA SER G 449 -2.36 -5.95 24.77
C SER G 449 -2.99 -6.58 26.00
N VAL G 450 -3.38 -7.85 25.87
CA VAL G 450 -4.11 -8.62 26.87
C VAL G 450 -5.56 -8.11 26.91
N ASN G 451 -5.75 -6.84 26.60
CA ASN G 451 -7.09 -6.30 26.40
C ASN G 451 -7.57 -6.45 24.96
N GLN G 452 -6.65 -6.33 23.99
CA GLN G 452 -7.02 -6.60 22.60
C GLN G 452 -7.39 -8.07 22.40
N LEU G 453 -6.53 -8.96 22.88
CA LEU G 453 -6.83 -10.38 22.94
C LEU G 453 -7.47 -10.69 24.29
N MET G 454 -7.53 -11.98 24.65
CA MET G 454 -7.93 -12.40 25.99
C MET G 454 -9.34 -11.90 26.34
N THR G 455 -10.32 -12.48 25.65
CA THR G 455 -11.72 -12.16 25.88
C THR G 455 -12.09 -12.37 27.34
N ALA G 456 -13.30 -11.89 27.69
CA ALA G 456 -13.72 -11.81 29.08
C ALA G 456 -13.63 -13.15 29.80
N ALA G 457 -13.89 -14.25 29.10
CA ALA G 457 -13.77 -15.56 29.72
C ALA G 457 -12.32 -15.87 30.10
N GLU G 458 -11.38 -15.48 29.24
CA GLU G 458 -9.98 -15.79 29.50
C GLU G 458 -9.41 -14.94 30.63
N GLN G 459 -9.85 -13.69 30.75
CA GLN G 459 -9.31 -12.80 31.77
C GLN G 459 -9.50 -13.33 33.18
N GLN G 460 -10.25 -14.42 33.36
CA GLN G 460 -10.31 -15.08 34.65
C GLN G 460 -8.90 -15.36 35.17
N ILE G 461 -8.03 -15.89 34.30
CA ILE G 461 -6.65 -16.14 34.70
C ILE G 461 -6.00 -14.85 35.19
N ASP G 462 -6.22 -13.76 34.46
CA ASP G 462 -5.69 -12.47 34.88
C ASP G 462 -6.11 -12.14 36.30
N LEU G 463 -7.39 -12.37 36.62
CA LEU G 463 -7.88 -12.07 37.96
C LEU G 463 -7.07 -12.81 39.01
N ILE G 464 -6.73 -14.07 38.74
CA ILE G 464 -5.91 -14.83 39.69
C ILE G 464 -4.61 -14.09 39.95
N ALA G 465 -3.93 -13.65 38.88
CA ALA G 465 -2.68 -12.93 39.05
C ALA G 465 -2.86 -11.68 39.88
N ARG G 466 -4.03 -11.03 39.78
CA ARG G 466 -4.28 -9.88 40.63
C ARG G 466 -4.53 -10.31 42.07
N MET G 467 -5.33 -11.37 42.27
CA MET G 467 -5.70 -11.76 43.63
C MET G 467 -4.47 -12.20 44.42
N PHE G 468 -3.55 -12.89 43.76
CA PHE G 468 -2.30 -13.27 44.43
C PHE G 468 -1.48 -12.05 44.81
N ALA G 469 -1.50 -11.02 43.96
CA ALA G 469 -0.62 -9.88 44.18
C ALA G 469 -1.10 -8.99 45.33
N GLU G 470 -2.42 -8.89 45.53
CA GLU G 470 -2.96 -7.94 46.49
C GLU G 470 -3.26 -8.55 47.85
N THR G 471 -3.25 -9.88 47.97
CA THR G 471 -3.62 -10.52 49.23
C THR G 471 -2.47 -11.27 49.88
N GLY G 472 -1.85 -12.21 49.17
CA GLY G 472 -0.89 -13.09 49.81
C GLY G 472 0.55 -12.64 49.72
N VAL G 473 1.02 -12.36 48.51
CA VAL G 473 2.43 -12.02 48.32
C VAL G 473 2.75 -10.69 49.00
N LYS G 474 1.81 -9.74 48.95
CA LYS G 474 2.01 -8.47 49.63
C LYS G 474 2.15 -8.68 51.13
N ARG G 475 1.30 -9.52 51.71
CA ARG G 475 1.42 -9.83 53.13
C ARG G 475 2.74 -10.49 53.44
N LEU G 476 3.17 -11.42 52.59
CA LEU G 476 4.45 -12.09 52.78
C LEU G 476 5.59 -11.09 52.86
N PHE G 477 5.65 -10.17 51.90
CA PHE G 477 6.79 -9.25 51.89
C PHE G 477 6.66 -8.17 52.95
N GLN G 478 5.44 -7.80 53.35
CA GLN G 478 5.28 -6.93 54.51
C GLN G 478 5.81 -7.61 55.76
N LEU G 479 5.52 -8.89 55.94
CA LEU G 479 6.04 -9.63 57.08
C LEU G 479 7.56 -9.69 57.04
N LEU G 480 8.13 -9.91 55.84
CA LEU G 480 9.58 -9.94 55.71
C LEU G 480 10.20 -8.61 56.12
N HIS G 481 9.62 -7.50 55.66
CA HIS G 481 10.15 -6.19 56.02
C HIS G 481 10.04 -5.95 57.52
N ASP G 482 8.91 -6.32 58.12
CA ASP G 482 8.74 -6.13 59.56
C ASP G 482 9.75 -6.94 60.35
N HIS G 483 9.97 -8.20 59.96
CA HIS G 483 10.95 -9.03 60.63
C HIS G 483 12.36 -8.46 60.47
N ALA G 484 12.65 -7.91 59.28
CA ALA G 484 13.97 -7.33 59.05
C ALA G 484 14.20 -6.13 59.95
N ILE G 485 13.20 -5.28 60.13
CA ILE G 485 13.40 -4.08 60.94
C ILE G 485 13.22 -4.32 62.43
N LYS G 486 12.63 -5.44 62.83
CA LYS G 486 12.46 -5.71 64.26
C LYS G 486 13.67 -6.40 64.87
N TYR G 487 14.13 -7.50 64.26
CA TYR G 487 15.32 -8.21 64.72
C TYR G 487 16.48 -7.77 63.85
N GLN G 488 17.01 -6.58 64.13
CA GLN G 488 18.04 -5.98 63.29
C GLN G 488 19.37 -6.68 63.49
N ASN G 489 20.08 -6.88 62.39
CA ASN G 489 21.44 -7.44 62.40
C ASN G 489 22.28 -6.61 61.44
N GLN G 490 22.90 -5.56 61.97
CA GLN G 490 23.87 -4.82 61.17
C GLN G 490 25.14 -5.62 61.01
N GLU G 491 26.04 -5.11 60.17
CA GLU G 491 27.30 -5.76 59.80
C GLU G 491 27.00 -6.95 58.90
N GLU G 492 25.71 -7.23 58.67
CA GLU G 492 25.30 -8.05 57.55
C GLU G 492 24.79 -7.19 56.41
N VAL G 493 23.91 -6.23 56.73
CA VAL G 493 23.49 -5.24 55.76
C VAL G 493 24.69 -4.42 55.31
N PHE G 494 25.61 -4.12 56.23
CA PHE G 494 26.82 -3.40 55.86
C PHE G 494 27.68 -4.21 54.91
N GLN G 495 27.82 -5.52 55.17
CA GLN G 495 28.59 -6.37 54.25
C GLN G 495 27.94 -6.42 52.88
N LEU G 496 26.60 -6.46 52.84
CA LEU G 496 25.92 -6.54 51.56
C LEU G 496 26.03 -5.24 50.77
N ARG G 497 25.82 -4.09 51.43
CA ARG G 497 25.70 -2.82 50.75
C ARG G 497 26.89 -1.89 50.92
N GLY G 498 27.67 -2.04 51.98
CA GLY G 498 28.74 -1.09 52.25
C GLY G 498 28.30 0.15 52.99
N LYS G 499 27.04 0.23 53.39
CA LYS G 499 26.52 1.36 54.14
C LYS G 499 25.37 0.89 55.00
N TRP G 500 25.08 1.65 56.05
CA TRP G 500 24.06 1.27 57.02
C TRP G 500 23.18 2.47 57.35
N VAL G 501 21.88 2.21 57.42
CA VAL G 501 20.87 3.22 57.75
C VAL G 501 20.14 2.76 59.00
N ALA G 502 20.12 3.61 60.03
CA ALA G 502 19.45 3.28 61.27
C ALA G 502 17.95 3.54 61.14
N ILE G 503 17.14 2.56 61.53
CA ILE G 503 15.69 2.65 61.43
C ILE G 503 15.09 2.34 62.80
N ASN G 504 14.28 3.26 63.30
CA ASN G 504 13.63 3.05 64.58
C ASN G 504 12.40 2.15 64.39
N PRO G 505 12.34 0.99 65.03
CA PRO G 505 11.20 0.08 64.84
C PRO G 505 10.04 0.30 65.79
N ALA G 506 9.97 1.45 66.46
CA ALA G 506 8.91 1.67 67.44
C ALA G 506 7.53 1.67 66.80
N ASN G 507 7.39 2.25 65.62
CA ASN G 507 6.11 2.40 64.95
C ASN G 507 5.94 1.39 63.82
N TRP G 508 6.44 0.17 64.01
CA TRP G 508 6.36 -0.83 62.95
C TRP G 508 4.93 -1.24 62.62
N ARG G 509 4.00 -1.08 63.56
CA ARG G 509 2.62 -1.45 63.29
C ARG G 509 1.89 -0.46 62.42
N GLU G 510 2.47 0.71 62.16
CA GLU G 510 1.79 1.74 61.40
C GLU G 510 2.02 1.63 59.90
N ARG G 511 3.16 1.08 59.47
CA ARG G 511 3.50 0.93 58.06
C ARG G 511 3.42 2.28 57.34
N SER G 512 3.99 3.30 57.96
CA SER G 512 3.85 4.67 57.51
C SER G 512 5.04 5.15 56.68
N ASP G 513 5.95 4.27 56.31
CA ASP G 513 7.14 4.69 55.58
C ASP G 513 7.23 4.14 54.17
N LEU G 514 7.03 2.83 53.99
CA LEU G 514 7.19 2.20 52.70
C LEU G 514 5.88 1.60 52.24
N THR G 515 5.66 1.60 50.92
CA THR G 515 4.56 0.88 50.31
C THR G 515 5.13 -0.27 49.49
N VAL G 516 4.52 -1.44 49.62
CA VAL G 516 5.04 -2.67 49.02
C VAL G 516 4.42 -2.84 47.64
N THR G 517 5.27 -3.10 46.65
CA THR G 517 4.83 -3.49 45.32
C THR G 517 5.46 -4.85 45.06
N VAL G 518 4.75 -5.89 45.50
CA VAL G 518 5.08 -7.25 45.09
C VAL G 518 4.61 -7.54 43.69
N GLY G 519 3.77 -6.67 43.14
CA GLY G 519 3.46 -6.69 41.74
C GLY G 519 4.77 -6.63 40.99
N ILE G 520 4.81 -7.28 39.85
CA ILE G 520 6.04 -7.51 39.09
C ILE G 520 6.93 -6.27 39.01
N GLY G 521 8.17 -6.42 39.46
CA GLY G 521 9.18 -5.40 39.27
C GLY G 521 9.89 -5.68 37.95
N ASN G 522 9.09 -5.95 36.92
CA ASN G 522 9.60 -6.40 35.63
C ASN G 522 10.16 -5.22 34.84
N MET G 523 10.23 -5.40 33.53
CA MET G 523 11.02 -4.57 32.63
C MET G 523 10.43 -3.16 32.58
N ASN G 524 10.93 -2.31 33.47
CA ASN G 524 10.70 -0.88 33.41
C ASN G 524 11.99 -0.10 33.24
N LYS G 525 13.11 -0.78 33.01
CA LYS G 525 14.39 -0.11 32.84
C LYS G 525 14.36 0.83 31.64
N ASP G 526 13.74 0.40 30.54
CA ASP G 526 13.68 1.23 29.35
C ASP G 526 12.90 2.52 29.60
N GLN G 527 11.81 2.43 30.36
CA GLN G 527 10.99 3.61 30.62
C GLN G 527 11.77 4.65 31.42
N GLN G 528 12.35 4.25 32.56
CA GLN G 528 13.13 5.19 33.35
C GLN G 528 14.38 5.63 32.62
N MET G 529 14.85 4.83 31.67
CA MET G 529 16.05 5.19 30.91
C MET G 529 15.73 6.30 29.92
N LEU G 530 14.59 6.20 29.24
CA LEU G 530 14.11 7.29 28.41
C LEU G 530 13.83 8.53 29.25
N HIS G 531 13.31 8.33 30.47
CA HIS G 531 13.14 9.46 31.37
C HIS G 531 14.47 10.09 31.74
N LEU G 532 15.52 9.28 31.84
CA LEU G 532 16.85 9.84 32.08
C LEU G 532 17.32 10.65 30.87
N MET G 533 17.02 10.17 29.66
CA MET G 533 17.32 10.96 28.46
C MET G 533 16.66 12.34 28.51
N ARG G 534 15.34 12.36 28.73
CA ARG G 534 14.63 13.64 28.74
C ARG G 534 15.10 14.53 29.89
N ILE G 535 15.41 13.95 31.04
CA ILE G 535 15.88 14.75 32.17
C ILE G 535 17.23 15.38 31.85
N TRP G 536 18.12 14.61 31.21
CA TRP G 536 19.41 15.15 30.81
C TRP G 536 19.24 16.27 29.79
N GLU G 537 18.28 16.11 28.86
CA GLU G 537 18.01 17.18 27.91
C GLU G 537 17.53 18.45 28.61
N MET G 538 16.63 18.30 29.59
CA MET G 538 16.20 19.46 30.36
C MET G 538 17.36 20.11 31.10
N ALA G 539 18.25 19.29 31.67
CA ALA G 539 19.40 19.83 32.37
C ALA G 539 20.30 20.61 31.43
N GLN G 540 20.52 20.09 30.22
CA GLN G 540 21.31 20.82 29.24
C GLN G 540 20.65 22.14 28.88
N ALA G 541 19.33 22.14 28.71
CA ALA G 541 18.62 23.38 28.39
C ALA G 541 18.76 24.39 29.51
N VAL G 542 18.63 23.95 30.76
CA VAL G 542 18.76 24.86 31.90
C VAL G 542 20.17 25.42 31.98
N VAL G 543 21.17 24.57 31.77
CA VAL G 543 22.56 25.05 31.81
C VAL G 543 22.80 26.07 30.70
N GLY G 544 22.30 25.79 29.50
CA GLY G 544 22.43 26.75 28.41
C GLY G 544 21.64 28.03 28.63
N GLY G 545 20.62 28.00 29.47
CA GLY G 545 19.87 29.18 29.81
C GLY G 545 20.50 30.05 30.87
N GLY G 546 21.67 29.68 31.37
CA GLY G 546 22.34 30.46 32.39
C GLY G 546 21.92 30.18 33.81
N GLY G 547 21.32 29.02 34.06
CA GLY G 547 20.89 28.65 35.39
C GLY G 547 21.86 27.80 36.18
N LEU G 548 23.09 27.65 35.71
CA LEU G 548 24.06 26.81 36.41
C LEU G 548 24.40 27.41 37.76
N GLY G 549 24.32 26.59 38.81
CA GLY G 549 24.57 27.03 40.15
C GLY G 549 23.37 27.57 40.89
N VAL G 550 22.29 27.87 40.18
CA VAL G 550 21.06 28.39 40.79
C VAL G 550 19.95 27.35 40.73
N LEU G 551 19.65 26.83 39.56
CA LEU G 551 18.63 25.80 39.41
C LEU G 551 19.21 24.40 39.42
N VAL G 552 20.38 24.21 38.79
CA VAL G 552 21.04 22.92 38.73
C VAL G 552 22.52 23.11 39.03
N SER G 553 23.07 22.21 39.83
CA SER G 553 24.49 22.21 40.16
C SER G 553 25.19 21.08 39.42
N GLU G 554 26.50 20.96 39.62
CA GLU G 554 27.25 19.90 38.96
C GLU G 554 27.02 18.54 39.63
N GLN G 555 26.87 18.53 40.95
CA GLN G 555 26.57 17.28 41.62
C GLN G 555 25.25 16.69 41.13
N ASN G 556 24.29 17.55 40.78
CA ASN G 556 23.07 17.05 40.14
C ASN G 556 23.38 16.40 38.80
N LEU G 557 24.24 17.04 38.01
CA LEU G 557 24.58 16.50 36.70
C LEU G 557 25.22 15.13 36.83
N TYR G 558 26.05 14.93 37.84
CA TYR G 558 26.68 13.63 38.00
C TYR G 558 25.84 12.62 38.74
N ASN G 559 24.86 13.06 39.53
CA ASN G 559 23.83 12.12 39.94
C ASN G 559 23.11 11.58 38.71
N ILE G 560 22.78 12.46 37.77
CA ILE G 560 22.11 12.03 36.54
C ILE G 560 22.99 11.07 35.75
N LEU G 561 24.27 11.44 35.58
CA LEU G 561 25.17 10.60 34.78
C LEU G 561 25.42 9.25 35.44
N LYS G 562 25.59 9.23 36.75
CA LYS G 562 25.77 7.97 37.45
C LYS G 562 24.53 7.10 37.32
N GLU G 563 23.34 7.70 37.43
CA GLU G 563 22.11 6.93 37.24
C GLU G 563 22.03 6.34 35.85
N VAL G 564 22.36 7.14 34.82
CA VAL G 564 22.30 6.64 33.46
C VAL G 564 23.28 5.49 33.25
N THR G 565 24.51 5.66 33.74
CA THR G 565 25.53 4.63 33.56
C THR G 565 25.14 3.34 34.29
N GLU G 566 24.62 3.47 35.52
CA GLU G 566 24.20 2.29 36.25
C GLU G 566 23.04 1.58 35.56
N ASN G 567 22.09 2.35 35.02
CA ASN G 567 20.99 1.74 34.29
C ASN G 567 21.47 1.06 33.02
N ALA G 568 22.55 1.58 32.42
CA ALA G 568 23.09 0.96 31.22
C ALA G 568 23.68 -0.41 31.51
N GLY G 569 24.14 -0.65 32.74
CA GLY G 569 24.65 -1.95 33.10
C GLY G 569 26.04 -1.94 33.70
N TYR G 570 26.60 -0.76 33.89
CA TYR G 570 27.93 -0.60 34.47
C TYR G 570 27.78 -0.14 35.91
N LYS G 571 28.14 -1.02 36.86
CA LYS G 571 27.96 -0.70 38.26
C LYS G 571 28.92 0.37 38.73
N ASP G 572 30.17 0.34 38.26
CA ASP G 572 31.16 1.32 38.68
C ASP G 572 31.08 2.53 37.77
N PRO G 573 30.72 3.72 38.28
CA PRO G 573 30.62 4.90 37.42
C PRO G 573 31.89 5.71 37.32
N ASP G 574 32.89 5.46 38.15
CA ASP G 574 34.14 6.22 38.09
C ASP G 574 34.99 5.86 36.88
N ARG G 575 34.67 4.79 36.17
CA ARG G 575 35.42 4.45 34.97
C ARG G 575 35.09 5.38 33.81
N PHE G 576 33.90 5.96 33.79
CA PHE G 576 33.47 6.82 32.70
C PHE G 576 33.31 8.28 33.09
N TRP G 577 33.19 8.58 34.39
CA TRP G 577 33.02 9.95 34.84
C TRP G 577 33.89 10.19 36.05
N THR G 578 34.15 11.47 36.33
CA THR G 578 34.91 11.87 37.50
C THR G 578 34.02 12.67 38.44
N ASN G 579 34.18 12.44 39.73
CA ASN G 579 33.37 13.13 40.72
C ASN G 579 33.83 14.58 40.85
N PRO G 580 32.93 15.55 40.72
CA PRO G 580 33.34 16.95 40.85
C PRO G 580 33.86 17.33 42.23
N ASP G 581 33.59 16.51 43.25
CA ASP G 581 34.12 16.76 44.59
C ASP G 581 35.49 16.14 44.80
N SER G 582 35.99 15.37 43.85
CA SER G 582 37.32 14.78 43.99
C SER G 582 38.38 15.88 43.94
N PRO G 583 39.52 15.67 44.62
CA PRO G 583 40.54 16.74 44.65
C PRO G 583 41.06 17.13 43.28
N GLU G 584 41.12 16.20 42.34
CA GLU G 584 41.53 16.54 40.98
C GLU G 584 40.56 17.52 40.35
N ALA G 585 39.25 17.31 40.57
CA ALA G 585 38.26 18.25 40.05
C ALA G 585 38.40 19.61 40.69
N GLN G 586 38.67 19.65 42.01
CA GLN G 586 38.89 20.94 42.67
C GLN G 586 40.10 21.65 42.08
N GLN G 587 41.18 20.92 41.82
CA GLN G 587 42.35 21.51 41.19
C GLN G 587 42.01 22.05 39.80
N ALA G 588 41.27 21.28 39.02
CA ALA G 588 40.90 21.73 37.68
C ALA G 588 40.08 22.99 37.74
N LYS G 589 39.14 23.06 38.70
CA LYS G 589 38.38 24.29 38.90
C LYS G 589 39.29 25.44 39.31
N ALA G 590 40.30 25.15 40.12
CA ALA G 590 41.22 26.20 40.55
C ALA G 590 41.94 26.83 39.37
N ILE G 591 42.56 25.99 38.52
CA ILE G 591 43.22 26.55 37.33
C ILE G 591 42.22 27.22 36.40
N ARG G 592 41.03 26.62 36.23
CA ARG G 592 40.06 27.21 35.32
C ARG G 592 39.64 28.61 35.78
N GLU G 593 39.41 28.78 37.09
CA GLU G 593 39.10 30.11 37.62
C GLU G 593 40.28 31.05 37.50
N GLN G 594 41.49 30.54 37.74
CA GLN G 594 42.68 31.38 37.64
C GLN G 594 42.88 31.89 36.21
N LYS G 595 42.43 31.13 35.22
CA LYS G 595 42.60 31.51 33.82
C LYS G 595 41.69 32.65 33.38
N GLU G 596 40.99 33.31 34.29
CA GLU G 596 40.23 34.51 34.00
C GLU G 596 40.75 35.70 34.78
N ALA G 597 42.08 35.86 34.82
CA ALA G 597 42.68 36.97 35.53
C ALA G 597 42.30 38.31 34.90
N GLN G 598 42.42 38.40 33.57
CA GLN G 598 42.11 39.63 32.86
C GLN G 598 41.95 39.32 31.37
N PRO G 599 40.88 39.83 30.73
CA PRO G 599 40.75 39.66 29.28
C PRO G 599 41.65 40.62 28.50
N LYS G 600 41.52 40.61 27.17
CA LYS G 600 42.48 41.32 26.32
C LYS G 600 42.36 42.84 26.43
N PRO G 601 41.19 43.47 26.25
CA PRO G 601 41.15 44.93 26.22
C PRO G 601 41.01 45.63 27.57
N GLU G 602 41.06 44.90 28.69
CA GLU G 602 40.93 45.56 29.99
C GLU G 602 42.08 46.52 30.26
N ASP G 603 43.32 46.08 30.02
CA ASP G 603 44.44 46.98 30.27
C ASP G 603 44.56 48.05 29.20
N ILE G 604 44.09 47.80 27.97
CA ILE G 604 43.95 48.89 27.00
C ILE G 604 42.99 49.93 27.54
N LYS G 605 41.92 49.49 28.19
CA LYS G 605 40.97 50.40 28.81
C LYS G 605 41.63 51.22 29.91
N ALA G 606 42.41 50.56 30.76
CA ALA G 606 43.16 51.27 31.79
C ALA G 606 44.13 52.27 31.18
N GLN G 607 44.75 51.90 30.06
CA GLN G 607 45.63 52.82 29.34
C GLN G 607 44.89 54.08 28.93
N ALA G 608 43.71 53.92 28.34
CA ALA G 608 42.95 55.08 27.90
C ALA G 608 42.53 55.94 29.08
N ASP G 609 42.17 55.29 30.20
CA ASP G 609 41.93 56.03 31.44
C ASP G 609 43.16 56.84 31.83
N ALA G 610 44.34 56.24 31.72
CA ALA G 610 45.58 56.94 32.05
C ALA G 610 45.77 58.17 31.19
N GLN G 611 45.62 58.02 29.86
CA GLN G 611 45.76 59.19 28.99
C GLN G 611 44.73 60.26 29.30
N ARG G 612 43.51 59.88 29.68
CA ARG G 612 42.54 60.95 29.80
C ARG G 612 42.61 61.64 31.17
N ALA G 613 43.08 60.93 32.20
CA ALA G 613 43.51 61.61 33.42
C ALA G 613 44.69 62.53 33.13
N GLN G 614 45.62 62.07 32.29
CA GLN G 614 46.69 62.91 31.76
C GLN G 614 46.13 64.18 31.13
N SER G 615 45.11 64.06 30.31
CA SER G 615 44.53 65.23 29.64
C SER G 615 43.92 66.19 30.65
N ASP G 616 43.15 65.66 31.62
CA ASP G 616 42.56 66.53 32.64
C ASP G 616 43.64 67.26 33.42
N ALA G 617 44.67 66.54 33.86
CA ALA G 617 45.77 67.15 34.59
C ALA G 617 46.39 68.27 33.77
N LEU G 618 46.94 67.93 32.60
CA LEU G 618 47.62 68.94 31.79
C LEU G 618 46.72 70.12 31.48
N ALA G 619 45.41 69.90 31.33
CA ALA G 619 44.48 71.02 31.18
C ALA G 619 44.55 71.94 32.39
N LYS G 620 44.45 71.37 33.59
CA LYS G 620 44.47 72.21 34.79
C LYS G 620 45.79 72.97 34.92
N GLN G 621 46.91 72.27 34.72
CA GLN G 621 48.20 72.96 34.84
C GLN G 621 48.37 74.02 33.77
N ALA G 622 47.90 73.75 32.54
CA ALA G 622 48.00 74.76 31.48
C ALA G 622 47.19 75.99 31.84
N GLU G 623 45.97 75.80 32.36
CA GLU G 623 45.14 76.94 32.75
C GLU G 623 45.83 77.77 33.83
N ALA G 624 46.28 77.11 34.89
CA ALA G 624 46.93 77.85 35.98
C ALA G 624 48.20 78.53 35.51
N GLN G 625 48.97 77.85 34.67
CA GLN G 625 50.23 78.40 34.18
C GLN G 625 50.00 79.62 33.31
N MET G 626 48.98 79.58 32.45
CA MET G 626 48.72 80.72 31.59
C MET G 626 48.17 81.90 32.40
N LYS G 627 47.35 81.62 33.41
CA LYS G 627 46.90 82.68 34.30
C LYS G 627 48.09 83.34 35.00
N GLN G 628 49.02 82.53 35.51
CA GLN G 628 50.19 83.09 36.18
C GLN G 628 51.09 83.84 35.20
N VAL G 629 51.19 83.37 33.95
CA VAL G 629 51.96 84.10 32.95
C VAL G 629 51.37 85.49 32.74
N GLU G 630 50.06 85.56 32.51
CA GLU G 630 49.44 86.86 32.28
C GLU G 630 49.45 87.70 33.55
N ALA G 631 49.65 87.06 34.71
CA ALA G 631 49.67 87.81 35.96
C ALA G 631 50.94 88.66 36.08
N GLN G 632 52.11 88.07 35.84
CA GLN G 632 53.37 88.75 36.11
C GLN G 632 54.38 88.53 34.99
N ILE G 633 53.94 88.66 33.74
CA ILE G 633 54.84 88.87 32.61
C ILE G 633 54.43 90.06 31.77
N ARG G 634 53.29 90.68 32.06
CA ARG G 634 52.74 91.78 31.27
C ARG G 634 52.74 93.09 32.02
N LEU G 635 52.28 93.10 33.27
CA LEU G 635 52.30 94.34 34.06
C LEU G 635 53.72 94.80 34.35
N ALA G 636 54.65 93.85 34.52
CA ALA G 636 56.02 94.20 34.87
C ALA G 636 56.68 95.04 33.78
N GLU G 637 56.48 94.67 32.51
CA GLU G 637 57.01 95.47 31.42
C GLU G 637 56.16 96.69 31.13
N ILE G 638 54.90 96.71 31.54
CA ILE G 638 54.06 97.89 31.35
C ILE G 638 54.51 99.01 32.28
N GLU G 639 54.78 98.68 33.54
CA GLU G 639 55.16 99.72 34.50
C GLU G 639 56.51 100.33 34.16
N LEU G 640 57.35 99.61 33.42
CA LEU G 640 58.63 100.16 32.98
C LEU G 640 58.70 100.23 31.46
N MET H 11 -42.76 9.97 80.69
CA MET H 11 -42.64 10.20 79.26
C MET H 11 -41.18 10.31 78.83
N ASP H 12 -40.39 9.30 79.19
CA ASP H 12 -38.97 9.30 78.82
C ASP H 12 -38.49 7.94 78.33
N ASP H 13 -39.38 6.96 78.13
CA ASP H 13 -39.06 5.71 77.45
C ASP H 13 -37.93 4.96 78.19
N GLU H 14 -38.28 4.48 79.38
CA GLU H 14 -37.34 3.73 80.19
C GLU H 14 -36.90 2.45 79.47
N GLN H 15 -35.90 1.79 80.07
CA GLN H 15 -35.20 0.68 79.40
C GLN H 15 -36.14 -0.45 79.01
N VAL H 16 -37.14 -0.75 79.83
CA VAL H 16 -38.03 -1.86 79.53
C VAL H 16 -38.78 -1.62 78.24
N LEU H 17 -39.27 -0.40 78.04
CA LEU H 17 -40.03 -0.08 76.83
C LEU H 17 -39.15 -0.18 75.59
N ARG H 18 -37.91 0.32 75.67
CA ARG H 18 -37.06 0.25 74.48
C ARG H 18 -36.62 -1.18 74.20
N HIS H 19 -36.44 -2.00 75.24
CA HIS H 19 -36.23 -3.42 75.00
C HIS H 19 -37.43 -4.04 74.29
N LEU H 20 -38.64 -3.69 74.73
CA LEU H 20 -39.84 -4.23 74.10
C LEU H 20 -39.88 -3.86 72.62
N ASP H 21 -39.65 -2.58 72.32
CA ASP H 21 -39.68 -2.12 70.93
C ASP H 21 -38.59 -2.80 70.11
N GLN H 22 -37.38 -2.90 70.66
CA GLN H 22 -36.27 -3.50 69.93
C GLN H 22 -36.53 -4.96 69.62
N LEU H 23 -37.03 -5.71 70.61
CA LEU H 23 -37.33 -7.12 70.37
C LEU H 23 -38.48 -7.29 69.38
N VAL H 24 -39.49 -6.42 69.43
CA VAL H 24 -40.55 -6.50 68.44
C VAL H 24 -39.99 -6.31 67.04
N ASN H 25 -39.20 -5.24 66.85
CA ASN H 25 -38.64 -4.96 65.54
C ASN H 25 -37.73 -6.08 65.06
N ASP H 26 -36.91 -6.62 65.96
CA ASP H 26 -35.96 -7.65 65.57
C ASP H 26 -36.66 -8.97 65.23
N ALA H 27 -37.57 -9.41 66.10
CA ALA H 27 -38.31 -10.64 65.86
C ALA H 27 -39.28 -10.51 64.69
N LEU H 28 -39.58 -9.30 64.25
CA LEU H 28 -40.30 -9.14 62.99
C LEU H 28 -39.53 -9.82 61.86
N ASP H 29 -38.22 -9.64 61.83
CA ASP H 29 -37.35 -10.33 60.89
C ASP H 29 -36.84 -11.61 61.55
N PHE H 30 -35.82 -12.24 60.96
CA PHE H 30 -35.32 -13.55 61.41
C PHE H 30 -36.41 -14.61 61.34
N ASN H 31 -36.93 -14.87 60.14
CA ASN H 31 -37.95 -15.87 59.94
C ASN H 31 -37.77 -16.51 58.57
N SER H 32 -38.58 -17.53 58.29
CA SER H 32 -38.56 -18.17 56.99
C SER H 32 -39.20 -17.24 55.96
N SER H 33 -38.38 -16.43 55.30
CA SER H 33 -38.86 -15.44 54.35
C SER H 33 -38.35 -15.79 52.95
N GLU H 34 -39.14 -15.38 51.95
CA GLU H 34 -38.81 -15.67 50.56
C GLU H 34 -37.51 -15.00 50.13
N LEU H 35 -37.13 -13.89 50.78
CA LEU H 35 -35.87 -13.25 50.47
C LEU H 35 -34.69 -14.18 50.77
N SER H 36 -34.68 -14.73 51.98
CA SER H 36 -33.63 -15.67 52.35
C SER H 36 -33.67 -16.91 51.47
N LYS H 37 -34.87 -17.37 51.13
CA LYS H 37 -34.99 -18.53 50.25
C LYS H 37 -34.35 -18.25 48.89
N GLN H 38 -34.63 -17.08 48.32
CA GLN H 38 -34.07 -16.76 47.01
C GLN H 38 -32.55 -16.61 47.08
N ARG H 39 -32.03 -15.98 48.15
CA ARG H 39 -30.59 -15.85 48.28
C ARG H 39 -29.92 -17.21 48.43
N SER H 40 -30.49 -18.09 49.25
CA SER H 40 -29.92 -19.42 49.42
C SER H 40 -29.98 -20.22 48.12
N GLU H 41 -31.08 -20.08 47.37
CA GLU H 41 -31.19 -20.78 46.09
C GLU H 41 -30.15 -20.26 45.10
N ALA H 42 -29.90 -18.95 45.10
CA ALA H 42 -28.86 -18.41 44.24
C ALA H 42 -27.50 -18.99 44.60
N LEU H 43 -27.18 -19.07 45.89
CA LEU H 43 -25.91 -19.65 46.29
C LEU H 43 -25.82 -21.12 45.89
N LYS H 44 -26.91 -21.87 46.07
CA LYS H 44 -26.91 -23.28 45.69
C LYS H 44 -26.70 -23.46 44.20
N TYR H 45 -27.37 -22.62 43.39
CA TYR H 45 -27.18 -22.70 41.94
C TYR H 45 -25.74 -22.36 41.57
N TYR H 46 -25.14 -21.40 42.27
CA TYR H 46 -23.74 -21.09 42.01
C TYR H 46 -22.84 -22.28 42.32
N PHE H 47 -23.08 -22.96 43.43
CA PHE H 47 -22.24 -24.10 43.79
C PHE H 47 -22.51 -25.31 42.91
N GLY H 48 -23.56 -25.31 42.09
CA GLY H 48 -23.88 -26.47 41.30
C GLY H 48 -24.47 -27.62 42.10
N GLU H 49 -25.22 -27.32 43.15
CA GLU H 49 -25.81 -28.35 43.99
C GLU H 49 -26.94 -29.05 43.25
N PRO H 50 -27.23 -30.29 43.63
CA PRO H 50 -28.34 -31.01 42.99
C PRO H 50 -29.68 -30.31 43.22
N PHE H 51 -30.54 -30.37 42.21
CA PHE H 51 -31.84 -29.71 42.28
C PHE H 51 -32.77 -30.38 43.28
N GLY H 52 -32.70 -31.70 43.39
CA GLY H 52 -33.59 -32.46 44.25
C GLY H 52 -34.57 -33.35 43.52
N ASN H 53 -34.50 -33.44 42.19
CA ASN H 53 -35.37 -34.29 41.41
C ASN H 53 -34.60 -35.41 40.70
N GLU H 54 -33.54 -35.91 41.35
CA GLU H 54 -32.67 -36.90 40.73
C GLU H 54 -33.07 -38.30 41.15
N ARG H 55 -33.13 -39.20 40.18
CA ARG H 55 -33.45 -40.59 40.41
C ARG H 55 -32.20 -41.38 40.77
N PRO H 56 -32.35 -42.48 41.52
CA PRO H 56 -31.16 -43.19 42.03
C PRO H 56 -30.18 -43.64 40.96
N GLY H 57 -30.65 -44.09 39.81
CA GLY H 57 -29.75 -44.70 38.85
C GLY H 57 -29.56 -43.97 37.54
N LYS H 58 -30.00 -42.72 37.46
CA LYS H 58 -29.93 -41.94 36.24
C LYS H 58 -28.87 -40.85 36.37
N SER H 59 -28.64 -40.14 35.26
CA SER H 59 -27.68 -39.05 35.26
C SER H 59 -28.16 -37.90 36.14
N ALA H 60 -27.20 -37.24 36.79
CA ALA H 60 -27.52 -36.17 37.73
C ALA H 60 -26.58 -34.98 37.58
N ILE H 61 -26.20 -34.66 36.35
CA ILE H 61 -25.28 -33.56 36.10
C ILE H 61 -26.05 -32.25 36.02
N VAL H 62 -25.36 -31.16 36.29
CA VAL H 62 -25.98 -29.83 36.39
C VAL H 62 -25.20 -28.86 35.50
N SER H 63 -25.94 -28.09 34.70
CA SER H 63 -25.34 -27.06 33.88
C SER H 63 -24.92 -25.88 34.74
N ARG H 64 -23.82 -25.22 34.36
CA ARG H 64 -23.24 -24.12 35.13
C ARG H 64 -23.43 -22.83 34.31
N ASP H 65 -24.38 -22.00 34.71
CA ASP H 65 -24.63 -20.74 34.05
C ASP H 65 -24.41 -19.53 34.95
N VAL H 66 -25.00 -19.54 36.15
CA VAL H 66 -24.80 -18.42 37.08
C VAL H 66 -23.33 -18.30 37.44
N GLN H 67 -22.67 -19.44 37.66
CA GLN H 67 -21.24 -19.42 38.00
C GLN H 67 -20.43 -18.82 36.86
N GLU H 68 -20.72 -19.22 35.63
CA GLU H 68 -19.98 -18.69 34.48
C GLU H 68 -20.18 -17.20 34.34
N THR H 69 -21.42 -16.72 34.48
CA THR H 69 -21.70 -15.30 34.33
C THR H 69 -20.99 -14.49 35.42
N VAL H 70 -21.06 -14.95 36.67
CA VAL H 70 -20.43 -14.22 37.75
C VAL H 70 -18.91 -14.18 37.57
N ASP H 71 -18.32 -15.33 37.19
CA ASP H 71 -16.89 -15.39 37.01
C ASP H 71 -16.41 -14.62 35.79
N TRP H 72 -17.29 -14.41 34.80
CA TRP H 72 -16.90 -13.58 33.67
C TRP H 72 -17.08 -12.10 33.97
N ILE H 73 -17.97 -11.75 34.88
CA ILE H 73 -18.18 -10.33 35.19
C ILE H 73 -17.14 -9.82 36.17
N MET H 74 -16.79 -10.61 37.19
CA MET H 74 -15.99 -10.09 38.29
C MET H 74 -14.63 -9.52 37.89
N PRO H 75 -13.82 -10.19 37.05
CA PRO H 75 -12.47 -9.65 36.79
C PRO H 75 -12.45 -8.25 36.21
N SER H 76 -13.41 -7.91 35.34
CA SER H 76 -13.49 -6.55 34.85
C SER H 76 -13.80 -5.57 35.98
N LEU H 77 -14.72 -5.94 36.85
CA LEU H 77 -15.09 -5.09 37.98
C LEU H 77 -13.96 -4.94 38.99
N MET H 78 -12.97 -5.82 38.97
CA MET H 78 -11.82 -5.63 39.83
C MET H 78 -10.72 -4.82 39.14
N LYS H 79 -10.45 -5.11 37.87
CA LYS H 79 -9.48 -4.35 37.11
C LYS H 79 -9.84 -2.86 37.10
N VAL H 80 -11.11 -2.55 36.80
CA VAL H 80 -11.63 -1.26 37.17
C VAL H 80 -11.77 -1.21 38.69
N PHE H 81 -11.39 -0.10 39.30
CA PHE H 81 -11.35 0.17 40.74
C PHE H 81 -10.14 -0.42 41.44
N THR H 82 -9.28 -1.21 40.79
CA THR H 82 -8.10 -1.72 41.48
C THR H 82 -6.79 -1.51 40.74
N SER H 83 -6.77 -1.51 39.40
CA SER H 83 -5.52 -1.66 38.66
C SER H 83 -4.52 -0.56 38.98
N GLY H 84 -5.00 0.66 39.22
CA GLY H 84 -4.09 1.78 39.35
C GLY H 84 -3.32 1.88 40.64
N GLY H 85 -3.48 0.93 41.56
CA GLY H 85 -2.87 1.07 42.87
C GLY H 85 -3.63 2.00 43.79
N GLN H 86 -3.84 3.24 43.36
CA GLN H 86 -4.74 4.14 44.08
C GLN H 86 -6.19 3.75 43.80
N VAL H 87 -7.06 4.05 44.76
CA VAL H 87 -8.47 3.74 44.61
C VAL H 87 -9.37 4.96 44.64
N VAL H 88 -8.93 6.09 45.19
CA VAL H 88 -9.75 7.29 45.28
C VAL H 88 -8.88 8.51 45.00
N LYS H 89 -9.52 9.58 44.54
CA LYS H 89 -8.83 10.85 44.38
C LYS H 89 -9.77 11.98 44.77
N TYR H 90 -9.31 12.87 45.66
CA TYR H 90 -10.10 13.99 46.10
C TYR H 90 -9.67 15.23 45.34
N GLU H 91 -10.61 15.87 44.66
CA GLU H 91 -10.31 17.04 43.86
C GLU H 91 -10.71 18.30 44.61
N PRO H 92 -9.84 19.31 44.67
CA PRO H 92 -10.20 20.54 45.36
C PRO H 92 -11.28 21.31 44.61
N GLN H 93 -12.09 22.05 45.37
CA GLN H 93 -13.13 22.87 44.78
C GLN H 93 -12.61 24.22 44.33
N THR H 94 -11.77 24.86 45.14
CA THR H 94 -11.12 26.11 44.81
C THR H 94 -9.61 25.95 44.97
N ALA H 95 -8.88 27.03 44.70
CA ALA H 95 -7.43 27.00 44.82
C ALA H 95 -6.95 26.98 46.27
N GLU H 96 -7.81 27.29 47.23
CA GLU H 96 -7.44 27.32 48.64
C GLU H 96 -7.59 25.96 49.31
N ASP H 97 -8.07 24.96 48.60
CA ASP H 97 -8.26 23.62 49.17
C ASP H 97 -7.22 22.62 48.70
N VAL H 98 -6.34 23.00 47.78
CA VAL H 98 -5.49 22.03 47.09
C VAL H 98 -4.70 21.20 48.10
N GLU H 99 -4.03 21.87 49.04
CA GLU H 99 -3.22 21.15 50.01
C GLU H 99 -4.07 20.17 50.80
N GLN H 100 -5.25 20.61 51.24
CA GLN H 100 -6.16 19.68 51.92
C GLN H 100 -6.52 18.52 51.02
N ALA H 101 -6.84 18.82 49.75
CA ALA H 101 -7.16 17.77 48.81
C ALA H 101 -6.02 16.78 48.66
N GLU H 102 -4.78 17.23 48.85
CA GLU H 102 -3.66 16.29 48.81
C GLU H 102 -3.68 15.39 50.04
N GLN H 103 -3.84 15.99 51.22
CA GLN H 103 -3.69 15.24 52.47
C GLN H 103 -4.62 14.04 52.50
N GLU H 104 -5.92 14.28 52.28
CA GLU H 104 -6.88 13.18 52.27
C GLU H 104 -6.49 12.12 51.24
N THR H 105 -6.07 12.55 50.05
CA THR H 105 -5.72 11.60 49.01
C THR H 105 -4.60 10.68 49.46
N GLU H 106 -3.70 11.17 50.30
CA GLU H 106 -2.65 10.29 50.81
C GLU H 106 -3.07 9.60 52.09
N TYR H 107 -4.00 10.17 52.85
CA TYR H 107 -4.47 9.52 54.06
C TYR H 107 -5.45 8.39 53.73
N VAL H 108 -6.57 8.75 53.11
CA VAL H 108 -7.53 7.76 52.65
C VAL H 108 -6.97 7.11 51.38
N ASN H 109 -6.46 5.88 51.53
CA ASN H 109 -5.59 5.15 50.62
C ASN H 109 -4.62 4.38 51.48
N TYR H 110 -4.02 5.08 52.44
CA TYR H 110 -3.22 4.41 53.46
C TYR H 110 -4.12 3.67 54.45
N LEU H 111 -5.28 4.24 54.77
CA LEU H 111 -6.21 3.57 55.66
C LEU H 111 -6.89 2.40 54.98
N PHE H 112 -7.20 2.53 53.70
CA PHE H 112 -8.01 1.51 53.03
C PHE H 112 -7.15 0.36 52.53
N MET H 113 -6.02 0.64 51.90
CA MET H 113 -5.22 -0.39 51.26
C MET H 113 -4.10 -0.94 52.15
N ARG H 114 -3.68 -0.20 53.17
CA ARG H 114 -2.56 -0.62 53.99
C ARG H 114 -2.92 -0.85 55.46
N LYS H 115 -4.17 -0.64 55.84
CA LYS H 115 -4.58 -0.82 57.24
C LYS H 115 -5.85 -1.65 57.40
N ASN H 116 -6.56 -1.96 56.32
CA ASN H 116 -7.86 -2.60 56.46
C ASN H 116 -8.14 -3.70 55.45
N GLU H 117 -7.15 -4.11 54.64
CA GLU H 117 -7.35 -5.15 53.63
C GLU H 117 -8.46 -4.76 52.65
N GLY H 118 -8.22 -3.67 51.93
CA GLY H 118 -9.25 -3.11 51.09
C GLY H 118 -9.64 -4.00 49.93
N PHE H 119 -8.66 -4.70 49.33
CA PHE H 119 -8.94 -5.52 48.17
C PHE H 119 -9.92 -6.64 48.50
N LYS H 120 -9.69 -7.32 49.63
CA LYS H 120 -10.58 -8.41 50.03
C LYS H 120 -11.98 -7.90 50.33
N VAL H 121 -12.08 -6.76 51.01
CA VAL H 121 -13.39 -6.19 51.33
C VAL H 121 -14.13 -5.84 50.04
N MET H 122 -13.44 -5.21 49.09
CA MET H 122 -14.07 -4.85 47.83
C MET H 122 -14.51 -6.09 47.06
N PHE H 123 -13.69 -7.14 47.05
CA PHE H 123 -14.05 -8.36 46.34
C PHE H 123 -15.29 -8.99 46.96
N ASP H 124 -15.33 -9.07 48.29
CA ASP H 124 -16.51 -9.63 48.96
C ASP H 124 -17.74 -8.80 48.67
N TRP H 125 -17.60 -7.47 48.72
CA TRP H 125 -18.72 -6.57 48.42
C TRP H 125 -19.28 -6.84 47.03
N PHE H 126 -18.42 -6.84 46.03
CA PHE H 126 -18.87 -7.01 44.65
C PHE H 126 -19.49 -8.38 44.43
N GLN H 127 -18.87 -9.43 44.98
CA GLN H 127 -19.39 -10.76 44.76
C GLN H 127 -20.72 -10.97 45.47
N ASP H 128 -20.89 -10.38 46.66
CA ASP H 128 -22.18 -10.44 47.33
C ASP H 128 -23.24 -9.69 46.54
N THR H 129 -22.89 -8.53 45.97
CA THR H 129 -23.86 -7.79 45.18
C THR H 129 -24.30 -8.58 43.95
N LEU H 130 -23.36 -9.21 43.26
CA LEU H 130 -23.71 -9.96 42.06
C LEU H 130 -24.45 -11.25 42.41
N MET H 131 -24.02 -11.94 43.45
CA MET H 131 -24.61 -13.23 43.83
C MET H 131 -25.95 -13.04 44.51
N MET H 132 -25.95 -12.34 45.65
CA MET H 132 -27.18 -11.99 46.34
C MET H 132 -27.80 -10.79 45.63
N LYS H 133 -28.78 -10.15 46.25
CA LYS H 133 -29.40 -8.99 45.64
C LYS H 133 -28.71 -7.68 45.98
N THR H 134 -28.00 -7.62 47.11
CA THR H 134 -27.33 -6.38 47.50
C THR H 134 -26.18 -6.71 48.44
N GLY H 135 -25.21 -5.81 48.48
CA GLY H 135 -24.07 -5.97 49.37
C GLY H 135 -23.84 -4.71 50.17
N VAL H 136 -23.43 -4.91 51.43
CA VAL H 136 -23.32 -3.82 52.40
C VAL H 136 -21.94 -3.86 53.06
N VAL H 137 -21.36 -2.68 53.27
CA VAL H 137 -20.08 -2.51 53.93
C VAL H 137 -20.20 -1.44 55.00
N LYS H 138 -19.57 -1.66 56.15
CA LYS H 138 -19.66 -0.75 57.28
C LYS H 138 -18.31 -0.10 57.57
N VAL H 139 -18.35 1.18 57.94
CA VAL H 139 -17.18 1.93 58.38
C VAL H 139 -17.43 2.37 59.81
N TYR H 140 -16.47 2.14 60.69
CA TYR H 140 -16.66 2.46 62.10
C TYR H 140 -15.32 2.80 62.73
N VAL H 141 -15.38 3.20 64.00
CA VAL H 141 -14.21 3.50 64.81
C VAL H 141 -14.08 2.41 65.87
N GLU H 142 -12.89 1.82 65.96
CA GLU H 142 -12.68 0.69 66.84
C GLU H 142 -12.95 1.07 68.30
N GLU H 143 -13.70 0.22 68.99
CA GLU H 143 -14.02 0.43 70.40
C GLU H 143 -13.37 -0.58 71.33
N VAL H 144 -12.97 -1.74 70.82
CA VAL H 144 -12.29 -2.76 71.62
C VAL H 144 -10.80 -2.58 71.41
N LEU H 145 -10.08 -2.23 72.47
CA LEU H 145 -8.66 -1.91 72.41
C LEU H 145 -7.89 -2.93 73.24
N ASN H 146 -7.40 -3.98 72.59
CA ASN H 146 -6.64 -4.99 73.29
C ASN H 146 -5.20 -4.54 73.53
N PRO H 147 -4.60 -4.98 74.62
CA PRO H 147 -3.17 -4.72 74.82
C PRO H 147 -2.33 -5.53 73.84
N THR H 148 -1.11 -5.05 73.59
CA THR H 148 -0.22 -5.68 72.63
C THR H 148 1.12 -5.98 73.29
N PHE H 149 1.83 -6.95 72.72
CA PHE H 149 3.14 -7.35 73.20
C PHE H 149 4.14 -7.27 72.04
N GLU H 150 5.31 -6.70 72.32
CA GLU H 150 6.33 -6.52 71.29
C GLU H 150 7.66 -7.08 71.76
N ARG H 151 8.44 -7.58 70.80
CA ARG H 151 9.78 -8.09 71.04
C ARG H 151 10.73 -7.45 70.03
N PHE H 152 11.90 -7.03 70.50
CA PHE H 152 12.93 -6.47 69.65
C PHE H 152 14.28 -7.04 70.04
N SER H 153 15.17 -7.15 69.06
CA SER H 153 16.52 -7.65 69.30
C SER H 153 17.48 -6.97 68.36
N GLY H 154 18.71 -6.75 68.83
CA GLY H 154 19.73 -6.14 68.01
C GLY H 154 19.63 -4.64 67.89
N LEU H 155 19.05 -3.98 68.88
CA LEU H 155 18.84 -2.54 68.84
C LEU H 155 20.00 -1.80 69.49
N SER H 156 20.20 -0.56 69.04
CA SER H 156 21.14 0.33 69.68
C SER H 156 20.50 1.01 70.89
N GLU H 157 21.33 1.62 71.73
CA GLU H 157 20.82 2.20 72.96
C GLU H 157 19.94 3.42 72.70
N GLU H 158 20.18 4.15 71.61
CA GLU H 158 19.32 5.29 71.28
C GLU H 158 17.89 4.84 71.02
N MET H 159 17.74 3.79 70.19
CA MET H 159 16.41 3.30 69.89
C MET H 159 15.75 2.71 71.13
N VAL H 160 16.53 2.07 71.99
CA VAL H 160 15.98 1.52 73.23
C VAL H 160 15.45 2.64 74.11
N ALA H 161 16.21 3.73 74.24
CA ALA H 161 15.76 4.87 75.04
C ALA H 161 14.50 5.48 74.43
N ASP H 162 14.47 5.60 73.11
CA ASP H 162 13.28 6.16 72.45
C ASP H 162 12.06 5.30 72.70
N ILE H 163 12.21 3.98 72.64
CA ILE H 163 11.10 3.08 72.91
C ILE H 163 10.66 3.22 74.36
N LEU H 164 11.61 3.29 75.28
CA LEU H 164 11.31 3.25 76.70
C LEU H 164 10.83 4.58 77.26
N ALA H 165 10.98 5.67 76.51
CA ALA H 165 10.52 6.96 77.00
C ALA H 165 9.00 7.06 77.05
N ASP H 166 8.30 6.19 76.34
CA ASP H 166 6.84 6.25 76.32
C ASP H 166 6.28 5.86 77.69
N PRO H 167 5.35 6.64 78.25
CA PRO H 167 4.80 6.30 79.57
C PRO H 167 3.73 5.21 79.54
N ASP H 168 3.36 4.70 78.36
CA ASP H 168 2.35 3.66 78.24
C ASP H 168 2.96 2.31 77.91
N THR H 169 4.23 2.12 78.23
CA THR H 169 4.96 0.90 77.91
C THR H 169 5.52 0.28 79.19
N GLU H 170 5.28 -1.01 79.36
CA GLU H 170 5.77 -1.75 80.52
C GLU H 170 6.86 -2.71 80.10
N ILE H 171 7.91 -2.79 80.91
CA ILE H 171 9.02 -3.69 80.63
C ILE H 171 8.68 -5.09 81.13
N LEU H 172 8.80 -6.08 80.25
CA LEU H 172 8.73 -7.47 80.64
C LEU H 172 10.09 -8.17 80.65
N ALA H 173 10.97 -7.82 79.73
CA ALA H 173 12.30 -8.42 79.71
C ALA H 173 13.28 -7.48 79.04
N GLN H 174 14.53 -7.52 79.52
CA GLN H 174 15.59 -6.71 78.94
C GLN H 174 16.90 -7.48 79.07
N SER H 175 17.72 -7.42 78.03
CA SER H 175 18.99 -8.14 78.02
C SER H 175 19.98 -7.44 77.11
N VAL H 176 21.27 -7.64 77.40
CA VAL H 176 22.36 -7.09 76.61
C VAL H 176 23.24 -8.25 76.17
N ASP H 177 23.51 -8.33 74.87
CA ASP H 177 24.34 -9.39 74.31
C ASP H 177 25.73 -8.88 74.03
N GLU H 178 26.57 -9.78 73.51
CA GLU H 178 27.88 -9.38 73.02
C GLU H 178 27.72 -8.37 71.90
N ASP H 179 28.59 -7.35 71.90
CA ASP H 179 28.42 -6.13 71.10
C ASP H 179 27.27 -5.31 71.67
N GLY H 180 27.37 -3.99 71.58
CA GLY H 180 26.40 -3.15 72.26
C GLY H 180 25.03 -3.16 71.61
N THR H 181 24.38 -4.31 71.64
CA THR H 181 23.03 -4.47 71.13
C THR H 181 22.12 -4.98 72.24
N TYR H 182 20.86 -4.57 72.19
CA TYR H 182 19.91 -4.86 73.25
C TYR H 182 18.77 -5.72 72.74
N SER H 183 18.15 -6.46 73.66
CA SER H 183 16.94 -7.21 73.38
C SER H 183 15.90 -6.86 74.43
N ILE H 184 14.69 -6.54 73.99
CA ILE H 184 13.65 -6.09 74.90
C ILE H 184 12.33 -6.77 74.56
N LYS H 185 11.54 -7.03 75.59
CA LYS H 185 10.17 -7.53 75.46
C LYS H 185 9.28 -6.63 76.30
N ILE H 186 8.31 -5.99 75.65
CA ILE H 186 7.51 -4.94 76.27
C ILE H 186 6.03 -5.20 76.02
N ARG H 187 5.21 -4.53 76.83
CA ARG H 187 3.75 -4.55 76.73
C ARG H 187 3.24 -3.14 76.57
N LYS H 188 2.28 -2.96 75.67
CA LYS H 188 1.74 -1.64 75.35
C LYS H 188 0.22 -1.64 75.43
N ASP H 189 -0.34 -0.52 75.85
CA ASP H 189 -1.78 -0.28 75.89
C ASP H 189 -2.06 0.97 75.08
N LYS H 190 -2.36 0.79 73.80
CA LYS H 190 -2.62 1.90 72.90
C LYS H 190 -3.98 2.52 73.18
N LYS H 191 -4.06 3.85 73.02
CA LYS H 191 -5.29 4.58 73.24
C LYS H 191 -5.80 5.32 72.02
N LYS H 192 -5.00 5.45 70.96
CA LYS H 192 -5.42 6.19 69.78
C LYS H 192 -6.51 5.41 69.04
N ARG H 193 -7.38 6.16 68.36
CA ARG H 193 -8.50 5.54 67.66
C ARG H 193 -8.02 4.78 66.43
N GLU H 194 -8.86 3.87 65.96
CA GLU H 194 -8.63 3.14 64.71
C GLU H 194 -9.88 3.19 63.87
N ILE H 195 -9.71 3.46 62.58
CA ILE H 195 -10.82 3.51 61.63
C ILE H 195 -10.82 2.21 60.84
N LYS H 196 -11.93 1.47 60.93
CA LYS H 196 -12.01 0.15 60.33
C LYS H 196 -13.15 0.09 59.33
N VAL H 197 -12.93 -0.71 58.29
CA VAL H 197 -13.92 -0.98 57.25
C VAL H 197 -14.11 -2.49 57.18
N THR H 198 -15.36 -2.94 57.27
CA THR H 198 -15.66 -4.36 57.31
C THR H 198 -16.77 -4.72 56.34
N CYS H 199 -16.69 -5.94 55.82
CA CYS H 199 -17.77 -6.54 55.04
C CYS H 199 -18.74 -7.25 55.98
N ILE H 200 -20.01 -7.26 55.59
CA ILE H 200 -21.07 -7.83 56.41
C ILE H 200 -21.72 -8.97 55.64
N LYS H 201 -21.86 -10.11 56.29
CA LYS H 201 -22.57 -11.22 55.67
C LYS H 201 -24.03 -10.83 55.45
N PRO H 202 -24.61 -11.21 54.30
CA PRO H 202 -25.98 -10.75 54.00
C PRO H 202 -27.01 -11.18 55.03
N GLU H 203 -26.83 -12.32 55.69
CA GLU H 203 -27.79 -12.79 56.67
C GLU H 203 -27.67 -12.07 58.01
N ASN H 204 -26.61 -11.29 58.23
CA ASN H 204 -26.40 -10.60 59.49
C ASN H 204 -26.77 -9.13 59.43
N PHE H 205 -27.42 -8.69 58.35
CA PHE H 205 -27.84 -7.31 58.20
C PHE H 205 -29.36 -7.27 58.09
N LEU H 206 -30.00 -6.47 58.93
CA LEU H 206 -31.46 -6.40 58.98
C LEU H 206 -31.92 -5.00 58.61
N VAL H 207 -32.87 -4.94 57.68
CA VAL H 207 -33.49 -3.70 57.24
C VAL H 207 -34.99 -3.90 57.24
N ASP H 208 -35.73 -2.82 57.51
CA ASP H 208 -37.19 -2.90 57.50
C ASP H 208 -37.71 -3.02 56.07
N ARG H 209 -39.01 -3.26 55.95
CA ARG H 209 -39.63 -3.58 54.67
C ARG H 209 -40.08 -2.36 53.90
N LEU H 210 -39.82 -1.15 54.39
CA LEU H 210 -40.28 0.07 53.74
C LEU H 210 -39.16 1.05 53.45
N ALA H 211 -37.90 0.60 53.48
CA ALA H 211 -36.76 1.50 53.38
C ALA H 211 -36.68 2.22 52.04
N THR H 212 -36.43 1.47 50.96
CA THR H 212 -36.19 1.94 49.60
C THR H 212 -34.85 2.63 49.44
N CYS H 213 -34.14 2.86 50.55
CA CYS H 213 -32.76 3.35 50.56
C CYS H 213 -32.32 3.43 52.02
N ILE H 214 -31.00 3.54 52.22
CA ILE H 214 -30.46 3.55 53.57
C ILE H 214 -30.81 4.84 54.29
N ASP H 215 -30.70 5.99 53.61
CA ASP H 215 -30.81 7.28 54.26
C ASP H 215 -32.18 7.54 54.87
N ASP H 216 -33.22 6.82 54.44
CA ASP H 216 -34.56 7.02 54.99
C ASP H 216 -35.09 5.78 55.69
N ALA H 217 -34.26 4.77 55.90
CA ALA H 217 -34.69 3.56 56.58
C ALA H 217 -35.02 3.86 58.03
N ARG H 218 -36.17 3.35 58.49
CA ARG H 218 -36.59 3.55 59.87
C ARG H 218 -35.79 2.71 60.85
N PHE H 219 -35.30 1.55 60.44
CA PHE H 219 -34.62 0.64 61.35
C PHE H 219 -33.60 -0.18 60.59
N LEU H 220 -32.34 -0.11 61.02
CA LEU H 220 -31.27 -0.97 60.54
C LEU H 220 -30.65 -1.66 61.73
N CYS H 221 -30.13 -2.87 61.52
CA CYS H 221 -29.43 -3.52 62.62
C CYS H 221 -28.38 -4.47 62.10
N HIS H 222 -27.29 -4.57 62.86
CA HIS H 222 -26.17 -5.46 62.57
C HIS H 222 -26.01 -6.43 63.72
N ARG H 223 -26.00 -7.72 63.40
CA ARG H 223 -25.85 -8.78 64.38
C ARG H 223 -24.45 -9.37 64.26
N GLU H 224 -23.75 -9.48 65.38
CA GLU H 224 -22.39 -10.00 65.36
C GLU H 224 -22.16 -10.83 66.61
N LYS H 225 -20.97 -11.43 66.69
CA LYS H 225 -20.61 -12.32 67.78
C LYS H 225 -19.47 -11.72 68.58
N TYR H 226 -19.63 -11.70 69.90
CA TYR H 226 -18.62 -11.19 70.81
C TYR H 226 -18.18 -12.29 71.75
N THR H 227 -16.96 -12.16 72.25
CA THR H 227 -16.46 -13.05 73.29
C THR H 227 -16.54 -12.35 74.63
N VAL H 228 -16.37 -13.13 75.70
CA VAL H 228 -16.41 -12.56 77.05
C VAL H 228 -15.29 -11.56 77.24
N SER H 229 -14.13 -11.80 76.62
CA SER H 229 -13.02 -10.85 76.72
C SER H 229 -13.39 -9.51 76.12
N ASP H 230 -14.05 -9.51 74.96
CA ASP H 230 -14.46 -8.25 74.34
C ASP H 230 -15.45 -7.51 75.22
N LEU H 231 -16.42 -8.23 75.79
CA LEU H 231 -17.40 -7.59 76.66
C LEU H 231 -16.72 -7.00 77.90
N ARG H 232 -15.73 -7.72 78.45
CA ARG H 232 -14.99 -7.17 79.58
C ARG H 232 -14.25 -5.90 79.19
N LEU H 233 -13.65 -5.90 78.00
CA LEU H 233 -12.98 -4.69 77.53
C LEU H 233 -13.97 -3.55 77.30
N LEU H 234 -15.23 -3.88 77.02
CA LEU H 234 -16.25 -2.86 76.84
C LEU H 234 -16.81 -2.32 78.15
N GLY H 235 -16.45 -2.94 79.28
CA GLY H 235 -16.89 -2.45 80.57
C GLY H 235 -18.13 -3.10 81.14
N VAL H 236 -18.59 -4.22 80.58
CA VAL H 236 -19.78 -4.90 81.11
C VAL H 236 -19.46 -5.45 82.49
N PRO H 237 -20.33 -5.25 83.49
CA PRO H 237 -20.07 -5.80 84.82
C PRO H 237 -20.10 -7.32 84.82
N GLU H 238 -19.37 -7.90 85.76
CA GLU H 238 -19.21 -9.35 85.82
C GLU H 238 -20.55 -10.05 86.09
N ASP H 239 -21.36 -9.49 86.99
CA ASP H 239 -22.60 -10.14 87.37
C ASP H 239 -23.53 -10.31 86.18
N VAL H 240 -23.55 -9.32 85.28
CA VAL H 240 -24.30 -9.46 84.04
C VAL H 240 -23.69 -10.56 83.18
N LEU H 241 -22.35 -10.66 83.19
CA LEU H 241 -21.68 -11.65 82.36
C LEU H 241 -22.04 -13.06 82.78
N ASP H 242 -22.17 -13.31 84.08
CA ASP H 242 -22.51 -14.66 84.53
C ASP H 242 -23.89 -15.11 84.09
N GLU H 243 -24.78 -14.18 83.76
CA GLU H 243 -26.16 -14.54 83.42
C GLU H 243 -26.47 -14.08 82.01
N LEU H 244 -25.59 -14.40 81.07
CA LEU H 244 -25.79 -14.05 79.68
C LEU H 244 -26.09 -15.29 78.87
N PRO H 245 -27.11 -15.27 78.00
CA PRO H 245 -27.39 -16.44 77.16
C PRO H 245 -26.27 -16.69 76.18
N TYR H 246 -25.68 -17.88 76.26
CA TYR H 246 -24.53 -18.22 75.44
C TYR H 246 -24.91 -18.82 74.10
N ASP H 247 -26.21 -18.89 73.79
CA ASP H 247 -26.63 -19.14 72.41
C ASP H 247 -27.98 -18.42 72.19
N GLU H 248 -27.89 -17.16 71.75
CA GLU H 248 -28.99 -16.42 71.15
C GLU H 248 -30.23 -16.27 72.01
N TYR H 249 -31.23 -15.57 71.46
CA TYR H 249 -32.61 -15.60 71.93
C TYR H 249 -33.59 -15.98 70.84
N GLU H 250 -33.21 -15.90 69.57
CA GLU H 250 -34.13 -16.07 68.47
C GLU H 250 -33.76 -17.19 67.51
N PHE H 251 -32.73 -17.99 67.82
CA PHE H 251 -32.27 -19.07 66.95
C PHE H 251 -31.90 -18.54 65.56
N SER H 252 -30.90 -17.67 65.53
CA SER H 252 -30.47 -17.00 64.31
C SER H 252 -29.25 -17.66 63.67
N ASP H 253 -28.78 -18.78 64.22
CA ASP H 253 -27.62 -19.47 63.69
C ASP H 253 -28.00 -20.49 62.63
N SER H 254 -29.28 -20.59 62.28
CA SER H 254 -29.76 -21.57 61.31
C SER H 254 -30.34 -20.87 60.08
N GLN H 255 -29.74 -19.76 59.68
CA GLN H 255 -30.17 -19.09 58.47
C GLN H 255 -29.83 -19.95 57.26
N PRO H 256 -30.73 -20.03 56.27
CA PRO H 256 -30.45 -20.90 55.11
C PRO H 256 -29.18 -20.55 54.37
N GLU H 257 -28.85 -19.25 54.25
CA GLU H 257 -27.62 -18.87 53.57
C GLU H 257 -26.40 -19.42 54.29
N ARG H 258 -26.38 -19.33 55.62
CA ARG H 258 -25.25 -19.85 56.38
C ARG H 258 -25.11 -21.36 56.20
N LEU H 259 -26.24 -22.08 56.23
CA LEU H 259 -26.19 -23.53 56.06
C LEU H 259 -25.68 -23.90 54.68
N VAL H 260 -26.15 -23.20 53.64
CA VAL H 260 -25.70 -23.50 52.28
C VAL H 260 -24.21 -23.20 52.15
N ARG H 261 -23.76 -22.07 52.68
CA ARG H 261 -22.35 -21.69 52.56
C ARG H 261 -21.45 -22.67 53.31
N ASP H 262 -21.87 -23.11 54.50
CA ASP H 262 -21.02 -23.95 55.32
C ASP H 262 -21.00 -25.41 54.86
N ASN H 263 -21.98 -25.84 54.07
CA ASN H 263 -22.07 -27.22 53.65
C ASN H 263 -21.26 -27.52 52.39
N PHE H 264 -20.61 -26.51 51.80
CA PHE H 264 -19.79 -26.76 50.62
C PHE H 264 -18.64 -27.70 50.93
N ASP H 265 -17.97 -27.48 52.07
CA ASP H 265 -16.90 -28.36 52.52
C ASP H 265 -17.17 -28.91 53.91
N MET H 266 -18.40 -28.82 54.40
CA MET H 266 -18.80 -29.37 55.70
C MET H 266 -17.92 -28.82 56.82
N THR H 267 -17.64 -27.53 56.77
CA THR H 267 -16.82 -26.85 57.76
C THR H 267 -17.64 -25.83 58.54
N GLY H 268 -18.88 -26.17 58.84
CA GLY H 268 -19.75 -25.32 59.63
C GLY H 268 -19.62 -25.59 61.10
N GLN H 269 -20.65 -25.22 61.84
CA GLN H 269 -20.69 -25.46 63.28
C GLN H 269 -21.34 -26.80 63.61
N LEU H 270 -20.82 -27.88 63.00
CA LEU H 270 -21.31 -29.21 63.31
C LEU H 270 -21.03 -29.59 64.76
N GLN H 271 -20.04 -28.96 65.39
CA GLN H 271 -19.75 -29.17 66.81
C GLN H 271 -20.17 -27.90 67.53
N TYR H 272 -20.84 -28.06 68.67
CA TYR H 272 -21.19 -26.91 69.49
C TYR H 272 -20.04 -26.59 70.44
N ASN H 273 -19.89 -25.31 70.77
CA ASN H 273 -18.76 -24.84 71.56
C ASN H 273 -19.29 -23.85 72.58
N SER H 274 -18.37 -23.07 73.18
CA SER H 274 -18.68 -22.18 74.29
C SER H 274 -19.30 -22.96 75.45
N GLY H 275 -18.78 -24.16 75.68
CA GLY H 275 -19.26 -25.01 76.76
C GLY H 275 -18.27 -25.10 77.91
N ASP H 276 -17.52 -26.20 77.97
CA ASP H 276 -16.54 -26.42 79.03
C ASP H 276 -15.14 -26.00 78.61
N ASP H 277 -15.03 -25.10 77.63
CA ASP H 277 -13.74 -24.57 77.21
C ASP H 277 -13.31 -23.46 78.18
N ALA H 278 -12.29 -22.70 77.78
CA ALA H 278 -11.86 -21.57 78.59
C ALA H 278 -13.00 -20.57 78.74
N GLU H 279 -13.16 -20.06 79.97
CA GLU H 279 -14.31 -19.21 80.26
C GLU H 279 -14.26 -17.89 79.51
N ALA H 280 -13.07 -17.40 79.17
CA ALA H 280 -12.95 -16.11 78.51
C ALA H 280 -13.24 -16.17 77.02
N ASN H 281 -13.41 -17.36 76.45
CA ASN H 281 -13.62 -17.53 75.03
C ASN H 281 -15.06 -17.86 74.66
N ARG H 282 -15.98 -17.81 75.62
CA ARG H 282 -17.38 -18.05 75.31
C ARG H 282 -17.93 -16.93 74.44
N GLU H 283 -18.80 -17.29 73.51
CA GLU H 283 -19.34 -16.36 72.53
C GLU H 283 -20.82 -16.11 72.75
N VAL H 284 -21.23 -14.86 72.53
CA VAL H 284 -22.63 -14.46 72.60
C VAL H 284 -22.95 -13.63 71.35
N TRP H 285 -24.23 -13.50 71.07
CA TRP H 285 -24.71 -12.72 69.94
C TRP H 285 -25.14 -11.35 70.42
N ALA H 286 -24.56 -10.31 69.83
CA ALA H 286 -24.88 -8.93 70.18
C ALA H 286 -25.47 -8.22 68.96
N SER H 287 -26.32 -7.23 69.24
CA SER H 287 -27.02 -6.50 68.20
C SER H 287 -26.75 -5.01 68.36
N GLU H 288 -26.36 -4.35 67.27
CA GLU H 288 -26.25 -2.91 67.23
C GLU H 288 -27.26 -2.40 66.22
N CYS H 289 -28.29 -1.71 66.70
CA CYS H 289 -29.38 -1.24 65.86
C CYS H 289 -29.36 0.28 65.80
N TYR H 290 -29.50 0.83 64.59
CA TYR H 290 -29.65 2.25 64.36
C TYR H 290 -31.10 2.50 63.95
N THR H 291 -31.81 3.31 64.72
CA THR H 291 -33.24 3.45 64.46
C THR H 291 -33.73 4.82 64.89
N LEU H 292 -34.86 5.22 64.33
CA LEU H 292 -35.51 6.47 64.70
C LEU H 292 -36.43 6.19 65.87
N LEU H 293 -36.01 6.61 67.06
CA LEU H 293 -36.78 6.34 68.27
C LEU H 293 -36.68 7.55 69.19
N ASP H 294 -37.80 7.89 69.83
CA ASP H 294 -37.87 9.07 70.69
C ASP H 294 -37.84 8.62 72.15
N VAL H 295 -36.63 8.52 72.71
CA VAL H 295 -36.49 8.28 74.13
C VAL H 295 -36.21 9.56 74.90
N ASP H 296 -35.97 10.68 74.21
CA ASP H 296 -35.85 11.96 74.90
C ASP H 296 -37.15 12.36 75.56
N GLY H 297 -38.27 12.13 74.90
CA GLY H 297 -39.56 12.56 75.37
C GLY H 297 -40.03 13.89 74.83
N ASP H 298 -39.34 14.45 73.84
CA ASP H 298 -39.71 15.73 73.26
C ASP H 298 -40.76 15.61 72.17
N GLY H 299 -41.21 14.39 71.85
CA GLY H 299 -42.20 14.19 70.83
C GLY H 299 -41.67 14.05 69.43
N ILE H 300 -40.37 14.23 69.23
CA ILE H 300 -39.74 14.10 67.91
C ILE H 300 -38.78 12.92 67.98
N SER H 301 -38.96 11.97 67.08
CA SER H 301 -38.11 10.77 67.06
C SER H 301 -36.79 11.10 66.38
N GLU H 302 -35.68 10.79 67.07
CA GLU H 302 -34.35 11.08 66.59
C GLU H 302 -33.59 9.78 66.33
N LEU H 303 -32.48 9.91 65.62
CA LEU H 303 -31.66 8.75 65.30
C LEU H 303 -30.87 8.30 66.53
N ARG H 304 -31.02 7.04 66.90
CA ARG H 304 -30.38 6.49 68.08
C ARG H 304 -29.65 5.21 67.70
N ARG H 305 -28.48 5.02 68.31
CA ARG H 305 -27.71 3.80 68.18
C ARG H 305 -27.77 3.06 69.50
N ILE H 306 -28.26 1.81 69.46
CA ILE H 306 -28.40 0.99 70.65
C ILE H 306 -27.63 -0.30 70.42
N LEU H 307 -26.64 -0.56 71.26
CA LEU H 307 -25.88 -1.79 71.25
C LEU H 307 -26.22 -2.58 72.50
N TYR H 308 -26.69 -3.81 72.32
CA TYR H 308 -27.12 -4.60 73.46
C TYR H 308 -26.93 -6.08 73.19
N VAL H 309 -26.81 -6.83 74.28
CA VAL H 309 -26.73 -8.29 74.26
C VAL H 309 -27.66 -8.82 75.35
N GLY H 310 -28.41 -9.87 75.04
CA GLY H 310 -29.36 -10.41 75.97
C GLY H 310 -30.42 -9.41 76.37
N ASP H 311 -30.59 -9.18 77.67
CA ASP H 311 -31.52 -8.20 78.18
C ASP H 311 -30.83 -6.98 78.79
N TYR H 312 -29.53 -6.80 78.50
CA TYR H 312 -28.75 -5.71 79.06
C TYR H 312 -28.31 -4.79 77.92
N ILE H 313 -28.51 -3.49 78.10
CA ILE H 313 -28.14 -2.51 77.10
C ILE H 313 -26.72 -2.04 77.40
N ILE H 314 -25.79 -2.36 76.49
CA ILE H 314 -24.43 -1.90 76.64
C ILE H 314 -24.34 -0.39 76.38
N SER H 315 -25.00 0.08 75.33
CA SER H 315 -24.92 1.48 74.97
C SER H 315 -26.21 1.94 74.31
N ASN H 316 -26.58 3.19 74.57
CA ASN H 316 -27.79 3.79 74.00
C ASN H 316 -27.50 5.28 73.85
N GLU H 317 -27.29 5.73 72.60
CA GLU H 317 -26.79 7.09 72.42
C GLU H 317 -27.30 7.70 71.11
N PRO H 318 -27.64 8.99 71.12
CA PRO H 318 -27.99 9.66 69.86
C PRO H 318 -26.81 9.67 68.90
N TRP H 319 -27.11 9.43 67.63
CA TRP H 319 -26.08 9.26 66.62
C TRP H 319 -26.26 10.27 65.50
N ASP H 320 -25.24 10.39 64.65
CA ASP H 320 -25.19 11.41 63.62
C ASP H 320 -25.43 10.89 62.21
N CYS H 321 -24.90 9.71 61.88
CA CYS H 321 -24.99 9.21 60.51
C CYS H 321 -25.12 7.70 60.53
N ARG H 322 -25.66 7.15 59.45
CA ARG H 322 -25.75 5.71 59.28
C ARG H 322 -24.52 5.24 58.55
N PRO H 323 -23.62 4.50 59.18
CA PRO H 323 -22.32 4.18 58.58
C PRO H 323 -22.35 2.92 57.73
N PHE H 324 -23.20 2.90 56.71
CA PHE H 324 -23.33 1.76 55.82
C PHE H 324 -23.34 2.22 54.38
N ALA H 325 -22.78 1.38 53.51
CA ALA H 325 -22.81 1.62 52.07
C ALA H 325 -23.28 0.36 51.37
N ASP H 326 -24.27 0.49 50.50
CA ASP H 326 -24.88 -0.64 49.82
C ASP H 326 -24.74 -0.51 48.31
N LEU H 327 -24.84 -1.65 47.64
CA LEU H 327 -24.69 -1.70 46.20
C LEU H 327 -25.83 -2.49 45.56
N ASN H 328 -26.17 -2.12 44.33
CA ASN H 328 -27.14 -2.84 43.51
C ASN H 328 -26.57 -3.01 42.11
N ALA H 329 -26.68 -4.22 41.56
CA ALA H 329 -26.17 -4.49 40.23
C ALA H 329 -27.24 -4.25 39.16
N TYR H 330 -28.44 -4.78 39.37
CA TYR H 330 -29.57 -4.57 38.47
C TYR H 330 -30.65 -3.87 39.26
N ARG H 331 -30.62 -2.54 39.24
CA ARG H 331 -31.50 -1.74 40.08
C ARG H 331 -32.93 -1.75 39.57
N ILE H 332 -33.87 -1.89 40.49
CA ILE H 332 -35.28 -1.69 40.24
C ILE H 332 -35.69 -0.38 40.90
N ALA H 333 -36.35 0.49 40.14
CA ALA H 333 -36.69 1.81 40.65
C ALA H 333 -37.58 1.71 41.89
N HIS H 334 -37.27 2.54 42.89
CA HIS H 334 -38.05 2.64 44.12
C HIS H 334 -38.05 1.34 44.92
N LYS H 335 -36.96 0.59 44.87
CA LYS H 335 -36.81 -0.62 45.66
C LYS H 335 -35.44 -0.66 46.30
N PHE H 336 -35.35 -1.35 47.43
CA PHE H 336 -34.06 -1.46 48.12
C PHE H 336 -33.22 -2.60 47.57
N HIS H 337 -33.84 -3.74 47.32
CA HIS H 337 -33.14 -4.91 46.76
C HIS H 337 -33.39 -4.98 45.27
N GLY H 338 -32.33 -5.17 44.50
CA GLY H 338 -32.41 -5.29 43.06
C GLY H 338 -32.56 -6.73 42.62
N MET H 339 -32.15 -6.99 41.39
CA MET H 339 -32.17 -8.33 40.81
C MET H 339 -30.77 -8.92 40.80
N SER H 340 -30.71 -10.25 40.87
CA SER H 340 -29.46 -10.98 40.79
C SER H 340 -29.40 -11.77 39.49
N VAL H 341 -28.23 -12.35 39.24
CA VAL H 341 -28.06 -13.18 38.05
C VAL H 341 -28.97 -14.41 38.11
N TYR H 342 -29.11 -14.98 39.31
CA TYR H 342 -29.99 -16.12 39.50
C TYR H 342 -31.41 -15.79 39.07
N ASP H 343 -31.92 -14.63 39.50
CA ASP H 343 -33.28 -14.23 39.17
C ASP H 343 -33.49 -14.08 37.67
N LYS H 344 -32.41 -13.97 36.90
CA LYS H 344 -32.52 -13.78 35.47
C LYS H 344 -32.27 -15.04 34.66
N ILE H 345 -31.48 -15.99 35.15
CA ILE H 345 -31.17 -17.16 34.33
C ILE H 345 -31.41 -18.49 35.04
N ARG H 346 -32.21 -18.49 36.12
CA ARG H 346 -32.50 -19.74 36.81
C ARG H 346 -33.22 -20.73 35.90
N ASP H 347 -34.22 -20.26 35.16
CA ASP H 347 -34.98 -21.15 34.29
C ASP H 347 -34.10 -21.71 33.17
N ILE H 348 -33.21 -20.89 32.63
CA ILE H 348 -32.28 -21.36 31.61
C ILE H 348 -31.41 -22.48 32.17
N GLN H 349 -30.88 -22.28 33.38
CA GLN H 349 -30.05 -23.31 33.99
C GLN H 349 -30.83 -24.61 34.16
N GLU H 350 -32.05 -24.51 34.68
CA GLU H 350 -32.85 -25.72 34.94
C GLU H 350 -33.16 -26.47 33.65
N ILE H 351 -33.62 -25.74 32.62
CA ILE H 351 -34.02 -26.41 31.39
C ILE H 351 -32.81 -27.03 30.69
N ARG H 352 -31.68 -26.31 30.67
CA ARG H 352 -30.49 -26.88 30.06
C ARG H 352 -30.05 -28.14 30.79
N SER H 353 -30.11 -28.13 32.13
CA SER H 353 -29.74 -29.32 32.88
C SER H 353 -30.68 -30.48 32.57
N VAL H 354 -31.98 -30.22 32.45
CA VAL H 354 -32.94 -31.29 32.20
C VAL H 354 -32.69 -31.93 30.83
N LEU H 355 -32.52 -31.10 29.80
CA LEU H 355 -32.21 -31.64 28.48
C LEU H 355 -30.90 -32.40 28.50
N MET H 356 -29.91 -31.89 29.22
CA MET H 356 -28.60 -32.50 29.24
C MET H 356 -28.70 -33.90 29.86
N ARG H 357 -29.47 -33.99 30.94
CA ARG H 357 -29.73 -35.26 31.59
C ARG H 357 -30.44 -36.23 30.66
N ASN H 358 -31.40 -35.73 29.87
CA ASN H 358 -32.08 -36.62 28.93
C ASN H 358 -31.12 -37.21 27.91
N ILE H 359 -30.23 -36.38 27.37
CA ILE H 359 -29.24 -36.88 26.41
C ILE H 359 -28.35 -37.92 27.05
N MET H 360 -27.87 -37.66 28.27
CA MET H 360 -26.99 -38.61 28.94
C MET H 360 -27.69 -39.91 29.28
N ASP H 361 -28.97 -39.83 29.67
CA ASP H 361 -29.74 -41.05 29.89
C ASP H 361 -29.85 -41.86 28.61
N ASN H 362 -30.08 -41.19 27.47
CA ASN H 362 -30.15 -41.91 26.21
C ASN H 362 -28.83 -42.58 25.85
N ILE H 363 -27.71 -41.89 26.07
CA ILE H 363 -26.43 -42.44 25.62
C ILE H 363 -26.07 -43.69 26.41
N TYR H 364 -26.31 -43.69 27.72
CA TYR H 364 -25.85 -44.78 28.56
C TYR H 364 -26.48 -46.12 28.18
N ARG H 365 -27.67 -46.12 27.64
CA ARG H 365 -28.42 -47.35 27.40
C ARG H 365 -28.35 -47.82 25.94
N THR H 366 -27.46 -47.25 25.14
CA THR H 366 -27.36 -47.65 23.73
C THR H 366 -25.93 -47.83 23.27
N ASN H 367 -25.01 -48.09 24.20
CA ASN H 367 -23.60 -48.25 23.86
C ASN H 367 -23.11 -49.68 24.02
N GLN H 368 -24.01 -50.63 24.29
CA GLN H 368 -23.60 -52.01 24.46
C GLN H 368 -23.27 -52.71 23.14
N GLY H 369 -23.88 -52.28 22.04
CA GLY H 369 -23.61 -52.87 20.75
C GLY H 369 -24.03 -54.33 20.65
N ARG H 370 -25.33 -54.59 20.72
CA ARG H 370 -25.84 -55.94 20.63
C ARG H 370 -26.16 -56.29 19.17
N SER H 371 -26.38 -57.58 18.93
CA SER H 371 -26.63 -58.10 17.59
C SER H 371 -27.91 -58.91 17.58
N VAL H 372 -28.60 -58.89 16.43
CA VAL H 372 -29.80 -59.66 16.22
C VAL H 372 -29.46 -60.84 15.32
N VAL H 373 -29.91 -62.03 15.73
CA VAL H 373 -29.55 -63.30 15.11
C VAL H 373 -30.81 -64.12 14.91
N LEU H 374 -30.99 -64.68 13.71
CA LEU H 374 -32.08 -65.62 13.48
C LEU H 374 -31.85 -66.90 14.25
N ASP H 375 -32.85 -67.33 15.00
CA ASP H 375 -32.74 -68.54 15.79
C ASP H 375 -32.90 -69.77 14.90
N GLY H 376 -32.00 -70.73 15.06
CA GLY H 376 -32.05 -71.97 14.32
C GLY H 376 -31.34 -71.95 12.98
N GLN H 377 -30.84 -70.80 12.54
CA GLN H 377 -30.13 -70.70 11.27
C GLN H 377 -28.67 -70.35 11.43
N VAL H 378 -28.21 -70.04 12.64
CA VAL H 378 -26.86 -69.55 12.87
C VAL H 378 -26.15 -70.47 13.86
N ASN H 379 -24.91 -70.81 13.57
CA ASN H 379 -24.09 -71.60 14.48
C ASN H 379 -23.73 -70.73 15.67
N LEU H 380 -24.45 -70.90 16.78
CA LEU H 380 -24.26 -70.03 17.93
C LEU H 380 -22.89 -70.20 18.56
N GLU H 381 -22.39 -71.44 18.59
CA GLU H 381 -21.08 -71.69 19.19
C GLU H 381 -19.98 -70.97 18.42
N ASP H 382 -20.05 -70.99 17.09
CA ASP H 382 -19.07 -70.26 16.30
C ASP H 382 -19.16 -68.76 16.53
N LEU H 383 -20.38 -68.23 16.63
CA LEU H 383 -20.56 -66.80 16.85
C LEU H 383 -20.02 -66.39 18.21
N LEU H 384 -20.20 -67.21 19.23
CA LEU H 384 -19.80 -66.84 20.59
C LEU H 384 -18.29 -66.66 20.71
N THR H 385 -17.51 -67.54 20.10
CA THR H 385 -16.06 -67.50 20.23
C THR H 385 -15.51 -66.53 19.19
N ASN H 386 -15.09 -65.35 19.64
CA ASN H 386 -14.57 -64.31 18.76
C ASN H 386 -13.05 -64.44 18.68
N GLU H 387 -12.54 -64.76 17.50
CA GLU H 387 -11.11 -64.89 17.28
C GLU H 387 -10.74 -64.22 15.97
N ALA H 388 -9.46 -63.98 15.79
CA ALA H 388 -8.97 -63.32 14.58
C ALA H 388 -9.21 -64.20 13.36
N ALA H 389 -9.79 -63.60 12.31
CA ALA H 389 -10.09 -64.29 11.06
C ALA H 389 -10.98 -65.50 11.28
N GLY H 390 -11.92 -65.41 12.21
CA GLY H 390 -12.82 -66.51 12.47
C GLY H 390 -13.86 -66.67 11.37
N ILE H 391 -14.55 -67.79 11.41
CA ILE H 391 -15.56 -68.14 10.42
C ILE H 391 -16.85 -68.51 11.17
N VAL H 392 -17.97 -67.94 10.73
CA VAL H 392 -19.27 -68.23 11.29
C VAL H 392 -20.11 -68.91 10.23
N ARG H 393 -20.58 -70.12 10.52
CA ARG H 393 -21.35 -70.90 9.57
C ARG H 393 -22.84 -70.63 9.74
N VAL H 394 -23.51 -70.33 8.64
CA VAL H 394 -24.93 -69.99 8.64
C VAL H 394 -25.64 -70.82 7.59
N LYS H 395 -26.91 -71.11 7.83
CA LYS H 395 -27.72 -71.86 6.86
C LYS H 395 -28.47 -70.97 5.89
N ALA H 396 -28.59 -69.67 6.18
CA ALA H 396 -29.27 -68.75 5.29
C ALA H 396 -28.88 -67.33 5.68
N MET H 397 -28.63 -66.49 4.69
CA MET H 397 -28.18 -65.14 4.97
C MET H 397 -29.31 -64.24 5.45
N ASN H 398 -28.98 -62.95 5.59
CA ASN H 398 -29.83 -61.96 6.23
C ASN H 398 -30.25 -62.45 7.61
N SER H 399 -29.29 -62.98 8.36
CA SER H 399 -29.56 -63.62 9.63
C SER H 399 -28.83 -63.02 10.82
N ILE H 400 -27.70 -62.33 10.61
CA ILE H 400 -26.95 -61.71 11.68
C ILE H 400 -26.70 -60.25 11.30
N MET H 401 -27.13 -59.33 12.15
CA MET H 401 -26.80 -57.92 11.95
C MET H 401 -27.14 -57.11 13.19
N PRO H 402 -26.48 -55.96 13.37
CA PRO H 402 -26.58 -55.26 14.65
C PRO H 402 -27.98 -54.75 14.95
N LEU H 403 -28.30 -54.71 16.24
CA LEU H 403 -29.57 -54.17 16.70
C LEU H 403 -29.62 -52.67 16.48
N GLU H 404 -30.76 -52.19 15.99
CA GLU H 404 -30.95 -50.78 15.69
C GLU H 404 -31.49 -50.07 16.92
N THR H 405 -30.72 -49.13 17.44
CA THR H 405 -31.09 -48.45 18.68
C THR H 405 -31.71 -47.09 18.39
N PRO H 406 -32.68 -46.67 19.19
CA PRO H 406 -33.31 -45.37 18.98
C PRO H 406 -32.34 -44.22 19.21
N GLN H 407 -32.57 -43.13 18.49
CA GLN H 407 -31.75 -41.94 18.60
C GLN H 407 -32.64 -40.72 18.75
N LEU H 408 -32.15 -39.73 19.49
CA LEU H 408 -32.89 -38.50 19.69
C LEU H 408 -32.79 -37.62 18.45
N SER H 409 -33.81 -36.80 18.25
CA SER H 409 -33.85 -35.90 17.11
C SER H 409 -32.96 -34.69 17.35
N GLY H 410 -32.75 -33.92 16.29
CA GLY H 410 -31.89 -32.74 16.36
C GLY H 410 -32.51 -31.56 17.06
N GLU H 411 -33.80 -31.64 17.40
CA GLU H 411 -34.46 -30.54 18.10
C GLU H 411 -33.80 -30.28 19.44
N VAL H 412 -33.41 -31.34 20.15
CA VAL H 412 -32.82 -31.17 21.48
C VAL H 412 -31.52 -30.38 21.39
N TYR H 413 -30.62 -30.77 20.48
CA TYR H 413 -29.36 -30.08 20.34
C TYR H 413 -29.56 -28.65 19.85
N GLY H 414 -30.42 -28.48 18.85
CA GLY H 414 -30.66 -27.14 18.33
C GLY H 414 -31.19 -26.20 19.40
N MET H 415 -32.05 -26.71 20.27
CA MET H 415 -32.64 -25.80 21.24
C MET H 415 -31.76 -25.66 22.48
N LEU H 416 -30.85 -26.61 22.72
CA LEU H 416 -29.75 -26.35 23.64
C LEU H 416 -28.94 -25.16 23.19
N ASP H 417 -28.59 -25.13 21.91
CA ASP H 417 -27.85 -23.98 21.36
C ASP H 417 -28.68 -22.70 21.47
N ARG H 418 -29.98 -22.80 21.19
CA ARG H 418 -30.86 -21.64 21.30
C ARG H 418 -30.88 -21.10 22.74
N LEU H 419 -30.94 -21.99 23.72
CA LEU H 419 -30.94 -21.55 25.11
C LEU H 419 -29.61 -20.90 25.48
N GLU H 420 -28.50 -21.43 24.99
CA GLU H 420 -27.21 -20.78 25.23
C GLU H 420 -27.19 -19.37 24.67
N ALA H 421 -27.68 -19.20 23.43
CA ALA H 421 -27.74 -17.86 22.85
C ALA H 421 -28.66 -16.95 23.64
N ASP H 422 -29.77 -17.49 24.14
CA ASP H 422 -30.71 -16.69 24.91
C ASP H 422 -30.05 -16.21 26.21
N ARG H 423 -29.29 -17.08 26.86
CA ARG H 423 -28.57 -16.67 28.07
C ARG H 423 -27.58 -15.56 27.75
N GLY H 424 -26.84 -15.72 26.65
CA GLY H 424 -25.91 -14.69 26.24
C GLY H 424 -26.59 -13.36 26.00
N LYS H 425 -27.80 -13.39 25.43
CA LYS H 425 -28.53 -12.17 25.17
C LYS H 425 -29.04 -11.54 26.46
N ARG H 426 -29.56 -12.35 27.38
CA ARG H 426 -30.10 -11.81 28.62
C ARG H 426 -29.02 -11.19 29.50
N THR H 427 -27.95 -11.93 29.75
CA THR H 427 -26.92 -11.43 30.65
C THR H 427 -26.07 -10.34 30.02
N GLY H 428 -25.95 -10.33 28.70
CA GLY H 428 -25.13 -9.34 28.01
C GLY H 428 -23.69 -9.72 27.84
N ILE H 429 -23.24 -10.85 28.39
CA ILE H 429 -21.87 -11.30 28.26
C ILE H 429 -21.87 -12.70 27.68
N THR H 430 -20.98 -12.92 26.70
CA THR H 430 -20.90 -14.22 26.03
C THR H 430 -19.47 -14.76 26.06
N ASP H 431 -19.22 -15.82 25.31
CA ASP H 431 -17.90 -16.41 25.28
C ASP H 431 -16.89 -15.58 24.50
N ARG H 432 -17.35 -14.82 23.50
CA ARG H 432 -16.46 -14.04 22.65
C ARG H 432 -16.44 -12.56 23.01
N THR H 433 -17.06 -12.18 24.12
CA THR H 433 -17.14 -10.77 24.49
C THR H 433 -15.80 -10.28 25.01
N ARG H 434 -15.39 -9.11 24.54
CA ARG H 434 -14.19 -8.46 25.05
C ARG H 434 -14.42 -7.96 26.47
N GLY H 435 -13.34 -7.93 27.25
CA GLY H 435 -13.41 -7.40 28.59
C GLY H 435 -13.44 -5.88 28.60
N LEU H 436 -13.76 -5.34 29.77
CA LEU H 436 -13.83 -3.88 29.92
C LEU H 436 -12.44 -3.28 29.88
N ASP H 437 -12.31 -2.14 29.21
CA ASP H 437 -11.06 -1.39 29.24
C ASP H 437 -10.86 -0.82 30.64
N GLN H 438 -9.62 -0.84 31.10
CA GLN H 438 -9.30 -0.34 32.44
C GLN H 438 -9.36 1.17 32.56
N ASN H 439 -9.85 1.87 31.53
CA ASN H 439 -10.02 3.31 31.58
C ASN H 439 -11.44 3.71 31.19
N THR H 440 -12.40 2.83 31.44
CA THR H 440 -13.76 3.06 30.98
C THR H 440 -14.38 4.29 31.63
N LEU H 441 -14.17 4.48 32.93
CA LEU H 441 -14.83 5.54 33.67
C LEU H 441 -14.06 6.85 33.66
N HIS H 442 -12.93 6.91 32.94
CA HIS H 442 -12.10 8.10 32.97
C HIS H 442 -12.79 9.28 32.28
N SER H 443 -12.78 10.42 32.96
CA SER H 443 -12.97 11.70 32.29
C SER H 443 -11.66 12.07 31.62
N ASN H 444 -11.74 12.75 30.47
CA ASN H 444 -10.59 12.98 29.59
C ASN H 444 -9.95 11.66 29.16
N GLN H 445 -10.78 10.62 29.03
CA GLN H 445 -10.32 9.32 28.59
C GLN H 445 -9.80 9.36 27.15
N ALA H 446 -10.45 10.14 26.29
CA ALA H 446 -10.38 9.94 24.85
C ALA H 446 -10.71 8.49 24.55
N ALA H 447 -9.81 7.79 23.84
CA ALA H 447 -9.90 6.34 23.70
C ALA H 447 -11.29 5.87 23.27
N MET H 448 -11.68 6.17 22.04
CA MET H 448 -13.00 5.79 21.54
C MET H 448 -13.22 4.27 21.51
N SER H 449 -12.26 3.45 21.94
CA SER H 449 -12.51 2.03 22.13
C SER H 449 -13.62 1.82 23.15
N VAL H 450 -14.08 0.57 23.24
CA VAL H 450 -15.26 0.17 24.01
C VAL H 450 -16.52 0.67 23.31
N ASN H 451 -16.43 1.84 22.69
CA ASN H 451 -17.49 2.32 21.81
C ASN H 451 -17.39 1.76 20.41
N GLN H 452 -16.17 1.58 19.90
CA GLN H 452 -15.99 0.94 18.59
C GLN H 452 -16.48 -0.51 18.64
N LEU H 453 -16.00 -1.26 19.63
CA LEU H 453 -16.48 -2.61 19.89
C LEU H 453 -17.64 -2.52 20.88
N MET H 454 -17.99 -3.66 21.49
CA MET H 454 -18.91 -3.68 22.62
C MET H 454 -20.27 -3.09 22.23
N THR H 455 -20.99 -3.86 21.43
CA THR H 455 -22.32 -3.47 20.97
C THR H 455 -23.24 -3.19 22.16
N ALA H 456 -24.39 -2.58 21.85
CA ALA H 456 -25.27 -2.06 22.89
C ALA H 456 -25.73 -3.13 23.87
N ALA H 457 -25.87 -4.37 23.41
CA ALA H 457 -26.32 -5.44 24.29
C ALA H 457 -25.32 -5.68 25.42
N GLU H 458 -24.02 -5.63 25.11
CA GLU H 458 -23.02 -5.96 26.13
C GLU H 458 -22.56 -4.71 26.88
N GLN H 459 -22.88 -3.52 26.39
CA GLN H 459 -22.60 -2.29 27.13
C GLN H 459 -23.31 -2.30 28.48
N GLN H 460 -24.20 -3.26 28.68
CA GLN H 460 -24.82 -3.46 29.99
C GLN H 460 -23.76 -3.54 31.07
N ILE H 461 -22.66 -4.24 30.79
CA ILE H 461 -21.60 -4.35 31.79
C ILE H 461 -21.09 -2.98 32.19
N ASP H 462 -20.90 -2.10 31.20
CA ASP H 462 -20.49 -0.73 31.49
C ASP H 462 -21.41 -0.10 32.53
N LEU H 463 -22.72 -0.26 32.36
CA LEU H 463 -23.66 0.35 33.28
C LEU H 463 -23.37 -0.08 34.71
N ILE H 464 -23.09 -1.37 34.91
CA ILE H 464 -22.77 -1.84 36.25
C ILE H 464 -21.57 -1.06 36.81
N ALA H 465 -20.50 -0.98 36.02
CA ALA H 465 -19.33 -0.25 36.47
C ALA H 465 -19.66 1.20 36.75
N ARG H 466 -20.60 1.78 36.01
CA ARG H 466 -21.03 3.14 36.31
C ARG H 466 -21.88 3.17 37.57
N MET H 467 -22.82 2.24 37.70
CA MET H 467 -23.73 2.26 38.84
C MET H 467 -22.98 2.11 40.15
N PHE H 468 -21.96 1.24 40.16
CA PHE H 468 -21.15 1.08 41.36
C PHE H 468 -20.41 2.37 41.69
N ALA H 469 -19.95 3.09 40.65
CA ALA H 469 -19.09 4.24 40.90
C ALA H 469 -19.86 5.41 41.49
N GLU H 470 -21.07 5.66 40.99
CA GLU H 470 -21.80 6.86 41.37
C GLU H 470 -22.67 6.68 42.61
N THR H 471 -22.87 5.46 43.09
CA THR H 471 -23.77 5.21 44.21
C THR H 471 -23.05 4.68 45.44
N GLY H 472 -22.35 3.56 45.33
CA GLY H 472 -21.82 2.89 46.50
C GLY H 472 -20.44 3.30 46.95
N VAL H 473 -19.46 3.16 46.06
CA VAL H 473 -18.07 3.43 46.45
C VAL H 473 -17.87 4.92 46.72
N LYS H 474 -18.57 5.78 45.99
CA LYS H 474 -18.49 7.21 46.28
C LYS H 474 -18.98 7.50 47.69
N ARG H 475 -20.10 6.89 48.09
CA ARG H 475 -20.59 7.07 49.45
C ARG H 475 -19.60 6.50 50.47
N LEU H 476 -19.00 5.36 50.15
CA LEU H 476 -18.01 4.75 51.05
C LEU H 476 -16.86 5.71 51.31
N PHE H 477 -16.31 6.30 50.26
CA PHE H 477 -15.16 7.17 50.45
C PHE H 477 -15.55 8.52 51.03
N GLN H 478 -16.77 8.99 50.77
CA GLN H 478 -17.26 10.17 51.47
C GLN H 478 -17.35 9.91 52.97
N LEU H 479 -17.86 8.73 53.36
CA LEU H 479 -17.91 8.37 54.76
C LEU H 479 -16.51 8.29 55.36
N LEU H 480 -15.56 7.73 54.62
CA LEU H 480 -14.19 7.65 55.11
C LEU H 480 -13.61 9.03 55.35
N HIS H 481 -13.81 9.95 54.41
CA HIS H 481 -13.30 11.31 54.59
C HIS H 481 -13.95 12.00 55.78
N ASP H 482 -15.27 11.84 55.93
CA ASP H 482 -15.95 12.45 57.07
C ASP H 482 -15.44 11.90 58.39
N HIS H 483 -15.25 10.59 58.47
CA HIS H 483 -14.71 10.00 59.70
C HIS H 483 -13.30 10.48 59.96
N ALA H 484 -12.50 10.65 58.91
CA ALA H 484 -11.14 11.12 59.07
C ALA H 484 -11.11 12.54 59.63
N ILE H 485 -12.00 13.41 59.15
CA ILE H 485 -11.97 14.80 59.60
C ILE H 485 -12.76 15.04 60.89
N LYS H 486 -13.61 14.10 61.30
CA LYS H 486 -14.36 14.29 62.54
C LYS H 486 -13.57 13.81 63.75
N TYR H 487 -13.08 12.58 63.71
CA TYR H 487 -12.26 12.03 64.77
C TYR H 487 -10.80 12.16 64.34
N GLN H 488 -10.27 13.38 64.45
CA GLN H 488 -8.94 13.69 63.96
C GLN H 488 -7.87 13.04 64.83
N ASN H 489 -6.83 12.52 64.18
CA ASN H 489 -5.69 11.91 64.87
C ASN H 489 -4.43 12.46 64.21
N GLN H 490 -3.95 13.60 64.70
CA GLN H 490 -2.67 14.10 64.25
C GLN H 490 -1.54 13.26 64.84
N GLU H 491 -0.34 13.45 64.29
CA GLU H 491 0.86 12.71 64.68
C GLU H 491 0.77 11.27 64.16
N GLU H 492 -0.36 10.91 63.56
CA GLU H 492 -0.39 9.79 62.63
C GLU H 492 -0.27 10.30 61.19
N VAL H 493 -1.06 11.31 60.86
CA VAL H 493 -0.92 11.97 59.56
C VAL H 493 0.46 12.60 59.43
N PHE H 494 0.97 13.17 60.52
CA PHE H 494 2.32 13.73 60.48
C PHE H 494 3.36 12.65 60.23
N GLN H 495 3.24 11.50 60.88
CA GLN H 495 4.16 10.40 60.62
C GLN H 495 4.06 9.93 59.18
N LEU H 496 2.86 9.94 58.61
CA LEU H 496 2.69 9.47 57.24
C LEU H 496 3.27 10.45 56.23
N ARG H 497 3.02 11.76 56.42
CA ARG H 497 3.36 12.75 55.42
C ARG H 497 4.50 13.68 55.80
N GLY H 498 4.79 13.84 57.08
CA GLY H 498 5.79 14.81 57.50
C GLY H 498 5.27 16.22 57.64
N LYS H 499 3.97 16.45 57.43
CA LYS H 499 3.38 17.77 57.58
C LYS H 499 1.91 17.59 57.95
N TRP H 500 1.33 18.63 58.54
CA TRP H 500 -0.05 18.59 59.00
C TRP H 500 -0.80 19.82 58.54
N VAL H 501 -2.08 19.63 58.22
CA VAL H 501 -2.99 20.70 57.83
C VAL H 501 -4.21 20.65 58.74
N ALA H 502 -4.53 21.77 59.38
CA ALA H 502 -5.67 21.83 60.27
C ALA H 502 -6.95 22.04 59.47
N ILE H 503 -7.96 21.22 59.74
CA ILE H 503 -9.24 21.26 59.02
C ILE H 503 -10.35 21.38 60.03
N ASN H 504 -11.12 22.45 59.95
CA ASN H 504 -12.24 22.65 60.85
C ASN H 504 -13.39 21.73 60.47
N PRO H 505 -13.85 20.84 61.34
CA PRO H 505 -14.91 19.90 60.97
C PRO H 505 -16.31 20.43 61.21
N ALA H 506 -16.43 21.75 61.42
CA ALA H 506 -17.73 22.31 61.77
C ALA H 506 -18.76 22.11 60.66
N ASN H 507 -18.33 22.28 59.41
CA ASN H 507 -19.24 22.21 58.25
C ASN H 507 -19.10 20.90 57.50
N TRP H 508 -18.90 19.79 58.21
CA TRP H 508 -18.70 18.51 57.54
C TRP H 508 -19.94 18.06 56.78
N ARG H 509 -21.13 18.45 57.24
CA ARG H 509 -22.36 18.06 56.57
C ARG H 509 -22.54 18.76 55.22
N GLU H 510 -21.73 19.77 54.92
CA GLU H 510 -21.93 20.56 53.71
C GLU H 510 -21.18 20.01 52.51
N ARG H 511 -20.05 19.32 52.73
CA ARG H 511 -19.25 18.75 51.65
C ARG H 511 -18.89 19.82 50.62
N SER H 512 -18.42 20.97 51.11
CA SER H 512 -18.18 22.13 50.29
C SER H 512 -16.72 22.32 49.91
N ASP H 513 -15.87 21.34 50.16
CA ASP H 513 -14.44 21.49 49.91
C ASP H 513 -13.89 20.52 48.89
N LEU H 514 -14.22 19.23 49.00
CA LEU H 514 -13.61 18.20 48.16
C LEU H 514 -14.67 17.51 47.32
N THR H 515 -14.28 17.12 46.11
CA THR H 515 -15.09 16.28 45.25
C THR H 515 -14.47 14.89 45.22
N VAL H 516 -15.25 13.88 45.54
CA VAL H 516 -14.77 12.51 45.55
C VAL H 516 -14.77 11.97 44.13
N THR H 517 -13.65 11.39 43.72
CA THR H 517 -13.55 10.71 42.43
C THR H 517 -13.06 9.30 42.71
N VAL H 518 -14.01 8.40 42.93
CA VAL H 518 -13.75 6.97 42.74
C VAL H 518 -13.54 6.65 41.29
N GLY H 519 -13.79 7.63 40.41
CA GLY H 519 -13.35 7.58 39.04
C GLY H 519 -11.92 7.08 39.04
N ILE H 520 -11.74 5.90 38.45
CA ILE H 520 -10.54 5.12 38.64
C ILE H 520 -9.29 5.94 38.33
N GLY H 521 -8.45 6.14 39.34
CA GLY H 521 -7.23 6.89 39.20
C GLY H 521 -6.15 6.12 38.47
N ASN H 522 -6.52 5.61 37.30
CA ASN H 522 -5.63 4.78 36.47
C ASN H 522 -4.65 5.62 35.68
N MET H 523 -4.10 5.02 34.63
CA MET H 523 -2.89 5.48 33.96
C MET H 523 -3.16 6.82 33.27
N ASN H 524 -3.24 7.86 34.08
CA ASN H 524 -3.31 9.24 33.61
C ASN H 524 -2.00 9.98 33.82
N LYS H 525 -0.95 9.29 34.30
CA LYS H 525 0.34 9.92 34.49
C LYS H 525 0.91 10.43 33.17
N ASP H 526 0.69 9.69 32.09
CA ASP H 526 1.19 10.10 30.79
C ASP H 526 0.55 11.42 30.33
N GLN H 527 -0.75 11.58 30.57
CA GLN H 527 -1.43 12.79 30.14
C GLN H 527 -0.91 14.02 30.87
N GLN H 528 -0.90 13.97 32.21
CA GLN H 528 -0.37 15.09 32.98
C GLN H 528 1.11 15.29 32.71
N MET H 529 1.81 14.24 32.31
CA MET H 529 3.23 14.33 32.02
C MET H 529 3.47 15.10 30.73
N LEU H 530 2.68 14.79 29.70
CA LEU H 530 2.72 15.57 28.46
C LEU H 530 2.32 17.01 28.72
N HIS H 531 1.34 17.21 29.60
CA HIS H 531 0.97 18.58 29.99
C HIS H 531 2.14 19.29 30.66
N LEU H 532 2.94 18.57 31.44
CA LEU H 532 4.13 19.18 32.02
C LEU H 532 5.14 19.55 30.93
N MET H 533 5.28 18.71 29.90
CA MET H 533 6.13 19.06 28.76
C MET H 533 5.71 20.39 28.13
N ARG H 534 4.43 20.51 27.78
CA ARG H 534 3.98 21.73 27.13
C ARG H 534 4.04 22.94 28.06
N ILE H 535 3.78 22.74 29.35
CA ILE H 535 3.88 23.83 30.31
C ILE H 535 5.31 24.33 30.40
N TRP H 536 6.27 23.41 30.44
CA TRP H 536 7.67 23.81 30.52
C TRP H 536 8.13 24.49 29.25
N GLU H 537 7.60 24.07 28.09
CA GLU H 537 7.89 24.78 26.86
C GLU H 537 7.36 26.21 26.90
N MET H 538 6.14 26.39 27.41
CA MET H 538 5.62 27.75 27.57
C MET H 538 6.48 28.56 28.53
N ALA H 539 6.99 27.91 29.58
CA ALA H 539 7.85 28.60 30.53
C ALA H 539 9.13 29.08 29.86
N GLN H 540 9.74 28.22 29.03
CA GLN H 540 10.93 28.64 28.29
C GLN H 540 10.61 29.81 27.37
N ALA H 541 9.46 29.74 26.69
CA ALA H 541 9.09 30.83 25.79
C ALA H 541 8.93 32.14 26.55
N VAL H 542 8.27 32.11 27.71
CA VAL H 542 8.07 33.31 28.50
C VAL H 542 9.41 33.86 28.99
N VAL H 543 10.30 32.97 29.45
CA VAL H 543 11.60 33.42 29.92
C VAL H 543 12.38 34.08 28.79
N GLY H 544 12.37 33.46 27.61
CA GLY H 544 13.04 34.04 26.46
C GLY H 544 12.40 35.33 25.97
N GLY H 545 11.13 35.54 26.31
CA GLY H 545 10.46 36.78 25.95
C GLY H 545 10.73 37.93 26.89
N GLY H 546 11.58 37.74 27.89
CA GLY H 546 11.88 38.81 28.83
C GLY H 546 10.91 38.95 29.98
N GLY H 547 10.16 37.90 30.29
CA GLY H 547 9.19 37.93 31.37
C GLY H 547 9.67 37.39 32.70
N LEU H 548 10.96 37.14 32.86
CA LEU H 548 11.47 36.59 34.11
C LEU H 548 11.28 37.58 35.24
N GLY H 549 10.72 37.11 36.35
CA GLY H 549 10.47 37.93 37.51
C GLY H 549 9.13 38.64 37.50
N VAL H 550 8.47 38.73 36.35
CA VAL H 550 7.19 39.39 36.21
C VAL H 550 6.07 38.38 36.02
N LEU H 551 6.23 37.47 35.06
CA LEU H 551 5.25 36.42 34.80
C LEU H 551 5.64 35.08 35.40
N VAL H 552 6.93 34.77 35.45
CA VAL H 552 7.42 33.52 36.00
C VAL H 552 8.68 33.80 36.82
N SER H 553 8.83 33.08 37.92
CA SER H 553 9.97 33.22 38.80
C SER H 553 10.77 31.92 38.82
N GLU H 554 11.93 31.97 39.48
CA GLU H 554 12.77 30.78 39.59
C GLU H 554 12.08 29.69 40.39
N GLN H 555 11.33 30.07 41.42
CA GLN H 555 10.61 29.07 42.21
C GLN H 555 9.59 28.34 41.38
N ASN H 556 8.96 29.03 40.43
CA ASN H 556 8.01 28.36 39.54
C ASN H 556 8.69 27.31 38.68
N LEU H 557 9.86 27.64 38.11
CA LEU H 557 10.60 26.66 37.33
C LEU H 557 11.04 25.50 38.20
N TYR H 558 11.45 25.78 39.44
CA TYR H 558 11.83 24.71 40.35
C TYR H 558 10.64 23.79 40.65
N ASN H 559 9.46 24.37 40.83
CA ASN H 559 8.26 23.56 41.06
C ASN H 559 7.94 22.70 39.84
N ILE H 560 8.06 23.26 38.65
CA ILE H 560 7.81 22.49 37.43
C ILE H 560 8.78 21.33 37.33
N LEU H 561 10.06 21.58 37.60
CA LEU H 561 11.05 20.52 37.55
C LEU H 561 10.78 19.45 38.59
N LYS H 562 10.37 19.86 39.80
CA LYS H 562 10.00 18.89 40.82
C LYS H 562 8.85 18.02 40.36
N GLU H 563 7.82 18.64 39.76
CA GLU H 563 6.68 17.87 39.31
C GLU H 563 7.07 16.87 38.24
N VAL H 564 7.91 17.29 37.29
CA VAL H 564 8.35 16.38 36.23
C VAL H 564 9.16 15.23 36.82
N THR H 565 10.09 15.54 37.71
CA THR H 565 10.93 14.50 38.28
C THR H 565 10.12 13.51 39.12
N GLU H 566 9.17 14.01 39.90
CA GLU H 566 8.31 13.11 40.68
C GLU H 566 7.44 12.25 39.77
N ASN H 567 6.93 12.83 38.68
CA ASN H 567 6.15 12.03 37.74
C ASN H 567 7.00 10.96 37.07
N ALA H 568 8.29 11.24 36.89
CA ALA H 568 9.17 10.25 36.29
C ALA H 568 9.36 9.03 37.18
N GLY H 569 9.32 9.22 38.50
CA GLY H 569 9.43 8.09 39.41
C GLY H 569 10.42 8.29 40.54
N TYR H 570 11.01 9.49 40.62
CA TYR H 570 12.00 9.80 41.64
C TYR H 570 11.35 10.68 42.69
N LYS H 571 11.23 10.17 43.91
CA LYS H 571 10.56 10.92 44.97
C LYS H 571 11.42 12.06 45.48
N ASP H 572 12.73 11.85 45.56
CA ASP H 572 13.63 12.90 46.03
C ASP H 572 14.05 13.78 44.86
N PRO H 573 13.67 15.06 44.85
CA PRO H 573 14.05 15.94 43.74
C PRO H 573 15.36 16.67 43.92
N ASP H 574 15.91 16.71 45.14
CA ASP H 574 17.17 17.40 45.37
C ASP H 574 18.36 16.68 44.76
N ARG H 575 18.20 15.43 44.35
CA ARG H 575 19.29 14.71 43.70
C ARG H 575 19.59 15.27 42.31
N PHE H 576 18.58 15.82 41.64
CA PHE H 576 18.75 16.29 40.27
C PHE H 576 18.63 17.81 40.14
N TRP H 577 18.15 18.50 41.16
CA TRP H 577 17.97 19.94 41.09
C TRP H 577 18.34 20.56 42.42
N THR H 578 18.56 21.87 42.41
CA THR H 578 18.85 22.64 43.61
C THR H 578 17.74 23.65 43.84
N ASN H 579 17.32 23.78 45.09
CA ASN H 579 16.30 24.76 45.44
C ASN H 579 16.88 26.16 45.31
N PRO H 580 16.26 27.06 44.54
CA PRO H 580 16.79 28.42 44.41
C PRO H 580 16.79 29.21 45.71
N ASP H 581 16.03 28.78 46.71
CA ASP H 581 16.02 29.43 48.01
C ASP H 581 17.08 28.89 48.95
N SER H 582 17.81 27.87 48.55
CA SER H 582 18.87 27.34 49.40
C SER H 582 20.02 28.34 49.49
N PRO H 583 20.75 28.35 50.61
CA PRO H 583 21.82 29.34 50.78
C PRO H 583 22.89 29.29 49.70
N GLU H 584 23.19 28.10 49.18
CA GLU H 584 24.15 28.00 48.08
C GLU H 584 23.65 28.73 46.85
N ALA H 585 22.35 28.60 46.55
CA ALA H 585 21.78 29.32 45.42
C ALA H 585 21.83 30.83 45.64
N GLN H 586 21.54 31.28 46.86
CA GLN H 586 21.64 32.71 47.15
C GLN H 586 23.06 33.21 46.97
N GLN H 587 24.05 32.43 47.42
CA GLN H 587 25.44 32.82 47.23
C GLN H 587 25.79 32.89 45.75
N ALA H 588 25.37 31.88 44.98
CA ALA H 588 25.66 31.89 43.54
C ALA H 588 25.05 33.10 42.87
N LYS H 589 23.81 33.44 43.23
CA LYS H 589 23.19 34.65 42.71
C LYS H 589 23.97 35.89 43.13
N ALA H 590 24.53 35.87 44.34
CA ALA H 590 25.30 37.02 44.81
C ALA H 590 26.53 37.25 43.93
N ILE H 591 27.30 36.20 43.68
CA ILE H 591 28.46 36.36 42.79
C ILE H 591 28.01 36.70 41.37
N ARG H 592 26.92 36.12 40.90
CA ARG H 592 26.46 36.43 39.55
C ARG H 592 26.11 37.90 39.41
N GLU H 593 25.43 38.46 40.42
CA GLU H 593 25.11 39.89 40.40
C GLU H 593 26.36 40.74 40.54
N GLN H 594 27.30 40.31 41.39
CA GLN H 594 28.53 41.07 41.60
C GLN H 594 29.38 41.13 40.34
N LYS H 595 29.32 40.09 39.51
CA LYS H 595 30.08 40.11 38.26
C LYS H 595 29.53 41.07 37.23
N GLU H 596 28.44 41.76 37.53
CA GLU H 596 27.86 42.77 36.65
C GLU H 596 28.14 44.17 37.16
N ALA H 597 29.32 44.36 37.76
CA ALA H 597 29.68 45.66 38.32
C ALA H 597 29.76 46.72 37.24
N GLN H 598 30.42 46.40 36.13
CA GLN H 598 30.58 47.35 35.03
C GLN H 598 30.93 46.63 33.74
N PRO H 599 30.23 46.91 32.65
CA PRO H 599 30.60 46.36 31.34
C PRO H 599 31.84 47.06 30.81
N LYS H 600 32.22 46.69 29.59
CA LYS H 600 33.55 47.07 29.12
C LYS H 600 33.67 48.56 28.82
N PRO H 601 32.93 49.14 27.88
CA PRO H 601 33.22 50.53 27.47
C PRO H 601 32.49 51.61 28.27
N GLU H 602 31.89 51.29 29.41
CA GLU H 602 31.39 52.32 30.32
C GLU H 602 32.48 53.34 30.63
N ASP H 603 33.70 52.88 30.82
CA ASP H 603 34.74 53.78 31.29
C ASP H 603 35.45 54.53 30.15
N ILE H 604 35.52 54.00 28.92
CA ILE H 604 35.85 54.92 27.82
C ILE H 604 34.74 55.94 27.64
N LYS H 605 33.49 55.56 27.88
CA LYS H 605 32.39 56.51 27.83
C LYS H 605 32.64 57.69 28.78
N ALA H 606 32.72 57.40 30.09
CA ALA H 606 32.98 58.45 31.07
C ALA H 606 34.34 59.12 30.90
N GLN H 607 35.32 58.40 30.35
CA GLN H 607 36.70 58.82 30.14
C GLN H 607 36.82 59.84 29.02
N ALA H 608 36.17 59.58 27.88
CA ALA H 608 36.02 60.59 26.85
C ALA H 608 35.20 61.77 27.37
N ASP H 609 34.20 61.51 28.22
CA ASP H 609 33.52 62.62 28.87
C ASP H 609 34.52 63.51 29.60
N ALA H 610 35.46 62.89 30.31
CA ALA H 610 36.48 63.66 31.01
C ALA H 610 37.33 64.48 30.05
N GLN H 611 37.76 63.87 28.94
CA GLN H 611 38.52 64.63 27.95
C GLN H 611 37.75 65.83 27.43
N ARG H 612 36.49 65.65 27.09
CA ARG H 612 35.79 66.75 26.46
C ARG H 612 35.39 67.82 27.47
N ALA H 613 35.20 67.42 28.73
CA ALA H 613 35.02 68.40 29.80
C ALA H 613 36.28 69.23 30.00
N GLN H 614 37.45 68.59 30.03
CA GLN H 614 38.68 69.37 30.17
C GLN H 614 38.95 70.22 28.94
N SER H 615 38.49 69.75 27.76
CA SER H 615 38.61 70.57 26.56
C SER H 615 37.79 71.84 26.69
N ASP H 616 36.54 71.73 27.16
CA ASP H 616 35.73 72.91 27.39
C ASP H 616 36.35 73.82 28.44
N ALA H 617 36.92 73.23 29.49
CA ALA H 617 37.61 74.03 30.50
C ALA H 617 38.73 74.85 29.87
N LEU H 618 39.71 74.16 29.28
CA LEU H 618 40.83 74.83 28.62
C LEU H 618 40.33 75.88 27.64
N ALA H 619 39.22 75.61 26.97
CA ALA H 619 38.62 76.60 26.07
C ALA H 619 38.25 77.86 26.83
N LYS H 620 37.51 77.73 27.93
CA LYS H 620 37.06 78.91 28.66
C LYS H 620 38.23 79.70 29.22
N GLN H 621 39.22 79.00 29.80
CA GLN H 621 40.39 79.72 30.31
C GLN H 621 41.16 80.39 29.18
N ALA H 622 41.31 79.74 28.03
CA ALA H 622 42.02 80.37 26.93
C ALA H 622 41.28 81.61 26.44
N GLU H 623 39.96 81.53 26.31
CA GLU H 623 39.17 82.68 25.89
C GLU H 623 39.35 83.85 26.84
N ALA H 624 39.14 83.61 28.14
CA ALA H 624 39.26 84.70 29.10
C ALA H 624 40.68 85.26 29.14
N GLN H 625 41.69 84.38 29.14
CA GLN H 625 43.07 84.81 29.21
C GLN H 625 43.44 85.68 28.02
N MET H 626 43.10 85.26 26.81
CA MET H 626 43.60 86.01 25.68
C MET H 626 42.70 87.20 25.34
N LYS H 627 41.44 87.19 25.80
CA LYS H 627 40.67 88.42 25.85
C LYS H 627 41.35 89.44 26.75
N GLN H 628 41.82 89.02 27.92
CA GLN H 628 42.60 89.91 28.76
C GLN H 628 43.89 90.32 28.08
N VAL H 629 44.43 89.45 27.21
CA VAL H 629 45.62 89.82 26.45
C VAL H 629 45.33 91.01 25.55
N GLU H 630 44.25 90.95 24.78
CA GLU H 630 43.87 92.16 24.02
C GLU H 630 43.57 93.33 24.94
N ALA H 631 43.04 93.05 26.14
CA ALA H 631 42.63 94.13 27.02
C ALA H 631 43.81 94.82 27.69
N GLN H 632 44.92 94.12 27.89
CA GLN H 632 45.98 94.60 28.79
C GLN H 632 47.35 94.76 28.15
N ILE H 633 47.82 93.79 27.36
CA ILE H 633 49.19 93.85 26.82
C ILE H 633 49.33 94.84 25.68
N ARG H 634 48.24 95.50 25.28
CA ARG H 634 48.24 96.30 24.06
C ARG H 634 48.21 97.80 24.34
N LEU H 635 47.20 98.30 25.05
CA LEU H 635 47.02 99.74 25.18
C LEU H 635 48.24 100.42 25.78
N ALA H 636 49.02 99.67 26.57
CA ALA H 636 50.22 100.24 27.19
C ALA H 636 51.23 100.68 26.15
N GLU H 637 51.44 99.89 25.09
CA GLU H 637 52.43 100.27 24.09
C GLU H 637 51.89 101.23 23.05
N ILE H 638 50.58 101.52 23.06
CA ILE H 638 50.07 102.66 22.29
C ILE H 638 50.23 103.95 23.08
N GLU H 639 49.90 103.92 24.38
CA GLU H 639 49.98 105.14 25.18
C GLU H 639 51.42 105.63 25.33
N LEU H 640 52.41 104.77 25.13
CA LEU H 640 53.80 105.19 25.15
C LEU H 640 54.48 104.86 23.82
N MET I 11 -68.85 34.71 49.74
CA MET I 11 -68.12 34.52 48.50
C MET I 11 -66.62 34.53 48.81
N ASP I 12 -66.20 33.61 49.70
CA ASP I 12 -64.79 33.49 50.06
C ASP I 12 -64.33 32.03 50.15
N ASP I 13 -65.22 31.07 49.91
CA ASP I 13 -64.85 29.66 49.75
C ASP I 13 -64.11 29.14 50.98
N GLU I 14 -64.87 29.05 52.08
CA GLU I 14 -64.32 28.61 53.36
C GLU I 14 -63.87 27.14 53.31
N GLN I 15 -63.36 26.67 54.45
CA GLN I 15 -62.73 25.36 54.54
C GLN I 15 -63.61 24.25 53.97
N VAL I 16 -64.89 24.24 54.33
CA VAL I 16 -65.74 23.09 54.02
C VAL I 16 -65.89 22.92 52.51
N LEU I 17 -66.12 24.03 51.80
CA LEU I 17 -66.32 23.93 50.35
C LEU I 17 -65.07 23.45 49.65
N ARG I 18 -63.89 23.93 50.08
CA ARG I 18 -62.66 23.51 49.40
C ARG I 18 -62.31 22.07 49.76
N HIS I 19 -62.64 21.62 50.97
CA HIS I 19 -62.53 20.19 51.25
C HIS I 19 -63.44 19.39 50.31
N LEU I 20 -64.67 19.85 50.12
CA LEU I 20 -65.59 19.14 49.23
C LEU I 20 -65.01 19.04 47.82
N ASP I 21 -64.51 20.16 47.30
CA ASP I 21 -63.94 20.16 45.96
C ASP I 21 -62.71 19.26 45.87
N GLN I 22 -61.83 19.33 46.87
CA GLN I 22 -60.62 18.51 46.86
C GLN I 22 -60.95 17.03 46.89
N LEU I 23 -61.89 16.63 47.74
CA LEU I 23 -62.27 15.23 47.81
C LEU I 23 -62.95 14.77 46.54
N VAL I 24 -63.78 15.62 45.92
CA VAL I 24 -64.39 15.26 44.65
C VAL I 24 -63.31 15.00 43.60
N ASN I 25 -62.37 15.93 43.47
CA ASN I 25 -61.32 15.78 42.47
C ASN I 25 -60.46 14.56 42.74
N ASP I 26 -60.13 14.32 44.01
CA ASP I 26 -59.26 13.19 44.34
C ASP I 26 -59.96 11.86 44.13
N ALA I 27 -61.19 11.72 44.63
CA ALA I 27 -61.94 10.49 44.47
C ALA I 27 -62.34 10.25 43.02
N LEU I 28 -62.30 11.29 42.18
CA LEU I 28 -62.43 11.06 40.75
C LEU I 28 -61.35 10.09 40.26
N ASP I 29 -60.14 10.24 40.77
CA ASP I 29 -59.05 9.31 40.48
C ASP I 29 -59.02 8.23 41.55
N PHE I 30 -57.94 7.46 41.63
CA PHE I 30 -57.82 6.31 42.54
C PHE I 30 -58.90 5.28 42.28
N ASN I 31 -58.95 4.74 41.05
CA ASN I 31 -59.94 3.75 40.70
C ASN I 31 -59.33 2.80 39.66
N SER I 32 -60.05 1.73 39.38
CA SER I 32 -59.60 0.76 38.38
C SER I 32 -59.78 1.34 36.98
N SER I 33 -58.73 1.98 36.47
CA SER I 33 -58.75 2.58 35.15
C SER I 33 -57.82 1.81 34.22
N GLU I 34 -57.88 2.15 32.93
CA GLU I 34 -57.06 1.47 31.95
C GLU I 34 -55.57 1.79 32.13
N LEU I 35 -55.26 3.01 32.57
CA LEU I 35 -53.87 3.42 32.71
C LEU I 35 -53.13 2.56 33.72
N SER I 36 -53.72 2.39 34.91
CA SER I 36 -53.07 1.60 35.95
C SER I 36 -52.94 0.14 35.52
N LYS I 37 -53.97 -0.39 34.86
CA LYS I 37 -53.89 -1.77 34.38
C LYS I 37 -52.75 -1.94 33.38
N GLN I 38 -52.62 -1.01 32.44
CA GLN I 38 -51.56 -1.11 31.45
C GLN I 38 -50.19 -0.98 32.09
N ARG I 39 -50.03 -0.07 33.06
CA ARG I 39 -48.74 0.08 33.71
C ARG I 39 -48.37 -1.18 34.51
N SER I 40 -49.32 -1.73 35.26
CA SER I 40 -49.06 -2.95 36.01
C SER I 40 -48.72 -4.11 35.08
N GLU I 41 -49.45 -4.23 33.96
CA GLU I 41 -49.15 -5.28 33.01
C GLU I 41 -47.75 -5.11 32.42
N ALA I 42 -47.35 -3.87 32.14
CA ALA I 42 -46.02 -3.63 31.62
C ALA I 42 -44.96 -4.08 32.61
N LEU I 43 -45.13 -3.75 33.88
CA LEU I 43 -44.12 -4.11 34.86
C LEU I 43 -44.11 -5.63 35.07
N LYS I 44 -45.28 -6.26 35.02
CA LYS I 44 -45.34 -7.72 35.10
C LYS I 44 -44.60 -8.37 33.95
N TYR I 45 -44.81 -7.87 32.74
CA TYR I 45 -44.10 -8.41 31.58
C TYR I 45 -42.59 -8.21 31.74
N TYR I 46 -42.19 -7.08 32.32
CA TYR I 46 -40.77 -6.87 32.58
C TYR I 46 -40.22 -7.92 33.54
N PHE I 47 -40.97 -8.23 34.61
CA PHE I 47 -40.49 -9.21 35.57
C PHE I 47 -40.55 -10.64 35.04
N GLY I 48 -41.25 -10.87 33.94
CA GLY I 48 -41.39 -12.22 33.43
C GLY I 48 -42.39 -13.07 34.18
N GLU I 49 -43.44 -12.46 34.74
CA GLU I 49 -44.44 -13.20 35.47
C GLU I 49 -45.27 -14.07 34.54
N PRO I 50 -45.86 -15.15 35.05
CA PRO I 50 -46.72 -15.98 34.20
C PRO I 50 -47.94 -15.22 33.71
N PHE I 51 -48.38 -15.57 32.50
CA PHE I 51 -49.52 -14.88 31.89
C PHE I 51 -50.83 -15.26 32.56
N GLY I 52 -50.96 -16.50 33.03
CA GLY I 52 -52.18 -16.97 33.63
C GLY I 52 -52.89 -18.06 32.86
N ASN I 53 -52.35 -18.49 31.72
CA ASN I 53 -52.92 -19.57 30.92
C ASN I 53 -52.14 -20.87 31.07
N GLU I 54 -51.26 -20.95 32.07
CA GLU I 54 -50.42 -22.13 32.23
C GLU I 54 -51.24 -23.32 32.71
N ARG I 55 -50.85 -24.50 32.26
CA ARG I 55 -51.47 -25.75 32.66
C ARG I 55 -50.62 -26.45 33.72
N PRO I 56 -51.24 -27.26 34.57
CA PRO I 56 -50.49 -27.84 35.70
C PRO I 56 -49.26 -28.63 35.32
N GLY I 57 -49.30 -29.40 34.24
CA GLY I 57 -48.21 -30.31 33.93
C GLY I 57 -47.41 -30.00 32.69
N LYS I 58 -47.62 -28.84 32.10
CA LYS I 58 -46.97 -28.47 30.86
C LYS I 58 -45.91 -27.40 31.11
N SER I 59 -45.22 -27.01 30.04
CA SER I 59 -44.19 -25.99 30.13
C SER I 59 -44.81 -24.63 30.44
N ALA I 60 -44.04 -23.80 31.15
CA ALA I 60 -44.53 -22.49 31.57
C ALA I 60 -43.47 -21.41 31.41
N ILE I 61 -42.62 -21.53 30.41
CA ILE I 61 -41.55 -20.55 30.23
C ILE I 61 -42.11 -19.29 29.56
N VAL I 62 -41.41 -18.18 29.75
CA VAL I 62 -41.82 -16.88 29.25
C VAL I 62 -40.64 -16.25 28.51
N SER I 63 -40.89 -15.77 27.29
CA SER I 63 -39.87 -15.05 26.55
C SER I 63 -39.68 -13.66 27.14
N ARG I 64 -38.43 -13.19 27.11
CA ARG I 64 -38.06 -11.91 27.70
C ARG I 64 -37.74 -10.93 26.56
N ASP I 65 -38.66 -10.01 26.30
CA ASP I 65 -38.48 -9.01 25.25
C ASP I 65 -38.45 -7.59 25.79
N VAL I 66 -39.45 -7.22 26.60
CA VAL I 66 -39.46 -5.88 27.18
C VAL I 66 -38.24 -5.67 28.06
N GLN I 67 -37.88 -6.69 28.84
CA GLN I 67 -36.70 -6.58 29.69
C GLN I 67 -35.45 -6.36 28.87
N GLU I 68 -35.29 -7.12 27.78
CA GLU I 68 -34.11 -6.97 26.94
C GLU I 68 -34.04 -5.58 26.32
N THR I 69 -35.17 -5.09 25.80
CA THR I 69 -35.17 -3.76 25.18
C THR I 69 -34.83 -2.68 26.19
N VAL I 70 -35.44 -2.73 27.37
CA VAL I 70 -35.17 -1.70 28.38
C VAL I 70 -33.71 -1.75 28.82
N ASP I 71 -33.18 -2.96 29.04
CA ASP I 71 -31.81 -3.09 29.49
C ASP I 71 -30.80 -2.76 28.40
N TRP I 72 -31.20 -2.82 27.14
CA TRP I 72 -30.29 -2.39 26.08
C TRP I 72 -30.36 -0.89 25.85
N ILE I 73 -31.49 -0.26 26.21
CA ILE I 73 -31.60 1.18 26.00
C ILE I 73 -30.95 1.96 27.15
N MET I 74 -31.12 1.49 28.38
CA MET I 74 -30.72 2.29 29.54
C MET I 74 -29.25 2.70 29.57
N PRO I 75 -28.28 1.80 29.37
CA PRO I 75 -26.88 2.20 29.59
C PRO I 75 -26.42 3.35 28.71
N SER I 76 -26.87 3.40 27.46
CA SER I 76 -26.53 4.54 26.62
C SER I 76 -27.16 5.82 27.15
N LEU I 77 -28.40 5.75 27.62
CA LEU I 77 -29.07 6.90 28.19
C LEU I 77 -28.42 7.37 29.48
N MET I 78 -27.64 6.53 30.14
CA MET I 78 -26.89 6.99 31.30
C MET I 78 -25.52 7.54 30.93
N LYS I 79 -24.82 6.87 30.01
CA LYS I 79 -23.54 7.36 29.52
C LYS I 79 -23.69 8.77 28.96
N VAL I 80 -24.68 8.98 28.10
CA VAL I 80 -25.16 10.32 27.84
C VAL I 80 -25.85 10.83 29.09
N PHE I 81 -25.60 12.09 29.44
CA PHE I 81 -26.08 12.80 30.64
C PHE I 81 -25.32 12.46 31.91
N THR I 82 -24.40 11.48 31.93
CA THR I 82 -23.71 11.24 33.19
C THR I 82 -22.19 11.22 33.06
N SER I 83 -21.68 10.76 31.93
CA SER I 83 -20.26 10.35 31.85
C SER I 83 -19.33 11.49 32.20
N GLY I 84 -19.70 12.71 31.85
CA GLY I 84 -18.76 13.82 32.01
C GLY I 84 -18.53 14.31 33.41
N GLY I 85 -19.18 13.74 34.40
CA GLY I 85 -19.10 14.27 35.76
C GLY I 85 -20.00 15.46 35.98
N GLN I 86 -19.85 16.51 35.17
CA GLN I 86 -20.81 17.60 35.16
C GLN I 86 -22.07 17.17 34.42
N VAL I 87 -23.21 17.72 34.84
CA VAL I 87 -24.48 17.39 34.21
C VAL I 87 -25.14 18.57 33.51
N VAL I 88 -24.87 19.80 33.91
CA VAL I 88 -25.49 20.98 33.32
C VAL I 88 -24.43 22.04 33.13
N LYS I 89 -24.66 22.91 32.13
CA LYS I 89 -23.79 24.06 31.92
C LYS I 89 -24.65 25.27 31.55
N TYR I 90 -24.48 26.36 32.28
CA TYR I 90 -25.23 27.58 32.01
C TYR I 90 -24.36 28.52 31.19
N GLU I 91 -24.87 28.93 30.04
CA GLU I 91 -24.11 29.82 29.16
C GLU I 91 -24.66 31.23 29.24
N PRO I 92 -23.78 32.23 29.38
CA PRO I 92 -24.26 33.61 29.48
C PRO I 92 -24.81 34.11 28.17
N GLN I 93 -25.72 35.09 28.28
CA GLN I 93 -26.30 35.71 27.11
C GLN I 93 -25.42 36.83 26.56
N THR I 94 -24.94 37.70 27.44
CA THR I 94 -24.03 38.78 27.09
C THR I 94 -22.76 38.66 27.92
N ALA I 95 -21.81 39.56 27.67
CA ALA I 95 -20.55 39.55 28.39
C ALA I 95 -20.69 39.98 29.84
N GLU I 96 -21.83 40.53 30.23
CA GLU I 96 -22.03 41.01 31.60
C GLU I 96 -22.60 39.95 32.52
N ASP I 97 -22.88 38.75 32.00
CA ASP I 97 -23.43 37.68 32.81
C ASP I 97 -22.43 36.56 33.10
N VAL I 98 -21.22 36.65 32.56
CA VAL I 98 -20.30 35.51 32.56
C VAL I 98 -20.07 35.02 33.98
N GLU I 99 -19.73 35.93 34.89
CA GLU I 99 -19.46 35.54 36.27
C GLU I 99 -20.68 34.85 36.87
N GLN I 100 -21.87 35.40 36.65
CA GLN I 100 -23.07 34.74 37.12
C GLN I 100 -23.21 33.37 36.50
N ALA I 101 -22.97 33.26 35.19
CA ALA I 101 -23.03 31.97 34.54
C ALA I 101 -22.08 30.97 35.17
N GLU I 102 -20.96 31.45 35.72
CA GLU I 102 -20.07 30.54 36.41
C GLU I 102 -20.68 30.07 37.73
N GLN I 103 -21.22 31.01 38.51
CA GLN I 103 -21.67 30.68 39.86
C GLN I 103 -22.70 29.56 39.83
N GLU I 104 -23.76 29.73 39.04
CA GLU I 104 -24.78 28.69 38.93
C GLU I 104 -24.16 27.38 38.49
N THR I 105 -23.26 27.43 37.51
CA THR I 105 -22.67 26.19 37.00
C THR I 105 -21.93 25.44 38.09
N GLU I 106 -21.39 26.16 39.08
CA GLU I 106 -20.75 25.48 40.20
C GLU I 106 -21.72 25.21 41.33
N TYR I 107 -22.80 25.99 41.44
CA TYR I 107 -23.76 25.75 42.51
C TYR I 107 -24.69 24.61 42.12
N VAL I 108 -25.42 24.76 41.03
CA VAL I 108 -26.27 23.68 40.50
C VAL I 108 -25.35 22.68 39.81
N ASN I 109 -25.09 21.57 40.49
CA ASN I 109 -24.04 20.57 40.25
C ASN I 109 -23.57 20.10 41.61
N TYR I 110 -23.31 21.07 42.51
CA TYR I 110 -23.07 20.73 43.90
C TYR I 110 -24.36 20.32 44.59
N LEU I 111 -25.47 20.96 44.21
CA LEU I 111 -26.76 20.59 44.79
C LEU I 111 -27.26 19.26 44.25
N PHE I 112 -27.06 19.01 42.95
CA PHE I 112 -27.66 17.85 42.33
C PHE I 112 -26.84 16.58 42.56
N MET I 113 -25.51 16.67 42.47
CA MET I 113 -24.67 15.48 42.52
C MET I 113 -24.05 15.22 43.88
N ARG I 114 -23.95 16.23 44.74
CA ARG I 114 -23.28 16.08 46.02
C ARG I 114 -24.20 16.27 47.22
N LYS I 115 -25.45 16.63 47.01
CA LYS I 115 -26.38 16.86 48.11
C LYS I 115 -27.73 16.18 47.93
N ASN I 116 -27.98 15.52 46.80
CA ASN I 116 -29.31 15.01 46.54
C ASN I 116 -29.35 13.64 45.87
N GLU I 117 -28.20 12.98 45.68
CA GLU I 117 -28.15 11.69 44.99
C GLU I 117 -28.74 11.78 43.59
N GLY I 118 -28.09 12.60 42.76
CA GLY I 118 -28.63 12.86 41.43
C GLY I 118 -28.67 11.64 40.54
N PHE I 119 -27.65 10.79 40.63
CA PHE I 119 -27.57 9.64 39.73
C PHE I 119 -28.74 8.70 39.93
N LYS I 120 -29.07 8.39 41.19
CA LYS I 120 -30.18 7.48 41.47
C LYS I 120 -31.51 8.07 41.02
N VAL I 121 -31.71 9.37 41.27
CA VAL I 121 -32.95 10.02 40.86
C VAL I 121 -33.09 9.98 39.34
N MET I 122 -32.01 10.29 38.63
CA MET I 122 -32.05 10.27 37.17
C MET I 122 -32.31 8.86 36.64
N PHE I 123 -31.69 7.85 37.24
CA PHE I 123 -31.91 6.48 36.82
C PHE I 123 -33.36 6.07 37.02
N ASP I 124 -33.93 6.39 38.18
CA ASP I 124 -35.33 6.06 38.44
C ASP I 124 -36.23 6.79 37.46
N TRP I 125 -35.94 8.06 37.18
CA TRP I 125 -36.72 8.84 36.23
C TRP I 125 -36.73 8.16 34.86
N PHE I 126 -35.55 7.84 34.33
CA PHE I 126 -35.47 7.26 33.00
C PHE I 126 -36.14 5.89 32.94
N GLN I 127 -35.92 5.06 33.96
CA GLN I 127 -36.50 3.72 33.94
C GLN I 127 -38.02 3.79 34.05
N ASP I 128 -38.55 4.71 34.85
CA ASP I 128 -39.99 4.87 34.91
C ASP I 128 -40.55 5.35 33.59
N THR I 129 -39.84 6.27 32.92
CA THR I 129 -40.31 6.76 31.63
C THR I 129 -40.35 5.63 30.60
N LEU I 130 -39.32 4.78 30.58
CA LEU I 130 -39.30 3.70 29.60
C LEU I 130 -40.30 2.60 29.95
N MET I 131 -40.44 2.28 31.23
CA MET I 131 -41.30 1.18 31.66
C MET I 131 -42.76 1.59 31.62
N MET I 132 -43.13 2.58 32.42
CA MET I 132 -44.47 3.16 32.38
C MET I 132 -44.53 4.13 31.20
N LYS I 133 -45.57 4.96 31.16
CA LYS I 133 -45.75 5.85 30.03
C LYS I 133 -45.05 7.19 30.20
N THR I 134 -44.83 7.64 31.43
CA THR I 134 -44.19 8.94 31.65
C THR I 134 -43.51 8.92 33.01
N GLY I 135 -42.50 9.77 33.17
CA GLY I 135 -41.77 9.87 34.41
C GLY I 135 -41.85 11.27 34.98
N VAL I 136 -41.88 11.36 36.31
CA VAL I 136 -42.07 12.63 36.99
C VAL I 136 -41.02 12.79 38.09
N VAL I 137 -40.48 14.00 38.21
CA VAL I 137 -39.51 14.36 39.23
C VAL I 137 -39.91 15.69 39.85
N LYS I 138 -39.75 15.82 41.16
CA LYS I 138 -40.18 16.99 41.90
C LYS I 138 -38.99 17.74 42.50
N VAL I 139 -39.06 19.06 42.50
CA VAL I 139 -38.08 19.93 43.13
C VAL I 139 -38.81 20.80 44.15
N TYR I 140 -38.27 20.86 45.37
CA TYR I 140 -38.94 21.62 46.41
C TYR I 140 -37.92 22.11 47.43
N VAL I 141 -38.42 22.87 48.40
CA VAL I 141 -37.62 23.39 49.50
C VAL I 141 -38.05 22.69 50.77
N GLU I 142 -37.09 22.16 51.52
CA GLU I 142 -37.39 21.35 52.68
C GLU I 142 -38.15 22.16 53.72
N GLU I 143 -39.23 21.56 54.26
CA GLU I 143 -40.05 22.21 55.28
C GLU I 143 -39.96 21.52 56.64
N VAL I 144 -39.51 20.28 56.69
CA VAL I 144 -39.34 19.56 57.95
C VAL I 144 -37.85 19.66 58.33
N LEU I 145 -37.57 20.31 59.44
CA LEU I 145 -36.20 20.56 59.88
C LEU I 145 -35.96 19.80 61.18
N ASN I 146 -35.38 18.60 61.07
CA ASN I 146 -35.07 17.80 62.23
C ASN I 146 -33.82 18.34 62.94
N PRO I 147 -33.77 18.27 64.26
CA PRO I 147 -32.53 18.57 64.98
C PRO I 147 -31.49 17.49 64.72
N THR I 148 -30.23 17.88 64.86
CA THR I 148 -29.12 16.98 64.58
C THR I 148 -28.20 16.87 65.79
N PHE I 149 -27.46 15.78 65.86
CA PHE I 149 -26.49 15.54 66.92
C PHE I 149 -25.14 15.26 66.30
N GLU I 150 -24.09 15.87 66.85
CA GLU I 150 -22.74 15.69 66.33
C GLU I 150 -21.79 15.30 67.45
N ARG I 151 -20.77 14.52 67.09
CA ARG I 151 -19.72 14.09 67.99
C ARG I 151 -18.38 14.36 67.34
N PHE I 152 -17.45 14.93 68.11
CA PHE I 152 -16.10 15.19 67.63
C PHE I 152 -15.09 14.74 68.67
N SER I 153 -13.91 14.32 68.20
CA SER I 153 -12.83 13.91 69.09
C SER I 153 -11.50 14.26 68.45
N GLY I 154 -10.54 14.60 69.30
CA GLY I 154 -9.20 14.93 68.82
C GLY I 154 -9.04 16.33 68.30
N LEU I 155 -9.87 17.27 68.74
CA LEU I 155 -9.86 18.64 68.27
C LEU I 155 -8.93 19.50 69.12
N SER I 156 -8.61 20.68 68.60
CA SER I 156 -7.74 21.63 69.27
C SER I 156 -8.54 22.74 69.93
N GLU I 157 -7.83 23.74 70.48
CA GLU I 157 -8.50 24.82 71.19
C GLU I 157 -9.36 25.65 70.26
N GLU I 158 -8.78 26.15 69.16
CA GLU I 158 -9.50 27.08 68.31
C GLU I 158 -10.63 26.39 67.57
N MET I 159 -10.48 25.10 67.26
CA MET I 159 -11.55 24.35 66.62
C MET I 159 -12.77 24.29 67.54
N VAL I 160 -12.54 23.98 68.82
CA VAL I 160 -13.63 23.91 69.78
C VAL I 160 -14.25 25.28 69.98
N ALA I 161 -13.42 26.33 70.04
CA ALA I 161 -13.95 27.68 70.20
C ALA I 161 -14.84 28.07 69.03
N ASP I 162 -14.39 27.76 67.80
CA ASP I 162 -15.18 28.06 66.62
C ASP I 162 -16.49 27.29 66.62
N ILE I 163 -16.45 26.01 67.01
CA ILE I 163 -17.68 25.23 67.05
C ILE I 163 -18.65 25.79 68.08
N LEU I 164 -18.13 26.21 69.23
CA LEU I 164 -18.98 26.65 70.32
C LEU I 164 -19.42 28.11 70.21
N ALA I 165 -18.83 28.88 69.30
CA ALA I 165 -19.26 30.26 69.13
C ALA I 165 -20.67 30.37 68.56
N ASP I 166 -21.18 29.32 67.93
CA ASP I 166 -22.50 29.37 67.34
C ASP I 166 -23.56 29.41 68.43
N PRO I 167 -24.48 30.38 68.41
CA PRO I 167 -25.54 30.43 69.41
C PRO I 167 -26.68 29.44 69.17
N ASP I 168 -26.57 28.57 68.17
CA ASP I 168 -27.61 27.60 67.85
C ASP I 168 -27.20 26.17 68.22
N THR I 169 -26.18 26.02 69.05
CA THR I 169 -25.66 24.71 69.44
C THR I 169 -25.72 24.57 70.95
N GLU I 170 -26.02 23.35 71.41
CA GLU I 170 -26.11 23.05 72.83
C GLU I 170 -25.06 21.99 73.18
N ILE I 171 -24.36 22.19 74.28
CA ILE I 171 -23.39 21.22 74.77
C ILE I 171 -24.13 20.09 75.45
N LEU I 172 -23.85 18.86 75.02
CA LEU I 172 -24.28 17.67 75.73
C LEU I 172 -23.16 16.99 76.48
N ALA I 173 -21.93 17.05 75.96
CA ALA I 173 -20.80 16.45 76.65
C ALA I 173 -19.51 17.12 76.22
N GLN I 174 -18.56 17.23 77.15
CA GLN I 174 -17.25 17.79 76.87
C GLN I 174 -16.20 17.06 77.71
N SER I 175 -15.04 16.81 77.12
CA SER I 175 -13.99 16.08 77.82
C SER I 175 -12.64 16.45 77.25
N VAL I 176 -11.62 16.37 78.09
CA VAL I 176 -10.24 16.62 77.71
C VAL I 176 -9.41 15.38 78.00
N ASP I 177 -8.63 14.96 77.01
CA ASP I 177 -7.83 13.76 77.11
C ASP I 177 -6.36 14.13 77.33
N GLU I 178 -5.53 13.12 77.49
CA GLU I 178 -4.09 13.32 77.51
C GLU I 178 -3.66 13.93 76.18
N ASP I 179 -2.75 14.91 76.24
CA ASP I 179 -2.44 15.81 75.14
C ASP I 179 -3.62 16.76 74.94
N GLY I 180 -3.33 18.01 74.55
CA GLY I 180 -4.37 19.02 74.52
C GLY I 180 -5.38 18.82 73.41
N THR I 181 -6.14 17.73 73.50
CA THR I 181 -7.19 17.40 72.55
C THR I 181 -8.53 17.30 73.28
N TYR I 182 -9.60 17.58 72.55
CA TYR I 182 -10.93 17.69 73.12
C TYR I 182 -11.88 16.71 72.46
N SER I 183 -12.88 16.28 73.22
CA SER I 183 -13.97 15.48 72.70
C SER I 183 -15.28 16.13 73.11
N ILE I 184 -16.14 16.41 72.14
CA ILE I 184 -17.38 17.12 72.39
C ILE I 184 -18.55 16.37 71.76
N LYS I 185 -19.72 16.53 72.37
CA LYS I 185 -20.97 15.98 71.88
C LYS I 185 -21.99 17.10 71.97
N ILE I 186 -22.53 17.51 70.82
CA ILE I 186 -23.39 18.69 70.75
C ILE I 186 -24.67 18.37 69.98
N ARG I 187 -25.67 19.22 70.18
CA ARG I 187 -26.93 19.17 69.47
C ARG I 187 -27.16 20.50 68.76
N LYS I 188 -27.57 20.44 67.51
CA LYS I 188 -27.71 21.62 66.67
C LYS I 188 -29.11 21.67 66.06
N ASP I 189 -29.68 22.87 65.99
CA ASP I 189 -30.96 23.13 65.35
C ASP I 189 -30.73 24.11 64.20
N LYS I 190 -30.58 23.59 63.00
CA LYS I 190 -30.28 24.38 61.83
C LYS I 190 -31.55 24.91 61.17
N LYS I 191 -31.49 26.17 60.72
CA LYS I 191 -32.65 26.83 60.16
C LYS I 191 -32.51 27.22 58.69
N LYS I 192 -31.33 27.08 58.10
CA LYS I 192 -31.17 27.41 56.69
C LYS I 192 -31.92 26.42 55.83
N ARG I 193 -32.43 26.90 54.69
CA ARG I 193 -33.30 26.06 53.87
C ARG I 193 -32.46 25.03 53.11
N GLU I 194 -33.15 24.01 52.61
CA GLU I 194 -32.53 22.98 51.78
C GLU I 194 -33.36 22.79 50.52
N ILE I 195 -32.67 22.66 49.39
CA ILE I 195 -33.32 22.42 48.11
C ILE I 195 -33.18 20.94 47.79
N LYS I 196 -34.32 20.27 47.62
CA LYS I 196 -34.34 18.83 47.43
C LYS I 196 -34.98 18.47 46.10
N VAL I 197 -34.47 17.39 45.50
CA VAL I 197 -35.00 16.81 44.28
C VAL I 197 -35.35 15.36 44.58
N THR I 198 -36.56 14.96 44.24
CA THR I 198 -37.03 13.61 44.57
C THR I 198 -37.70 12.97 43.36
N CYS I 199 -37.64 11.64 43.33
CA CYS I 199 -38.38 10.83 42.38
C CYS I 199 -39.73 10.45 42.99
N ILE I 200 -40.74 10.38 42.14
CA ILE I 200 -42.11 10.10 42.56
C ILE I 200 -42.55 8.78 41.94
N LYS I 201 -43.09 7.90 42.77
CA LYS I 201 -43.65 6.67 42.26
C LYS I 201 -44.83 6.98 41.35
N PRO I 202 -44.97 6.28 40.22
CA PRO I 202 -46.04 6.64 39.27
C PRO I 202 -47.44 6.55 39.85
N GLU I 203 -47.67 5.66 40.82
CA GLU I 203 -49.01 5.54 41.40
C GLU I 203 -49.33 6.63 42.40
N ASN I 204 -48.35 7.43 42.82
CA ASN I 204 -48.56 8.47 43.81
C ASN I 204 -48.69 9.86 43.19
N PHE I 205 -48.75 9.95 41.87
CA PHE I 205 -48.89 11.22 41.16
C PHE I 205 -50.23 11.23 40.45
N LEU I 206 -51.03 12.28 40.68
CA LEU I 206 -52.37 12.36 40.14
C LEU I 206 -52.47 13.57 39.23
N VAL I 207 -52.99 13.35 38.02
CA VAL I 207 -53.18 14.40 37.03
C VAL I 207 -54.58 14.27 36.45
N ASP I 208 -55.21 15.40 36.15
CA ASP I 208 -56.53 15.37 35.56
C ASP I 208 -56.46 14.84 34.13
N ARG I 209 -57.63 14.49 33.59
CA ARG I 209 -57.68 13.78 32.32
C ARG I 209 -57.77 14.69 31.11
N LEU I 210 -57.53 16.00 31.27
CA LEU I 210 -57.57 16.94 30.16
C LEU I 210 -56.30 17.78 30.07
N ALA I 211 -55.23 17.38 30.75
CA ALA I 211 -54.04 18.21 30.87
C ALA I 211 -53.34 18.46 29.52
N THR I 212 -52.79 17.39 28.93
CA THR I 212 -51.98 17.42 27.72
C THR I 212 -50.60 18.02 27.95
N CYS I 213 -50.35 18.58 29.14
CA CYS I 213 -49.04 19.04 29.57
C CYS I 213 -49.20 19.55 31.00
N ILE I 214 -48.06 19.72 31.68
CA ILE I 214 -48.10 20.16 33.08
C ILE I 214 -48.52 21.62 33.17
N ASP I 215 -48.02 22.47 32.28
CA ASP I 215 -48.20 23.91 32.42
C ASP I 215 -49.65 24.36 32.32
N ASP I 216 -50.54 23.53 31.79
CA ASP I 216 -51.95 23.90 31.67
C ASP I 216 -52.88 22.95 32.42
N ALA I 217 -52.34 22.05 33.23
CA ALA I 217 -53.17 21.12 33.98
C ALA I 217 -53.97 21.86 35.05
N ARG I 218 -55.25 21.54 35.15
CA ARG I 218 -56.10 22.16 36.15
C ARG I 218 -55.87 21.61 37.54
N PHE I 219 -55.36 20.39 37.67
CA PHE I 219 -55.24 19.76 38.98
C PHE I 219 -54.11 18.75 38.95
N LEU I 220 -53.08 18.99 39.76
CA LEU I 220 -52.03 18.02 40.02
C LEU I 220 -52.04 17.71 41.51
N CYS I 221 -51.67 16.49 41.88
CA CYS I 221 -51.57 16.21 43.30
C CYS I 221 -50.54 15.13 43.57
N HIS I 222 -49.86 15.27 44.70
CA HIS I 222 -48.83 14.35 45.17
C HIS I 222 -49.27 13.77 46.49
N ARG I 223 -49.30 12.44 46.57
CA ARG I 223 -49.69 11.71 47.77
C ARG I 223 -48.45 11.09 48.40
N GLU I 224 -48.23 11.34 49.69
CA GLU I 224 -47.08 10.77 50.36
C GLU I 224 -47.47 10.39 51.79
N LYS I 225 -46.51 9.89 52.54
CA LYS I 225 -46.73 9.39 53.89
C LYS I 225 -45.93 10.21 54.89
N TYR I 226 -46.59 10.62 55.96
CA TYR I 226 -45.96 11.39 57.02
C TYR I 226 -46.07 10.66 58.35
N THR I 227 -45.05 10.81 59.17
CA THR I 227 -45.08 10.31 60.54
C THR I 227 -45.61 11.39 61.47
N VAL I 228 -45.95 10.98 62.69
CA VAL I 228 -46.50 11.93 63.66
C VAL I 228 -45.45 12.97 64.02
N SER I 229 -44.18 12.56 64.09
CA SER I 229 -43.11 13.52 64.39
C SER I 229 -43.01 14.59 63.32
N ASP I 230 -43.14 14.20 62.05
CA ASP I 230 -43.10 15.18 60.96
C ASP I 230 -44.24 16.17 61.08
N LEU I 231 -45.45 15.69 61.37
CA LEU I 231 -46.59 16.59 61.53
C LEU I 231 -46.40 17.51 62.72
N ARG I 232 -45.81 17.01 63.81
CA ARG I 232 -45.50 17.87 64.95
C ARG I 232 -44.51 18.96 64.56
N LEU I 233 -43.49 18.61 63.79
CA LEU I 233 -42.54 19.61 63.32
C LEU I 233 -43.21 20.61 62.39
N LEU I 234 -44.27 20.20 61.70
CA LEU I 234 -45.02 21.12 60.86
C LEU I 234 -45.97 22.02 61.63
N GLY I 235 -46.15 21.77 62.92
CA GLY I 235 -46.99 22.62 63.76
C GLY I 235 -48.42 22.19 63.93
N VAL I 236 -48.76 20.95 63.58
CA VAL I 236 -50.14 20.48 63.73
C VAL I 236 -50.48 20.37 65.22
N PRO I 237 -51.63 20.86 65.66
CA PRO I 237 -51.98 20.75 67.08
C PRO I 237 -52.22 19.31 67.51
N GLU I 238 -52.01 19.06 68.81
CA GLU I 238 -52.08 17.70 69.33
C GLU I 238 -53.49 17.14 69.24
N ASP I 239 -54.50 17.98 69.50
CA ASP I 239 -55.88 17.51 69.47
C ASP I 239 -56.27 17.00 68.10
N VAL I 240 -55.79 17.66 67.04
CA VAL I 240 -56.02 17.15 65.70
C VAL I 240 -55.27 15.84 65.48
N LEU I 241 -54.05 15.74 66.02
CA LEU I 241 -53.26 14.53 65.86
C LEU I 241 -53.94 13.32 66.49
N ASP I 242 -54.62 13.52 67.62
CA ASP I 242 -55.27 12.40 68.31
C ASP I 242 -56.44 11.84 67.52
N GLU I 243 -56.95 12.57 66.52
CA GLU I 243 -58.12 12.12 65.79
C GLU I 243 -57.81 12.11 64.31
N LEU I 244 -56.69 11.50 63.94
CA LEU I 244 -56.29 11.40 62.55
C LEU I 244 -56.40 9.97 62.06
N PRO I 245 -57.00 9.74 60.89
CA PRO I 245 -57.09 8.37 60.37
C PRO I 245 -55.71 7.83 60.03
N TYR I 246 -55.37 6.70 60.64
CA TYR I 246 -54.05 6.13 60.49
C TYR I 246 -53.95 5.15 59.34
N ASP I 247 -55.02 4.98 58.55
CA ASP I 247 -54.90 4.33 57.26
C ASP I 247 -55.94 4.95 56.32
N GLU I 248 -55.54 6.02 55.62
CA GLU I 248 -56.23 6.56 54.46
C GLU I 248 -57.68 6.97 54.67
N TYR I 249 -58.29 7.49 53.61
CA TYR I 249 -59.73 7.60 53.46
C TYR I 249 -60.26 6.91 52.22
N GLU I 250 -59.39 6.59 51.25
CA GLU I 250 -59.83 6.08 49.96
C GLU I 250 -59.23 4.73 49.60
N PHE I 251 -58.52 4.08 50.52
CA PHE I 251 -57.88 2.78 50.27
C PHE I 251 -56.94 2.87 49.07
N SER I 252 -55.91 3.69 49.22
CA SER I 252 -54.93 3.94 48.17
C SER I 252 -53.68 3.09 48.30
N ASP I 253 -53.62 2.18 49.27
CA ASP I 253 -52.48 1.31 49.47
C ASP I 253 -52.56 0.02 48.65
N SER I 254 -53.60 -0.13 47.85
CA SER I 254 -53.81 -1.34 47.05
C SER I 254 -53.76 -1.02 45.56
N GLN I 255 -52.90 -0.09 45.18
CA GLN I 255 -52.71 0.19 43.77
C GLN I 255 -52.08 -1.01 43.08
N PRO I 256 -52.53 -1.38 41.88
CA PRO I 256 -51.97 -2.57 41.22
C PRO I 256 -50.48 -2.50 40.99
N GLU I 257 -49.95 -1.32 40.64
CA GLU I 257 -48.52 -1.20 40.44
C GLU I 257 -47.74 -1.49 41.72
N ARG I 258 -48.23 -0.98 42.86
CA ARG I 258 -47.56 -1.23 44.12
C ARG I 258 -47.58 -2.72 44.47
N LEU I 259 -48.73 -3.37 44.28
CA LEU I 259 -48.83 -4.79 44.58
C LEU I 259 -47.89 -5.61 43.70
N VAL I 260 -47.84 -5.28 42.41
CA VAL I 260 -46.96 -6.03 41.50
C VAL I 260 -45.50 -5.81 41.87
N ARG I 261 -45.13 -4.55 42.16
CA ARG I 261 -43.73 -4.26 42.49
C ARG I 261 -43.31 -4.94 43.79
N ASP I 262 -44.19 -4.95 44.79
CA ASP I 262 -43.84 -5.52 46.09
C ASP I 262 -43.80 -7.04 46.08
N ASN I 263 -44.47 -7.69 45.13
CA ASN I 263 -44.57 -9.13 45.13
C ASN I 263 -43.39 -9.82 44.44
N PHE I 264 -42.45 -9.05 43.89
CA PHE I 264 -41.28 -9.66 43.27
C PHE I 264 -40.46 -10.42 44.30
N ASP I 265 -40.24 -9.82 45.46
CA ASP I 265 -39.60 -10.49 46.59
C ASP I 265 -40.51 -10.50 47.82
N MET I 266 -41.81 -10.25 47.62
CA MET I 266 -42.81 -10.33 48.68
C MET I 266 -42.40 -9.50 49.90
N THR I 267 -41.84 -8.33 49.65
CA THR I 267 -41.36 -7.43 50.69
C THR I 267 -42.29 -6.23 50.83
N GLY I 268 -43.58 -6.44 50.63
CA GLY I 268 -44.57 -5.39 50.76
C GLY I 268 -45.06 -5.25 52.19
N GLN I 269 -46.24 -4.67 52.34
CA GLN I 269 -46.86 -4.51 53.66
C GLN I 269 -47.73 -5.70 54.02
N LEU I 270 -47.13 -6.90 53.99
CA LEU I 270 -47.84 -8.09 54.44
C LEU I 270 -48.22 -8.01 55.91
N GLN I 271 -47.45 -7.28 56.71
CA GLN I 271 -47.77 -7.03 58.11
C GLN I 271 -48.23 -5.58 58.21
N TYR I 272 -49.33 -5.36 58.92
CA TYR I 272 -49.80 -4.01 59.16
C TYR I 272 -49.09 -3.42 60.37
N ASN I 273 -48.91 -2.11 60.36
CA ASN I 273 -48.14 -1.42 61.38
C ASN I 273 -48.89 -0.15 61.77
N SER I 274 -48.19 0.76 62.46
CA SER I 274 -48.81 1.95 63.05
C SER I 274 -49.93 1.56 64.01
N GLY I 275 -49.70 0.49 64.77
CA GLY I 275 -50.67 0.01 65.74
C GLY I 275 -50.24 0.28 67.16
N ASP I 276 -49.71 -0.74 67.83
CA ASP I 276 -49.27 -0.63 69.22
C ASP I 276 -47.77 -0.34 69.33
N ASP I 277 -47.16 0.17 68.28
CA ASP I 277 -45.75 0.54 68.30
C ASP I 277 -45.61 1.90 68.98
N ALA I 278 -44.43 2.50 68.86
CA ALA I 278 -44.21 3.84 69.40
C ALA I 278 -45.17 4.83 68.77
N GLU I 279 -45.74 5.71 69.60
CA GLU I 279 -46.77 6.62 69.12
C GLU I 279 -46.23 7.61 68.11
N ALA I 280 -44.97 8.02 68.25
CA ALA I 280 -44.40 9.03 67.38
C ALA I 280 -44.10 8.49 65.98
N ASN I 281 -44.20 7.18 65.76
CA ASN I 281 -43.86 6.58 64.48
C ASN I 281 -45.08 6.16 63.67
N ARG I 282 -46.28 6.54 64.10
CA ARG I 282 -47.47 6.23 63.32
C ARG I 282 -47.47 7.02 62.02
N GLU I 283 -47.98 6.39 60.96
CA GLU I 283 -47.93 6.96 59.62
C GLU I 283 -49.33 7.26 59.11
N VAL I 284 -49.46 8.39 58.41
CA VAL I 284 -50.71 8.80 57.79
C VAL I 284 -50.41 9.21 56.36
N TRP I 285 -51.46 9.24 55.54
CA TRP I 285 -51.35 9.64 54.15
C TRP I 285 -51.73 11.10 54.00
N ALA I 286 -50.83 11.91 53.47
CA ALA I 286 -51.06 13.33 53.26
C ALA I 286 -51.05 13.63 51.77
N SER I 287 -51.82 14.64 51.38
CA SER I 287 -51.97 15.02 49.99
C SER I 287 -51.63 16.50 49.83
N GLU I 288 -50.76 16.80 48.87
CA GLU I 288 -50.50 18.19 48.49
C GLU I 288 -50.90 18.35 47.04
N CYS I 289 -51.93 19.16 46.80
CA CYS I 289 -52.46 19.37 45.46
C CYS I 289 -52.23 20.80 45.02
N TYR I 290 -51.81 20.95 43.76
CA TYR I 290 -51.68 22.24 43.11
C TYR I 290 -52.80 22.35 42.09
N THR I 291 -53.66 23.37 42.24
CA THR I 291 -54.84 23.45 41.39
C THR I 291 -55.26 24.89 41.20
N LEU I 292 -56.03 25.12 40.14
CA LEU I 292 -56.58 26.43 39.85
C LEU I 292 -57.93 26.54 40.57
N LEU I 293 -57.94 27.29 41.67
CA LEU I 293 -59.15 27.42 42.47
C LEU I 293 -59.27 28.85 42.97
N ASP I 294 -60.48 29.38 42.97
CA ASP I 294 -60.74 30.76 43.37
C ASP I 294 -61.32 30.77 44.77
N VAL I 295 -60.45 30.92 45.78
CA VAL I 295 -60.91 31.12 47.15
C VAL I 295 -60.83 32.57 47.56
N ASP I 296 -60.20 33.43 46.77
CA ASP I 296 -60.16 34.85 47.07
C ASP I 296 -61.57 35.46 47.00
N GLY I 297 -62.36 35.02 46.03
CA GLY I 297 -63.66 35.59 45.79
C GLY I 297 -63.70 36.68 44.75
N ASP I 298 -62.60 36.91 44.03
CA ASP I 298 -62.54 37.94 43.01
C ASP I 298 -63.08 37.47 41.67
N GLY I 299 -63.50 36.22 41.56
CA GLY I 299 -64.05 35.71 40.33
C GLY I 299 -63.04 35.14 39.35
N ILE I 300 -61.76 35.24 39.65
CA ILE I 300 -60.69 34.70 38.81
C ILE I 300 -60.00 33.59 39.57
N SER I 301 -59.96 32.40 38.98
CA SER I 301 -59.32 31.26 39.62
C SER I 301 -57.81 31.37 39.50
N GLU I 302 -57.13 31.27 40.63
CA GLU I 302 -55.67 31.39 40.69
C GLU I 302 -55.06 30.07 41.11
N LEU I 303 -53.77 29.94 40.84
CA LEU I 303 -53.04 28.72 41.20
C LEU I 303 -52.80 28.70 42.70
N ARG I 304 -53.10 27.57 43.33
CA ARG I 304 -52.99 27.43 44.77
C ARG I 304 -52.42 26.07 45.12
N ARG I 305 -51.68 26.03 46.21
CA ARG I 305 -51.13 24.81 46.77
C ARG I 305 -51.83 24.55 48.10
N ILE I 306 -52.44 23.37 48.22
CA ILE I 306 -53.15 22.96 49.42
C ILE I 306 -52.55 21.65 49.91
N LEU I 307 -52.01 21.67 51.12
CA LEU I 307 -51.46 20.49 51.77
C LEU I 307 -52.38 20.13 52.94
N TYR I 308 -52.90 18.91 52.94
CA TYR I 308 -53.82 18.50 53.98
C TYR I 308 -53.74 17.01 54.22
N VAL I 309 -54.12 16.61 55.43
CA VAL I 309 -54.20 15.21 55.83
C VAL I 309 -55.54 15.00 56.53
N GLY I 310 -56.21 13.89 56.22
CA GLY I 310 -57.52 13.63 56.78
C GLY I 310 -58.52 14.68 56.36
N ASP I 311 -59.16 15.33 57.34
CA ASP I 311 -60.07 16.43 57.07
C ASP I 311 -59.57 17.77 57.59
N TYR I 312 -58.29 17.89 57.90
CA TYR I 312 -57.70 19.11 58.42
C TYR I 312 -56.70 19.66 57.40
N ILE I 313 -56.81 20.95 57.10
CA ILE I 313 -55.92 21.60 56.15
C ILE I 313 -54.68 22.10 56.89
N ILE I 314 -53.52 21.63 56.46
CA ILE I 314 -52.27 22.11 57.04
C ILE I 314 -51.86 23.44 56.42
N SER I 315 -51.92 23.54 55.09
CA SER I 315 -51.51 24.75 54.41
C SER I 315 -52.42 25.00 53.21
N ASN I 316 -52.70 26.27 52.95
CA ASN I 316 -53.53 26.68 51.81
C ASN I 316 -52.99 28.04 51.35
N GLU I 317 -52.25 28.05 50.26
CA GLU I 317 -51.49 29.24 49.89
C GLU I 317 -51.43 29.44 48.39
N PRO I 318 -51.57 30.67 47.90
CA PRO I 318 -51.31 30.93 46.48
C PRO I 318 -49.85 30.63 46.15
N TRP I 319 -49.64 30.04 44.97
CA TRP I 319 -48.32 29.57 44.58
C TRP I 319 -47.91 30.21 43.26
N ASP I 320 -46.62 30.06 42.94
CA ASP I 320 -46.03 30.73 41.78
C ASP I 320 -45.77 29.81 40.60
N CYS I 321 -45.42 28.55 40.85
CA CYS I 321 -45.05 27.64 39.76
C CYS I 321 -45.40 26.21 40.14
N ARG I 322 -45.49 25.37 39.12
CA ARG I 322 -45.72 23.95 39.33
C ARG I 322 -44.37 23.25 39.35
N PRO I 323 -43.90 22.74 40.48
CA PRO I 323 -42.53 22.23 40.58
C PRO I 323 -42.41 20.75 40.20
N PHE I 324 -42.75 20.44 38.96
CA PHE I 324 -42.66 19.08 38.46
C PHE I 324 -42.04 19.07 37.07
N ALA I 325 -41.31 18.01 36.76
CA ALA I 325 -40.73 17.80 35.44
C ALA I 325 -41.10 16.41 34.97
N ASP I 326 -41.59 16.31 33.74
CA ASP I 326 -42.09 15.05 33.21
C ASP I 326 -41.35 14.68 31.93
N LEU I 327 -41.32 13.37 31.65
CA LEU I 327 -40.63 12.82 30.51
C LEU I 327 -41.49 11.79 29.81
N ASN I 328 -41.48 11.84 28.48
CA ASN I 328 -42.13 10.87 27.61
C ASN I 328 -41.08 10.30 26.66
N ALA I 329 -41.09 8.98 26.48
CA ALA I 329 -40.12 8.34 25.60
C ALA I 329 -40.62 8.27 24.16
N TYR I 330 -41.86 7.84 23.97
CA TYR I 330 -42.48 7.76 22.65
C TYR I 330 -43.69 8.70 22.68
N ARG I 331 -43.47 9.93 22.27
CA ARG I 331 -44.48 10.97 22.42
C ARG I 331 -45.58 10.82 21.38
N ILE I 332 -46.82 11.00 21.82
CA ILE I 332 -47.98 11.13 20.93
C ILE I 332 -48.44 12.58 20.99
N ALA I 333 -48.65 13.18 19.82
CA ALA I 333 -48.99 14.59 19.75
C ALA I 333 -50.29 14.87 20.50
N HIS I 334 -50.29 15.97 21.25
CA HIS I 334 -51.47 16.46 21.97
C HIS I 334 -51.95 15.45 23.02
N LYS I 335 -51.03 14.73 23.65
CA LYS I 335 -51.36 13.82 24.73
C LYS I 335 -50.36 13.97 25.86
N PHE I 336 -50.80 13.66 27.07
CA PHE I 336 -49.91 13.75 28.22
C PHE I 336 -49.08 12.49 28.39
N HIS I 337 -49.71 11.32 28.28
CA HIS I 337 -49.01 10.05 28.41
C HIS I 337 -48.68 9.51 27.02
N GLY I 338 -47.42 9.10 26.83
CA GLY I 338 -46.97 8.54 25.58
C GLY I 338 -47.14 7.04 25.54
N MET I 339 -46.31 6.41 24.72
CA MET I 339 -46.29 4.96 24.61
C MET I 339 -45.10 4.39 25.36
N SER I 340 -45.20 3.12 25.73
CA SER I 340 -44.13 2.39 26.38
C SER I 340 -43.68 1.23 25.50
N VAL I 341 -42.60 0.58 25.93
CA VAL I 341 -42.09 -0.57 25.20
C VAL I 341 -43.12 -1.70 25.22
N TYR I 342 -43.77 -1.91 26.36
CA TYR I 342 -44.79 -2.93 26.48
C TYR I 342 -45.89 -2.73 25.44
N ASP I 343 -46.37 -1.49 25.30
CA ASP I 343 -47.43 -1.19 24.35
C ASP I 343 -47.02 -1.50 22.92
N LYS I 344 -45.73 -1.64 22.66
CA LYS I 344 -45.25 -1.90 21.31
C LYS I 344 -44.89 -3.35 21.07
N ILE I 345 -44.50 -4.12 22.08
CA ILE I 345 -44.05 -5.49 21.81
C ILE I 345 -44.71 -6.54 22.70
N ARG I 346 -45.86 -6.21 23.31
CA ARG I 346 -46.55 -7.19 24.13
C ARG I 346 -46.98 -8.41 23.32
N ASP I 347 -47.54 -8.18 22.13
CA ASP I 347 -48.01 -9.30 21.31
C ASP I 347 -46.85 -10.18 20.87
N ILE I 348 -45.71 -9.56 20.53
CA ILE I 348 -44.53 -10.34 20.16
C ILE I 348 -44.11 -11.22 21.32
N GLN I 349 -44.05 -10.66 22.53
CA GLN I 349 -43.68 -11.46 23.69
C GLN I 349 -44.62 -12.63 23.88
N GLU I 350 -45.93 -12.37 23.81
CA GLU I 350 -46.91 -13.44 24.04
C GLU I 350 -46.78 -14.55 23.00
N ILE I 351 -46.70 -14.19 21.73
CA ILE I 351 -46.66 -15.20 20.68
C ILE I 351 -45.37 -16.02 20.76
N ARG I 352 -44.24 -15.36 21.00
CA ARG I 352 -42.98 -16.09 21.12
C ARG I 352 -43.02 -17.04 22.29
N SER I 353 -43.59 -16.61 23.42
CA SER I 353 -43.70 -17.49 24.57
C SER I 353 -44.57 -18.71 24.26
N VAL I 354 -45.67 -18.50 23.54
CA VAL I 354 -46.56 -19.61 23.20
C VAL I 354 -45.83 -20.62 22.31
N LEU I 355 -45.13 -20.13 21.30
CA LEU I 355 -44.40 -21.06 20.41
C LEU I 355 -43.31 -21.81 21.18
N MET I 356 -42.60 -21.11 22.06
CA MET I 356 -41.56 -21.77 22.84
C MET I 356 -42.14 -22.85 23.73
N ARG I 357 -43.29 -22.58 24.35
CA ARG I 357 -43.96 -23.59 25.16
C ARG I 357 -44.38 -24.79 24.32
N ASN I 358 -44.85 -24.55 23.10
CA ASN I 358 -45.21 -25.66 22.22
C ASN I 358 -44.00 -26.54 21.93
N ILE I 359 -42.85 -25.93 21.65
CA ILE I 359 -41.67 -26.73 21.35
C ILE I 359 -41.22 -27.53 22.57
N MET I 360 -41.20 -26.89 23.75
CA MET I 360 -40.98 -27.65 24.98
C MET I 360 -41.93 -28.83 25.12
N ASP I 361 -43.23 -28.61 24.90
CA ASP I 361 -44.20 -29.68 25.08
C ASP I 361 -43.91 -30.84 24.13
N ASN I 362 -43.54 -30.52 22.89
CA ASN I 362 -43.22 -31.58 21.95
C ASN I 362 -41.96 -32.34 22.37
N ILE I 363 -40.94 -31.64 22.85
CA ILE I 363 -39.69 -32.29 23.19
C ILE I 363 -39.86 -33.23 24.38
N TYR I 364 -40.62 -32.81 25.39
CA TYR I 364 -40.71 -33.56 26.63
C TYR I 364 -41.30 -34.95 26.43
N ARG I 365 -42.17 -35.12 25.45
CA ARG I 365 -42.91 -36.36 25.29
C ARG I 365 -42.35 -37.26 24.21
N THR I 366 -41.15 -36.97 23.69
CA THR I 366 -40.58 -37.77 22.61
C THR I 366 -39.11 -38.07 22.85
N ASN I 367 -38.69 -38.13 24.11
CA ASN I 367 -37.29 -38.40 24.43
C ASN I 367 -37.10 -39.70 25.21
N GLN I 368 -38.12 -40.57 25.24
CA GLN I 368 -38.01 -41.80 26.01
C GLN I 368 -37.31 -42.91 25.27
N GLY I 369 -37.17 -42.80 23.95
CA GLY I 369 -36.46 -43.81 23.18
C GLY I 369 -37.11 -45.18 23.20
N ARG I 370 -38.41 -45.24 23.00
CA ARG I 370 -39.13 -46.50 22.99
C ARG I 370 -38.91 -47.23 21.67
N SER I 371 -39.23 -48.53 21.68
CA SER I 371 -39.01 -49.38 20.51
C SER I 371 -40.24 -50.25 20.26
N VAL I 372 -40.45 -50.58 18.99
CA VAL I 372 -41.55 -51.41 18.54
C VAL I 372 -41.03 -52.79 18.22
N VAL I 373 -41.73 -53.82 18.70
CA VAL I 373 -41.31 -55.22 18.63
C VAL I 373 -42.49 -56.06 18.15
N LEU I 374 -42.24 -56.96 17.20
CA LEU I 374 -43.27 -57.92 16.80
C LEU I 374 -43.53 -58.90 17.94
N ASP I 375 -44.80 -59.07 18.29
CA ASP I 375 -45.17 -59.99 19.35
C ASP I 375 -45.16 -61.41 18.84
N GLY I 376 -44.52 -62.31 19.61
CA GLY I 376 -44.47 -63.71 19.27
C GLY I 376 -43.32 -64.13 18.40
N GLN I 377 -42.52 -63.19 17.90
CA GLN I 377 -41.39 -63.51 17.05
C GLN I 377 -40.05 -63.15 17.67
N VAL I 378 -40.03 -62.48 18.82
CA VAL I 378 -38.81 -61.95 19.41
C VAL I 378 -38.69 -62.51 20.82
N ASN I 379 -37.48 -62.96 21.18
CA ASN I 379 -37.19 -63.43 22.52
C ASN I 379 -37.20 -62.22 23.47
N LEU I 380 -38.31 -62.04 24.18
CA LEU I 380 -38.43 -60.88 25.06
C LEU I 380 -37.46 -60.95 26.23
N GLU I 381 -37.17 -62.14 26.73
CA GLU I 381 -36.23 -62.28 27.84
C GLU I 381 -34.85 -61.75 27.45
N ASP I 382 -34.37 -62.12 26.26
CA ASP I 382 -33.08 -61.63 25.81
C ASP I 382 -33.10 -60.13 25.59
N LEU I 383 -34.18 -59.60 25.03
CA LEU I 383 -34.26 -58.17 24.76
C LEU I 383 -34.28 -57.35 26.04
N LEU I 384 -34.93 -57.86 27.09
CA LEU I 384 -35.04 -57.09 28.32
C LEU I 384 -33.69 -56.89 29.00
N THR I 385 -32.84 -57.91 29.02
CA THR I 385 -31.55 -57.82 29.70
C THR I 385 -30.53 -57.23 28.74
N ASN I 386 -30.15 -55.97 28.97
CA ASN I 386 -29.24 -55.25 28.11
C ASN I 386 -27.84 -55.33 28.70
N GLU I 387 -26.96 -56.08 28.04
CA GLU I 387 -25.59 -56.27 28.49
C GLU I 387 -24.64 -56.09 27.31
N ALA I 388 -23.36 -55.96 27.62
CA ALA I 388 -22.36 -55.70 26.60
C ALA I 388 -22.22 -56.89 25.66
N ALA I 389 -22.26 -56.62 24.35
CA ALA I 389 -22.14 -57.64 23.31
C ALA I 389 -23.18 -58.74 23.48
N GLY I 390 -24.39 -58.34 23.85
CA GLY I 390 -25.47 -59.30 24.00
C GLY I 390 -26.02 -59.78 22.67
N ILE I 391 -26.79 -60.86 22.73
CA ILE I 391 -27.39 -61.49 21.57
C ILE I 391 -28.89 -61.60 21.80
N VAL I 392 -29.68 -61.18 20.81
CA VAL I 392 -31.12 -61.26 20.85
C VAL I 392 -31.56 -62.24 19.77
N ARG I 393 -32.27 -63.30 20.17
CA ARG I 393 -32.70 -64.33 19.23
C ARG I 393 -34.08 -63.99 18.70
N VAL I 394 -34.24 -64.05 17.39
CA VAL I 394 -35.49 -63.72 16.72
C VAL I 394 -35.84 -64.83 15.74
N LYS I 395 -37.15 -65.01 15.52
CA LYS I 395 -37.62 -66.01 14.58
C LYS I 395 -37.78 -65.48 13.16
N ALA I 396 -37.99 -64.17 13.00
CA ALA I 396 -38.05 -63.56 11.68
C ALA I 396 -37.60 -62.12 11.79
N MET I 397 -36.75 -61.68 10.87
CA MET I 397 -36.18 -60.35 10.98
C MET I 397 -37.18 -59.31 10.44
N ASN I 398 -36.82 -58.04 10.58
CA ASN I 398 -37.74 -56.90 10.46
C ASN I 398 -38.82 -56.99 11.54
N SER I 399 -38.35 -57.12 12.77
CA SER I 399 -39.23 -57.31 13.92
C SER I 399 -38.96 -56.35 15.06
N ILE I 400 -37.81 -55.70 15.12
CA ILE I 400 -37.50 -54.72 16.15
C ILE I 400 -37.01 -53.45 15.47
N MET I 401 -37.57 -52.31 15.86
CA MET I 401 -37.03 -51.04 15.40
C MET I 401 -37.39 -49.96 16.42
N PRO I 402 -36.76 -48.79 16.34
CA PRO I 402 -37.17 -47.68 17.20
C PRO I 402 -38.54 -47.14 16.80
N LEU I 403 -39.24 -46.62 17.79
CA LEU I 403 -40.54 -46.00 17.56
C LEU I 403 -40.37 -44.66 16.86
N GLU I 404 -41.17 -44.44 15.82
CA GLU I 404 -41.11 -43.20 15.05
C GLU I 404 -41.96 -42.14 15.73
N THR I 405 -41.33 -41.09 16.22
CA THR I 405 -42.06 -40.07 16.95
C THR I 405 -42.35 -38.87 16.07
N PRO I 406 -43.50 -38.23 16.26
CA PRO I 406 -43.82 -37.04 15.46
C PRO I 406 -42.88 -35.89 15.75
N GLN I 407 -42.65 -35.07 14.72
CA GLN I 407 -41.79 -33.92 14.81
C GLN I 407 -42.50 -32.70 14.25
N LEU I 408 -42.20 -31.54 14.83
CA LEU I 408 -42.76 -30.29 14.34
C LEU I 408 -42.07 -29.84 13.06
N SER I 409 -42.81 -29.13 12.22
CA SER I 409 -42.27 -28.64 10.97
C SER I 409 -41.40 -27.41 11.20
N GLY I 410 -40.71 -26.98 10.15
CA GLY I 410 -39.82 -25.84 10.24
C GLY I 410 -40.51 -24.49 10.27
N GLU I 411 -41.83 -24.49 10.08
CA GLU I 411 -42.59 -23.24 10.12
C GLU I 411 -42.45 -22.56 11.47
N VAL I 412 -42.42 -23.34 12.55
CA VAL I 412 -42.35 -22.77 13.90
C VAL I 412 -41.03 -22.04 14.11
N TYR I 413 -39.92 -22.69 13.73
CA TYR I 413 -38.61 -22.06 13.88
C TYR I 413 -38.47 -20.84 12.98
N GLY I 414 -39.01 -20.93 11.76
CA GLY I 414 -39.06 -19.77 10.91
C GLY I 414 -39.83 -18.62 11.56
N MET I 415 -40.92 -18.94 12.23
CA MET I 415 -41.74 -17.89 12.83
C MET I 415 -41.04 -17.28 14.03
N LEU I 416 -40.28 -18.09 14.78
CA LEU I 416 -39.45 -17.55 15.86
C LEU I 416 -38.42 -16.55 15.32
N ASP I 417 -37.69 -16.93 14.26
CA ASP I 417 -36.72 -16.00 13.68
C ASP I 417 -37.41 -14.75 13.15
N ARG I 418 -38.55 -14.91 12.48
CA ARG I 418 -39.25 -13.78 11.91
C ARG I 418 -39.75 -12.83 12.98
N LEU I 419 -40.28 -13.36 14.08
CA LEU I 419 -40.75 -12.51 15.17
C LEU I 419 -39.60 -11.78 15.84
N GLU I 420 -38.46 -12.43 15.99
CA GLU I 420 -37.29 -11.73 16.52
C GLU I 420 -36.90 -10.57 15.60
N ALA I 421 -36.87 -10.81 14.29
CA ALA I 421 -36.55 -9.74 13.36
C ALA I 421 -37.57 -8.61 13.41
N ASP I 422 -38.85 -8.96 13.56
CA ASP I 422 -39.90 -7.95 13.64
C ASP I 422 -39.74 -7.09 14.88
N ARG I 423 -39.40 -7.71 16.02
CA ARG I 423 -39.14 -6.93 17.22
C ARG I 423 -37.97 -5.99 17.00
N GLY I 424 -36.90 -6.49 16.38
CA GLY I 424 -35.76 -5.64 16.10
C GLY I 424 -36.12 -4.44 15.25
N LYS I 425 -36.94 -4.66 14.22
CA LYS I 425 -37.36 -3.55 13.36
C LYS I 425 -38.26 -2.58 14.12
N ARG I 426 -39.14 -3.09 14.97
CA ARG I 426 -40.11 -2.23 15.65
C ARG I 426 -39.44 -1.35 16.71
N THR I 427 -38.57 -1.92 17.53
CA THR I 427 -37.96 -1.13 18.60
C THR I 427 -36.79 -0.29 18.12
N GLY I 428 -36.13 -0.70 17.03
CA GLY I 428 -34.99 0.02 16.51
C GLY I 428 -33.65 -0.41 17.06
N ILE I 429 -33.63 -1.30 18.05
CA ILE I 429 -32.39 -1.78 18.65
C ILE I 429 -32.38 -3.30 18.55
N THR I 430 -31.22 -3.84 18.14
CA THR I 430 -31.08 -5.29 17.97
C THR I 430 -29.86 -5.81 18.71
N ASP I 431 -29.50 -7.07 18.46
CA ASP I 431 -28.38 -7.69 19.12
C ASP I 431 -27.03 -7.18 18.62
N ARG I 432 -26.99 -6.57 17.43
CA ARG I 432 -25.74 -6.14 16.82
C ARG I 432 -25.62 -4.62 16.71
N THR I 433 -26.59 -3.87 17.23
CA THR I 433 -26.52 -2.42 17.13
C THR I 433 -25.43 -1.87 18.03
N ARG I 434 -24.71 -0.88 17.51
CA ARG I 434 -23.73 -0.16 18.32
C ARG I 434 -24.44 0.74 19.32
N GLY I 435 -23.79 0.96 20.46
CA GLY I 435 -24.32 1.88 21.43
C GLY I 435 -24.14 3.33 21.01
N LEU I 436 -24.85 4.21 21.71
CA LEU I 436 -24.75 5.63 21.42
C LEU I 436 -23.38 6.16 21.82
N ASP I 437 -22.87 7.09 21.01
CA ASP I 437 -21.65 7.78 21.38
C ASP I 437 -21.94 8.76 22.51
N GLN I 438 -20.92 9.00 23.34
CA GLN I 438 -21.06 9.90 24.46
C GLN I 438 -20.96 11.38 24.07
N ASN I 439 -21.07 11.69 22.78
CA ASN I 439 -20.98 13.06 22.30
C ASN I 439 -22.01 13.36 21.24
N THR I 440 -23.11 12.58 21.19
CA THR I 440 -24.09 12.75 20.14
C THR I 440 -24.80 14.10 20.23
N LEU I 441 -25.09 14.57 21.43
CA LEU I 441 -25.85 15.80 21.61
C LEU I 441 -24.98 17.05 21.56
N HIS I 442 -23.67 16.90 21.39
CA HIS I 442 -22.76 18.04 21.43
C HIS I 442 -22.98 18.99 20.27
N SER I 443 -23.00 20.27 20.57
CA SER I 443 -22.75 21.30 19.56
C SER I 443 -21.25 21.43 19.38
N ASN I 444 -20.82 21.81 18.19
CA ASN I 444 -19.42 21.75 17.76
C ASN I 444 -18.89 20.32 17.85
N GLN I 445 -19.77 19.34 17.69
CA GLN I 445 -19.37 17.94 17.82
C GLN I 445 -18.41 17.53 16.73
N ALA I 446 -18.65 17.99 15.49
CA ALA I 446 -18.07 17.36 14.31
C ALA I 446 -18.38 15.87 14.39
N ALA I 447 -17.35 15.03 14.38
CA ALA I 447 -17.47 13.61 14.73
C ALA I 447 -18.63 12.94 13.98
N MET I 448 -18.48 12.88 12.67
CA MET I 448 -19.52 12.33 11.80
C MET I 448 -19.88 10.87 12.10
N SER I 449 -19.25 10.23 13.08
CA SER I 449 -19.70 8.93 13.54
C SER I 449 -21.13 9.02 14.06
N VAL I 450 -21.73 7.85 14.30
CA VAL I 450 -23.14 7.67 14.64
C VAL I 450 -23.98 7.92 13.40
N ASN I 451 -23.54 8.84 12.55
CA ASN I 451 -24.14 9.02 11.23
C ASN I 451 -23.59 8.05 10.20
N GLN I 452 -22.30 7.73 10.26
CA GLN I 452 -21.74 6.72 9.36
C GLN I 452 -22.36 5.37 9.63
N LEU I 453 -22.40 4.96 10.89
CA LEU I 453 -23.10 3.75 11.31
C LEU I 453 -24.52 4.14 11.70
N MET I 454 -25.24 3.26 12.40
CA MET I 454 -26.53 3.58 13.02
C MET I 454 -27.54 4.05 11.97
N THR I 455 -27.96 3.08 11.15
CA THR I 455 -28.94 3.32 10.11
C THR I 455 -30.23 3.92 10.67
N ALA I 456 -31.09 4.39 9.77
CA ALA I 456 -32.22 5.23 10.14
C ALA I 456 -33.12 4.55 11.16
N ALA I 457 -33.27 3.23 11.07
CA ALA I 457 -34.11 2.52 12.03
C ALA I 457 -33.56 2.64 13.45
N GLU I 458 -32.23 2.54 13.59
CA GLU I 458 -31.60 2.62 14.89
C GLU I 458 -31.54 4.05 15.43
N GLN I 459 -31.53 5.04 14.53
CA GLN I 459 -31.47 6.44 14.93
C GLN I 459 -32.63 6.82 15.84
N GLN I 460 -33.64 5.94 15.92
CA GLN I 460 -34.74 6.15 16.85
C GLN I 460 -34.21 6.41 18.26
N ILE I 461 -33.19 5.66 18.67
CA ILE I 461 -32.63 5.86 20.00
C ILE I 461 -32.12 7.29 20.15
N ASP I 462 -31.45 7.80 19.12
CA ASP I 462 -31.00 9.19 19.14
C ASP I 462 -32.15 10.12 19.49
N LEU I 463 -33.31 9.93 18.85
CA LEU I 463 -34.44 10.81 19.10
C LEU I 463 -34.79 10.84 20.58
N ILE I 464 -34.78 9.67 21.23
CA ILE I 464 -35.07 9.64 22.66
C ILE I 464 -34.09 10.53 23.41
N ALA I 465 -32.80 10.36 23.14
CA ALA I 465 -31.79 11.17 23.80
C ALA I 465 -32.01 12.65 23.51
N ARG I 466 -32.51 12.98 22.33
CA ARG I 466 -32.83 14.37 22.05
C ARG I 466 -34.07 14.81 22.80
N MET I 467 -35.12 13.99 22.79
CA MET I 467 -36.39 14.42 23.39
C MET I 467 -36.26 14.60 24.89
N PHE I 468 -35.45 13.77 25.55
CA PHE I 468 -35.19 13.96 26.97
C PHE I 468 -34.46 15.27 27.21
N ALA I 469 -33.54 15.64 26.30
CA ALA I 469 -32.69 16.80 26.53
C ALA I 469 -33.45 18.12 26.38
N GLU I 470 -34.36 18.20 25.41
CA GLU I 470 -35.01 19.46 25.11
C GLU I 470 -36.30 19.68 25.89
N THR I 471 -36.83 18.66 26.55
CA THR I 471 -38.12 18.78 27.23
C THR I 471 -38.01 18.64 28.74
N GLY I 472 -37.47 17.54 29.24
CA GLY I 472 -37.55 17.25 30.66
C GLY I 472 -36.41 17.77 31.50
N VAL I 473 -35.18 17.36 31.18
CA VAL I 473 -34.04 17.74 32.01
C VAL I 473 -33.76 19.23 31.90
N LYS I 474 -34.04 19.83 30.74
CA LYS I 474 -33.92 21.28 30.63
C LYS I 474 -34.87 21.98 31.59
N ARG I 475 -36.11 21.52 31.67
CA ARG I 475 -37.06 22.07 32.63
C ARG I 475 -36.58 21.85 34.05
N LEU I 476 -36.04 20.66 34.33
CA LEU I 476 -35.53 20.37 35.67
C LEU I 476 -34.47 21.37 36.09
N PHE I 477 -33.50 21.63 35.22
CA PHE I 477 -32.41 22.52 35.60
C PHE I 477 -32.82 23.98 35.58
N GLN I 478 -33.78 24.36 34.72
CA GLN I 478 -34.34 25.69 34.81
C GLN I 478 -35.04 25.90 36.15
N LEU I 479 -35.79 24.91 36.60
CA LEU I 479 -36.43 24.99 37.92
C LEU I 479 -35.40 25.09 39.03
N LEU I 480 -34.31 24.31 38.92
CA LEU I 480 -33.27 24.37 39.94
C LEU I 480 -32.63 25.75 40.01
N HIS I 481 -32.33 26.34 38.84
CA HIS I 481 -31.75 27.68 38.83
C HIS I 481 -32.72 28.71 39.41
N ASP I 482 -34.00 28.61 39.05
CA ASP I 482 -34.98 29.55 39.57
C ASP I 482 -35.10 29.44 41.08
N HIS I 483 -35.14 28.22 41.61
CA HIS I 483 -35.21 28.04 43.05
C HIS I 483 -33.95 28.56 43.74
N ALA I 484 -32.79 28.38 43.10
CA ALA I 484 -31.55 28.88 43.67
C ALA I 484 -31.55 30.39 43.78
N ILE I 485 -32.05 31.08 42.74
CA ILE I 485 -32.01 32.54 42.76
C ILE I 485 -33.20 33.16 43.50
N LYS I 486 -34.26 32.40 43.77
CA LYS I 486 -35.41 32.98 44.47
C LYS I 486 -35.23 32.90 45.98
N TYR I 487 -34.89 31.73 46.49
CA TYR I 487 -34.63 31.53 47.92
C TYR I 487 -33.11 31.52 48.09
N GLN I 488 -32.53 32.72 48.13
CA GLN I 488 -31.08 32.85 48.17
C GLN I 488 -30.54 32.48 49.55
N ASN I 489 -29.32 31.94 49.56
CA ASN I 489 -28.63 31.54 50.79
C ASN I 489 -27.16 31.87 50.64
N GLN I 490 -26.76 33.04 51.13
CA GLN I 490 -25.35 33.37 51.18
C GLN I 490 -24.66 32.52 52.24
N GLU I 491 -23.33 32.61 52.25
CA GLU I 491 -22.48 31.91 53.21
C GLU I 491 -22.54 30.40 53.00
N GLU I 492 -23.35 29.97 52.02
CA GLU I 492 -23.23 28.62 51.49
C GLU I 492 -22.52 28.66 50.14
N VAL I 493 -22.98 29.53 49.24
CA VAL I 493 -22.27 29.77 48.00
C VAL I 493 -20.87 30.31 48.28
N PHE I 494 -20.76 31.16 49.31
CA PHE I 494 -19.45 31.67 49.68
C PHE I 494 -18.54 30.56 50.19
N GLN I 495 -19.07 29.66 51.02
CA GLN I 495 -18.26 28.53 51.49
C GLN I 495 -17.85 27.63 50.33
N LEU I 496 -18.72 27.48 49.34
CA LEU I 496 -18.39 26.61 48.21
C LEU I 496 -17.34 27.23 47.31
N ARG I 497 -17.49 28.52 46.98
CA ARG I 497 -16.65 29.15 45.97
C ARG I 497 -15.65 30.15 46.51
N GLY I 498 -15.88 30.72 47.70
CA GLY I 498 -15.01 31.76 48.20
C GLY I 498 -15.35 33.15 47.72
N LYS I 499 -16.42 33.31 46.95
CA LYS I 499 -16.86 34.62 46.49
C LYS I 499 -18.36 34.57 46.27
N TRP I 500 -18.98 35.74 46.25
CA TRP I 500 -20.42 35.85 46.15
C TRP I 500 -20.81 36.92 45.14
N VAL I 501 -21.84 36.63 44.37
CA VAL I 501 -22.37 37.54 43.34
C VAL I 501 -23.85 37.77 43.63
N ALA I 502 -24.24 39.03 43.75
CA ALA I 502 -25.64 39.37 44.00
C ALA I 502 -26.43 39.29 42.70
N ILE I 503 -27.58 38.64 42.74
CA ILE I 503 -28.43 38.46 41.57
C ILE I 503 -29.85 38.89 41.94
N ASN I 504 -30.35 39.89 41.25
CA ASN I 504 -31.70 40.40 41.53
C ASN I 504 -32.73 39.43 40.98
N PRO I 505 -33.60 38.85 41.81
CA PRO I 505 -34.56 37.86 41.31
C PRO I 505 -35.86 38.48 40.83
N ALA I 506 -35.87 39.80 40.60
CA ALA I 506 -37.10 40.48 40.22
C ALA I 506 -37.63 39.96 38.88
N ASN I 507 -36.75 39.73 37.92
CA ASN I 507 -37.13 39.29 36.58
C ASN I 507 -36.87 37.82 36.36
N TRP I 508 -37.08 36.99 37.38
CA TRP I 508 -36.82 35.56 37.26
C TRP I 508 -37.73 34.89 36.23
N ARG I 509 -38.91 35.45 35.97
CA ARG I 509 -39.84 34.86 35.02
C ARG I 509 -39.43 35.11 33.57
N GLU I 510 -38.45 35.96 33.33
CA GLU I 510 -38.07 36.31 31.97
C GLU I 510 -36.99 35.42 31.38
N ARG I 511 -36.13 34.83 32.23
CA ARG I 511 -35.06 33.96 31.78
C ARG I 511 -34.17 34.65 30.74
N SER I 512 -33.81 35.90 31.04
CA SER I 512 -33.12 36.75 30.09
C SER I 512 -31.61 36.80 30.32
N ASP I 513 -31.07 35.96 31.19
CA ASP I 513 -29.65 36.01 31.52
C ASP I 513 -28.87 34.78 31.09
N LEU I 514 -29.32 33.59 31.47
CA LEU I 514 -28.59 32.36 31.19
C LEU I 514 -29.39 31.46 30.28
N THR I 515 -28.69 30.68 29.46
CA THR I 515 -29.31 29.61 28.70
C THR I 515 -28.80 28.27 29.22
N VAL I 516 -29.73 27.34 29.40
CA VAL I 516 -29.43 26.05 30.00
C VAL I 516 -28.93 25.11 28.92
N THR I 517 -27.83 24.43 29.17
CA THR I 517 -27.33 23.38 28.30
C THR I 517 -27.20 22.14 29.16
N VAL I 518 -28.29 21.39 29.25
CA VAL I 518 -28.21 19.97 29.60
C VAL I 518 -27.53 19.19 28.50
N GLY I 519 -27.29 19.85 27.36
CA GLY I 519 -26.39 19.34 26.36
C GLY I 519 -25.16 18.85 27.07
N ILE I 520 -24.95 17.53 26.99
CA ILE I 520 -24.06 16.83 27.89
C ILE I 520 -22.69 17.51 27.94
N GLY I 521 -22.30 17.93 29.14
CA GLY I 521 -21.04 18.62 29.34
C GLY I 521 -19.87 17.67 29.20
N ASN I 522 -19.94 16.82 28.17
CA ASN I 522 -18.92 15.83 27.86
C ASN I 522 -17.76 16.42 27.09
N MET I 523 -17.00 15.54 26.43
CA MET I 523 -15.59 15.73 26.16
C MET I 523 -15.34 16.96 25.28
N ASN I 524 -14.87 18.03 25.92
CA ASN I 524 -14.56 19.28 25.24
C ASN I 524 -13.28 19.93 25.72
N LYS I 525 -12.70 19.46 26.84
CA LYS I 525 -11.47 20.05 27.36
C LYS I 525 -10.40 20.11 26.29
N ASP I 526 -10.32 19.07 25.45
CA ASP I 526 -9.37 19.10 24.35
C ASP I 526 -9.66 20.23 23.38
N GLN I 527 -10.95 20.49 23.11
CA GLN I 527 -11.31 21.52 22.14
C GLN I 527 -10.87 22.91 22.61
N GLN I 528 -11.38 23.36 23.77
CA GLN I 528 -10.97 24.67 24.24
C GLN I 528 -9.51 24.68 24.65
N MET I 529 -8.89 23.52 24.85
CA MET I 529 -7.49 23.49 25.20
C MET I 529 -6.63 23.80 23.97
N LEU I 530 -6.98 23.21 22.83
CA LEU I 530 -6.35 23.59 21.58
C LEU I 530 -6.67 25.03 21.23
N HIS I 531 -7.88 25.48 21.57
CA HIS I 531 -8.19 26.90 21.40
C HIS I 531 -7.29 27.78 22.24
N LEU I 532 -6.91 27.31 23.43
CA LEU I 532 -5.96 28.05 24.24
C LEU I 532 -4.58 28.07 23.59
N MET I 533 -4.18 26.95 22.98
CA MET I 533 -2.92 26.94 22.22
C MET I 533 -2.90 28.02 21.13
N ARG I 534 -3.92 28.01 20.27
CA ARG I 534 -3.96 29.00 19.20
C ARG I 534 -4.07 30.43 19.73
N ILE I 535 -4.84 30.64 20.80
CA ILE I 535 -4.97 31.97 21.36
C ILE I 535 -3.63 32.46 21.89
N TRP I 536 -2.89 31.57 22.56
CA TRP I 536 -1.57 31.94 23.08
C TRP I 536 -0.61 32.25 21.93
N GLU I 537 -0.69 31.48 20.85
CA GLU I 537 0.15 31.79 19.68
C GLU I 537 -0.19 33.15 19.11
N MET I 538 -1.47 33.47 19.00
CA MET I 538 -1.87 34.80 18.52
C MET I 538 -1.35 35.89 19.44
N ALA I 539 -1.44 35.67 20.75
CA ALA I 539 -0.94 36.66 21.70
C ALA I 539 0.56 36.87 21.55
N GLN I 540 1.31 35.78 21.36
CA GLN I 540 2.74 35.90 21.11
C GLN I 540 3.01 36.70 19.85
N ALA I 541 2.25 36.43 18.79
CA ALA I 541 2.44 37.20 17.55
C ALA I 541 2.18 38.68 17.78
N VAL I 542 1.11 39.00 18.51
CA VAL I 542 0.77 40.40 18.75
C VAL I 542 1.86 41.08 19.57
N VAL I 543 2.33 40.42 20.64
CA VAL I 543 3.34 41.04 21.49
C VAL I 543 4.67 41.17 20.74
N GLY I 544 4.92 40.26 19.79
CA GLY I 544 6.09 40.41 18.94
C GLY I 544 5.93 41.49 17.89
N GLY I 545 4.70 41.84 17.55
CA GLY I 545 4.44 42.91 16.61
C GLY I 545 4.47 44.30 17.21
N GLY I 546 4.79 44.42 18.49
CA GLY I 546 4.85 45.72 19.14
C GLY I 546 3.54 46.20 19.71
N GLY I 547 2.58 45.31 19.94
CA GLY I 547 1.29 45.67 20.48
C GLY I 547 1.13 45.52 21.98
N LEU I 548 2.22 45.33 22.71
CA LEU I 548 2.14 45.13 24.15
C LEU I 548 1.70 46.44 24.81
N GLY I 549 0.65 46.36 25.63
CA GLY I 549 0.12 47.51 26.33
C GLY I 549 -0.99 48.23 25.61
N VAL I 550 -1.14 48.03 24.30
CA VAL I 550 -2.19 48.66 23.53
C VAL I 550 -3.22 47.63 23.05
N LEU I 551 -2.77 46.42 22.75
CA LEU I 551 -3.67 45.33 22.37
C LEU I 551 -3.66 44.17 23.34
N VAL I 552 -2.52 43.91 23.98
CA VAL I 552 -2.39 42.85 24.98
C VAL I 552 -1.67 43.41 26.19
N SER I 553 -2.19 43.12 27.38
CA SER I 553 -1.57 43.51 28.63
C SER I 553 -1.02 42.28 29.34
N GLU I 554 -0.21 42.53 30.38
CA GLU I 554 0.34 41.43 31.16
C GLU I 554 -0.75 40.63 31.85
N GLN I 555 -1.81 41.30 32.30
CA GLN I 555 -2.91 40.60 32.95
C GLN I 555 -3.59 39.65 31.97
N ASN I 556 -3.68 40.03 30.70
CA ASN I 556 -4.26 39.13 29.71
C ASN I 556 -3.43 37.86 29.55
N LEU I 557 -2.12 38.01 29.46
CA LEU I 557 -1.25 36.83 29.36
C LEU I 557 -1.36 35.97 30.61
N TYR I 558 -1.43 36.61 31.78
CA TYR I 558 -1.58 35.87 33.02
C TYR I 558 -2.89 35.10 33.04
N ASN I 559 -3.98 35.71 32.55
CA ASN I 559 -5.25 35.01 32.48
C ASN I 559 -5.19 33.82 31.53
N ILE I 560 -4.52 33.99 30.38
CA ILE I 560 -4.38 32.88 29.45
C ILE I 560 -3.62 31.74 30.09
N LEU I 561 -2.52 32.06 30.79
CA LEU I 561 -1.73 31.03 31.45
C LEU I 561 -2.53 30.34 32.54
N LYS I 562 -3.32 31.09 33.30
CA LYS I 562 -4.18 30.48 34.31
C LYS I 562 -5.16 29.52 33.68
N GLU I 563 -5.78 29.92 32.57
CA GLU I 563 -6.76 29.06 31.92
C GLU I 563 -6.12 27.78 31.43
N VAL I 564 -4.93 27.89 30.82
CA VAL I 564 -4.24 26.71 30.33
C VAL I 564 -3.89 25.78 31.49
N THR I 565 -3.36 26.33 32.57
CA THR I 565 -2.96 25.51 33.70
C THR I 565 -4.15 24.83 34.35
N GLU I 566 -5.25 25.56 34.53
CA GLU I 566 -6.45 24.96 35.13
C GLU I 566 -7.02 23.87 34.24
N ASN I 567 -7.05 24.09 32.93
CA ASN I 567 -7.54 23.06 32.03
C ASN I 567 -6.61 21.85 32.04
N ALA I 568 -5.32 22.06 32.30
CA ALA I 568 -4.39 20.93 32.37
C ALA I 568 -4.68 20.03 33.56
N GLY I 569 -5.23 20.59 34.65
CA GLY I 569 -5.59 19.79 35.79
C GLY I 569 -5.06 20.29 37.11
N TYR I 570 -4.40 21.45 37.11
CA TYR I 570 -3.86 22.05 38.32
C TYR I 570 -4.74 23.21 38.72
N LYS I 571 -5.40 23.09 39.87
CA LYS I 571 -6.34 24.12 40.30
C LYS I 571 -5.62 25.37 40.80
N ASP I 572 -4.48 25.21 41.47
CA ASP I 572 -3.76 26.35 42.01
C ASP I 572 -2.78 26.82 40.94
N PRO I 573 -2.94 28.03 40.40
CA PRO I 573 -2.04 28.49 39.33
C PRO I 573 -0.80 29.22 39.83
N ASP I 574 -0.75 29.62 41.10
CA ASP I 574 0.41 30.33 41.62
C ASP I 574 1.62 29.45 41.79
N ARG I 575 1.47 28.12 41.70
CA ARG I 575 2.62 27.25 41.80
C ARG I 575 3.51 27.35 40.57
N PHE I 576 2.94 27.71 39.42
CA PHE I 576 3.68 27.76 38.17
C PHE I 576 3.85 29.16 37.60
N TRP I 577 3.09 30.14 38.07
CA TRP I 577 3.16 31.49 37.54
C TRP I 577 3.07 32.50 38.67
N THR I 578 3.49 33.73 38.37
CA THR I 578 3.39 34.84 39.31
C THR I 578 2.39 35.85 38.80
N ASN I 579 1.56 36.36 39.70
CA ASN I 579 0.61 37.40 39.35
C ASN I 579 1.36 38.69 39.04
N PRO I 580 1.18 39.29 37.87
CA PRO I 580 1.88 40.55 37.56
C PRO I 580 1.49 41.70 38.46
N ASP I 581 0.37 41.62 39.15
CA ASP I 581 -0.04 42.67 40.09
C ASP I 581 0.48 42.44 41.50
N SER I 582 1.15 41.32 41.74
CA SER I 582 1.72 41.07 43.05
C SER I 582 2.87 42.05 43.34
N PRO I 583 3.11 42.38 44.61
CA PRO I 583 4.15 43.38 44.91
C PRO I 583 5.53 42.98 44.42
N GLU I 584 5.85 41.68 44.43
CA GLU I 584 7.14 41.24 43.89
C GLU I 584 7.26 41.57 42.41
N ALA I 585 6.17 41.37 41.65
CA ALA I 585 6.18 41.71 40.24
C ALA I 585 6.35 43.21 40.04
N GLN I 586 5.68 44.02 40.86
CA GLN I 586 5.85 45.47 40.77
C GLN I 586 7.29 45.87 41.05
N GLN I 587 7.92 45.25 42.05
CA GLN I 587 9.31 45.54 42.34
C GLN I 587 10.21 45.14 41.17
N ALA I 588 9.96 43.97 40.59
CA ALA I 588 10.76 43.53 39.46
C ALA I 588 10.64 44.50 38.30
N LYS I 589 9.42 44.97 38.01
CA LYS I 589 9.23 45.98 36.98
C LYS I 589 9.97 47.27 37.35
N ALA I 590 10.00 47.60 38.64
CA ALA I 590 10.70 48.82 39.07
C ALA I 590 12.18 48.74 38.73
N ILE I 591 12.84 47.65 39.11
CA ILE I 591 14.26 47.51 38.76
C ILE I 591 14.45 47.43 37.25
N ARG I 592 13.55 46.74 36.55
CA ARG I 592 13.70 46.64 35.10
C ARG I 592 13.64 48.00 34.44
N GLU I 593 12.71 48.86 34.88
CA GLU I 593 12.63 50.21 34.34
C GLU I 593 13.83 51.04 34.76
N GLN I 594 14.29 50.87 36.00
CA GLN I 594 15.43 51.65 36.48
C GLN I 594 16.70 51.31 35.71
N LYS I 595 16.82 50.07 35.24
CA LYS I 595 17.99 49.69 34.44
C LYS I 595 17.97 50.30 33.06
N GLU I 596 16.93 51.04 32.70
CA GLU I 596 16.84 51.75 31.43
C GLU I 596 17.12 53.23 31.61
N ALA I 597 18.04 53.55 32.52
CA ALA I 597 18.35 54.95 32.81
C ALA I 597 18.91 55.65 31.58
N GLN I 598 19.89 55.05 30.92
CA GLN I 598 20.51 55.66 29.75
C GLN I 598 21.31 54.62 28.96
N PRO I 599 21.11 54.55 27.64
CA PRO I 599 21.95 53.66 26.82
C PRO I 599 23.37 54.20 26.69
N LYS I 600 24.20 53.50 25.92
CA LYS I 600 25.64 53.69 26.06
C LYS I 600 26.15 54.97 25.41
N PRO I 601 26.01 55.18 24.10
CA PRO I 601 26.69 56.31 23.46
C PRO I 601 25.90 57.61 23.43
N GLU I 602 24.78 57.70 24.13
CA GLU I 602 24.01 58.95 24.16
C GLU I 602 24.86 60.09 24.72
N ASP I 603 25.60 59.81 25.79
CA ASP I 603 26.48 60.83 26.33
C ASP I 603 27.61 61.16 25.36
N ILE I 604 28.07 60.17 24.58
CA ILE I 604 29.06 60.47 23.55
C ILE I 604 28.49 61.43 22.52
N LYS I 605 27.23 61.24 22.14
CA LYS I 605 26.55 62.17 21.25
C LYS I 605 26.49 63.58 21.85
N ALA I 606 25.88 63.71 23.03
CA ALA I 606 25.78 65.02 23.68
C ALA I 606 27.15 65.61 23.96
N GLN I 607 28.17 64.76 24.03
CA GLN I 607 29.51 65.16 24.41
C GLN I 607 30.28 65.73 23.21
N ALA I 608 30.12 65.11 22.04
CA ALA I 608 30.59 65.73 20.81
C ALA I 608 29.86 67.05 20.57
N ASP I 609 28.55 67.07 20.86
CA ASP I 609 27.81 68.32 20.79
C ASP I 609 28.42 69.37 21.72
N ALA I 610 28.86 68.93 22.90
CA ALA I 610 29.53 69.84 23.83
C ALA I 610 30.80 70.42 23.22
N GLN I 611 31.68 69.55 22.70
CA GLN I 611 32.90 70.07 22.06
C GLN I 611 32.60 71.03 20.93
N ARG I 612 31.53 70.82 20.19
CA ARG I 612 31.41 71.63 18.99
C ARG I 612 30.52 72.86 19.15
N ALA I 613 29.65 72.88 20.17
CA ALA I 613 29.17 74.17 20.67
C ALA I 613 30.33 74.96 21.25
N GLN I 614 31.23 74.29 21.97
CA GLN I 614 32.52 74.87 22.34
C GLN I 614 33.29 75.43 21.14
N SER I 615 33.33 74.69 20.04
CA SER I 615 34.05 75.16 18.86
C SER I 615 33.39 76.40 18.27
N ASP I 616 32.06 76.43 18.24
CA ASP I 616 31.36 77.64 17.81
C ASP I 616 31.69 78.81 18.71
N ALA I 617 31.73 78.57 20.03
CA ALA I 617 32.10 79.62 20.97
C ALA I 617 33.49 80.18 20.64
N LEU I 618 34.48 79.29 20.49
CA LEU I 618 35.82 79.75 20.14
C LEU I 618 35.82 80.50 18.82
N ALA I 619 35.00 80.08 17.86
CA ALA I 619 34.88 80.83 16.62
C ALA I 619 34.47 82.26 16.90
N LYS I 620 33.43 82.44 17.71
CA LYS I 620 32.94 83.79 17.99
C LYS I 620 34.01 84.62 18.70
N GLN I 621 34.64 84.06 19.74
CA GLN I 621 35.66 84.82 20.46
C GLN I 621 36.82 85.16 19.54
N ALA I 622 37.26 84.21 18.71
CA ALA I 622 38.40 84.44 17.83
C ALA I 622 38.08 85.53 16.80
N GLU I 623 36.88 85.50 16.23
CA GLU I 623 36.50 86.54 15.28
C GLU I 623 36.50 87.91 15.94
N ALA I 624 35.84 88.02 17.11
CA ALA I 624 35.81 89.31 17.79
C ALA I 624 37.21 89.78 18.17
N GLN I 625 38.03 88.86 18.68
CA GLN I 625 39.38 89.21 19.11
C GLN I 625 40.23 89.69 17.94
N MET I 626 40.15 88.99 16.81
CA MET I 626 40.99 89.37 15.66
C MET I 626 40.51 90.67 15.04
N LYS I 627 39.19 90.89 15.02
CA LYS I 627 38.67 92.18 14.55
C LYS I 627 39.16 93.31 15.43
N GLN I 628 39.11 93.12 16.76
CA GLN I 628 39.61 94.14 17.67
C GLN I 628 41.12 94.32 17.53
N VAL I 629 41.85 93.25 17.23
CA VAL I 629 43.29 93.38 17.00
C VAL I 629 43.55 94.26 15.80
N GLU I 630 42.90 93.94 14.67
CA GLU I 630 43.10 94.74 13.46
C GLU I 630 42.53 96.13 13.61
N ALA I 631 41.71 96.35 14.64
CA ALA I 631 41.12 97.67 14.85
C ALA I 631 42.16 98.71 15.23
N GLN I 632 43.05 98.40 16.18
CA GLN I 632 43.91 99.44 16.75
C GLN I 632 45.38 99.05 16.90
N ILE I 633 45.76 97.78 16.78
CA ILE I 633 47.18 97.44 16.84
C ILE I 633 47.91 97.93 15.60
N ARG I 634 47.18 98.28 14.54
CA ARG I 634 47.75 98.65 13.26
C ARG I 634 47.73 100.14 13.03
N LEU I 635 46.61 100.82 13.30
CA LEU I 635 46.52 102.25 13.11
C LEU I 635 47.46 103.00 14.04
N ALA I 636 47.60 102.51 15.28
CA ALA I 636 48.41 103.21 16.27
C ALA I 636 49.87 103.26 15.86
N GLU I 637 50.41 102.16 15.35
CA GLU I 637 51.78 102.18 14.86
C GLU I 637 51.93 102.90 13.53
N ILE I 638 50.85 103.03 12.76
CA ILE I 638 50.90 103.79 11.52
C ILE I 638 51.01 105.28 11.82
N GLU I 639 50.22 105.77 12.77
CA GLU I 639 50.22 107.21 13.06
C GLU I 639 51.53 107.66 13.68
N LEU I 640 52.33 106.75 14.24
CA LEU I 640 53.64 107.10 14.77
C LEU I 640 54.74 106.35 14.02
N MET J 11 -77.47 48.59 5.55
CA MET J 11 -76.33 48.12 4.78
C MET J 11 -75.06 48.15 5.60
N ASP J 12 -75.12 47.60 6.82
CA ASP J 12 -73.97 47.64 7.72
C ASP J 12 -73.73 46.31 8.44
N ASP J 13 -74.55 45.29 8.22
CA ASP J 13 -74.35 43.96 8.78
C ASP J 13 -74.30 44.00 10.31
N GLU J 14 -75.46 44.31 10.88
CA GLU J 14 -75.65 44.20 12.33
C GLU J 14 -75.37 42.78 12.82
N GLN J 15 -75.29 42.61 14.14
CA GLN J 15 -74.83 41.36 14.72
C GLN J 15 -75.64 40.15 14.26
N VAL J 16 -76.93 40.32 13.96
CA VAL J 16 -77.76 39.18 13.60
C VAL J 16 -77.31 38.58 12.28
N LEU J 17 -77.07 39.42 11.28
CA LEU J 17 -76.62 38.91 9.98
C LEU J 17 -75.26 38.24 10.09
N ARG J 18 -74.35 38.83 10.88
CA ARG J 18 -73.04 38.23 11.06
C ARG J 18 -73.13 36.88 11.76
N HIS J 19 -73.99 36.77 12.77
CA HIS J 19 -74.24 35.46 13.37
C HIS J 19 -74.80 34.47 12.36
N LEU J 20 -75.73 34.92 11.53
CA LEU J 20 -76.33 34.03 10.54
C LEU J 20 -75.26 33.48 9.60
N ASP J 21 -74.45 34.37 9.04
CA ASP J 21 -73.40 33.94 8.11
C ASP J 21 -72.38 33.05 8.80
N GLN J 22 -71.97 33.41 10.02
CA GLN J 22 -70.98 32.63 10.72
C GLN J 22 -71.48 31.22 11.02
N LEU J 23 -72.72 31.10 11.49
CA LEU J 23 -73.27 29.78 11.78
C LEU J 23 -73.46 28.97 10.50
N VAL J 24 -73.87 29.62 9.40
CA VAL J 24 -73.98 28.89 8.14
C VAL J 24 -72.63 28.31 7.74
N ASN J 25 -71.59 29.14 7.76
CA ASN J 25 -70.27 28.68 7.36
C ASN J 25 -69.75 27.59 8.30
N ASP J 26 -69.98 27.74 9.60
CA ASP J 26 -69.46 26.78 10.56
C ASP J 26 -70.19 25.44 10.45
N ALA J 27 -71.53 25.47 10.42
CA ALA J 27 -72.30 24.26 10.31
C ALA J 27 -72.16 23.60 8.95
N LEU J 28 -71.63 24.33 7.96
CA LEU J 28 -71.23 23.66 6.72
C LEU J 28 -70.19 22.59 7.01
N ASP J 29 -69.26 22.88 7.91
CA ASP J 29 -68.29 21.91 8.38
C ASP J 29 -68.84 21.22 9.64
N PHE J 30 -67.98 20.49 10.37
CA PHE J 30 -68.40 19.72 11.54
C PHE J 30 -69.47 18.69 11.18
N ASN J 31 -69.12 17.74 10.32
CA ASN J 31 -70.05 16.69 9.91
C ASN J 31 -69.26 15.43 9.62
N SER J 32 -69.98 14.34 9.36
CA SER J 32 -69.35 13.09 9.00
C SER J 32 -68.79 13.19 7.59
N SER J 33 -67.52 13.57 7.48
CA SER J 33 -66.87 13.78 6.19
C SER J 33 -65.75 12.76 6.00
N GLU J 34 -65.50 12.43 4.74
CA GLU J 34 -64.47 11.45 4.39
C GLU J 34 -63.09 11.90 4.82
N LEU J 35 -62.86 13.21 4.93
CA LEU J 35 -61.57 13.69 5.40
C LEU J 35 -61.30 13.24 6.83
N SER J 36 -62.27 13.48 7.72
CA SER J 36 -62.14 13.04 9.10
C SER J 36 -62.05 11.53 9.18
N LYS J 37 -62.80 10.82 8.33
CA LYS J 37 -62.73 9.37 8.31
C LYS J 37 -61.32 8.89 7.97
N GLN J 38 -60.71 9.49 6.95
CA GLN J 38 -59.37 9.08 6.56
C GLN J 38 -58.35 9.41 7.64
N ARG J 39 -58.49 10.58 8.28
CA ARG J 39 -57.55 10.93 9.34
C ARG J 39 -57.67 9.96 10.53
N SER J 40 -58.90 9.64 10.93
CA SER J 40 -59.10 8.71 12.04
C SER J 40 -58.59 7.32 11.68
N GLU J 41 -58.79 6.89 10.44
CA GLU J 41 -58.29 5.59 10.01
C GLU J 41 -56.76 5.57 10.04
N ALA J 42 -56.12 6.67 9.63
CA ALA J 42 -54.67 6.74 9.70
C ALA J 42 -54.20 6.61 11.15
N LEU J 43 -54.85 7.32 12.06
CA LEU J 43 -54.46 7.21 13.46
C LEU J 43 -54.66 5.79 13.99
N LYS J 44 -55.77 5.16 13.63
CA LYS J 44 -56.03 3.79 14.07
C LYS J 44 -54.98 2.82 13.54
N TYR J 45 -54.62 2.97 12.26
CA TYR J 45 -53.58 2.13 11.69
C TYR J 45 -52.25 2.34 12.39
N TYR J 46 -51.95 3.58 12.76
CA TYR J 46 -50.73 3.84 13.50
C TYR J 46 -50.74 3.14 14.86
N PHE J 47 -51.88 3.20 15.56
CA PHE J 47 -51.96 2.55 16.87
C PHE J 47 -51.99 1.04 16.78
N GLY J 48 -52.19 0.47 15.60
CA GLY J 48 -52.29 -0.98 15.47
C GLY J 48 -53.61 -1.55 15.98
N GLU J 49 -54.69 -0.80 15.83
CA GLU J 49 -55.99 -1.25 16.30
C GLU J 49 -56.53 -2.35 15.39
N PRO J 50 -57.43 -3.20 15.91
CA PRO J 50 -58.02 -4.25 15.07
C PRO J 50 -58.83 -3.66 13.92
N PHE J 51 -58.79 -4.37 12.78
CA PHE J 51 -59.49 -3.89 11.60
C PHE J 51 -61.01 -4.03 11.76
N GLY J 52 -61.46 -5.09 12.41
CA GLY J 52 -62.89 -5.35 12.56
C GLY J 52 -63.38 -6.61 11.88
N ASN J 53 -62.48 -7.42 11.30
CA ASN J 53 -62.84 -8.66 10.66
C ASN J 53 -62.27 -9.88 11.39
N GLU J 54 -62.09 -9.74 12.70
CA GLU J 54 -61.45 -10.79 13.49
C GLU J 54 -62.50 -11.76 14.06
N ARG J 55 -62.24 -13.04 13.89
CA ARG J 55 -63.10 -14.09 14.39
C ARG J 55 -62.83 -14.36 15.86
N PRO J 56 -63.82 -14.85 16.60
CA PRO J 56 -63.64 -15.02 18.05
C PRO J 56 -62.46 -15.88 18.46
N GLY J 57 -62.18 -16.96 17.75
CA GLY J 57 -61.16 -17.89 18.19
C GLY J 57 -59.94 -18.00 17.29
N LYS J 58 -59.78 -17.05 16.37
CA LYS J 58 -58.69 -17.08 15.42
C LYS J 58 -57.62 -16.05 15.81
N SER J 59 -56.54 -16.03 15.04
CA SER J 59 -55.49 -15.06 15.26
C SER J 59 -55.95 -13.67 14.88
N ALA J 60 -55.42 -12.67 15.59
CA ALA J 60 -55.84 -11.29 15.38
C ALA J 60 -54.66 -10.33 15.38
N ILE J 61 -53.49 -10.76 14.92
CA ILE J 61 -52.31 -9.91 14.95
C ILE J 61 -52.35 -8.94 13.78
N VAL J 62 -51.73 -7.79 13.95
CA VAL J 62 -51.74 -6.71 12.97
C VAL J 62 -50.31 -6.33 12.64
N SER J 63 -50.00 -6.23 11.35
CA SER J 63 -48.68 -5.78 10.91
C SER J 63 -48.55 -4.28 11.15
N ARG J 64 -47.33 -3.86 11.50
CA ARG J 64 -47.03 -2.47 11.83
C ARG J 64 -46.18 -1.89 10.71
N ASP J 65 -46.81 -1.08 9.86
CA ASP J 65 -46.12 -0.47 8.72
C ASP J 65 -46.10 1.04 8.78
N VAL J 66 -47.26 1.66 8.95
CA VAL J 66 -47.32 3.13 9.05
C VAL J 66 -46.51 3.59 10.26
N GLN J 67 -46.62 2.87 11.38
CA GLN J 67 -45.87 3.22 12.57
C GLN J 67 -44.37 3.16 12.31
N GLU J 68 -43.92 2.10 11.64
CA GLU J 68 -42.50 1.97 11.35
C GLU J 68 -42.01 3.10 10.45
N THR J 69 -42.78 3.43 9.40
CA THR J 69 -42.35 4.49 8.50
C THR J 69 -42.29 5.84 9.21
N VAL J 70 -43.31 6.16 10.01
CA VAL J 70 -43.31 7.45 10.71
C VAL J 70 -42.17 7.52 11.71
N ASP J 71 -41.94 6.44 12.46
CA ASP J 71 -40.89 6.44 13.45
C ASP J 71 -39.50 6.42 12.83
N TRP J 72 -39.37 5.96 11.59
CA TRP J 72 -38.09 6.05 10.91
C TRP J 72 -37.86 7.40 10.26
N ILE J 73 -38.93 8.12 9.93
CA ILE J 73 -38.75 9.43 9.30
C ILE J 73 -38.50 10.51 10.34
N MET J 74 -39.20 10.45 11.48
CA MET J 74 -39.17 11.57 12.43
C MET J 74 -37.79 11.94 12.94
N PRO J 75 -36.93 11.01 13.41
CA PRO J 75 -35.67 11.44 14.03
C PRO J 75 -34.77 12.26 13.14
N SER J 76 -34.70 11.94 11.84
CA SER J 76 -33.91 12.76 10.93
C SER J 76 -34.52 14.15 10.78
N LEU J 77 -35.84 14.22 10.69
CA LEU J 77 -36.52 15.51 10.58
C LEU J 77 -36.37 16.35 11.84
N MET J 78 -36.02 15.75 12.97
CA MET J 78 -35.77 16.54 14.17
C MET J 78 -34.30 16.94 14.28
N LYS J 79 -33.40 16.01 13.95
CA LYS J 79 -31.96 16.31 13.92
C LYS J 79 -31.69 17.48 12.98
N VAL J 80 -32.25 17.43 11.78
CA VAL J 80 -32.40 18.65 11.00
C VAL J 80 -33.45 19.52 11.69
N PHE J 81 -33.19 20.82 11.78
CA PHE J 81 -33.98 21.85 12.43
C PHE J 81 -33.79 21.89 13.95
N THR J 82 -33.07 20.95 14.56
CA THR J 82 -32.92 21.04 16.01
C THR J 82 -31.48 21.01 16.48
N SER J 83 -30.59 20.41 15.69
CA SER J 83 -29.29 19.97 16.21
C SER J 83 -28.48 21.12 16.79
N GLY J 84 -28.47 22.27 16.12
CA GLY J 84 -27.55 23.31 16.49
C GLY J 84 -27.94 24.18 17.66
N GLY J 85 -29.07 23.92 18.30
CA GLY J 85 -29.55 24.83 19.34
C GLY J 85 -30.29 26.02 18.78
N GLN J 86 -29.64 26.77 17.88
CA GLN J 86 -30.35 27.80 17.13
C GLN J 86 -31.24 27.17 16.07
N VAL J 87 -32.37 27.82 15.80
CA VAL J 87 -33.32 27.30 14.83
C VAL J 87 -33.49 28.22 13.62
N VAL J 88 -33.19 29.50 13.74
CA VAL J 88 -33.37 30.45 12.64
C VAL J 88 -32.15 31.36 12.57
N LYS J 89 -31.88 31.86 11.37
CA LYS J 89 -30.82 32.84 11.18
C LYS J 89 -31.30 33.90 10.20
N TYR J 90 -31.26 35.17 10.62
CA TYR J 90 -31.68 36.28 9.78
C TYR J 90 -30.44 36.91 9.16
N GLU J 91 -30.40 36.97 7.84
CA GLU J 91 -29.25 37.55 7.16
C GLU J 91 -29.59 38.93 6.64
N PRO J 92 -28.72 39.91 6.83
CA PRO J 92 -29.00 41.26 6.34
C PRO J 92 -28.95 41.35 4.83
N GLN J 93 -29.69 42.31 4.29
CA GLN J 93 -29.70 42.55 2.86
C GLN J 93 -28.54 43.45 2.44
N THR J 94 -28.33 44.55 3.16
CA THR J 94 -27.22 45.45 2.93
C THR J 94 -26.39 45.55 4.20
N ALA J 95 -25.32 46.35 4.14
CA ALA J 95 -24.45 46.54 5.30
C ALA J 95 -25.09 47.39 6.37
N GLU J 96 -26.18 48.08 6.07
CA GLU J 96 -26.84 48.96 7.04
C GLU J 96 -27.84 48.22 7.92
N ASP J 97 -28.12 46.96 7.63
CA ASP J 97 -29.08 46.19 8.41
C ASP J 97 -28.43 45.21 9.38
N VAL J 98 -27.09 45.12 9.37
CA VAL J 98 -26.42 44.03 10.08
C VAL J 98 -26.81 44.01 11.55
N GLU J 99 -26.74 45.16 12.21
CA GLU J 99 -27.07 45.22 13.62
C GLU J 99 -28.51 44.75 13.86
N GLN J 100 -29.43 45.21 13.01
CA GLN J 100 -30.81 44.74 13.13
C GLN J 100 -30.87 43.24 12.93
N ALA J 101 -30.17 42.73 11.92
CA ALA J 101 -30.14 41.30 11.68
C ALA J 101 -29.65 40.55 12.90
N GLU J 102 -28.77 41.15 13.69
CA GLU J 102 -28.33 40.50 14.91
C GLU J 102 -29.46 40.45 15.93
N GLN J 103 -30.13 41.58 16.15
CA GLN J 103 -31.11 41.68 17.22
C GLN J 103 -32.19 40.62 17.09
N GLU J 104 -32.82 40.56 15.92
CA GLU J 104 -33.84 39.55 15.69
C GLU J 104 -33.28 38.15 15.90
N THR J 105 -32.08 37.90 15.41
CA THR J 105 -31.51 36.56 15.54
C THR J 105 -31.37 36.16 17.00
N GLU J 106 -31.15 37.13 17.89
CA GLU J 106 -31.08 36.80 19.30
C GLU J 106 -32.42 36.92 19.99
N TYR J 107 -33.35 37.69 19.42
CA TYR J 107 -34.68 37.80 20.02
C TYR J 107 -35.54 36.60 19.63
N VAL J 108 -35.76 36.41 18.33
CA VAL J 108 -36.47 35.24 17.84
C VAL J 108 -35.50 34.07 17.90
N ASN J 109 -35.70 33.20 18.89
CA ASN J 109 -34.79 32.18 19.40
C ASN J 109 -34.97 32.15 20.91
N TYR J 110 -34.94 33.33 21.52
CA TYR J 110 -35.30 33.45 22.93
C TYR J 110 -36.80 33.28 23.12
N LEU J 111 -37.59 33.79 22.18
CA LEU J 111 -39.03 33.64 22.26
C LEU J 111 -39.46 32.21 21.95
N PHE J 112 -38.79 31.58 20.99
CA PHE J 112 -39.23 30.27 20.52
C PHE J 112 -38.74 29.13 21.41
N MET J 113 -37.47 29.18 21.82
CA MET J 113 -36.87 28.07 22.55
C MET J 113 -36.90 28.24 24.06
N ARG J 114 -37.03 29.46 24.56
CA ARG J 114 -36.97 29.70 26.00
C ARG J 114 -38.26 30.24 26.60
N LYS J 115 -39.27 30.54 25.79
CA LYS J 115 -40.52 31.11 26.29
C LYS J 115 -41.76 30.41 25.77
N ASN J 116 -41.64 29.44 24.86
CA ASN J 116 -42.82 28.85 24.26
C ASN J 116 -42.76 27.35 24.06
N GLU J 117 -41.72 26.66 24.52
CA GLU J 117 -41.56 25.22 24.32
C GLU J 117 -41.57 24.89 22.82
N GLY J 118 -40.56 25.42 22.13
CA GLY J 118 -40.53 25.28 20.68
C GLY J 118 -40.35 23.84 20.21
N PHE J 119 -39.54 23.06 20.94
CA PHE J 119 -39.27 21.70 20.52
C PHE J 119 -40.54 20.87 20.49
N LYS J 120 -41.34 20.94 21.56
CA LYS J 120 -42.57 20.15 21.60
C LYS J 120 -43.55 20.59 20.53
N VAL J 121 -43.68 21.90 20.31
CA VAL J 121 -44.59 22.41 19.30
C VAL J 121 -44.19 21.92 17.93
N MET J 122 -42.89 21.98 17.62
CA MET J 122 -42.44 21.59 16.30
C MET J 122 -42.53 20.07 16.10
N PHE J 123 -42.30 19.31 17.17
CA PHE J 123 -42.50 17.86 17.10
C PHE J 123 -43.95 17.52 16.80
N ASP J 124 -44.88 18.16 17.51
CA ASP J 124 -46.30 17.93 17.24
C ASP J 124 -46.66 18.33 15.82
N TRP J 125 -46.13 19.46 15.36
CA TRP J 125 -46.36 19.90 13.99
C TRP J 125 -45.94 18.85 12.98
N PHE J 126 -44.70 18.37 13.10
CA PHE J 126 -44.18 17.41 12.13
C PHE J 126 -44.95 16.09 12.19
N GLN J 127 -45.26 15.61 13.41
CA GLN J 127 -45.97 14.34 13.52
C GLN J 127 -47.38 14.46 12.96
N ASP J 128 -48.06 15.58 13.18
CA ASP J 128 -49.37 15.77 12.58
C ASP J 128 -49.28 15.81 11.06
N THR J 129 -48.25 16.48 10.53
CA THR J 129 -48.11 16.55 9.08
C THR J 129 -47.89 15.16 8.48
N LEU J 130 -47.05 14.34 9.11
CA LEU J 130 -46.80 13.01 8.57
C LEU J 130 -47.99 12.09 8.75
N MET J 131 -48.61 12.12 9.93
CA MET J 131 -49.72 11.21 10.24
C MET J 131 -50.99 11.63 9.54
N MET J 132 -51.46 12.85 9.81
CA MET J 132 -52.59 13.42 9.09
C MET J 132 -52.10 13.93 7.75
N LYS J 133 -52.92 14.70 7.05
CA LYS J 133 -52.51 15.19 5.74
C LYS J 133 -51.80 16.53 5.80
N THR J 134 -52.01 17.32 6.85
CA THR J 134 -51.38 18.63 6.94
C THR J 134 -51.27 19.03 8.40
N GLY J 135 -50.31 19.89 8.70
CA GLY J 135 -50.12 20.39 10.05
C GLY J 135 -50.23 21.89 10.11
N VAL J 136 -50.77 22.39 11.22
CA VAL J 136 -51.04 23.82 11.37
C VAL J 136 -50.50 24.30 12.72
N VAL J 137 -49.88 25.48 12.70
CA VAL J 137 -49.36 26.12 13.90
C VAL J 137 -49.77 27.59 13.89
N LYS J 138 -50.15 28.12 15.04
CA LYS J 138 -50.62 29.50 15.14
C LYS J 138 -49.66 30.34 15.99
N VAL J 139 -49.51 31.61 15.59
CA VAL J 139 -48.74 32.61 16.32
C VAL J 139 -49.67 33.75 16.67
N TYR J 140 -49.66 34.17 17.94
CA TYR J 140 -50.57 35.21 18.36
C TYR J 140 -49.98 36.00 19.52
N VAL J 141 -50.72 37.02 19.95
CA VAL J 141 -50.35 37.86 21.08
C VAL J 141 -51.34 37.58 22.20
N GLU J 142 -50.81 37.31 23.39
CA GLU J 142 -51.66 36.90 24.51
C GLU J 142 -52.64 38.00 24.89
N GLU J 143 -53.91 37.62 25.08
CA GLU J 143 -54.95 38.56 25.47
C GLU J 143 -55.49 38.31 26.87
N VAL J 144 -55.31 37.13 27.42
CA VAL J 144 -55.74 36.80 28.78
C VAL J 144 -54.54 37.00 29.69
N LEU J 145 -54.65 37.94 30.62
CA LEU J 145 -53.54 38.32 31.49
C LEU J 145 -53.90 37.99 32.93
N ASN J 146 -53.44 36.85 33.41
CA ASN J 146 -53.68 36.43 34.78
C ASN J 146 -52.76 37.18 35.74
N PRO J 147 -53.24 37.49 36.94
CA PRO J 147 -52.35 37.99 37.98
C PRO J 147 -51.43 36.88 38.48
N THR J 148 -50.29 37.28 39.02
CA THR J 148 -49.28 36.33 39.47
C THR J 148 -48.93 36.60 40.93
N PHE J 149 -48.42 35.57 41.60
CA PHE J 149 -48.00 35.65 42.98
C PHE J 149 -46.55 35.19 43.08
N GLU J 150 -45.72 35.95 43.80
CA GLU J 150 -44.32 35.63 43.94
C GLU J 150 -43.93 35.58 45.41
N ARG J 151 -42.97 34.70 45.71
CA ARG J 151 -42.40 34.56 47.05
C ARG J 151 -40.88 34.59 46.96
N PHE J 152 -40.26 35.36 47.83
CA PHE J 152 -38.80 35.45 47.90
C PHE J 152 -38.37 35.36 49.35
N SER J 153 -37.18 34.80 49.56
CA SER J 153 -36.63 34.67 50.90
C SER J 153 -35.12 34.80 50.83
N GLY J 154 -34.54 35.38 51.88
CA GLY J 154 -33.10 35.54 51.96
C GLY J 154 -32.54 36.67 51.15
N LEU J 155 -33.34 37.71 50.89
CA LEU J 155 -32.92 38.83 50.06
C LEU J 155 -32.31 39.93 50.90
N SER J 156 -31.45 40.73 50.28
CA SER J 156 -30.91 41.91 50.92
C SER J 156 -31.89 43.07 50.81
N GLU J 157 -31.58 44.16 51.53
CA GLU J 157 -32.51 45.29 51.56
C GLU J 157 -32.55 46.03 50.23
N GLU J 158 -31.43 46.07 49.51
CA GLU J 158 -31.42 46.70 48.18
C GLU J 158 -32.35 45.97 47.23
N MET J 159 -32.28 44.63 47.24
CA MET J 159 -33.14 43.84 46.37
C MET J 159 -34.60 44.05 46.71
N VAL J 160 -34.92 44.10 48.00
CA VAL J 160 -36.29 44.31 48.44
C VAL J 160 -36.78 45.69 48.00
N ALA J 161 -35.94 46.72 48.13
CA ALA J 161 -36.32 48.05 47.69
C ALA J 161 -36.58 48.07 46.20
N ASP J 162 -35.73 47.41 45.43
CA ASP J 162 -35.92 47.36 43.98
C ASP J 162 -37.22 46.65 43.63
N ILE J 163 -37.53 45.56 44.32
CA ILE J 163 -38.78 44.83 44.05
C ILE J 163 -39.98 45.70 44.40
N LEU J 164 -39.94 46.38 45.54
CA LEU J 164 -41.10 47.12 46.01
C LEU J 164 -41.27 48.46 45.31
N ALA J 165 -40.26 48.95 44.60
CA ALA J 165 -40.39 50.22 43.90
C ALA J 165 -41.41 50.17 42.77
N ASP J 166 -41.74 48.98 42.29
CA ASP J 166 -42.68 48.86 41.17
C ASP J 166 -44.09 49.25 41.63
N PRO J 167 -44.75 50.19 40.97
CA PRO J 167 -46.11 50.57 41.37
C PRO J 167 -47.18 49.58 40.98
N ASP J 168 -46.84 48.46 40.35
CA ASP J 168 -47.80 47.47 39.91
C ASP J 168 -47.78 46.22 40.79
N THR J 169 -47.22 46.30 41.98
CA THR J 169 -47.09 45.17 42.89
C THR J 169 -47.78 45.49 44.21
N GLU J 170 -48.48 44.49 44.75
CA GLU J 170 -49.14 44.60 46.05
C GLU J 170 -48.40 43.71 47.04
N ILE J 171 -48.34 44.15 48.29
CA ILE J 171 -47.59 43.44 49.32
C ILE J 171 -48.56 42.57 50.10
N LEU J 172 -48.31 41.26 50.10
CA LEU J 172 -49.11 40.34 50.89
C LEU J 172 -48.45 39.98 52.22
N ALA J 173 -47.13 39.87 52.26
CA ALA J 173 -46.47 39.56 53.51
C ALA J 173 -45.02 40.02 53.46
N GLN J 174 -44.52 40.46 54.61
CA GLN J 174 -43.13 40.88 54.76
C GLN J 174 -42.61 40.41 56.11
N SER J 175 -41.36 39.94 56.14
CA SER J 175 -40.78 39.44 57.37
C SER J 175 -39.27 39.61 57.35
N VAL J 176 -38.69 39.77 58.53
CA VAL J 176 -37.25 39.89 58.70
C VAL J 176 -36.78 38.78 59.64
N ASP J 177 -35.74 38.08 59.23
CA ASP J 177 -35.20 36.97 60.00
C ASP J 177 -33.89 37.37 60.66
N GLU J 178 -33.32 36.43 61.41
CA GLU J 178 -31.97 36.63 61.94
C GLU J 178 -31.00 36.80 60.78
N ASP J 179 -30.06 37.73 60.94
CA ASP J 179 -29.23 38.25 59.86
C ASP J 179 -30.09 39.11 58.94
N GLY J 180 -29.52 40.17 58.37
CA GLY J 180 -30.31 41.12 57.63
C GLY J 180 -30.81 40.60 56.29
N THR J 181 -31.67 39.59 56.35
CA THR J 181 -32.30 39.02 55.17
C THR J 181 -33.81 39.11 55.31
N TYR J 182 -34.48 39.30 54.18
CA TYR J 182 -35.91 39.57 54.15
C TYR J 182 -36.66 38.43 53.45
N SER J 183 -37.93 38.29 53.79
CA SER J 183 -38.83 37.37 53.12
C SER J 183 -40.08 38.13 52.72
N ILE J 184 -40.45 38.07 51.44
CA ILE J 184 -41.57 38.85 50.93
C ILE J 184 -42.48 37.94 50.11
N LYS J 185 -43.79 38.20 50.20
CA LYS J 185 -44.80 37.56 49.37
C LYS J 185 -45.63 38.66 48.74
N ILE J 186 -45.65 38.71 47.41
CA ILE J 186 -46.23 39.82 46.67
C ILE J 186 -47.16 39.31 45.58
N ARG J 187 -48.03 40.20 45.12
CA ARG J 187 -48.94 39.97 44.01
C ARG J 187 -48.67 41.00 42.92
N LYS J 188 -48.64 40.54 41.68
CA LYS J 188 -48.27 41.39 40.55
C LYS J 188 -49.30 41.25 39.43
N ASP J 189 -49.60 42.37 38.78
CA ASP J 189 -50.50 42.40 37.63
C ASP J 189 -49.73 42.96 36.44
N LYS J 190 -49.11 42.06 35.67
CA LYS J 190 -48.32 42.44 34.52
C LYS J 190 -49.22 42.85 33.36
N LYS J 191 -48.76 43.83 32.57
CA LYS J 191 -49.49 44.30 31.42
C LYS J 191 -48.70 44.28 30.12
N LYS J 192 -47.46 43.83 30.13
CA LYS J 192 -46.65 43.85 28.92
C LYS J 192 -47.12 42.79 27.93
N ARG J 193 -46.82 43.02 26.65
CA ARG J 193 -47.29 42.14 25.60
C ARG J 193 -46.56 40.80 25.68
N GLU J 194 -47.26 39.73 25.32
CA GLU J 194 -46.66 38.40 25.25
C GLU J 194 -46.95 37.79 23.90
N ILE J 195 -45.94 37.14 23.31
CA ILE J 195 -46.05 36.49 22.02
C ILE J 195 -46.01 34.99 22.23
N LYS J 196 -47.03 34.28 21.73
CA LYS J 196 -47.15 32.84 21.94
C LYS J 196 -47.27 32.12 20.62
N VAL J 197 -46.73 30.90 20.59
CA VAL J 197 -46.83 29.98 19.46
C VAL J 197 -47.45 28.69 19.96
N THR J 198 -48.49 28.23 19.29
CA THR J 198 -49.22 27.05 19.74
C THR J 198 -49.46 26.08 18.59
N CYS J 199 -49.57 24.81 18.94
CA CYS J 199 -50.00 23.77 18.03
C CYS J 199 -51.51 23.61 18.11
N ILE J 200 -52.11 23.24 16.98
CA ILE J 200 -53.56 23.12 16.87
C ILE J 200 -53.90 21.68 16.52
N LYS J 201 -54.82 21.09 17.27
CA LYS J 201 -55.30 19.77 16.94
C LYS J 201 -55.99 19.80 15.59
N PRO J 202 -55.78 18.79 14.74
CA PRO J 202 -56.34 18.84 13.38
C PRO J 202 -57.85 18.96 13.34
N GLU J 203 -58.55 18.41 14.32
CA GLU J 203 -60.01 18.48 14.32
C GLU J 203 -60.55 19.83 14.76
N ASN J 204 -59.71 20.71 15.30
CA ASN J 204 -60.13 22.01 15.78
C ASN J 204 -59.83 23.13 14.80
N PHE J 205 -59.38 22.81 13.59
CA PHE J 205 -59.06 23.80 12.57
C PHE J 205 -60.00 23.60 11.40
N LEU J 206 -60.70 24.66 11.01
CA LEU J 206 -61.68 24.59 9.94
C LEU J 206 -61.27 25.47 8.77
N VAL J 207 -61.28 24.89 7.57
CA VAL J 207 -60.97 25.59 6.33
C VAL J 207 -62.08 25.29 5.33
N ASP J 208 -62.31 26.24 4.42
CA ASP J 208 -63.31 26.03 3.39
C ASP J 208 -62.80 25.05 2.33
N ARG J 209 -63.70 24.64 1.45
CA ARG J 209 -63.39 23.59 0.49
C ARG J 209 -62.72 24.09 -0.79
N LEU J 210 -62.47 25.39 -0.91
CA LEU J 210 -61.90 25.94 -2.14
C LEU J 210 -60.61 26.72 -1.88
N ALA J 211 -59.95 26.50 -0.74
CA ALA J 211 -58.80 27.30 -0.37
C ALA J 211 -57.61 27.14 -1.31
N THR J 212 -57.03 25.94 -1.34
CA THR J 212 -55.83 25.56 -2.09
C THR J 212 -54.57 26.19 -1.50
N CYS J 213 -54.72 27.08 -0.52
CA CYS J 213 -53.62 27.63 0.27
C CYS J 213 -54.23 28.57 1.30
N ILE J 214 -53.44 28.92 2.31
CA ILE J 214 -53.94 29.76 3.39
C ILE J 214 -54.16 31.19 2.90
N ASP J 215 -53.24 31.71 2.10
CA ASP J 215 -53.25 33.13 1.75
C ASP J 215 -54.48 33.54 0.96
N ASP J 216 -55.18 32.62 0.32
CA ASP J 216 -56.37 32.94 -0.44
C ASP J 216 -57.63 32.26 0.11
N ALA J 217 -57.56 31.69 1.30
CA ALA J 217 -58.71 31.04 1.89
C ALA J 217 -59.77 32.06 2.24
N ARG J 218 -61.02 31.77 1.87
CA ARG J 218 -62.11 32.69 2.16
C ARG J 218 -62.51 32.64 3.63
N PHE J 219 -62.40 31.48 4.27
CA PHE J 219 -62.86 31.33 5.65
C PHE J 219 -61.96 30.36 6.37
N LEU J 220 -61.38 30.81 7.49
CA LEU J 220 -60.63 29.96 8.40
C LEU J 220 -61.23 30.12 9.78
N CYS J 221 -61.18 29.07 10.59
CA CYS J 221 -61.67 29.24 11.95
C CYS J 221 -60.97 28.27 12.90
N HIS J 222 -60.79 28.73 14.13
CA HIS J 222 -60.15 27.97 15.20
C HIS J 222 -61.14 27.84 16.34
N ARG J 223 -61.41 26.61 16.76
CA ARG J 223 -62.32 26.32 17.85
C ARG J 223 -61.51 25.92 19.07
N GLU J 224 -61.79 26.55 20.21
CA GLU J 224 -61.07 26.24 21.43
C GLU J 224 -62.02 26.30 22.62
N LYS J 225 -61.48 26.01 23.80
CA LYS J 225 -62.28 25.93 25.02
C LYS J 225 -61.81 26.99 26.00
N TYR J 226 -62.76 27.72 26.57
CA TYR J 226 -62.47 28.77 27.53
C TYR J 226 -63.18 28.45 28.85
N THR J 227 -62.60 28.93 29.94
CA THR J 227 -63.25 28.88 31.23
C THR J 227 -63.95 30.20 31.53
N VAL J 228 -64.79 30.19 32.55
CA VAL J 228 -65.51 31.41 32.93
C VAL J 228 -64.51 32.48 33.38
N SER J 229 -63.42 32.06 34.02
CA SER J 229 -62.40 33.02 34.45
C SER J 229 -61.78 33.74 33.26
N ASP J 230 -61.47 33.01 32.19
CA ASP J 230 -60.91 33.65 31.01
C ASP J 230 -61.89 34.63 30.39
N LEU J 231 -63.17 34.25 30.31
CA LEU J 231 -64.18 35.15 29.76
C LEU J 231 -64.32 36.40 30.62
N ARG J 232 -64.26 36.25 31.94
CA ARG J 232 -64.30 37.42 32.81
C ARG J 232 -63.10 38.32 32.57
N LEU J 233 -61.92 37.74 32.40
CA LEU J 233 -60.74 38.55 32.12
C LEU J 233 -60.84 39.23 30.75
N LEU J 234 -61.61 38.65 29.83
CA LEU J 234 -61.80 39.26 28.53
C LEU J 234 -62.84 40.37 28.54
N GLY J 235 -63.55 40.56 29.65
CA GLY J 235 -64.52 41.63 29.76
C GLY J 235 -65.95 41.27 29.44
N VAL J 236 -66.28 40.00 29.36
CA VAL J 236 -67.66 39.58 29.07
C VAL J 236 -68.55 39.97 30.24
N PRO J 237 -69.70 40.60 30.02
CA PRO J 237 -70.59 40.94 31.13
C PRO J 237 -71.16 39.70 31.80
N GLU J 238 -71.48 39.84 33.08
CA GLU J 238 -71.93 38.71 33.88
C GLU J 238 -73.24 38.14 33.36
N ASP J 239 -74.19 39.00 33.00
CA ASP J 239 -75.50 38.54 32.58
C ASP J 239 -75.41 37.62 31.37
N VAL J 240 -74.48 37.92 30.45
CA VAL J 240 -74.24 37.01 29.33
C VAL J 240 -73.68 35.69 29.84
N LEU J 241 -72.82 35.76 30.87
CA LEU J 241 -72.18 34.53 31.38
C LEU J 241 -73.21 33.60 32.00
N ASP J 242 -74.21 34.13 32.69
CA ASP J 242 -75.21 33.26 33.30
C ASP J 242 -76.03 32.49 32.27
N GLU J 243 -76.09 32.96 31.03
CA GLU J 243 -76.92 32.31 30.02
C GLU J 243 -76.06 31.83 28.87
N LEU J 244 -74.95 31.17 29.18
CA LEU J 244 -74.05 30.65 28.16
C LEU J 244 -74.15 29.15 28.08
N PRO J 245 -74.30 28.59 26.88
CA PRO J 245 -74.36 27.12 26.74
C PRO J 245 -73.03 26.50 27.15
N TYR J 246 -73.09 25.60 28.13
CA TYR J 246 -71.89 25.01 28.68
C TYR J 246 -71.48 23.73 27.99
N ASP J 247 -72.18 23.34 26.92
CA ASP J 247 -71.66 22.30 26.02
C ASP J 247 -72.18 22.58 24.61
N GLU J 248 -71.39 23.35 23.86
CA GLU J 248 -71.50 23.49 22.41
C GLU J 248 -72.85 23.98 21.89
N TYR J 249 -72.92 24.16 20.57
CA TYR J 249 -74.16 24.25 19.82
C TYR J 249 -74.25 23.20 18.71
N GLU J 250 -73.13 22.60 18.32
CA GLU J 250 -73.09 21.72 17.16
C GLU J 250 -72.59 20.31 17.47
N PHE J 251 -72.39 19.97 18.75
CA PHE J 251 -71.88 18.66 19.15
C PHE J 251 -70.53 18.36 18.48
N SER J 252 -69.54 19.19 18.81
CA SER J 252 -68.21 19.09 18.23
C SER J 252 -67.24 18.32 19.11
N ASP J 253 -67.70 17.76 20.23
CA ASP J 253 -66.84 17.00 21.12
C ASP J 253 -66.77 15.52 20.76
N SER J 254 -67.41 15.11 19.67
CA SER J 254 -67.43 13.73 19.24
C SER J 254 -66.79 13.56 17.87
N GLN J 255 -65.70 14.28 17.63
CA GLN J 255 -64.97 14.11 16.39
C GLN J 255 -64.29 12.74 16.38
N PRO J 256 -64.30 12.04 15.24
CA PRO J 256 -63.69 10.70 15.22
C PRO J 256 -62.22 10.68 15.59
N GLU J 257 -61.45 11.70 15.19
CA GLU J 257 -60.05 11.75 15.55
C GLU J 257 -59.88 11.85 17.06
N ARG J 258 -60.68 12.69 17.71
CA ARG J 258 -60.60 12.82 19.16
C ARG J 258 -60.95 11.51 19.85
N LEU J 259 -62.00 10.84 19.38
CA LEU J 259 -62.38 9.57 19.99
C LEU J 259 -61.29 8.52 19.83
N VAL J 260 -60.68 8.45 18.65
CA VAL J 260 -59.61 7.48 18.44
C VAL J 260 -58.41 7.80 19.32
N ARG J 261 -58.05 9.09 19.42
CA ARG J 261 -56.89 9.47 20.21
C ARG J 261 -57.12 9.21 21.69
N ASP J 262 -58.32 9.46 22.19
CA ASP J 262 -58.59 9.32 23.61
C ASP J 262 -58.83 7.88 24.05
N ASN J 263 -59.08 6.97 23.11
CA ASN J 263 -59.36 5.58 23.45
C ASN J 263 -58.11 4.72 23.54
N PHE J 264 -56.93 5.28 23.27
CA PHE J 264 -55.71 4.50 23.39
C PHE J 264 -55.49 4.04 24.82
N ASP J 265 -55.71 4.94 25.78
CA ASP J 265 -55.60 4.60 27.20
C ASP J 265 -56.89 4.91 27.96
N MET J 266 -57.99 5.12 27.25
CA MET J 266 -59.30 5.38 27.86
C MET J 266 -59.25 6.56 28.83
N THR J 267 -58.53 7.61 28.43
CA THR J 267 -58.39 8.82 29.24
C THR J 267 -59.11 10.00 28.59
N GLY J 268 -60.24 9.74 27.97
CA GLY J 268 -61.05 10.77 27.36
C GLY J 268 -62.02 11.39 28.32
N GLN J 269 -63.06 12.02 27.78
CA GLN J 269 -64.10 12.63 28.60
C GLN J 269 -65.23 11.66 28.89
N LEU J 270 -64.89 10.49 29.44
CA LEU J 270 -65.90 9.54 29.88
C LEU J 270 -66.75 10.09 31.02
N GLN J 271 -66.25 11.07 31.74
CA GLN J 271 -67.00 11.74 32.81
C GLN J 271 -67.36 13.12 32.26
N TYR J 272 -68.62 13.50 32.42
CA TYR J 272 -69.02 14.86 32.08
C TYR J 272 -68.73 15.79 33.25
N ASN J 273 -68.33 17.01 32.93
CA ASN J 273 -67.89 17.97 33.93
C ASN J 273 -68.55 19.30 33.63
N SER J 274 -68.06 20.37 34.27
CA SER J 274 -68.68 21.70 34.22
C SER J 274 -70.13 21.64 34.70
N GLY J 275 -70.37 20.85 35.74
CA GLY J 275 -71.69 20.71 36.31
C GLY J 275 -71.81 21.40 37.65
N ASP J 276 -71.74 20.63 38.73
CA ASP J 276 -71.85 21.17 40.09
C ASP J 276 -70.48 21.44 40.71
N ASP J 277 -69.46 21.63 39.89
CA ASP J 277 -68.13 21.97 40.39
C ASP J 277 -68.07 23.46 40.69
N ALA J 278 -66.87 23.98 40.90
CA ALA J 278 -66.70 25.41 41.10
C ALA J 278 -67.20 26.19 39.89
N GLU J 279 -67.93 27.28 40.16
CA GLU J 279 -68.58 28.02 39.09
C GLU J 279 -67.56 28.66 38.15
N ALA J 280 -66.39 29.03 38.66
CA ALA J 280 -65.40 29.72 37.85
C ALA J 280 -64.65 28.80 36.89
N ASN J 281 -64.82 27.49 37.02
CA ASN J 281 -64.10 26.53 36.19
C ASN J 281 -64.96 25.90 35.11
N ARG J 282 -66.18 26.40 34.90
CA ARG J 282 -67.02 25.88 33.83
C ARG J 282 -66.43 26.23 32.48
N GLU J 283 -66.58 25.33 31.52
CA GLU J 283 -65.95 25.46 30.21
C GLU J 283 -67.00 25.63 29.12
N VAL J 284 -66.68 26.47 28.14
CA VAL J 284 -67.51 26.69 26.97
C VAL J 284 -66.61 26.63 25.74
N TRP J 285 -67.25 26.43 24.58
CA TRP J 285 -66.55 26.37 23.30
C TRP J 285 -66.66 27.72 22.62
N ALA J 286 -65.51 28.30 22.30
CA ALA J 286 -65.44 29.59 21.62
C ALA J 286 -64.81 29.41 20.25
N SER J 287 -65.23 30.27 19.32
CA SER J 287 -64.76 30.20 17.93
C SER J 287 -64.16 31.55 17.55
N GLU J 288 -62.95 31.51 17.00
CA GLU J 288 -62.33 32.69 16.39
C GLU J 288 -62.14 32.41 14.91
N CYS J 289 -62.88 33.12 14.08
CA CYS J 289 -62.86 32.91 12.64
C CYS J 289 -62.30 34.13 11.93
N TYR J 290 -61.40 33.88 10.98
CA TYR J 290 -60.85 34.90 10.11
C TYR J 290 -61.48 34.72 8.73
N THR J 291 -62.16 35.74 8.23
CA THR J 291 -62.91 35.58 7.00
C THR J 291 -63.02 36.90 6.26
N LEU J 292 -63.29 36.79 4.96
CA LEU J 292 -63.52 37.95 4.11
C LEU J 292 -65.00 38.28 4.17
N LEU J 293 -65.35 39.37 4.84
CA LEU J 293 -66.74 39.74 5.01
C LEU J 293 -66.85 41.26 5.02
N ASP J 294 -67.86 41.79 4.35
CA ASP J 294 -68.03 43.23 4.20
C ASP J 294 -69.12 43.70 5.16
N VAL J 295 -68.71 44.06 6.38
CA VAL J 295 -69.62 44.69 7.32
C VAL J 295 -69.52 46.20 7.29
N ASP J 296 -68.51 46.75 6.62
CA ASP J 296 -68.41 48.20 6.49
C ASP J 296 -69.58 48.76 5.69
N GLY J 297 -70.00 48.04 4.65
CA GLY J 297 -71.01 48.52 3.75
C GLY J 297 -70.49 49.24 2.53
N ASP J 298 -69.18 49.23 2.29
CA ASP J 298 -68.60 49.91 1.14
C ASP J 298 -68.62 49.06 -0.12
N GLY J 299 -69.14 47.84 -0.05
CA GLY J 299 -69.22 46.97 -1.21
C GLY J 299 -68.00 46.11 -1.46
N ILE J 300 -66.94 46.28 -0.68
CA ILE J 300 -65.72 45.50 -0.83
C ILE J 300 -65.55 44.67 0.44
N SER J 301 -65.45 43.35 0.27
CA SER J 301 -65.27 42.46 1.39
C SER J 301 -63.83 42.50 1.88
N GLU J 302 -63.66 42.76 3.18
CA GLU J 302 -62.34 42.90 3.78
C GLU J 302 -62.10 41.78 4.78
N LEU J 303 -60.83 41.59 5.12
CA LEU J 303 -60.46 40.58 6.09
C LEU J 303 -60.88 41.01 7.49
N ARG J 304 -61.52 40.10 8.22
CA ARG J 304 -62.02 40.40 9.55
C ARG J 304 -61.80 39.21 10.47
N ARG J 305 -61.57 39.50 11.74
CA ARG J 305 -61.43 38.51 12.78
C ARG J 305 -62.61 38.65 13.73
N ILE J 306 -63.37 37.57 13.92
CA ILE J 306 -64.54 37.56 14.78
C ILE J 306 -64.34 36.46 15.82
N LEU J 307 -64.32 36.85 17.08
CA LEU J 307 -64.25 35.91 18.20
C LEU J 307 -65.58 35.95 18.93
N TYR J 308 -66.23 34.79 19.05
CA TYR J 308 -67.54 34.75 19.69
C TYR J 308 -67.75 33.40 20.35
N VAL J 309 -68.63 33.40 21.35
CA VAL J 309 -69.04 32.19 22.07
C VAL J 309 -70.56 32.20 22.14
N GLY J 310 -71.18 31.05 21.86
CA GLY J 310 -72.62 30.96 21.84
C GLY J 310 -73.24 31.89 20.81
N ASP J 311 -74.12 32.78 21.26
CA ASP J 311 -74.72 33.78 20.39
C ASP J 311 -74.30 35.20 20.74
N TYR J 312 -73.16 35.38 21.40
CA TYR J 312 -72.66 36.69 21.78
C TYR J 312 -71.30 36.92 21.15
N ILE J 313 -71.12 38.07 20.50
CA ILE J 313 -69.86 38.39 19.85
C ILE J 313 -68.94 39.06 20.86
N ILE J 314 -67.81 38.42 21.14
CA ILE J 314 -66.82 39.03 22.02
C ILE J 314 -66.06 40.12 21.29
N SER J 315 -65.65 39.87 20.05
CA SER J 315 -64.87 40.84 19.31
C SER J 315 -65.10 40.67 17.82
N ASN J 316 -65.05 41.80 17.10
CA ASN J 316 -65.22 41.80 15.65
C ASN J 316 -64.41 42.97 15.11
N GLU J 317 -63.24 42.67 14.53
CA GLU J 317 -62.34 43.73 14.13
C GLU J 317 -61.68 43.43 12.79
N PRO J 318 -61.47 44.43 11.94
CA PRO J 318 -60.66 44.20 10.73
C PRO J 318 -59.25 43.80 11.10
N TRP J 319 -58.69 42.86 10.34
CA TRP J 319 -57.39 42.28 10.66
C TRP J 319 -56.44 42.48 9.49
N ASP J 320 -55.17 42.15 9.74
CA ASP J 320 -54.10 42.43 8.79
C ASP J 320 -53.50 41.19 8.15
N CYS J 321 -53.48 40.06 8.85
CA CYS J 321 -52.85 38.86 8.32
C CYS J 321 -53.50 37.63 8.91
N ARG J 322 -53.35 36.50 8.21
CA ARG J 322 -53.75 35.21 8.74
C ARG J 322 -52.59 34.61 9.51
N PRO J 323 -52.68 34.47 10.82
CA PRO J 323 -51.53 34.04 11.63
C PRO J 323 -51.43 32.52 11.76
N PHE J 324 -51.37 31.84 10.63
CA PHE J 324 -51.26 30.39 10.61
C PHE J 324 -50.17 29.96 9.65
N ALA J 325 -49.51 28.85 9.98
CA ALA J 325 -48.50 28.24 9.12
C ALA J 325 -48.84 26.77 8.97
N ASP J 326 -48.83 26.29 7.72
CA ASP J 326 -49.24 24.93 7.42
C ASP J 326 -48.11 24.17 6.72
N LEU J 327 -48.18 22.85 6.84
CA LEU J 327 -47.17 21.96 6.29
C LEU J 327 -47.83 20.76 5.62
N ASN J 328 -47.29 20.40 4.46
CA ASN J 328 -47.66 19.21 3.71
C ASN J 328 -46.40 18.37 3.47
N ALA J 329 -46.53 17.06 3.64
CA ALA J 329 -45.39 16.17 3.43
C ALA J 329 -45.30 15.69 2.00
N TYR J 330 -46.41 15.19 1.45
CA TYR J 330 -46.48 14.73 0.06
C TYR J 330 -47.47 15.65 -0.65
N ARG J 331 -46.96 16.73 -1.24
CA ARG J 331 -47.80 17.75 -1.81
C ARG J 331 -48.44 17.29 -3.11
N ILE J 332 -49.72 17.63 -3.29
CA ILE J 332 -50.42 17.49 -4.55
C ILE J 332 -50.64 18.89 -5.10
N ALA J 333 -50.29 19.10 -6.38
CA ALA J 333 -50.40 20.42 -6.97
C ALA J 333 -51.83 20.93 -6.93
N HIS J 334 -51.97 22.21 -6.58
CA HIS J 334 -53.26 22.90 -6.55
C HIS J 334 -54.24 22.26 -5.57
N LYS J 335 -53.73 21.74 -4.46
CA LYS J 335 -54.57 21.19 -3.41
C LYS J 335 -54.07 21.67 -2.05
N PHE J 336 -54.99 21.78 -1.10
CA PHE J 336 -54.62 22.22 0.24
C PHE J 336 -54.09 21.06 1.08
N HIS J 337 -54.73 19.89 0.99
CA HIS J 337 -54.32 18.72 1.74
C HIS J 337 -53.56 17.77 0.82
N GLY J 338 -52.40 17.31 1.28
CA GLY J 338 -51.60 16.36 0.54
C GLY J 338 -51.94 14.93 0.89
N MET J 339 -50.99 14.04 0.64
CA MET J 339 -51.13 12.64 0.98
C MET J 339 -50.34 12.32 2.24
N SER J 340 -50.81 11.32 2.98
CA SER J 340 -50.15 10.83 4.17
C SER J 340 -49.55 9.45 3.89
N VAL J 341 -48.82 8.94 4.88
CA VAL J 341 -48.23 7.62 4.75
C VAL J 341 -49.33 6.55 4.68
N TYR J 342 -50.41 6.75 5.43
CA TYR J 342 -51.52 5.81 5.41
C TYR J 342 -52.09 5.68 4.01
N ASP J 343 -52.31 6.81 3.34
CA ASP J 343 -52.87 6.80 1.99
C ASP J 343 -51.98 6.06 1.01
N LYS J 344 -50.72 5.84 1.36
CA LYS J 344 -49.79 5.17 0.46
C LYS J 344 -49.54 3.72 0.79
N ILE J 345 -49.68 3.30 2.06
CA ILE J 345 -49.36 1.91 2.39
C ILE J 345 -50.46 1.20 3.17
N ARG J 346 -51.68 1.71 3.14
CA ARG J 346 -52.77 1.04 3.83
C ARG J 346 -53.02 -0.37 3.28
N ASP J 347 -53.03 -0.50 1.95
CA ASP J 347 -53.29 -1.80 1.36
C ASP J 347 -52.18 -2.79 1.69
N ILE J 348 -50.94 -2.32 1.69
CA ILE J 348 -49.82 -3.18 2.06
C ILE J 348 -50.00 -3.70 3.49
N GLN J 349 -50.34 -2.79 4.41
CA GLN J 349 -50.56 -3.21 5.79
C GLN J 349 -51.66 -4.25 5.88
N GLU J 350 -52.79 -4.01 5.21
CA GLU J 350 -53.92 -4.93 5.31
C GLU J 350 -53.58 -6.31 4.75
N ILE J 351 -52.96 -6.35 3.56
CA ILE J 351 -52.67 -7.64 2.94
C ILE J 351 -51.63 -8.40 3.75
N ARG J 352 -50.60 -7.70 4.24
CA ARG J 352 -49.61 -8.38 5.07
C ARG J 352 -50.24 -8.94 6.32
N SER J 353 -51.14 -8.19 6.95
CA SER J 353 -51.80 -8.70 8.15
C SER J 353 -52.65 -9.93 7.83
N VAL J 354 -53.34 -9.93 6.70
CA VAL J 354 -54.20 -11.07 6.36
C VAL J 354 -53.37 -12.33 6.17
N LEU J 355 -52.29 -12.22 5.39
CA LEU J 355 -51.41 -13.38 5.19
C LEU J 355 -50.78 -13.82 6.51
N MET J 356 -50.40 -12.85 7.33
CA MET J 356 -49.76 -13.11 8.60
C MET J 356 -50.70 -13.92 9.50
N ARG J 357 -51.98 -13.53 9.53
CA ARG J 357 -52.99 -14.26 10.28
C ARG J 357 -53.21 -15.66 9.71
N ASN J 358 -53.18 -15.80 8.38
CA ASN J 358 -53.34 -17.14 7.81
C ASN J 358 -52.24 -18.07 8.27
N ILE J 359 -50.99 -17.57 8.31
CA ILE J 359 -49.89 -18.40 8.76
C ILE J 359 -50.08 -18.77 10.23
N MET J 360 -50.46 -17.81 11.07
CA MET J 360 -50.76 -18.14 12.46
C MET J 360 -51.82 -19.22 12.58
N ASP J 361 -52.90 -19.08 11.81
CA ASP J 361 -54.01 -20.02 11.91
C ASP J 361 -53.56 -21.42 11.50
N ASN J 362 -52.73 -21.52 10.47
CA ASN J 362 -52.22 -22.84 10.10
C ASN J 362 -51.33 -23.43 11.19
N ILE J 363 -50.49 -22.61 11.81
CA ILE J 363 -49.54 -23.15 12.79
C ILE J 363 -50.27 -23.68 14.02
N TYR J 364 -51.29 -22.97 14.48
CA TYR J 364 -51.92 -23.33 15.76
C TYR J 364 -52.57 -24.70 15.73
N ARG J 365 -53.00 -25.17 14.56
CA ARG J 365 -53.79 -26.39 14.47
C ARG J 365 -52.98 -27.58 13.98
N THR J 366 -51.65 -27.49 13.97
CA THR J 366 -50.83 -28.60 13.47
C THR J 366 -49.62 -28.85 14.36
N ASN J 367 -49.70 -28.52 15.65
CA ASN J 367 -48.59 -28.69 16.56
C ASN J 367 -48.87 -29.66 17.70
N GLN J 368 -49.91 -30.49 17.56
CA GLN J 368 -50.27 -31.42 18.62
C GLN J 368 -49.50 -32.75 18.54
N GLY J 369 -48.87 -33.05 17.42
CA GLY J 369 -48.08 -34.25 17.29
C GLY J 369 -48.86 -35.53 17.45
N ARG J 370 -50.00 -35.64 16.78
CA ARG J 370 -50.82 -36.84 16.84
C ARG J 370 -50.20 -37.95 16.00
N SER J 371 -50.68 -39.18 16.21
CA SER J 371 -50.15 -40.34 15.51
C SER J 371 -51.28 -41.22 15.01
N VAL J 372 -51.00 -41.97 13.95
CA VAL J 372 -51.95 -42.86 13.32
C VAL J 372 -51.55 -44.29 13.64
N VAL J 373 -52.53 -45.09 14.06
CA VAL J 373 -52.31 -46.44 14.56
C VAL J 373 -53.32 -47.38 13.92
N LEU J 374 -52.86 -48.53 13.43
CA LEU J 374 -53.77 -49.55 12.93
C LEU J 374 -54.59 -50.14 14.07
N ASP J 375 -55.90 -50.20 13.88
CA ASP J 375 -56.79 -50.72 14.92
C ASP J 375 -56.76 -52.24 14.91
N GLY J 376 -56.60 -52.82 16.10
CA GLY J 376 -56.59 -54.26 16.24
C GLY J 376 -55.25 -54.92 16.05
N GLN J 377 -54.22 -54.17 15.65
CA GLN J 377 -52.90 -54.72 15.43
C GLN J 377 -51.87 -54.22 16.43
N VAL J 378 -52.22 -53.25 17.27
CA VAL J 378 -51.27 -52.58 18.16
C VAL J 378 -51.77 -52.69 19.59
N ASN J 379 -50.87 -53.02 20.50
CA ASN J 379 -51.18 -53.06 21.92
C ASN J 379 -51.38 -51.63 22.42
N LEU J 380 -52.64 -51.22 22.54
CA LEU J 380 -52.93 -49.83 22.88
C LEU J 380 -52.50 -49.48 24.30
N GLU J 381 -52.63 -50.42 25.25
CA GLU J 381 -52.24 -50.14 26.62
C GLU J 381 -50.74 -49.86 26.72
N ASP J 382 -49.93 -50.62 25.99
CA ASP J 382 -48.49 -50.35 25.97
C ASP J 382 -48.19 -49.00 25.37
N LEU J 383 -48.90 -48.64 24.29
CA LEU J 383 -48.66 -47.35 23.64
C LEU J 383 -49.06 -46.18 24.54
N LEU J 384 -50.09 -46.35 25.35
CA LEU J 384 -50.58 -45.24 26.16
C LEU J 384 -49.59 -44.85 27.26
N THR J 385 -48.89 -45.83 27.84
CA THR J 385 -47.97 -45.58 28.94
C THR J 385 -46.59 -45.31 28.36
N ASN J 386 -46.19 -44.04 28.33
CA ASN J 386 -44.92 -43.63 27.77
C ASN J 386 -43.88 -43.57 28.88
N GLU J 387 -42.91 -44.48 28.84
CA GLU J 387 -41.86 -44.54 29.84
C GLU J 387 -40.51 -44.75 29.16
N ALA J 388 -39.44 -44.48 29.89
CA ALA J 388 -38.10 -44.60 29.35
C ALA J 388 -37.80 -46.04 28.95
N ALA J 389 -37.27 -46.20 27.74
CA ALA J 389 -36.90 -47.52 27.21
C ALA J 389 -38.09 -48.48 27.21
N GLY J 390 -39.27 -47.96 26.92
CA GLY J 390 -40.44 -48.79 26.88
C GLY J 390 -40.49 -49.65 25.63
N ILE J 391 -41.35 -50.67 25.68
CA ILE J 391 -41.53 -51.60 24.58
C ILE J 391 -43.00 -51.62 24.20
N VAL J 392 -43.29 -51.53 22.90
CA VAL J 392 -44.64 -51.59 22.37
C VAL J 392 -44.76 -52.85 21.54
N ARG J 393 -45.68 -53.74 21.91
CA ARG J 393 -45.87 -54.99 21.20
C ARG J 393 -46.91 -54.80 20.10
N VAL J 394 -46.57 -55.27 18.90
CA VAL J 394 -47.43 -55.09 17.74
C VAL J 394 -47.50 -56.40 16.97
N LYS J 395 -48.68 -56.70 16.42
CA LYS J 395 -48.90 -57.94 15.69
C LYS J 395 -48.55 -57.84 14.21
N ALA J 396 -48.23 -56.65 13.71
CA ALA J 396 -47.94 -56.47 12.30
C ALA J 396 -46.95 -55.33 12.14
N MET J 397 -46.54 -55.09 10.90
CA MET J 397 -45.56 -54.05 10.66
C MET J 397 -46.20 -52.88 9.92
N ASN J 398 -45.51 -51.74 9.96
CA ASN J 398 -46.02 -50.49 9.39
C ASN J 398 -47.40 -50.17 9.95
N SER J 399 -47.48 -50.12 11.27
CA SER J 399 -48.75 -49.94 11.95
C SER J 399 -48.87 -48.65 12.74
N ILE J 400 -47.77 -47.96 13.01
CA ILE J 400 -47.80 -46.69 13.73
C ILE J 400 -46.95 -45.68 12.97
N MET J 401 -47.53 -44.53 12.63
CA MET J 401 -46.62 -43.48 12.20
C MET J 401 -47.13 -42.14 12.72
N PRO J 402 -46.34 -41.07 12.64
CA PRO J 402 -46.88 -39.74 12.93
C PRO J 402 -47.88 -39.31 11.87
N LEU J 403 -48.85 -38.51 12.32
CA LEU J 403 -49.87 -38.01 11.40
C LEU J 403 -49.26 -36.95 10.48
N GLU J 404 -49.64 -37.00 9.20
CA GLU J 404 -49.14 -36.06 8.21
C GLU J 404 -50.04 -34.84 8.17
N THR J 405 -49.51 -33.70 8.54
CA THR J 405 -50.31 -32.49 8.60
C THR J 405 -50.07 -31.61 7.38
N PRO J 406 -51.10 -30.93 6.89
CA PRO J 406 -50.91 -30.04 5.74
C PRO J 406 -50.00 -28.88 6.05
N GLN J 407 -49.29 -28.42 5.02
CA GLN J 407 -48.38 -27.29 5.12
C GLN J 407 -48.65 -26.32 3.99
N LEU J 408 -48.45 -25.03 4.28
CA LEU J 408 -48.63 -24.00 3.28
C LEU J 408 -47.45 -23.97 2.31
N SER J 409 -47.71 -23.54 1.09
CA SER J 409 -46.69 -23.47 0.07
C SER J 409 -45.80 -22.25 0.27
N GLY J 410 -44.71 -22.19 -0.48
CA GLY J 410 -43.76 -21.09 -0.35
C GLY J 410 -44.21 -19.78 -0.95
N GLU J 411 -45.33 -19.78 -1.66
CA GLU J 411 -45.82 -18.55 -2.29
C GLU J 411 -46.14 -17.50 -1.24
N VAL J 412 -46.68 -17.93 -0.09
CA VAL J 412 -47.09 -16.99 0.94
C VAL J 412 -45.88 -16.24 1.50
N TYR J 413 -44.83 -16.99 1.86
CA TYR J 413 -43.63 -16.36 2.38
C TYR J 413 -42.94 -15.50 1.33
N GLY J 414 -42.89 -16.00 0.09
CA GLY J 414 -42.32 -15.22 -0.98
C GLY J 414 -43.02 -13.88 -1.14
N MET J 415 -44.34 -13.88 -1.03
CA MET J 415 -45.01 -12.59 -1.18
C MET J 415 -44.97 -11.76 0.10
N LEU J 416 -44.80 -12.37 1.26
CA LEU J 416 -44.51 -11.55 2.43
C LEU J 416 -43.25 -10.73 2.19
N ASP J 417 -42.20 -11.38 1.70
CA ASP J 417 -40.97 -10.67 1.36
C ASP J 417 -41.22 -9.64 0.25
N ARG J 418 -42.00 -10.01 -0.77
CA ARG J 418 -42.24 -9.11 -1.89
C ARG J 418 -42.97 -7.85 -1.44
N LEU J 419 -43.97 -8.00 -0.57
CA LEU J 419 -44.70 -6.85 -0.08
C LEU J 419 -43.83 -5.96 0.79
N GLU J 420 -42.94 -6.57 1.58
CA GLU J 420 -41.99 -5.75 2.34
C GLU J 420 -41.12 -4.93 1.40
N ALA J 421 -40.61 -5.55 0.33
CA ALA J 421 -39.79 -4.83 -0.62
C ALA J 421 -40.59 -3.73 -1.32
N ASP J 422 -41.86 -4.00 -1.63
CA ASP J 422 -42.69 -3.01 -2.29
C ASP J 422 -42.94 -1.80 -1.39
N ARG J 423 -43.17 -2.04 -0.10
CA ARG J 423 -43.30 -0.92 0.83
C ARG J 423 -42.01 -0.12 0.89
N GLY J 424 -40.87 -0.80 0.94
CA GLY J 424 -39.60 -0.09 0.94
C GLY J 424 -39.43 0.79 -0.28
N LYS J 425 -39.82 0.28 -1.45
CA LYS J 425 -39.73 1.08 -2.67
C LYS J 425 -40.69 2.26 -2.63
N ARG J 426 -41.92 2.04 -2.15
CA ARG J 426 -42.93 3.08 -2.20
C ARG J 426 -42.62 4.23 -1.24
N THR J 427 -42.24 3.92 -0.01
CA THR J 427 -41.99 4.99 0.96
C THR J 427 -40.62 5.63 0.79
N GLY J 428 -39.67 4.93 0.17
CA GLY J 428 -38.34 5.46 -0.02
C GLY J 428 -37.38 5.20 1.11
N ILE J 429 -37.84 4.66 2.23
CA ILE J 429 -36.99 4.37 3.37
C ILE J 429 -37.15 2.90 3.74
N THR J 430 -36.02 2.22 3.96
CA THR J 430 -36.05 0.81 4.30
C THR J 430 -35.29 0.55 5.59
N ASP J 431 -35.07 -0.73 5.89
CA ASP J 431 -34.36 -1.10 7.11
C ASP J 431 -32.89 -0.70 7.07
N ARG J 432 -32.26 -0.72 5.90
CA ARG J 432 -30.83 -0.49 5.78
C ARG J 432 -30.47 0.90 5.30
N THR J 433 -31.43 1.80 5.14
CA THR J 433 -31.12 3.15 4.67
C THR J 433 -30.45 3.96 5.76
N ARG J 434 -29.45 4.75 5.36
CA ARG J 434 -28.79 5.66 6.29
C ARG J 434 -29.71 6.85 6.60
N GLY J 435 -29.50 7.43 7.78
CA GLY J 435 -30.23 8.63 8.15
C GLY J 435 -29.70 9.85 7.43
N LEU J 436 -30.48 10.93 7.52
CA LEU J 436 -30.09 12.18 6.89
C LEU J 436 -28.91 12.80 7.62
N ASP J 437 -27.97 13.35 6.87
CA ASP J 437 -26.89 14.12 7.48
C ASP J 437 -27.44 15.41 8.05
N GLN J 438 -26.93 15.81 9.22
CA GLN J 438 -27.43 17.01 9.88
C GLN J 438 -27.02 18.29 9.18
N ASN J 439 -26.36 18.21 8.03
CA ASN J 439 -25.92 19.39 7.28
C ASN J 439 -26.48 19.38 5.87
N THR J 440 -27.64 18.74 5.68
CA THR J 440 -28.18 18.55 4.34
C THR J 440 -28.56 19.87 3.69
N LEU J 441 -29.15 20.78 4.46
CA LEU J 441 -29.74 21.99 3.89
C LEU J 441 -28.79 23.17 3.84
N HIS J 442 -27.53 23.00 4.24
CA HIS J 442 -26.58 24.11 4.19
C HIS J 442 -26.29 24.55 2.76
N SER J 443 -26.31 25.86 2.55
CA SER J 443 -25.52 26.46 1.49
C SER J 443 -24.08 26.52 1.98
N ASN J 444 -23.13 26.38 1.06
CA ASN J 444 -21.72 26.18 1.40
C ASN J 444 -21.52 24.90 2.20
N GLN J 445 -22.39 23.91 1.96
CA GLN J 445 -22.33 22.64 2.66
C GLN J 445 -21.04 21.88 2.38
N ALA J 446 -20.58 21.92 1.13
CA ALA J 446 -19.63 20.94 0.61
C ALA J 446 -20.19 19.55 0.87
N ALA J 447 -19.41 18.68 1.51
CA ALA J 447 -19.90 17.42 2.04
C ALA J 447 -20.70 16.62 1.01
N MET J 448 -20.04 16.14 -0.04
CA MET J 448 -20.74 15.40 -1.09
C MET J 448 -21.39 14.10 -0.61
N SER J 449 -21.31 13.78 0.69
CA SER J 449 -22.11 12.70 1.24
C SER J 449 -23.59 13.00 1.04
N VAL J 450 -24.42 11.97 1.29
CA VAL J 450 -25.86 11.97 1.02
C VAL J 450 -26.08 11.87 -0.49
N ASN J 451 -25.16 12.43 -1.27
CA ASN J 451 -25.13 12.21 -2.71
C ASN J 451 -24.37 10.96 -3.08
N GLN J 452 -23.30 10.64 -2.36
CA GLN J 452 -22.59 9.38 -2.61
C GLN J 452 -23.47 8.19 -2.26
N LEU J 453 -24.06 8.21 -1.07
CA LEU J 453 -25.06 7.23 -0.67
C LEU J 453 -26.44 7.77 -1.04
N MET J 454 -27.50 7.17 -0.50
CA MET J 454 -28.85 7.71 -0.60
C MET J 454 -29.28 7.82 -2.08
N THR J 455 -29.49 6.65 -2.67
CA THR J 455 -29.93 6.56 -4.05
C THR J 455 -31.24 7.33 -4.26
N ALA J 456 -31.61 7.48 -5.54
CA ALA J 456 -32.69 8.38 -5.92
C ALA J 456 -33.99 8.05 -5.18
N ALA J 457 -34.25 6.77 -4.93
CA ALA J 457 -35.45 6.40 -4.19
C ALA J 457 -35.40 6.92 -2.76
N GLU J 458 -34.23 6.86 -2.12
CA GLU J 458 -34.11 7.33 -0.75
C GLU J 458 -34.18 8.84 -0.66
N GLN J 459 -33.65 9.54 -1.66
CA GLN J 459 -33.61 11.00 -1.64
C GLN J 459 -34.98 11.63 -1.50
N GLN J 460 -36.06 10.85 -1.61
CA GLN J 460 -37.39 11.35 -1.32
C GLN J 460 -37.42 12.03 0.04
N ILE J 461 -36.77 11.42 1.03
CA ILE J 461 -36.75 12.02 2.37
C ILE J 461 -36.15 13.42 2.32
N ASP J 462 -35.05 13.58 1.56
CA ASP J 462 -34.46 14.90 1.38
C ASP J 462 -35.52 15.91 0.95
N LEU J 463 -36.34 15.53 -0.03
CA LEU J 463 -37.34 16.46 -0.52
C LEU J 463 -38.23 16.95 0.61
N ILE J 464 -38.64 16.05 1.50
CA ILE J 464 -39.47 16.46 2.63
C ILE J 464 -38.74 17.53 3.43
N ALA J 465 -37.47 17.27 3.78
CA ALA J 465 -36.71 18.24 4.54
C ALA J 465 -36.59 19.55 3.79
N ARG J 466 -36.54 19.51 2.46
CA ARG J 466 -36.53 20.74 1.70
C ARG J 466 -37.90 21.41 1.72
N MET J 467 -38.96 20.63 1.52
CA MET J 467 -40.30 21.20 1.42
C MET J 467 -40.70 21.88 2.72
N PHE J 468 -40.33 21.28 3.85
CA PHE J 468 -40.61 21.92 5.14
C PHE J 468 -39.84 23.22 5.28
N ALA J 469 -38.62 23.27 4.75
CA ALA J 469 -37.78 24.44 5.00
C ALA J 469 -38.21 25.64 4.17
N GLU J 470 -38.76 25.42 2.98
CA GLU J 470 -39.07 26.51 2.07
C GLU J 470 -40.51 26.98 2.13
N THR J 471 -41.40 26.24 2.77
CA THR J 471 -42.81 26.59 2.78
C THR J 471 -43.34 26.94 4.17
N GLY J 472 -43.19 26.05 5.14
CA GLY J 472 -43.84 26.23 6.42
C GLY J 472 -43.02 26.93 7.48
N VAL J 473 -41.81 26.42 7.73
CA VAL J 473 -40.99 26.97 8.80
C VAL J 473 -40.56 28.40 8.46
N LYS J 474 -40.27 28.66 7.19
CA LYS J 474 -39.93 30.01 6.78
C LYS J 474 -41.09 30.97 7.03
N ARG J 475 -42.31 30.55 6.70
CA ARG J 475 -43.47 31.38 6.99
C ARG J 475 -43.64 31.60 8.48
N LEU J 476 -43.42 30.56 9.27
CA LEU J 476 -43.54 30.69 10.73
C LEU J 476 -42.59 31.75 11.26
N PHE J 477 -41.33 31.69 10.85
CA PHE J 477 -40.36 32.63 11.41
C PHE J 477 -40.50 34.02 10.81
N GLN J 478 -40.98 34.13 9.57
CA GLN J 478 -41.33 35.45 9.04
C GLN J 478 -42.47 36.08 9.84
N LEU J 479 -43.48 35.28 10.20
CA LEU J 479 -44.56 35.78 11.04
C LEU J 479 -44.03 36.20 12.40
N LEU J 480 -43.12 35.42 12.98
CA LEU J 480 -42.55 35.79 14.28
C LEU J 480 -41.82 37.12 14.20
N HIS J 481 -41.01 37.31 13.16
CA HIS J 481 -40.29 38.57 13.01
C HIS J 481 -41.25 39.74 12.83
N ASP J 482 -42.29 39.55 12.02
CA ASP J 482 -43.26 40.62 11.80
C ASP J 482 -43.98 40.98 13.10
N HIS J 483 -44.39 39.97 13.87
CA HIS J 483 -45.04 40.25 15.15
C HIS J 483 -44.09 40.95 16.11
N ALA J 484 -42.81 40.56 16.09
CA ALA J 484 -41.85 41.20 16.98
C ALA J 484 -41.67 42.67 16.64
N ILE J 485 -41.63 43.01 15.35
CA ILE J 485 -41.40 44.40 14.97
C ILE J 485 -42.68 45.24 14.96
N LYS J 486 -43.85 44.61 14.96
CA LYS J 486 -45.10 45.38 14.97
C LYS J 486 -45.54 45.76 16.37
N TYR J 487 -45.60 44.80 17.29
CA TYR J 487 -45.95 45.05 18.67
C TYR J 487 -44.65 45.08 19.47
N GLN J 488 -43.97 46.22 19.42
CA GLN J 488 -42.65 46.35 20.01
C GLN J 488 -42.75 46.49 21.53
N ASN J 489 -41.83 45.83 22.23
CA ASN J 489 -41.69 45.94 23.67
C ASN J 489 -40.21 46.11 23.98
N GLN J 490 -39.74 47.36 23.99
CA GLN J 490 -38.40 47.63 24.48
C GLN J 490 -38.36 47.40 25.98
N GLU J 491 -37.16 47.06 26.47
CA GLU J 491 -36.80 46.74 27.85
C GLU J 491 -36.58 45.24 27.92
N GLU J 492 -37.57 44.46 27.50
CA GLU J 492 -37.37 43.02 27.36
C GLU J 492 -36.21 42.74 26.42
N VAL J 493 -36.19 43.41 25.26
CA VAL J 493 -35.05 43.31 24.36
C VAL J 493 -33.80 43.88 25.03
N PHE J 494 -33.95 45.00 25.73
CA PHE J 494 -32.81 45.59 26.42
C PHE J 494 -32.31 44.68 27.54
N GLN J 495 -33.23 44.07 28.29
CA GLN J 495 -32.80 43.13 29.32
C GLN J 495 -32.09 41.93 28.73
N LEU J 496 -32.55 41.45 27.57
CA LEU J 496 -31.92 40.30 26.94
C LEU J 496 -30.54 40.63 26.43
N ARG J 497 -30.39 41.75 25.72
CA ARG J 497 -29.16 42.05 24.99
C ARG J 497 -28.31 43.15 25.61
N GLY J 498 -28.90 44.06 26.39
CA GLY J 498 -28.15 45.19 26.89
C GLY J 498 -28.05 46.35 25.93
N LYS J 499 -28.70 46.28 24.78
CA LYS J 499 -28.72 47.38 23.83
C LYS J 499 -30.02 47.31 23.05
N TRP J 500 -30.41 48.44 22.46
CA TRP J 500 -31.69 48.54 21.78
C TRP J 500 -31.51 49.24 20.44
N VAL J 501 -32.17 48.70 19.42
CA VAL J 501 -32.14 49.25 18.07
C VAL J 501 -33.56 49.60 17.66
N ALA J 502 -33.77 50.83 17.23
CA ALA J 502 -35.09 51.27 16.82
C ALA J 502 -35.34 50.87 15.37
N ILE J 503 -36.50 50.25 15.13
CA ILE J 503 -36.88 49.77 13.80
C ILE J 503 -38.24 50.34 13.44
N ASN J 504 -38.33 50.99 12.30
CA ASN J 504 -39.61 51.54 11.84
C ASN J 504 -40.44 50.45 11.20
N PRO J 505 -41.62 50.14 11.73
CA PRO J 505 -42.41 49.03 11.19
C PRO J 505 -43.34 49.47 10.06
N ALA J 506 -43.11 50.65 9.50
CA ALA J 506 -44.02 51.19 8.49
C ALA J 506 -44.06 50.30 7.25
N ASN J 507 -42.91 49.78 6.82
CA ASN J 507 -42.80 48.98 5.60
C ASN J 507 -42.67 47.49 5.90
N TRP J 508 -43.38 47.00 6.92
CA TRP J 508 -43.26 45.59 7.29
C TRP J 508 -43.76 44.65 6.21
N ARG J 509 -44.65 45.10 5.33
CA ARG J 509 -45.17 44.24 4.27
C ARG J 509 -44.19 44.04 3.13
N GLU J 510 -43.09 44.79 3.10
CA GLU J 510 -42.13 44.68 2.01
C GLU J 510 -41.07 43.62 2.24
N ARG J 511 -40.73 43.34 3.50
CA ARG J 511 -39.69 42.36 3.83
C ARG J 511 -38.38 42.69 3.12
N SER J 512 -38.02 43.97 3.13
CA SER J 512 -36.90 44.48 2.35
C SER J 512 -35.60 44.57 3.14
N ASP J 513 -35.57 44.07 4.38
CA ASP J 513 -34.39 44.21 5.21
C ASP J 513 -33.68 42.89 5.51
N LEU J 514 -34.41 41.89 5.97
CA LEU J 514 -33.82 40.62 6.39
C LEU J 514 -34.31 39.49 5.50
N THR J 515 -33.44 38.51 5.28
CA THR J 515 -33.83 37.27 4.64
C THR J 515 -33.75 36.14 5.66
N VAL J 516 -34.75 35.29 5.67
CA VAL J 516 -34.89 34.25 6.69
C VAL J 516 -34.21 32.99 6.20
N THR J 517 -33.37 32.41 7.04
CA THR J 517 -32.80 31.08 6.81
C THR J 517 -33.26 30.24 7.99
N VAL J 518 -34.46 29.66 7.86
CA VAL J 518 -34.90 28.62 8.77
C VAL J 518 -34.21 27.31 8.46
N GLY J 519 -33.56 27.22 7.31
CA GLY J 519 -32.64 26.14 7.05
C GLY J 519 -31.64 26.09 8.18
N ILE J 520 -31.21 24.89 8.53
CA ILE J 520 -30.42 24.62 9.71
C ILE J 520 -29.28 25.61 9.91
N GLY J 521 -29.23 26.22 11.09
CA GLY J 521 -28.08 27.00 11.51
C GLY J 521 -27.06 26.08 12.14
N ASN J 522 -26.84 24.93 11.51
CA ASN J 522 -25.97 23.89 12.03
C ASN J 522 -24.51 24.20 11.76
N MET J 523 -23.66 23.19 11.80
CA MET J 523 -22.24 23.38 12.08
C MET J 523 -21.56 24.19 11.00
N ASN J 524 -21.51 25.50 11.21
CA ASN J 524 -20.71 26.40 10.39
C ASN J 524 -19.70 27.19 11.19
N LYS J 525 -19.58 26.92 12.49
CA LYS J 525 -18.63 27.62 13.33
C LYS J 525 -17.21 27.36 12.88
N ASP J 526 -16.90 26.12 12.50
CA ASP J 526 -15.56 25.79 12.03
C ASP J 526 -15.22 26.55 10.75
N GLN J 527 -16.19 26.68 9.85
CA GLN J 527 -15.96 27.41 8.60
C GLN J 527 -15.61 28.86 8.89
N GLN J 528 -16.46 29.55 9.66
CA GLN J 528 -16.18 30.93 10.03
C GLN J 528 -14.86 31.04 10.78
N MET J 529 -14.50 30.01 11.53
CA MET J 529 -13.33 30.11 12.39
C MET J 529 -12.05 30.01 11.55
N LEU J 530 -12.05 29.10 10.58
CA LEU J 530 -10.96 29.04 9.61
C LEU J 530 -10.89 30.31 8.78
N HIS J 531 -12.05 30.87 8.40
CA HIS J 531 -12.05 32.14 7.69
C HIS J 531 -11.42 33.23 8.55
N LEU J 532 -11.65 33.18 9.86
CA LEU J 532 -11.03 34.16 10.75
C LEU J 532 -9.52 33.99 10.81
N MET J 533 -9.05 32.74 10.82
CA MET J 533 -7.62 32.50 10.66
C MET J 533 -7.06 33.19 9.42
N ARG J 534 -7.69 32.94 8.27
CA ARG J 534 -7.18 33.51 7.02
C ARG J 534 -7.25 35.04 7.03
N ILE J 535 -8.33 35.59 7.59
CA ILE J 535 -8.47 37.04 7.64
C ILE J 535 -7.40 37.65 8.53
N TRP J 536 -7.11 36.99 9.66
CA TRP J 536 -6.06 37.48 10.55
C TRP J 536 -4.69 37.40 9.90
N GLU J 537 -4.44 36.35 9.12
CA GLU J 537 -3.19 36.27 8.38
C GLU J 537 -3.08 37.41 7.38
N MET J 538 -4.18 37.71 6.68
CA MET J 538 -4.18 38.84 5.75
C MET J 538 -3.92 40.15 6.47
N ALA J 539 -4.51 40.31 7.66
CA ALA J 539 -4.28 41.52 8.43
C ALA J 539 -2.81 41.66 8.83
N GLN J 540 -2.17 40.56 9.22
CA GLN J 540 -0.74 40.61 9.50
C GLN J 540 0.04 41.01 8.27
N ALA J 541 -0.32 40.45 7.11
CA ALA J 541 0.38 40.80 5.88
C ALA J 541 0.24 42.29 5.56
N VAL J 542 -0.97 42.82 5.72
CA VAL J 542 -1.20 44.23 5.44
C VAL J 542 -0.41 45.11 6.40
N VAL J 543 -0.42 44.75 7.69
CA VAL J 543 0.32 45.53 8.68
C VAL J 543 1.81 45.51 8.36
N GLY J 544 2.35 44.33 8.05
CA GLY J 544 3.75 44.22 7.67
C GLY J 544 4.09 44.93 6.38
N GLY J 545 3.11 45.15 5.52
CA GLY J 545 3.32 45.90 4.30
C GLY J 545 3.32 47.40 4.47
N GLY J 546 3.13 47.89 5.70
CA GLY J 546 3.12 49.32 5.94
C GLY J 546 1.77 49.99 5.77
N GLY J 547 0.68 49.23 5.79
CA GLY J 547 -0.64 49.78 5.63
C GLY J 547 -1.37 50.12 6.89
N LEU J 548 -0.71 50.11 8.05
CA LEU J 548 -1.38 50.38 9.31
C LEU J 548 -1.87 51.82 9.33
N GLY J 549 -3.14 52.00 9.66
CA GLY J 549 -3.75 53.31 9.70
C GLY J 549 -4.37 53.76 8.40
N VAL J 550 -4.02 53.12 7.28
CA VAL J 550 -4.56 53.46 5.98
C VAL J 550 -5.57 52.41 5.51
N LEU J 551 -5.20 51.14 5.57
CA LEU J 551 -6.07 50.05 5.20
C LEU J 551 -6.68 49.32 6.39
N VAL J 552 -5.93 49.21 7.49
CA VAL J 552 -6.41 48.54 8.69
C VAL J 552 -6.00 49.37 9.90
N SER J 553 -6.87 49.43 10.90
CA SER J 553 -6.62 50.19 12.12
C SER J 553 -6.54 49.24 13.31
N GLU J 554 -6.22 49.83 14.47
CA GLU J 554 -6.15 49.03 15.70
C GLU J 554 -7.51 48.48 16.08
N GLN J 555 -8.57 49.28 15.88
CA GLN J 555 -9.90 48.81 16.20
C GLN J 555 -10.29 47.62 15.34
N ASN J 556 -9.85 47.58 14.08
CA ASN J 556 -10.15 46.43 13.23
C ASN J 556 -9.48 45.17 13.77
N LEU J 557 -8.22 45.26 14.18
CA LEU J 557 -7.54 44.11 14.77
C LEU J 557 -8.23 43.68 16.06
N TYR J 558 -8.67 44.64 16.87
CA TYR J 558 -9.38 44.31 18.09
C TYR J 558 -10.68 43.59 17.78
N ASN J 559 -11.40 44.04 16.75
CA ASN J 559 -12.63 43.37 16.36
C ASN J 559 -12.37 41.95 15.89
N ILE J 560 -11.30 41.75 15.12
CA ILE J 560 -10.96 40.41 14.66
C ILE J 560 -10.65 39.50 15.84
N LEU J 561 -9.85 39.99 16.78
CA LEU J 561 -9.49 39.19 17.95
C LEU J 561 -10.73 38.87 18.78
N LYS J 562 -11.62 39.86 18.96
CA LYS J 562 -12.85 39.62 19.71
C LYS J 562 -13.71 38.57 19.03
N GLU J 563 -13.83 38.63 17.71
CA GLU J 563 -14.62 37.64 16.99
C GLU J 563 -14.03 36.25 17.15
N VAL J 564 -12.70 36.13 17.05
CA VAL J 564 -12.06 34.83 17.20
C VAL J 564 -12.30 34.29 18.61
N THR J 565 -12.14 35.14 19.62
CA THR J 565 -12.32 34.70 21.00
C THR J 565 -13.76 34.27 21.26
N GLU J 566 -14.73 35.03 20.77
CA GLU J 566 -16.13 34.67 20.96
C GLU J 566 -16.46 33.36 20.25
N ASN J 567 -15.93 33.17 19.04
CA ASN J 567 -16.15 31.91 18.34
C ASN J 567 -15.50 30.74 19.09
N ALA J 568 -14.38 31.00 19.78
CA ALA J 568 -13.73 29.93 20.53
C ALA J 568 -14.59 29.45 21.69
N GLY J 569 -15.46 30.32 22.21
CA GLY J 569 -16.35 29.91 23.28
C GLY J 569 -16.33 30.80 24.51
N TYR J 570 -15.51 31.85 24.47
CA TYR J 570 -15.40 32.78 25.58
C TYR J 570 -16.20 34.04 25.26
N LYS J 571 -17.26 34.28 26.04
CA LYS J 571 -18.13 35.41 25.77
C LYS J 571 -17.49 36.74 26.12
N ASP J 572 -16.72 36.79 27.21
CA ASP J 572 -16.09 38.02 27.65
C ASP J 572 -14.73 38.14 26.97
N PRO J 573 -14.51 39.13 26.10
CA PRO J 573 -13.22 39.26 25.43
C PRO J 573 -12.19 40.10 26.17
N ASP J 574 -12.61 40.86 27.19
CA ASP J 574 -11.67 41.69 27.93
C ASP J 574 -10.73 40.89 28.82
N ARG J 575 -11.00 39.61 29.03
CA ARG J 575 -10.10 38.79 29.82
C ARG J 575 -8.81 38.47 29.09
N PHE J 576 -8.85 38.39 27.76
CA PHE J 576 -7.70 38.03 26.97
C PHE J 576 -7.15 39.19 26.13
N TRP J 577 -7.91 40.26 25.95
CA TRP J 577 -7.46 41.39 25.15
C TRP J 577 -7.87 42.67 25.85
N THR J 578 -7.24 43.77 25.44
CA THR J 578 -7.58 45.09 25.95
C THR J 578 -8.06 45.97 24.80
N ASN J 579 -9.04 46.80 25.08
CA ASN J 579 -9.60 47.68 24.06
C ASN J 579 -8.62 48.80 23.75
N PRO J 580 -8.26 49.01 22.48
CA PRO J 580 -7.34 50.12 22.17
C PRO J 580 -7.90 51.49 22.46
N ASP J 581 -9.22 51.61 22.64
CA ASP J 581 -9.83 52.89 22.99
C ASP J 581 -9.94 53.10 24.49
N SER J 582 -9.55 52.12 25.30
CA SER J 582 -9.58 52.28 26.73
C SER J 582 -8.52 53.30 27.17
N PRO J 583 -8.76 54.02 28.27
CA PRO J 583 -7.80 55.05 28.68
C PRO J 583 -6.40 54.52 28.94
N GLU J 584 -6.29 53.29 29.43
CA GLU J 584 -4.96 52.70 29.62
C GLU J 584 -4.24 52.55 28.28
N ALA J 585 -4.96 52.14 27.24
CA ALA J 585 -4.35 52.02 25.92
C ALA J 585 -3.92 53.39 25.39
N GLN J 586 -4.74 54.42 25.62
CA GLN J 586 -4.35 55.77 25.20
C GLN J 586 -3.10 56.22 25.93
N GLN J 587 -3.00 55.94 27.23
CA GLN J 587 -1.80 56.29 27.98
C GLN J 587 -0.59 55.55 27.45
N ALA J 588 -0.73 54.26 27.18
CA ALA J 588 0.39 53.48 26.64
C ALA J 588 0.84 54.04 25.31
N LYS J 589 -0.11 54.40 24.45
CA LYS J 589 0.24 55.04 23.18
C LYS J 589 0.96 56.37 23.43
N ALA J 590 0.54 57.10 24.47
CA ALA J 590 1.17 58.38 24.77
C ALA J 590 2.65 58.20 25.11
N ILE J 591 2.95 57.27 26.03
CA ILE J 591 4.37 57.02 26.35
C ILE J 591 5.10 56.46 25.13
N ARG J 592 4.46 55.60 24.34
CA ARG J 592 5.14 55.05 23.17
C ARG J 592 5.53 56.15 22.19
N GLU J 593 4.63 57.10 21.94
CA GLU J 593 4.95 58.22 21.06
C GLU J 593 6.00 59.13 21.69
N GLN J 594 5.92 59.35 23.01
CA GLN J 594 6.89 60.21 23.68
C GLN J 594 8.30 59.62 23.62
N LYS J 595 8.41 58.30 23.62
CA LYS J 595 9.72 57.66 23.49
C LYS J 595 10.31 57.79 22.10
N GLU J 596 9.63 58.49 21.18
CA GLU J 596 10.15 58.77 19.85
C GLU J 596 10.52 60.24 19.72
N ALA J 597 11.08 60.82 20.79
CA ALA J 597 11.40 62.23 20.80
C ALA J 597 12.55 62.55 19.83
N GLN J 598 13.70 61.93 20.06
CA GLN J 598 14.85 62.19 19.19
C GLN J 598 15.68 60.92 19.01
N PRO J 599 15.97 60.55 17.77
CA PRO J 599 16.87 59.41 17.51
C PRO J 599 18.32 59.83 17.73
N LYS J 600 19.21 58.85 17.63
CA LYS J 600 20.60 59.05 18.04
C LYS J 600 21.42 59.89 17.05
N PRO J 601 21.59 59.49 15.79
CA PRO J 601 22.52 60.20 14.91
C PRO J 601 22.14 61.63 14.55
N GLU J 602 20.88 62.02 14.76
CA GLU J 602 20.43 63.32 14.26
C GLU J 602 21.08 64.47 15.02
N ASP J 603 21.35 64.28 16.31
CA ASP J 603 22.06 65.32 17.03
C ASP J 603 23.52 65.41 16.60
N ILE J 604 24.12 64.28 16.23
CA ILE J 604 25.44 64.31 15.60
C ILE J 604 25.39 65.08 14.28
N LYS J 605 24.31 64.88 13.53
CA LYS J 605 24.09 65.64 12.30
C LYS J 605 24.05 67.14 12.58
N ALA J 606 23.24 67.55 13.54
CA ALA J 606 23.15 68.97 13.89
C ALA J 606 24.47 69.50 14.41
N GLN J 607 25.22 68.67 15.13
CA GLN J 607 26.54 69.05 15.59
C GLN J 607 27.49 69.31 14.43
N ALA J 608 27.47 68.44 13.41
CA ALA J 608 28.29 68.68 12.23
C ALA J 608 27.85 69.95 11.50
N ASP J 609 26.53 70.18 11.45
CA ASP J 609 25.99 71.41 10.89
C ASP J 609 26.61 72.61 11.56
N ALA J 610 26.56 72.64 12.89
CA ALA J 610 27.09 73.77 13.65
C ALA J 610 28.60 73.90 13.45
N GLN J 611 29.32 72.77 13.45
CA GLN J 611 30.77 72.80 13.33
C GLN J 611 31.21 73.38 12.00
N ARG J 612 30.54 73.01 10.91
CA ARG J 612 31.01 73.55 9.64
C ARG J 612 30.36 74.87 9.27
N ALA J 613 29.25 75.25 9.90
CA ALA J 613 28.85 76.66 9.86
C ALA J 613 29.88 77.53 10.56
N GLN J 614 30.40 77.04 11.69
CA GLN J 614 31.58 77.60 12.34
C GLN J 614 32.74 77.73 11.35
N SER J 615 33.00 76.67 10.58
CA SER J 615 34.08 76.73 9.60
C SER J 615 33.85 77.84 8.58
N ASP J 616 32.62 77.93 8.05
CA ASP J 616 32.31 78.99 7.08
C ASP J 616 32.46 80.37 7.69
N ALA J 617 31.99 80.55 8.92
CA ALA J 617 32.13 81.82 9.60
C ALA J 617 33.60 82.22 9.67
N LEU J 618 34.42 81.40 10.35
CA LEU J 618 35.83 81.75 10.47
C LEU J 618 36.50 81.94 9.11
N ALA J 619 36.03 81.23 8.08
CA ALA J 619 36.55 81.47 6.74
C ALA J 619 36.28 82.90 6.30
N LYS J 620 35.03 83.35 6.43
CA LYS J 620 34.69 84.70 6.00
C LYS J 620 35.45 85.76 6.79
N GLN J 621 35.50 85.61 8.12
CA GLN J 621 36.25 86.58 8.92
C GLN J 621 37.74 86.55 8.59
N ALA J 622 38.30 85.38 8.35
CA ALA J 622 39.71 85.31 7.97
C ALA J 622 39.97 86.02 6.65
N GLU J 623 39.10 85.82 5.67
CA GLU J 623 39.27 86.49 4.39
C GLU J 623 39.20 88.00 4.55
N ALA J 624 38.18 88.49 5.25
CA ALA J 624 38.04 89.94 5.43
C ALA J 624 39.22 90.50 6.22
N GLN J 625 39.66 89.79 7.25
CA GLN J 625 40.77 90.26 8.07
C GLN J 625 42.06 90.33 7.28
N MET J 626 42.33 89.31 6.45
CA MET J 626 43.56 89.33 5.66
C MET J 626 43.51 90.43 4.58
N LYS J 627 42.33 90.64 3.99
CA LYS J 627 42.19 91.73 3.03
C LYS J 627 42.46 93.07 3.69
N GLN J 628 41.90 93.29 4.88
CA GLN J 628 42.13 94.54 5.58
C GLN J 628 43.59 94.69 6.01
N VAL J 629 44.24 93.59 6.36
CA VAL J 629 45.66 93.64 6.69
C VAL J 629 46.47 94.09 5.49
N GLU J 630 46.25 93.45 4.34
CA GLU J 630 47.05 93.77 3.16
C GLU J 630 46.76 95.18 2.65
N ALA J 631 45.52 95.66 2.83
CA ALA J 631 45.17 96.98 2.35
C ALA J 631 45.59 98.10 3.29
N GLN J 632 46.01 97.77 4.51
CA GLN J 632 46.27 98.80 5.52
C GLN J 632 47.64 98.71 6.18
N ILE J 633 48.19 97.52 6.41
CA ILE J 633 49.47 97.39 7.12
C ILE J 633 50.66 97.55 6.18
N ARG J 634 50.43 97.69 4.88
CA ARG J 634 51.51 97.69 3.89
C ARG J 634 51.74 99.05 3.26
N LEU J 635 50.69 99.74 2.82
CA LEU J 635 50.86 101.03 2.17
C LEU J 635 51.50 102.04 3.12
N ALA J 636 51.15 101.97 4.40
CA ALA J 636 51.70 102.91 5.37
C ALA J 636 53.21 102.76 5.51
N GLU J 637 53.70 101.52 5.56
CA GLU J 637 55.13 101.31 5.62
C GLU J 637 55.80 101.42 4.24
N ILE J 638 55.02 101.34 3.16
CA ILE J 638 55.58 101.59 1.84
C ILE J 638 55.89 103.07 1.66
N GLU J 639 54.96 103.94 2.07
CA GLU J 639 55.16 105.37 1.87
C GLU J 639 56.29 105.92 2.76
N LEU J 640 56.53 105.29 3.91
CA LEU J 640 57.64 105.70 4.76
C LEU J 640 58.74 104.65 4.75
N MET K 11 -66.25 48.54 -40.43
CA MET K 11 -64.98 47.84 -40.54
C MET K 11 -64.09 48.08 -39.33
N ASP K 12 -64.68 48.00 -38.13
CA ASP K 12 -63.94 48.22 -36.89
C ASP K 12 -64.27 47.21 -35.80
N ASP K 13 -65.09 46.20 -36.09
CA ASP K 13 -65.37 45.11 -35.14
C ASP K 13 -65.94 45.64 -33.82
N GLU K 14 -67.16 46.15 -33.92
CA GLU K 14 -67.91 46.54 -32.72
C GLU K 14 -68.06 45.34 -31.78
N GLN K 15 -68.55 45.62 -30.58
CA GLN K 15 -68.56 44.64 -29.49
C GLN K 15 -69.16 43.31 -29.92
N VAL K 16 -70.27 43.34 -30.67
CA VAL K 16 -71.01 42.12 -30.97
C VAL K 16 -70.16 41.15 -31.79
N LEU K 17 -69.46 41.67 -32.80
CA LEU K 17 -68.66 40.80 -33.66
C LEU K 17 -67.54 40.12 -32.88
N ARG K 18 -66.87 40.85 -31.99
CA ARG K 18 -65.76 40.25 -31.26
C ARG K 18 -66.27 39.30 -30.18
N HIS K 19 -67.46 39.58 -29.60
CA HIS K 19 -68.08 38.57 -28.76
C HIS K 19 -68.35 37.29 -29.55
N LEU K 20 -68.87 37.43 -30.76
CA LEU K 20 -69.16 36.25 -31.58
C LEU K 20 -67.88 35.45 -31.83
N ASP K 21 -66.81 36.13 -32.23
CA ASP K 21 -65.56 35.44 -32.50
C ASP K 21 -65.00 34.78 -31.24
N GLN K 22 -65.04 35.50 -30.11
CA GLN K 22 -64.49 34.95 -28.87
C GLN K 22 -65.26 33.72 -28.43
N LEU K 23 -66.60 33.77 -28.49
CA LEU K 23 -67.40 32.62 -28.10
C LEU K 23 -67.18 31.44 -29.05
N VAL K 24 -67.04 31.71 -30.35
CA VAL K 24 -66.76 30.62 -31.28
C VAL K 24 -65.44 29.94 -30.91
N ASN K 25 -64.39 30.74 -30.71
CA ASN K 25 -63.08 30.17 -30.39
C ASN K 25 -63.11 29.42 -29.06
N ASP K 26 -63.81 29.98 -28.06
CA ASP K 26 -63.82 29.35 -26.74
C ASP K 26 -64.63 28.06 -26.75
N ALA K 27 -65.83 28.10 -27.33
CA ALA K 27 -66.66 26.90 -27.40
C ALA K 27 -66.09 25.85 -28.33
N LEU K 28 -65.13 26.22 -29.19
CA LEU K 28 -64.40 25.20 -29.92
C LEU K 28 -63.71 24.23 -28.96
N ASP K 29 -63.14 24.76 -27.88
CA ASP K 29 -62.58 23.95 -26.81
C ASP K 29 -63.64 23.70 -25.76
N PHE K 30 -63.25 23.22 -24.58
CA PHE K 30 -64.18 22.84 -23.51
C PHE K 30 -65.11 21.72 -23.96
N ASN K 31 -64.54 20.61 -24.39
CA ASN K 31 -65.33 19.48 -24.85
C ASN K 31 -64.59 18.18 -24.51
N SER K 32 -65.28 17.06 -24.69
CA SER K 32 -64.68 15.76 -24.45
C SER K 32 -63.69 15.41 -25.55
N SER K 33 -62.42 15.75 -25.34
CA SER K 33 -61.36 15.47 -26.29
C SER K 33 -60.39 14.44 -25.71
N GLU K 34 -59.51 13.94 -26.57
CA GLU K 34 -58.55 12.93 -26.14
C GLU K 34 -57.56 13.48 -25.13
N LEU K 35 -57.23 14.77 -25.22
CA LEU K 35 -56.25 15.37 -24.32
C LEU K 35 -56.71 15.31 -22.88
N SER K 36 -57.93 15.77 -22.62
CA SER K 36 -58.45 15.78 -21.25
C SER K 36 -58.59 14.36 -20.72
N LYS K 37 -59.04 13.43 -21.56
CA LYS K 37 -59.16 12.05 -21.13
C LYS K 37 -57.81 11.48 -20.71
N GLN K 38 -56.78 11.74 -21.52
CA GLN K 38 -55.46 11.21 -21.21
C GLN K 38 -54.90 11.83 -19.93
N ARG K 39 -55.10 13.13 -19.75
CA ARG K 39 -54.62 13.77 -18.52
C ARG K 39 -55.34 13.24 -17.29
N SER K 40 -56.66 13.08 -17.37
CA SER K 40 -57.41 12.54 -16.24
C SER K 40 -56.99 11.11 -15.94
N GLU K 41 -56.75 10.31 -16.98
CA GLU K 41 -56.30 8.94 -16.76
C GLU K 41 -54.92 8.91 -16.12
N ALA K 42 -54.03 9.82 -16.51
CA ALA K 42 -52.73 9.90 -15.88
C ALA K 42 -52.87 10.20 -14.39
N LEU K 43 -53.73 11.18 -14.06
CA LEU K 43 -53.94 11.49 -12.65
C LEU K 43 -54.53 10.31 -11.89
N LYS K 44 -55.48 9.61 -12.49
CA LYS K 44 -56.08 8.44 -11.84
C LYS K 44 -55.05 7.35 -11.59
N TYR K 45 -54.19 7.10 -12.58
CA TYR K 45 -53.14 6.11 -12.41
C TYR K 45 -52.18 6.52 -11.31
N TYR K 46 -51.88 7.82 -11.21
CA TYR K 46 -51.02 8.30 -10.12
C TYR K 46 -51.66 8.04 -8.77
N PHE K 47 -52.95 8.31 -8.64
CA PHE K 47 -53.62 8.10 -7.35
C PHE K 47 -53.83 6.63 -7.02
N GLY K 48 -53.59 5.72 -7.96
CA GLY K 48 -53.85 4.32 -7.71
C GLY K 48 -55.31 3.95 -7.69
N GLU K 49 -56.15 4.65 -8.46
CA GLU K 49 -57.56 4.37 -8.48
C GLU K 49 -57.84 3.04 -9.17
N PRO K 50 -58.96 2.39 -8.84
CA PRO K 50 -59.31 1.13 -9.51
C PRO K 50 -59.51 1.33 -11.00
N PHE K 51 -59.12 0.31 -11.77
CA PHE K 51 -59.22 0.38 -13.22
C PHE K 51 -60.67 0.35 -13.69
N GLY K 52 -61.51 -0.46 -13.03
CA GLY K 52 -62.90 -0.63 -13.43
C GLY K 52 -63.25 -2.03 -13.87
N ASN K 53 -62.33 -2.99 -13.79
CA ASN K 53 -62.59 -4.37 -14.15
C ASN K 53 -62.51 -5.30 -12.94
N GLU K 54 -62.81 -4.81 -11.76
CA GLU K 54 -62.68 -5.58 -10.54
C GLU K 54 -64.00 -6.28 -10.20
N ARG K 55 -63.90 -7.58 -9.91
CA ARG K 55 -65.05 -8.38 -9.54
C ARG K 55 -65.36 -8.21 -8.07
N PRO K 56 -66.62 -8.40 -7.68
CA PRO K 56 -67.01 -8.12 -6.28
C PRO K 56 -66.22 -8.84 -5.21
N GLY K 57 -65.87 -10.11 -5.44
CA GLY K 57 -65.28 -10.90 -4.38
C GLY K 57 -63.83 -11.28 -4.56
N LYS K 58 -63.15 -10.69 -5.55
CA LYS K 58 -61.78 -11.03 -5.86
C LYS K 58 -60.85 -9.90 -5.44
N SER K 59 -59.56 -10.13 -5.61
CA SER K 59 -58.56 -9.12 -5.27
C SER K 59 -58.65 -7.92 -6.21
N ALA K 60 -58.36 -6.74 -5.67
CA ALA K 60 -58.46 -5.51 -6.44
C ALA K 60 -57.28 -4.58 -6.20
N ILE K 61 -56.08 -5.14 -6.01
CA ILE K 61 -54.92 -4.31 -5.74
C ILE K 61 -54.36 -3.76 -7.05
N VAL K 62 -53.64 -2.65 -6.94
CA VAL K 62 -53.11 -1.93 -8.10
C VAL K 62 -51.62 -1.69 -7.89
N SER K 63 -50.82 -2.02 -8.90
CA SER K 63 -49.40 -1.73 -8.87
C SER K 63 -49.15 -0.24 -9.05
N ARG K 64 -48.11 0.26 -8.40
CA ARG K 64 -47.78 1.68 -8.41
C ARG K 64 -46.48 1.86 -9.19
N ASP K 65 -46.58 2.40 -10.40
CA ASP K 65 -45.42 2.65 -11.25
C ASP K 65 -45.25 4.12 -11.60
N VAL K 66 -46.32 4.77 -12.07
CA VAL K 66 -46.23 6.19 -12.41
C VAL K 66 -45.92 7.00 -11.16
N GLN K 67 -46.54 6.65 -10.03
CA GLN K 67 -46.27 7.35 -8.78
C GLN K 67 -44.82 7.20 -8.38
N GLU K 68 -44.28 5.99 -8.47
CA GLU K 68 -42.89 5.77 -8.09
C GLU K 68 -41.94 6.55 -8.99
N THR K 69 -42.18 6.54 -10.31
CA THR K 69 -41.30 7.27 -11.21
C THR K 69 -41.34 8.76 -10.95
N VAL K 70 -42.54 9.33 -10.78
CA VAL K 70 -42.65 10.75 -10.53
C VAL K 70 -41.97 11.13 -9.22
N ASP K 71 -42.19 10.34 -8.18
CA ASP K 71 -41.62 10.64 -6.87
C ASP K 71 -40.11 10.41 -6.84
N TRP K 72 -39.58 9.60 -7.75
CA TRP K 72 -38.13 9.46 -7.83
C TRP K 72 -37.50 10.55 -8.68
N ILE K 73 -38.26 11.14 -9.59
CA ILE K 73 -37.68 12.18 -10.44
C ILE K 73 -37.72 13.54 -9.75
N MET K 74 -38.80 13.84 -9.02
CA MET K 74 -39.00 15.20 -8.52
C MET K 74 -37.89 15.71 -7.60
N PRO K 75 -37.40 14.96 -6.60
CA PRO K 75 -36.41 15.55 -5.68
C PRO K 75 -35.15 16.04 -6.35
N SER K 76 -34.67 15.35 -7.38
CA SER K 76 -33.50 15.84 -8.12
C SER K 76 -33.83 17.16 -8.82
N LEU K 77 -35.00 17.24 -9.43
CA LEU K 77 -35.42 18.45 -10.13
C LEU K 77 -35.65 19.61 -9.19
N MET K 78 -35.82 19.35 -7.89
CA MET K 78 -35.93 20.45 -6.94
C MET K 78 -34.57 20.85 -6.37
N LYS K 79 -33.75 19.85 -6.02
CA LYS K 79 -32.39 20.12 -5.56
C LYS K 79 -31.63 20.94 -6.57
N VAL K 80 -31.65 20.52 -7.84
CA VAL K 80 -31.31 21.45 -8.91
C VAL K 80 -32.43 22.47 -9.02
N PHE K 81 -32.06 23.74 -9.18
CA PHE K 81 -32.92 24.93 -9.25
C PHE K 81 -33.36 25.44 -7.89
N THR K 82 -33.07 24.76 -6.78
CA THR K 82 -33.44 25.31 -5.48
C THR K 82 -32.33 25.34 -4.44
N SER K 83 -31.39 24.40 -4.46
CA SER K 83 -30.52 24.18 -3.30
C SER K 83 -29.69 25.42 -2.96
N GLY K 84 -29.35 26.22 -3.96
CA GLY K 84 -28.42 27.31 -3.72
C GLY K 84 -28.99 28.53 -3.04
N GLY K 85 -30.27 28.54 -2.70
CA GLY K 85 -30.89 29.75 -2.18
C GLY K 85 -31.25 30.74 -3.26
N GLN K 86 -30.27 31.16 -4.05
CA GLN K 86 -30.55 31.94 -5.25
C GLN K 86 -31.08 31.03 -6.36
N VAL K 87 -31.88 31.61 -7.24
CA VAL K 87 -32.47 30.86 -8.34
C VAL K 87 -32.06 31.37 -9.70
N VAL K 88 -31.57 32.60 -9.84
CA VAL K 88 -31.21 33.17 -11.12
C VAL K 88 -29.99 34.06 -10.93
N LYS K 89 -29.18 34.16 -11.99
CA LYS K 89 -28.06 35.10 -11.99
C LYS K 89 -27.99 35.77 -13.35
N TYR K 90 -27.93 37.10 -13.34
CA TYR K 90 -27.83 37.88 -14.57
C TYR K 90 -26.38 38.28 -14.78
N GLU K 91 -25.83 37.90 -15.92
CA GLU K 91 -24.44 38.20 -16.24
C GLU K 91 -24.35 39.40 -17.16
N PRO K 92 -23.48 40.35 -16.86
CA PRO K 92 -23.33 41.51 -17.74
C PRO K 92 -22.71 41.13 -19.06
N GLN K 93 -23.05 41.88 -20.10
CA GLN K 93 -22.49 41.65 -21.43
C GLN K 93 -21.14 42.35 -21.59
N THR K 94 -21.06 43.60 -21.17
CA THR K 94 -19.82 44.38 -21.19
C THR K 94 -19.54 44.88 -19.78
N ALA K 95 -18.44 45.63 -19.65
CA ALA K 95 -18.07 46.18 -18.35
C ALA K 95 -18.96 47.33 -17.91
N GLU K 96 -19.79 47.85 -18.81
CA GLU K 96 -20.65 48.99 -18.49
C GLU K 96 -22.01 48.58 -17.96
N ASP K 97 -22.31 47.29 -17.92
CA ASP K 97 -23.59 46.80 -17.43
C ASP K 97 -23.49 46.15 -16.05
N VAL K 98 -22.29 46.05 -15.49
CA VAL K 98 -22.09 45.22 -14.30
C VAL K 98 -23.02 45.64 -13.17
N GLU K 99 -23.04 46.95 -12.87
CA GLU K 99 -23.90 47.42 -11.80
C GLU K 99 -25.36 47.08 -12.07
N GLN K 100 -25.82 47.29 -13.31
CA GLN K 100 -27.18 46.89 -13.64
C GLN K 100 -27.36 45.39 -13.44
N ALA K 101 -26.38 44.59 -13.90
CA ALA K 101 -26.47 43.15 -13.71
C ALA K 101 -26.57 42.79 -12.24
N GLU K 102 -26.01 43.61 -11.35
CA GLU K 102 -26.17 43.35 -9.94
C GLU K 102 -27.60 43.63 -9.49
N GLN K 103 -28.13 44.78 -9.90
CA GLN K 103 -29.43 45.22 -9.38
C GLN K 103 -30.50 44.17 -9.64
N GLU K 104 -30.63 43.75 -10.90
CA GLU K 104 -31.62 42.74 -11.23
C GLU K 104 -31.40 41.47 -10.41
N THR K 105 -30.15 41.04 -10.27
CA THR K 105 -29.88 39.82 -9.52
C THR K 105 -30.37 39.92 -8.09
N GLU K 106 -30.35 41.13 -7.52
CA GLU K 106 -30.90 41.29 -6.18
C GLU K 106 -32.40 41.55 -6.20
N TYR K 107 -32.91 42.17 -7.26
CA TYR K 107 -34.34 42.44 -7.32
C TYR K 107 -35.12 41.18 -7.67
N VAL K 108 -34.83 40.61 -8.84
CA VAL K 108 -35.43 39.34 -9.24
C VAL K 108 -34.74 38.23 -8.46
N ASN K 109 -35.42 37.72 -7.43
CA ASN K 109 -34.91 36.89 -6.33
C ASN K 109 -35.67 37.32 -5.09
N TYR K 110 -35.72 38.64 -4.87
CA TYR K 110 -36.57 39.18 -3.83
C TYR K 110 -38.03 39.11 -4.25
N LEU K 111 -38.32 39.33 -5.54
CA LEU K 111 -39.69 39.22 -6.02
C LEU K 111 -40.15 37.78 -6.06
N PHE K 112 -39.27 36.87 -6.46
CA PHE K 112 -39.68 35.49 -6.69
C PHE K 112 -39.73 34.67 -5.41
N MET K 113 -38.72 34.79 -4.55
CA MET K 113 -38.63 33.95 -3.37
C MET K 113 -39.20 34.58 -2.12
N ARG K 114 -39.35 35.91 -2.07
CA ARG K 114 -39.80 36.58 -0.87
C ARG K 114 -41.13 37.31 -1.04
N LYS K 115 -41.70 37.33 -2.24
CA LYS K 115 -42.94 38.05 -2.48
C LYS K 115 -44.00 37.22 -3.21
N ASN K 116 -43.66 36.04 -3.70
CA ASN K 116 -44.60 35.30 -4.54
C ASN K 116 -44.64 33.80 -4.28
N GLU K 117 -43.97 33.30 -3.25
CA GLU K 117 -43.95 31.86 -2.95
C GLU K 117 -43.39 31.08 -4.14
N GLY K 118 -42.13 31.35 -4.46
CA GLY K 118 -41.55 30.77 -5.66
C GLY K 118 -41.40 29.26 -5.60
N PHE K 119 -41.06 28.73 -4.43
CA PHE K 119 -40.83 27.30 -4.30
C PHE K 119 -42.10 26.50 -4.63
N LYS K 120 -43.24 26.93 -4.09
CA LYS K 120 -44.48 26.22 -4.34
C LYS K 120 -44.87 26.30 -5.81
N VAL K 121 -44.70 27.46 -6.43
CA VAL K 121 -45.03 27.62 -7.84
C VAL K 121 -44.16 26.71 -8.69
N MET K 122 -42.85 26.68 -8.39
CA MET K 122 -41.94 25.82 -9.14
C MET K 122 -42.30 24.36 -8.98
N PHE K 123 -42.64 23.95 -7.76
CA PHE K 123 -43.00 22.56 -7.51
C PHE K 123 -44.26 22.18 -8.30
N ASP K 124 -45.27 23.05 -8.27
CA ASP K 124 -46.50 22.77 -9.02
C ASP K 124 -46.22 22.70 -10.51
N TRP K 125 -45.40 23.63 -11.01
CA TRP K 125 -45.02 23.62 -12.43
C TRP K 125 -44.38 22.30 -12.83
N PHE K 126 -43.36 21.88 -12.07
CA PHE K 126 -42.63 20.66 -12.44
C PHE K 126 -43.53 19.44 -12.34
N GLN K 127 -44.33 19.35 -11.28
CA GLN K 127 -45.18 18.17 -11.13
C GLN K 127 -46.26 18.12 -12.21
N ASP K 128 -46.79 19.28 -12.61
CA ASP K 128 -47.75 19.30 -13.70
C ASP K 128 -47.12 18.85 -15.00
N THR K 129 -45.88 19.30 -15.27
CA THR K 129 -45.22 18.87 -16.50
C THR K 129 -44.96 17.37 -16.50
N LEU K 130 -44.55 16.82 -15.37
CA LEU K 130 -44.26 15.38 -15.34
C LEU K 130 -45.53 14.56 -15.38
N MET K 131 -46.58 15.00 -14.69
CA MET K 131 -47.82 14.23 -14.60
C MET K 131 -48.66 14.39 -15.86
N MET K 132 -49.07 15.63 -16.16
CA MET K 132 -49.74 15.93 -17.41
C MET K 132 -48.69 16.03 -18.51
N LYS K 133 -49.07 16.57 -19.66
CA LYS K 133 -48.12 16.68 -20.76
C LYS K 133 -47.34 17.99 -20.76
N THR K 134 -47.87 19.05 -20.14
CA THR K 134 -47.19 20.33 -20.13
C THR K 134 -47.67 21.15 -18.95
N GLY K 135 -46.84 22.09 -18.54
CA GLY K 135 -47.17 22.97 -17.44
C GLY K 135 -46.88 24.42 -17.80
N VAL K 136 -47.75 25.31 -17.32
CA VAL K 136 -47.73 26.72 -17.71
C VAL K 136 -47.75 27.59 -16.46
N VAL K 137 -46.98 28.67 -16.49
CA VAL K 137 -46.90 29.65 -15.41
C VAL K 137 -47.07 31.04 -16.01
N LYS K 138 -47.81 31.90 -15.32
CA LYS K 138 -48.09 33.25 -15.81
C LYS K 138 -47.45 34.30 -14.92
N VAL K 139 -46.95 35.36 -15.55
CA VAL K 139 -46.39 36.52 -14.87
C VAL K 139 -47.22 37.73 -15.27
N TYR K 140 -47.67 38.51 -14.28
CA TYR K 140 -48.54 39.64 -14.58
C TYR K 140 -48.33 40.73 -13.54
N VAL K 141 -49.02 41.85 -13.76
CA VAL K 141 -49.02 42.99 -12.86
C VAL K 141 -50.39 43.08 -12.20
N GLU K 142 -50.41 43.15 -10.87
CA GLU K 142 -51.66 43.11 -10.14
C GLU K 142 -52.55 44.29 -10.52
N GLU K 143 -53.83 43.99 -10.77
CA GLU K 143 -54.81 45.00 -11.12
C GLU K 143 -55.87 45.22 -10.06
N VAL K 144 -56.06 44.27 -9.15
CA VAL K 144 -57.03 44.38 -8.07
C VAL K 144 -56.27 44.84 -6.83
N LEU K 145 -56.56 46.05 -6.37
CA LEU K 145 -55.83 46.67 -5.26
C LEU K 145 -56.77 46.85 -4.08
N ASN K 146 -56.77 45.88 -3.17
CA ASN K 146 -57.65 45.96 -2.01
C ASN K 146 -57.04 46.88 -0.95
N PRO K 147 -57.88 47.57 -0.19
CA PRO K 147 -57.38 48.33 0.96
C PRO K 147 -56.89 47.40 2.06
N THR K 148 -56.00 47.93 2.90
CA THR K 148 -55.40 47.16 3.97
C THR K 148 -55.60 47.86 5.31
N PHE K 149 -55.53 47.07 6.37
CA PHE K 149 -55.67 47.58 7.74
C PHE K 149 -54.45 47.16 8.54
N GLU K 150 -53.90 48.09 9.32
CA GLU K 150 -52.71 47.81 10.10
C GLU K 150 -52.91 48.22 11.56
N ARG K 151 -52.27 47.48 12.45
CA ARG K 151 -52.28 47.76 13.89
C ARG K 151 -50.85 47.75 14.40
N PHE K 152 -50.52 48.72 15.24
CA PHE K 152 -49.22 48.82 15.87
C PHE K 152 -49.38 49.18 17.34
N SER K 153 -48.45 48.70 18.16
CA SER K 153 -48.48 49.00 19.59
C SER K 153 -47.04 49.08 20.10
N GLY K 154 -46.83 49.96 21.08
CA GLY K 154 -45.52 50.10 21.67
C GLY K 154 -44.56 50.94 20.87
N LEU K 155 -45.06 51.87 20.06
CA LEU K 155 -44.23 52.68 19.20
C LEU K 155 -43.84 53.99 19.89
N SER K 156 -42.69 54.52 19.47
CA SER K 156 -42.28 55.85 19.90
C SER K 156 -42.95 56.91 19.04
N GLU K 157 -42.89 58.16 19.49
CA GLU K 157 -43.59 59.23 18.79
C GLU K 157 -42.95 59.54 17.44
N GLU K 158 -41.65 59.32 17.29
CA GLU K 158 -41.01 59.54 16.00
C GLU K 158 -41.57 58.60 14.95
N MET K 159 -41.68 57.31 15.28
CA MET K 159 -42.22 56.34 14.34
C MET K 159 -43.68 56.61 14.06
N VAL K 160 -44.44 57.07 15.07
CA VAL K 160 -45.84 57.41 14.86
C VAL K 160 -45.97 58.56 13.87
N ALA K 161 -45.14 59.60 14.03
CA ALA K 161 -45.17 60.72 13.11
C ALA K 161 -44.78 60.27 11.70
N ASP K 162 -43.76 59.42 11.59
CA ASP K 162 -43.34 58.93 10.29
C ASP K 162 -44.46 58.14 9.60
N ILE K 163 -45.16 57.29 10.36
CA ILE K 163 -46.28 56.55 9.80
C ILE K 163 -47.39 57.50 9.38
N LEU K 164 -47.67 58.51 10.20
CA LEU K 164 -48.83 59.36 9.98
C LEU K 164 -48.59 60.46 8.95
N ALA K 165 -47.35 60.70 8.54
CA ALA K 165 -47.09 61.71 7.52
C ALA K 165 -47.58 61.29 6.15
N ASP K 166 -47.88 60.02 5.94
CA ASP K 166 -48.30 59.54 4.63
C ASP K 166 -49.72 60.03 4.34
N PRO K 167 -49.93 60.75 3.24
CA PRO K 167 -51.25 61.33 2.96
C PRO K 167 -52.30 60.37 2.43
N ASP K 168 -52.05 59.06 2.43
CA ASP K 168 -53.05 58.10 1.99
C ASP K 168 -53.38 57.10 3.10
N THR K 169 -53.31 57.56 4.34
CA THR K 169 -53.61 56.75 5.50
C THR K 169 -54.70 57.41 6.33
N GLU K 170 -55.63 56.61 6.84
CA GLU K 170 -56.74 57.11 7.64
C GLU K 170 -56.61 56.58 9.07
N ILE K 171 -56.99 57.40 10.03
CA ILE K 171 -56.96 57.03 11.43
C ILE K 171 -58.23 56.28 11.77
N LEU K 172 -58.08 55.09 12.35
CA LEU K 172 -59.21 54.39 12.95
C LEU K 172 -59.14 54.37 14.48
N ALA K 173 -57.95 54.31 15.06
CA ALA K 173 -57.84 54.34 16.51
C ALA K 173 -56.45 54.83 16.90
N GLN K 174 -56.38 55.57 18.00
CA GLN K 174 -55.10 56.03 18.54
C GLN K 174 -55.21 56.09 20.06
N SER K 175 -54.15 55.62 20.74
CA SER K 175 -54.15 55.57 22.18
C SER K 175 -52.73 55.70 22.71
N VAL K 176 -52.62 56.20 23.93
CA VAL K 176 -51.33 56.35 24.63
C VAL K 176 -51.43 55.59 25.94
N ASP K 177 -50.45 54.73 26.19
CA ASP K 177 -50.41 53.93 27.40
C ASP K 177 -49.42 54.52 28.39
N GLU K 178 -49.31 53.86 29.54
CA GLU K 178 -48.26 54.19 30.50
C GLU K 178 -46.91 54.00 29.85
N ASP K 179 -45.99 54.93 30.13
CA ASP K 179 -44.74 55.10 29.39
C ASP K 179 -45.04 55.64 28.00
N GLY K 180 -44.15 56.46 27.46
CA GLY K 180 -44.45 57.15 26.21
C GLY K 180 -44.46 56.24 25.01
N THR K 181 -45.41 55.31 24.97
CA THR K 181 -45.60 54.41 23.85
C THR K 181 -47.02 54.57 23.32
N TYR K 182 -47.17 54.38 22.02
CA TYR K 182 -48.43 54.64 21.33
C TYR K 182 -48.98 53.35 20.73
N SER K 183 -50.30 53.34 20.54
CA SER K 183 -50.97 52.25 19.83
C SER K 183 -51.87 52.88 18.77
N ILE K 184 -51.77 52.39 17.54
CA ILE K 184 -52.51 52.96 16.43
C ILE K 184 -53.12 51.86 15.58
N LYS K 185 -54.31 52.14 15.07
CA LYS K 185 -54.99 51.29 14.08
C LYS K 185 -55.34 52.18 12.90
N ILE K 186 -54.83 51.83 11.72
CA ILE K 186 -54.92 52.67 10.54
C ILE K 186 -55.41 51.86 9.35
N ARG K 187 -55.87 52.58 8.33
CA ARG K 187 -56.31 52.03 7.07
C ARG K 187 -55.50 52.65 5.94
N LYS K 188 -55.07 51.82 5.00
CA LYS K 188 -54.18 52.24 3.92
C LYS K 188 -54.75 51.82 2.57
N ASP K 189 -54.57 52.68 1.58
CA ASP K 189 -54.93 52.41 0.18
C ASP K 189 -53.67 52.54 -0.65
N LYS K 190 -53.00 51.42 -0.89
CA LYS K 190 -51.75 51.40 -1.62
C LYS K 190 -51.99 51.45 -3.12
N LYS K 191 -51.17 52.23 -3.82
CA LYS K 191 -51.32 52.43 -5.25
C LYS K 191 -50.19 51.87 -6.10
N LYS K 192 -49.04 51.57 -5.51
CA LYS K 192 -47.92 51.08 -6.31
C LYS K 192 -48.22 49.69 -6.86
N ARG K 193 -47.60 49.38 -8.00
CA ARG K 193 -47.86 48.12 -8.68
C ARG K 193 -47.26 46.95 -7.91
N GLU K 194 -47.74 45.75 -8.24
CA GLU K 194 -47.18 44.50 -7.76
C GLU K 194 -46.98 43.55 -8.92
N ILE K 195 -45.86 42.84 -8.92
CA ILE K 195 -45.55 41.85 -9.94
C ILE K 195 -45.78 40.48 -9.36
N LYS K 196 -46.68 39.72 -9.97
CA LYS K 196 -47.10 38.43 -9.43
C LYS K 196 -46.81 37.31 -10.42
N VAL K 197 -46.48 36.15 -9.87
CA VAL K 197 -46.25 34.93 -10.64
C VAL K 197 -47.18 33.86 -10.10
N THR K 198 -47.94 33.23 -10.99
CA THR K 198 -48.94 32.26 -10.58
C THR K 198 -48.85 30.99 -11.41
N CYS K 199 -49.20 29.88 -10.78
CA CYS K 199 -49.38 28.60 -11.46
C CYS K 199 -50.81 28.49 -11.96
N ILE K 200 -50.98 27.80 -13.08
CA ILE K 200 -52.28 27.66 -13.73
C ILE K 200 -52.64 26.19 -13.78
N LYS K 201 -53.86 25.87 -13.35
CA LYS K 201 -54.34 24.51 -13.47
C LYS K 201 -54.44 24.12 -14.94
N PRO K 202 -54.05 22.90 -15.31
CA PRO K 202 -54.03 22.54 -16.73
C PRO K 202 -55.38 22.65 -17.42
N GLU K 203 -56.48 22.43 -16.70
CA GLU K 203 -57.80 22.52 -17.30
C GLU K 203 -58.28 23.95 -17.51
N ASN K 204 -57.60 24.94 -16.94
CA ASN K 204 -58.01 26.32 -17.05
C ASN K 204 -57.20 27.10 -18.08
N PHE K 205 -56.37 26.42 -18.86
CA PHE K 205 -55.56 27.05 -19.89
C PHE K 205 -55.97 26.50 -21.24
N LEU K 206 -56.31 27.39 -22.17
CA LEU K 206 -56.80 27.00 -23.48
C LEU K 206 -55.84 27.47 -24.56
N VAL K 207 -55.47 26.57 -25.45
CA VAL K 207 -54.59 26.86 -26.58
C VAL K 207 -55.23 26.27 -27.83
N ASP K 208 -55.03 26.94 -28.97
CA ASP K 208 -55.56 26.43 -30.22
C ASP K 208 -54.80 25.18 -30.65
N ARG K 209 -55.34 24.49 -31.64
CA ARG K 209 -54.85 23.18 -32.05
C ARG K 209 -53.75 23.25 -33.11
N LEU K 210 -53.21 24.43 -33.40
CA LEU K 210 -52.19 24.58 -34.42
C LEU K 210 -50.98 25.35 -33.91
N ALA K 211 -50.83 25.51 -32.60
CA ALA K 211 -49.81 26.39 -32.04
C ALA K 211 -48.39 25.93 -32.34
N THR K 212 -48.00 24.78 -31.76
CA THR K 212 -46.65 24.20 -31.81
C THR K 212 -45.66 24.98 -30.95
N CYS K 213 -46.07 26.13 -30.42
CA CYS K 213 -45.30 26.90 -29.44
C CYS K 213 -46.15 28.11 -29.06
N ILE K 214 -45.78 28.75 -27.95
CA ILE K 214 -46.55 29.89 -27.46
C ILE K 214 -46.38 31.10 -28.36
N ASP K 215 -45.15 31.38 -28.81
CA ASP K 215 -44.86 32.62 -29.50
C ASP K 215 -45.60 32.76 -30.83
N ASP K 216 -46.12 31.66 -31.40
CA ASP K 216 -46.85 31.74 -32.65
C ASP K 216 -48.30 31.27 -32.52
N ALA K 217 -48.77 31.05 -31.30
CA ALA K 217 -50.14 30.62 -31.09
C ALA K 217 -51.11 31.71 -31.49
N ARG K 218 -52.15 31.34 -32.25
CA ARG K 218 -53.15 32.31 -32.68
C ARG K 218 -54.09 32.71 -31.56
N PHE K 219 -54.36 31.81 -30.60
CA PHE K 219 -55.33 32.09 -29.56
C PHE K 219 -54.92 31.38 -28.28
N LEU K 220 -54.73 32.14 -27.20
CA LEU K 220 -54.52 31.61 -25.87
C LEU K 220 -55.59 32.20 -24.96
N CYS K 221 -56.00 31.45 -23.94
CA CYS K 221 -56.95 32.04 -23.00
C CYS K 221 -56.81 31.42 -21.63
N HIS K 222 -57.03 32.24 -20.61
CA HIS K 222 -56.98 31.84 -19.21
C HIS K 222 -58.35 32.08 -18.59
N ARG K 223 -58.90 31.03 -17.99
CA ARG K 223 -60.21 31.09 -17.34
C ARG K 223 -59.98 31.07 -15.83
N GLU K 224 -60.60 32.02 -15.14
CA GLU K 224 -60.45 32.08 -13.69
C GLU K 224 -61.75 32.54 -13.07
N LYS K 225 -61.77 32.63 -11.74
CA LYS K 225 -62.98 32.94 -10.99
C LYS K 225 -62.79 34.25 -10.25
N TYR K 226 -63.79 35.12 -10.34
CA TYR K 226 -63.77 36.40 -9.67
C TYR K 226 -64.96 36.50 -8.73
N THR K 227 -64.83 37.33 -7.70
CA THR K 227 -65.95 37.66 -6.83
C THR K 227 -66.51 39.03 -7.21
N VAL K 228 -67.66 39.35 -6.66
CA VAL K 228 -68.30 40.63 -6.95
C VAL K 228 -67.44 41.78 -6.46
N SER K 229 -66.75 41.59 -5.34
CA SER K 229 -65.88 42.64 -4.82
C SER K 229 -64.74 42.95 -5.78
N ASP K 230 -64.14 41.91 -6.37
CA ASP K 230 -63.06 42.14 -7.34
C ASP K 230 -63.57 42.89 -8.56
N LEU K 231 -64.76 42.51 -9.05
CA LEU K 231 -65.32 43.21 -10.20
C LEU K 231 -65.63 44.66 -9.87
N ARG K 232 -66.10 44.93 -8.64
CA ARG K 232 -66.32 46.31 -8.22
C ARG K 232 -65.01 47.08 -8.19
N LEU K 233 -63.96 46.45 -7.69
CA LEU K 233 -62.65 47.11 -7.68
C LEU K 233 -62.14 47.35 -9.09
N LEU K 234 -62.55 46.52 -10.05
CA LEU K 234 -62.16 46.71 -11.43
C LEU K 234 -62.97 47.79 -12.15
N GLY K 235 -64.04 48.29 -11.53
CA GLY K 235 -64.82 49.36 -12.11
C GLY K 235 -66.06 48.94 -12.88
N VAL K 236 -66.49 47.69 -12.75
CA VAL K 236 -67.69 47.24 -13.47
C VAL K 236 -68.91 47.95 -12.89
N PRO K 237 -69.79 48.50 -13.73
CA PRO K 237 -70.99 49.16 -13.21
C PRO K 237 -71.93 48.18 -12.52
N GLU K 238 -72.70 48.72 -11.57
CA GLU K 238 -73.56 47.88 -10.75
C GLU K 238 -74.64 47.20 -11.59
N ASP K 239 -75.22 47.94 -12.55
CA ASP K 239 -76.32 47.40 -13.34
C ASP K 239 -75.89 46.16 -14.10
N VAL K 240 -74.66 46.15 -14.62
CA VAL K 240 -74.13 44.95 -15.24
C VAL K 240 -73.97 43.85 -14.21
N LEU K 241 -73.56 44.20 -12.99
CA LEU K 241 -73.35 43.21 -11.94
C LEU K 241 -74.64 42.49 -11.58
N ASP K 242 -75.77 43.20 -11.54
CA ASP K 242 -77.03 42.54 -11.19
C ASP K 242 -77.45 41.49 -12.21
N GLU K 243 -76.95 41.56 -13.44
CA GLU K 243 -77.41 40.65 -14.49
C GLU K 243 -76.22 39.85 -15.00
N LEU K 244 -75.45 39.28 -14.10
CA LEU K 244 -74.32 38.44 -14.47
C LEU K 244 -74.61 36.99 -14.17
N PRO K 245 -74.31 36.08 -15.08
CA PRO K 245 -74.51 34.65 -14.81
C PRO K 245 -73.57 34.18 -13.71
N TYR K 246 -74.15 33.63 -12.65
CA TYR K 246 -73.37 33.22 -11.49
C TYR K 246 -72.90 31.78 -11.58
N ASP K 247 -73.16 31.09 -12.69
CA ASP K 247 -72.47 29.83 -12.97
C ASP K 247 -72.33 29.69 -14.49
N GLU K 248 -71.24 30.22 -15.02
CA GLU K 248 -70.74 29.93 -16.36
C GLU K 248 -71.70 30.24 -17.50
N TYR K 249 -71.23 30.00 -18.73
CA TYR K 249 -72.05 29.86 -19.92
C TYR K 249 -71.86 28.53 -20.63
N GLU K 250 -70.78 27.79 -20.32
CA GLU K 250 -70.43 26.60 -21.08
C GLU K 250 -70.28 25.36 -20.21
N PHE K 251 -70.61 25.41 -18.93
CA PHE K 251 -70.49 24.28 -18.01
C PHE K 251 -69.04 23.78 -17.98
N SER K 252 -68.15 24.64 -17.50
CA SER K 252 -66.73 24.37 -17.45
C SER K 252 -66.27 23.87 -16.08
N ASP K 253 -67.19 23.68 -15.13
CA ASP K 253 -66.86 23.20 -13.81
C ASP K 253 -66.85 21.69 -13.71
N SER K 254 -67.09 20.98 -14.80
CA SER K 254 -67.17 19.53 -14.81
C SER K 254 -66.06 18.93 -15.67
N GLN K 255 -64.89 19.56 -15.67
CA GLN K 255 -63.76 19.00 -16.39
C GLN K 255 -63.30 17.71 -15.71
N PRO K 256 -62.94 16.69 -16.48
CA PRO K 256 -62.55 15.41 -15.87
C PRO K 256 -61.37 15.53 -14.93
N GLU K 257 -60.39 16.37 -15.26
CA GLU K 257 -59.24 16.53 -14.36
C GLU K 257 -59.66 17.09 -13.02
N ARG K 258 -60.55 18.08 -13.02
CA ARG K 258 -61.02 18.64 -11.76
C ARG K 258 -61.76 17.61 -10.93
N LEU K 259 -62.62 16.81 -11.58
CA LEU K 259 -63.36 15.78 -10.85
C LEU K 259 -62.43 14.74 -10.26
N VAL K 260 -61.42 14.30 -11.02
CA VAL K 260 -60.48 13.32 -10.51
C VAL K 260 -59.68 13.88 -9.35
N ARG K 261 -59.21 15.12 -9.48
CA ARG K 261 -58.41 15.72 -8.42
C ARG K 261 -59.22 15.93 -7.15
N ASP K 262 -60.49 16.37 -7.29
CA ASP K 262 -61.30 16.67 -6.12
C ASP K 262 -61.83 15.42 -5.42
N ASN K 263 -61.94 14.30 -6.12
CA ASN K 263 -62.51 13.09 -5.55
C ASN K 263 -61.51 12.28 -4.73
N PHE K 264 -60.25 12.70 -4.68
CA PHE K 264 -59.28 11.99 -3.85
C PHE K 264 -59.67 12.03 -2.39
N ASP K 265 -60.11 13.19 -1.91
CA ASP K 265 -60.66 13.33 -0.56
C ASP K 265 -62.05 13.94 -0.58
N MET K 266 -62.72 13.91 -1.73
CA MET K 266 -64.09 14.39 -1.88
C MET K 266 -64.27 15.79 -1.32
N THR K 267 -63.27 16.65 -1.57
CA THR K 267 -63.28 18.03 -1.10
C THR K 267 -63.55 18.99 -2.25
N GLY K 268 -64.37 18.58 -3.20
CA GLY K 268 -64.76 19.40 -4.33
C GLY K 268 -65.97 20.24 -4.03
N GLN K 269 -66.66 20.66 -5.09
CA GLN K 269 -67.87 21.46 -4.94
C GLN K 269 -69.11 20.57 -4.86
N LEU K 270 -69.12 19.65 -3.88
CA LEU K 270 -70.29 18.83 -3.65
C LEU K 270 -71.49 19.66 -3.22
N GLN K 271 -71.26 20.84 -2.65
CA GLN K 271 -72.33 21.77 -2.30
C GLN K 271 -72.19 22.97 -3.23
N TYR K 272 -73.33 23.45 -3.73
CA TYR K 272 -73.31 24.66 -4.55
C TYR K 272 -73.38 25.89 -3.66
N ASN K 273 -72.79 26.98 -4.13
CA ASN K 273 -72.68 28.20 -3.34
C ASN K 273 -72.99 29.38 -4.25
N SER K 274 -72.63 30.58 -3.79
CA SER K 274 -73.00 31.83 -4.46
C SER K 274 -74.50 31.95 -4.62
N GLY K 275 -75.23 31.51 -3.59
CA GLY K 275 -76.68 31.58 -3.59
C GLY K 275 -77.21 32.65 -2.66
N ASP K 276 -77.67 32.23 -1.48
CA ASP K 276 -78.22 33.15 -0.48
C ASP K 276 -77.18 33.59 0.54
N ASP K 277 -75.89 33.50 0.20
CA ASP K 277 -74.83 33.96 1.08
C ASP K 277 -74.69 35.48 0.94
N ALA K 278 -73.59 36.02 1.47
CA ALA K 278 -73.33 37.44 1.32
C ALA K 278 -73.23 37.81 -0.16
N GLU K 279 -73.84 38.94 -0.52
CA GLU K 279 -73.92 39.31 -1.92
C GLU K 279 -72.56 39.62 -2.51
N ALA K 280 -71.63 40.12 -1.71
CA ALA K 280 -70.32 40.51 -2.23
C ALA K 280 -69.40 39.33 -2.49
N ASN K 281 -69.79 38.12 -2.08
CA ASN K 281 -68.93 36.95 -2.22
C ASN K 281 -69.37 36.02 -3.34
N ARG K 282 -70.34 36.43 -4.15
CA ARG K 282 -70.76 35.61 -5.28
C ARG K 282 -69.64 35.51 -6.31
N GLU K 283 -69.50 34.34 -6.92
CA GLU K 283 -68.40 34.06 -7.83
C GLU K 283 -68.92 33.91 -9.25
N VAL K 284 -68.15 34.42 -10.21
CA VAL K 284 -68.41 34.28 -11.64
C VAL K 284 -67.13 33.84 -12.32
N TRP K 285 -67.30 33.30 -13.53
CA TRP K 285 -66.17 32.85 -14.33
C TRP K 285 -65.82 33.91 -15.35
N ALA K 286 -64.57 34.36 -15.35
CA ALA K 286 -64.08 35.37 -16.27
C ALA K 286 -62.99 34.79 -17.15
N SER K 287 -62.87 35.34 -18.37
CA SER K 287 -61.93 34.85 -19.36
C SER K 287 -61.05 35.99 -19.82
N GLU K 288 -59.73 35.77 -19.81
CA GLU K 288 -58.78 36.70 -20.40
C GLU K 288 -58.09 35.98 -21.55
N CYS K 289 -58.37 36.42 -22.77
CA CYS K 289 -57.85 35.77 -23.97
C CYS K 289 -56.87 36.71 -24.67
N TYR K 290 -55.73 36.15 -25.06
CA TYR K 290 -54.74 36.85 -25.88
C TYR K 290 -54.79 36.24 -27.29
N THR K 291 -55.09 37.08 -28.28
CA THR K 291 -55.32 36.54 -29.61
C THR K 291 -54.96 37.57 -30.67
N LEU K 292 -54.72 37.07 -31.88
CA LEU K 292 -54.44 37.93 -33.03
C LEU K 292 -55.78 38.30 -33.68
N LEU K 293 -56.22 39.53 -33.46
CA LEU K 293 -57.50 39.98 -33.98
C LEU K 293 -57.36 41.41 -34.48
N ASP K 294 -57.99 41.70 -35.61
CA ASP K 294 -57.89 43.01 -36.26
C ASP K 294 -59.18 43.78 -36.02
N VAL K 295 -59.27 44.45 -34.86
CA VAL K 295 -60.38 45.35 -34.60
C VAL K 295 -60.05 46.78 -35.01
N ASP K 296 -58.80 47.08 -35.33
CA ASP K 296 -58.45 48.41 -35.80
C ASP K 296 -59.12 48.72 -37.14
N GLY K 297 -59.19 47.73 -38.01
CA GLY K 297 -59.70 47.93 -39.35
C GLY K 297 -58.66 48.24 -40.39
N ASP K 298 -57.38 48.13 -40.06
CA ASP K 298 -56.30 48.42 -41.00
C ASP K 298 -55.94 47.22 -41.87
N GLY K 299 -56.62 46.10 -41.69
CA GLY K 299 -56.36 44.92 -42.49
C GLY K 299 -55.26 44.01 -41.97
N ILE K 300 -54.59 44.40 -40.90
CA ILE K 300 -53.52 43.60 -40.30
C ILE K 300 -53.95 43.21 -38.89
N SER K 301 -53.95 41.91 -38.62
CA SER K 301 -54.35 41.42 -37.31
C SER K 301 -53.22 41.57 -36.32
N GLU K 302 -53.52 42.21 -35.19
CA GLU K 302 -52.54 42.50 -34.16
C GLU K 302 -52.86 41.72 -32.90
N LEU K 303 -51.84 41.59 -32.04
CA LEU K 303 -52.01 40.92 -30.76
C LEU K 303 -52.85 41.78 -29.84
N ARG K 304 -53.87 41.17 -29.22
CA ARG K 304 -54.79 41.91 -28.37
C ARG K 304 -55.16 41.05 -27.17
N ARG K 305 -55.40 41.73 -26.04
CA ARG K 305 -55.84 41.11 -24.81
C ARG K 305 -57.25 41.56 -24.51
N ILE K 306 -58.15 40.59 -24.35
CA ILE K 306 -59.56 40.87 -24.07
C ILE K 306 -59.92 40.14 -22.79
N LEU K 307 -60.37 40.89 -21.79
CA LEU K 307 -60.84 40.34 -20.53
C LEU K 307 -62.34 40.61 -20.43
N TYR K 308 -63.12 39.54 -20.28
CA TYR K 308 -64.56 39.69 -20.26
C TYR K 308 -65.21 38.62 -19.39
N VAL K 309 -66.40 38.95 -18.91
CA VAL K 309 -67.25 38.04 -18.15
C VAL K 309 -68.67 38.16 -18.68
N GLY K 310 -69.34 37.03 -18.86
CA GLY K 310 -70.69 37.06 -19.40
C GLY K 310 -70.68 37.62 -20.80
N ASP K 311 -71.53 38.60 -21.05
CA ASP K 311 -71.61 39.28 -22.34
C ASP K 311 -71.04 40.70 -22.29
N TYR K 312 -70.31 41.04 -21.24
CA TYR K 312 -69.77 42.37 -21.05
C TYR K 312 -68.25 42.31 -21.11
N ILE K 313 -67.66 43.19 -21.92
CA ILE K 313 -66.21 43.25 -22.06
C ILE K 313 -65.66 44.20 -21.00
N ILE K 314 -64.90 43.67 -20.06
CA ILE K 314 -64.25 44.51 -19.07
C ILE K 314 -63.13 45.32 -19.70
N SER K 315 -62.31 44.66 -20.53
CA SER K 315 -61.16 45.34 -21.12
C SER K 315 -60.86 44.75 -22.49
N ASN K 316 -60.40 45.61 -23.41
CA ASN K 316 -60.03 45.20 -24.75
C ASN K 316 -58.90 46.13 -25.20
N GLU K 317 -57.67 45.61 -25.23
CA GLU K 317 -56.52 46.48 -25.41
C GLU K 317 -55.44 45.79 -26.23
N PRO K 318 -54.81 46.49 -27.17
CA PRO K 318 -53.63 45.92 -27.83
C PRO K 318 -52.53 45.65 -26.83
N TRP K 319 -51.83 44.54 -27.01
CA TRP K 319 -50.86 44.07 -26.03
C TRP K 319 -49.50 43.87 -26.69
N ASP K 320 -48.49 43.68 -25.86
CA ASP K 320 -47.10 43.62 -26.32
C ASP K 320 -46.50 42.22 -26.29
N CYS K 321 -46.79 41.42 -25.27
CA CYS K 321 -46.15 40.12 -25.14
C CYS K 321 -47.14 39.13 -24.54
N ARG K 322 -46.89 37.85 -24.79
CA ARG K 322 -47.68 36.78 -24.20
C ARG K 322 -47.01 36.37 -22.89
N PRO K 323 -47.61 36.63 -21.74
CA PRO K 323 -46.93 36.43 -20.45
C PRO K 323 -47.11 35.02 -19.90
N PHE K 324 -46.69 34.02 -20.67
CA PHE K 324 -46.79 32.63 -20.26
C PHE K 324 -45.48 31.91 -20.52
N ALA K 325 -45.17 30.96 -19.64
CA ALA K 325 -44.01 30.10 -19.80
C ALA K 325 -44.44 28.66 -19.65
N ASP K 326 -44.10 27.82 -20.62
CA ASP K 326 -44.52 26.43 -20.64
C ASP K 326 -43.31 25.51 -20.63
N LEU K 327 -43.52 24.29 -20.18
CA LEU K 327 -42.46 23.30 -20.08
C LEU K 327 -42.90 21.97 -20.68
N ASN K 328 -41.92 21.22 -21.19
CA ASN K 328 -42.12 19.87 -21.69
C ASN K 328 -41.03 18.97 -21.15
N ALA K 329 -41.42 17.78 -20.69
CA ALA K 329 -40.46 16.82 -20.15
C ALA K 329 -39.91 15.89 -21.22
N TYR K 330 -40.79 15.32 -22.03
CA TYR K 330 -40.41 14.43 -23.13
C TYR K 330 -40.90 15.10 -24.41
N ARG K 331 -40.06 15.94 -25.00
CA ARG K 331 -40.47 16.76 -26.12
C ARG K 331 -40.61 15.91 -27.38
N ILE K 332 -41.69 16.17 -28.14
CA ILE K 332 -41.86 15.65 -29.49
C ILE K 332 -41.68 16.81 -30.45
N ALA K 333 -40.82 16.61 -31.45
CA ALA K 333 -40.50 17.70 -32.38
C ALA K 333 -41.75 18.21 -33.08
N HIS K 334 -41.84 19.54 -33.18
CA HIS K 334 -42.94 20.22 -33.88
C HIS K 334 -44.30 19.93 -33.25
N LYS K 335 -44.35 19.80 -31.93
CA LYS K 335 -45.60 19.63 -31.23
C LYS K 335 -45.61 20.49 -29.99
N PHE K 336 -46.81 20.88 -29.55
CA PHE K 336 -46.93 21.71 -28.36
C PHE K 336 -46.94 20.87 -27.09
N HIS K 337 -47.69 19.77 -27.09
CA HIS K 337 -47.76 18.88 -25.94
C HIS K 337 -46.82 17.70 -26.16
N GLY K 338 -46.03 17.38 -25.15
CA GLY K 338 -45.10 16.27 -25.20
C GLY K 338 -45.72 14.98 -24.68
N MET K 339 -44.86 14.10 -24.19
CA MET K 339 -45.27 12.84 -23.60
C MET K 339 -45.13 12.91 -22.08
N SER K 340 -45.97 12.14 -21.40
CA SER K 340 -45.93 12.02 -19.95
C SER K 340 -45.46 10.63 -19.56
N VAL K 341 -45.24 10.45 -18.26
CA VAL K 341 -44.84 9.14 -17.74
C VAL K 341 -45.94 8.11 -17.97
N TYR K 342 -47.20 8.54 -17.80
CA TYR K 342 -48.34 7.65 -18.03
C TYR K 342 -48.31 7.11 -19.45
N ASP K 343 -48.10 7.98 -20.43
CA ASP K 343 -48.09 7.57 -21.83
C ASP K 343 -46.99 6.56 -22.12
N LYS K 344 -46.00 6.44 -21.23
CA LYS K 344 -44.90 5.52 -21.45
C LYS K 344 -45.01 4.23 -20.65
N ILE K 345 -45.68 4.22 -19.50
CA ILE K 345 -45.70 2.99 -18.69
C ILE K 345 -47.11 2.57 -18.27
N ARG K 346 -48.15 3.07 -18.95
CA ARG K 346 -49.50 2.65 -18.60
C ARG K 346 -49.70 1.15 -18.78
N ASP K 347 -49.21 0.61 -19.90
CA ASP K 347 -49.40 -0.81 -20.16
C ASP K 347 -48.65 -1.66 -19.14
N ILE K 348 -47.44 -1.22 -18.76
CA ILE K 348 -46.69 -1.94 -17.74
C ILE K 348 -47.47 -1.98 -16.44
N GLN K 349 -48.02 -0.83 -16.03
CA GLN K 349 -48.82 -0.80 -14.80
C GLN K 349 -49.99 -1.75 -14.89
N GLU K 350 -50.74 -1.72 -15.99
CA GLU K 350 -51.92 -2.55 -16.12
C GLU K 350 -51.57 -4.04 -16.06
N ILE K 351 -50.55 -4.45 -16.82
CA ILE K 351 -50.21 -5.87 -16.88
C ILE K 351 -49.68 -6.36 -15.55
N ARG K 352 -48.84 -5.55 -14.88
CA ARG K 352 -48.33 -5.95 -13.57
C ARG K 352 -49.47 -6.10 -12.58
N SER K 353 -50.44 -5.18 -12.61
CA SER K 353 -51.57 -5.27 -11.70
C SER K 353 -52.39 -6.53 -11.98
N VAL K 354 -52.60 -6.87 -13.25
CA VAL K 354 -53.40 -8.04 -13.59
C VAL K 354 -52.73 -9.32 -13.07
N LEU K 355 -51.42 -9.45 -13.34
CA LEU K 355 -50.69 -10.62 -12.86
C LEU K 355 -50.73 -10.70 -11.33
N MET K 356 -50.58 -9.54 -10.68
CA MET K 356 -50.57 -9.54 -9.23
C MET K 356 -51.93 -9.96 -8.68
N ARG K 357 -53.00 -9.49 -9.31
CA ARG K 357 -54.34 -9.93 -8.92
C ARG K 357 -54.49 -11.43 -9.10
N ASN K 358 -53.93 -11.99 -10.16
CA ASN K 358 -53.99 -13.44 -10.34
C ASN K 358 -53.31 -14.18 -9.21
N ILE K 359 -52.14 -13.72 -8.78
CA ILE K 359 -51.43 -14.39 -7.70
C ILE K 359 -52.22 -14.31 -6.40
N MET K 360 -52.75 -13.13 -6.07
CA MET K 360 -53.69 -13.03 -4.95
C MET K 360 -54.82 -14.05 -5.04
N ASP K 361 -55.46 -14.12 -6.21
CA ASP K 361 -56.62 -14.99 -6.35
C ASP K 361 -56.24 -16.43 -6.10
N ASN K 362 -55.07 -16.85 -6.57
CA ASN K 362 -54.61 -18.21 -6.30
C ASN K 362 -54.33 -18.42 -4.82
N ILE K 363 -53.70 -17.45 -4.15
CA ILE K 363 -53.27 -17.66 -2.77
C ILE K 363 -54.47 -17.78 -1.84
N TYR K 364 -55.50 -16.95 -2.03
CA TYR K 364 -56.61 -16.89 -1.08
C TYR K 364 -57.37 -18.21 -1.02
N ARG K 365 -57.39 -18.98 -2.10
CA ARG K 365 -58.22 -20.17 -2.17
C ARG K 365 -57.45 -21.46 -1.93
N THR K 366 -56.21 -21.37 -1.43
CA THR K 366 -55.44 -22.58 -1.18
C THR K 366 -54.73 -22.57 0.17
N ASN K 367 -55.24 -21.83 1.15
CA ASN K 367 -54.60 -21.76 2.46
C ASN K 367 -55.45 -22.36 3.57
N GLN K 368 -56.49 -23.12 3.23
CA GLN K 368 -57.36 -23.70 4.24
C GLN K 368 -56.77 -24.95 4.88
N GLY K 369 -55.80 -25.59 4.24
CA GLY K 369 -55.16 -26.76 4.81
C GLY K 369 -56.09 -27.94 5.00
N ARG K 370 -56.86 -28.28 3.97
CA ARG K 370 -57.77 -29.41 4.02
C ARG K 370 -57.01 -30.72 3.85
N SER K 371 -57.66 -31.81 4.23
CA SER K 371 -57.06 -33.14 4.18
C SER K 371 -58.02 -34.14 3.57
N VAL K 372 -57.46 -35.14 2.90
CA VAL K 372 -58.22 -36.20 2.24
C VAL K 372 -58.16 -37.45 3.09
N VAL K 373 -59.31 -38.09 3.25
CA VAL K 373 -59.51 -39.22 4.16
C VAL K 373 -60.31 -40.29 3.43
N LEU K 374 -59.86 -41.54 3.53
CA LEU K 374 -60.62 -42.66 2.98
C LEU K 374 -61.89 -42.87 3.80
N ASP K 375 -63.02 -42.98 3.11
CA ASP K 375 -64.29 -43.16 3.79
C ASP K 375 -64.48 -44.61 4.20
N GLY K 376 -64.88 -44.83 5.44
CA GLY K 376 -65.13 -46.16 5.96
C GLY K 376 -63.93 -46.85 6.56
N GLN K 377 -62.74 -46.27 6.45
CA GLN K 377 -61.54 -46.88 7.02
C GLN K 377 -60.93 -46.06 8.15
N VAL K 378 -61.46 -44.87 8.44
CA VAL K 378 -60.86 -43.95 9.39
C VAL K 378 -61.89 -43.62 10.47
N ASN K 379 -61.47 -43.65 11.72
CA ASN K 379 -62.31 -43.24 12.83
C ASN K 379 -62.50 -41.73 12.77
N LEU K 380 -63.65 -41.30 12.24
CA LEU K 380 -63.86 -39.88 12.01
C LEU K 380 -63.96 -39.11 13.32
N GLU K 381 -64.56 -39.70 14.34
CA GLU K 381 -64.69 -39.02 15.62
C GLU K 381 -63.32 -38.75 16.25
N ASP K 382 -62.41 -39.72 16.16
CA ASP K 382 -61.06 -39.50 16.67
C ASP K 382 -60.35 -38.39 15.88
N LEU K 383 -60.53 -38.38 14.56
CA LEU K 383 -59.86 -37.37 13.74
C LEU K 383 -60.40 -35.97 14.05
N LEU K 384 -61.70 -35.85 14.30
CA LEU K 384 -62.30 -34.53 14.49
C LEU K 384 -61.75 -33.84 15.74
N THR K 385 -61.59 -34.58 16.83
CA THR K 385 -61.15 -34.01 18.09
C THR K 385 -59.63 -33.93 18.10
N ASN K 386 -59.09 -32.74 17.92
CA ASN K 386 -57.65 -32.52 17.87
C ASN K 386 -57.15 -32.17 19.27
N GLU K 387 -56.32 -33.04 19.84
CA GLU K 387 -55.75 -32.81 21.15
C GLU K 387 -54.28 -33.20 21.15
N ALA K 388 -53.55 -32.73 22.15
CA ALA K 388 -52.13 -33.00 22.24
C ALA K 388 -51.88 -34.49 22.42
N ALA K 389 -50.97 -35.03 21.61
CA ALA K 389 -50.58 -36.45 21.66
C ALA K 389 -51.79 -37.36 21.46
N GLY K 390 -52.72 -36.94 20.60
CA GLY K 390 -53.88 -37.75 20.31
C GLY K 390 -53.55 -38.95 19.46
N ILE K 391 -54.50 -39.87 19.39
CA ILE K 391 -54.36 -41.11 18.64
C ILE K 391 -55.56 -41.25 17.70
N VAL K 392 -55.29 -41.55 16.44
CA VAL K 392 -56.33 -41.75 15.43
C VAL K 392 -56.26 -43.20 14.99
N ARG K 393 -57.37 -43.92 15.15
CA ARG K 393 -57.43 -45.34 14.81
C ARG K 393 -57.92 -45.51 13.38
N VAL K 394 -57.19 -46.33 12.61
CA VAL K 394 -57.49 -46.55 11.20
C VAL K 394 -57.47 -48.05 10.92
N LYS K 395 -58.40 -48.49 10.07
CA LYS K 395 -58.49 -49.89 9.69
C LYS K 395 -57.60 -50.27 8.52
N ALA K 396 -57.14 -49.30 7.74
CA ALA K 396 -56.27 -49.57 6.61
C ALA K 396 -55.06 -48.66 6.71
N MET K 397 -54.24 -48.66 5.68
CA MET K 397 -53.05 -47.83 5.75
C MET K 397 -53.06 -46.89 4.56
N ASN K 398 -52.31 -45.79 4.67
CA ASN K 398 -52.27 -44.75 3.65
C ASN K 398 -53.67 -44.24 3.35
N SER K 399 -54.30 -43.67 4.38
CA SER K 399 -55.70 -43.27 4.30
C SER K 399 -55.96 -41.81 4.60
N ILE K 400 -55.04 -41.12 5.25
CA ILE K 400 -55.21 -39.70 5.61
C ILE K 400 -53.96 -38.96 5.16
N MET K 401 -54.15 -37.90 4.37
CA MET K 401 -53.05 -36.98 4.11
C MET K 401 -53.57 -35.72 3.42
N PRO K 402 -52.80 -34.63 3.47
CA PRO K 402 -53.31 -33.34 3.00
C PRO K 402 -53.69 -33.35 1.53
N LEU K 403 -54.71 -32.57 1.21
CA LEU K 403 -55.13 -32.37 -0.16
C LEU K 403 -54.07 -31.59 -0.94
N GLU K 404 -53.83 -32.01 -2.17
CA GLU K 404 -52.81 -31.38 -3.01
C GLU K 404 -53.46 -30.24 -3.80
N THR K 405 -52.99 -29.02 -3.54
CA THR K 405 -53.58 -27.85 -4.16
C THR K 405 -52.76 -27.40 -5.37
N PRO K 406 -53.40 -26.88 -6.40
CA PRO K 406 -52.66 -26.41 -7.57
C PRO K 406 -51.81 -25.20 -7.25
N GLN K 407 -50.71 -25.08 -7.99
CA GLN K 407 -49.77 -23.97 -7.83
C GLN K 407 -49.45 -23.38 -9.19
N LEU K 408 -49.21 -22.07 -9.20
CA LEU K 408 -48.85 -21.38 -10.43
C LEU K 408 -47.39 -21.66 -10.79
N SER K 409 -47.09 -21.60 -12.08
CA SER K 409 -45.74 -21.85 -12.56
C SER K 409 -44.87 -20.62 -12.34
N GLY K 410 -43.56 -20.81 -12.55
CA GLY K 410 -42.61 -19.73 -12.36
C GLY K 410 -42.60 -18.68 -13.44
N GLU K 411 -43.33 -18.91 -14.53
CA GLU K 411 -43.40 -17.95 -15.61
C GLU K 411 -43.96 -16.62 -15.12
N VAL K 412 -44.97 -16.67 -14.26
CA VAL K 412 -45.62 -15.45 -13.79
C VAL K 412 -44.63 -14.58 -13.03
N TYR K 413 -43.91 -15.18 -12.07
CA TYR K 413 -42.95 -14.41 -11.28
C TYR K 413 -41.80 -13.92 -12.14
N GLY K 414 -41.28 -14.79 -13.01
CA GLY K 414 -40.17 -14.38 -13.86
C GLY K 414 -40.54 -13.22 -14.74
N MET K 415 -41.77 -13.20 -15.25
CA MET K 415 -42.10 -12.13 -16.19
C MET K 415 -42.60 -10.90 -15.45
N LEU K 416 -43.04 -11.04 -14.20
CA LEU K 416 -43.17 -9.87 -13.34
C LEU K 416 -41.83 -9.16 -13.19
N ASP K 417 -40.78 -9.93 -12.92
CA ASP K 417 -39.44 -9.34 -12.83
C ASP K 417 -39.02 -8.72 -14.16
N ARG K 418 -39.33 -9.40 -15.26
CA ARG K 418 -39.00 -8.86 -16.58
C ARG K 418 -39.70 -7.53 -16.82
N LEU K 419 -40.97 -7.42 -16.43
CA LEU K 419 -41.70 -6.16 -16.61
C LEU K 419 -41.10 -5.06 -15.75
N GLU K 420 -40.69 -5.39 -14.51
CA GLU K 420 -40.03 -4.38 -13.69
C GLU K 420 -38.76 -3.88 -14.35
N ALA K 421 -37.95 -4.79 -14.89
CA ALA K 421 -36.73 -4.38 -15.58
C ALA K 421 -37.05 -3.54 -16.81
N ASP K 422 -38.11 -3.89 -17.53
CA ASP K 422 -38.51 -3.14 -18.72
C ASP K 422 -38.91 -1.72 -18.34
N ARG K 423 -39.65 -1.56 -17.24
CA ARG K 423 -40.00 -0.22 -16.78
C ARG K 423 -38.75 0.57 -16.43
N GLY K 424 -37.81 -0.08 -15.74
CA GLY K 424 -36.56 0.60 -15.41
C GLY K 424 -35.81 1.07 -16.65
N LYS K 425 -35.83 0.25 -17.71
CA LYS K 425 -35.15 0.63 -18.94
C LYS K 425 -35.88 1.78 -19.65
N ARG K 426 -37.21 1.72 -19.68
CA ARG K 426 -37.97 2.76 -20.40
C ARG K 426 -37.85 4.11 -19.71
N THR K 427 -38.10 4.17 -18.41
CA THR K 427 -38.09 5.45 -17.72
C THR K 427 -36.69 5.99 -17.50
N GLY K 428 -35.69 5.12 -17.43
CA GLY K 428 -34.33 5.52 -17.18
C GLY K 428 -33.95 5.61 -15.73
N ILE K 429 -34.88 5.44 -14.80
CA ILE K 429 -34.59 5.51 -13.37
C ILE K 429 -35.02 4.20 -12.72
N THR K 430 -34.16 3.67 -11.86
CA THR K 430 -34.42 2.39 -11.21
C THR K 430 -34.30 2.52 -9.69
N ASP K 431 -34.33 1.38 -9.00
CA ASP K 431 -34.22 1.39 -7.54
C ASP K 431 -32.82 1.71 -7.07
N ARG K 432 -31.79 1.37 -7.84
CA ARG K 432 -30.41 1.58 -7.44
C ARG K 432 -29.78 2.79 -8.12
N THR K 433 -30.59 3.64 -8.76
CA THR K 433 -30.07 4.80 -9.47
C THR K 433 -29.60 5.87 -8.48
N ARG K 434 -28.40 6.40 -8.72
CA ARG K 434 -27.94 7.54 -7.96
C ARG K 434 -28.71 8.80 -8.36
N GLY K 435 -28.84 9.72 -7.41
CA GLY K 435 -29.48 10.98 -7.69
C GLY K 435 -28.59 11.92 -8.48
N LEU K 436 -29.18 13.01 -8.94
CA LEU K 436 -28.43 13.99 -9.70
C LEU K 436 -27.57 14.82 -8.77
N ASP K 437 -26.35 15.14 -9.22
CA ASP K 437 -25.51 16.05 -8.48
C ASP K 437 -26.08 17.46 -8.54
N GLN K 438 -25.96 18.20 -7.45
CA GLN K 438 -26.51 19.55 -7.36
C GLN K 438 -25.71 20.58 -8.14
N ASN K 439 -24.74 20.15 -8.96
CA ASN K 439 -23.97 21.04 -9.81
C ASN K 439 -23.92 20.51 -11.24
N THR K 440 -24.97 19.81 -11.66
CA THR K 440 -24.97 19.19 -12.99
C THR K 440 -24.89 20.22 -14.10
N LEU K 441 -25.63 21.31 -13.97
CA LEU K 441 -25.74 22.30 -15.04
C LEU K 441 -24.65 23.37 -14.98
N HIS K 442 -23.73 23.29 -14.03
CA HIS K 442 -22.72 24.32 -13.87
C HIS K 442 -21.75 24.35 -15.04
N SER K 443 -21.48 25.54 -15.55
CA SER K 443 -20.29 25.78 -16.34
C SER K 443 -19.11 25.99 -15.40
N ASN K 444 -17.91 25.64 -15.86
CA ASN K 444 -16.73 25.58 -15.00
C ASN K 444 -16.98 24.59 -13.86
N GLN K 445 -17.80 23.58 -14.14
CA GLN K 445 -18.17 22.61 -13.11
C GLN K 445 -16.96 21.78 -12.67
N ALA K 446 -16.10 21.41 -13.62
CA ALA K 446 -15.18 20.30 -13.43
C ALA K 446 -16.00 19.10 -12.98
N ALA K 447 -15.64 18.50 -11.85
CA ALA K 447 -16.48 17.51 -11.17
C ALA K 447 -16.99 16.44 -12.14
N MET K 448 -16.04 15.68 -12.68
CA MET K 448 -16.35 14.67 -13.69
C MET K 448 -17.29 13.57 -13.20
N SER K 449 -17.78 13.63 -11.96
CA SER K 449 -18.85 12.76 -11.53
C SER K 449 -20.09 12.99 -12.41
N VAL K 450 -21.06 12.09 -12.25
CA VAL K 450 -22.26 12.00 -13.09
C VAL K 450 -21.87 11.46 -14.46
N ASN K 451 -20.67 11.80 -14.92
CA ASN K 451 -20.10 11.15 -16.10
C ASN K 451 -19.42 9.83 -15.76
N GLN K 452 -18.75 9.74 -14.61
CA GLN K 452 -18.17 8.48 -14.19
C GLN K 452 -19.26 7.45 -13.92
N LEU K 453 -20.27 7.84 -13.13
CA LEU K 453 -21.46 7.02 -12.92
C LEU K 453 -22.49 7.41 -13.96
N MET K 454 -23.75 7.02 -13.75
CA MET K 454 -24.87 7.48 -14.56
C MET K 454 -24.69 7.10 -16.03
N THR K 455 -24.82 5.81 -16.28
CA THR K 455 -24.75 5.27 -17.63
C THR K 455 -25.74 5.96 -18.56
N ALA K 456 -25.56 5.72 -19.86
CA ALA K 456 -26.28 6.48 -20.88
C ALA K 456 -27.79 6.34 -20.77
N ALA K 457 -28.27 5.18 -20.32
CA ALA K 457 -29.72 4.99 -20.21
C ALA K 457 -30.32 5.95 -19.20
N GLU K 458 -29.63 6.19 -18.09
CA GLU K 458 -30.20 6.98 -17.01
C GLU K 458 -29.81 8.45 -17.11
N GLN K 459 -28.82 8.78 -17.94
CA GLN K 459 -28.51 10.17 -18.25
C GLN K 459 -29.73 10.88 -18.84
N GLN K 460 -30.77 10.12 -19.17
CA GLN K 460 -32.03 10.70 -19.61
C GLN K 460 -32.49 11.76 -18.62
N ILE K 461 -32.36 11.49 -17.32
CA ILE K 461 -32.79 12.45 -16.33
C ILE K 461 -32.05 13.77 -16.51
N ASP K 462 -30.74 13.70 -16.77
CA ASP K 462 -29.96 14.89 -17.07
C ASP K 462 -30.64 15.73 -18.14
N LEU K 463 -31.06 15.08 -19.23
CA LEU K 463 -31.65 15.83 -20.33
C LEU K 463 -32.83 16.65 -19.85
N ILE K 464 -33.67 16.07 -18.99
CA ILE K 464 -34.81 16.82 -18.47
C ILE K 464 -34.32 18.09 -17.78
N ALA K 465 -33.35 17.94 -16.88
CA ALA K 465 -32.81 19.10 -16.19
C ALA K 465 -32.24 20.11 -17.16
N ARG K 466 -31.68 19.65 -18.28
CA ARG K 466 -31.21 20.59 -19.28
C ARG K 466 -32.38 21.23 -20.02
N MET K 467 -33.37 20.42 -20.40
CA MET K 467 -34.48 20.94 -21.20
C MET K 467 -35.27 21.99 -20.43
N PHE K 468 -35.45 21.78 -19.13
CA PHE K 468 -36.12 22.78 -18.32
C PHE K 468 -35.32 24.07 -18.25
N ALA K 469 -33.98 23.95 -18.22
CA ALA K 469 -33.16 25.13 -18.00
C ALA K 469 -33.10 26.03 -19.21
N GLU K 470 -33.05 25.46 -20.42
CA GLU K 470 -32.85 26.25 -21.62
C GLU K 470 -34.14 26.71 -22.29
N THR K 471 -35.30 26.20 -21.86
CA THR K 471 -36.55 26.54 -22.53
C THR K 471 -37.51 27.31 -21.62
N GLY K 472 -37.86 26.77 -20.46
CA GLY K 472 -38.94 27.34 -19.68
C GLY K 472 -38.53 28.34 -18.62
N VAL K 473 -37.64 27.95 -17.71
CA VAL K 473 -37.27 28.83 -16.61
C VAL K 473 -36.49 30.03 -17.12
N LYS K 474 -35.69 29.85 -18.17
CA LYS K 474 -35.00 30.98 -18.76
C LYS K 474 -35.99 32.01 -19.30
N ARG K 475 -37.03 31.54 -19.98
CA ARG K 475 -38.06 32.44 -20.47
C ARG K 475 -38.79 33.10 -19.31
N LEU K 476 -39.06 32.36 -18.25
CA LEU K 476 -39.72 32.92 -17.08
C LEU K 476 -38.92 34.09 -16.52
N PHE K 477 -37.62 33.90 -16.33
CA PHE K 477 -36.84 34.96 -15.72
C PHE K 477 -36.57 36.10 -16.69
N GLN K 478 -36.52 35.82 -18.00
CA GLN K 478 -36.47 36.91 -18.97
C GLN K 478 -37.72 37.76 -18.89
N LEU K 479 -38.90 37.12 -18.77
CA LEU K 479 -40.14 37.86 -18.61
C LEU K 479 -40.12 38.68 -17.33
N LEU K 480 -39.60 38.10 -16.24
CA LEU K 480 -39.52 38.83 -14.98
C LEU K 480 -38.66 40.08 -15.12
N HIS K 481 -37.50 39.94 -15.76
CA HIS K 481 -36.63 41.09 -15.95
C HIS K 481 -37.28 42.15 -16.82
N ASP K 482 -37.95 41.72 -17.89
CA ASP K 482 -38.62 42.68 -18.77
C ASP K 482 -39.72 43.43 -18.04
N HIS K 483 -40.52 42.72 -17.24
CA HIS K 483 -41.56 43.39 -16.46
C HIS K 483 -40.96 44.33 -15.43
N ALA K 484 -39.84 43.95 -14.84
CA ALA K 484 -39.19 44.81 -13.85
C ALA K 484 -38.70 46.11 -14.48
N ILE K 485 -38.16 46.04 -15.69
CA ILE K 485 -37.63 47.25 -16.31
C ILE K 485 -38.67 48.06 -17.08
N LYS K 486 -39.81 47.46 -17.41
CA LYS K 486 -40.85 48.20 -18.12
C LYS K 486 -41.74 49.00 -17.18
N TYR K 487 -42.29 48.35 -16.15
CA TYR K 487 -43.11 49.00 -15.14
C TYR K 487 -42.22 49.27 -13.93
N GLN K 488 -41.37 50.29 -14.05
CA GLN K 488 -40.39 50.57 -13.01
C GLN K 488 -41.07 51.08 -11.75
N ASN K 489 -40.47 50.75 -10.60
CA ASN K 489 -40.98 51.15 -9.29
C ASN K 489 -39.80 51.63 -8.46
N GLN K 490 -39.59 52.94 -8.43
CA GLN K 490 -38.59 53.51 -7.54
C GLN K 490 -39.04 53.37 -6.09
N GLU K 491 -38.08 53.52 -5.18
CA GLU K 491 -38.32 53.57 -3.74
C GLU K 491 -38.71 52.20 -3.22
N GLU K 492 -38.83 51.21 -4.11
CA GLU K 492 -38.83 49.82 -3.68
C GLU K 492 -37.45 49.22 -3.85
N VAL K 493 -36.85 49.41 -5.02
CA VAL K 493 -35.47 49.00 -5.25
C VAL K 493 -34.54 49.75 -4.30
N PHE K 494 -34.81 51.04 -4.08
CA PHE K 494 -33.98 51.82 -3.17
C PHE K 494 -34.09 51.29 -1.74
N GLN K 495 -35.30 50.98 -1.29
CA GLN K 495 -35.46 50.40 0.04
C GLN K 495 -34.77 49.05 0.14
N LEU K 496 -34.76 48.28 -0.95
CA LEU K 496 -34.12 46.97 -0.91
C LEU K 496 -32.60 47.08 -0.86
N ARG K 497 -32.01 47.96 -1.68
CA ARG K 497 -30.57 47.99 -1.87
C ARG K 497 -29.89 49.24 -1.33
N GLY K 498 -30.62 50.33 -1.12
CA GLY K 498 -30.00 51.56 -0.70
C GLY K 498 -29.42 52.39 -1.82
N LYS K 499 -29.61 51.98 -3.07
CA LYS K 499 -29.11 52.73 -4.22
C LYS K 499 -29.98 52.40 -5.41
N TRP K 500 -29.93 53.28 -6.41
CA TRP K 500 -30.74 53.12 -7.61
C TRP K 500 -29.89 53.30 -8.86
N VAL K 501 -30.26 52.55 -9.90
CA VAL K 501 -29.63 52.65 -11.21
C VAL K 501 -30.73 52.89 -12.24
N ALA K 502 -30.59 53.94 -13.03
CA ALA K 502 -31.59 54.27 -14.04
C ALA K 502 -31.34 53.45 -15.30
N ILE K 503 -32.39 52.79 -15.79
CA ILE K 503 -32.31 51.94 -16.96
C ILE K 503 -33.35 52.41 -17.97
N ASN K 504 -32.92 52.66 -19.19
CA ASN K 504 -33.85 53.06 -20.25
C ASN K 504 -34.52 51.82 -20.82
N PRO K 505 -35.84 51.72 -20.78
CA PRO K 505 -36.51 50.50 -21.27
C PRO K 505 -36.85 50.57 -22.76
N ALA K 506 -36.23 51.50 -23.48
CA ALA K 506 -36.58 51.68 -24.89
C ALA K 506 -36.25 50.45 -25.71
N ASN K 507 -35.10 49.82 -25.45
CA ASN K 507 -34.63 48.69 -26.24
C ASN K 507 -34.83 47.36 -25.51
N TRP K 508 -35.94 47.20 -24.82
CA TRP K 508 -36.17 45.98 -24.06
C TRP K 508 -36.33 44.77 -24.96
N ARG K 509 -36.82 44.96 -26.19
CA ARG K 509 -37.00 43.83 -27.10
C ARG K 509 -35.70 43.27 -27.62
N GLU K 510 -34.58 43.95 -27.41
CA GLU K 510 -33.31 43.51 -27.97
C GLU K 510 -32.53 42.59 -27.05
N ARG K 511 -32.73 42.69 -25.74
CA ARG K 511 -32.04 41.86 -24.76
C ARG K 511 -30.53 41.92 -24.95
N SER K 512 -30.02 43.15 -25.08
CA SER K 512 -28.63 43.38 -25.45
C SER K 512 -27.74 43.71 -24.24
N ASP K 513 -28.24 43.55 -23.03
CA ASP K 513 -27.47 43.93 -21.85
C ASP K 513 -27.15 42.78 -20.92
N LEU K 514 -28.11 41.93 -20.61
CA LEU K 514 -27.93 40.89 -19.60
C LEU K 514 -28.12 39.51 -20.22
N THR K 515 -27.38 38.54 -19.69
CA THR K 515 -27.56 37.13 -20.04
C THR K 515 -28.15 36.41 -18.84
N VAL K 516 -29.27 35.74 -19.05
CA VAL K 516 -29.96 35.03 -17.98
C VAL K 516 -29.26 33.69 -17.76
N THR K 517 -28.93 33.39 -16.52
CA THR K 517 -28.37 32.10 -16.14
C THR K 517 -29.25 31.56 -15.02
N VAL K 518 -30.29 30.83 -15.43
CA VAL K 518 -30.95 29.90 -14.53
C VAL K 518 -30.05 28.72 -14.21
N GLY K 519 -28.92 28.60 -14.92
CA GLY K 519 -27.86 27.72 -14.53
C GLY K 519 -27.63 27.93 -13.05
N ILE K 520 -27.95 26.89 -12.29
CA ILE K 520 -28.14 26.95 -10.85
C ILE K 520 -27.02 27.70 -10.15
N GLY K 521 -27.40 28.72 -9.36
CA GLY K 521 -26.44 29.50 -8.61
C GLY K 521 -25.92 28.75 -7.40
N ASN K 522 -25.57 27.49 -7.63
CA ASN K 522 -24.99 26.62 -6.62
C ASN K 522 -23.51 26.90 -6.44
N MET K 523 -22.79 25.92 -5.91
CA MET K 523 -21.54 26.16 -5.21
C MET K 523 -20.44 26.65 -6.15
N ASN K 524 -20.47 27.95 -6.45
CA ASN K 524 -19.36 28.63 -7.07
C ASN K 524 -18.58 29.49 -6.10
N LYS K 525 -19.09 29.65 -4.87
CA LYS K 525 -18.45 30.52 -3.89
C LYS K 525 -17.00 30.11 -3.64
N ASP K 526 -16.75 28.80 -3.53
CA ASP K 526 -15.38 28.33 -3.34
C ASP K 526 -14.51 28.68 -4.54
N GLN K 527 -15.08 28.64 -5.75
CA GLN K 527 -14.31 28.93 -6.94
C GLN K 527 -13.80 30.37 -6.93
N GLN K 528 -14.71 31.34 -6.90
CA GLN K 528 -14.25 32.72 -6.85
C GLN K 528 -13.56 33.04 -5.53
N MET K 529 -13.72 32.18 -4.53
CA MET K 529 -13.01 32.41 -3.27
C MET K 529 -11.53 32.14 -3.45
N LEU K 530 -11.20 30.99 -4.06
CA LEU K 530 -9.81 30.71 -4.43
C LEU K 530 -9.32 31.72 -5.46
N HIS K 531 -10.19 32.18 -6.35
CA HIS K 531 -9.81 33.21 -7.30
C HIS K 531 -9.44 34.50 -6.60
N LEU K 532 -10.15 34.84 -5.52
CA LEU K 532 -9.78 36.03 -4.75
C LEU K 532 -8.45 35.82 -4.04
N MET K 533 -8.21 34.61 -3.52
CA MET K 533 -6.90 34.31 -2.94
C MET K 533 -5.76 34.56 -3.93
N ARG K 534 -5.86 33.95 -5.12
CA ARG K 534 -4.79 34.14 -6.10
C ARG K 534 -4.70 35.58 -6.59
N ILE K 535 -5.82 36.29 -6.71
CA ILE K 535 -5.76 37.68 -7.13
C ILE K 535 -5.05 38.52 -6.09
N TRP K 536 -5.31 38.26 -4.81
CA TRP K 536 -4.65 39.01 -3.75
C TRP K 536 -3.16 38.67 -3.70
N GLU K 537 -2.79 37.43 -4.01
CA GLU K 537 -1.38 37.09 -4.13
C GLU K 537 -0.72 37.87 -5.26
N MET K 538 -1.41 37.97 -6.40
CA MET K 538 -0.89 38.79 -7.49
C MET K 538 -0.74 40.24 -7.07
N ALA K 539 -1.70 40.75 -6.30
CA ALA K 539 -1.63 42.13 -5.83
C ALA K 539 -0.42 42.34 -4.93
N GLN K 540 -0.16 41.38 -4.03
CA GLN K 540 1.04 41.48 -3.19
C GLN K 540 2.30 41.48 -4.03
N ALA K 541 2.36 40.60 -5.03
CA ALA K 541 3.54 40.54 -5.89
C ALA K 541 3.74 41.86 -6.63
N VAL K 542 2.66 42.42 -7.16
CA VAL K 542 2.76 43.69 -7.89
C VAL K 542 3.23 44.81 -6.97
N VAL K 543 2.66 44.87 -5.76
CA VAL K 543 3.06 45.91 -4.82
C VAL K 543 4.54 45.76 -4.46
N GLY K 544 4.99 44.52 -4.22
CA GLY K 544 6.40 44.30 -3.96
C GLY K 544 7.29 44.58 -5.15
N GLY K 545 6.73 44.57 -6.36
CA GLY K 545 7.49 44.90 -7.55
C GLY K 545 7.65 46.37 -7.81
N GLY K 546 7.12 47.24 -6.94
CA GLY K 546 7.24 48.66 -7.12
C GLY K 546 6.23 49.28 -8.04
N GLY K 547 5.08 48.64 -8.23
CA GLY K 547 4.04 49.15 -9.10
C GLY K 547 2.89 49.84 -8.41
N LEU K 548 3.02 50.18 -7.13
CA LEU K 548 1.94 50.84 -6.41
C LEU K 548 1.67 52.22 -7.01
N GLY K 549 0.39 52.50 -7.26
CA GLY K 549 -0.03 53.76 -7.81
C GLY K 549 -0.10 53.81 -9.32
N VAL K 550 0.56 52.88 -10.00
CA VAL K 550 0.53 52.85 -11.46
C VAL K 550 -0.12 51.55 -11.93
N LEU K 551 0.18 50.45 -11.25
CA LEU K 551 -0.45 49.15 -11.52
C LEU K 551 -1.65 48.89 -10.63
N VAL K 552 -1.54 49.15 -9.33
CA VAL K 552 -2.65 48.99 -8.39
C VAL K 552 -2.73 50.25 -7.53
N SER K 553 -3.90 50.50 -6.98
CA SER K 553 -4.13 51.59 -6.05
C SER K 553 -4.64 51.04 -4.73
N GLU K 554 -4.63 51.89 -3.70
CA GLU K 554 -5.16 51.48 -2.40
C GLU K 554 -6.64 51.14 -2.49
N GLN K 555 -7.39 51.84 -3.34
CA GLN K 555 -8.79 51.53 -3.52
C GLN K 555 -8.98 50.12 -4.09
N ASN K 556 -8.08 49.70 -4.98
CA ASN K 556 -8.18 48.35 -5.53
C ASN K 556 -7.96 47.30 -4.44
N LEU K 557 -6.96 47.50 -3.58
CA LEU K 557 -6.74 46.56 -2.48
C LEU K 557 -7.93 46.56 -1.53
N TYR K 558 -8.50 47.73 -1.27
CA TYR K 558 -9.67 47.80 -0.41
C TYR K 558 -10.85 47.06 -1.02
N ASN K 559 -11.04 47.17 -2.33
CA ASN K 559 -12.10 46.43 -3.00
C ASN K 559 -11.87 44.93 -2.91
N ILE K 560 -10.63 44.48 -3.09
CA ILE K 560 -10.32 43.06 -2.98
C ILE K 560 -10.63 42.56 -1.57
N LEU K 561 -10.23 43.33 -0.56
CA LEU K 561 -10.49 42.93 0.82
C LEU K 561 -11.99 42.90 1.10
N LYS K 562 -12.74 43.86 0.57
CA LYS K 562 -14.19 43.85 0.72
C LYS K 562 -14.78 42.59 0.11
N GLU K 563 -14.34 42.23 -1.10
CA GLU K 563 -14.89 41.06 -1.75
C GLU K 563 -14.58 39.80 -0.95
N VAL K 564 -13.35 39.67 -0.45
CA VAL K 564 -12.99 38.49 0.33
C VAL K 564 -13.84 38.42 1.59
N THR K 565 -13.98 39.55 2.30
CA THR K 565 -14.74 39.54 3.54
C THR K 565 -16.20 39.22 3.30
N GLU K 566 -16.79 39.78 2.24
CA GLU K 566 -18.19 39.51 1.94
C GLU K 566 -18.39 38.05 1.56
N ASN K 567 -17.47 37.48 0.79
CA ASN K 567 -17.57 36.06 0.47
C ASN K 567 -17.40 35.20 1.71
N ALA K 568 -16.64 35.68 2.69
CA ALA K 568 -16.47 34.93 3.93
C ALA K 568 -17.78 34.84 4.71
N GLY K 569 -18.64 35.85 4.60
CA GLY K 569 -19.93 35.81 5.26
C GLY K 569 -20.27 37.03 6.09
N TYR K 570 -19.41 38.06 6.03
CA TYR K 570 -19.62 39.28 6.78
C TYR K 570 -20.06 40.39 5.82
N LYS K 571 -21.29 40.85 5.97
CA LYS K 571 -21.82 41.86 5.05
C LYS K 571 -21.18 43.22 5.28
N ASP K 572 -20.91 43.57 6.54
CA ASP K 572 -20.32 44.85 6.86
C ASP K 572 -18.80 44.73 6.80
N PRO K 573 -18.12 45.41 5.87
CA PRO K 573 -16.67 45.30 5.77
C PRO K 573 -15.89 46.33 6.56
N ASP K 574 -16.55 47.36 7.09
CA ASP K 574 -15.85 48.37 7.88
C ASP K 574 -15.46 47.87 9.26
N ARG K 575 -15.99 46.73 9.69
CA ARG K 575 -15.59 46.18 10.98
C ARG K 575 -14.16 45.66 10.96
N PHE K 576 -13.68 45.19 9.82
CA PHE K 576 -12.37 44.60 9.71
C PHE K 576 -11.38 45.41 8.88
N TRP K 577 -11.85 46.38 8.10
CA TRP K 577 -10.97 47.15 7.23
C TRP K 577 -11.33 48.62 7.33
N THR K 578 -10.41 49.46 6.86
CA THR K 578 -10.57 50.91 6.87
C THR K 578 -10.57 51.41 5.43
N ASN K 579 -11.56 52.21 5.09
CA ASN K 579 -11.62 52.78 3.74
C ASN K 579 -10.50 53.78 3.56
N PRO K 580 -9.65 53.63 2.54
CA PRO K 580 -8.57 54.59 2.33
C PRO K 580 -9.04 55.99 1.97
N ASP K 581 -10.29 56.16 1.55
CA ASP K 581 -10.84 57.46 1.24
C ASP K 581 -11.47 58.14 2.45
N SER K 582 -11.56 57.45 3.58
CA SER K 582 -12.12 58.06 4.78
C SER K 582 -11.19 59.15 5.30
N PRO K 583 -11.72 60.18 5.95
CA PRO K 583 -10.87 61.29 6.43
C PRO K 583 -9.77 60.85 7.37
N GLU K 584 -10.01 59.82 8.20
CA GLU K 584 -8.96 59.32 9.07
C GLU K 584 -7.81 58.76 8.25
N ALA K 585 -8.12 58.04 7.17
CA ALA K 585 -7.06 57.52 6.30
C ALA K 585 -6.29 58.64 5.64
N GLN K 586 -6.99 59.70 5.20
CA GLN K 586 -6.30 60.84 4.61
C GLN K 586 -5.37 61.50 5.63
N GLN K 587 -5.82 61.64 6.87
CA GLN K 587 -4.98 62.21 7.91
C GLN K 587 -3.74 61.33 8.16
N ALA K 588 -3.95 60.01 8.25
CA ALA K 588 -2.83 59.11 8.47
C ALA K 588 -1.82 59.20 7.34
N LYS K 589 -2.31 59.27 6.10
CA LYS K 589 -1.41 59.47 4.97
C LYS K 589 -0.70 60.80 5.06
N ALA K 590 -1.37 61.83 5.58
CA ALA K 590 -0.74 63.14 5.72
C ALA K 590 0.46 63.08 6.66
N ILE K 591 0.26 62.49 7.86
CA ILE K 591 1.40 62.35 8.76
C ILE K 591 2.48 61.44 8.16
N ARG K 592 2.07 60.35 7.50
CA ARG K 592 3.07 59.46 6.93
C ARG K 592 3.92 60.18 5.89
N GLU K 593 3.31 60.99 5.03
CA GLU K 593 4.06 61.76 4.05
C GLU K 593 4.92 62.82 4.72
N GLN K 594 4.40 63.44 5.77
CA GLN K 594 5.17 64.46 6.49
C GLN K 594 6.40 63.85 7.15
N LYS K 595 6.36 62.57 7.49
CA LYS K 595 7.52 61.96 8.16
C LYS K 595 8.68 61.68 7.22
N GLU K 596 8.73 62.15 5.98
CA GLU K 596 9.91 62.04 5.12
C GLU K 596 10.48 63.41 4.79
N ALA K 597 10.55 64.28 5.80
CA ALA K 597 11.06 65.64 5.59
C ALA K 597 12.52 65.61 5.15
N GLN K 598 13.34 64.80 5.81
CA GLN K 598 14.77 64.73 5.52
C GLN K 598 15.39 63.49 6.14
N PRO K 599 16.24 62.78 5.40
CA PRO K 599 16.88 61.57 5.94
C PRO K 599 18.06 61.94 6.84
N LYS K 600 18.78 60.92 7.28
CA LYS K 600 19.83 61.08 8.28
C LYS K 600 21.05 61.84 7.74
N PRO K 601 21.74 61.38 6.70
CA PRO K 601 23.00 62.03 6.32
C PRO K 601 22.87 63.14 5.29
N GLU K 602 21.65 63.50 4.87
CA GLU K 602 21.51 64.53 3.84
C GLU K 602 21.79 65.92 4.41
N ASP K 603 21.46 66.16 5.68
CA ASP K 603 21.79 67.46 6.25
C ASP K 603 23.27 67.55 6.59
N ILE K 604 23.87 66.41 6.96
CA ILE K 604 25.34 66.32 6.99
C ILE K 604 25.90 66.65 5.62
N LYS K 605 25.23 66.19 4.57
CA LYS K 605 25.64 66.50 3.21
C LYS K 605 25.58 68.00 2.94
N ALA K 606 24.51 68.65 3.40
CA ALA K 606 24.36 70.09 3.19
C ALA K 606 25.44 70.87 3.93
N GLN K 607 25.74 70.49 5.18
CA GLN K 607 26.79 71.21 5.91
C GLN K 607 28.17 70.92 5.32
N ALA K 608 28.36 69.73 4.75
CA ALA K 608 29.57 69.47 3.97
C ALA K 608 29.65 70.40 2.76
N ASP K 609 28.51 70.64 2.10
CA ASP K 609 28.50 71.58 0.99
C ASP K 609 28.89 72.98 1.46
N ALA K 610 28.42 73.35 2.65
CA ALA K 610 28.79 74.64 3.23
C ALA K 610 30.30 74.73 3.45
N GLN K 611 30.91 73.66 3.98
CA GLN K 611 32.34 73.71 4.20
C GLN K 611 33.11 73.69 2.87
N ARG K 612 32.55 73.04 1.86
CA ARG K 612 33.15 73.11 0.53
C ARG K 612 33.14 74.54 0.01
N ALA K 613 32.03 75.24 0.21
CA ALA K 613 31.95 76.64 -0.21
C ALA K 613 32.97 77.50 0.53
N GLN K 614 33.13 77.28 1.84
CA GLN K 614 34.11 78.07 2.58
C GLN K 614 35.53 77.75 2.14
N SER K 615 35.78 76.49 1.75
CA SER K 615 37.08 76.15 1.19
C SER K 615 37.34 76.89 -0.11
N ASP K 616 36.34 76.92 -1.00
CA ASP K 616 36.44 77.72 -2.22
C ASP K 616 36.79 79.16 -1.90
N ALA K 617 36.04 79.77 -0.98
CA ALA K 617 36.30 81.15 -0.61
C ALA K 617 37.74 81.32 -0.14
N LEU K 618 38.10 80.64 0.96
CA LEU K 618 39.44 80.80 1.53
C LEU K 618 40.53 80.61 0.48
N ALA K 619 40.37 79.64 -0.41
CA ALA K 619 41.37 79.44 -1.45
C ALA K 619 41.46 80.64 -2.38
N LYS K 620 40.32 81.14 -2.86
CA LYS K 620 40.34 82.28 -3.78
C LYS K 620 40.95 83.52 -3.14
N GLN K 621 40.51 83.84 -1.93
CA GLN K 621 41.08 85.00 -1.24
C GLN K 621 42.56 84.79 -0.93
N ALA K 622 42.98 83.57 -0.62
CA ALA K 622 44.40 83.33 -0.37
C ALA K 622 45.22 83.59 -1.63
N GLU K 623 44.75 83.09 -2.77
CA GLU K 623 45.47 83.30 -4.03
C GLU K 623 45.56 84.79 -4.36
N ALA K 624 44.43 85.49 -4.31
CA ALA K 624 44.44 86.91 -4.64
C ALA K 624 45.29 87.70 -3.66
N GLN K 625 45.23 87.36 -2.38
CA GLN K 625 45.98 88.06 -1.35
C GLN K 625 47.47 87.86 -1.55
N MET K 626 47.90 86.65 -1.89
CA MET K 626 49.33 86.41 -2.10
C MET K 626 49.82 87.08 -3.37
N LYS K 627 48.98 87.12 -4.41
CA LYS K 627 49.34 87.86 -5.62
C LYS K 627 49.53 89.35 -5.31
N GLN K 628 48.60 89.93 -4.55
CA GLN K 628 48.75 91.33 -4.16
C GLN K 628 49.94 91.53 -3.23
N VAL K 629 50.29 90.51 -2.44
CA VAL K 629 51.50 90.59 -1.64
C VAL K 629 52.72 90.73 -2.55
N GLU K 630 52.83 89.87 -3.55
CA GLU K 630 53.92 90.01 -4.50
C GLU K 630 53.87 91.35 -5.23
N ALA K 631 52.68 91.93 -5.35
CA ALA K 631 52.54 93.17 -6.11
C ALA K 631 53.31 94.32 -5.46
N GLN K 632 53.21 94.46 -4.13
CA GLN K 632 53.61 95.71 -3.50
C GLN K 632 54.52 95.59 -2.28
N ILE K 633 54.71 94.40 -1.70
CA ILE K 633 55.58 94.29 -0.53
C ILE K 633 57.05 94.14 -0.90
N ARG K 634 57.34 93.91 -2.18
CA ARG K 634 58.70 93.65 -2.64
C ARG K 634 59.28 94.79 -3.45
N LEU K 635 58.56 95.27 -4.47
CA LEU K 635 59.07 96.34 -5.31
C LEU K 635 59.34 97.60 -4.49
N ALA K 636 58.50 97.87 -3.50
CA ALA K 636 58.70 99.04 -2.65
C ALA K 636 60.03 98.98 -1.91
N GLU K 637 60.38 97.81 -1.37
CA GLU K 637 61.68 97.65 -0.74
C GLU K 637 62.79 97.35 -1.75
N ILE K 638 62.44 96.95 -2.97
CA ILE K 638 63.45 96.78 -4.02
C ILE K 638 64.00 98.14 -4.42
N GLU K 639 63.12 99.11 -4.65
CA GLU K 639 63.58 100.43 -5.11
C GLU K 639 64.37 101.16 -4.03
N LEU K 640 64.11 100.86 -2.75
CA LEU K 640 64.88 101.45 -1.67
C LEU K 640 65.73 100.39 -0.98
N MET L 11 -38.09 34.56 -76.14
CA MET L 11 -37.06 33.82 -75.42
C MET L 11 -36.74 34.49 -74.10
N ASP L 12 -37.76 34.69 -73.27
CA ASP L 12 -37.59 35.32 -71.97
C ASP L 12 -38.34 34.59 -70.86
N ASP L 13 -39.07 33.53 -71.16
CA ASP L 13 -39.66 32.64 -70.17
C ASP L 13 -40.61 33.41 -69.25
N GLU L 14 -41.72 33.85 -69.83
CA GLU L 14 -42.71 34.66 -69.13
C GLU L 14 -43.42 33.88 -68.02
N GLN L 15 -44.35 34.54 -67.33
CA GLN L 15 -45.00 33.98 -66.15
C GLN L 15 -45.59 32.59 -66.42
N VAL L 16 -46.28 32.42 -67.54
CA VAL L 16 -47.03 31.18 -67.77
C VAL L 16 -46.10 29.98 -67.84
N LEU L 17 -45.00 30.12 -68.57
CA LEU L 17 -44.06 29.00 -68.73
C LEU L 17 -43.44 28.61 -67.40
N ARG L 18 -43.05 29.60 -66.58
CA ARG L 18 -42.41 29.27 -65.32
C ARG L 18 -43.42 28.70 -64.32
N HIS L 19 -44.67 29.14 -64.37
CA HIS L 19 -45.70 28.45 -63.59
C HIS L 19 -45.83 27.00 -64.04
N LEU L 20 -45.83 26.77 -65.35
CA LEU L 20 -45.95 25.40 -65.85
C LEU L 20 -44.81 24.54 -65.32
N ASP L 21 -43.58 25.04 -65.42
CA ASP L 21 -42.43 24.29 -64.94
C ASP L 21 -42.50 24.05 -63.44
N GLN L 22 -42.87 25.07 -62.67
CA GLN L 22 -42.95 24.93 -61.22
C GLN L 22 -43.99 23.90 -60.82
N LEU L 23 -45.16 23.95 -61.44
CA LEU L 23 -46.20 22.97 -61.11
C LEU L 23 -45.80 21.57 -61.53
N VAL L 24 -45.12 21.42 -62.68
CA VAL L 24 -44.64 20.10 -63.06
C VAL L 24 -43.68 19.56 -62.02
N ASN L 25 -42.70 20.37 -61.62
CA ASN L 25 -41.71 19.91 -60.66
C ASN L 25 -42.35 19.60 -59.30
N ASP L 26 -43.29 20.43 -58.87
CA ASP L 26 -43.91 20.23 -57.57
C ASP L 26 -44.81 19.00 -57.56
N ALA L 27 -45.68 18.87 -58.57
CA ALA L 27 -46.57 17.73 -58.66
C ALA L 27 -45.82 16.44 -58.93
N LEU L 28 -44.56 16.52 -59.39
CA LEU L 28 -43.73 15.33 -59.43
C LEU L 28 -43.61 14.73 -58.03
N ASP L 29 -43.48 15.58 -57.02
CA ASP L 29 -43.49 15.14 -55.62
C ASP L 29 -44.91 15.25 -55.10
N PHE L 30 -45.09 15.15 -53.78
CA PHE L 30 -46.41 15.13 -53.14
C PHE L 30 -47.25 13.96 -53.63
N ASN L 31 -46.78 12.74 -53.40
CA ASN L 31 -47.50 11.55 -53.80
C ASN L 31 -47.24 10.45 -52.77
N SER L 32 -47.94 9.32 -52.95
CA SER L 32 -47.72 8.17 -52.09
C SER L 32 -46.39 7.53 -52.44
N SER L 33 -45.33 7.94 -51.75
CA SER L 33 -43.99 7.46 -52.03
C SER L 33 -43.48 6.64 -50.85
N GLU L 34 -42.58 5.71 -51.17
CA GLU L 34 -42.03 4.81 -50.16
C GLU L 34 -41.21 5.56 -49.11
N LEU L 35 -40.65 6.72 -49.46
CA LEU L 35 -39.92 7.51 -48.48
C LEU L 35 -40.84 7.97 -47.36
N SER L 36 -41.99 8.56 -47.73
CA SER L 36 -42.95 8.98 -46.73
C SER L 36 -43.49 7.80 -45.95
N LYS L 37 -43.69 6.66 -46.61
CA LYS L 37 -44.16 5.47 -45.92
C LYS L 37 -43.16 5.03 -44.86
N GLN L 38 -41.87 5.01 -45.21
CA GLN L 38 -40.86 4.60 -44.24
C GLN L 38 -40.76 5.58 -43.09
N ARG L 39 -40.84 6.88 -43.38
CA ARG L 39 -40.77 7.86 -42.29
C ARG L 39 -41.96 7.74 -41.35
N SER L 40 -43.17 7.59 -41.90
CA SER L 40 -44.34 7.43 -41.06
C SER L 40 -44.28 6.15 -40.25
N GLU L 41 -43.80 5.07 -40.86
CA GLU L 41 -43.65 3.81 -40.12
C GLU L 41 -42.65 3.96 -38.99
N ALA L 42 -41.55 4.68 -39.23
CA ALA L 42 -40.57 4.91 -38.18
C ALA L 42 -41.19 5.66 -37.01
N LEU L 43 -41.96 6.70 -37.30
CA LEU L 43 -42.54 7.48 -36.21
C LEU L 43 -43.61 6.67 -35.47
N LYS L 44 -44.36 5.85 -36.21
CA LYS L 44 -45.33 4.96 -35.58
C LYS L 44 -44.65 3.97 -34.64
N TYR L 45 -43.54 3.38 -35.09
CA TYR L 45 -42.80 2.47 -34.23
C TYR L 45 -42.27 3.19 -33.00
N TYR L 46 -41.86 4.45 -33.15
CA TYR L 46 -41.44 5.22 -32.00
C TYR L 46 -42.58 5.40 -31.02
N PHE L 47 -43.78 5.71 -31.51
CA PHE L 47 -44.91 5.90 -30.60
C PHE L 47 -45.42 4.60 -30.01
N GLY L 48 -45.01 3.45 -30.54
CA GLY L 48 -45.52 2.19 -30.05
C GLY L 48 -46.92 1.86 -30.50
N GLU L 49 -47.31 2.29 -31.70
CA GLU L 49 -48.63 2.02 -32.22
C GLU L 49 -48.78 0.54 -32.56
N PRO L 50 -50.01 0.03 -32.56
CA PRO L 50 -50.21 -1.38 -32.95
C PRO L 50 -49.81 -1.63 -34.39
N PHE L 51 -49.32 -2.84 -34.64
CA PHE L 51 -48.84 -3.20 -35.97
C PHE L 51 -50.01 -3.39 -36.95
N GLY L 52 -51.13 -3.91 -36.48
CA GLY L 52 -52.26 -4.19 -37.33
C GLY L 52 -52.63 -5.66 -37.44
N ASN L 53 -51.90 -6.55 -36.77
CA ASN L 53 -52.20 -7.97 -36.79
C ASN L 53 -52.81 -8.45 -35.47
N GLU L 54 -53.29 -7.53 -34.65
CA GLU L 54 -53.83 -7.88 -33.34
C GLU L 54 -55.18 -8.57 -33.48
N ARG L 55 -55.44 -9.52 -32.58
CA ARG L 55 -56.70 -10.23 -32.53
C ARG L 55 -57.60 -9.65 -31.45
N PRO L 56 -58.92 -9.77 -31.61
CA PRO L 56 -59.84 -9.09 -30.67
C PRO L 56 -59.64 -9.46 -29.20
N GLY L 57 -59.36 -10.72 -28.90
CA GLY L 57 -59.32 -11.14 -27.51
C GLY L 57 -57.96 -11.56 -27.00
N LYS L 58 -56.91 -11.31 -27.77
CA LYS L 58 -55.56 -11.73 -27.42
C LYS L 58 -54.74 -10.54 -26.96
N SER L 59 -53.50 -10.82 -26.57
CA SER L 59 -52.60 -9.78 -26.09
C SER L 59 -52.16 -8.88 -27.25
N ALA L 60 -51.84 -7.63 -26.90
CA ALA L 60 -51.42 -6.66 -27.91
C ALA L 60 -50.24 -5.83 -27.44
N ILE L 61 -49.36 -6.42 -26.62
CA ILE L 61 -48.21 -5.70 -26.11
C ILE L 61 -47.22 -5.46 -27.24
N VAL L 62 -46.56 -4.29 -27.21
CA VAL L 62 -45.59 -3.90 -28.21
C VAL L 62 -44.27 -3.60 -27.52
N SER L 63 -43.19 -4.20 -28.01
CA SER L 63 -41.86 -3.93 -27.49
C SER L 63 -41.39 -2.55 -27.96
N ARG L 64 -40.61 -1.89 -27.11
CA ARG L 64 -40.10 -0.54 -27.38
C ARG L 64 -38.59 -0.62 -27.57
N ASP L 65 -38.15 -0.51 -28.83
CA ASP L 65 -36.73 -0.54 -29.15
C ASP L 65 -36.24 0.75 -29.78
N VAL L 66 -36.92 1.23 -30.82
CA VAL L 66 -36.54 2.48 -31.46
C VAL L 66 -36.61 3.63 -30.47
N GLN L 67 -37.67 3.64 -29.65
CA GLN L 67 -37.82 4.69 -28.65
C GLN L 67 -36.66 4.66 -27.66
N GLU L 68 -36.29 3.47 -27.19
CA GLU L 68 -35.20 3.36 -26.24
C GLU L 68 -33.88 3.83 -26.84
N THR L 69 -33.61 3.43 -28.08
CA THR L 69 -32.35 3.83 -28.71
C THR L 69 -32.29 5.34 -28.90
N VAL L 70 -33.37 5.93 -29.39
CA VAL L 70 -33.37 7.38 -29.62
C VAL L 70 -33.22 8.13 -28.30
N ASP L 71 -33.94 7.69 -27.27
CA ASP L 71 -33.88 8.37 -25.98
C ASP L 71 -32.55 8.15 -25.27
N TRP L 72 -31.83 7.09 -25.61
CA TRP L 72 -30.48 6.92 -25.05
C TRP L 72 -29.43 7.68 -25.83
N ILE L 73 -29.68 7.96 -27.11
CA ILE L 73 -28.68 8.70 -27.88
C ILE L 73 -28.81 10.21 -27.66
N MET L 74 -30.03 10.72 -27.55
CA MET L 74 -30.23 12.17 -27.57
C MET L 74 -29.50 12.92 -26.46
N PRO L 75 -29.58 12.54 -25.18
CA PRO L 75 -29.00 13.39 -24.13
C PRO L 75 -27.52 13.66 -24.28
N SER L 76 -26.75 12.67 -24.74
CA SER L 76 -25.33 12.91 -24.98
C SER L 76 -25.14 13.89 -26.13
N LEU L 77 -25.96 13.77 -27.18
CA LEU L 77 -25.89 14.69 -28.31
C LEU L 77 -26.29 16.09 -27.94
N MET L 78 -27.01 16.29 -26.84
CA MET L 78 -27.31 17.64 -26.36
C MET L 78 -26.22 18.16 -25.43
N LYS L 79 -25.75 17.33 -24.51
CA LYS L 79 -24.65 17.71 -23.63
C LYS L 79 -23.45 18.16 -24.44
N VAL L 80 -23.05 17.36 -25.43
CA VAL L 80 -22.21 17.88 -26.50
C VAL L 80 -23.04 18.86 -27.31
N PHE L 81 -22.44 19.99 -27.66
CA PHE L 81 -23.03 21.12 -28.39
C PHE L 81 -23.88 22.05 -27.54
N THR L 82 -24.16 21.75 -26.26
CA THR L 82 -24.97 22.71 -25.52
C THR L 82 -24.38 23.09 -24.16
N SER L 83 -23.60 22.18 -23.56
CA SER L 83 -23.30 22.31 -22.13
C SER L 83 -22.55 23.59 -21.81
N GLY L 84 -21.67 24.03 -22.69
CA GLY L 84 -20.81 25.14 -22.37
C GLY L 84 -21.43 26.52 -22.37
N GLY L 85 -22.71 26.63 -22.68
CA GLY L 85 -23.33 27.94 -22.83
C GLY L 85 -23.09 28.53 -24.21
N GLN L 86 -21.84 28.70 -24.61
CA GLN L 86 -21.53 29.07 -25.98
C GLN L 86 -21.70 27.86 -26.89
N VAL L 87 -22.03 28.12 -28.15
CA VAL L 87 -22.22 27.05 -29.12
C VAL L 87 -21.22 27.10 -30.27
N VAL L 88 -20.65 28.26 -30.59
CA VAL L 88 -19.74 28.39 -31.72
C VAL L 88 -18.56 29.26 -31.30
N LYS L 89 -17.40 29.03 -31.92
CA LYS L 89 -16.26 29.90 -31.72
C LYS L 89 -15.57 30.15 -33.05
N TYR L 90 -15.33 31.41 -33.37
CA TYR L 90 -14.66 31.77 -34.61
C TYR L 90 -13.20 32.07 -34.31
N GLU L 91 -12.30 31.37 -34.98
CA GLU L 91 -10.89 31.57 -34.73
C GLU L 91 -10.27 32.36 -35.87
N PRO L 92 -9.45 33.36 -35.56
CA PRO L 92 -8.84 34.17 -36.63
C PRO L 92 -7.79 33.39 -37.39
N GLN L 93 -7.59 33.78 -38.64
CA GLN L 93 -6.58 33.17 -39.49
C GLN L 93 -5.21 33.79 -39.24
N THR L 94 -5.14 35.11 -39.21
CA THR L 94 -3.91 35.85 -38.93
C THR L 94 -4.15 36.77 -37.73
N ALA L 95 -3.09 37.47 -37.34
CA ALA L 95 -3.18 38.39 -36.20
C ALA L 95 -4.01 39.62 -36.50
N GLU L 96 -4.34 39.89 -37.75
CA GLU L 96 -5.08 41.08 -38.13
C GLU L 96 -6.59 40.86 -38.11
N ASP L 97 -7.05 39.65 -37.80
CA ASP L 97 -8.47 39.35 -37.76
C ASP L 97 -9.00 39.17 -36.35
N VAL L 98 -8.14 39.25 -35.33
CA VAL L 98 -8.51 38.83 -33.99
C VAL L 98 -9.75 39.57 -33.51
N GLU L 99 -9.75 40.90 -33.63
CA GLU L 99 -10.90 41.68 -33.18
C GLU L 99 -12.15 41.27 -33.92
N GLN L 100 -12.04 41.07 -35.24
CA GLN L 100 -13.20 40.58 -35.99
C GLN L 100 -13.64 39.22 -35.46
N ALA L 101 -12.67 38.33 -35.21
CA ALA L 101 -13.01 37.02 -34.67
C ALA L 101 -13.76 37.14 -33.35
N GLU L 102 -13.48 38.19 -32.59
CA GLU L 102 -14.24 38.40 -31.35
C GLU L 102 -15.67 38.80 -31.67
N GLN L 103 -15.84 39.77 -32.57
CA GLN L 103 -17.17 40.36 -32.79
C GLN L 103 -18.18 39.31 -33.18
N GLU L 104 -17.87 38.52 -34.22
CA GLU L 104 -18.76 37.46 -34.64
C GLU L 104 -19.02 36.50 -33.49
N THR L 105 -17.96 36.10 -32.78
CA THR L 105 -18.14 35.15 -31.68
C THR L 105 -19.09 35.69 -30.63
N GLU L 106 -19.16 37.01 -30.48
CA GLU L 106 -20.10 37.58 -29.54
C GLU L 106 -21.42 37.92 -30.19
N TYR L 107 -21.43 38.15 -31.50
CA TYR L 107 -22.68 38.43 -32.19
C TYR L 107 -23.45 37.15 -32.47
N VAL L 108 -22.86 36.23 -33.23
CA VAL L 108 -23.45 34.93 -33.48
C VAL L 108 -23.27 34.08 -32.21
N ASN L 109 -24.35 33.94 -31.45
CA ASN L 109 -24.44 33.47 -30.07
C ASN L 109 -25.54 34.27 -29.41
N TYR L 110 -25.49 35.58 -29.60
CA TYR L 110 -26.60 36.43 -29.21
C TYR L 110 -27.78 36.23 -30.15
N LEU L 111 -27.52 36.02 -31.44
CA LEU L 111 -28.59 35.78 -32.39
C LEU L 111 -29.18 34.39 -32.21
N PHE L 112 -28.34 33.39 -31.97
CA PHE L 112 -28.81 32.02 -31.96
C PHE L 112 -29.48 31.64 -30.63
N MET L 113 -28.90 32.04 -29.51
CA MET L 113 -29.38 31.59 -28.21
C MET L 113 -30.31 32.58 -27.52
N ARG L 114 -30.28 33.85 -27.90
CA ARG L 114 -31.07 34.87 -27.21
C ARG L 114 -32.12 35.53 -28.10
N LYS L 115 -32.19 35.18 -29.37
CA LYS L 115 -33.14 35.80 -30.27
C LYS L 115 -33.91 34.81 -31.14
N ASN L 116 -33.58 33.52 -31.09
CA ASN L 116 -34.19 32.56 -32.01
C ASN L 116 -34.54 31.22 -31.38
N GLU L 117 -34.39 31.06 -30.07
CA GLU L 117 -34.66 29.78 -29.40
C GLU L 117 -33.80 28.67 -30.00
N GLY L 118 -32.48 28.82 -29.84
CA GLY L 118 -31.55 27.89 -30.47
C GLY L 118 -31.67 26.48 -29.94
N PHE L 119 -31.91 26.32 -28.64
CA PHE L 119 -31.94 25.00 -28.04
C PHE L 119 -33.07 24.16 -28.63
N LYS L 120 -34.26 24.75 -28.75
CA LYS L 120 -35.40 24.00 -29.28
C LYS L 120 -35.17 23.63 -30.75
N VAL L 121 -34.62 24.56 -31.53
CA VAL L 121 -34.36 24.29 -32.94
C VAL L 121 -33.35 23.15 -33.08
N MET L 122 -32.28 23.20 -32.28
CA MET L 122 -31.27 22.16 -32.35
C MET L 122 -31.83 20.80 -31.92
N PHE L 123 -32.67 20.79 -30.88
CA PHE L 123 -33.28 19.54 -30.43
C PHE L 123 -34.17 18.94 -31.51
N ASP L 124 -35.00 19.78 -32.13
CA ASP L 124 -35.86 19.30 -33.21
C ASP L 124 -35.03 18.78 -34.38
N TRP L 125 -33.97 19.50 -34.73
CA TRP L 125 -33.07 19.07 -35.80
C TRP L 125 -32.51 17.68 -35.52
N PHE L 126 -31.93 17.49 -34.33
CA PHE L 126 -31.29 16.22 -34.02
C PHE L 126 -32.32 15.09 -33.96
N GLN L 127 -33.48 15.34 -33.36
CA GLN L 127 -34.48 14.28 -33.25
C GLN L 127 -35.04 13.91 -34.61
N ASP L 128 -35.23 14.89 -35.50
CA ASP L 128 -35.67 14.56 -36.84
C ASP L 128 -34.63 13.76 -37.59
N THR L 129 -33.35 14.11 -37.41
CA THR L 129 -32.29 13.37 -38.08
C THR L 129 -32.26 11.92 -37.60
N LEU L 130 -32.41 11.69 -36.30
CA LEU L 130 -32.36 10.32 -35.79
C LEU L 130 -33.62 9.55 -36.15
N MET L 131 -34.78 10.20 -36.09
CA MET L 131 -36.05 9.52 -36.32
C MET L 131 -36.28 9.28 -37.81
N MET L 132 -36.38 10.35 -38.58
CA MET L 132 -36.45 10.25 -40.03
C MET L 132 -35.04 10.03 -40.58
N LYS L 133 -34.87 10.20 -41.88
CA LYS L 133 -33.58 9.91 -42.48
C LYS L 133 -32.64 11.11 -42.50
N THR L 134 -33.17 12.33 -42.48
CA THR L 134 -32.32 13.52 -42.52
C THR L 134 -33.06 14.69 -41.89
N GLY L 135 -32.31 15.66 -41.42
CA GLY L 135 -32.89 16.84 -40.80
C GLY L 135 -32.46 18.11 -41.51
N VAL L 136 -33.37 19.08 -41.57
CA VAL L 136 -33.15 20.31 -42.32
C VAL L 136 -33.49 21.52 -41.46
N VAL L 137 -32.65 22.55 -41.55
CA VAL L 137 -32.84 23.82 -40.84
C VAL L 137 -32.57 24.96 -41.81
N LYS L 138 -33.40 26.01 -41.74
CA LYS L 138 -33.30 27.14 -42.65
C LYS L 138 -32.89 28.41 -41.91
N VAL L 139 -32.08 29.23 -42.58
CA VAL L 139 -31.67 30.54 -42.09
C VAL L 139 -32.11 31.58 -43.11
N TYR L 140 -32.77 32.64 -42.65
CA TYR L 140 -33.30 33.63 -43.58
C TYR L 140 -33.36 34.99 -42.90
N VAL L 141 -33.77 35.99 -43.66
CA VAL L 141 -33.97 37.35 -43.19
C VAL L 141 -35.46 37.65 -43.21
N GLU L 142 -35.99 38.14 -42.09
CA GLU L 142 -37.41 38.34 -41.95
C GLU L 142 -37.93 39.34 -42.99
N GLU L 143 -39.03 38.98 -43.65
CA GLU L 143 -39.66 39.84 -44.65
C GLU L 143 -41.01 40.38 -44.24
N VAL L 144 -41.66 39.78 -43.24
CA VAL L 144 -42.93 40.26 -42.72
C VAL L 144 -42.63 41.07 -41.46
N LEU L 145 -42.93 42.36 -41.49
CA LEU L 145 -42.61 43.28 -40.40
C LEU L 145 -43.92 43.78 -39.79
N ASN L 146 -44.36 43.11 -38.74
CA ASN L 146 -45.57 43.49 -38.01
C ASN L 146 -45.32 44.73 -37.15
N PRO L 147 -46.31 45.62 -37.08
CA PRO L 147 -46.22 46.73 -36.11
C PRO L 147 -46.34 46.20 -34.69
N THR L 148 -45.77 46.96 -33.75
CA THR L 148 -45.74 46.56 -32.35
C THR L 148 -46.35 47.64 -31.48
N PHE L 149 -46.81 47.23 -30.31
CA PHE L 149 -47.38 48.15 -29.32
C PHE L 149 -46.64 47.97 -28.00
N GLU L 150 -46.30 49.09 -27.35
CA GLU L 150 -45.57 49.05 -26.10
C GLU L 150 -46.29 49.87 -25.03
N ARG L 151 -46.14 49.42 -23.79
CA ARG L 151 -46.71 50.04 -22.62
C ARG L 151 -45.61 50.25 -21.59
N PHE L 152 -45.53 51.46 -21.03
CA PHE L 152 -44.56 51.75 -20.00
C PHE L 152 -45.25 52.52 -18.87
N SER L 153 -44.76 52.31 -17.65
CA SER L 153 -45.29 53.00 -16.49
C SER L 153 -44.17 53.24 -15.49
N GLY L 154 -44.26 54.34 -14.77
CA GLY L 154 -43.27 54.67 -13.75
C GLY L 154 -41.99 55.23 -14.28
N LEU L 155 -42.01 55.81 -15.48
CA LEU L 155 -40.81 56.36 -16.09
C LEU L 155 -40.59 57.80 -15.66
N SER L 156 -39.37 58.28 -15.90
CA SER L 156 -39.00 59.65 -15.55
C SER L 156 -38.98 60.52 -16.81
N GLU L 157 -38.52 61.76 -16.64
CA GLU L 157 -38.56 62.74 -17.73
C GLU L 157 -37.66 62.33 -18.88
N GLU L 158 -36.39 62.04 -18.60
CA GLU L 158 -35.44 61.80 -19.67
C GLU L 158 -35.75 60.51 -20.43
N MET L 159 -36.23 59.49 -19.73
CA MET L 159 -36.63 58.27 -20.42
C MET L 159 -37.77 58.54 -21.39
N VAL L 160 -38.77 59.32 -20.97
CA VAL L 160 -39.89 59.63 -21.85
C VAL L 160 -39.42 60.45 -23.04
N ALA L 161 -38.55 61.42 -22.81
CA ALA L 161 -38.03 62.23 -23.91
C ALA L 161 -37.26 61.36 -24.90
N ASP L 162 -36.42 60.46 -24.40
CA ASP L 162 -35.66 59.58 -25.28
C ASP L 162 -36.58 58.67 -26.08
N ILE L 163 -37.62 58.14 -25.45
CA ILE L 163 -38.56 57.28 -26.17
C ILE L 163 -39.28 58.05 -27.25
N LEU L 164 -39.70 59.28 -26.94
CA LEU L 164 -40.50 60.07 -27.87
C LEU L 164 -39.69 60.76 -28.94
N ALA L 165 -38.35 60.82 -28.80
CA ALA L 165 -37.54 61.45 -29.83
C ALA L 165 -37.54 60.65 -31.14
N ASP L 166 -37.89 59.37 -31.08
CA ASP L 166 -37.88 58.54 -32.28
C ASP L 166 -38.99 58.99 -33.23
N PRO L 167 -38.69 59.28 -34.50
CA PRO L 167 -39.73 59.67 -35.45
C PRO L 167 -40.56 58.50 -35.98
N ASP L 168 -40.32 57.28 -35.51
CA ASP L 168 -41.04 56.10 -35.98
C ASP L 168 -42.05 55.58 -34.94
N THR L 169 -42.38 56.40 -33.95
CA THR L 169 -43.29 56.00 -32.89
C THR L 169 -44.46 56.97 -32.83
N GLU L 170 -45.65 56.44 -32.53
CA GLU L 170 -46.86 57.24 -32.43
C GLU L 170 -47.42 57.11 -31.02
N ILE L 171 -47.80 58.24 -30.44
CA ILE L 171 -48.41 58.26 -29.11
C ILE L 171 -49.86 57.78 -29.20
N LEU L 172 -50.20 56.79 -28.41
CA LEU L 172 -51.60 56.41 -28.21
C LEU L 172 -52.15 56.87 -26.87
N ALA L 173 -51.33 56.93 -25.83
CA ALA L 173 -51.81 57.40 -24.54
C ALA L 173 -50.64 57.93 -23.73
N GLN L 174 -50.90 58.94 -22.91
CA GLN L 174 -49.90 59.51 -22.02
C GLN L 174 -50.59 60.03 -20.77
N SER L 175 -49.97 59.78 -19.61
CA SER L 175 -50.54 60.19 -18.35
C SER L 175 -49.42 60.44 -17.34
N VAL L 176 -49.72 61.30 -16.36
CA VAL L 176 -48.81 61.62 -15.28
C VAL L 176 -49.50 61.30 -13.97
N ASP L 177 -48.82 60.53 -13.12
CA ASP L 177 -49.36 60.13 -11.83
C ASP L 177 -48.80 61.01 -10.72
N GLU L 178 -49.25 60.75 -9.50
CA GLU L 178 -48.64 61.39 -8.33
C GLU L 178 -47.18 60.99 -8.26
N ASP L 179 -46.32 61.97 -7.93
CA ASP L 179 -44.87 61.88 -8.08
C ASP L 179 -44.55 61.97 -9.57
N GLY L 180 -43.41 62.58 -9.91
CA GLY L 180 -43.11 62.86 -11.29
C GLY L 180 -42.79 61.62 -12.10
N THR L 181 -43.77 60.74 -12.25
CA THR L 181 -43.62 59.52 -13.04
C THR L 181 -44.66 59.52 -14.15
N TYR L 182 -44.32 58.87 -15.26
CA TYR L 182 -45.12 58.91 -16.47
C TYR L 182 -45.58 57.52 -16.86
N SER L 183 -46.73 57.45 -17.53
CA SER L 183 -47.23 56.22 -18.12
C SER L 183 -47.55 56.49 -19.58
N ILE L 184 -46.99 55.69 -20.48
CA ILE L 184 -47.15 55.92 -21.91
C ILE L 184 -47.57 54.63 -22.60
N LYS L 185 -48.30 54.80 -23.70
CA LYS L 185 -48.78 53.72 -24.55
C LYS L 185 -48.49 54.13 -25.98
N ILE L 186 -47.61 53.41 -26.66
CA ILE L 186 -47.11 53.82 -27.97
C ILE L 186 -47.22 52.67 -28.96
N ARG L 187 -47.17 53.04 -30.24
CA ARG L 187 -47.12 52.08 -31.34
C ARG L 187 -45.89 52.37 -32.18
N LYS L 188 -45.17 51.31 -32.56
CA LYS L 188 -43.91 51.42 -33.27
C LYS L 188 -43.92 50.57 -34.53
N ASP L 189 -43.33 51.10 -35.59
CA ASP L 189 -43.15 50.40 -36.87
C ASP L 189 -41.66 50.32 -37.14
N LYS L 190 -41.04 49.21 -36.75
CA LYS L 190 -39.61 49.02 -36.89
C LYS L 190 -39.27 48.45 -38.25
N LYS L 191 -38.22 48.97 -38.87
CA LYS L 191 -37.82 48.57 -40.22
C LYS L 191 -36.49 47.85 -40.29
N LYS L 192 -35.74 47.76 -39.20
CA LYS L 192 -34.46 47.06 -39.25
C LYS L 192 -34.68 45.57 -39.46
N ARG L 193 -33.71 44.94 -40.14
CA ARG L 193 -33.84 43.55 -40.51
C ARG L 193 -33.73 42.64 -39.29
N GLU L 194 -34.21 41.41 -39.45
CA GLU L 194 -34.06 40.37 -38.45
C GLU L 194 -33.54 39.11 -39.11
N ILE L 195 -32.63 38.41 -38.43
CA ILE L 195 -32.07 37.15 -38.93
C ILE L 195 -32.71 36.03 -38.13
N LYS L 196 -33.38 35.11 -38.83
CA LYS L 196 -34.14 34.06 -38.19
C LYS L 196 -33.63 32.69 -38.61
N VAL L 197 -33.69 31.74 -37.67
CA VAL L 197 -33.36 30.35 -37.89
C VAL L 197 -34.57 29.52 -37.52
N THR L 198 -35.01 28.65 -38.41
CA THR L 198 -36.22 27.87 -38.20
C THR L 198 -35.98 26.40 -38.52
N CYS L 199 -36.73 25.55 -37.81
CA CYS L 199 -36.80 24.13 -38.10
C CYS L 199 -37.94 23.86 -39.09
N ILE L 200 -37.72 22.89 -39.96
CA ILE L 200 -38.66 22.57 -41.03
C ILE L 200 -39.18 21.16 -40.81
N LYS L 201 -40.49 21.00 -40.85
CA LYS L 201 -41.07 19.67 -40.77
C LYS L 201 -40.64 18.85 -41.97
N PRO L 202 -40.31 17.57 -41.79
CA PRO L 202 -39.79 16.78 -42.91
C PRO L 202 -40.73 16.68 -44.10
N GLU L 203 -42.04 16.71 -43.87
CA GLU L 203 -42.99 16.60 -44.97
C GLU L 203 -43.15 17.90 -45.75
N ASN L 204 -42.63 19.02 -45.25
CA ASN L 204 -42.77 20.31 -45.91
C ASN L 204 -41.53 20.72 -46.69
N PHE L 205 -40.55 19.82 -46.83
CA PHE L 205 -39.32 20.10 -47.55
C PHE L 205 -39.26 19.17 -48.75
N LEU L 206 -39.06 19.74 -49.95
CA LEU L 206 -39.07 18.97 -51.18
C LEU L 206 -37.72 19.08 -51.86
N VAL L 207 -37.15 17.94 -52.22
CA VAL L 207 -35.88 17.85 -52.92
C VAL L 207 -36.05 16.90 -54.10
N ASP L 208 -35.36 17.21 -55.20
CA ASP L 208 -35.42 16.35 -56.37
C ASP L 208 -34.71 15.02 -56.07
N ARG L 209 -34.91 14.05 -56.96
CA ARG L 209 -34.47 12.69 -56.70
C ARG L 209 -33.07 12.40 -57.23
N LEU L 210 -32.31 13.41 -57.64
CA LEU L 210 -30.95 13.22 -58.13
C LEU L 210 -29.94 14.10 -57.41
N ALA L 211 -30.30 14.67 -56.26
CA ALA L 211 -29.46 15.66 -55.59
C ALA L 211 -28.12 15.12 -55.14
N THR L 212 -28.14 14.18 -54.18
CA THR L 212 -26.97 13.59 -53.52
C THR L 212 -26.28 14.57 -52.57
N CYS L 213 -26.70 15.85 -52.58
CA CYS L 213 -26.24 16.84 -51.62
C CYS L 213 -27.00 18.13 -51.89
N ILE L 214 -26.92 19.06 -50.93
CA ILE L 214 -27.67 20.31 -51.05
C ILE L 214 -27.09 21.19 -52.15
N ASP L 215 -25.77 21.32 -52.19
CA ASP L 215 -25.12 22.32 -53.04
C ASP L 215 -25.30 22.06 -54.53
N ASP L 216 -25.67 20.85 -54.93
CA ASP L 216 -25.85 20.55 -56.34
C ASP L 216 -27.29 20.17 -56.68
N ALA L 217 -28.22 20.37 -55.75
CA ALA L 217 -29.61 20.04 -56.02
C ALA L 217 -30.18 20.97 -57.08
N ARG L 218 -30.88 20.38 -58.05
CA ARG L 218 -31.48 21.17 -59.12
C ARG L 218 -32.74 21.91 -58.66
N PHE L 219 -33.44 21.36 -57.67
CA PHE L 219 -34.71 21.94 -57.25
C PHE L 219 -34.94 21.65 -55.78
N LEU L 220 -35.02 22.70 -54.96
CA LEU L 220 -35.43 22.60 -53.58
C LEU L 220 -36.67 23.46 -53.40
N CYS L 221 -37.55 23.06 -52.49
CA CYS L 221 -38.71 23.91 -52.22
C CYS L 221 -39.20 23.73 -50.81
N HIS L 222 -39.71 24.83 -50.24
CA HIS L 222 -40.25 24.87 -48.90
C HIS L 222 -41.70 25.30 -48.97
N ARG L 223 -42.58 24.51 -48.37
CA ARG L 223 -44.02 24.79 -48.34
C ARG L 223 -44.41 25.23 -46.95
N GLU L 224 -45.11 26.36 -46.86
CA GLU L 224 -45.54 26.86 -45.56
C GLU L 224 -46.92 27.48 -45.70
N LYS L 225 -47.43 28.01 -44.59
CA LYS L 225 -48.78 28.55 -44.53
C LYS L 225 -48.72 30.04 -44.19
N TYR L 226 -49.45 30.84 -44.94
CA TYR L 226 -49.53 32.28 -44.73
C TYR L 226 -50.96 32.69 -44.45
N THR L 227 -51.12 33.68 -43.59
CA THR L 227 -52.41 34.31 -43.36
C THR L 227 -52.59 35.47 -44.33
N VAL L 228 -53.83 35.97 -44.41
CA VAL L 228 -54.13 37.07 -45.31
C VAL L 228 -53.38 38.33 -44.88
N SER L 229 -53.24 38.53 -43.57
CA SER L 229 -52.51 39.69 -43.08
C SER L 229 -51.05 39.66 -43.52
N ASP L 230 -50.43 38.47 -43.47
CA ASP L 230 -49.05 38.35 -43.92
C ASP L 230 -48.91 38.70 -45.39
N LEU L 231 -49.84 38.21 -46.22
CA LEU L 231 -49.79 38.51 -47.64
C LEU L 231 -50.01 40.00 -47.89
N ARG L 232 -50.89 40.63 -47.10
CA ARG L 232 -51.08 42.07 -47.22
C ARG L 232 -49.79 42.82 -46.88
N LEU L 233 -49.11 42.39 -45.83
CA LEU L 233 -47.84 43.01 -45.47
C LEU L 233 -46.79 42.77 -46.56
N LEU L 234 -46.91 41.68 -47.31
CA LEU L 234 -46.00 41.43 -48.41
C LEU L 234 -46.33 42.24 -49.66
N GLY L 235 -47.46 42.93 -49.69
CA GLY L 235 -47.82 43.78 -50.81
C GLY L 235 -48.72 43.16 -51.86
N VAL L 236 -49.33 42.01 -51.58
CA VAL L 236 -50.21 41.38 -52.57
C VAL L 236 -51.45 42.24 -52.78
N PRO L 237 -51.86 42.49 -54.02
CA PRO L 237 -53.06 43.31 -54.25
C PRO L 237 -54.33 42.62 -53.78
N GLU L 238 -55.32 43.43 -53.45
CA GLU L 238 -56.57 42.92 -52.86
C GLU L 238 -57.33 42.04 -53.84
N ASP L 239 -57.33 42.44 -55.13
CA ASP L 239 -58.07 41.67 -56.12
C ASP L 239 -57.53 40.25 -56.24
N VAL L 240 -56.21 40.08 -56.16
CA VAL L 240 -55.64 38.74 -56.14
C VAL L 240 -56.03 38.01 -54.86
N LEU L 241 -56.07 38.73 -53.74
CA LEU L 241 -56.42 38.10 -52.46
C LEU L 241 -57.84 37.55 -52.48
N ASP L 242 -58.76 38.25 -53.13
CA ASP L 242 -60.15 37.80 -53.17
C ASP L 242 -60.34 36.51 -53.96
N GLU L 243 -59.36 36.12 -54.78
CA GLU L 243 -59.50 34.94 -55.62
C GLU L 243 -58.32 34.00 -55.35
N LEU L 244 -58.08 33.72 -54.07
CA LEU L 244 -57.00 32.83 -53.69
C LEU L 244 -57.57 31.56 -53.10
N PRO L 245 -57.06 30.39 -53.52
CA PRO L 245 -57.55 29.12 -52.96
C PRO L 245 -57.21 29.02 -51.48
N TYR L 246 -58.22 28.79 -50.66
CA TYR L 246 -58.03 28.71 -49.22
C TYR L 246 -57.75 27.29 -48.74
N ASP L 247 -57.66 26.32 -49.66
CA ASP L 247 -57.07 25.03 -49.33
C ASP L 247 -56.44 24.44 -50.59
N GLU L 248 -55.16 24.77 -50.80
CA GLU L 248 -54.24 24.06 -51.69
C GLU L 248 -54.67 23.94 -53.16
N TYR L 249 -53.78 23.35 -53.96
CA TYR L 249 -54.08 22.73 -55.24
C TYR L 249 -53.80 21.24 -55.29
N GLU L 250 -52.93 20.74 -54.41
CA GLU L 250 -52.43 19.38 -54.54
C GLU L 250 -52.79 18.48 -53.36
N PHE L 251 -53.62 18.94 -52.42
CA PHE L 251 -54.03 18.16 -51.27
C PHE L 251 -52.81 17.68 -50.47
N SER L 252 -52.05 18.65 -49.98
CA SER L 252 -50.81 18.39 -49.26
C SER L 252 -51.00 18.37 -47.75
N ASP L 253 -52.23 18.49 -47.27
CA ASP L 253 -52.53 18.45 -45.85
C ASP L 253 -52.78 17.04 -45.34
N SER L 254 -52.63 16.03 -46.20
CA SER L 254 -52.87 14.65 -45.83
C SER L 254 -51.60 13.82 -45.98
N GLN L 255 -50.46 14.42 -45.67
CA GLN L 255 -49.22 13.66 -45.67
C GLN L 255 -49.25 12.63 -44.55
N PRO L 256 -48.76 11.40 -44.80
CA PRO L 256 -48.84 10.36 -43.76
C PRO L 256 -48.11 10.74 -42.48
N GLU L 257 -46.97 11.43 -42.58
CA GLU L 257 -46.26 11.83 -41.38
C GLU L 257 -47.09 12.78 -40.53
N ARG L 258 -47.75 13.74 -41.17
CA ARG L 258 -48.58 14.69 -40.43
C ARG L 258 -49.75 13.96 -39.75
N LEU L 259 -50.39 13.05 -40.46
CA LEU L 259 -51.51 12.31 -39.88
C LEU L 259 -51.07 11.48 -38.68
N VAL L 260 -49.92 10.81 -38.81
CA VAL L 260 -49.43 9.99 -37.70
C VAL L 260 -49.07 10.86 -36.51
N ARG L 261 -48.39 11.99 -36.77
CA ARG L 261 -47.97 12.87 -35.68
C ARG L 261 -49.18 13.47 -34.96
N ASP L 262 -50.21 13.85 -35.71
CA ASP L 262 -51.35 14.52 -35.10
C ASP L 262 -52.30 13.57 -34.39
N ASN L 263 -52.20 12.28 -34.64
CA ASN L 263 -53.10 11.31 -34.04
C ASN L 263 -52.62 10.78 -32.69
N PHE L 264 -51.45 11.22 -32.23
CA PHE L 264 -50.99 10.77 -30.92
C PHE L 264 -51.92 11.23 -29.82
N ASP L 265 -52.37 12.49 -29.88
CA ASP L 265 -53.33 13.03 -28.92
C ASP L 265 -54.58 13.56 -29.60
N MET L 266 -54.79 13.22 -30.88
CA MET L 266 -55.98 13.62 -31.62
C MET L 266 -56.15 15.14 -31.63
N THR L 267 -55.05 15.86 -31.81
CA THR L 267 -55.04 17.31 -31.85
C THR L 267 -54.66 17.82 -33.23
N GLY L 268 -55.15 17.15 -34.26
CA GLY L 268 -54.92 17.56 -35.63
C GLY L 268 -55.98 18.51 -36.13
N GLN L 269 -56.09 18.61 -37.44
CA GLN L 269 -57.11 19.44 -38.06
C GLN L 269 -58.40 18.67 -38.32
N LEU L 270 -58.94 18.06 -37.27
CA LEU L 270 -60.22 17.38 -37.38
C LEU L 270 -61.35 18.36 -37.71
N GLN L 271 -61.18 19.63 -37.36
CA GLN L 271 -62.14 20.67 -37.71
C GLN L 271 -61.49 21.52 -38.81
N TYR L 272 -62.27 21.81 -39.85
CA TYR L 272 -61.78 22.70 -40.88
C TYR L 272 -62.02 24.15 -40.49
N ASN L 273 -61.15 25.04 -40.95
CA ASN L 273 -61.19 26.45 -40.55
C ASN L 273 -60.96 27.29 -41.80
N SER L 274 -60.66 28.57 -41.59
CA SER L 274 -60.56 29.56 -42.66
C SER L 274 -61.87 29.62 -43.45
N GLY L 275 -62.99 29.54 -42.73
CA GLY L 275 -64.30 29.61 -43.34
C GLY L 275 -65.01 30.91 -43.06
N ASP L 276 -65.93 30.91 -42.10
CA ASP L 276 -66.69 32.09 -41.73
C ASP L 276 -66.10 32.82 -40.54
N ASP L 277 -64.81 32.62 -40.28
CA ASP L 277 -64.12 33.34 -39.20
C ASP L 277 -63.73 34.73 -39.70
N ALA L 278 -62.87 35.40 -38.94
CA ALA L 278 -62.38 36.71 -39.35
C ALA L 278 -61.66 36.59 -40.69
N GLU L 279 -61.92 37.56 -41.58
CA GLU L 279 -61.40 37.48 -42.93
C GLU L 279 -59.88 37.59 -42.97
N ALA L 280 -59.28 38.28 -42.00
CA ALA L 280 -57.85 38.49 -42.01
C ALA L 280 -57.06 37.29 -41.51
N ASN L 281 -57.73 36.25 -41.01
CA ASN L 281 -57.06 35.08 -40.46
C ASN L 281 -57.15 33.86 -41.36
N ARG L 282 -57.65 34.00 -42.58
CA ARG L 282 -57.69 32.87 -43.50
C ARG L 282 -56.29 32.46 -43.90
N GLU L 283 -56.08 31.16 -44.05
CA GLU L 283 -54.76 30.60 -44.30
C GLU L 283 -54.69 29.99 -45.70
N VAL L 284 -53.55 30.18 -46.36
CA VAL L 284 -53.28 29.61 -47.66
C VAL L 284 -51.90 28.98 -47.64
N TRP L 285 -51.66 28.07 -48.59
CA TRP L 285 -50.39 27.39 -48.71
C TRP L 285 -49.53 28.09 -49.75
N ALA L 286 -48.33 28.51 -49.35
CA ALA L 286 -47.40 29.19 -50.22
C ALA L 286 -46.13 28.36 -50.38
N SER L 287 -45.51 28.49 -51.55
CA SER L 287 -44.33 27.71 -51.89
C SER L 287 -43.20 28.65 -52.26
N GLU L 288 -42.03 28.45 -51.65
CA GLU L 288 -40.81 29.15 -52.03
C GLU L 288 -39.82 28.12 -52.52
N CYS L 289 -39.52 28.13 -53.81
CA CYS L 289 -38.64 27.15 -54.42
C CYS L 289 -37.37 27.82 -54.92
N TYR L 290 -36.24 27.18 -54.65
CA TYR L 290 -34.94 27.59 -55.17
C TYR L 290 -34.53 26.58 -56.23
N THR L 291 -34.31 27.06 -57.46
CA THR L 291 -34.07 26.14 -58.55
C THR L 291 -33.18 26.78 -59.61
N LEU L 292 -32.55 25.93 -60.40
CA LEU L 292 -31.74 26.37 -61.53
C LEU L 292 -32.65 26.50 -62.75
N LEU L 293 -32.97 27.74 -63.10
CA LEU L 293 -33.88 28.00 -64.21
C LEU L 293 -33.41 29.22 -64.98
N ASP L 294 -33.51 29.16 -66.30
CA ASP L 294 -33.03 30.24 -67.17
C ASP L 294 -34.23 31.04 -67.65
N VAL L 295 -34.54 32.13 -66.95
CA VAL L 295 -35.56 33.07 -67.42
C VAL L 295 -34.94 34.31 -68.03
N ASP L 296 -33.63 34.51 -67.88
CA ASP L 296 -32.96 35.64 -68.52
C ASP L 296 -33.02 35.52 -70.04
N GLY L 297 -32.87 34.31 -70.56
CA GLY L 297 -32.79 34.08 -71.98
C GLY L 297 -31.39 34.03 -72.54
N ASP L 298 -30.37 34.03 -71.69
CA ASP L 298 -28.98 33.98 -72.13
C ASP L 298 -28.51 32.57 -72.43
N GLY L 299 -29.34 31.56 -72.20
CA GLY L 299 -28.98 30.19 -72.48
C GLY L 299 -28.29 29.47 -71.34
N ILE L 300 -28.00 30.16 -70.24
CA ILE L 300 -27.35 29.56 -69.07
C ILE L 300 -28.34 29.62 -67.92
N SER L 301 -28.64 28.45 -67.34
CA SER L 301 -29.57 28.37 -66.23
C SER L 301 -28.90 28.83 -64.95
N GLU L 302 -29.51 29.82 -64.29
CA GLU L 302 -28.98 30.40 -63.07
C GLU L 302 -29.89 30.05 -61.89
N LEU L 303 -29.33 30.22 -60.68
CA LEU L 303 -30.09 29.93 -59.47
C LEU L 303 -31.08 31.05 -59.20
N ARG L 304 -32.34 30.68 -58.96
CA ARG L 304 -33.40 31.64 -58.76
C ARG L 304 -34.27 31.20 -57.61
N ARG L 305 -34.80 32.19 -56.89
CA ARG L 305 -35.77 31.98 -55.81
C ARG L 305 -37.11 32.50 -56.29
N ILE L 306 -38.13 31.63 -56.27
CA ILE L 306 -39.48 32.00 -56.67
C ILE L 306 -40.41 31.70 -55.51
N LEU L 307 -41.11 32.72 -55.04
CA LEU L 307 -42.10 32.60 -53.98
C LEU L 307 -43.46 32.89 -54.58
N TYR L 308 -44.39 31.94 -54.46
CA TYR L 308 -45.70 32.13 -55.07
C TYR L 308 -46.75 31.37 -54.29
N VAL L 309 -47.99 31.84 -54.41
CA VAL L 309 -49.16 31.23 -53.80
C VAL L 309 -50.25 31.16 -54.85
N GLY L 310 -50.95 30.03 -54.91
CA GLY L 310 -51.96 29.82 -55.94
C GLY L 310 -51.36 29.87 -57.32
N ASP L 311 -51.90 30.74 -58.18
CA ASP L 311 -51.34 30.95 -59.51
C ASP L 311 -50.73 32.34 -59.69
N TYR L 312 -50.47 33.06 -58.61
CA TYR L 312 -49.88 34.39 -58.67
C TYR L 312 -48.49 34.34 -58.06
N ILE L 313 -47.51 34.88 -58.78
CA ILE L 313 -46.13 34.89 -58.32
C ILE L 313 -45.91 36.13 -57.47
N ILE L 314 -45.46 35.93 -56.24
CA ILE L 314 -45.16 37.06 -55.36
C ILE L 314 -43.77 37.60 -55.64
N SER L 315 -42.78 36.71 -55.75
CA SER L 315 -41.40 37.14 -55.96
C SER L 315 -40.71 36.17 -56.90
N ASN L 316 -39.83 36.71 -57.74
CA ASN L 316 -39.05 35.91 -58.69
C ASN L 316 -37.73 36.63 -58.89
N GLU L 317 -36.66 36.10 -58.30
CA GLU L 317 -35.42 36.85 -58.29
C GLU L 317 -34.20 35.95 -58.25
N PRO L 318 -33.14 36.28 -58.99
CA PRO L 318 -31.90 35.50 -58.88
C PRO L 318 -31.34 35.57 -57.47
N TRP L 319 -30.85 34.44 -56.99
CA TRP L 319 -30.39 34.31 -55.61
C TRP L 319 -28.91 33.94 -55.59
N ASP L 320 -28.33 34.05 -54.39
CA ASP L 320 -26.89 33.88 -54.22
C ASP L 320 -26.51 32.56 -53.57
N CYS L 321 -27.33 32.03 -52.66
CA CYS L 321 -26.97 30.81 -51.94
C CYS L 321 -28.23 30.06 -51.57
N ARG L 322 -28.06 28.77 -51.28
CA ARG L 322 -29.15 27.94 -50.80
C ARG L 322 -29.11 27.94 -49.28
N PRO L 323 -30.08 28.56 -48.61
CA PRO L 323 -29.98 28.77 -47.15
C PRO L 323 -30.56 27.59 -46.35
N PHE L 324 -30.00 26.41 -46.55
CA PHE L 324 -30.44 25.23 -45.84
C PHE L 324 -29.24 24.47 -45.31
N ALA L 325 -29.42 23.83 -44.15
CA ALA L 325 -28.41 22.96 -43.57
C ALA L 325 -29.05 21.62 -43.25
N ASP L 326 -28.40 20.53 -43.67
CA ASP L 326 -28.94 19.20 -43.55
C ASP L 326 -28.02 18.30 -42.76
N LEU L 327 -28.62 17.30 -42.12
CA LEU L 327 -27.90 16.36 -41.26
C LEU L 327 -28.33 14.93 -41.55
N ASN L 328 -27.34 14.04 -41.59
CA ASN L 328 -27.53 12.60 -41.70
C ASN L 328 -26.85 11.92 -40.54
N ALA L 329 -27.52 10.94 -39.94
CA ALA L 329 -26.96 10.22 -38.80
C ALA L 329 -26.14 9.02 -39.24
N TYR L 330 -26.70 8.18 -40.10
CA TYR L 330 -26.02 7.01 -40.65
C TYR L 330 -25.89 7.24 -42.14
N ARG L 331 -24.75 7.81 -42.56
CA ARG L 331 -24.58 8.25 -43.93
C ARG L 331 -24.29 7.07 -44.85
N ILE L 332 -24.93 7.09 -46.03
CA ILE L 332 -24.62 6.18 -47.12
C ILE L 332 -23.93 6.99 -48.21
N ALA L 333 -22.80 6.48 -48.69
CA ALA L 333 -22.01 7.23 -49.67
C ALA L 333 -22.82 7.51 -50.93
N HIS L 334 -22.67 8.74 -51.44
CA HIS L 334 -23.31 9.17 -52.69
C HIS L 334 -24.84 9.10 -52.62
N LYS L 335 -25.40 9.39 -51.45
CA LYS L 335 -26.85 9.44 -51.29
C LYS L 335 -27.21 10.65 -50.46
N PHE L 336 -28.42 11.16 -50.67
CA PHE L 336 -28.88 12.32 -49.91
C PHE L 336 -29.49 11.90 -48.57
N HIS L 337 -30.33 10.88 -48.57
CA HIS L 337 -30.97 10.37 -47.37
C HIS L 337 -30.18 9.18 -46.84
N GLY L 338 -29.87 9.20 -45.56
CA GLY L 338 -29.17 8.10 -44.91
C GLY L 338 -30.11 7.07 -44.34
N MET L 339 -29.64 6.36 -43.33
CA MET L 339 -30.43 5.37 -42.63
C MET L 339 -30.90 5.92 -41.29
N SER L 340 -32.01 5.36 -40.81
CA SER L 340 -32.55 5.70 -39.50
C SER L 340 -32.45 4.49 -38.58
N VAL L 341 -32.79 4.72 -37.31
CA VAL L 341 -32.79 3.63 -36.34
C VAL L 341 -33.83 2.60 -36.70
N TYR L 342 -35.00 3.05 -37.15
CA TYR L 342 -36.06 2.14 -37.57
C TYR L 342 -35.58 1.19 -38.66
N ASP L 343 -34.89 1.74 -39.67
CA ASP L 343 -34.38 0.92 -40.77
C ASP L 343 -33.42 -0.16 -40.28
N LYS L 344 -32.86 0.00 -39.09
CA LYS L 344 -31.90 -0.95 -38.57
C LYS L 344 -32.48 -1.94 -37.58
N ILE L 345 -33.54 -1.58 -36.84
CA ILE L 345 -34.03 -2.50 -35.81
C ILE L 345 -35.53 -2.78 -35.88
N ARG L 346 -36.15 -2.50 -37.03
CA ARG L 346 -37.58 -2.77 -37.16
C ARG L 346 -37.89 -4.26 -36.98
N ASP L 347 -37.10 -5.13 -37.62
CA ASP L 347 -37.35 -6.56 -37.52
C ASP L 347 -37.18 -7.05 -36.09
N ILE L 348 -36.18 -6.54 -35.39
CA ILE L 348 -35.98 -6.91 -33.99
C ILE L 348 -37.20 -6.53 -33.17
N GLN L 349 -37.70 -5.30 -33.37
CA GLN L 349 -38.88 -4.87 -32.62
C GLN L 349 -40.06 -5.79 -32.90
N GLU L 350 -40.31 -6.10 -34.17
CA GLU L 350 -41.45 -6.93 -34.53
C GLU L 350 -41.35 -8.32 -33.91
N ILE L 351 -40.19 -8.96 -34.04
CA ILE L 351 -40.05 -10.33 -33.54
C ILE L 351 -40.16 -10.38 -32.03
N ARG L 352 -39.52 -9.43 -31.33
CA ARG L 352 -39.64 -9.42 -29.88
C ARG L 352 -41.06 -9.19 -29.43
N SER L 353 -41.79 -8.31 -30.13
CA SER L 353 -43.19 -8.10 -29.78
C SER L 353 -44.01 -9.37 -29.98
N VAL L 354 -43.75 -10.10 -31.06
CA VAL L 354 -44.50 -11.34 -31.31
C VAL L 354 -44.24 -12.36 -30.21
N LEU L 355 -42.98 -12.53 -29.82
CA LEU L 355 -42.67 -13.49 -28.77
C LEU L 355 -43.30 -13.06 -27.44
N MET L 356 -43.26 -11.76 -27.14
CA MET L 356 -43.89 -11.24 -25.94
C MET L 356 -45.38 -11.55 -25.91
N ARG L 357 -46.05 -11.35 -27.05
CA ARG L 357 -47.47 -11.65 -27.15
C ARG L 357 -47.74 -13.13 -26.96
N ASN L 358 -46.88 -13.99 -27.50
CA ASN L 358 -47.06 -15.43 -27.31
C ASN L 358 -46.97 -15.81 -25.84
N ILE L 359 -46.00 -15.23 -25.12
CA ILE L 359 -45.88 -15.56 -23.70
C ILE L 359 -47.09 -15.07 -22.91
N MET L 360 -47.54 -13.84 -23.17
CA MET L 360 -48.80 -13.37 -22.60
C MET L 360 -49.94 -14.34 -22.89
N ASP L 361 -50.08 -14.78 -24.13
CA ASP L 361 -51.20 -15.65 -24.47
C ASP L 361 -51.13 -16.96 -23.69
N ASN L 362 -49.92 -17.51 -23.54
CA ASN L 362 -49.79 -18.74 -22.77
C ASN L 362 -50.12 -18.52 -21.29
N ILE L 363 -49.69 -17.40 -20.72
CA ILE L 363 -49.90 -17.18 -19.30
C ILE L 363 -51.39 -17.00 -18.98
N TYR L 364 -52.11 -16.26 -19.81
CA TYR L 364 -53.49 -15.91 -19.51
C TYR L 364 -54.40 -17.13 -19.42
N ARG L 365 -54.08 -18.21 -20.13
CA ARG L 365 -54.97 -19.36 -20.20
C ARG L 365 -54.56 -20.51 -19.29
N THR L 366 -53.60 -20.28 -18.38
CA THR L 366 -53.16 -21.36 -17.51
C THR L 366 -53.03 -20.94 -16.05
N ASN L 367 -53.76 -19.92 -15.62
CA ASN L 367 -53.67 -19.44 -14.24
C ASN L 367 -54.96 -19.67 -13.45
N GLN L 368 -55.86 -20.51 -13.93
CA GLN L 368 -57.13 -20.73 -13.26
C GLN L 368 -57.03 -21.73 -12.11
N GLY L 369 -55.97 -22.54 -12.07
CA GLY L 369 -55.79 -23.50 -10.99
C GLY L 369 -56.88 -24.56 -10.91
N ARG L 370 -57.21 -25.16 -12.05
CA ARG L 370 -58.22 -26.21 -12.08
C ARG L 370 -57.64 -27.52 -11.57
N SER L 371 -58.54 -28.45 -11.24
CA SER L 371 -58.16 -29.75 -10.69
C SER L 371 -58.94 -30.86 -11.36
N VAL L 372 -58.33 -32.05 -11.39
CA VAL L 372 -58.90 -33.24 -12.01
C VAL L 372 -59.33 -34.19 -10.90
N VAL L 373 -60.55 -34.71 -11.03
CA VAL L 373 -61.20 -35.51 -10.00
C VAL L 373 -61.80 -36.76 -10.64
N LEU L 374 -61.57 -37.92 -10.03
CA LEU L 374 -62.22 -39.15 -10.49
C LEU L 374 -63.72 -39.07 -10.24
N ASP L 375 -64.51 -39.37 -11.25
CA ASP L 375 -65.96 -39.31 -11.12
C ASP L 375 -66.48 -40.57 -10.43
N GLY L 376 -67.30 -40.39 -9.41
CA GLY L 376 -67.90 -41.48 -8.68
C GLY L 376 -67.11 -41.97 -7.49
N GLN L 377 -65.89 -41.47 -7.28
CA GLN L 377 -65.07 -41.87 -6.16
C GLN L 377 -64.81 -40.75 -5.16
N VAL L 378 -65.29 -39.53 -5.43
CA VAL L 378 -64.99 -38.37 -4.61
C VAL L 378 -66.31 -37.73 -4.19
N ASN L 379 -66.40 -37.36 -2.92
CA ASN L 379 -67.56 -36.64 -2.42
C ASN L 379 -67.52 -35.22 -2.97
N LEU L 380 -68.29 -34.97 -4.03
CA LEU L 380 -68.22 -33.69 -4.71
C LEU L 380 -68.72 -32.55 -3.83
N GLU L 381 -69.76 -32.79 -3.03
CA GLU L 381 -70.30 -31.74 -2.17
C GLU L 381 -69.27 -31.30 -1.15
N ASP L 382 -68.54 -32.24 -0.56
CA ASP L 382 -67.48 -31.87 0.38
C ASP L 382 -66.38 -31.09 -0.31
N LEU L 383 -66.00 -31.49 -1.52
CA LEU L 383 -64.95 -30.79 -2.24
C LEU L 383 -65.35 -29.37 -2.62
N LEU L 384 -66.63 -29.16 -2.92
CA LEU L 384 -67.07 -27.84 -3.38
C LEU L 384 -66.99 -26.79 -2.27
N THR L 385 -67.31 -27.17 -1.04
CA THR L 385 -67.31 -26.23 0.09
C THR L 385 -65.92 -26.18 0.69
N ASN L 386 -65.19 -25.09 0.41
CA ASN L 386 -63.82 -24.93 0.87
C ASN L 386 -63.85 -24.14 2.19
N GLU L 387 -63.47 -24.81 3.27
CA GLU L 387 -63.45 -24.18 4.59
C GLU L 387 -62.18 -24.58 5.32
N ALA L 388 -61.85 -23.83 6.37
CA ALA L 388 -60.63 -24.07 7.12
C ALA L 388 -60.65 -25.45 7.78
N ALA L 389 -59.56 -26.19 7.60
CA ALA L 389 -59.41 -27.53 8.16
C ALA L 389 -60.56 -28.45 7.75
N GLY L 390 -60.99 -28.33 6.50
CA GLY L 390 -62.05 -29.18 6.01
C GLY L 390 -61.59 -30.59 5.73
N ILE L 391 -62.56 -31.48 5.56
CA ILE L 391 -62.31 -32.89 5.29
C ILE L 391 -63.07 -33.29 4.04
N VAL L 392 -62.38 -33.97 3.13
CA VAL L 392 -62.97 -34.47 1.90
C VAL L 392 -62.94 -35.99 1.95
N ARG L 393 -64.11 -36.60 1.85
CA ARG L 393 -64.23 -38.06 1.93
C ARG L 393 -64.11 -38.66 0.53
N VAL L 394 -63.28 -39.69 0.42
CA VAL L 394 -62.97 -40.30 -0.86
C VAL L 394 -63.03 -41.82 -0.70
N LYS L 395 -63.58 -42.50 -1.72
CA LYS L 395 -63.68 -43.94 -1.69
C LYS L 395 -62.42 -44.66 -2.14
N ALA L 396 -61.65 -44.09 -3.08
CA ALA L 396 -60.42 -44.70 -3.55
C ALA L 396 -59.41 -43.60 -3.82
N MET L 397 -58.17 -43.83 -3.43
CA MET L 397 -57.16 -42.78 -3.50
C MET L 397 -56.59 -42.62 -4.89
N ASN L 398 -55.67 -41.66 -5.01
CA ASN L 398 -55.15 -41.19 -6.29
C ASN L 398 -56.31 -40.75 -7.19
N SER L 399 -57.14 -39.89 -6.61
CA SER L 399 -58.38 -39.49 -7.24
C SER L 399 -58.53 -37.99 -7.46
N ILE L 400 -57.72 -37.17 -6.79
CA ILE L 400 -57.74 -35.72 -6.99
C ILE L 400 -56.31 -35.26 -7.23
N MET L 401 -56.09 -34.54 -8.32
CA MET L 401 -54.81 -33.84 -8.38
C MET L 401 -54.97 -32.52 -9.13
N PRO L 402 -54.02 -31.60 -9.02
CA PRO L 402 -54.08 -30.40 -9.86
C PRO L 402 -53.91 -30.73 -11.32
N LEU L 403 -54.59 -29.94 -12.16
CA LEU L 403 -54.49 -30.13 -13.61
C LEU L 403 -53.11 -29.72 -14.11
N GLU L 404 -52.54 -30.53 -14.99
CA GLU L 404 -51.23 -30.27 -15.55
C GLU L 404 -51.37 -29.41 -16.80
N THR L 405 -50.85 -28.20 -16.73
CA THR L 405 -51.00 -27.28 -17.84
C THR L 405 -49.74 -27.22 -18.69
N PRO L 406 -49.87 -27.05 -19.99
CA PRO L 406 -48.69 -26.96 -20.85
C PRO L 406 -47.87 -25.72 -20.56
N GLN L 407 -46.56 -25.84 -20.77
CA GLN L 407 -45.61 -24.76 -20.55
C GLN L 407 -44.71 -24.62 -21.75
N LEU L 408 -44.30 -23.38 -22.03
CA LEU L 408 -43.40 -23.11 -23.13
C LEU L 408 -41.97 -23.50 -22.76
N SER L 409 -41.20 -23.86 -23.78
CA SER L 409 -39.82 -24.26 -23.58
C SER L 409 -38.93 -23.03 -23.39
N GLY L 410 -37.67 -23.28 -23.01
CA GLY L 410 -36.75 -22.20 -22.75
C GLY L 410 -36.20 -21.50 -23.97
N GLU L 411 -36.51 -22.01 -25.16
CA GLU L 411 -36.01 -21.41 -26.39
C GLU L 411 -36.51 -19.99 -26.55
N VAL L 412 -37.77 -19.74 -26.18
CA VAL L 412 -38.36 -18.42 -26.38
C VAL L 412 -37.65 -17.38 -25.51
N TYR L 413 -37.47 -17.70 -24.23
CA TYR L 413 -36.76 -16.77 -23.34
C TYR L 413 -35.31 -16.59 -23.77
N GLY L 414 -34.66 -17.70 -24.14
CA GLY L 414 -33.29 -17.61 -24.59
C GLY L 414 -33.12 -16.68 -25.77
N MET L 415 -34.02 -16.76 -26.74
CA MET L 415 -33.78 -15.88 -27.87
C MET L 415 -34.39 -14.49 -27.65
N LEU L 416 -35.27 -14.32 -26.67
CA LEU L 416 -35.55 -12.96 -26.22
C LEU L 416 -34.26 -12.28 -25.76
N ASP L 417 -33.48 -12.99 -24.92
CA ASP L 417 -32.18 -12.46 -24.51
C ASP L 417 -31.27 -12.26 -25.71
N ARG L 418 -31.26 -13.22 -26.64
CA ARG L 418 -30.38 -13.14 -27.80
C ARG L 418 -30.71 -11.95 -28.68
N LEU L 419 -31.99 -11.67 -28.88
CA LEU L 419 -32.39 -10.52 -29.70
C LEU L 419 -32.06 -9.21 -29.02
N GLU L 420 -32.20 -9.16 -27.69
CA GLU L 420 -31.76 -7.96 -26.98
C GLU L 420 -30.27 -7.74 -27.19
N ALA L 421 -29.46 -8.80 -27.07
CA ALA L 421 -28.03 -8.67 -27.30
C ALA L 421 -27.73 -8.24 -28.74
N ASP L 422 -28.48 -8.79 -29.69
CA ASP L 422 -28.26 -8.44 -31.10
C ASP L 422 -28.56 -6.97 -31.36
N ARG L 423 -29.64 -6.46 -30.77
CA ARG L 423 -29.94 -5.03 -30.89
C ARG L 423 -28.82 -4.21 -30.29
N GLY L 424 -28.31 -4.62 -29.12
CA GLY L 424 -27.20 -3.92 -28.52
C GLY L 424 -25.98 -3.88 -29.43
N LYS L 425 -25.66 -5.00 -30.06
CA LYS L 425 -24.53 -5.02 -30.99
C LYS L 425 -24.79 -4.14 -32.21
N ARG L 426 -26.00 -4.17 -32.74
CA ARG L 426 -26.30 -3.45 -33.98
C ARG L 426 -26.29 -1.94 -33.77
N THR L 427 -26.97 -1.44 -32.74
CA THR L 427 -27.03 -0.01 -32.53
C THR L 427 -25.75 0.56 -31.92
N GLY L 428 -25.02 -0.25 -31.16
CA GLY L 428 -23.80 0.20 -30.51
C GLY L 428 -23.98 0.74 -29.12
N ILE L 429 -25.21 0.91 -28.66
CA ILE L 429 -25.49 1.43 -27.32
C ILE L 429 -26.38 0.43 -26.59
N THR L 430 -25.99 0.10 -25.36
CA THR L 430 -26.72 -0.88 -24.57
C THR L 430 -27.13 -0.30 -23.23
N ASP L 431 -27.62 -1.15 -22.33
CA ASP L 431 -28.08 -0.70 -21.03
C ASP L 431 -26.95 -0.30 -20.09
N ARG L 432 -25.74 -0.78 -20.33
CA ARG L 432 -24.61 -0.52 -19.44
C ARG L 432 -23.56 0.39 -20.06
N THR L 433 -23.82 0.94 -21.25
CA THR L 433 -22.86 1.83 -21.88
C THR L 433 -22.83 3.17 -21.17
N ARG L 434 -21.63 3.73 -21.01
CA ARG L 434 -21.50 5.07 -20.46
C ARG L 434 -21.82 6.10 -21.52
N GLY L 435 -22.28 7.26 -21.06
CA GLY L 435 -22.57 8.35 -21.98
C GLY L 435 -21.30 9.02 -22.48
N LEU L 436 -21.48 9.86 -23.49
CA LEU L 436 -20.35 10.58 -24.06
C LEU L 436 -19.83 11.63 -23.08
N ASP L 437 -18.51 11.80 -23.06
CA ASP L 437 -17.92 12.87 -22.27
C ASP L 437 -18.23 14.20 -22.93
N GLN L 438 -18.38 15.24 -22.11
CA GLN L 438 -18.71 16.56 -22.66
C GLN L 438 -17.52 17.25 -23.30
N ASN L 439 -16.42 16.53 -23.57
CA ASN L 439 -15.23 17.12 -24.18
C ASN L 439 -14.63 16.22 -25.25
N THR L 440 -15.44 15.36 -25.86
CA THR L 440 -14.89 14.39 -26.80
C THR L 440 -14.41 15.04 -28.09
N LEU L 441 -14.97 16.19 -28.45
CA LEU L 441 -14.63 16.83 -29.71
C LEU L 441 -13.55 17.91 -29.56
N HIS L 442 -13.00 18.08 -28.37
CA HIS L 442 -12.02 19.14 -28.14
C HIS L 442 -10.69 18.83 -28.83
N SER L 443 -10.14 19.83 -29.49
CA SER L 443 -8.72 19.82 -29.81
C SER L 443 -7.95 20.22 -28.55
N ASN L 444 -6.73 19.70 -28.41
CA ASN L 444 -5.98 19.80 -27.16
C ASN L 444 -6.75 19.20 -25.99
N GLN L 445 -7.56 18.17 -26.28
CA GLN L 445 -8.38 17.55 -25.26
C GLN L 445 -7.53 16.84 -24.21
N ALA L 446 -6.48 16.14 -24.64
CA ALA L 446 -5.85 15.11 -23.83
C ALA L 446 -6.95 14.17 -23.37
N ALA L 447 -7.08 13.99 -22.05
CA ALA L 447 -8.23 13.31 -21.45
C ALA L 447 -8.53 11.99 -22.16
N MET L 448 -7.60 11.05 -22.00
CA MET L 448 -7.66 9.77 -22.69
C MET L 448 -8.89 8.94 -22.34
N SER L 449 -9.77 9.41 -21.47
CA SER L 449 -11.05 8.74 -21.27
C SER L 449 -11.83 8.70 -22.58
N VAL L 450 -12.91 7.90 -22.58
CA VAL L 450 -13.73 7.58 -23.75
C VAL L 450 -12.94 6.63 -24.65
N ASN L 451 -11.62 6.76 -24.66
CA ASN L 451 -10.75 5.80 -25.31
C ASN L 451 -10.40 4.62 -24.42
N GLN L 452 -10.18 4.86 -23.12
CA GLN L 452 -9.96 3.77 -22.18
C GLN L 452 -11.19 2.88 -22.11
N LEU L 453 -12.35 3.48 -21.88
CA LEU L 453 -13.62 2.78 -21.91
C LEU L 453 -14.18 2.88 -23.33
N MET L 454 -15.47 2.58 -23.51
CA MET L 454 -16.16 2.80 -24.77
C MET L 454 -15.48 2.03 -25.91
N THR L 455 -15.66 0.71 -25.86
CA THR L 455 -15.11 -0.19 -26.86
C THR L 455 -15.58 0.19 -28.25
N ALA L 456 -14.96 -0.44 -29.25
CA ALA L 456 -15.10 -0.02 -30.64
C ALA L 456 -16.55 -0.01 -31.10
N ALA L 457 -17.34 -0.96 -30.62
CA ALA L 457 -18.75 -1.02 -31.02
C ALA L 457 -19.49 0.22 -30.55
N GLU L 458 -19.21 0.69 -29.34
CA GLU L 458 -19.90 1.85 -28.78
C GLU L 458 -19.40 3.16 -29.39
N GLN L 459 -18.15 3.19 -29.84
CA GLN L 459 -17.58 4.39 -30.44
C GLN L 459 -18.37 4.86 -31.65
N GLN L 460 -19.30 4.03 -32.12
CA GLN L 460 -20.21 4.45 -33.18
C GLN L 460 -20.87 5.77 -32.81
N ILE L 461 -21.28 5.92 -31.55
CA ILE L 461 -21.91 7.16 -31.13
C ILE L 461 -20.97 8.33 -31.35
N ASP L 462 -19.69 8.15 -31.03
CA ASP L 462 -18.69 9.18 -31.30
C ASP L 462 -18.78 9.65 -32.73
N LEU L 463 -18.85 8.71 -33.67
CA LEU L 463 -18.87 9.08 -35.08
C LEU L 463 -20.02 10.03 -35.37
N ILE L 464 -21.20 9.75 -34.80
CA ILE L 464 -22.34 10.63 -34.99
C ILE L 464 -21.99 12.05 -34.54
N ALA L 465 -21.45 12.16 -33.31
CA ALA L 465 -21.07 13.46 -32.80
C ALA L 465 -20.05 14.13 -33.70
N ARG L 466 -19.18 13.35 -34.35
CA ARG L 466 -18.24 13.94 -35.29
C ARG L 466 -18.94 14.34 -36.58
N MET L 467 -19.83 13.49 -37.08
CA MET L 467 -20.46 13.76 -38.37
C MET L 467 -21.32 15.01 -38.31
N PHE L 468 -22.01 15.22 -37.18
CA PHE L 468 -22.80 16.43 -37.03
C PHE L 468 -21.89 17.66 -36.97
N ALA L 469 -20.70 17.51 -36.39
CA ALA L 469 -19.84 18.67 -36.17
C ALA L 469 -19.17 19.15 -37.45
N GLU L 470 -18.86 18.25 -38.36
CA GLU L 470 -18.09 18.61 -39.55
C GLU L 470 -18.94 18.85 -40.79
N THR L 471 -20.23 18.49 -40.77
CA THR L 471 -21.06 18.61 -41.95
C THR L 471 -22.19 19.62 -41.78
N GLY L 472 -23.03 19.47 -40.76
CA GLY L 472 -24.23 20.27 -40.67
C GLY L 472 -24.11 21.53 -39.83
N VAL L 473 -23.65 21.37 -38.59
CA VAL L 473 -23.60 22.52 -37.68
C VAL L 473 -22.58 23.54 -38.17
N LYS L 474 -21.46 23.07 -38.71
CA LYS L 474 -20.47 23.98 -39.28
C LYS L 474 -21.05 24.79 -40.43
N ARG L 475 -21.81 24.14 -41.31
CA ARG L 475 -22.45 24.85 -42.41
C ARG L 475 -23.47 25.85 -41.88
N LEU L 476 -24.22 25.47 -40.86
CA LEU L 476 -25.21 26.37 -40.26
C LEU L 476 -24.54 27.64 -39.77
N PHE L 477 -23.44 27.51 -39.03
CA PHE L 477 -22.82 28.69 -38.46
C PHE L 477 -22.04 29.48 -39.49
N GLN L 478 -21.51 28.83 -40.53
CA GLN L 478 -20.95 29.57 -41.66
C GLN L 478 -22.01 30.41 -42.35
N LEU L 479 -23.21 29.85 -42.54
CA LEU L 479 -24.30 30.61 -43.13
C LEU L 479 -24.69 31.78 -42.24
N LEU L 480 -24.72 31.56 -40.92
CA LEU L 480 -25.06 32.65 -40.00
C LEU L 480 -24.05 33.78 -40.10
N HIS L 481 -22.76 33.45 -40.12
CA HIS L 481 -21.73 34.48 -40.24
C HIS L 481 -21.84 35.23 -41.56
N ASP L 482 -22.08 34.50 -42.66
CA ASP L 482 -22.21 35.14 -43.96
C ASP L 482 -23.40 36.09 -44.00
N HIS L 483 -24.53 35.67 -43.44
CA HIS L 483 -25.69 36.54 -43.39
C HIS L 483 -25.44 37.76 -42.51
N ALA L 484 -24.71 37.57 -41.41
CA ALA L 484 -24.39 38.69 -40.54
C ALA L 484 -23.54 39.73 -41.26
N ILE L 485 -22.55 39.28 -42.04
CA ILE L 485 -21.67 40.24 -42.70
C ILE L 485 -22.22 40.78 -44.01
N LYS L 486 -23.21 40.12 -44.60
CA LYS L 486 -23.75 40.61 -45.87
C LYS L 486 -24.82 41.67 -45.66
N TYR L 487 -25.80 41.39 -44.79
CA TYR L 487 -26.85 42.35 -44.44
C TYR L 487 -26.46 42.96 -43.10
N GLN L 488 -25.55 43.94 -43.15
CA GLN L 488 -25.01 44.53 -41.94
C GLN L 488 -26.04 45.41 -41.25
N ASN L 489 -25.98 45.43 -39.91
CA ASN L 489 -26.88 46.23 -39.08
C ASN L 489 -26.06 46.83 -37.94
N GLN L 490 -25.60 48.05 -38.13
CA GLN L 490 -24.95 48.77 -37.05
C GLN L 490 -25.99 49.20 -36.01
N GLU L 491 -25.50 49.68 -34.88
CA GLU L 491 -26.33 50.17 -33.78
C GLU L 491 -27.10 49.03 -33.13
N GLU L 492 -26.94 47.82 -33.66
CA GLU L 492 -27.30 46.62 -32.91
C GLU L 492 -26.05 45.96 -32.34
N VAL L 493 -25.04 45.77 -33.18
CA VAL L 493 -23.75 45.30 -32.70
C VAL L 493 -23.15 46.30 -31.72
N PHE L 494 -23.32 47.59 -31.99
CA PHE L 494 -22.82 48.60 -31.08
C PHE L 494 -23.54 48.56 -29.74
N GLN L 495 -24.86 48.39 -29.76
CA GLN L 495 -25.61 48.26 -28.50
C GLN L 495 -25.19 47.02 -27.75
N LEU L 496 -24.88 45.93 -28.45
CA LEU L 496 -24.49 44.69 -27.79
C LEU L 496 -23.10 44.80 -27.17
N ARG L 497 -22.15 45.35 -27.90
CA ARG L 497 -20.74 45.32 -27.50
C ARG L 497 -20.18 46.66 -27.08
N GLY L 498 -20.76 47.77 -27.52
CA GLY L 498 -20.18 49.07 -27.24
C GLY L 498 -19.11 49.51 -28.20
N LYS L 499 -18.83 48.73 -29.24
CA LYS L 499 -17.85 49.10 -30.24
C LYS L 499 -18.23 48.43 -31.56
N TRP L 500 -17.71 48.97 -32.65
CA TRP L 500 -18.07 48.50 -33.97
C TRP L 500 -16.82 48.35 -34.84
N VAL L 501 -16.80 47.29 -35.63
CA VAL L 501 -15.70 46.98 -36.55
C VAL L 501 -16.26 46.85 -37.95
N ALA L 502 -15.70 47.62 -38.88
CA ALA L 502 -16.15 47.58 -40.26
C ALA L 502 -15.58 46.36 -40.98
N ILE L 503 -16.44 45.65 -41.72
CA ILE L 503 -16.07 44.42 -42.39
C ILE L 503 -16.50 44.53 -43.85
N ASN L 504 -15.55 44.48 -44.76
CA ASN L 504 -15.86 44.54 -46.18
C ASN L 504 -16.41 43.19 -46.63
N PRO L 505 -17.65 43.12 -47.12
CA PRO L 505 -18.22 41.82 -47.50
C PRO L 505 -17.95 41.44 -48.94
N ALA L 506 -16.99 42.12 -49.58
CA ALA L 506 -16.73 41.88 -51.00
C ALA L 506 -16.28 40.45 -51.24
N ASN L 507 -15.44 39.91 -50.37
CA ASN L 507 -14.88 38.58 -50.53
C ASN L 507 -15.53 37.56 -49.60
N TRP L 508 -16.85 37.68 -49.38
CA TRP L 508 -17.52 36.77 -48.48
C TRP L 508 -17.52 35.34 -48.99
N ARG L 509 -17.37 35.13 -50.29
CA ARG L 509 -17.37 33.78 -50.83
C ARG L 509 -16.06 33.05 -50.64
N GLU L 510 -15.01 33.75 -50.17
CA GLU L 510 -13.70 33.14 -50.04
C GLU L 510 -13.46 32.51 -48.67
N ARG L 511 -14.13 33.00 -47.63
CA ARG L 511 -13.97 32.49 -46.27
C ARG L 511 -12.51 32.48 -45.84
N SER L 512 -11.83 33.60 -46.10
CA SER L 512 -10.40 33.71 -45.90
C SER L 512 -10.02 34.39 -44.59
N ASP L 513 -10.99 34.65 -43.71
CA ASP L 513 -10.70 35.37 -42.48
C ASP L 513 -10.88 34.53 -41.22
N LEU L 514 -12.03 33.89 -41.04
CA LEU L 514 -12.32 33.16 -39.82
C LEU L 514 -12.51 31.67 -40.13
N THR L 515 -12.13 30.84 -39.18
CA THR L 515 -12.45 29.42 -39.23
C THR L 515 -13.46 29.09 -38.15
N VAL L 516 -14.47 28.32 -38.52
CA VAL L 516 -15.59 28.00 -37.64
C VAL L 516 -15.23 26.79 -36.80
N THR L 517 -15.43 26.90 -35.49
CA THR L 517 -15.31 25.77 -34.59
C THR L 517 -16.65 25.66 -33.88
N VAL L 518 -17.59 24.94 -34.51
CA VAL L 518 -18.74 24.42 -33.81
C VAL L 518 -18.33 23.30 -32.88
N GLY L 519 -17.09 22.83 -33.03
CA GLY L 519 -16.43 22.05 -32.00
C GLY L 519 -16.72 22.70 -30.66
N ILE L 520 -17.28 21.90 -29.77
CA ILE L 520 -17.88 22.39 -28.54
C ILE L 520 -16.94 23.33 -27.80
N GLY L 521 -17.43 24.53 -27.52
CA GLY L 521 -16.71 25.49 -26.71
C GLY L 521 -16.87 25.18 -25.23
N ASN L 522 -16.71 23.91 -24.88
CA ASN L 522 -16.81 23.43 -23.51
C ASN L 522 -15.53 23.72 -22.73
N MET L 523 -15.34 23.01 -21.62
CA MET L 523 -14.47 23.49 -20.55
C MET L 523 -13.02 23.58 -20.99
N ASN L 524 -12.63 24.77 -21.45
CA ASN L 524 -11.24 25.11 -21.67
C ASN L 524 -10.73 26.17 -20.72
N LYS L 525 -11.62 26.82 -19.96
CA LYS L 525 -11.26 28.01 -19.20
C LYS L 525 -10.07 27.72 -18.28
N ASP L 526 -10.07 26.56 -17.65
CA ASP L 526 -8.96 26.19 -16.78
C ASP L 526 -7.66 26.15 -17.57
N GLN L 527 -7.71 25.72 -18.84
CA GLN L 527 -6.48 25.54 -19.61
C GLN L 527 -5.79 26.87 -19.89
N GLN L 528 -6.45 27.78 -20.60
CA GLN L 528 -5.80 29.07 -20.85
C GLN L 528 -5.66 29.86 -19.55
N MET L 529 -6.39 29.48 -18.51
CA MET L 529 -6.22 30.19 -17.25
C MET L 529 -4.90 29.81 -16.58
N LEU L 530 -4.56 28.52 -16.57
CA LEU L 530 -3.24 28.09 -16.16
C LEU L 530 -2.17 28.64 -17.09
N HIS L 531 -2.50 28.74 -18.38
CA HIS L 531 -1.59 29.37 -19.33
C HIS L 531 -1.34 30.82 -18.97
N LEU L 532 -2.36 31.50 -18.45
CA LEU L 532 -2.17 32.87 -18.00
C LEU L 532 -1.28 32.93 -16.77
N MET L 533 -1.45 31.99 -15.83
CA MET L 533 -0.49 31.86 -14.73
C MET L 533 0.94 31.79 -15.24
N ARG L 534 1.19 30.85 -16.15
CA ARG L 534 2.56 30.60 -16.58
C ARG L 534 3.10 31.75 -17.44
N ILE L 535 2.23 32.42 -18.19
CA ILE L 535 2.65 33.61 -18.91
C ILE L 535 3.01 34.74 -17.95
N TRP L 536 2.24 34.90 -16.88
CA TRP L 536 2.55 35.91 -15.87
C TRP L 536 3.88 35.61 -15.19
N GLU L 537 4.17 34.33 -14.96
CA GLU L 537 5.48 33.95 -14.43
C GLU L 537 6.60 34.33 -15.40
N MET L 538 6.41 34.07 -16.70
CA MET L 538 7.39 34.56 -17.67
C MET L 538 7.54 36.08 -17.59
N ALA L 539 6.43 36.79 -17.38
CA ALA L 539 6.50 38.24 -17.28
C ALA L 539 7.35 38.68 -16.10
N GLN L 540 7.17 38.03 -14.95
CA GLN L 540 8.03 38.32 -13.80
C GLN L 540 9.50 38.03 -14.11
N ALA L 541 9.76 36.90 -14.78
CA ALA L 541 11.14 36.57 -15.11
C ALA L 541 11.75 37.64 -16.01
N VAL L 542 10.98 38.09 -17.01
CA VAL L 542 11.48 39.11 -17.94
C VAL L 542 11.74 40.42 -17.21
N VAL L 543 10.80 40.83 -16.35
CA VAL L 543 10.97 42.10 -15.65
C VAL L 543 12.17 42.04 -14.73
N GLY L 544 12.34 40.93 -14.00
CA GLY L 544 13.52 40.76 -13.17
C GLY L 544 14.80 40.66 -13.95
N GLY L 545 14.72 40.28 -15.23
CA GLY L 545 15.89 40.27 -16.08
C GLY L 545 16.29 41.61 -16.64
N GLY L 546 15.56 42.67 -16.31
CA GLY L 546 15.89 43.99 -16.80
C GLY L 546 15.34 44.32 -18.16
N GLY L 547 14.30 43.63 -18.61
CA GLY L 547 13.71 43.87 -19.91
C GLY L 547 12.50 44.77 -19.91
N LEU L 548 12.20 45.45 -18.81
CA LEU L 548 11.03 46.31 -18.75
C LEU L 548 11.17 47.47 -19.73
N GLY L 549 10.13 47.69 -20.53
CA GLY L 549 10.13 48.74 -21.52
C GLY L 549 10.74 48.37 -22.84
N VAL L 550 11.51 47.29 -22.89
CA VAL L 550 12.12 46.81 -24.13
C VAL L 550 11.64 45.41 -24.48
N LEU L 551 11.54 44.51 -23.50
CA LEU L 551 11.01 43.18 -23.76
C LEU L 551 9.50 43.13 -23.52
N VAL L 552 9.03 43.80 -22.48
CA VAL L 552 7.62 43.87 -22.16
C VAL L 552 7.31 45.27 -21.66
N SER L 553 6.20 45.84 -22.12
CA SER L 553 5.75 47.13 -21.65
C SER L 553 4.73 46.94 -20.53
N GLU L 554 4.45 48.02 -19.81
CA GLU L 554 3.48 47.94 -18.73
C GLU L 554 2.08 47.58 -19.25
N GLN L 555 1.66 48.18 -20.37
CA GLN L 555 0.34 47.87 -20.91
C GLN L 555 0.18 46.39 -21.17
N ASN L 556 1.26 45.69 -21.51
CA ASN L 556 1.18 44.24 -21.64
C ASN L 556 0.82 43.59 -20.31
N LEU L 557 1.44 44.06 -19.22
CA LEU L 557 1.10 43.52 -17.90
C LEU L 557 -0.35 43.81 -17.56
N TYR L 558 -0.84 45.01 -17.90
CA TYR L 558 -2.24 45.33 -17.65
C TYR L 558 -3.17 44.45 -18.46
N ASN L 559 -2.81 44.16 -19.71
CA ASN L 559 -3.61 43.25 -20.52
C ASN L 559 -3.65 41.86 -19.90
N ILE L 560 -2.51 41.37 -19.42
CA ILE L 560 -2.48 40.06 -18.78
C ILE L 560 -3.38 40.05 -17.55
N LEU L 561 -3.28 41.09 -16.72
CA LEU L 561 -4.08 41.15 -15.50
C LEU L 561 -5.56 41.23 -15.83
N LYS L 562 -5.93 42.04 -16.83
CA LYS L 562 -7.32 42.14 -17.23
C LYS L 562 -7.84 40.80 -17.74
N GLU L 563 -7.04 40.09 -18.52
CA GLU L 563 -7.44 38.79 -19.02
C GLU L 563 -7.67 37.81 -17.88
N VAL L 564 -6.75 37.78 -16.91
CA VAL L 564 -6.89 36.87 -15.78
C VAL L 564 -8.14 37.21 -14.99
N THR L 565 -8.38 38.51 -14.73
CA THR L 565 -9.55 38.91 -13.96
C THR L 565 -10.85 38.55 -14.68
N GLU L 566 -10.90 38.79 -15.99
CA GLU L 566 -12.11 38.44 -16.75
C GLU L 566 -12.33 36.95 -16.76
N ASN L 567 -11.27 36.16 -16.89
CA ASN L 567 -11.41 34.70 -16.85
C ASN L 567 -11.88 34.24 -15.48
N ALA L 568 -11.48 34.96 -14.43
CA ALA L 568 -11.91 34.59 -13.09
C ALA L 568 -13.42 34.78 -12.90
N GLY L 569 -14.03 35.69 -13.65
CA GLY L 569 -15.46 35.88 -13.59
C GLY L 569 -15.89 37.30 -13.34
N TYR L 570 -14.94 38.22 -13.23
CA TYR L 570 -15.22 39.63 -12.99
C TYR L 570 -15.10 40.39 -14.31
N LYS L 571 -16.22 40.84 -14.85
CA LYS L 571 -16.22 41.50 -16.15
C LYS L 571 -15.55 42.86 -16.09
N ASP L 572 -15.77 43.61 -15.02
CA ASP L 572 -15.19 44.94 -14.88
C ASP L 572 -13.81 44.81 -14.27
N PRO L 573 -12.74 45.16 -14.99
CA PRO L 573 -11.39 45.03 -14.44
C PRO L 573 -10.87 46.24 -13.70
N ASP L 574 -11.52 47.40 -13.85
CA ASP L 574 -11.06 48.60 -13.16
C ASP L 574 -11.29 48.56 -11.65
N ARG L 575 -12.09 47.62 -11.16
CA ARG L 575 -12.28 47.49 -9.72
C ARG L 575 -11.03 46.98 -9.03
N PHE L 576 -10.15 46.28 -9.74
CA PHE L 576 -8.97 45.69 -9.14
C PHE L 576 -7.65 46.25 -9.68
N TRP L 577 -7.67 46.95 -10.82
CA TRP L 577 -6.45 47.45 -11.43
C TRP L 577 -6.69 48.86 -11.94
N THR L 578 -5.60 49.54 -12.29
CA THR L 578 -5.66 50.87 -12.87
C THR L 578 -5.06 50.84 -14.27
N ASN L 579 -5.47 51.77 -15.11
CA ASN L 579 -4.93 51.84 -16.46
C ASN L 579 -3.81 52.87 -16.52
N PRO L 580 -2.71 52.58 -17.21
CA PRO L 580 -1.63 53.59 -17.32
C PRO L 580 -2.08 54.89 -17.96
N ASP L 581 -2.94 54.81 -18.98
CA ASP L 581 -3.38 56.00 -19.68
C ASP L 581 -4.28 56.89 -18.84
N SER L 582 -4.75 56.39 -17.70
CA SER L 582 -5.51 57.23 -16.78
C SER L 582 -4.62 58.36 -16.26
N PRO L 583 -5.17 59.56 -16.08
CA PRO L 583 -4.34 60.69 -15.66
C PRO L 583 -3.65 60.48 -14.33
N GLU L 584 -4.29 59.78 -13.39
CA GLU L 584 -3.67 59.56 -12.09
C GLU L 584 -2.45 58.66 -12.20
N ALA L 585 -2.48 57.68 -13.10
CA ALA L 585 -1.30 56.84 -13.31
C ALA L 585 -0.14 57.66 -13.87
N GLN L 586 -0.42 58.54 -14.83
CA GLN L 586 0.62 59.42 -15.37
C GLN L 586 1.16 60.34 -14.28
N GLN L 587 0.29 60.84 -13.43
CA GLN L 587 0.74 61.69 -12.32
C GLN L 587 1.65 60.91 -11.38
N ALA L 588 1.26 59.69 -11.02
CA ALA L 588 2.09 58.88 -10.13
C ALA L 588 3.44 58.61 -10.77
N LYS L 589 3.47 58.32 -12.07
CA LYS L 589 4.74 58.16 -12.77
C LYS L 589 5.55 59.45 -12.70
N ALA L 590 4.88 60.60 -12.79
CA ALA L 590 5.58 61.88 -12.74
C ALA L 590 6.29 62.07 -11.41
N ILE L 591 5.57 61.86 -10.30
CA ILE L 591 6.22 61.99 -8.99
C ILE L 591 7.31 60.93 -8.83
N ARG L 592 7.08 59.70 -9.31
CA ARG L 592 8.09 58.68 -9.16
C ARG L 592 9.37 59.06 -9.89
N GLU L 593 9.24 59.61 -11.10
CA GLU L 593 10.42 60.06 -11.83
C GLU L 593 11.07 61.26 -11.16
N GLN L 594 10.26 62.19 -10.64
CA GLN L 594 10.81 63.37 -10.00
C GLN L 594 11.60 63.02 -8.73
N LYS L 595 11.17 61.98 -8.03
CA LYS L 595 11.92 61.55 -6.84
C LYS L 595 13.28 60.96 -7.18
N GLU L 596 13.59 60.79 -8.47
CA GLU L 596 14.91 60.35 -8.91
C GLU L 596 15.77 61.53 -9.36
N ALA L 597 15.58 62.69 -8.71
CA ALA L 597 16.32 63.88 -9.10
C ALA L 597 17.81 63.71 -8.81
N GLN L 598 18.17 63.50 -7.55
CA GLN L 598 19.56 63.31 -7.19
C GLN L 598 19.68 62.39 -5.98
N PRO L 599 20.45 61.31 -6.08
CA PRO L 599 20.67 60.43 -4.95
C PRO L 599 21.65 61.06 -3.96
N LYS L 600 22.01 60.29 -2.95
CA LYS L 600 22.70 60.84 -1.78
C LYS L 600 24.15 61.25 -2.08
N PRO L 601 25.06 60.35 -2.45
CA PRO L 601 26.48 60.70 -2.46
C PRO L 601 27.03 61.18 -3.80
N GLU L 602 26.17 61.40 -4.80
CA GLU L 602 26.67 61.99 -6.04
C GLU L 602 27.25 63.37 -5.78
N ASP L 603 26.74 64.10 -4.81
CA ASP L 603 27.46 65.32 -4.50
C ASP L 603 28.57 65.12 -3.48
N ILE L 604 28.76 63.93 -2.90
CA ILE L 604 30.09 63.56 -2.39
C ILE L 604 31.09 63.56 -3.53
N LYS L 605 30.73 62.95 -4.66
CA LYS L 605 31.66 62.91 -5.78
C LYS L 605 31.89 64.32 -6.33
N ALA L 606 30.83 65.13 -6.37
CA ALA L 606 30.97 66.53 -6.77
C ALA L 606 31.87 67.30 -5.80
N GLN L 607 31.73 67.05 -4.50
CA GLN L 607 32.57 67.69 -3.50
C GLN L 607 34.03 67.34 -3.71
N ALA L 608 34.31 66.05 -3.93
CA ALA L 608 35.69 65.65 -4.18
C ALA L 608 36.24 66.37 -5.39
N ASP L 609 35.50 66.36 -6.51
CA ASP L 609 35.95 67.01 -7.73
C ASP L 609 36.27 68.48 -7.47
N ALA L 610 35.32 69.21 -6.86
CA ALA L 610 35.52 70.63 -6.64
C ALA L 610 36.67 70.91 -5.69
N GLN L 611 36.74 70.19 -4.57
CA GLN L 611 37.78 70.43 -3.58
C GLN L 611 39.17 70.22 -4.18
N ARG L 612 39.32 69.15 -4.96
CA ARG L 612 40.65 68.84 -5.43
C ARG L 612 41.03 69.61 -6.69
N ALA L 613 40.04 70.05 -7.49
CA ALA L 613 40.34 71.05 -8.51
C ALA L 613 40.78 72.36 -7.87
N GLN L 614 40.14 72.75 -6.76
CA GLN L 614 40.60 73.92 -6.02
C GLN L 614 42.01 73.73 -5.49
N SER L 615 42.32 72.52 -5.04
CA SER L 615 43.69 72.22 -4.63
C SER L 615 44.67 72.41 -5.78
N ASP L 616 44.30 71.95 -6.98
CA ASP L 616 45.17 72.15 -8.14
C ASP L 616 45.36 73.63 -8.45
N ALA L 617 44.27 74.41 -8.37
CA ALA L 617 44.38 75.85 -8.61
C ALA L 617 45.30 76.51 -7.59
N LEU L 618 45.14 76.14 -6.32
CA LEU L 618 46.03 76.64 -5.27
C LEU L 618 47.47 76.26 -5.55
N ALA L 619 47.69 75.04 -6.06
CA ALA L 619 49.02 74.59 -6.39
C ALA L 619 49.65 75.45 -7.48
N LYS L 620 48.91 75.70 -8.55
CA LYS L 620 49.44 76.53 -9.63
C LYS L 620 49.75 77.94 -9.13
N GLN L 621 48.86 78.51 -8.33
CA GLN L 621 49.12 79.82 -7.76
C GLN L 621 50.37 79.81 -6.89
N ALA L 622 50.53 78.78 -6.06
CA ALA L 622 51.69 78.71 -5.18
C ALA L 622 52.98 78.56 -5.98
N GLU L 623 52.96 77.75 -7.05
CA GLU L 623 54.14 77.58 -7.88
C GLU L 623 54.55 78.91 -8.53
N ALA L 624 53.58 79.59 -9.14
CA ALA L 624 53.89 80.88 -9.76
C ALA L 624 54.37 81.88 -8.71
N GLN L 625 53.75 81.87 -7.53
CA GLN L 625 54.12 82.80 -6.48
C GLN L 625 55.55 82.54 -6.00
N MET L 626 55.93 81.28 -5.81
CA MET L 626 57.27 80.97 -5.34
C MET L 626 58.31 81.30 -6.41
N LYS L 627 58.00 81.02 -7.68
CA LYS L 627 58.93 81.38 -8.75
C LYS L 627 59.13 82.88 -8.81
N GLN L 628 58.04 83.67 -8.72
CA GLN L 628 58.18 85.12 -8.74
C GLN L 628 58.89 85.64 -7.50
N VAL L 629 58.69 84.99 -6.35
CA VAL L 629 59.42 85.38 -5.14
C VAL L 629 60.92 85.19 -5.35
N GLU L 630 61.31 84.03 -5.86
CA GLU L 630 62.73 83.80 -6.12
C GLU L 630 63.25 84.68 -7.23
N ALA L 631 62.35 85.21 -8.08
CA ALA L 631 62.78 86.06 -9.18
C ALA L 631 63.31 87.40 -8.69
N GLN L 632 62.56 88.07 -7.81
CA GLN L 632 62.89 89.45 -7.43
C GLN L 632 62.80 89.65 -5.92
N ILE L 633 63.39 88.74 -5.15
CA ILE L 633 63.68 88.98 -3.74
C ILE L 633 65.12 88.66 -3.39
N ARG L 634 65.90 88.13 -4.34
CA ARG L 634 67.25 87.66 -4.10
C ARG L 634 68.30 88.49 -4.83
N LEU L 635 68.05 88.83 -6.09
CA LEU L 635 69.00 89.65 -6.84
C LEU L 635 69.05 91.07 -6.28
N ALA L 636 67.91 91.57 -5.80
CA ALA L 636 67.86 92.93 -5.27
C ALA L 636 68.77 93.10 -4.07
N GLU L 637 68.79 92.12 -3.17
CA GLU L 637 69.72 92.16 -2.05
C GLU L 637 71.14 91.77 -2.44
N ILE L 638 71.32 91.10 -3.59
CA ILE L 638 72.67 90.85 -4.10
C ILE L 638 73.32 92.15 -4.53
N GLU L 639 72.60 92.96 -5.32
CA GLU L 639 73.19 94.16 -5.87
C GLU L 639 73.47 95.21 -4.80
N LEU L 640 72.83 95.09 -3.64
CA LEU L 640 73.11 96.00 -2.53
C LEU L 640 73.57 95.22 -1.31
#